data_8ZOC
#
_entry.id   8ZOC
#
_cell.length_a   1.00
_cell.length_b   1.00
_cell.length_c   1.00
_cell.angle_alpha   90.00
_cell.angle_beta   90.00
_cell.angle_gamma   90.00
#
_symmetry.space_group_name_H-M   'P 1'
#
loop_
_entity.id
_entity.type
_entity.pdbx_description
1 polymer VCPI-5
2 polymer VCPI-9
3 polymer VCPI-8
4 polymer VCPI-4/7
5 polymer VCPI-3
6 polymer VCPI-6
7 polymer VCPI-2
8 polymer VCPI-1
9 polymer 'Photosystem I P700 chlorophyll a apoprotein A1'
10 polymer 'Photosystem I P700 chlorophyll a apoprotein A2'
11 polymer 'Photosystem I reaction center subunit II'
12 polymer 'Photosystem I reaction center subunit IV'
13 polymer 'Photosystem I reaction center subunit III'
14 polymer PsaR
15 polymer 'Photosystem I reaction center subunit VIII'
16 polymer 'Photosystem I reaction center subunit IX'
17 polymer 'PSI subunit V'
18 polymer PsaM
19 polymer PsaS
20 polymer 'Photosystem I iron-sulfur center'
21 non-polymer "(3S,5R,6S,3'S,5'R,6'S)-5,6,5',6'-DIEPOXY-5,6,5',6'- TETRAHYDRO-BETA,BETA-CAROTENE-3,3'-DIOL"
22 non-polymer (1~{R},3~{S})-6-[(3~{E},5~{E},7~{E},9~{E},11~{E},13~{E},15~{Z},17~{E})-16-(hydroxymethyl)-3,7,12-trimethyl-18-[(1~{S},4~{S},6~{R})-2,2,6-trimethyl-4-oxidanyl-7-oxabicyclo[4.1.0]heptan-1-yl]octadeca-1,3,5,7,9,11,13,15,17-nonaenylidene]-1,5,5-trimethyl-cyclohexane-1,3-diol
23 non-polymer 'CHLOROPHYLL A'
24 non-polymer 1,2-DI-O-ACYL-3-O-[6-DEOXY-6-SULFO-ALPHA-D-GLUCOPYRANOSYL]-SN-GLYCEROL
25 non-polymer '[(2~{Z},4~{E},6~{E},8~{E},10~{E},12~{E},14~{E})-17-[(4~{S},6~{R})-4-acetyloxy-2,2,6-trimethyl-6-oxidanyl-cyclohexylidene]-6,11,15-trimethyl-2-[(~{E})-2-[(1~{S},4~{S},6~{R})-2,2,6-trimethyl-4-oxidanyl-7-oxabicyclo[4.1.0]heptan-1-yl]ethenyl]heptadeca-2,4,6,8,10,12,14,16-octaenyl] octanoate'
26 non-polymer "beta,beta-carotene-4,4'-dione"
27 non-polymer 1,2-DIPALMITOYL-PHOSPHATIDYL-GLYCEROLE
28 non-polymer 'DIGALACTOSYL DIACYL GLYCEROL (DGDG)'
29 non-polymer 1,2-DISTEAROYL-MONOGALACTOSYL-DIGLYCERIDE
30 non-polymer PHYLLOQUINONE
31 non-polymer BETA-CAROTENE
32 non-polymer 'IRON/SULFUR CLUSTER'
#
loop_
_entity_poly.entity_id
_entity_poly.type
_entity_poly.pdbx_seq_one_letter_code
_entity_poly.pdbx_strand_id
1 'polypeptide(L)'
;MFRKLALALLCSSAVAFQVPAPLTRGSVRLHAEGKPAAPPAAAPPAAAPAAAAPAAAAPAAAAVKPPPPPPPPKVFSKSV
PFLLKPAGLDGMVGDVGFDPLGFATFIDIRWLREAELKNGRVAMLAFLGFIVQEFIRLPGDLYSEPNGVKAFFQVGPQPL
LQIFLFCGFLEFNMHKGKLTQVDMFEDGKREPGNFGFDPLGFGKDPAKRERYALAELKNGRLAMIAIGGLVHHALVTGHA
TFSS
;
5
2 'polypeptide(L)'
;MKTAAILAVLACAANAFVFPTPKVSQTVVRGTPFDTVSKDELAVENKAMAGKSVFERAMADFNGRYPAVAALGLGPSAKA
ERWNGRHAMFGWIVLLATGYAQAHGLLPEGGMDAKEWGTWVIVSTTNGEQVTIPAARAAIAIGHLHFGAVGVFAAYSKNS
VKDRLLLEPGEKDEAPAGLFPALRPGLTKEAEMLNGRVAMLGLVALVAVSAATGQDILSVIDQGLGGLLLKA
;
9
3 'polypeptide(L)'
;MKVTAVLSLLAAPLLASAFIAPAPKATRARGVMSMAQSKALPFLKAPAKLDGSLAGDFGFDPMGISDQVANLKYVRAAEL
KHCRVAMLGFLGWVVQQYVHLPGEIYAESNPLKALTSVPLLSQIQIFLFIGAIELATLDQTYTADKPWDLGFDPLNFSKG
KSEQQMKDLEVKELKNGRVAMIAIMGLIAQTLYTGVPLFS
;
8
4 'polypeptide(L)'
;MKLLSFACLLGAATAFVPSMPTTTRTRGAVRMMAEKSKAVPFLPRPAALDGSVVGDVGFDPVGFTSWLPLSYLQEAEIKH
CRIAMLATLGWIVADFVHLPGAVHEVSSLAAHDVAVKSGALAQILIWTSIAEAISVIAISQMLEGSGRQPGDFKFDPLNF
AKDEKSLKKMQLSELKNGRLAMLAFSGIVTQAALTGHAFPYM
;
4,7
5 'polypeptide(L)'
;MKISFALAALLPCAAAFVAPAIPSVTSSTGTAAARGRTVMMAERSKSLPFLMKPKNLDGSMAGDVGFDPLGLSEINDVGV
DLYWLREAELKHCRLGMMAAAGILFVEILGPAPGFPAGKSQMDVFWKVYAEKPSLIGASLAAIAILEVISGVATTQGRQN
GDRAPGDYNFDPLGFGKDPAKFKDLQLKEVKNGRLAMIAAAGMILQGVSTHQGALENLSG
;
3
6 'polypeptide(L)'
;MHHDARPTARRTAVGTQTSSASSCRHPSAHSPHPTTTSQHRSSFRNMKCIVFAGLLASATAFIAPAPRASSRSVMKMGLE
NQVGFDIETGGKPWDPFGFAGVSERNGLGILPHIKWLQESEIKHGRTAMLAFLGVIVPGSLGIYVPTYPQEPDFTKAFSA
ALQSNPLGMAQIALAVAIIEGHYYAGDFWTGGGDRQVGAFGFDPLGFSKGKSEAAIKSMQLKEIKNGRLAMIAMAAFASE
KFIPGSVPLLHSAFPTLPI
;
6
7 'polypeptide(L)'
;MRSITIVLAATAALSSAFVMPSTPKAPATQLSVKSKAVPFLEAPKALDGSLPADVGFDPLGLSDIGFDFTYLMVPTKWDE
SRTGLSALKWFREAEIKHGRFAMLAVLGWVAVDMGLRLPVAKYAGYNAVQAHDVFVKSGDMTVGLLAIGFLEVVMGAAIY
EMSKGSDRAAGEFSFDPLGLGKDPSKYARYQVSEIKNGRLAMLAFGGIATQAVLTNSGFPYYQ
;
2
8 'polypeptide(L)'
;MVGIHKTLLVAAVTMASVSAFVPPAPAAPRTRGVMKMGLDGMIGSSAPFKNFDPLGFAAKADQKTLNKYRESELKHGRVA
MLAVLGWIVQEFWHPLYDGKLSSNPLKALTEVPLIGWAQIFVAINVIEYLQNKIKELPGYRPGDYLGTWEWVEQSDEGWD
SYQTKELNNGRLAMVAIAGLIVQDLITGQAALEQITAGNTGVFSGLGK
;
1
9 'polypeptide(L)'
;MSTTRKSTIVDFNPVETSFEKWAKPGQFSRTLAKGPKTTTWIWNLHADAHDFDIQTNSLQEVSRKIFSAHFGQLAVIFLW
LSGMHFHGAYFSNYSAWLTNPTSTKPSAQIVWPIVGQEVLNADVGGNFQGIQITSGFFQLWRAEGITSEVELYWTAVGGL
VASFLMLFAGWFHYHKAAPKLEWFQNVESMLNHHLAGLLGLGSLSWAGHQIHIALPINKLLDLGVSPEEIPLPYEFILNR
DLIAQLYPSFNKGLTPFFTLNWGEYSDFLTFKGGLNPVTGGLWLTDTAHHHLAIAVLFIVAGHMYKTNWFLGHSIKTILE
AHKGPFTGEGHKGLYEVLTTSWHAQLAINLALFGSLSIIVAHHMYAMPPYPYIAIDYPTQLSLFTHHVWIGGFCIVGGAA
HGAIFFVRDYNAANNYNNLIDRVIRHRDAIISHLNWVCIFLGCHSFGLYVHNDTMRALGRSQDLFSDNAIALKPIFAQFI
QNLHTLAPGSTAPNALTTVSYAFGGDVISVGSKIAMMPISLGTADFLVHHIHAFTIHVTVLILLKGVLYSRNSRLIPDKA
NLGFRFPCDGPGRGGTCQVSAWDHVFLGLFWMYNSISIVIFHFSWKMQSDVWGTVSPTGAVSHITGGNFAQSSITINGWL
RDFLWSQAAQVVQSYGSSLSAYGLIFLGAHFIWAFSLMFLFSGRGYWQELIESIVWAHNKLKVAPSIQPRALSITQGRAV
GVAHYLLGGIGTTWAFFLARIISVG
;
a
10 'polypeptide(L)'
;MVYKFPKFSKALAEDPSTRRIWYGIATAHDFESHDAMTESKLYQKIFASHFGHIAIIFLWTAGNLFHVAWQGNFEAWILN
PLKVRPIAHAIWDPHFGQAAYKAFLKTSSPANLALSGVYEWWYTIGMRTNNDLYQGSFFLILLSSLLLFAGWLHLQPSFR
PSLDWFKANEYRLNHHLSGLFGVSSLAWTGHLVHVAIPESRGIHVGWDNFLTVLPHPEGLTPFFSGNWKAYAQNPDTASH
IFGSGEGSGTAILTFLGGFHPQTKSLWLTDMAHHHLAIAVLFIVAGHMYRTNWLIGHQMKLILEAHRPPGGRLGIGHIGL
YETITNSLHFQLGLALAALGVATSLTAQHMYALPPYAFLASNFPTQAALYTHHQYIAGFLMVGAFAHGAIFFVRDYDPAV
NTRNGEKNVLARMLEHKEAIISHLSWVSLFLGFHTLGIYVHNDVVVAFGQPEKQILVEPLFAEWIQAASGKTLYNFDLLL
ASSNSPASVASSQLWLPGWLSAINDGKNSLFLPIGPGDFLVHHAIALGLHTTTLILVKGALDARGSKLMPDKKDFGYSFP
CDGPGRGGTCDISAWDAFYLAMFWMLNTIGWVTFYWHWKHLTLWQGNQVQFNESSNYIMGWLRDYLWLNSSPLINGYNPF
GMNSLSVWAWMFLFGHLVWATGFMFLISWRGYWQELIETIVWAHERTPLANLVRWKDKPVALSIVQARLVGLAHFTIGYV
LTYAAFVIASTIGKLGY
;
b
11 'polypeptide(L)'
;MNLKLKQSDFPKFEGSTGGWLSAAKNEEKYVIIWTSKDASLFEMPTGGTAKMNAGNNVAYFARKEQCLALGSQLRGFKIT
NYKIFRIYPPLDITLLHPFDGVFPEKVNQGRSPVGKRDASIGGNPNPASLKFQSNT
;
d
12 'polypeptide(L)' MIQKGSTVRILRKESYWYNESGTVVVVDQSKVRYPVLVRFTKVNYAGTNTNNFGLNEVEEVVTKKSS e
13 'polypeptide(L)'
;MTKIVKFAFLPLLTFLGLPMISNADIGGLNPCKDSEVFQKRLAKTVKKLENRLKKYEEGTPPQIAIQQQITQTKQRFTRY
ADSNLLCGNDGLPHLITDGRWSHGSEFLLPSILFLYISGWIGWVGRKYIRTVGQTSNPTEKEIIIDVPLAISIMTSGFLW
PFAAWQEFLSGDLIASDETITTSPK
;
f
14 'polypeptide(L)'
;MKTFCILLALVALFNFSNAFMPKAPVHTARPVVARGRTMKMMEESTYWEGKAPPSVVLGPFLSKIPSGVLGPASLVALIV
GSYCTHESNIFNTLTVDTIYPAYVLGSFLTPISWGLHVAAWIQKMNKA
;
h
15 'polypeptide(L)' MSLDLLPSFFVPLVGLVLPLFSIIGLFLYIEKENREVFDPTTYKF i
16 'polypeptide(L)' MKDFLKYLSTAPVLLTAWLTFTAGFVIEINRFYPDALTFPF j
17 'polypeptide(L)'
;MVSFIKPYRQDPFVGHLATPITTSAFTRAYLKVLPAYRPGLTPLSRGAEIGFTHGYFLIGPFYTYGPLRSVEFSLTSLAA
GLLAAITLLLILTVGLSIYGQVTYDVYDNALIVKLVRQMVGSERTQDLPQIKGTSELDTVLGWQKFSEGFFSGGLIGSIV
AAVGIALYSTYL
;
l
18 'polypeptide(L)' MIYDSQVYIALVIAVVASVLAIRLGATLYN m
19 'polypeptide(L)'
;(UNK)(UNK)(UNK)(UNK)(UNK)(UNK)(UNK)(UNK)(UNK)(UNK)(UNK)(UNK)(UNK)(UNK)(UNK)(UNK)
(UNK)(UNK)(UNK)(UNK)(UNK)(UNK)(UNK)(UNK)(UNK)(UNK)(UNK)(UNK)(UNK)(UNK)(UNK)(UNK)
(UNK)(UNK)(UNK)(UNK)(UNK)(UNK)(UNK)(UNK)(UNK)(UNK)(UNK)(UNK)(UNK)(UNK)(UNK)(UNK)
(UNK)(UNK)(UNK)(UNK)(UNK)(UNK)(UNK)
;
g
20 'polypeptide(L)'
;MSHTVKIYDTCIGCTQCVRACPTDVLEMVPWDGCKAGQIASAPRTEDCVGCKRCETACPTDFLSVRVYLGGETTRSLGLA
Y
;
c
#
loop_
_chem_comp.id
_chem_comp.type
_chem_comp.name
_chem_comp.formula
45D non-polymer beta,beta-carotene-4,4'-dione 'C40 H52 O2'
A1L1F non-polymer '[(2~{Z},4~{E},6~{E},8~{E},10~{E},12~{E},14~{E})-17-[(4~{S},6~{R})-4-acetyloxy-2,2,6-trimethyl-6-oxidanyl-cyclohexylidene]-6,11,15-trimethyl-2-[(~{E})-2-[(1~{S},4~{S},6~{R})-2,2,6-trimethyl-4-oxidanyl-7-oxabicyclo[4.1.0]heptan-1-yl]ethenyl]heptadeca-2,4,6,8,10,12,14,16-octaenyl] octanoate' 'C50 H72 O7'
A1L1G non-polymer (1~{R},3~{S})-6-[(3~{E},5~{E},7~{E},9~{E},11~{E},13~{E},15~{Z},17~{E})-16-(hydroxymethyl)-3,7,12-trimethyl-18-[(1~{S},4~{S},6~{R})-2,2,6-trimethyl-4-oxidanyl-7-oxabicyclo[4.1.0]heptan-1-yl]octadeca-1,3,5,7,9,11,13,15,17-nonaenylidene]-1,5,5-trimethyl-cyclohexane-1,3-diol 'C40 H56 O5'
BCR non-polymer BETA-CAROTENE 'C40 H56'
CLA non-polymer 'CHLOROPHYLL A' 'C55 H72 Mg N4 O5'
DGD saccharide 'DIGALACTOSYL DIACYL GLYCEROL (DGDG)' 'C51 H96 O15'
LHG non-polymer 1,2-DIPALMITOYL-PHOSPHATIDYL-GLYCEROLE 'C38 H75 O10 P'
LMG non-polymer 1,2-DISTEAROYL-MONOGALACTOSYL-DIGLYCERIDE 'C45 H86 O10'
PQN non-polymer PHYLLOQUINONE 'C31 H46 O2'
SF4 non-polymer 'IRON/SULFUR CLUSTER' 'Fe4 S4'
SQD non-polymer 1,2-DI-O-ACYL-3-O-[6-DEOXY-6-SULFO-ALPHA-D-GLUCOPYRANOSYL]-SN-GLYCEROL 'C41 H78 O12 S'
XAT non-polymer '(3S,5R,6S,3'S,5'R,6'S)-5,6,5',6'-DIEPOXY-5,6,5',6'- TETRAHYDRO-BETA,BETA-CAROTENE-3,3'-DIOL' 'C40 H56 O4'
#
# COMPACT_ATOMS: atom_id res chain seq x y z
N LYS A 74 14.08 -57.05 31.99
CA LYS A 74 14.96 -55.92 31.74
C LYS A 74 16.35 -56.19 32.29
N VAL A 75 17.36 -55.64 31.63
CA VAL A 75 18.75 -55.95 31.98
C VAL A 75 19.29 -54.99 33.03
N PHE A 76 19.10 -53.68 32.81
CA PHE A 76 19.61 -52.61 33.66
C PHE A 76 21.13 -52.49 33.53
N SER A 77 21.64 -51.26 33.56
CA SER A 77 23.05 -51.03 33.32
C SER A 77 23.90 -51.52 34.49
N LYS A 78 25.16 -51.83 34.18
CA LYS A 78 26.10 -52.25 35.22
C LYS A 78 26.70 -51.06 35.94
N SER A 79 26.97 -49.96 35.23
CA SER A 79 27.49 -48.76 35.88
C SER A 79 26.39 -48.05 36.66
N VAL A 80 25.34 -47.62 35.97
CA VAL A 80 24.20 -46.96 36.61
C VAL A 80 23.14 -48.04 36.85
N PRO A 81 23.09 -48.63 38.04
CA PRO A 81 22.27 -49.84 38.22
C PRO A 81 20.77 -49.60 38.20
N PHE A 82 20.32 -48.35 38.37
CA PHE A 82 18.90 -48.04 38.35
C PHE A 82 18.42 -47.60 36.98
N LEU A 83 19.26 -47.71 35.95
CA LEU A 83 18.90 -47.32 34.59
C LEU A 83 18.98 -48.52 33.67
N LEU A 84 18.14 -48.53 32.65
CA LEU A 84 18.16 -49.60 31.66
C LEU A 84 19.47 -49.58 30.89
N LYS A 85 19.87 -50.74 30.40
CA LYS A 85 21.14 -50.87 29.69
C LYS A 85 21.08 -50.08 28.39
N PRO A 86 22.01 -49.16 28.16
CA PRO A 86 22.01 -48.40 26.91
C PRO A 86 22.34 -49.28 25.72
N ALA A 87 21.85 -48.87 24.55
CA ALA A 87 22.03 -49.61 23.32
C ALA A 87 23.17 -49.04 22.49
N GLY A 88 23.74 -49.90 21.64
CA GLY A 88 24.78 -49.49 20.71
C GLY A 88 26.19 -49.53 21.25
N LEU A 89 26.39 -49.97 22.49
CA LEU A 89 27.72 -50.02 23.09
C LEU A 89 28.29 -51.43 23.15
N ASP A 90 27.59 -52.42 22.59
CA ASP A 90 27.87 -53.82 22.90
C ASP A 90 29.33 -54.19 22.61
N GLY A 91 29.73 -54.13 21.36
CA GLY A 91 31.06 -54.59 20.99
C GLY A 91 32.13 -53.52 21.11
N MET A 92 32.38 -53.04 22.32
CA MET A 92 33.35 -51.98 22.53
C MET A 92 34.33 -52.40 23.63
N VAL A 93 35.42 -51.65 23.74
CA VAL A 93 36.52 -52.00 24.64
C VAL A 93 36.49 -51.17 25.91
N GLY A 94 35.39 -50.48 26.19
CA GLY A 94 35.25 -49.75 27.43
C GLY A 94 33.85 -49.81 27.98
N ASP A 95 33.06 -50.77 27.47
CA ASP A 95 31.65 -50.87 27.82
C ASP A 95 31.48 -51.19 29.29
N VAL A 96 30.99 -50.22 30.06
CA VAL A 96 30.45 -50.47 31.39
C VAL A 96 28.99 -50.10 31.46
N GLY A 97 28.35 -49.87 30.31
CA GLY A 97 26.96 -49.51 30.28
C GLY A 97 26.67 -48.09 30.70
N PHE A 98 27.64 -47.19 30.56
CA PHE A 98 27.50 -45.80 31.00
C PHE A 98 27.06 -44.95 29.82
N ASP A 99 25.76 -44.70 29.73
CA ASP A 99 25.21 -43.74 28.78
C ASP A 99 23.81 -43.33 29.23
N PRO A 100 23.68 -42.64 30.37
CA PRO A 100 22.33 -42.25 30.83
C PRO A 100 21.60 -41.35 29.86
N LEU A 101 22.31 -40.45 29.18
CA LEU A 101 21.68 -39.53 28.23
C LEU A 101 21.49 -40.13 26.86
N GLY A 102 21.96 -41.36 26.63
CA GLY A 102 21.76 -42.02 25.35
C GLY A 102 22.41 -41.31 24.18
N PHE A 103 23.61 -40.76 24.38
CA PHE A 103 24.30 -40.09 23.29
C PHE A 103 24.64 -41.03 22.14
N ALA A 104 24.78 -42.32 22.41
CA ALA A 104 25.08 -43.29 21.37
C ALA A 104 23.87 -43.61 20.50
N THR A 105 22.67 -43.15 20.88
CA THR A 105 21.49 -43.45 20.08
C THR A 105 21.32 -42.48 18.92
N PHE A 106 21.59 -41.19 19.15
CA PHE A 106 21.44 -40.18 18.10
C PHE A 106 22.78 -39.70 17.56
N ILE A 107 23.89 -40.30 17.97
CA ILE A 107 25.21 -40.03 17.41
C ILE A 107 25.87 -41.37 17.13
N ASP A 108 26.59 -41.45 16.00
CA ASP A 108 27.25 -42.70 15.63
C ASP A 108 28.25 -43.11 16.70
N ILE A 109 28.18 -44.38 17.11
CA ILE A 109 29.05 -44.85 18.19
C ILE A 109 30.51 -44.88 17.74
N ARG A 110 30.77 -45.19 16.46
CA ARG A 110 32.14 -45.16 15.96
C ARG A 110 32.71 -43.75 16.03
N TRP A 111 31.94 -42.75 15.60
CA TRP A 111 32.40 -41.37 15.70
C TRP A 111 32.60 -40.97 17.16
N LEU A 112 31.71 -41.43 18.04
CA LEU A 112 31.83 -41.08 19.45
C LEU A 112 33.12 -41.67 20.04
N ARG A 113 33.45 -42.91 19.69
CA ARG A 113 34.70 -43.50 20.19
C ARG A 113 35.90 -42.81 19.58
N GLU A 114 35.86 -42.46 18.30
CA GLU A 114 36.96 -41.73 17.69
C GLU A 114 37.19 -40.41 18.41
N ALA A 115 36.09 -39.69 18.68
CA ALA A 115 36.20 -38.41 19.37
C ALA A 115 36.70 -38.58 20.81
N GLU A 116 36.21 -39.60 21.51
CA GLU A 116 36.66 -39.85 22.87
C GLU A 116 38.15 -40.15 22.89
N LEU A 117 38.61 -41.00 21.98
CA LEU A 117 40.02 -41.36 21.94
C LEU A 117 40.89 -40.15 21.59
N LYS A 118 40.47 -39.35 20.61
CA LYS A 118 41.26 -38.19 20.24
C LYS A 118 41.30 -37.15 21.36
N ASN A 119 40.15 -36.89 21.99
CA ASN A 119 40.12 -35.96 23.11
C ASN A 119 40.99 -36.46 24.25
N GLY A 120 40.95 -37.77 24.53
CA GLY A 120 41.78 -38.32 25.58
C GLY A 120 43.26 -38.19 25.29
N ARG A 121 43.67 -38.54 24.07
CA ARG A 121 45.08 -38.45 23.71
C ARG A 121 45.57 -37.01 23.75
N VAL A 122 44.76 -36.06 23.25
CA VAL A 122 45.14 -34.66 23.30
C VAL A 122 45.25 -34.20 24.74
N ALA A 123 44.33 -34.62 25.60
CA ALA A 123 44.37 -34.23 27.01
C ALA A 123 45.59 -34.80 27.71
N MET A 124 45.94 -36.06 27.43
CA MET A 124 47.14 -36.65 28.00
C MET A 124 48.39 -35.88 27.58
N LEU A 125 48.52 -35.59 26.28
CA LEU A 125 49.67 -34.84 25.81
C LEU A 125 49.70 -33.44 26.44
N ALA A 126 48.53 -32.83 26.62
CA ALA A 126 48.49 -31.48 27.17
C ALA A 126 48.82 -31.46 28.66
N PHE A 127 48.38 -32.49 29.40
CA PHE A 127 48.75 -32.60 30.82
C PHE A 127 50.25 -32.79 30.97
N LEU A 128 50.83 -33.70 30.17
CA LEU A 128 52.28 -33.86 30.19
C LEU A 128 52.97 -32.55 29.79
N GLY A 129 52.38 -31.81 28.85
CA GLY A 129 52.93 -30.53 28.47
C GLY A 129 52.93 -29.53 29.61
N PHE A 130 51.84 -29.47 30.38
CA PHE A 130 51.83 -28.64 31.58
C PHE A 130 52.98 -28.99 32.49
N ILE A 131 53.08 -30.27 32.86
CA ILE A 131 54.04 -30.67 33.88
C ILE A 131 55.46 -30.40 33.42
N VAL A 132 55.74 -30.65 32.14
CA VAL A 132 57.08 -30.40 31.61
C VAL A 132 57.34 -28.89 31.48
N GLN A 133 56.35 -28.13 31.02
CA GLN A 133 56.52 -26.69 30.79
C GLN A 133 56.86 -25.98 32.10
N GLU A 134 56.13 -26.29 33.16
CA GLU A 134 56.42 -25.61 34.42
C GLU A 134 57.79 -26.02 34.97
N PHE A 135 58.26 -27.22 34.62
CA PHE A 135 59.55 -27.72 35.09
C PHE A 135 60.70 -27.31 34.17
N ILE A 136 60.64 -27.70 32.89
CA ILE A 136 61.81 -27.65 32.03
C ILE A 136 61.89 -26.33 31.27
N ARG A 137 60.89 -26.07 30.41
CA ARG A 137 60.86 -24.90 29.55
C ARG A 137 62.01 -24.89 28.54
N LEU A 138 61.91 -24.03 27.51
CA LEU A 138 62.92 -23.86 26.47
C LEU A 138 63.73 -22.60 26.70
N PRO A 139 64.97 -22.55 26.21
CA PRO A 139 65.72 -21.29 26.27
C PRO A 139 65.07 -20.22 25.42
N GLY A 140 65.19 -18.97 25.88
CA GLY A 140 64.61 -17.86 25.17
C GLY A 140 63.67 -17.03 26.02
N ASP A 141 63.51 -15.75 25.65
CA ASP A 141 62.63 -14.86 26.43
C ASP A 141 61.17 -15.26 26.29
N LEU A 142 60.77 -15.68 25.08
CA LEU A 142 59.37 -16.06 24.87
C LEU A 142 58.98 -17.26 25.72
N TYR A 143 59.85 -18.26 25.81
CA TYR A 143 59.54 -19.50 26.50
C TYR A 143 60.07 -19.45 27.92
N SER A 144 59.46 -18.57 28.72
CA SER A 144 59.93 -18.35 30.09
C SER A 144 58.78 -18.21 31.08
N GLU A 145 57.62 -18.78 30.77
CA GLU A 145 56.47 -18.70 31.67
C GLU A 145 56.16 -20.06 32.26
N PRO A 146 56.36 -20.26 33.57
CA PRO A 146 55.97 -21.54 34.18
C PRO A 146 54.48 -21.81 34.13
N ASN A 147 53.64 -20.79 33.97
CA ASN A 147 52.20 -20.97 33.92
C ASN A 147 51.78 -21.21 32.48
N GLY A 148 51.07 -22.33 32.26
CA GLY A 148 50.65 -22.66 30.90
C GLY A 148 49.69 -21.65 30.31
N VAL A 149 48.74 -21.17 31.11
CA VAL A 149 47.75 -20.22 30.61
C VAL A 149 48.43 -18.91 30.20
N LYS A 150 49.34 -18.41 31.02
CA LYS A 150 50.07 -17.20 30.66
C LYS A 150 51.08 -17.47 29.55
N ALA A 151 51.62 -18.69 29.48
CA ALA A 151 52.50 -19.05 28.38
C ALA A 151 51.76 -19.04 27.05
N PHE A 152 50.46 -19.35 27.06
CA PHE A 152 49.67 -19.30 25.84
C PHE A 152 49.65 -17.88 25.26
N PHE A 153 49.72 -16.86 26.10
CA PHE A 153 49.70 -15.48 25.65
C PHE A 153 51.10 -14.93 25.39
N GLN A 154 52.07 -15.28 26.24
CA GLN A 154 53.41 -14.75 26.08
C GLN A 154 54.06 -15.28 24.80
N VAL A 155 53.78 -16.54 24.45
CA VAL A 155 54.43 -17.16 23.31
C VAL A 155 54.09 -16.45 22.00
N GLY A 156 52.95 -15.74 21.97
CA GLY A 156 52.54 -15.03 20.78
C GLY A 156 51.75 -15.90 19.84
N PRO A 157 51.19 -15.29 18.79
CA PRO A 157 50.36 -16.05 17.85
C PRO A 157 51.16 -16.88 16.86
N GLN A 158 52.37 -16.43 16.53
CA GLN A 158 53.16 -17.12 15.52
C GLN A 158 53.49 -18.57 15.89
N PRO A 159 54.02 -18.87 17.08
CA PRO A 159 54.24 -20.28 17.43
C PRO A 159 52.96 -21.08 17.53
N LEU A 160 51.87 -20.48 18.00
CA LEU A 160 50.63 -21.21 18.16
C LEU A 160 50.00 -21.54 16.82
N LEU A 161 50.03 -20.60 15.87
CA LEU A 161 49.45 -20.85 14.56
C LEU A 161 50.20 -21.93 13.81
N GLN A 162 51.51 -22.04 14.01
CA GLN A 162 52.26 -23.14 13.42
C GLN A 162 51.82 -24.48 13.98
N ILE A 163 51.57 -24.53 15.29
CA ILE A 163 51.04 -25.75 15.89
C ILE A 163 49.66 -26.07 15.32
N PHE A 164 48.82 -25.04 15.13
CA PHE A 164 47.50 -25.24 14.56
C PHE A 164 47.59 -25.82 13.15
N LEU A 165 48.49 -25.26 12.32
CA LEU A 165 48.61 -25.74 10.95
C LEU A 165 49.21 -27.14 10.91
N PHE A 166 50.18 -27.43 11.79
CA PHE A 166 50.74 -28.78 11.83
C PHE A 166 49.71 -29.80 12.27
N CYS A 167 48.89 -29.45 13.27
CA CYS A 167 47.83 -30.35 13.69
C CYS A 167 46.81 -30.54 12.57
N GLY A 168 46.54 -29.50 11.79
CA GLY A 168 45.66 -29.66 10.64
C GLY A 168 46.23 -30.58 9.58
N PHE A 169 47.52 -30.42 9.28
CA PHE A 169 48.19 -31.33 8.35
C PHE A 169 48.12 -32.78 8.84
N LEU A 170 48.37 -32.98 10.13
CA LEU A 170 48.26 -34.31 10.70
C LEU A 170 46.84 -34.83 10.55
N GLU A 171 45.84 -34.02 10.89
CA GLU A 171 44.45 -34.48 10.77
C GLU A 171 44.14 -34.91 9.35
N PHE A 172 44.53 -34.11 8.37
CA PHE A 172 44.26 -34.44 6.98
C PHE A 172 44.92 -35.76 6.58
N ASN A 173 46.22 -35.92 6.89
CA ASN A 173 46.94 -37.08 6.39
C ASN A 173 46.59 -38.36 7.15
N MET A 174 46.26 -38.26 8.43
CA MET A 174 45.94 -39.45 9.22
C MET A 174 44.57 -40.02 8.88
N HIS A 175 43.58 -39.16 8.60
CA HIS A 175 42.27 -39.67 8.21
C HIS A 175 42.11 -39.79 6.70
N LYS A 176 43.12 -39.39 5.93
CA LYS A 176 43.15 -39.55 4.48
C LYS A 176 41.92 -38.90 3.82
N GLY A 177 41.78 -37.61 4.08
CA GLY A 177 40.72 -36.82 3.47
C GLY A 177 39.38 -36.81 4.17
N LYS A 178 38.85 -37.99 4.49
CA LYS A 178 37.54 -38.10 5.14
C LYS A 178 37.68 -37.65 6.58
N LEU A 179 37.31 -36.40 6.86
CA LEU A 179 37.52 -35.80 8.17
C LEU A 179 36.24 -35.48 8.93
N THR A 180 35.08 -35.55 8.30
CA THR A 180 33.86 -35.07 8.91
C THR A 180 33.02 -36.23 9.46
N GLN A 181 31.98 -35.88 10.20
CA GLN A 181 31.12 -36.89 10.82
C GLN A 181 30.38 -37.69 9.76
N VAL A 182 29.98 -37.06 8.66
CA VAL A 182 29.25 -37.77 7.62
C VAL A 182 30.20 -38.50 6.68
N ASP A 183 31.43 -38.01 6.51
CA ASP A 183 32.36 -38.63 5.58
C ASP A 183 33.10 -39.80 6.21
N MET A 184 33.58 -39.62 7.44
CA MET A 184 34.24 -40.72 8.13
C MET A 184 33.24 -41.82 8.45
N PHE A 185 33.70 -43.06 8.38
CA PHE A 185 32.89 -44.25 8.63
C PHE A 185 31.75 -44.42 7.62
N GLU A 186 31.78 -43.65 6.53
CA GLU A 186 30.77 -43.83 5.48
C GLU A 186 30.95 -45.17 4.79
N ASP A 187 32.20 -45.55 4.52
CA ASP A 187 32.51 -46.84 3.91
C ASP A 187 32.83 -47.92 4.92
N GLY A 188 32.77 -47.61 6.22
CA GLY A 188 33.17 -48.60 7.22
C GLY A 188 34.66 -48.82 7.18
N LYS A 189 35.06 -50.09 7.35
CA LYS A 189 36.45 -50.55 7.30
C LYS A 189 37.41 -49.59 8.02
N ARG A 190 36.99 -49.09 9.19
CA ARG A 190 37.79 -48.12 9.93
C ARG A 190 37.49 -48.32 11.42
N GLU A 191 38.37 -49.02 12.11
CA GLU A 191 38.21 -49.19 13.55
C GLU A 191 38.37 -47.85 14.24
N PRO A 192 37.44 -47.47 15.11
CA PRO A 192 37.52 -46.14 15.75
C PRO A 192 38.81 -45.97 16.54
N GLY A 193 39.55 -44.91 16.21
CA GLY A 193 40.81 -44.62 16.87
C GLY A 193 42.01 -45.38 16.34
N ASN A 194 41.84 -46.18 15.29
CA ASN A 194 42.91 -47.04 14.78
C ASN A 194 43.60 -46.32 13.62
N PHE A 195 44.67 -45.60 13.94
CA PHE A 195 45.50 -44.97 12.94
C PHE A 195 46.63 -45.86 12.45
N GLY A 196 46.78 -47.06 13.02
CA GLY A 196 47.89 -47.90 12.67
C GLY A 196 49.22 -47.46 13.24
N PHE A 197 49.22 -46.47 14.13
CA PHE A 197 50.45 -45.93 14.69
C PHE A 197 50.97 -46.87 15.77
N ASP A 198 52.06 -47.57 15.48
CA ASP A 198 52.67 -48.49 16.42
C ASP A 198 54.11 -48.78 16.02
N PRO A 199 55.00 -47.79 16.04
CA PRO A 199 56.38 -48.06 15.62
C PRO A 199 57.17 -48.90 16.60
N LEU A 200 56.96 -48.70 17.90
CA LEU A 200 57.72 -49.45 18.90
C LEU A 200 57.25 -50.89 19.02
N GLY A 201 56.14 -51.26 18.38
CA GLY A 201 55.71 -52.63 18.32
C GLY A 201 54.90 -53.12 19.51
N PHE A 202 54.59 -52.25 20.47
CA PHE A 202 53.74 -52.66 21.60
C PHE A 202 52.34 -52.92 21.09
N GLY A 203 51.87 -54.15 21.21
CA GLY A 203 50.54 -54.50 20.76
C GLY A 203 50.52 -55.64 19.75
N LYS A 204 51.67 -56.25 19.51
CA LYS A 204 51.70 -57.43 18.64
C LYS A 204 50.91 -58.58 19.26
N ASP A 205 51.05 -58.79 20.57
CA ASP A 205 50.30 -59.83 21.25
C ASP A 205 48.85 -59.39 21.42
N PRO A 206 47.88 -60.14 20.88
CA PRO A 206 46.48 -59.72 21.03
C PRO A 206 45.93 -59.90 22.44
N ALA A 207 46.59 -60.69 23.28
CA ALA A 207 46.09 -60.92 24.64
C ALA A 207 46.13 -59.63 25.45
N LYS A 208 47.24 -58.89 25.38
CA LYS A 208 47.38 -57.63 26.10
C LYS A 208 46.82 -56.44 25.34
N ARG A 209 46.37 -56.65 24.10
CA ARG A 209 45.86 -55.54 23.29
C ARG A 209 44.59 -54.96 23.89
N GLU A 210 43.68 -55.81 24.35
CA GLU A 210 42.44 -55.31 24.95
C GLU A 210 42.72 -54.55 26.24
N ARG A 211 43.64 -55.06 27.06
CA ARG A 211 44.01 -54.37 28.28
C ARG A 211 44.64 -53.02 27.96
N TYR A 212 45.49 -52.96 26.94
CA TYR A 212 46.10 -51.70 26.54
C TYR A 212 45.05 -50.71 26.06
N ALA A 213 44.06 -51.19 25.30
CA ALA A 213 43.00 -50.30 24.83
C ALA A 213 42.19 -49.74 25.99
N LEU A 214 41.83 -50.60 26.95
CA LEU A 214 41.08 -50.13 28.11
C LEU A 214 41.91 -49.16 28.93
N ALA A 215 43.20 -49.43 29.11
CA ALA A 215 44.07 -48.52 29.85
C ALA A 215 44.17 -47.18 29.15
N GLU A 216 44.28 -47.18 27.82
CA GLU A 216 44.34 -45.93 27.07
C GLU A 216 43.05 -45.15 27.25
N LEU A 217 41.91 -45.82 27.19
CA LEU A 217 40.63 -45.12 27.35
C LEU A 217 40.52 -44.50 28.74
N LYS A 218 40.84 -45.28 29.78
CA LYS A 218 40.72 -44.77 31.14
C LYS A 218 41.69 -43.63 31.38
N ASN A 219 42.93 -43.75 30.90
CA ASN A 219 43.90 -42.68 31.05
C ASN A 219 43.47 -41.43 30.28
N GLY A 220 42.86 -41.61 29.11
CA GLY A 220 42.36 -40.46 28.37
C GLY A 220 41.26 -39.73 29.11
N ARG A 221 40.32 -40.46 29.69
CA ARG A 221 39.25 -39.82 30.45
C ARG A 221 39.80 -39.11 31.67
N LEU A 222 40.68 -39.78 32.41
CA LEU A 222 41.31 -39.15 33.57
C LEU A 222 42.09 -37.90 33.16
N ALA A 223 42.71 -37.94 31.99
CA ALA A 223 43.49 -36.79 31.54
C ALA A 223 42.59 -35.66 31.06
N MET A 224 41.41 -35.96 30.53
CA MET A 224 40.45 -34.89 30.24
C MET A 224 40.05 -34.18 31.53
N ILE A 225 39.71 -34.95 32.56
CA ILE A 225 39.34 -34.34 33.82
C ILE A 225 40.50 -33.53 34.39
N ALA A 226 41.71 -34.09 34.32
CA ALA A 226 42.88 -33.41 34.88
C ALA A 226 43.30 -32.20 34.06
N ILE A 227 43.09 -32.23 32.75
CA ILE A 227 43.45 -31.09 31.92
C ILE A 227 42.52 -29.92 32.24
N GLY A 228 41.22 -30.20 32.41
CA GLY A 228 40.32 -29.17 32.88
C GLY A 228 40.73 -28.65 34.24
N GLY A 229 41.09 -29.55 35.15
CA GLY A 229 41.48 -29.13 36.49
C GLY A 229 42.69 -28.23 36.49
N LEU A 230 43.73 -28.59 35.74
CA LEU A 230 44.95 -27.79 35.70
C LEU A 230 44.69 -26.43 35.07
N VAL A 231 43.96 -26.41 33.95
CA VAL A 231 43.67 -25.14 33.30
C VAL A 231 42.91 -24.21 34.23
N HIS A 232 41.93 -24.75 34.95
CA HIS A 232 41.13 -23.89 35.82
C HIS A 232 41.86 -23.52 37.11
N HIS A 233 42.80 -24.35 37.57
CA HIS A 233 43.66 -23.95 38.68
C HIS A 233 44.51 -22.76 38.28
N ALA A 234 45.09 -22.80 37.07
CA ALA A 234 45.90 -21.68 36.62
C ALA A 234 45.07 -20.41 36.48
N LEU A 235 43.78 -20.53 36.18
CA LEU A 235 42.94 -19.36 36.00
C LEU A 235 42.54 -18.74 37.34
N VAL A 236 42.28 -19.56 38.36
CA VAL A 236 41.81 -19.03 39.63
C VAL A 236 42.94 -18.61 40.56
N THR A 237 44.16 -19.10 40.33
CA THR A 237 45.31 -18.76 41.15
C THR A 237 46.31 -17.91 40.39
N GLY A 238 46.79 -18.39 39.24
CA GLY A 238 47.64 -17.62 38.36
C GLY A 238 49.10 -17.97 38.42
N HIS A 239 49.56 -18.68 39.45
CA HIS A 239 51.00 -18.91 39.58
C HIS A 239 51.47 -20.10 38.73
N ALA A 240 51.02 -21.30 39.08
CA ALA A 240 51.48 -22.54 38.44
C ALA A 240 50.65 -23.69 39.00
N THR A 241 51.03 -24.92 38.62
CA THR A 241 50.43 -26.12 39.17
C THR A 241 51.22 -26.68 40.34
N PHE A 242 52.55 -26.74 40.22
CA PHE A 242 53.44 -27.31 41.23
C PHE A 242 53.07 -28.76 41.55
N GLY B 31 14.37 5.19 -52.67
CA GLY B 31 15.46 5.92 -53.26
C GLY B 31 15.71 5.52 -54.70
N THR B 32 15.69 4.21 -54.94
CA THR B 32 15.89 3.63 -56.27
C THR B 32 15.43 2.18 -56.32
N PRO B 33 15.82 1.32 -55.37
CA PRO B 33 15.35 -0.07 -55.41
C PRO B 33 13.93 -0.29 -54.89
N PHE B 34 13.18 0.77 -54.60
CA PHE B 34 11.81 0.61 -54.13
C PHE B 34 11.03 1.88 -54.47
N ASP B 35 9.72 1.81 -54.27
CA ASP B 35 8.81 2.92 -54.53
C ASP B 35 8.47 3.60 -53.20
N THR B 36 8.72 4.90 -53.12
CA THR B 36 8.39 5.64 -51.89
C THR B 36 6.88 5.65 -51.65
N VAL B 37 6.09 5.84 -52.69
CA VAL B 37 4.63 5.85 -52.61
C VAL B 37 4.10 4.66 -53.38
N SER B 38 3.27 3.85 -52.74
CA SER B 38 2.68 2.69 -53.39
C SER B 38 1.72 3.12 -54.49
N LYS B 39 1.63 2.28 -55.54
CA LYS B 39 0.72 2.57 -56.64
C LYS B 39 -0.74 2.53 -56.21
N ASP B 40 -1.06 1.82 -55.12
CA ASP B 40 -2.43 1.73 -54.66
C ASP B 40 -2.90 2.99 -53.94
N GLU B 41 -1.97 3.84 -53.53
CA GLU B 41 -2.28 5.09 -52.83
C GLU B 41 -1.87 6.25 -53.73
N LEU B 42 -2.78 6.65 -54.62
CA LEU B 42 -2.55 7.74 -55.54
C LEU B 42 -3.78 8.65 -55.56
N ALA B 43 -3.54 9.94 -55.74
CA ALA B 43 -4.63 10.90 -55.78
C ALA B 43 -5.41 10.78 -57.09
N VAL B 44 -6.72 10.94 -57.00
CA VAL B 44 -7.61 10.93 -58.15
C VAL B 44 -8.26 12.30 -58.26
N GLU B 45 -8.29 12.85 -59.47
CA GLU B 45 -8.90 14.16 -59.68
C GLU B 45 -10.40 14.07 -59.45
N ASN B 46 -10.93 15.00 -58.65
CA ASN B 46 -12.35 15.00 -58.32
C ASN B 46 -13.12 15.69 -59.44
N LYS B 47 -13.67 14.90 -60.37
CA LYS B 47 -14.46 15.45 -61.45
C LYS B 47 -15.82 15.96 -60.99
N ALA B 48 -16.23 15.64 -59.75
CA ALA B 48 -17.51 16.10 -59.24
C ALA B 48 -17.55 17.59 -59.00
N MET B 49 -16.40 18.28 -59.04
CA MET B 49 -16.33 19.71 -58.83
C MET B 49 -16.02 20.47 -60.12
N ALA B 50 -16.36 19.88 -61.27
CA ALA B 50 -16.17 20.57 -62.54
C ALA B 50 -17.05 21.81 -62.61
N GLY B 51 -16.52 22.88 -63.20
CA GLY B 51 -17.18 24.17 -63.06
C GLY B 51 -17.15 24.57 -61.61
N LYS B 52 -18.33 24.85 -61.05
CA LYS B 52 -18.51 24.97 -59.59
C LYS B 52 -17.58 26.05 -59.02
N SER B 53 -17.91 27.30 -59.35
CA SER B 53 -17.12 28.47 -58.96
C SER B 53 -16.65 28.39 -57.51
N VAL B 54 -15.49 28.98 -57.23
CA VAL B 54 -14.73 28.78 -56.00
C VAL B 54 -15.62 28.81 -54.75
N PHE B 55 -16.68 29.62 -54.77
CA PHE B 55 -17.59 29.66 -53.64
C PHE B 55 -18.33 28.34 -53.47
N GLU B 56 -18.90 27.82 -54.57
CA GLU B 56 -19.55 26.52 -54.51
C GLU B 56 -18.56 25.42 -54.17
N ARG B 57 -17.36 25.48 -54.75
CA ARG B 57 -16.33 24.49 -54.45
C ARG B 57 -15.94 24.53 -52.97
N ALA B 58 -15.74 25.73 -52.43
CA ALA B 58 -15.37 25.86 -51.02
C ALA B 58 -16.48 25.36 -50.11
N MET B 59 -17.73 25.70 -50.43
CA MET B 59 -18.85 25.23 -49.62
C MET B 59 -18.94 23.71 -49.65
N ALA B 60 -18.82 23.11 -50.84
CA ALA B 60 -18.91 21.67 -50.95
C ALA B 60 -17.77 20.99 -50.20
N ASP B 61 -16.55 21.54 -50.31
CA ASP B 61 -15.41 20.97 -49.61
C ASP B 61 -15.60 21.06 -48.10
N PHE B 62 -16.09 22.19 -47.60
CA PHE B 62 -16.32 22.33 -46.17
C PHE B 62 -17.40 21.36 -45.69
N ASN B 63 -18.49 21.24 -46.45
CA ASN B 63 -19.59 20.38 -46.03
C ASN B 63 -19.19 18.92 -46.04
N GLY B 64 -18.49 18.48 -47.09
CA GLY B 64 -18.04 17.09 -47.13
C GLY B 64 -16.98 16.78 -46.11
N ARG B 65 -16.04 17.70 -45.89
CA ARG B 65 -14.94 17.46 -44.98
C ARG B 65 -15.36 17.56 -43.52
N TYR B 66 -16.30 18.44 -43.20
CA TYR B 66 -16.74 18.68 -41.83
C TYR B 66 -18.24 18.56 -41.73
N PRO B 67 -18.78 17.34 -41.76
CA PRO B 67 -20.20 17.15 -41.46
C PRO B 67 -20.44 17.27 -39.97
N ALA B 68 -21.73 17.35 -39.61
CA ALA B 68 -22.19 17.46 -38.23
C ALA B 68 -21.89 18.83 -37.64
N VAL B 69 -21.17 19.67 -38.39
CA VAL B 69 -21.05 21.09 -38.07
C VAL B 69 -21.57 21.85 -39.29
N ALA B 70 -21.45 21.24 -40.47
CA ALA B 70 -22.10 21.78 -41.66
C ALA B 70 -23.60 21.50 -41.63
N ALA B 71 -24.00 20.32 -41.13
CA ALA B 71 -25.41 20.01 -40.99
C ALA B 71 -26.11 20.91 -39.98
N LEU B 72 -25.35 21.47 -39.03
CA LEU B 72 -25.92 22.41 -38.06
C LEU B 72 -26.03 23.83 -38.61
N GLY B 73 -25.51 24.08 -39.81
CA GLY B 73 -25.50 25.41 -40.37
C GLY B 73 -24.29 26.26 -39.99
N LEU B 74 -23.36 25.70 -39.22
CA LEU B 74 -22.18 26.46 -38.84
C LEU B 74 -21.20 26.57 -40.01
N GLY B 75 -20.30 27.54 -39.90
CA GLY B 75 -19.27 27.74 -40.89
C GLY B 75 -19.72 28.57 -42.07
N PRO B 76 -19.11 28.36 -43.23
CA PRO B 76 -19.48 29.13 -44.42
C PRO B 76 -20.86 28.74 -44.93
N SER B 77 -21.91 29.22 -44.26
CA SER B 77 -23.27 28.84 -44.57
C SER B 77 -24.15 30.09 -44.60
N ALA B 78 -25.26 29.99 -45.34
CA ALA B 78 -26.17 31.12 -45.48
C ALA B 78 -26.81 31.49 -44.15
N LYS B 79 -27.12 30.50 -43.31
CA LYS B 79 -27.66 30.78 -41.98
C LYS B 79 -26.65 31.57 -41.16
N ALA B 80 -25.39 31.11 -41.12
CA ALA B 80 -24.37 31.81 -40.38
C ALA B 80 -24.14 33.21 -40.95
N GLU B 81 -24.13 33.33 -42.28
CA GLU B 81 -23.94 34.64 -42.90
C GLU B 81 -25.07 35.59 -42.53
N ARG B 82 -26.32 35.11 -42.56
CA ARG B 82 -27.44 35.96 -42.21
C ARG B 82 -27.36 36.42 -40.75
N TRP B 83 -27.05 35.49 -39.85
CA TRP B 83 -26.97 35.86 -38.43
C TRP B 83 -25.83 36.85 -38.18
N ASN B 84 -24.67 36.61 -38.80
CA ASN B 84 -23.55 37.51 -38.62
C ASN B 84 -23.82 38.88 -39.24
N GLY B 85 -24.56 38.92 -40.35
CA GLY B 85 -24.94 40.21 -40.91
C GLY B 85 -25.88 40.98 -40.00
N ARG B 86 -26.86 40.29 -39.42
CA ARG B 86 -27.74 40.96 -38.46
C ARG B 86 -26.94 41.53 -37.30
N HIS B 87 -26.01 40.74 -36.77
CA HIS B 87 -25.21 41.20 -35.64
C HIS B 87 -24.31 42.36 -36.04
N ALA B 88 -23.78 42.34 -37.27
CA ALA B 88 -22.92 43.43 -37.73
C ALA B 88 -23.70 44.73 -37.88
N MET B 89 -24.93 44.67 -38.39
CA MET B 89 -25.76 45.88 -38.48
C MET B 89 -26.08 46.41 -37.08
N PHE B 90 -26.55 45.54 -36.20
CA PHE B 90 -26.82 45.96 -34.83
C PHE B 90 -25.58 46.54 -34.17
N GLY B 91 -24.41 46.02 -34.50
CA GLY B 91 -23.19 46.52 -33.92
C GLY B 91 -22.71 47.82 -34.50
N TRP B 92 -23.02 48.08 -35.77
CA TRP B 92 -22.80 49.43 -36.29
C TRP B 92 -23.65 50.42 -35.51
N ILE B 93 -24.89 50.04 -35.22
CA ILE B 93 -25.73 50.87 -34.37
C ILE B 93 -25.08 51.05 -32.99
N VAL B 94 -24.55 49.98 -32.42
CA VAL B 94 -23.95 50.03 -31.09
C VAL B 94 -22.71 50.92 -31.10
N LEU B 95 -21.90 50.84 -32.16
CA LEU B 95 -20.71 51.69 -32.25
C LEU B 95 -21.11 53.16 -32.35
N LEU B 96 -22.15 53.47 -33.12
CA LEU B 96 -22.63 54.84 -33.18
C LEU B 96 -23.11 55.30 -31.80
N ALA B 97 -23.83 54.44 -31.09
CA ALA B 97 -24.31 54.79 -29.75
C ALA B 97 -23.15 55.01 -28.79
N THR B 98 -22.12 54.17 -28.89
CA THR B 98 -20.96 54.31 -28.01
C THR B 98 -20.22 55.61 -28.29
N GLY B 99 -20.03 55.96 -29.57
CA GLY B 99 -19.43 57.23 -29.89
C GLY B 99 -20.23 58.40 -29.37
N TYR B 100 -21.55 58.34 -29.53
CA TYR B 100 -22.41 59.40 -29.01
C TYR B 100 -22.30 59.52 -27.49
N ALA B 101 -22.30 58.39 -26.78
CA ALA B 101 -22.21 58.42 -25.33
C ALA B 101 -20.87 58.97 -24.87
N GLN B 102 -19.78 58.59 -25.55
CA GLN B 102 -18.47 59.13 -25.20
C GLN B 102 -18.41 60.63 -25.45
N ALA B 103 -19.01 61.09 -26.55
CA ALA B 103 -18.95 62.51 -26.87
C ALA B 103 -19.82 63.35 -25.95
N HIS B 104 -20.94 62.81 -25.48
CA HIS B 104 -21.96 63.61 -24.80
C HIS B 104 -21.89 63.50 -23.27
N GLY B 105 -20.73 63.21 -22.72
CA GLY B 105 -20.55 63.26 -21.28
C GLY B 105 -21.09 62.08 -20.51
N LEU B 106 -21.64 61.08 -21.19
CA LEU B 106 -22.07 59.83 -20.58
C LEU B 106 -20.84 58.96 -20.36
N LEU B 107 -21.03 57.64 -20.18
CA LEU B 107 -19.91 56.73 -20.12
C LEU B 107 -19.04 57.00 -18.89
N PRO B 108 -19.48 56.54 -17.69
CA PRO B 108 -18.88 56.97 -16.42
C PRO B 108 -17.36 57.01 -16.36
N GLU B 109 -16.84 57.86 -15.49
CA GLU B 109 -15.43 58.20 -15.41
C GLU B 109 -14.74 57.44 -14.27
N GLY B 110 -13.44 57.24 -14.44
CA GLY B 110 -12.64 56.61 -13.40
C GLY B 110 -12.36 55.14 -13.64
N GLY B 111 -12.14 54.39 -12.56
CA GLY B 111 -11.89 52.97 -12.65
C GLY B 111 -12.71 52.22 -11.62
N MET B 112 -12.75 50.90 -11.81
CA MET B 112 -13.50 50.05 -10.89
C MET B 112 -12.82 50.02 -9.53
N ASP B 113 -13.61 49.74 -8.49
CA ASP B 113 -13.11 49.71 -7.12
C ASP B 113 -12.60 48.31 -6.83
N ALA B 114 -11.28 48.18 -6.67
CA ALA B 114 -10.69 46.88 -6.39
C ALA B 114 -11.15 46.35 -5.03
N LYS B 115 -11.31 47.25 -4.05
CA LYS B 115 -11.83 46.84 -2.75
C LYS B 115 -13.24 46.29 -2.86
N GLU B 116 -14.01 46.77 -3.82
CA GLU B 116 -15.39 46.31 -3.99
C GLU B 116 -15.50 45.08 -4.89
N TRP B 117 -14.66 44.96 -5.91
CA TRP B 117 -14.81 43.91 -6.92
C TRP B 117 -13.61 42.98 -6.97
N GLY B 118 -12.81 42.92 -5.92
CA GLY B 118 -11.71 41.97 -5.86
C GLY B 118 -10.51 42.40 -6.70
N THR B 119 -9.49 41.55 -6.66
CA THR B 119 -8.23 41.85 -7.35
C THR B 119 -8.28 41.53 -8.84
N TRP B 120 -9.39 40.99 -9.33
CA TRP B 120 -9.48 40.61 -10.73
C TRP B 120 -9.76 41.77 -11.60
N VAL B 121 -10.12 42.86 -11.00
CA VAL B 121 -10.32 44.10 -11.75
C VAL B 121 -9.07 44.96 -11.77
N ILE B 122 -8.00 44.55 -11.09
CA ILE B 122 -6.75 45.29 -11.10
C ILE B 122 -5.99 44.97 -12.37
N VAL B 123 -5.56 46.01 -13.08
CA VAL B 123 -4.86 45.84 -14.36
C VAL B 123 -3.36 45.84 -14.17
N SER B 124 -2.83 46.81 -13.42
CA SER B 124 -1.41 46.88 -13.17
C SER B 124 -1.16 47.74 -11.94
N THR B 125 0.06 47.61 -11.40
CA THR B 125 0.51 48.41 -10.26
C THR B 125 1.84 49.04 -10.66
N THR B 126 1.81 50.33 -11.03
CA THR B 126 3.01 50.95 -11.58
C THR B 126 4.03 51.26 -10.50
N ASN B 127 3.71 52.17 -9.57
CA ASN B 127 4.51 52.34 -8.35
C ASN B 127 3.59 52.72 -7.18
N GLY B 128 3.04 51.70 -6.52
CA GLY B 128 2.21 51.93 -5.36
C GLY B 128 0.77 52.32 -5.63
N GLU B 129 0.35 52.44 -6.89
CA GLU B 129 -1.05 52.67 -7.22
C GLU B 129 -1.54 51.55 -8.14
N GLN B 130 -2.77 51.12 -7.90
CA GLN B 130 -3.37 50.02 -8.66
C GLN B 130 -4.24 50.61 -9.76
N VAL B 131 -3.80 50.45 -11.00
CA VAL B 131 -4.62 50.83 -12.14
C VAL B 131 -5.62 49.72 -12.38
N THR B 132 -6.90 50.06 -12.35
CA THR B 132 -7.99 49.09 -12.48
C THR B 132 -8.65 49.21 -13.83
N ILE B 133 -9.58 48.29 -14.09
CA ILE B 133 -10.35 48.33 -15.33
C ILE B 133 -11.22 49.59 -15.33
N PRO B 134 -11.25 50.37 -16.41
CA PRO B 134 -12.08 51.57 -16.43
C PRO B 134 -13.55 51.23 -16.21
N ALA B 135 -14.24 52.10 -15.46
CA ALA B 135 -15.66 51.90 -15.21
C ALA B 135 -16.47 51.95 -16.49
N ALA B 136 -16.05 52.77 -17.45
CA ALA B 136 -16.72 52.82 -18.74
C ALA B 136 -16.66 51.48 -19.44
N ARG B 137 -15.50 50.83 -19.41
CA ARG B 137 -15.37 49.50 -20.01
C ARG B 137 -16.29 48.51 -19.32
N ALA B 138 -16.39 48.58 -17.99
CA ALA B 138 -17.29 47.68 -17.26
C ALA B 138 -18.73 47.90 -17.66
N ALA B 139 -19.16 49.16 -17.79
CA ALA B 139 -20.54 49.44 -18.18
C ALA B 139 -20.83 48.95 -19.59
N ILE B 140 -19.90 49.17 -20.52
CA ILE B 140 -20.10 48.71 -21.89
C ILE B 140 -20.14 47.19 -21.94
N ALA B 141 -19.31 46.54 -21.11
CA ALA B 141 -19.35 45.09 -21.02
C ALA B 141 -20.68 44.60 -20.47
N ILE B 142 -21.27 45.34 -19.53
CA ILE B 142 -22.57 44.95 -18.99
C ILE B 142 -23.65 45.08 -20.06
N GLY B 143 -23.61 46.15 -20.86
CA GLY B 143 -24.57 46.27 -21.95
C GLY B 143 -24.43 45.16 -22.97
N HIS B 144 -23.19 44.86 -23.36
CA HIS B 144 -22.94 43.74 -24.26
C HIS B 144 -23.37 42.42 -23.64
N LEU B 145 -23.26 42.30 -22.32
CA LEU B 145 -23.75 41.11 -21.64
C LEU B 145 -25.26 41.01 -21.73
N HIS B 146 -25.97 42.15 -21.61
CA HIS B 146 -27.41 42.14 -21.81
C HIS B 146 -27.76 41.60 -23.19
N PHE B 147 -27.13 42.14 -24.22
CA PHE B 147 -27.45 41.71 -25.58
C PHE B 147 -27.07 40.25 -25.82
N GLY B 148 -25.90 39.83 -25.33
CA GLY B 148 -25.48 38.45 -25.49
C GLY B 148 -26.36 37.48 -24.73
N ALA B 149 -26.86 37.89 -23.57
CA ALA B 149 -27.82 37.07 -22.85
C ALA B 149 -29.10 36.92 -23.64
N VAL B 150 -29.59 38.01 -24.24
CA VAL B 150 -30.76 37.90 -25.10
C VAL B 150 -30.50 36.87 -26.21
N GLY B 151 -29.31 36.93 -26.80
CA GLY B 151 -28.96 35.97 -27.83
C GLY B 151 -28.93 34.54 -27.32
N VAL B 152 -28.40 34.33 -26.12
CA VAL B 152 -28.31 32.98 -25.56
C VAL B 152 -29.70 32.44 -25.25
N PHE B 153 -30.60 33.29 -24.75
CA PHE B 153 -31.98 32.88 -24.54
C PHE B 153 -32.63 32.46 -25.86
N ALA B 154 -32.47 33.29 -26.89
CA ALA B 154 -33.03 32.94 -28.19
C ALA B 154 -32.42 31.65 -28.73
N ALA B 155 -31.15 31.39 -28.42
CA ALA B 155 -30.52 30.14 -28.84
C ALA B 155 -31.15 28.95 -28.14
N TYR B 156 -31.30 29.02 -26.82
CA TYR B 156 -32.02 27.97 -26.10
C TYR B 156 -33.49 28.30 -25.96
N SER B 157 -34.09 28.79 -27.05
CA SER B 157 -35.54 28.97 -27.18
C SER B 157 -36.00 28.61 -28.58
N LYS B 158 -35.35 27.64 -29.21
CA LYS B 158 -35.53 27.34 -30.63
C LYS B 158 -36.99 27.13 -31.02
N ASN B 159 -37.79 26.51 -30.14
CA ASN B 159 -39.17 26.18 -30.51
C ASN B 159 -40.12 27.36 -30.43
N SER B 160 -39.66 28.51 -29.93
CA SER B 160 -40.54 29.67 -29.78
C SER B 160 -40.05 30.89 -30.55
N VAL B 161 -38.95 30.80 -31.29
CA VAL B 161 -38.43 31.93 -32.06
C VAL B 161 -38.77 31.74 -33.52
N LYS B 162 -38.90 32.87 -34.23
CA LYS B 162 -39.23 32.81 -35.65
C LYS B 162 -38.09 32.23 -36.46
N ASP B 163 -36.87 32.73 -36.24
CA ASP B 163 -35.68 32.25 -36.94
C ASP B 163 -34.76 31.61 -35.92
N ARG B 164 -34.45 30.33 -36.13
CA ARG B 164 -33.56 29.61 -35.23
C ARG B 164 -32.11 29.99 -35.50
N LEU B 165 -31.25 29.67 -34.53
CA LEU B 165 -29.83 29.93 -34.70
C LEU B 165 -29.17 28.88 -35.57
N LEU B 166 -29.45 27.61 -35.30
CA LEU B 166 -28.84 26.50 -36.02
C LEU B 166 -29.88 25.81 -36.91
N LEU B 167 -29.39 24.93 -37.77
CA LEU B 167 -30.24 24.18 -38.70
C LEU B 167 -30.74 22.91 -38.04
N GLU B 168 -32.04 22.66 -38.20
CA GLU B 168 -32.59 21.40 -37.74
C GLU B 168 -32.07 20.25 -38.59
N PRO B 169 -31.97 19.04 -38.01
CA PRO B 169 -31.64 17.87 -38.83
C PRO B 169 -32.68 17.68 -39.93
N GLY B 170 -32.27 17.86 -41.16
CA GLY B 170 -33.19 17.73 -42.27
C GLY B 170 -33.26 19.05 -42.96
N GLU B 171 -33.40 20.12 -42.19
CA GLU B 171 -33.44 21.44 -42.76
C GLU B 171 -32.24 21.57 -43.65
N LYS B 172 -32.37 22.36 -44.69
CA LYS B 172 -31.27 22.52 -45.62
C LYS B 172 -30.96 23.97 -45.66
N ASP B 173 -29.70 24.29 -45.82
CA ASP B 173 -29.31 25.68 -45.77
C ASP B 173 -29.88 26.45 -46.90
N GLU B 174 -30.46 27.58 -46.58
CA GLU B 174 -30.94 28.48 -47.61
C GLU B 174 -29.91 28.58 -48.68
N ALA B 175 -30.32 28.86 -49.90
CA ALA B 175 -29.39 28.86 -50.98
C ALA B 175 -28.60 30.12 -51.04
N PRO B 176 -27.30 29.99 -51.20
CA PRO B 176 -26.43 31.14 -51.23
C PRO B 176 -26.97 32.19 -52.14
N ALA B 177 -26.79 33.45 -51.80
CA ALA B 177 -27.36 34.52 -52.60
C ALA B 177 -26.53 34.81 -53.78
N GLY B 178 -25.27 34.53 -53.69
CA GLY B 178 -24.40 34.73 -54.83
C GLY B 178 -23.59 36.00 -54.69
N LEU B 179 -22.98 36.41 -55.81
CA LEU B 179 -22.21 37.64 -55.81
C LEU B 179 -23.08 38.84 -55.49
N PHE B 180 -24.22 38.95 -56.17
CA PHE B 180 -25.18 40.04 -55.94
C PHE B 180 -26.54 39.43 -55.61
N PRO B 181 -27.05 39.61 -54.39
CA PRO B 181 -28.40 39.16 -54.09
C PRO B 181 -29.43 39.94 -54.89
N ALA B 182 -30.62 39.35 -55.02
CA ALA B 182 -31.68 39.96 -55.80
C ALA B 182 -32.03 41.33 -55.24
N LEU B 183 -32.25 42.29 -56.14
CA LEU B 183 -32.56 43.68 -55.76
C LEU B 183 -34.05 43.77 -55.46
N ARG B 184 -34.42 43.38 -54.25
CA ARG B 184 -35.81 43.39 -53.79
C ARG B 184 -35.94 44.32 -52.60
N PRO B 185 -36.35 45.57 -52.81
CA PRO B 185 -36.42 46.53 -51.71
C PRO B 185 -37.50 46.17 -50.70
N GLY B 186 -37.31 46.68 -49.49
CA GLY B 186 -38.26 46.50 -48.41
C GLY B 186 -37.72 45.61 -47.31
N LEU B 187 -38.66 44.99 -46.59
CA LEU B 187 -38.31 44.04 -45.53
C LEU B 187 -38.29 42.62 -46.09
N THR B 188 -37.36 42.39 -47.01
CA THR B 188 -37.22 41.12 -47.70
C THR B 188 -35.95 40.41 -47.26
N LYS B 189 -35.91 39.10 -47.51
CA LYS B 189 -34.73 38.32 -47.19
C LYS B 189 -33.51 38.84 -47.95
N GLU B 190 -33.70 39.20 -49.21
CA GLU B 190 -32.60 39.72 -50.01
C GLU B 190 -32.11 41.06 -49.48
N ALA B 191 -33.02 41.93 -49.04
CA ALA B 191 -32.62 43.22 -48.50
C ALA B 191 -31.79 43.06 -47.23
N GLU B 192 -32.27 42.24 -46.29
CA GLU B 192 -31.53 41.99 -45.06
C GLU B 192 -30.20 41.33 -45.37
N MET B 193 -30.18 40.41 -46.32
CA MET B 193 -28.94 39.75 -46.74
C MET B 193 -27.92 40.76 -47.24
N LEU B 194 -28.34 41.63 -48.17
CA LEU B 194 -27.44 42.62 -48.74
C LEU B 194 -26.94 43.58 -47.68
N ASN B 195 -27.84 44.03 -46.79
CA ASN B 195 -27.43 44.98 -45.76
C ASN B 195 -26.49 44.35 -44.76
N GLY B 196 -26.71 43.07 -44.43
CA GLY B 196 -25.78 42.39 -43.54
C GLY B 196 -24.40 42.22 -44.15
N ARG B 197 -24.35 41.87 -45.44
CA ARG B 197 -23.06 41.79 -46.12
C ARG B 197 -22.37 43.16 -46.13
N VAL B 198 -23.13 44.21 -46.40
CA VAL B 198 -22.57 45.56 -46.44
C VAL B 198 -22.02 45.96 -45.07
N ALA B 199 -22.78 45.66 -44.01
CA ALA B 199 -22.35 46.02 -42.66
C ALA B 199 -21.10 45.25 -42.24
N MET B 200 -21.05 43.95 -42.57
CA MET B 200 -19.86 43.17 -42.24
C MET B 200 -18.64 43.68 -43.01
N LEU B 201 -18.82 44.01 -44.29
CA LEU B 201 -17.71 44.60 -45.05
C LEU B 201 -17.29 45.94 -44.46
N GLY B 202 -18.26 46.72 -43.99
CA GLY B 202 -17.92 47.99 -43.36
C GLY B 202 -17.12 47.81 -42.10
N LEU B 203 -17.48 46.81 -41.29
CA LEU B 203 -16.68 46.52 -40.10
C LEU B 203 -15.28 46.07 -40.47
N VAL B 204 -15.16 45.24 -41.50
CA VAL B 204 -13.84 44.80 -41.95
C VAL B 204 -13.01 46.00 -42.38
N ALA B 205 -13.60 46.89 -43.17
CA ALA B 205 -12.90 48.08 -43.64
C ALA B 205 -12.52 49.00 -42.48
N LEU B 206 -13.41 49.14 -41.49
CA LEU B 206 -13.14 49.97 -40.34
C LEU B 206 -11.94 49.44 -39.55
N VAL B 207 -11.92 48.14 -39.31
CA VAL B 207 -10.79 47.54 -38.58
C VAL B 207 -9.51 47.68 -39.40
N ALA B 208 -9.60 47.48 -40.72
CA ALA B 208 -8.41 47.60 -41.56
C ALA B 208 -7.86 49.02 -41.55
N VAL B 209 -8.75 50.02 -41.62
CA VAL B 209 -8.31 51.41 -41.60
C VAL B 209 -7.68 51.75 -40.25
N SER B 210 -8.30 51.29 -39.16
CA SER B 210 -7.75 51.57 -37.83
C SER B 210 -6.38 50.93 -37.65
N ALA B 211 -6.22 49.70 -38.13
CA ALA B 211 -4.93 49.03 -37.99
C ALA B 211 -3.86 49.67 -38.88
N ALA B 212 -4.20 49.99 -40.12
CA ALA B 212 -3.23 50.53 -41.05
C ALA B 212 -2.78 51.94 -40.65
N THR B 213 -3.74 52.81 -40.32
CA THR B 213 -3.40 54.19 -40.02
C THR B 213 -2.95 54.36 -38.56
N GLY B 214 -3.62 53.71 -37.63
CA GLY B 214 -3.19 53.70 -36.24
C GLY B 214 -4.05 54.48 -35.27
N GLN B 215 -5.23 54.94 -35.67
CA GLN B 215 -6.09 55.67 -34.74
C GLN B 215 -7.08 54.73 -34.08
N ASP B 216 -7.83 55.28 -33.13
CA ASP B 216 -8.87 54.51 -32.45
C ASP B 216 -10.02 54.22 -33.40
N ILE B 217 -10.77 53.16 -33.09
CA ILE B 217 -11.92 52.79 -33.90
C ILE B 217 -12.92 53.94 -33.94
N LEU B 218 -13.22 54.52 -32.78
CA LEU B 218 -14.13 55.66 -32.73
C LEU B 218 -13.55 56.87 -33.45
N SER B 219 -12.23 57.04 -33.42
CA SER B 219 -11.61 58.11 -34.21
C SER B 219 -11.83 57.89 -35.70
N VAL B 220 -11.71 56.64 -36.15
CA VAL B 220 -11.95 56.35 -37.57
C VAL B 220 -13.41 56.61 -37.93
N ILE B 221 -14.33 56.21 -37.05
CA ILE B 221 -15.75 56.46 -37.33
C ILE B 221 -16.02 57.97 -37.36
N ASP B 222 -15.39 58.72 -36.46
CA ASP B 222 -15.54 60.17 -36.43
C ASP B 222 -15.03 60.79 -37.71
N GLN B 223 -13.87 60.34 -38.19
CA GLN B 223 -13.34 60.84 -39.46
C GLN B 223 -14.26 60.48 -40.62
N GLY B 224 -14.80 59.27 -40.61
CA GLY B 224 -15.71 58.81 -41.64
C GLY B 224 -17.11 59.36 -41.54
N LEU B 225 -17.41 60.12 -40.50
CA LEU B 225 -18.67 60.87 -40.42
C LEU B 225 -18.44 62.37 -40.47
N GLY B 226 -17.24 62.81 -40.82
CA GLY B 226 -16.95 64.23 -40.96
C GLY B 226 -16.61 64.91 -39.65
N GLY B 227 -17.19 64.43 -38.56
CA GLY B 227 -17.03 65.07 -37.27
C GLY B 227 -18.34 65.16 -36.51
N LEU B 228 -19.41 64.64 -37.11
CA LEU B 228 -20.75 64.75 -36.55
C LEU B 228 -21.02 63.76 -35.43
N LEU B 229 -20.08 62.85 -35.13
CA LEU B 229 -20.26 61.88 -34.06
C LEU B 229 -19.60 62.35 -32.77
N LEU B 230 -18.30 62.62 -32.81
CA LEU B 230 -17.56 63.10 -31.64
C LEU B 230 -17.51 64.63 -31.62
N LYS B 231 -18.69 65.23 -31.59
CA LYS B 231 -18.83 66.68 -31.61
C LYS B 231 -19.47 67.19 -30.32
N ALA C 36 23.17 8.60 -71.72
CA ALA C 36 22.59 8.00 -72.88
C ALA C 36 21.24 8.57 -73.18
N GLN C 37 20.30 8.41 -72.29
CA GLN C 37 18.98 8.86 -72.58
C GLN C 37 18.73 10.27 -72.11
N SER C 38 19.66 10.83 -71.32
CA SER C 38 19.51 12.22 -70.92
C SER C 38 20.07 13.11 -72.00
N LYS C 39 19.40 14.22 -72.27
CA LYS C 39 19.83 15.08 -73.34
C LYS C 39 20.66 16.10 -72.71
N ALA C 40 20.46 16.34 -71.44
CA ALA C 40 21.19 17.35 -70.73
C ALA C 40 22.48 16.84 -70.26
N LEU C 41 22.50 15.57 -69.90
CA LEU C 41 23.71 14.95 -69.46
C LEU C 41 23.79 13.75 -70.34
N PRO C 42 24.30 13.90 -71.54
CA PRO C 42 24.29 12.87 -72.60
C PRO C 42 24.91 11.55 -72.18
N PHE C 43 25.53 11.52 -71.01
CA PHE C 43 26.20 10.31 -70.60
C PHE C 43 25.44 9.48 -69.62
N LEU C 44 24.54 10.07 -68.86
CA LEU C 44 23.82 9.35 -67.84
C LEU C 44 22.60 8.77 -68.47
N LYS C 45 21.92 7.85 -67.84
CA LYS C 45 20.70 7.37 -68.38
C LYS C 45 19.70 8.03 -67.51
N ALA C 46 18.60 8.47 -68.06
CA ALA C 46 17.68 9.20 -67.23
C ALA C 46 16.98 8.26 -66.36
N PRO C 47 16.28 8.77 -65.38
CA PRO C 47 15.45 7.92 -64.52
C PRO C 47 14.19 7.47 -65.24
N ALA C 48 13.51 6.51 -64.62
CA ALA C 48 12.38 5.85 -65.28
C ALA C 48 11.25 6.84 -65.58
N LYS C 49 10.97 7.75 -64.66
CA LYS C 49 9.82 8.64 -64.80
C LYS C 49 10.05 9.76 -65.80
N LEU C 50 11.28 9.98 -66.24
CA LEU C 50 11.57 11.01 -67.24
C LEU C 50 11.50 10.37 -68.62
N ASP C 51 10.37 10.56 -69.30
CA ASP C 51 10.22 10.03 -70.65
C ASP C 51 9.14 10.80 -71.39
N GLY C 52 9.34 11.01 -72.68
CA GLY C 52 8.27 11.42 -73.56
C GLY C 52 7.56 12.70 -73.18
N SER C 53 6.37 12.54 -72.63
CA SER C 53 5.44 13.64 -72.36
C SER C 53 6.01 14.53 -71.25
N LEU C 54 5.19 15.50 -70.82
CA LEU C 54 5.61 16.51 -69.85
C LEU C 54 6.79 17.33 -70.39
N ALA C 55 6.44 18.14 -71.40
CA ALA C 55 7.38 18.95 -72.18
C ALA C 55 8.41 19.64 -71.31
N GLY C 56 9.60 19.88 -71.88
CA GLY C 56 10.74 20.27 -71.10
C GLY C 56 11.52 19.11 -70.51
N ASP C 57 11.12 17.88 -70.82
CA ASP C 57 11.78 16.68 -70.31
C ASP C 57 13.07 16.47 -71.08
N PHE C 58 14.19 16.86 -70.49
CA PHE C 58 15.50 16.68 -71.09
C PHE C 58 16.33 15.64 -70.35
N GLY C 59 15.68 14.78 -69.56
CA GLY C 59 16.38 13.75 -68.84
C GLY C 59 17.26 14.26 -67.72
N PHE C 60 17.00 15.46 -67.22
CA PHE C 60 17.86 16.08 -66.21
C PHE C 60 17.32 15.75 -64.82
N ASP C 61 17.78 14.63 -64.26
CA ASP C 61 17.52 14.29 -62.87
C ASP C 61 18.66 13.39 -62.38
N PRO C 62 19.88 13.93 -62.31
CA PRO C 62 21.01 13.09 -61.89
C PRO C 62 20.85 12.50 -60.50
N MET C 63 20.26 13.26 -59.57
CA MET C 63 20.12 12.78 -58.21
C MET C 63 18.97 11.80 -58.05
N GLY C 64 18.17 11.58 -59.08
CA GLY C 64 17.06 10.65 -59.00
C GLY C 64 15.97 11.08 -58.04
N ILE C 65 15.68 12.38 -57.98
CA ILE C 65 14.61 12.86 -57.12
C ILE C 65 13.26 12.36 -57.61
N SER C 66 13.09 12.21 -58.92
CA SER C 66 11.82 11.72 -59.47
C SER C 66 11.52 10.29 -59.04
N ASP C 67 12.52 9.55 -58.56
CA ASP C 67 12.29 8.17 -58.13
C ASP C 67 11.47 8.09 -56.85
N GLN C 68 11.44 9.15 -56.05
CA GLN C 68 10.70 9.13 -54.80
C GLN C 68 9.27 9.64 -54.96
N VAL C 69 9.06 10.65 -55.79
CA VAL C 69 7.72 11.19 -56.00
C VAL C 69 6.87 10.16 -56.72
N ALA C 70 5.60 10.05 -56.32
CA ALA C 70 4.71 9.08 -56.94
C ALA C 70 4.50 9.39 -58.42
N ASN C 71 4.33 10.66 -58.75
CA ASN C 71 4.17 11.11 -60.12
C ASN C 71 5.00 12.37 -60.31
N LEU C 72 4.98 12.92 -61.53
CA LEU C 72 5.66 14.16 -61.81
C LEU C 72 4.70 15.35 -61.81
N LYS C 73 3.44 15.14 -61.43
CA LYS C 73 2.46 16.21 -61.48
C LYS C 73 2.78 17.31 -60.48
N TYR C 74 3.02 16.95 -59.22
CA TYR C 74 3.24 17.97 -58.19
C TYR C 74 4.56 18.69 -58.39
N VAL C 75 5.62 17.96 -58.75
CA VAL C 75 6.92 18.59 -58.94
C VAL C 75 6.89 19.51 -60.16
N ARG C 76 6.15 19.12 -61.20
CA ARG C 76 5.99 20.01 -62.35
C ARG C 76 5.18 21.25 -61.97
N ALA C 77 4.14 21.07 -61.15
CA ALA C 77 3.38 22.23 -60.68
C ALA C 77 4.27 23.19 -59.89
N ALA C 78 5.11 22.65 -59.00
CA ALA C 78 6.01 23.49 -58.23
C ALA C 78 7.04 24.17 -59.12
N GLU C 79 7.59 23.43 -60.09
CA GLU C 79 8.58 24.02 -61.00
C GLU C 79 7.96 25.14 -61.82
N LEU C 80 6.72 24.95 -62.30
CA LEU C 80 6.09 25.99 -63.10
C LEU C 80 5.69 27.19 -62.26
N LYS C 81 5.26 26.96 -61.01
CA LYS C 81 4.98 28.09 -60.13
C LYS C 81 6.25 28.89 -59.87
N HIS C 82 7.37 28.20 -59.63
CA HIS C 82 8.64 28.88 -59.45
C HIS C 82 9.04 29.63 -60.71
N CYS C 83 8.82 29.02 -61.88
CA CYS C 83 9.17 29.66 -63.14
C CYS C 83 8.39 30.96 -63.33
N ARG C 84 7.08 30.92 -63.08
CA ARG C 84 6.25 32.09 -63.25
C ARG C 84 6.60 33.18 -62.25
N VAL C 85 6.78 32.80 -60.97
CA VAL C 85 7.14 33.77 -59.94
C VAL C 85 8.51 34.39 -60.25
N ALA C 86 9.43 33.60 -60.79
CA ALA C 86 10.76 34.12 -61.09
C ALA C 86 10.74 35.04 -62.30
N MET C 87 9.91 34.72 -63.32
CA MET C 87 9.76 35.63 -64.44
C MET C 87 9.22 36.97 -63.97
N LEU C 88 8.15 36.94 -63.15
CA LEU C 88 7.59 38.17 -62.62
C LEU C 88 8.60 38.91 -61.75
N GLY C 89 9.40 38.16 -60.98
CA GLY C 89 10.40 38.79 -60.13
C GLY C 89 11.49 39.47 -60.91
N PHE C 90 11.97 38.84 -61.97
CA PHE C 90 12.99 39.47 -62.82
C PHE C 90 12.44 40.72 -63.50
N LEU C 91 11.21 40.62 -64.04
CA LEU C 91 10.60 41.79 -64.67
C LEU C 91 10.44 42.92 -63.67
N GLY C 92 9.98 42.60 -62.46
CA GLY C 92 9.83 43.62 -61.43
C GLY C 92 11.17 44.21 -61.01
N TRP C 93 12.20 43.37 -60.91
CA TRP C 93 13.53 43.86 -60.58
C TRP C 93 13.97 44.91 -61.57
N VAL C 94 13.89 44.60 -62.86
CA VAL C 94 14.35 45.54 -63.88
C VAL C 94 13.50 46.81 -63.88
N VAL C 95 12.17 46.64 -63.82
CA VAL C 95 11.29 47.80 -63.91
C VAL C 95 11.49 48.71 -62.71
N GLN C 96 11.56 48.14 -61.50
CA GLN C 96 11.85 48.94 -60.31
C GLN C 96 13.21 49.61 -60.42
N GLN C 97 14.17 48.97 -61.10
CA GLN C 97 15.43 49.63 -61.36
C GLN C 97 15.22 50.90 -62.18
N TYR C 98 14.34 50.83 -63.18
CA TYR C 98 14.16 51.96 -64.10
C TYR C 98 12.90 52.78 -63.87
N VAL C 99 11.78 52.17 -63.48
CA VAL C 99 10.50 52.87 -63.38
C VAL C 99 9.98 52.74 -61.96
N HIS C 100 9.37 53.82 -61.46
CA HIS C 100 8.80 53.85 -60.13
C HIS C 100 7.41 54.48 -60.16
N LEU C 101 6.61 54.15 -59.16
CA LEU C 101 5.29 54.74 -59.00
C LEU C 101 5.43 56.20 -58.58
N PRO C 102 4.40 57.03 -58.83
CA PRO C 102 4.52 58.46 -58.51
C PRO C 102 4.78 58.74 -57.04
N GLY C 103 4.33 57.88 -56.13
CA GLY C 103 4.48 58.15 -54.71
C GLY C 103 5.92 58.08 -54.26
N GLU C 104 6.18 58.66 -53.09
CA GLU C 104 7.52 58.66 -52.53
C GLU C 104 7.90 57.32 -51.93
N ILE C 105 6.93 56.60 -51.34
CA ILE C 105 7.24 55.34 -50.69
C ILE C 105 7.77 54.30 -51.68
N TYR C 106 7.47 54.47 -52.97
CA TYR C 106 7.97 53.58 -54.01
C TYR C 106 9.18 54.15 -54.74
N ALA C 107 9.91 55.07 -54.12
CA ALA C 107 11.05 55.71 -54.77
C ALA C 107 12.36 54.96 -54.57
N GLU C 108 12.36 53.88 -53.80
CA GLU C 108 13.59 53.14 -53.58
C GLU C 108 13.96 52.36 -54.84
N SER C 109 15.22 52.50 -55.26
CA SER C 109 15.67 51.80 -56.46
C SER C 109 16.12 50.37 -56.15
N ASN C 110 16.79 50.18 -55.02
CA ASN C 110 17.25 48.84 -54.67
C ASN C 110 16.06 47.99 -54.25
N PRO C 111 15.79 46.88 -54.96
CA PRO C 111 14.62 46.06 -54.59
C PRO C 111 14.68 45.50 -53.18
N LEU C 112 15.86 45.08 -52.73
CA LEU C 112 15.99 44.55 -51.38
C LEU C 112 15.82 45.66 -50.34
N LYS C 113 16.27 46.87 -50.64
CA LYS C 113 16.01 47.99 -49.74
C LYS C 113 14.55 48.42 -49.80
N ALA C 114 13.94 48.34 -50.98
CA ALA C 114 12.51 48.61 -51.11
C ALA C 114 11.66 47.59 -50.36
N LEU C 115 12.20 46.39 -50.13
CA LEU C 115 11.50 45.40 -49.33
C LEU C 115 11.21 45.92 -47.92
N THR C 116 12.08 46.77 -47.39
CA THR C 116 11.88 47.35 -46.07
C THR C 116 11.36 48.78 -46.11
N SER C 117 11.67 49.54 -47.16
CA SER C 117 11.19 50.92 -47.26
C SER C 117 9.69 50.96 -47.54
N VAL C 118 9.19 50.03 -48.36
CA VAL C 118 7.77 50.04 -48.71
C VAL C 118 6.95 49.78 -47.46
N PRO C 119 5.83 50.49 -47.25
CA PRO C 119 5.04 50.26 -46.03
C PRO C 119 4.49 48.85 -45.98
N LEU C 120 4.30 48.36 -44.75
CA LEU C 120 3.80 47.01 -44.56
C LEU C 120 2.39 46.83 -45.12
N LEU C 121 1.64 47.92 -45.31
CA LEU C 121 0.29 47.80 -45.84
C LEU C 121 0.30 47.25 -47.27
N SER C 122 1.19 47.77 -48.12
CA SER C 122 1.28 47.29 -49.49
C SER C 122 1.67 45.83 -49.54
N GLN C 123 2.68 45.44 -48.74
CA GLN C 123 3.16 44.07 -48.76
C GLN C 123 2.12 43.10 -48.20
N ILE C 124 1.39 43.50 -47.15
CA ILE C 124 0.35 42.62 -46.63
C ILE C 124 -0.80 42.50 -47.63
N GLN C 125 -1.11 43.57 -48.37
CA GLN C 125 -2.14 43.46 -49.39
C GLN C 125 -1.70 42.49 -50.49
N ILE C 126 -0.44 42.59 -50.93
CA ILE C 126 0.07 41.66 -51.93
C ILE C 126 0.02 40.23 -51.42
N PHE C 127 0.43 40.03 -50.16
CA PHE C 127 0.44 38.68 -49.58
C PHE C 127 -0.97 38.13 -49.47
N LEU C 128 -1.94 38.95 -49.09
CA LEU C 128 -3.32 38.50 -48.98
C LEU C 128 -3.89 38.14 -50.34
N PHE C 129 -3.58 38.95 -51.37
CA PHE C 129 -4.00 38.62 -52.72
C PHE C 129 -3.42 37.27 -53.16
N ILE C 130 -2.12 37.08 -52.91
CA ILE C 130 -1.47 35.82 -53.29
C ILE C 130 -2.09 34.66 -52.54
N GLY C 131 -2.36 34.82 -51.25
CA GLY C 131 -2.96 33.74 -50.47
C GLY C 131 -4.37 33.42 -50.92
N ALA C 132 -5.14 34.42 -51.30
CA ALA C 132 -6.47 34.18 -51.85
C ALA C 132 -6.38 33.38 -53.15
N ILE C 133 -5.42 33.72 -54.01
CA ILE C 133 -5.20 32.91 -55.21
C ILE C 133 -4.70 31.52 -54.83
N GLU C 134 -3.98 31.41 -53.72
CA GLU C 134 -3.26 30.19 -53.39
C GLU C 134 -4.13 29.15 -52.70
N LEU C 135 -5.19 29.55 -51.98
CA LEU C 135 -5.97 28.57 -51.24
C LEU C 135 -6.82 27.68 -52.16
N ALA C 136 -7.49 28.28 -53.14
CA ALA C 136 -8.23 27.48 -54.11
C ALA C 136 -7.31 26.55 -54.87
N THR C 137 -6.16 27.08 -55.33
CA THR C 137 -5.19 26.23 -55.99
C THR C 137 -4.55 25.23 -55.03
N LEU C 138 -4.59 25.48 -53.72
CA LEU C 138 -4.15 24.49 -52.75
C LEU C 138 -5.08 23.31 -52.75
N ASP C 139 -6.39 23.57 -52.75
CA ASP C 139 -7.35 22.49 -52.94
C ASP C 139 -7.11 21.78 -54.26
N GLN C 140 -6.75 22.53 -55.30
CA GLN C 140 -6.64 21.98 -56.65
C GLN C 140 -5.40 21.11 -56.86
N THR C 141 -4.24 21.54 -56.35
CA THR C 141 -2.96 20.99 -56.82
C THR C 141 -2.75 19.54 -56.37
N TYR C 142 -3.07 19.22 -55.13
CA TYR C 142 -2.69 17.93 -54.56
C TYR C 142 -3.46 16.76 -55.14
N THR C 143 -4.50 17.01 -55.94
CA THR C 143 -5.33 15.94 -56.46
C THR C 143 -5.45 15.90 -57.98
N ALA C 144 -5.23 17.01 -58.67
CA ALA C 144 -5.55 17.07 -60.09
C ALA C 144 -4.46 16.43 -60.95
N ASP C 145 -4.82 16.12 -62.19
CA ASP C 145 -3.88 15.53 -63.14
C ASP C 145 -2.92 16.56 -63.71
N LYS C 146 -3.34 17.81 -63.81
CA LYS C 146 -2.50 18.90 -64.31
C LYS C 146 -2.59 20.06 -63.32
N PRO C 147 -1.92 19.94 -62.17
CA PRO C 147 -2.04 20.98 -61.13
C PRO C 147 -1.56 22.35 -61.59
N TRP C 148 -0.66 22.41 -62.57
CA TRP C 148 -0.18 23.69 -63.08
C TRP C 148 -1.19 24.38 -63.98
N ASP C 149 -2.18 23.64 -64.49
CA ASP C 149 -3.20 24.22 -65.36
C ASP C 149 -4.24 24.90 -64.48
N LEU C 150 -4.06 26.20 -64.25
CA LEU C 150 -4.96 26.99 -63.43
C LEU C 150 -6.11 27.58 -64.23
N GLY C 151 -6.22 27.25 -65.52
CA GLY C 151 -7.26 27.84 -66.34
C GLY C 151 -7.06 29.31 -66.64
N PHE C 152 -5.83 29.79 -66.56
CA PHE C 152 -5.53 31.21 -66.78
C PHE C 152 -5.16 31.40 -68.24
N ASP C 153 -6.08 31.97 -69.01
CA ASP C 153 -5.83 32.32 -70.40
C ASP C 153 -6.81 33.42 -70.82
N PRO C 154 -6.74 34.61 -70.21
CA PRO C 154 -7.72 35.65 -70.54
C PRO C 154 -7.70 36.08 -72.00
N LEU C 155 -6.52 36.10 -72.63
CA LEU C 155 -6.40 36.52 -74.02
C LEU C 155 -6.59 35.38 -75.00
N ASN C 156 -6.81 34.15 -74.52
CA ASN C 156 -7.06 32.99 -75.37
C ASN C 156 -5.93 32.77 -76.36
N PHE C 157 -4.69 32.81 -75.86
CA PHE C 157 -3.53 32.52 -76.69
C PHE C 157 -3.41 31.04 -77.03
N SER C 158 -4.19 30.18 -76.38
CA SER C 158 -4.14 28.75 -76.62
C SER C 158 -5.35 28.22 -77.36
N LYS C 159 -6.39 29.04 -77.55
CA LYS C 159 -7.56 28.59 -78.28
C LYS C 159 -7.24 28.51 -79.77
N GLY C 160 -7.40 27.33 -80.35
CA GLY C 160 -7.09 27.10 -81.74
C GLY C 160 -5.70 26.56 -82.01
N LYS C 161 -4.81 26.61 -81.03
CA LYS C 161 -3.46 26.09 -81.21
C LYS C 161 -3.48 24.56 -81.24
N SER C 162 -2.64 23.98 -82.10
CA SER C 162 -2.55 22.53 -82.20
C SER C 162 -1.71 21.97 -81.05
N GLU C 163 -1.69 20.63 -80.96
CA GLU C 163 -0.98 19.99 -79.87
C GLU C 163 0.52 20.27 -79.93
N GLN C 164 1.10 20.23 -81.13
CA GLN C 164 2.52 20.54 -81.27
C GLN C 164 2.82 21.98 -80.87
N GLN C 165 1.96 22.91 -81.30
CA GLN C 165 2.14 24.32 -80.92
C GLN C 165 1.98 24.51 -79.42
N MET C 166 1.02 23.83 -78.81
CA MET C 166 0.84 23.93 -77.36
C MET C 166 2.06 23.39 -76.62
N LYS C 167 2.60 22.26 -77.06
CA LYS C 167 3.79 21.71 -76.44
C LYS C 167 4.98 22.64 -76.61
N ASP C 168 5.10 23.27 -77.79
CA ASP C 168 6.16 24.24 -78.01
C ASP C 168 6.03 25.43 -77.07
N LEU C 169 4.79 25.90 -76.85
CA LEU C 169 4.56 26.99 -75.91
C LEU C 169 4.95 26.58 -74.50
N GLU C 170 4.61 25.36 -74.10
CA GLU C 170 4.99 24.87 -72.78
C GLU C 170 6.52 24.81 -72.63
N VAL C 171 7.21 24.35 -73.67
CA VAL C 171 8.67 24.30 -73.65
C VAL C 171 9.25 25.70 -73.51
N LYS C 172 8.70 26.66 -74.27
CA LYS C 172 9.15 28.05 -74.17
C LYS C 172 8.98 28.56 -72.74
N GLU C 173 7.81 28.32 -72.15
CA GLU C 173 7.56 28.79 -70.79
C GLU C 173 8.55 28.18 -69.82
N LEU C 174 8.79 26.87 -69.92
CA LEU C 174 9.69 26.22 -68.98
C LEU C 174 11.12 26.72 -69.12
N LYS C 175 11.58 26.87 -70.36
CA LYS C 175 12.93 27.38 -70.59
C LYS C 175 13.06 28.75 -69.97
N ASN C 176 12.21 29.66 -70.39
CA ASN C 176 12.27 31.04 -69.90
C ASN C 176 12.22 31.07 -68.38
N GLY C 177 11.38 30.22 -67.78
CA GLY C 177 11.28 30.21 -66.33
C GLY C 177 12.53 29.73 -65.64
N ARG C 178 13.16 28.68 -66.17
CA ARG C 178 14.40 28.20 -65.58
C ARG C 178 15.49 29.26 -65.68
N VAL C 179 15.60 29.91 -66.84
CA VAL C 179 16.59 30.96 -67.00
C VAL C 179 16.32 32.11 -66.03
N ALA C 180 15.04 32.47 -65.85
CA ALA C 180 14.69 33.54 -64.93
C ALA C 180 15.03 33.18 -63.49
N MET C 181 14.68 31.95 -63.07
CA MET C 181 15.03 31.49 -61.74
C MET C 181 16.52 31.65 -61.49
N ILE C 182 17.34 31.16 -62.41
CA ILE C 182 18.79 31.36 -62.27
C ILE C 182 19.11 32.85 -62.18
N ALA C 183 18.48 33.65 -63.04
CA ALA C 183 18.76 35.08 -63.09
C ALA C 183 18.28 35.80 -61.83
N ILE C 184 17.09 35.47 -61.33
CA ILE C 184 16.60 36.18 -60.15
C ILE C 184 17.42 35.81 -58.92
N MET C 185 17.83 34.54 -58.82
CA MET C 185 18.73 34.18 -57.73
C MET C 185 20.07 34.90 -57.85
N GLY C 186 20.58 35.04 -59.07
CA GLY C 186 21.82 35.78 -59.26
C GLY C 186 21.68 37.25 -58.89
N LEU C 187 20.55 37.85 -59.24
CA LEU C 187 20.32 39.25 -58.88
C LEU C 187 20.25 39.42 -57.38
N ILE C 188 19.53 38.53 -56.69
CA ILE C 188 19.45 38.61 -55.24
C ILE C 188 20.82 38.45 -54.62
N ALA C 189 21.60 37.48 -55.10
CA ALA C 189 22.93 37.24 -54.55
C ALA C 189 23.85 38.44 -54.77
N GLN C 190 23.82 39.03 -55.97
CA GLN C 190 24.71 40.15 -56.25
C GLN C 190 24.28 41.41 -55.51
N THR C 191 22.99 41.55 -55.22
CA THR C 191 22.55 42.68 -54.41
C THR C 191 22.93 42.49 -52.94
N LEU C 192 22.86 41.25 -52.46
CA LEU C 192 23.25 40.97 -51.07
C LEU C 192 24.76 40.99 -50.89
N TYR C 193 25.53 40.80 -51.94
CA TYR C 193 26.97 40.68 -51.83
C TYR C 193 27.73 41.94 -52.24
N THR C 194 27.16 42.75 -53.14
CA THR C 194 27.82 43.97 -53.60
C THR C 194 26.98 45.22 -53.46
N GLY C 195 25.66 45.12 -53.32
CA GLY C 195 24.81 46.29 -53.25
C GLY C 195 24.42 46.87 -54.58
N VAL C 196 24.93 46.34 -55.68
CA VAL C 196 24.57 46.79 -57.03
C VAL C 196 23.40 45.93 -57.50
N PRO C 197 22.19 46.47 -57.63
CA PRO C 197 21.04 45.64 -57.97
C PRO C 197 21.02 45.13 -59.40
N LEU C 198 21.86 45.69 -60.29
CA LEU C 198 21.82 45.31 -61.69
C LEU C 198 23.18 45.62 -62.31
N PHE C 199 23.70 44.67 -63.08
CA PHE C 199 24.98 44.81 -63.78
C PHE C 199 26.14 45.05 -62.81
N GLU D 35 -13.23 -49.11 50.04
CA GLU D 35 -14.18 -48.27 50.75
C GLU D 35 -13.73 -48.04 52.18
N LYS D 36 -14.00 -46.84 52.69
CA LYS D 36 -13.70 -46.47 54.08
C LYS D 36 -12.21 -46.63 54.38
N SER D 37 -11.44 -45.74 53.74
CA SER D 37 -9.98 -45.74 53.88
C SER D 37 -9.56 -45.81 55.34
N LYS D 38 -8.39 -46.41 55.56
CA LYS D 38 -7.92 -46.67 56.93
C LYS D 38 -7.69 -45.38 57.69
N ALA D 39 -6.96 -44.44 57.08
CA ALA D 39 -6.60 -43.19 57.76
C ALA D 39 -7.87 -42.42 58.13
N VAL D 40 -8.60 -41.94 57.13
CA VAL D 40 -9.84 -41.22 57.41
C VAL D 40 -10.98 -42.23 57.31
N PRO D 41 -11.50 -42.72 58.45
CA PRO D 41 -12.47 -43.82 58.38
C PRO D 41 -13.81 -43.44 57.78
N PHE D 42 -14.15 -42.15 57.73
CA PHE D 42 -15.40 -41.70 57.15
C PHE D 42 -15.27 -41.29 55.69
N LEU D 43 -14.06 -41.32 55.13
CA LEU D 43 -13.85 -41.01 53.73
C LEU D 43 -13.69 -42.29 52.93
N PRO D 44 -14.13 -42.31 51.67
CA PRO D 44 -13.92 -43.50 50.83
C PRO D 44 -12.44 -43.71 50.53
N ARG D 45 -12.11 -44.95 50.23
CA ARG D 45 -10.76 -45.28 49.82
C ARG D 45 -10.39 -44.50 48.56
N PRO D 46 -9.18 -43.95 48.47
CA PRO D 46 -8.82 -43.08 47.34
C PRO D 46 -8.89 -43.75 45.97
N ALA D 47 -9.21 -45.04 45.93
CA ALA D 47 -9.45 -45.84 44.73
C ALA D 47 -8.18 -46.05 43.90
N ALA D 48 -7.06 -45.45 44.28
CA ALA D 48 -5.78 -45.70 43.62
C ALA D 48 -4.74 -46.28 44.54
N LEU D 49 -5.03 -46.40 45.84
CA LEU D 49 -4.12 -46.91 46.85
C LEU D 49 -4.81 -48.07 47.56
N ASP D 50 -4.70 -49.27 47.01
CA ASP D 50 -5.45 -50.39 47.61
C ASP D 50 -4.70 -50.96 48.82
N GLY D 51 -3.60 -51.68 48.58
CA GLY D 51 -2.68 -52.01 49.66
C GLY D 51 -1.23 -52.12 49.26
N SER D 52 -0.96 -52.09 47.96
CA SER D 52 0.34 -52.55 47.45
C SER D 52 1.35 -51.42 47.29
N VAL D 53 1.48 -50.60 48.33
CA VAL D 53 2.51 -49.56 48.40
C VAL D 53 2.94 -49.45 49.86
N VAL D 54 4.24 -49.26 50.08
CA VAL D 54 4.75 -49.06 51.43
C VAL D 54 4.27 -47.71 51.94
N GLY D 55 3.84 -47.68 53.21
CA GLY D 55 3.29 -46.47 53.79
C GLY D 55 1.98 -46.04 53.18
N ASP D 56 1.07 -46.98 52.95
CA ASP D 56 -0.22 -46.74 52.30
C ASP D 56 -1.32 -46.94 53.34
N VAL D 57 -1.69 -45.88 54.03
CA VAL D 57 -2.82 -45.89 54.95
C VAL D 57 -4.08 -45.31 54.31
N GLY D 58 -4.10 -45.20 52.99
CA GLY D 58 -5.24 -44.64 52.28
C GLY D 58 -5.51 -43.19 52.57
N PHE D 59 -4.45 -42.37 52.64
CA PHE D 59 -4.59 -40.95 52.95
C PHE D 59 -4.44 -40.14 51.66
N ASP D 60 -5.57 -39.80 51.04
CA ASP D 60 -5.61 -38.91 49.90
C ASP D 60 -6.99 -38.27 49.83
N PRO D 61 -7.36 -37.42 50.79
CA PRO D 61 -8.72 -36.85 50.78
C PRO D 61 -9.04 -36.03 49.54
N VAL D 62 -8.06 -35.29 49.02
CA VAL D 62 -8.31 -34.37 47.91
C VAL D 62 -8.00 -35.08 46.59
N GLY D 63 -7.73 -36.38 46.65
CA GLY D 63 -7.61 -37.19 45.45
C GLY D 63 -6.51 -36.78 44.50
N PHE D 64 -5.30 -36.53 45.02
CA PHE D 64 -4.18 -36.21 44.15
C PHE D 64 -3.83 -37.39 43.25
N THR D 65 -4.03 -38.62 43.72
CA THR D 65 -3.73 -39.81 42.94
C THR D 65 -4.76 -40.08 41.85
N SER D 66 -5.87 -39.35 41.83
CA SER D 66 -6.90 -39.58 40.83
C SER D 66 -6.56 -38.99 39.47
N TRP D 67 -5.60 -38.06 39.41
CA TRP D 67 -5.23 -37.44 38.15
C TRP D 67 -3.70 -37.34 37.97
N LEU D 68 -2.93 -37.95 38.86
CA LEU D 68 -1.49 -38.00 38.72
C LEU D 68 -1.00 -39.43 38.86
N PRO D 69 0.08 -39.79 38.18
CA PRO D 69 0.61 -41.15 38.33
C PRO D 69 1.05 -41.42 39.76
N LEU D 70 0.77 -42.64 40.23
CA LEU D 70 1.15 -43.01 41.59
C LEU D 70 2.66 -43.07 41.75
N SER D 71 3.36 -43.62 40.74
CA SER D 71 4.81 -43.70 40.83
C SER D 71 5.45 -42.32 40.89
N TYR D 72 4.91 -41.37 40.11
CA TYR D 72 5.43 -40.01 40.13
C TYR D 72 5.30 -39.39 41.52
N LEU D 73 4.12 -39.51 42.13
CA LEU D 73 3.90 -38.95 43.45
C LEU D 73 4.78 -39.65 44.49
N GLN D 74 4.94 -40.97 44.39
CA GLN D 74 5.80 -41.69 45.31
C GLN D 74 7.23 -41.22 45.22
N GLU D 75 7.73 -41.03 43.98
CA GLU D 75 9.08 -40.54 43.79
C GLU D 75 9.24 -39.14 44.37
N ALA D 76 8.25 -38.28 44.14
CA ALA D 76 8.31 -36.93 44.69
C ALA D 76 8.34 -36.96 46.22
N GLU D 77 7.49 -37.79 46.82
CA GLU D 77 7.44 -37.87 48.28
C GLU D 77 8.75 -38.38 48.85
N ILE D 78 9.34 -39.41 48.23
CA ILE D 78 10.59 -39.96 48.75
C ILE D 78 11.73 -38.97 48.57
N LYS D 79 11.75 -38.26 47.45
CA LYS D 79 12.76 -37.22 47.25
C LYS D 79 12.65 -36.13 48.31
N HIS D 80 11.42 -35.69 48.58
CA HIS D 80 11.21 -34.69 49.63
C HIS D 80 11.65 -35.23 50.98
N CYS D 81 11.34 -36.49 51.27
CA CYS D 81 11.72 -37.08 52.55
C CYS D 81 13.23 -37.04 52.73
N ARG D 82 13.97 -37.51 51.72
CA ARG D 82 15.43 -37.54 51.85
C ARG D 82 16.01 -36.14 51.93
N ILE D 83 15.54 -35.23 51.08
CA ILE D 83 16.07 -33.86 51.08
C ILE D 83 15.83 -33.20 52.43
N ALA D 84 14.62 -33.36 52.98
CA ALA D 84 14.31 -32.69 54.24
C ALA D 84 15.00 -33.36 55.42
N MET D 85 15.24 -34.67 55.37
CA MET D 85 16.02 -35.30 56.42
C MET D 85 17.43 -34.73 56.46
N LEU D 86 18.08 -34.68 55.29
CA LEU D 86 19.41 -34.08 55.21
C LEU D 86 19.37 -32.63 55.67
N ALA D 87 18.32 -31.89 55.29
CA ALA D 87 18.24 -30.47 55.61
C ALA D 87 18.04 -30.25 57.10
N THR D 88 17.18 -31.03 57.75
CA THR D 88 16.98 -30.90 59.18
C THR D 88 18.26 -31.22 59.94
N LEU D 89 18.91 -32.33 59.57
CA LEU D 89 20.16 -32.68 60.24
C LEU D 89 21.21 -31.60 60.04
N GLY D 90 21.31 -31.06 58.82
CA GLY D 90 22.30 -30.03 58.55
C GLY D 90 22.02 -28.74 59.29
N TRP D 91 20.76 -28.31 59.31
CA TRP D 91 20.40 -27.11 60.04
C TRP D 91 20.76 -27.24 61.51
N ILE D 92 20.34 -28.35 62.14
CA ILE D 92 20.60 -28.53 63.56
C ILE D 92 22.11 -28.61 63.83
N VAL D 93 22.84 -29.36 63.00
CA VAL D 93 24.27 -29.55 63.24
C VAL D 93 25.03 -28.25 63.02
N ALA D 94 24.77 -27.56 61.91
CA ALA D 94 25.46 -26.31 61.60
C ALA D 94 25.12 -25.21 62.60
N ASP D 95 24.10 -25.33 63.40
CA ASP D 95 23.90 -24.31 64.40
C ASP D 95 24.74 -24.67 65.59
N PHE D 96 25.33 -25.85 65.60
CA PHE D 96 26.24 -26.24 66.66
C PHE D 96 27.69 -26.22 66.22
N VAL D 97 28.02 -26.95 65.16
CA VAL D 97 29.39 -27.11 64.69
C VAL D 97 29.55 -26.32 63.40
N HIS D 98 30.65 -25.58 63.31
CA HIS D 98 30.96 -24.76 62.14
C HIS D 98 32.24 -25.26 61.49
N LEU D 99 32.27 -25.24 60.17
CA LEU D 99 33.50 -25.52 59.45
C LEU D 99 34.51 -24.41 59.71
N PRO D 100 35.81 -24.72 59.68
CA PRO D 100 36.82 -23.67 59.87
C PRO D 100 36.68 -22.58 58.82
N GLY D 101 36.87 -21.34 59.25
CA GLY D 101 36.74 -20.20 58.36
C GLY D 101 35.74 -19.18 58.86
N ALA D 102 35.93 -17.92 58.46
CA ALA D 102 35.05 -16.85 58.92
C ALA D 102 33.70 -16.89 58.20
N VAL D 103 33.65 -17.44 56.99
CA VAL D 103 32.39 -17.48 56.25
C VAL D 103 31.41 -18.44 56.91
N HIS D 104 31.90 -19.48 57.58
CA HIS D 104 31.04 -20.48 58.21
C HIS D 104 30.67 -20.12 59.64
N GLU D 105 30.72 -18.83 60.00
CA GLU D 105 30.44 -18.37 61.36
C GLU D 105 29.12 -17.63 61.44
N VAL D 106 28.11 -18.13 60.75
CA VAL D 106 26.77 -17.54 60.75
C VAL D 106 25.77 -18.61 61.12
N SER D 107 24.60 -18.16 61.60
CA SER D 107 23.54 -19.09 61.91
C SER D 107 22.94 -19.68 60.63
N SER D 108 22.30 -20.83 60.77
CA SER D 108 21.71 -21.50 59.61
C SER D 108 20.64 -20.63 58.97
N LEU D 109 19.97 -19.78 59.75
CA LEU D 109 18.96 -18.89 59.18
C LEU D 109 19.59 -17.89 58.23
N ALA D 110 20.75 -17.34 58.59
CA ALA D 110 21.46 -16.38 57.75
C ALA D 110 22.52 -17.02 56.87
N ALA D 111 22.65 -18.35 56.92
CA ALA D 111 23.71 -19.02 56.15
C ALA D 111 23.43 -19.04 54.66
N HIS D 112 22.17 -18.91 54.25
CA HIS D 112 21.85 -18.98 52.83
C HIS D 112 22.46 -17.83 52.05
N ASP D 113 22.33 -16.60 52.58
CA ASP D 113 22.86 -15.45 51.86
C ASP D 113 24.38 -15.41 51.89
N VAL D 114 25.00 -15.99 52.92
CA VAL D 114 26.45 -16.05 52.98
C VAL D 114 26.99 -17.14 52.06
N ALA D 115 26.38 -18.33 52.10
CA ALA D 115 26.85 -19.43 51.28
C ALA D 115 26.67 -19.17 49.79
N VAL D 116 25.57 -18.50 49.41
CA VAL D 116 25.36 -18.19 48.00
C VAL D 116 26.39 -17.18 47.50
N LYS D 117 26.81 -16.23 48.36
CA LYS D 117 27.80 -15.26 47.95
C LYS D 117 29.18 -15.89 47.83
N SER D 118 29.53 -16.77 48.76
CA SER D 118 30.83 -17.44 48.72
C SER D 118 30.92 -18.50 47.64
N GLY D 119 29.81 -18.85 47.01
CA GLY D 119 29.81 -19.92 46.03
C GLY D 119 29.70 -21.31 46.59
N ALA D 120 29.49 -21.44 47.91
CA ALA D 120 29.34 -22.76 48.51
C ALA D 120 28.09 -23.47 48.00
N LEU D 121 26.98 -22.74 47.88
CA LEU D 121 25.76 -23.35 47.37
C LEU D 121 25.81 -23.59 45.87
N ALA D 122 26.73 -22.94 45.15
CA ALA D 122 26.86 -23.18 43.72
C ALA D 122 27.34 -24.60 43.45
N GLN D 123 28.29 -25.11 44.24
CA GLN D 123 28.76 -26.48 44.06
C GLN D 123 27.64 -27.48 44.30
N ILE D 124 26.89 -27.27 45.39
CA ILE D 124 25.76 -28.14 45.69
C ILE D 124 24.74 -28.07 44.57
N LEU D 125 24.50 -26.88 44.03
CA LEU D 125 23.58 -26.74 42.91
C LEU D 125 24.05 -27.52 41.69
N ILE D 126 25.35 -27.43 41.38
CA ILE D 126 25.87 -28.12 40.20
C ILE D 126 25.71 -29.63 40.34
N TRP D 127 26.14 -30.18 41.48
CA TRP D 127 26.09 -31.62 41.63
C TRP D 127 24.65 -32.12 41.80
N THR D 128 23.81 -31.35 42.47
CA THR D 128 22.39 -31.70 42.56
C THR D 128 21.72 -31.65 41.19
N SER D 129 22.12 -30.71 40.33
CA SER D 129 21.57 -30.65 38.99
C SER D 129 22.00 -31.86 38.17
N ILE D 130 23.26 -32.30 38.32
CA ILE D 130 23.69 -33.51 37.63
C ILE D 130 22.86 -34.71 38.10
N ALA D 131 22.72 -34.85 39.42
CA ALA D 131 21.93 -35.95 39.97
C ALA D 131 20.48 -35.87 39.50
N GLU D 132 19.94 -34.66 39.38
CA GLU D 132 18.55 -34.49 38.99
C GLU D 132 18.34 -34.71 37.50
N ALA D 133 19.35 -34.47 36.66
CA ALA D 133 19.22 -34.86 35.25
C ALA D 133 19.23 -36.37 35.12
N ILE D 134 20.13 -37.04 35.83
CA ILE D 134 20.09 -38.51 35.85
C ILE D 134 18.74 -38.97 36.40
N SER D 135 18.18 -38.22 37.35
CA SER D 135 16.85 -38.53 37.87
C SER D 135 15.78 -38.33 36.81
N VAL D 136 15.91 -37.29 35.98
CA VAL D 136 14.96 -37.11 34.87
C VAL D 136 14.93 -38.37 34.03
N ILE D 137 16.11 -38.86 33.67
CA ILE D 137 16.19 -40.09 32.87
C ILE D 137 15.54 -41.25 33.62
N ALA D 138 15.86 -41.38 34.91
CA ALA D 138 15.38 -42.52 35.69
C ALA D 138 13.87 -42.53 35.83
N ILE D 139 13.28 -41.38 36.17
CA ILE D 139 11.84 -41.28 36.34
C ILE D 139 11.12 -41.46 35.01
N SER D 140 11.71 -40.95 33.92
CA SER D 140 11.11 -41.20 32.61
C SER D 140 11.07 -42.69 32.31
N GLN D 141 12.19 -43.39 32.55
CA GLN D 141 12.23 -44.82 32.28
C GLN D 141 11.26 -45.58 33.17
N MET D 142 11.16 -45.19 34.44
CA MET D 142 10.22 -45.84 35.35
C MET D 142 8.78 -45.64 34.89
N LEU D 143 8.43 -44.42 34.46
CA LEU D 143 7.07 -44.17 33.99
C LEU D 143 6.76 -44.90 32.69
N GLU D 144 7.77 -45.10 31.84
CA GLU D 144 7.56 -45.77 30.55
C GLU D 144 7.94 -47.24 30.60
N GLY D 145 7.70 -47.91 31.72
CA GLY D 145 8.00 -49.32 31.83
C GLY D 145 9.11 -49.62 32.80
N SER D 146 10.24 -50.13 32.29
CA SER D 146 11.42 -50.43 33.09
C SER D 146 11.09 -51.40 34.21
N GLY D 147 10.80 -50.87 35.39
CA GLY D 147 10.54 -51.71 36.54
C GLY D 147 11.17 -51.15 37.80
N ARG D 148 11.83 -50.00 37.65
CA ARG D 148 12.45 -49.34 38.80
C ARG D 148 11.37 -48.84 39.74
N GLN D 149 11.44 -49.26 41.00
CA GLN D 149 10.49 -48.79 42.00
C GLN D 149 10.73 -47.31 42.26
N PRO D 150 9.68 -46.56 42.60
CA PRO D 150 9.84 -45.13 42.88
C PRO D 150 10.81 -44.91 44.03
N GLY D 151 11.81 -44.07 43.79
CA GLY D 151 12.84 -43.79 44.77
C GLY D 151 13.93 -44.82 44.86
N ASP D 152 13.87 -45.90 44.07
CA ASP D 152 14.85 -46.98 44.13
C ASP D 152 16.00 -46.64 43.18
N PHE D 153 17.09 -46.12 43.73
CA PHE D 153 18.30 -45.87 42.98
C PHE D 153 19.31 -47.00 43.13
N LYS D 154 18.92 -48.09 43.79
CA LYS D 154 19.77 -49.25 44.07
C LYS D 154 21.00 -48.89 44.88
N PHE D 155 21.04 -47.71 45.50
CA PHE D 155 22.18 -47.30 46.30
C PHE D 155 22.14 -48.06 47.63
N ASP D 156 23.06 -49.00 47.79
CA ASP D 156 23.08 -49.84 48.98
C ASP D 156 24.47 -50.43 49.17
N PRO D 157 25.45 -49.63 49.59
CA PRO D 157 26.80 -50.17 49.82
C PRO D 157 26.80 -51.25 50.88
N LEU D 158 26.34 -50.90 52.07
CA LEU D 158 25.96 -51.91 53.05
C LEU D 158 24.64 -52.55 52.60
N ASN D 159 24.22 -53.58 53.31
CA ASN D 159 22.99 -54.28 52.89
C ASN D 159 21.77 -53.68 53.57
N PHE D 160 21.66 -53.82 54.89
CA PHE D 160 20.60 -53.22 55.69
C PHE D 160 19.21 -53.69 55.25
N ALA D 161 19.17 -54.50 54.19
CA ALA D 161 17.92 -55.00 53.62
C ALA D 161 18.27 -56.24 52.81
N LYS D 162 18.02 -57.42 53.37
CA LYS D 162 18.43 -58.66 52.76
C LYS D 162 17.31 -59.35 51.99
N ASP D 163 16.09 -59.33 52.51
CA ASP D 163 14.95 -59.96 51.86
C ASP D 163 13.85 -58.93 51.63
N GLU D 164 12.70 -59.40 51.14
CA GLU D 164 11.58 -58.51 50.88
C GLU D 164 11.05 -57.89 52.16
N LYS D 165 10.95 -58.68 53.23
CA LYS D 165 10.37 -58.18 54.48
C LYS D 165 11.22 -57.07 55.07
N SER D 166 12.54 -57.25 55.10
CA SER D 166 13.42 -56.21 55.63
C SER D 166 13.35 -54.96 54.76
N LEU D 167 13.29 -55.13 53.44
CA LEU D 167 13.18 -53.98 52.54
C LEU D 167 11.90 -53.21 52.79
N LYS D 168 10.77 -53.92 52.95
CA LYS D 168 9.51 -53.25 53.22
C LYS D 168 9.53 -52.51 54.54
N LYS D 169 10.05 -53.15 55.59
CA LYS D 169 10.12 -52.50 56.89
C LYS D 169 11.00 -51.25 56.83
N MET D 170 12.13 -51.34 56.14
CA MET D 170 13.03 -50.19 56.08
C MET D 170 12.46 -49.10 55.18
N GLN D 171 11.70 -49.47 54.15
CA GLN D 171 11.01 -48.46 53.34
C GLN D 171 9.98 -47.72 54.18
N LEU D 172 9.23 -48.44 55.01
CA LEU D 172 8.26 -47.79 55.89
C LEU D 172 8.97 -46.87 56.88
N SER D 173 10.09 -47.33 57.44
CA SER D 173 10.85 -46.49 58.35
C SER D 173 11.36 -45.24 57.65
N GLU D 174 11.87 -45.38 56.42
CA GLU D 174 12.35 -44.24 55.67
C GLU D 174 11.23 -43.25 55.39
N LEU D 175 10.06 -43.75 55.00
CA LEU D 175 8.94 -42.87 54.69
C LEU D 175 8.47 -42.11 55.94
N LYS D 176 8.33 -42.82 57.06
CA LYS D 176 7.86 -42.17 58.28
C LYS D 176 8.88 -41.16 58.79
N ASN D 177 10.16 -41.53 58.80
CA ASN D 177 11.20 -40.60 59.23
C ASN D 177 11.27 -39.40 58.31
N GLY D 178 11.10 -39.61 57.00
CA GLY D 178 11.14 -38.50 56.06
C GLY D 178 9.97 -37.54 56.24
N ARG D 179 8.77 -38.07 56.43
CA ARG D 179 7.63 -37.19 56.70
C ARG D 179 7.83 -36.41 57.99
N LEU D 180 8.30 -37.09 59.04
CA LEU D 180 8.57 -36.41 60.30
C LEU D 180 9.62 -35.33 60.12
N ALA D 181 10.66 -35.60 59.32
CA ALA D 181 11.72 -34.61 59.13
C ALA D 181 11.24 -33.45 58.26
N MET D 182 10.35 -33.71 57.30
CA MET D 182 9.78 -32.61 56.52
C MET D 182 9.00 -31.66 57.42
N LEU D 183 8.12 -32.22 58.26
CA LEU D 183 7.37 -31.38 59.19
C LEU D 183 8.31 -30.69 60.19
N ALA D 184 9.35 -31.40 60.62
CA ALA D 184 10.29 -30.84 61.58
C ALA D 184 11.08 -29.68 60.99
N PHE D 185 11.55 -29.82 59.76
CA PHE D 185 12.26 -28.73 59.10
C PHE D 185 11.33 -27.55 58.87
N SER D 186 10.08 -27.83 58.50
CA SER D 186 9.09 -26.75 58.38
C SER D 186 8.97 -25.97 59.67
N GLY D 187 8.78 -26.68 60.78
CA GLY D 187 8.67 -26.00 62.07
C GLY D 187 9.93 -25.27 62.45
N ILE D 188 11.09 -25.88 62.20
CA ILE D 188 12.37 -25.26 62.56
C ILE D 188 12.54 -23.95 61.82
N VAL D 189 12.32 -23.97 60.51
CA VAL D 189 12.51 -22.75 59.72
C VAL D 189 11.50 -21.69 60.12
N THR D 190 10.23 -22.06 60.30
CA THR D 190 9.23 -21.07 60.67
C THR D 190 9.52 -20.45 62.02
N GLN D 191 9.91 -21.26 63.00
CA GLN D 191 10.22 -20.73 64.32
C GLN D 191 11.47 -19.86 64.30
N ALA D 192 12.51 -20.30 63.59
CA ALA D 192 13.75 -19.54 63.53
C ALA D 192 13.53 -18.20 62.84
N ALA D 193 12.72 -18.18 61.78
CA ALA D 193 12.41 -16.92 61.11
C ALA D 193 11.56 -16.03 62.00
N LEU D 194 10.59 -16.60 62.71
CA LEU D 194 9.77 -15.82 63.62
C LEU D 194 10.61 -15.24 64.75
N THR D 195 11.36 -16.10 65.44
CA THR D 195 12.24 -15.70 66.53
C THR D 195 13.64 -16.15 66.20
N GLY D 196 14.57 -15.20 66.07
CA GLY D 196 15.93 -15.51 65.70
C GLY D 196 16.73 -16.17 66.81
N HIS D 197 16.26 -17.32 67.28
CA HIS D 197 16.89 -18.02 68.39
C HIS D 197 17.87 -19.07 67.88
N ALA D 198 18.66 -19.59 68.81
CA ALA D 198 19.61 -20.67 68.52
C ALA D 198 18.84 -21.99 68.47
N PHE D 199 19.57 -23.11 68.49
CA PHE D 199 18.98 -24.45 68.28
C PHE D 199 17.64 -24.67 68.95
N PRO D 200 17.41 -24.31 70.22
CA PRO D 200 16.04 -24.33 70.71
C PRO D 200 15.25 -23.18 70.09
N TYR D 201 14.41 -23.49 69.11
CA TYR D 201 13.71 -22.47 68.34
C TYR D 201 12.38 -22.08 68.97
N MET D 202 12.15 -22.48 70.22
CA MET D 202 10.97 -22.05 70.97
C MET D 202 10.98 -20.53 71.14
N GLU E 43 -50.67 -36.37 58.21
CA GLU E 43 -50.59 -35.45 57.09
C GLU E 43 -50.17 -34.06 57.55
N ARG E 44 -50.54 -33.70 58.77
CA ARG E 44 -50.17 -32.42 59.35
C ARG E 44 -48.89 -32.57 60.16
N SER E 45 -48.04 -31.54 60.10
CA SER E 45 -46.80 -31.56 60.85
C SER E 45 -47.09 -31.59 62.36
N LYS E 46 -46.33 -32.39 63.09
CA LYS E 46 -46.55 -32.54 64.52
C LYS E 46 -46.32 -31.22 65.25
N SER E 47 -45.25 -30.50 64.90
CA SER E 47 -44.97 -29.23 65.56
C SER E 47 -46.01 -28.18 65.20
N LEU E 48 -46.29 -28.02 63.91
CA LEU E 48 -47.23 -26.99 63.46
C LEU E 48 -48.48 -27.67 62.93
N PRO E 49 -49.54 -27.79 63.73
CA PRO E 49 -50.74 -28.51 63.27
C PRO E 49 -51.45 -27.84 62.11
N PHE E 50 -51.22 -26.55 61.89
CA PHE E 50 -51.83 -25.83 60.79
C PHE E 50 -51.05 -25.97 59.49
N LEU E 51 -50.01 -26.81 59.47
CA LEU E 51 -49.16 -26.99 58.31
C LEU E 51 -49.11 -28.47 57.94
N MET E 52 -49.10 -28.74 56.64
CA MET E 52 -48.98 -30.11 56.18
C MET E 52 -47.57 -30.63 56.44
N LYS E 53 -47.47 -31.96 56.53
CA LYS E 53 -46.22 -32.60 56.87
C LYS E 53 -45.18 -32.32 55.77
N PRO E 54 -44.01 -31.80 56.11
CA PRO E 54 -42.97 -31.58 55.10
C PRO E 54 -42.55 -32.90 54.46
N LYS E 55 -42.57 -32.93 53.13
CA LYS E 55 -42.46 -34.20 52.41
C LYS E 55 -41.16 -34.92 52.71
N ASN E 56 -40.05 -34.20 52.79
CA ASN E 56 -38.75 -34.82 52.95
C ASN E 56 -38.43 -35.24 54.39
N LEU E 57 -39.18 -34.75 55.37
CA LEU E 57 -38.94 -35.05 56.78
C LEU E 57 -40.03 -36.02 57.24
N ASP E 58 -39.75 -37.32 57.16
CA ASP E 58 -40.77 -38.29 57.57
C ASP E 58 -40.73 -38.52 59.08
N GLY E 59 -39.72 -39.26 59.56
CA GLY E 59 -39.46 -39.35 60.98
C GLY E 59 -38.02 -39.63 61.34
N SER E 60 -37.17 -39.77 60.33
CA SER E 60 -35.90 -40.48 60.51
C SER E 60 -34.93 -39.70 61.39
N MET E 61 -34.72 -38.43 61.08
CA MET E 61 -33.67 -37.67 61.75
C MET E 61 -34.07 -37.32 63.18
N ALA E 62 -33.10 -37.36 64.08
CA ALA E 62 -33.37 -37.04 65.48
C ALA E 62 -33.77 -35.58 65.62
N GLY E 63 -34.77 -35.34 66.46
CA GLY E 63 -35.31 -34.01 66.62
C GLY E 63 -36.36 -33.63 65.59
N ASP E 64 -36.80 -34.56 64.76
CA ASP E 64 -37.78 -34.27 63.71
C ASP E 64 -39.16 -34.12 64.34
N VAL E 65 -39.72 -32.92 64.27
CA VAL E 65 -41.09 -32.65 64.68
C VAL E 65 -41.90 -32.03 63.56
N GLY E 66 -41.35 -31.98 62.35
CA GLY E 66 -42.04 -31.38 61.22
C GLY E 66 -41.94 -29.88 61.14
N PHE E 67 -41.06 -29.24 61.90
CA PHE E 67 -40.94 -27.78 61.91
C PHE E 67 -40.10 -27.35 60.70
N ASP E 68 -40.77 -27.30 59.55
CA ASP E 68 -40.19 -26.73 58.33
C ASP E 68 -41.25 -25.88 57.65
N PRO E 69 -41.62 -24.74 58.26
CA PRO E 69 -42.68 -23.92 57.67
C PRO E 69 -42.36 -23.41 56.28
N LEU E 70 -41.10 -23.09 56.01
CA LEU E 70 -40.68 -22.55 54.73
C LEU E 70 -40.36 -23.64 53.71
N GLY E 71 -40.47 -24.90 54.07
CA GLY E 71 -40.18 -25.98 53.15
C GLY E 71 -38.76 -26.01 52.66
N LEU E 72 -37.80 -25.64 53.51
CA LEU E 72 -36.40 -25.62 53.10
C LEU E 72 -35.85 -27.02 52.88
N SER E 73 -36.48 -28.04 53.47
CA SER E 73 -36.01 -29.41 53.28
C SER E 73 -36.20 -29.91 51.86
N GLU E 74 -37.00 -29.22 51.06
CA GLU E 74 -37.26 -29.62 49.68
C GLU E 74 -36.30 -28.98 48.68
N ILE E 75 -35.34 -28.19 49.15
CA ILE E 75 -34.35 -27.59 48.26
C ILE E 75 -33.45 -28.67 47.70
N ASN E 76 -33.27 -28.67 46.38
CA ASN E 76 -32.41 -29.65 45.72
C ASN E 76 -31.56 -28.95 44.66
N ASP E 77 -30.94 -27.84 45.04
CA ASP E 77 -30.16 -27.06 44.09
C ASP E 77 -28.99 -26.41 44.80
N VAL E 78 -28.00 -26.01 44.00
CA VAL E 78 -26.76 -25.38 44.46
C VAL E 78 -26.11 -26.34 45.45
N GLY E 79 -26.13 -27.62 45.12
CA GLY E 79 -25.51 -28.62 45.98
C GLY E 79 -26.10 -28.69 47.36
N VAL E 80 -27.30 -28.15 47.56
CA VAL E 80 -27.95 -28.11 48.86
C VAL E 80 -29.17 -29.01 48.81
N ASP E 81 -29.23 -29.96 49.74
CA ASP E 81 -30.39 -30.84 49.87
C ASP E 81 -30.57 -31.13 51.35
N LEU E 82 -31.42 -32.12 51.66
CA LEU E 82 -31.66 -32.48 53.06
C LEU E 82 -30.38 -32.98 53.72
N TYR E 83 -29.56 -33.73 52.98
CA TYR E 83 -28.30 -34.21 53.53
C TYR E 83 -27.39 -33.05 53.90
N TRP E 84 -27.22 -32.09 52.98
CA TRP E 84 -26.36 -30.95 53.26
C TRP E 84 -26.91 -30.09 54.38
N LEU E 85 -28.23 -29.88 54.40
CA LEU E 85 -28.83 -29.09 55.46
C LEU E 85 -28.66 -29.76 56.82
N ARG E 86 -28.82 -31.09 56.88
CA ARG E 86 -28.64 -31.80 58.13
C ARG E 86 -27.18 -31.76 58.59
N GLU E 87 -26.24 -31.91 57.65
CA GLU E 87 -24.83 -31.81 58.02
C GLU E 87 -24.49 -30.42 58.54
N ALA E 88 -25.03 -29.38 57.90
CA ALA E 88 -24.83 -28.02 58.38
C ALA E 88 -25.44 -27.82 59.75
N GLU E 89 -26.64 -28.37 59.97
CA GLU E 89 -27.28 -28.25 61.27
C GLU E 89 -26.47 -28.93 62.36
N LEU E 90 -25.94 -30.12 62.06
CA LEU E 90 -25.16 -30.84 63.06
C LEU E 90 -23.83 -30.13 63.35
N LYS E 91 -23.17 -29.61 62.31
CA LYS E 91 -21.95 -28.86 62.51
C LYS E 91 -22.22 -27.60 63.34
N HIS E 92 -23.33 -26.92 63.05
CA HIS E 92 -23.72 -25.76 63.84
C HIS E 92 -24.01 -26.14 65.28
N CYS E 93 -24.70 -27.27 65.49
CA CYS E 93 -24.99 -27.73 66.84
C CYS E 93 -23.71 -27.97 67.63
N ARG E 94 -22.77 -28.70 67.03
CA ARG E 94 -21.52 -29.00 67.71
C ARG E 94 -20.70 -27.74 67.97
N LEU E 95 -20.62 -26.84 66.98
CA LEU E 95 -19.87 -25.60 67.16
C LEU E 95 -20.49 -24.73 68.24
N GLY E 96 -21.82 -24.62 68.26
CA GLY E 96 -22.48 -23.84 69.28
C GLY E 96 -22.31 -24.43 70.66
N MET E 97 -22.38 -25.76 70.76
CA MET E 97 -22.14 -26.41 72.05
C MET E 97 -20.73 -26.11 72.56
N MET E 98 -19.73 -26.26 71.69
CA MET E 98 -18.36 -25.98 72.11
C MET E 98 -18.18 -24.52 72.49
N ALA E 99 -18.75 -23.60 71.72
CA ALA E 99 -18.58 -22.18 72.00
C ALA E 99 -19.27 -21.78 73.30
N ALA E 100 -20.51 -22.24 73.51
CA ALA E 100 -21.22 -21.92 74.74
C ALA E 100 -20.49 -22.49 75.95
N ALA E 101 -20.03 -23.74 75.84
CA ALA E 101 -19.28 -24.33 76.94
C ALA E 101 -18.01 -23.55 77.22
N GLY E 102 -17.32 -23.10 76.17
CA GLY E 102 -16.09 -22.34 76.37
C GLY E 102 -16.35 -21.01 77.04
N ILE E 103 -17.37 -20.28 76.58
CA ILE E 103 -17.69 -19.00 77.19
C ILE E 103 -18.04 -19.17 78.66
N LEU E 104 -18.93 -20.12 78.95
CA LEU E 104 -19.34 -20.34 80.33
C LEU E 104 -18.18 -20.77 81.21
N PHE E 105 -17.33 -21.68 80.70
CA PHE E 105 -16.18 -22.14 81.45
C PHE E 105 -15.23 -21.01 81.77
N VAL E 106 -14.88 -20.21 80.76
CA VAL E 106 -13.91 -19.13 80.96
C VAL E 106 -14.50 -18.07 81.89
N GLU E 107 -15.80 -17.81 81.78
CA GLU E 107 -16.37 -16.75 82.60
C GLU E 107 -16.54 -17.19 84.04
N ILE E 108 -16.87 -18.46 84.27
CA ILE E 108 -17.13 -18.94 85.63
C ILE E 108 -15.82 -19.30 86.33
N LEU E 109 -15.08 -20.25 85.76
CA LEU E 109 -13.87 -20.77 86.40
C LEU E 109 -12.63 -19.94 86.09
N GLY E 110 -12.76 -18.90 85.28
CA GLY E 110 -11.62 -18.06 84.96
C GLY E 110 -10.78 -18.65 83.85
N PRO E 111 -9.86 -17.85 83.32
CA PRO E 111 -8.99 -18.33 82.24
C PRO E 111 -7.92 -19.27 82.76
N ALA E 112 -7.30 -19.99 81.82
CA ALA E 112 -6.17 -20.84 82.15
C ALA E 112 -4.97 -19.98 82.52
N PRO E 113 -4.01 -20.53 83.26
CA PRO E 113 -2.83 -19.75 83.63
C PRO E 113 -2.08 -19.26 82.40
N GLY E 114 -1.58 -18.03 82.48
CA GLY E 114 -0.87 -17.42 81.38
C GLY E 114 -1.75 -16.82 80.30
N PHE E 115 -3.07 -16.83 80.49
CA PHE E 115 -3.99 -16.30 79.50
C PHE E 115 -4.68 -15.04 80.02
N PRO E 116 -5.09 -14.14 79.13
CA PRO E 116 -5.68 -12.88 79.59
C PRO E 116 -7.05 -13.08 80.20
N ALA E 117 -7.45 -12.10 81.02
CA ALA E 117 -8.75 -12.06 81.66
C ALA E 117 -9.54 -10.87 81.13
N GLY E 118 -10.71 -10.63 81.72
CA GLY E 118 -11.54 -9.51 81.32
C GLY E 118 -13.02 -9.81 81.33
N LYS E 119 -13.37 -11.09 81.31
CA LYS E 119 -14.74 -11.62 81.38
C LYS E 119 -15.57 -11.31 80.14
N SER E 120 -15.04 -10.55 79.18
CA SER E 120 -15.74 -10.27 77.92
C SER E 120 -15.10 -11.16 76.86
N GLN E 121 -15.78 -12.26 76.52
CA GLN E 121 -15.18 -13.24 75.63
C GLN E 121 -15.05 -12.73 74.20
N MET E 122 -15.92 -11.80 73.79
CA MET E 122 -15.81 -11.23 72.46
C MET E 122 -14.69 -10.21 72.36
N ASP E 123 -14.18 -9.70 73.48
CA ASP E 123 -13.08 -8.75 73.48
C ASP E 123 -11.77 -9.33 73.99
N VAL E 124 -11.82 -10.45 74.73
CA VAL E 124 -10.59 -11.08 75.18
C VAL E 124 -9.88 -11.78 74.03
N PHE E 125 -10.59 -12.06 72.93
CA PHE E 125 -9.95 -12.68 71.78
C PHE E 125 -8.84 -11.81 71.22
N TRP E 126 -9.08 -10.50 71.15
CA TRP E 126 -8.07 -9.59 70.63
C TRP E 126 -6.89 -9.46 71.59
N LYS E 127 -7.11 -9.70 72.88
CA LYS E 127 -6.01 -9.69 73.83
C LYS E 127 -5.16 -10.95 73.68
N VAL E 128 -5.79 -12.08 73.38
CA VAL E 128 -5.04 -13.31 73.11
C VAL E 128 -4.25 -13.18 71.81
N TYR E 129 -4.91 -12.65 70.77
CA TYR E 129 -4.22 -12.45 69.49
C TYR E 129 -3.09 -11.44 69.60
N ALA E 130 -3.24 -10.44 70.48
CA ALA E 130 -2.20 -9.43 70.63
C ALA E 130 -0.92 -10.00 71.24
N GLU E 131 -1.01 -11.11 71.97
CA GLU E 131 0.14 -11.69 72.64
C GLU E 131 0.49 -13.10 72.16
N LYS E 132 -0.48 -13.87 71.65
CA LYS E 132 -0.24 -15.20 71.13
C LYS E 132 -0.90 -15.34 69.77
N PRO E 133 -0.42 -14.59 68.77
CA PRO E 133 -1.01 -14.73 67.42
C PRO E 133 -0.79 -16.09 66.80
N SER E 134 0.33 -16.75 67.13
CA SER E 134 0.63 -18.04 66.54
C SER E 134 -0.39 -19.09 66.93
N LEU E 135 -0.89 -19.03 68.17
CA LEU E 135 -1.91 -19.98 68.59
C LEU E 135 -3.18 -19.81 67.76
N ILE E 136 -3.61 -18.57 67.56
CA ILE E 136 -4.81 -18.31 66.76
C ILE E 136 -4.59 -18.77 65.32
N GLY E 137 -3.42 -18.47 64.75
CA GLY E 137 -3.16 -18.86 63.38
C GLY E 137 -3.12 -20.37 63.20
N ALA E 138 -2.47 -21.09 64.13
CA ALA E 138 -2.41 -22.54 64.06
C ALA E 138 -3.80 -23.14 64.21
N SER E 139 -4.60 -22.61 65.13
CA SER E 139 -5.96 -23.10 65.29
C SER E 139 -6.78 -22.87 64.03
N LEU E 140 -6.62 -21.69 63.41
CA LEU E 140 -7.34 -21.41 62.17
C LEU E 140 -6.92 -22.36 61.06
N ALA E 141 -5.62 -22.61 60.92
CA ALA E 141 -5.14 -23.52 59.88
C ALA E 141 -5.66 -24.94 60.11
N ALA E 142 -5.63 -25.40 61.36
CA ALA E 142 -6.15 -26.73 61.68
C ALA E 142 -7.63 -26.82 61.36
N ILE E 143 -8.41 -25.80 61.76
CA ILE E 143 -9.83 -25.81 61.48
C ILE E 143 -10.10 -25.77 59.98
N ALA E 144 -9.27 -25.04 59.24
CA ALA E 144 -9.42 -24.98 57.79
C ALA E 144 -9.20 -26.35 57.16
N ILE E 145 -8.15 -27.05 57.58
CA ILE E 145 -7.87 -28.37 57.02
C ILE E 145 -8.98 -29.34 57.39
N LEU E 146 -9.40 -29.33 58.65
CA LEU E 146 -10.48 -30.21 59.08
C LEU E 146 -11.79 -29.89 58.37
N GLU E 147 -12.03 -28.62 58.04
CA GLU E 147 -13.25 -28.27 57.34
C GLU E 147 -13.20 -28.67 55.87
N VAL E 148 -12.03 -28.58 55.25
CA VAL E 148 -11.88 -29.12 53.89
C VAL E 148 -12.17 -30.61 53.87
N ILE E 149 -11.62 -31.33 54.86
CA ILE E 149 -11.88 -32.76 54.97
C ILE E 149 -13.38 -33.01 55.21
N SER E 150 -14.00 -32.18 56.04
CA SER E 150 -15.43 -32.35 56.34
C SER E 150 -16.28 -32.13 55.10
N GLY E 151 -15.96 -31.12 54.30
CA GLY E 151 -16.71 -30.89 53.08
C GLY E 151 -16.54 -32.01 52.07
N VAL E 152 -15.30 -32.50 51.92
CA VAL E 152 -15.07 -33.62 51.03
C VAL E 152 -15.86 -34.84 51.49
N ALA E 153 -15.83 -35.11 52.80
CA ALA E 153 -16.58 -36.25 53.33
C ALA E 153 -18.08 -36.08 53.14
N THR E 154 -18.59 -34.87 53.34
CA THR E 154 -20.02 -34.63 53.16
C THR E 154 -20.44 -34.89 51.72
N THR E 155 -19.68 -34.34 50.77
CA THR E 155 -20.03 -34.55 49.36
C THR E 155 -19.91 -36.01 48.96
N GLN E 156 -18.85 -36.69 49.41
CA GLN E 156 -18.69 -38.11 49.07
C GLN E 156 -19.82 -38.95 49.65
N GLY E 157 -20.12 -38.76 50.93
CA GLY E 157 -21.20 -39.52 51.54
C GLY E 157 -22.55 -39.22 50.93
N ARG E 158 -22.75 -37.98 50.47
CA ARG E 158 -23.96 -37.67 49.73
C ARG E 158 -23.99 -38.40 48.39
N GLN E 159 -22.83 -38.56 47.75
CA GLN E 159 -22.80 -39.16 46.41
C GLN E 159 -23.03 -40.67 46.48
N ASN E 160 -22.13 -41.40 47.13
CA ASN E 160 -22.27 -42.85 47.31
C ASN E 160 -22.78 -43.14 48.71
N GLY E 161 -24.10 -43.10 48.86
CA GLY E 161 -24.70 -43.09 50.19
C GLY E 161 -24.28 -44.26 51.05
N ASP E 162 -23.35 -43.99 51.96
CA ASP E 162 -22.91 -44.92 52.98
C ASP E 162 -22.69 -44.27 54.33
N ARG E 163 -22.67 -42.93 54.40
CA ARG E 163 -22.38 -42.19 55.62
C ARG E 163 -23.56 -41.29 55.95
N ALA E 164 -24.08 -41.42 57.16
CA ALA E 164 -25.16 -40.55 57.60
C ALA E 164 -24.65 -39.12 57.77
N PRO E 165 -25.51 -38.12 57.57
CA PRO E 165 -25.07 -36.74 57.73
C PRO E 165 -24.55 -36.47 59.14
N GLY E 166 -23.41 -35.77 59.21
CA GLY E 166 -22.79 -35.47 60.49
C GLY E 166 -21.97 -36.60 61.08
N ASP E 167 -21.86 -37.74 60.40
CA ASP E 167 -21.12 -38.88 60.92
C ASP E 167 -19.66 -38.77 60.54
N TYR E 168 -18.79 -38.85 61.56
CA TYR E 168 -17.34 -38.84 61.35
C TYR E 168 -16.65 -40.01 62.04
N ASN E 169 -17.40 -41.03 62.45
CA ASN E 169 -16.84 -42.21 63.10
C ASN E 169 -16.03 -41.85 64.34
N PHE E 170 -16.44 -40.80 65.05
CA PHE E 170 -15.71 -40.31 66.22
C PHE E 170 -16.43 -40.79 67.47
N ASP E 171 -16.13 -42.03 67.86
CA ASP E 171 -16.60 -42.60 69.13
C ASP E 171 -15.45 -43.31 69.81
N PRO E 172 -14.42 -42.56 70.24
CA PRO E 172 -13.27 -43.22 70.87
C PRO E 172 -13.60 -43.94 72.17
N LEU E 173 -14.55 -43.43 72.94
CA LEU E 173 -14.91 -44.04 74.22
C LEU E 173 -16.06 -45.03 74.11
N GLY E 174 -16.59 -45.24 72.91
CA GLY E 174 -17.65 -46.23 72.71
C GLY E 174 -18.93 -45.93 73.47
N PHE E 175 -19.34 -44.67 73.51
CA PHE E 175 -20.56 -44.29 74.21
C PHE E 175 -21.82 -44.56 73.40
N GLY E 176 -21.70 -44.86 72.11
CA GLY E 176 -22.86 -45.06 71.27
C GLY E 176 -22.75 -46.28 70.38
N LYS E 177 -22.11 -47.34 70.87
CA LYS E 177 -21.93 -48.55 70.07
C LYS E 177 -23.27 -49.20 69.77
N ASP E 178 -24.00 -49.60 70.80
CA ASP E 178 -25.24 -50.34 70.62
C ASP E 178 -26.36 -49.43 70.16
N PRO E 179 -27.32 -49.96 69.40
CA PRO E 179 -28.53 -49.19 69.07
C PRO E 179 -29.48 -49.08 70.25
N ALA E 180 -30.58 -48.35 70.08
CA ALA E 180 -31.61 -48.12 71.10
C ALA E 180 -31.07 -47.19 72.19
N LYS E 181 -29.78 -46.90 72.13
CA LYS E 181 -29.15 -45.81 72.85
C LYS E 181 -28.59 -44.77 71.90
N PHE E 182 -28.24 -45.18 70.68
CA PHE E 182 -27.75 -44.24 69.69
C PHE E 182 -28.81 -43.23 69.29
N LYS E 183 -30.06 -43.68 69.15
CA LYS E 183 -31.15 -42.76 68.82
C LYS E 183 -31.36 -41.74 69.93
N ASP E 184 -31.35 -42.20 71.19
CA ASP E 184 -31.49 -41.29 72.32
C ASP E 184 -30.34 -40.30 72.38
N LEU E 185 -29.12 -40.77 72.14
CA LEU E 185 -27.96 -39.87 72.14
C LEU E 185 -28.05 -38.86 71.01
N GLN E 186 -28.53 -39.29 69.83
CA GLN E 186 -28.71 -38.37 68.72
C GLN E 186 -29.73 -37.30 69.06
N LEU E 187 -30.84 -37.70 69.68
CA LEU E 187 -31.86 -36.73 70.08
C LEU E 187 -31.31 -35.74 71.11
N LYS E 188 -30.57 -36.25 72.10
CA LYS E 188 -29.97 -35.38 73.11
C LYS E 188 -28.98 -34.41 72.47
N GLU E 189 -28.14 -34.91 71.56
CA GLU E 189 -27.16 -34.05 70.91
C GLU E 189 -27.86 -32.97 70.07
N VAL E 190 -28.90 -33.34 69.33
CA VAL E 190 -29.58 -32.38 68.48
C VAL E 190 -30.25 -31.29 69.32
N LYS E 191 -30.95 -31.69 70.39
CA LYS E 191 -31.63 -30.70 71.22
C LYS E 191 -30.63 -29.78 71.91
N ASN E 192 -29.58 -30.36 72.50
CA ASN E 192 -28.56 -29.56 73.16
C ASN E 192 -27.86 -28.65 72.17
N GLY E 193 -27.62 -29.14 70.96
CA GLY E 193 -26.94 -28.33 69.96
C GLY E 193 -27.77 -27.17 69.47
N ARG E 194 -29.08 -27.38 69.30
CA ARG E 194 -29.94 -26.26 68.93
C ARG E 194 -30.01 -25.22 70.04
N LEU E 195 -30.16 -25.69 71.29
CA LEU E 195 -30.18 -24.75 72.42
C LEU E 195 -28.87 -23.98 72.50
N ALA E 196 -27.74 -24.66 72.30
CA ALA E 196 -26.44 -24.03 72.38
C ALA E 196 -26.17 -23.13 71.19
N MET E 197 -26.73 -23.45 70.03
CA MET E 197 -26.70 -22.53 68.89
C MET E 197 -27.34 -21.21 69.24
N ILE E 198 -28.58 -21.28 69.75
CA ILE E 198 -29.28 -20.06 70.15
C ILE E 198 -28.48 -19.32 71.21
N ALA E 199 -27.98 -20.06 72.20
CA ALA E 199 -27.23 -19.45 73.29
C ALA E 199 -25.96 -18.76 72.78
N ALA E 200 -25.22 -19.43 71.91
CA ALA E 200 -23.95 -18.88 71.42
C ALA E 200 -24.18 -17.66 70.55
N ALA E 201 -25.23 -17.68 69.71
CA ALA E 201 -25.57 -16.48 68.95
C ALA E 201 -25.90 -15.33 69.90
N GLY E 202 -26.67 -15.62 70.95
CA GLY E 202 -26.98 -14.58 71.93
C GLY E 202 -25.75 -14.03 72.62
N MET E 203 -24.82 -14.91 73.00
CA MET E 203 -23.59 -14.48 73.65
C MET E 203 -22.75 -13.62 72.71
N ILE E 204 -22.67 -14.01 71.44
CA ILE E 204 -21.90 -13.24 70.48
C ILE E 204 -22.49 -11.85 70.34
N LEU E 205 -23.82 -11.75 70.17
CA LEU E 205 -24.43 -10.45 70.02
C LEU E 205 -24.29 -9.60 71.28
N GLN E 206 -24.47 -10.23 72.46
CA GLN E 206 -24.33 -9.50 73.72
C GLN E 206 -22.92 -8.97 73.90
N GLY E 207 -21.91 -9.79 73.60
CA GLY E 207 -20.54 -9.34 73.73
C GLY E 207 -20.18 -8.24 72.74
N VAL E 208 -20.71 -8.33 71.53
CA VAL E 208 -20.43 -7.30 70.53
C VAL E 208 -21.09 -5.99 70.92
N SER E 209 -22.33 -6.04 71.41
CA SER E 209 -23.07 -4.80 71.69
C SER E 209 -22.70 -4.23 73.06
N THR E 210 -22.97 -4.97 74.13
CA THR E 210 -22.77 -4.46 75.49
C THR E 210 -21.31 -4.44 75.91
N HIS E 211 -20.44 -5.21 75.24
CA HIS E 211 -19.02 -5.27 75.58
C HIS E 211 -18.80 -5.74 77.01
N GLN E 212 -19.66 -6.64 77.48
CA GLN E 212 -19.59 -7.16 78.84
C GLN E 212 -19.75 -8.68 78.82
N GLY E 213 -19.55 -9.29 79.99
CA GLY E 213 -19.65 -10.73 80.09
C GLY E 213 -21.08 -11.21 79.98
N ALA E 214 -21.22 -12.52 79.71
CA ALA E 214 -22.54 -13.11 79.56
C ALA E 214 -23.30 -13.08 80.87
N LEU E 215 -22.74 -13.67 81.92
CA LEU E 215 -23.37 -13.60 83.23
C LEU E 215 -23.35 -12.18 83.79
N GLU E 216 -22.44 -11.33 83.31
CA GLU E 216 -22.51 -9.92 83.65
C GLU E 216 -23.79 -9.29 83.10
N ASN E 217 -24.14 -9.63 81.85
CA ASN E 217 -25.43 -9.20 81.32
C ASN E 217 -26.58 -9.87 82.06
N LEU E 218 -26.38 -11.09 82.56
CA LEU E 218 -27.43 -11.80 83.27
C LEU E 218 -27.87 -11.05 84.52
N SER E 219 -26.91 -10.51 85.27
CA SER E 219 -27.23 -9.77 86.49
C SER E 219 -27.08 -8.27 86.29
N GLY F 78 42.89 -38.21 -18.41
CA GLY F 78 43.52 -37.41 -19.43
C GLY F 78 44.95 -37.04 -19.12
N LEU F 79 45.22 -36.72 -17.85
CA LEU F 79 46.57 -36.37 -17.44
C LEU F 79 47.52 -37.55 -17.46
N GLU F 80 46.99 -38.77 -17.48
CA GLU F 80 47.85 -39.96 -17.48
C GLU F 80 48.66 -40.10 -18.76
N ASN F 81 48.18 -39.53 -19.87
CA ASN F 81 48.83 -39.68 -21.17
C ASN F 81 49.47 -38.37 -21.64
N GLN F 82 49.92 -37.54 -20.70
CA GLN F 82 50.55 -36.27 -21.03
C GLN F 82 51.90 -36.17 -20.31
N VAL F 83 52.82 -35.43 -20.92
CA VAL F 83 54.13 -35.22 -20.31
C VAL F 83 53.98 -34.27 -19.12
N GLY F 84 54.74 -34.53 -18.06
CA GLY F 84 54.75 -33.62 -16.93
C GLY F 84 54.89 -34.23 -15.56
N PHE F 85 54.60 -35.51 -15.41
CA PHE F 85 54.68 -36.17 -14.11
C PHE F 85 55.86 -37.15 -14.08
N ASP F 86 56.48 -37.26 -12.91
CA ASP F 86 57.67 -38.06 -12.73
C ASP F 86 57.68 -38.65 -11.33
N ILE F 87 58.84 -39.15 -10.90
CA ILE F 87 58.97 -39.82 -9.62
C ILE F 87 58.77 -38.87 -8.44
N GLU F 88 58.96 -37.57 -8.64
CA GLU F 88 58.90 -36.61 -7.53
C GLU F 88 57.52 -36.59 -6.88
N THR F 89 56.47 -36.88 -7.64
CA THR F 89 55.11 -36.89 -7.10
C THR F 89 54.50 -38.27 -7.25
N GLY F 90 55.26 -39.31 -6.89
CA GLY F 90 54.78 -40.67 -7.07
C GLY F 90 54.97 -41.10 -8.49
N GLY F 91 53.89 -41.57 -9.12
CA GLY F 91 53.91 -41.91 -10.53
C GLY F 91 52.75 -41.28 -11.26
N LYS F 92 51.82 -40.72 -10.50
CA LYS F 92 50.58 -40.09 -10.92
C LYS F 92 50.82 -38.62 -11.25
N PRO F 93 50.00 -38.04 -12.13
CA PRO F 93 50.09 -36.60 -12.39
C PRO F 93 49.67 -35.81 -11.15
N TRP F 94 50.53 -34.89 -10.72
CA TRP F 94 50.25 -34.10 -9.53
C TRP F 94 49.20 -33.04 -9.88
N ASP F 95 48.03 -33.14 -9.27
CA ASP F 95 46.93 -32.20 -9.50
C ASP F 95 46.04 -32.19 -8.29
N PRO F 96 46.45 -31.53 -7.21
CA PRO F 96 45.63 -31.52 -5.99
C PRO F 96 44.26 -30.90 -6.18
N PHE F 97 44.14 -29.88 -7.04
CA PHE F 97 42.89 -29.14 -7.19
C PHE F 97 42.08 -29.60 -8.38
N GLY F 98 42.54 -30.61 -9.13
CA GLY F 98 41.79 -31.11 -10.26
C GLY F 98 41.54 -30.09 -11.34
N PHE F 99 42.46 -29.12 -11.50
CA PHE F 99 42.25 -28.05 -12.46
C PHE F 99 42.26 -28.54 -13.90
N ALA F 100 42.86 -29.71 -14.16
CA ALA F 100 42.88 -30.25 -15.52
C ALA F 100 41.52 -30.77 -15.95
N GLY F 101 40.66 -31.15 -15.01
CA GLY F 101 39.36 -31.70 -15.31
C GLY F 101 38.18 -30.76 -15.17
N VAL F 102 38.42 -29.46 -15.00
CA VAL F 102 37.32 -28.51 -14.88
C VAL F 102 36.80 -28.04 -16.22
N SER F 103 37.56 -28.23 -17.30
CA SER F 103 37.10 -27.81 -18.63
C SER F 103 35.88 -28.61 -19.06
N GLU F 104 35.90 -29.93 -18.82
CA GLU F 104 34.77 -30.78 -19.20
C GLU F 104 33.54 -30.54 -18.34
N ARG F 105 33.65 -29.76 -17.28
CA ARG F 105 32.54 -29.53 -16.36
C ARG F 105 31.55 -28.55 -16.98
N ASN F 106 30.63 -28.05 -16.15
CA ASN F 106 29.50 -27.27 -16.64
C ASN F 106 29.96 -26.02 -17.37
N GLY F 107 29.24 -25.69 -18.43
CA GLY F 107 29.54 -24.57 -19.31
C GLY F 107 30.09 -25.06 -20.64
N LEU F 108 29.74 -24.33 -21.71
CA LEU F 108 30.29 -24.62 -23.03
C LEU F 108 31.80 -24.52 -22.98
N GLY F 109 32.30 -23.30 -22.76
CA GLY F 109 33.65 -23.13 -22.27
C GLY F 109 33.80 -21.84 -21.49
N ILE F 110 34.18 -21.96 -20.21
CA ILE F 110 34.55 -20.81 -19.40
C ILE F 110 35.88 -21.00 -18.69
N LEU F 111 36.30 -22.23 -18.46
CA LEU F 111 37.56 -22.60 -17.86
C LEU F 111 38.46 -23.24 -18.92
N PRO F 112 39.77 -23.01 -18.83
CA PRO F 112 40.66 -23.44 -19.91
C PRO F 112 40.70 -24.95 -20.07
N HIS F 113 40.87 -25.39 -21.32
CA HIS F 113 41.13 -26.78 -21.59
C HIS F 113 42.54 -27.15 -21.12
N ILE F 114 42.80 -28.47 -21.05
CA ILE F 114 44.11 -28.93 -20.61
C ILE F 114 45.18 -28.50 -21.61
N LYS F 115 44.84 -28.40 -22.89
CA LYS F 115 45.80 -27.94 -23.88
C LYS F 115 46.24 -26.50 -23.61
N TRP F 116 45.28 -25.63 -23.27
CA TRP F 116 45.63 -24.26 -22.94
C TRP F 116 46.52 -24.22 -21.69
N LEU F 117 46.20 -25.04 -20.70
CA LEU F 117 47.00 -25.07 -19.48
C LEU F 117 48.43 -25.53 -19.77
N GLN F 118 48.59 -26.51 -20.66
CA GLN F 118 49.92 -27.00 -21.00
C GLN F 118 50.70 -25.96 -21.81
N GLU F 119 50.03 -25.26 -22.72
CA GLU F 119 50.70 -24.20 -23.45
C GLU F 119 51.12 -23.07 -22.52
N SER F 120 50.27 -22.76 -21.53
CA SER F 120 50.65 -21.80 -20.50
C SER F 120 51.85 -22.29 -19.70
N GLU F 121 51.88 -23.60 -19.41
CA GLU F 121 53.06 -24.21 -18.81
C GLU F 121 54.31 -23.87 -19.58
N ILE F 122 54.33 -24.21 -20.87
CA ILE F 122 55.53 -24.06 -21.66
C ILE F 122 55.93 -22.58 -21.76
N LYS F 123 54.95 -21.71 -22.01
CA LYS F 123 55.24 -20.29 -22.16
C LYS F 123 55.79 -19.70 -20.87
N HIS F 124 55.10 -19.95 -19.74
CA HIS F 124 55.54 -19.40 -18.46
C HIS F 124 56.90 -19.94 -18.08
N GLY F 125 57.15 -21.23 -18.31
CA GLY F 125 58.45 -21.80 -17.96
C GLY F 125 59.58 -21.23 -18.78
N ARG F 126 59.38 -21.09 -20.10
CA ARG F 126 60.41 -20.49 -20.94
C ARG F 126 60.67 -19.05 -20.54
N THR F 127 59.60 -18.29 -20.28
CA THR F 127 59.77 -16.91 -19.85
C THR F 127 60.49 -16.83 -18.52
N ALA F 128 60.19 -17.75 -17.59
CA ALA F 128 60.84 -17.74 -16.28
C ALA F 128 62.32 -18.09 -16.40
N MET F 129 62.66 -19.05 -17.26
CA MET F 129 64.08 -19.38 -17.47
C MET F 129 64.83 -18.19 -18.05
N LEU F 130 64.24 -17.54 -19.06
CA LEU F 130 64.87 -16.36 -19.64
C LEU F 130 65.02 -15.25 -18.61
N ALA F 131 64.00 -15.05 -17.77
CA ALA F 131 64.06 -13.99 -16.77
C ALA F 131 65.07 -14.30 -15.69
N PHE F 132 65.22 -15.58 -15.30
CA PHE F 132 66.26 -15.92 -14.36
C PHE F 132 67.63 -15.61 -14.93
N LEU F 133 67.87 -15.98 -16.19
CA LEU F 133 69.14 -15.61 -16.80
C LEU F 133 69.31 -14.09 -16.85
N GLY F 134 68.24 -13.36 -17.13
CA GLY F 134 68.29 -11.92 -17.26
C GLY F 134 68.35 -11.15 -15.96
N VAL F 135 68.14 -11.81 -14.82
CA VAL F 135 68.38 -11.17 -13.54
C VAL F 135 69.74 -11.59 -13.00
N ILE F 136 70.20 -12.78 -13.39
CA ILE F 136 71.49 -13.26 -12.91
C ILE F 136 72.64 -12.64 -13.71
N VAL F 137 72.60 -12.75 -15.04
CA VAL F 137 73.73 -12.31 -15.85
C VAL F 137 74.00 -10.81 -15.73
N PRO F 138 73.01 -9.92 -15.96
CA PRO F 138 73.31 -8.48 -15.84
C PRO F 138 73.56 -8.04 -14.41
N GLY F 139 72.65 -8.41 -13.50
CA GLY F 139 72.72 -7.89 -12.14
C GLY F 139 73.95 -8.35 -11.38
N SER F 140 74.29 -9.64 -11.50
CA SER F 140 75.40 -10.20 -10.73
C SER F 140 76.72 -10.15 -11.50
N LEU F 141 76.76 -10.78 -12.68
CA LEU F 141 78.02 -10.88 -13.42
C LEU F 141 78.50 -9.55 -13.96
N GLY F 142 77.65 -8.52 -13.97
CA GLY F 142 78.05 -7.21 -14.43
C GLY F 142 78.12 -7.03 -15.93
N ILE F 143 77.74 -8.05 -16.70
CA ILE F 143 77.76 -7.93 -18.16
C ILE F 143 76.61 -7.03 -18.60
N TYR F 144 76.92 -6.02 -19.41
CA TYR F 144 75.93 -5.07 -19.86
C TYR F 144 76.10 -4.79 -21.34
N VAL F 145 74.98 -4.59 -22.03
CA VAL F 145 75.03 -4.10 -23.42
C VAL F 145 75.63 -2.70 -23.41
N PRO F 146 76.54 -2.35 -24.34
CA PRO F 146 77.29 -1.09 -24.23
C PRO F 146 76.47 0.16 -23.93
N THR F 147 75.51 0.50 -24.79
CA THR F 147 74.75 1.74 -24.60
C THR F 147 73.46 1.51 -23.82
N TYR F 148 73.58 0.85 -22.66
CA TYR F 148 72.43 0.58 -21.82
C TYR F 148 72.77 0.93 -20.38
N PRO F 149 71.78 1.33 -19.58
CA PRO F 149 72.05 1.72 -18.20
C PRO F 149 72.65 0.58 -17.40
N GLN F 150 73.59 0.93 -16.52
CA GLN F 150 74.26 -0.05 -15.67
C GLN F 150 73.56 -0.11 -14.31
N GLU F 151 72.37 -0.72 -14.33
CA GLU F 151 71.53 -0.83 -13.14
C GLU F 151 71.38 -2.29 -12.74
N PRO F 152 72.10 -2.76 -11.73
CA PRO F 152 71.95 -4.14 -11.25
C PRO F 152 70.71 -4.33 -10.39
N ASP F 153 69.55 -4.03 -10.96
CA ASP F 153 68.28 -4.09 -10.25
C ASP F 153 67.17 -4.27 -11.26
N PHE F 154 66.48 -5.41 -11.21
CA PHE F 154 65.41 -5.67 -12.17
C PHE F 154 64.15 -4.87 -11.90
N THR F 155 64.02 -4.26 -10.71
CA THR F 155 62.87 -3.41 -10.42
C THR F 155 62.99 -2.02 -11.01
N LYS F 156 64.16 -1.65 -11.55
CA LYS F 156 64.35 -0.36 -12.18
C LYS F 156 64.94 -0.46 -13.59
N ALA F 157 65.49 -1.62 -13.96
CA ALA F 157 66.15 -1.76 -15.26
C ALA F 157 65.18 -1.56 -16.41
N PHE F 158 63.94 -2.04 -16.24
CA PHE F 158 62.95 -1.89 -17.30
C PHE F 158 62.72 -0.43 -17.65
N SER F 159 62.45 0.39 -16.63
CA SER F 159 62.23 1.82 -16.89
C SER F 159 63.51 2.50 -17.37
N ALA F 160 64.66 2.11 -16.79
CA ALA F 160 65.92 2.75 -17.17
C ALA F 160 66.23 2.52 -18.65
N ALA F 161 66.00 1.30 -19.14
CA ALA F 161 66.17 1.03 -20.57
C ALA F 161 65.04 1.59 -21.40
N LEU F 162 63.85 1.72 -20.81
CA LEU F 162 62.72 2.32 -21.51
C LEU F 162 63.01 3.78 -21.85
N GLN F 163 63.76 4.47 -20.99
CA GLN F 163 64.15 5.84 -21.31
C GLN F 163 65.46 5.88 -22.10
N SER F 164 66.47 5.11 -21.68
CA SER F 164 67.80 5.24 -22.27
C SER F 164 67.81 4.80 -23.73
N ASN F 165 67.24 3.63 -24.03
CA ASN F 165 67.19 3.10 -25.38
C ASN F 165 65.74 2.75 -25.70
N PRO F 166 64.90 3.76 -25.98
CA PRO F 166 63.50 3.46 -26.31
C PRO F 166 63.34 2.60 -27.56
N LEU F 167 64.21 2.79 -28.56
CA LEU F 167 64.09 2.02 -29.79
C LEU F 167 64.32 0.54 -29.55
N GLY F 168 65.29 0.20 -28.69
CA GLY F 168 65.54 -1.21 -28.41
C GLY F 168 64.35 -1.88 -27.74
N MET F 169 63.76 -1.22 -26.75
CA MET F 169 62.59 -1.78 -26.09
C MET F 169 61.40 -1.88 -27.04
N ALA F 170 61.23 -0.88 -27.91
CA ALA F 170 60.16 -0.95 -28.89
C ALA F 170 60.33 -2.13 -29.83
N GLN F 171 61.58 -2.36 -30.29
CA GLN F 171 61.83 -3.50 -31.17
C GLN F 171 61.64 -4.82 -30.45
N ILE F 172 62.02 -4.88 -29.18
CA ILE F 172 61.81 -6.11 -28.39
C ILE F 172 60.32 -6.40 -28.28
N ALA F 173 59.53 -5.37 -27.98
CA ALA F 173 58.09 -5.55 -27.87
C ALA F 173 57.49 -5.98 -29.20
N LEU F 174 57.93 -5.38 -30.30
CA LEU F 174 57.42 -5.76 -31.62
C LEU F 174 57.77 -7.20 -31.95
N ALA F 175 59.00 -7.62 -31.66
CA ALA F 175 59.40 -8.99 -31.92
C ALA F 175 58.59 -9.97 -31.08
N VAL F 176 58.35 -9.64 -29.82
CA VAL F 176 57.55 -10.51 -28.95
C VAL F 176 56.14 -10.63 -29.49
N ALA F 177 55.55 -9.49 -29.89
CA ALA F 177 54.19 -9.51 -30.41
C ALA F 177 54.11 -10.33 -31.69
N ILE F 178 55.07 -10.18 -32.59
CA ILE F 178 55.07 -10.94 -33.84
C ILE F 178 55.20 -12.43 -33.55
N ILE F 179 56.13 -12.79 -32.67
CA ILE F 179 56.36 -14.20 -32.35
C ILE F 179 55.10 -14.82 -31.77
N GLU F 180 54.42 -14.11 -30.87
CA GLU F 180 53.23 -14.67 -30.26
C GLU F 180 52.06 -14.73 -31.23
N GLY F 181 51.89 -13.69 -32.05
CA GLY F 181 50.80 -13.69 -33.01
C GLY F 181 50.93 -14.80 -34.04
N HIS F 182 52.17 -15.09 -34.47
CA HIS F 182 52.37 -16.20 -35.39
C HIS F 182 52.06 -17.53 -34.72
N TYR F 183 52.38 -17.67 -33.44
CA TYR F 183 52.17 -18.90 -32.67
C TYR F 183 50.96 -18.79 -31.77
N TYR F 184 49.89 -18.17 -32.28
CA TYR F 184 48.68 -17.92 -31.51
C TYR F 184 48.14 -19.21 -30.89
N ALA F 185 47.81 -19.14 -29.62
CA ALA F 185 47.15 -20.23 -28.90
C ALA F 185 45.84 -19.68 -28.35
N GLY F 186 44.80 -19.70 -29.18
CA GLY F 186 43.50 -19.24 -28.76
C GLY F 186 42.45 -20.32 -28.91
N ASP F 187 42.69 -21.25 -29.84
CA ASP F 187 41.86 -22.44 -29.95
C ASP F 187 42.21 -23.49 -28.91
N PHE F 188 43.28 -23.27 -28.14
CA PHE F 188 43.63 -24.18 -27.06
C PHE F 188 42.70 -24.03 -25.87
N TRP F 189 42.01 -22.89 -25.75
CA TRP F 189 41.13 -22.65 -24.60
C TRP F 189 39.99 -23.66 -24.57
N THR F 190 39.38 -23.93 -25.73
CA THR F 190 38.34 -24.93 -25.84
C THR F 190 38.87 -26.29 -26.29
N GLY F 191 40.19 -26.42 -26.45
CA GLY F 191 40.76 -27.66 -26.94
C GLY F 191 40.70 -27.75 -28.45
N GLY F 192 41.82 -28.08 -29.07
CA GLY F 192 41.91 -28.19 -30.52
C GLY F 192 42.95 -27.26 -31.09
N GLY F 193 43.12 -27.36 -32.40
CA GLY F 193 44.12 -26.59 -33.10
C GLY F 193 45.09 -27.48 -33.86
N ASP F 194 45.80 -26.90 -34.84
CA ASP F 194 46.77 -27.67 -35.61
C ASP F 194 48.07 -27.89 -34.85
N ARG F 195 48.48 -26.91 -34.03
CA ARG F 195 49.76 -27.00 -33.34
C ARG F 195 49.67 -27.95 -32.15
N GLN F 196 50.83 -28.30 -31.63
CA GLN F 196 50.94 -29.05 -30.38
C GLN F 196 51.32 -28.09 -29.26
N VAL F 197 51.45 -28.63 -28.04
CA VAL F 197 51.77 -27.81 -26.89
C VAL F 197 53.23 -27.37 -27.00
N GLY F 198 53.44 -26.08 -27.23
CA GLY F 198 54.79 -25.55 -27.36
C GLY F 198 55.58 -26.12 -28.52
N ALA F 199 54.91 -26.43 -29.64
CA ALA F 199 55.59 -26.99 -30.79
C ALA F 199 56.62 -26.00 -31.35
N PHE F 200 56.14 -24.87 -31.88
CA PHE F 200 56.97 -23.72 -32.25
C PHE F 200 58.05 -24.04 -33.28
N GLY F 201 58.07 -25.25 -33.81
CA GLY F 201 59.16 -25.66 -34.68
C GLY F 201 60.50 -25.55 -33.99
N PHE F 202 61.30 -24.57 -34.43
CA PHE F 202 62.48 -24.06 -33.72
C PHE F 202 63.37 -25.18 -33.18
N ASP F 203 63.99 -25.91 -34.11
CA ASP F 203 65.07 -26.84 -33.80
C ASP F 203 66.26 -26.55 -34.71
N PRO F 204 66.96 -25.41 -34.49
CA PRO F 204 68.10 -25.09 -35.35
C PRO F 204 69.24 -26.10 -35.24
N LEU F 205 69.77 -26.34 -34.04
CA LEU F 205 70.94 -27.19 -33.88
C LEU F 205 70.56 -28.64 -33.61
N GLY F 206 69.62 -29.16 -34.40
CA GLY F 206 69.30 -30.58 -34.45
C GLY F 206 69.37 -31.40 -33.17
N PHE F 207 68.91 -30.83 -32.05
CA PHE F 207 68.98 -31.57 -30.80
C PHE F 207 67.99 -32.72 -30.77
N SER F 208 66.86 -32.59 -31.47
CA SER F 208 65.89 -33.65 -31.63
C SER F 208 65.78 -34.07 -33.09
N LYS F 209 66.93 -34.12 -33.77
CA LYS F 209 66.94 -34.46 -35.20
C LYS F 209 66.40 -35.87 -35.42
N GLY F 210 67.09 -36.88 -34.90
CA GLY F 210 66.56 -38.22 -34.89
C GLY F 210 66.68 -38.85 -33.52
N LYS F 211 65.54 -39.10 -32.87
CA LYS F 211 65.51 -39.64 -31.52
C LYS F 211 64.31 -40.55 -31.37
N SER F 212 64.39 -41.43 -30.37
CA SER F 212 63.25 -42.26 -30.03
C SER F 212 62.16 -41.40 -29.41
N GLU F 213 60.91 -41.89 -29.51
CA GLU F 213 59.78 -41.16 -28.95
C GLU F 213 59.95 -40.97 -27.45
N ALA F 214 60.43 -42.00 -26.75
CA ALA F 214 60.67 -41.88 -25.33
C ALA F 214 61.72 -40.82 -25.03
N ALA F 215 62.75 -40.72 -25.89
CA ALA F 215 63.78 -39.70 -25.70
C ALA F 215 63.20 -38.29 -25.85
N ILE F 216 62.34 -38.09 -26.86
CA ILE F 216 61.72 -36.78 -27.05
C ILE F 216 60.81 -36.45 -25.86
N LYS F 217 60.07 -37.44 -25.38
CA LYS F 217 59.21 -37.22 -24.21
C LYS F 217 60.04 -36.86 -22.98
N SER F 218 61.19 -37.54 -22.81
CA SER F 218 62.07 -37.22 -21.68
C SER F 218 62.64 -35.82 -21.79
N MET F 219 63.02 -35.40 -23.00
CA MET F 219 63.53 -34.04 -23.18
C MET F 219 62.44 -33.01 -22.89
N GLN F 220 61.21 -33.29 -23.33
CA GLN F 220 60.10 -32.39 -23.02
C GLN F 220 59.84 -32.32 -21.51
N LEU F 221 59.93 -33.46 -20.83
CA LEU F 221 59.76 -33.47 -19.39
C LEU F 221 60.85 -32.67 -18.69
N LYS F 222 62.09 -32.80 -19.16
CA LYS F 222 63.17 -32.00 -18.61
C LYS F 222 62.91 -30.52 -18.80
N GLU F 223 62.44 -30.13 -19.99
CA GLU F 223 62.13 -28.73 -20.25
C GLU F 223 61.03 -28.24 -19.32
N ILE F 224 59.98 -29.02 -19.14
CA ILE F 224 58.86 -28.61 -18.29
C ILE F 224 59.31 -28.47 -16.84
N LYS F 225 60.10 -29.42 -16.35
CA LYS F 225 60.56 -29.36 -14.97
C LYS F 225 61.50 -28.19 -14.73
N ASN F 226 62.40 -27.92 -15.70
CA ASN F 226 63.26 -26.76 -15.57
C ASN F 226 62.46 -25.46 -15.62
N GLY F 227 61.42 -25.42 -16.44
CA GLY F 227 60.55 -24.26 -16.45
C GLY F 227 59.84 -24.03 -15.13
N ARG F 228 59.37 -25.12 -14.51
CA ARG F 228 58.75 -25.01 -13.19
C ARG F 228 59.76 -24.51 -12.16
N LEU F 229 60.99 -25.03 -12.22
CA LEU F 229 62.03 -24.58 -11.30
C LEU F 229 62.33 -23.09 -11.49
N ALA F 230 62.36 -22.63 -12.73
CA ALA F 230 62.59 -21.21 -12.99
C ALA F 230 61.42 -20.36 -12.52
N MET F 231 60.19 -20.86 -12.69
CA MET F 231 59.03 -20.18 -12.11
C MET F 231 59.22 -19.99 -10.62
N ILE F 232 59.62 -21.06 -9.93
CA ILE F 232 59.81 -21.00 -8.49
C ILE F 232 60.91 -20.00 -8.12
N ALA F 233 62.00 -20.02 -8.87
CA ALA F 233 63.10 -19.10 -8.60
C ALA F 233 62.68 -17.64 -8.78
N MET F 234 61.93 -17.35 -9.84
CA MET F 234 61.48 -15.97 -10.07
C MET F 234 60.47 -15.54 -9.02
N ALA F 235 59.57 -16.44 -8.63
CA ALA F 235 58.64 -16.14 -7.55
C ALA F 235 59.39 -15.86 -6.26
N ALA F 236 60.48 -16.61 -6.01
CA ALA F 236 61.30 -16.37 -4.83
C ALA F 236 61.97 -15.01 -4.90
N PHE F 237 62.48 -14.63 -6.08
CA PHE F 237 63.03 -13.29 -6.26
C PHE F 237 62.01 -12.22 -5.89
N ALA F 238 60.81 -12.33 -6.46
CA ALA F 238 59.77 -11.34 -6.21
C ALA F 238 59.38 -11.31 -4.73
N SER F 239 59.27 -12.48 -4.11
CA SER F 239 58.89 -12.55 -2.70
C SER F 239 59.94 -11.92 -1.80
N GLU F 240 61.22 -12.21 -2.05
CA GLU F 240 62.28 -11.62 -1.23
C GLU F 240 62.35 -10.12 -1.43
N LYS F 241 62.12 -9.64 -2.65
CA LYS F 241 62.08 -8.20 -2.86
C LYS F 241 60.92 -7.55 -2.12
N PHE F 242 59.76 -8.21 -2.09
CA PHE F 242 58.60 -7.66 -1.41
C PHE F 242 58.67 -7.89 0.09
N ILE F 243 58.72 -9.15 0.51
CA ILE F 243 58.80 -9.51 1.92
C ILE F 243 60.24 -9.93 2.22
N PRO F 244 61.03 -9.09 2.90
CA PRO F 244 62.43 -9.46 3.16
C PRO F 244 62.51 -10.70 4.04
N GLY F 245 63.54 -11.51 3.80
CA GLY F 245 63.71 -12.73 4.55
C GLY F 245 62.80 -13.87 4.14
N SER F 246 62.10 -13.81 3.00
CA SER F 246 61.18 -14.89 2.66
C SER F 246 61.94 -16.06 2.13
N VAL F 247 63.01 -15.84 1.39
CA VAL F 247 63.89 -16.91 0.96
C VAL F 247 65.21 -16.75 1.71
N PRO F 248 65.53 -17.64 2.66
CA PRO F 248 66.70 -17.39 3.52
C PRO F 248 68.03 -17.42 2.78
N LEU F 249 68.28 -18.45 1.99
CA LEU F 249 69.57 -18.64 1.35
C LEU F 249 69.77 -17.76 0.11
N LEU F 250 68.75 -17.00 -0.30
CA LEU F 250 68.82 -16.31 -1.59
C LEU F 250 69.98 -15.33 -1.64
N HIS F 251 70.09 -14.45 -0.65
CA HIS F 251 71.16 -13.45 -0.67
C HIS F 251 72.53 -14.06 -0.41
N SER F 252 72.58 -15.28 0.14
CA SER F 252 73.83 -16.00 0.29
C SER F 252 74.18 -16.83 -0.94
N ALA F 253 73.25 -16.95 -1.90
CA ALA F 253 73.50 -17.67 -3.13
C ALA F 253 73.62 -16.76 -4.34
N PHE F 254 73.18 -15.51 -4.23
CA PHE F 254 73.44 -14.48 -5.24
C PHE F 254 74.00 -13.29 -4.48
N PRO F 255 75.28 -13.32 -4.13
CA PRO F 255 75.83 -12.33 -3.20
C PRO F 255 75.65 -10.90 -3.65
N THR F 256 75.69 -10.64 -4.95
CA THR F 256 75.42 -9.32 -5.48
C THR F 256 73.95 -9.21 -5.87
N LEU F 257 73.46 -7.97 -5.92
CA LEU F 257 72.06 -7.71 -6.23
C LEU F 257 71.71 -8.19 -7.63
N SER G 35 -79.62 -9.43 50.50
CA SER G 35 -78.73 -9.48 51.65
C SER G 35 -79.50 -9.35 52.95
N LYS G 36 -78.78 -9.42 54.07
CA LYS G 36 -79.36 -9.19 55.39
C LYS G 36 -78.98 -7.83 55.95
N ALA G 37 -78.05 -7.12 55.31
CA ALA G 37 -77.74 -5.74 55.64
C ALA G 37 -77.60 -4.97 54.33
N VAL G 38 -77.94 -3.68 54.36
CA VAL G 38 -78.03 -2.86 53.17
C VAL G 38 -78.98 -3.57 52.19
N PRO G 39 -80.29 -3.61 52.48
CA PRO G 39 -81.19 -4.46 51.69
C PRO G 39 -81.36 -4.02 50.24
N PHE G 40 -81.03 -2.78 49.89
CA PHE G 40 -81.21 -2.34 48.51
C PHE G 40 -80.08 -2.79 47.60
N LEU G 41 -79.07 -3.47 48.14
CA LEU G 41 -78.07 -4.16 47.35
C LEU G 41 -78.20 -5.66 47.60
N GLU G 42 -78.31 -6.44 46.52
CA GLU G 42 -78.61 -7.86 46.66
C GLU G 42 -77.50 -8.58 47.42
N ALA G 43 -76.30 -8.62 46.85
CA ALA G 43 -75.16 -9.32 47.42
C ALA G 43 -73.94 -8.99 46.59
N PRO G 44 -72.74 -9.09 47.16
CA PRO G 44 -71.53 -8.84 46.37
C PRO G 44 -71.42 -9.77 45.17
N LYS G 45 -71.35 -11.08 45.45
CA LYS G 45 -71.27 -12.16 44.48
C LYS G 45 -70.79 -13.44 45.16
N ALA G 46 -69.88 -13.31 46.11
CA ALA G 46 -69.24 -14.45 46.76
C ALA G 46 -69.63 -14.61 48.22
N LEU G 47 -70.42 -13.68 48.77
CA LEU G 47 -70.85 -13.78 50.16
C LEU G 47 -72.10 -14.67 50.28
N ASP G 48 -71.92 -15.94 49.90
CA ASP G 48 -73.02 -16.89 49.96
C ASP G 48 -73.43 -17.19 51.39
N GLY G 49 -72.46 -17.30 52.30
CA GLY G 49 -72.76 -17.65 53.67
C GLY G 49 -71.87 -18.76 54.19
N SER G 50 -70.95 -19.22 53.35
CA SER G 50 -70.03 -20.28 53.76
C SER G 50 -69.00 -19.81 54.78
N LEU G 51 -68.86 -18.52 54.99
CA LEU G 51 -67.95 -17.99 55.99
C LEU G 51 -68.72 -17.55 57.24
N PRO G 52 -68.17 -17.77 58.42
CA PRO G 52 -68.85 -17.35 59.64
C PRO G 52 -68.95 -15.84 59.74
N ALA G 53 -69.89 -15.40 60.59
CA ALA G 53 -70.15 -13.97 60.82
C ALA G 53 -70.55 -13.25 59.53
N ASP G 54 -71.20 -13.96 58.62
CA ASP G 54 -71.60 -13.40 57.34
C ASP G 54 -73.00 -12.81 57.46
N VAL G 55 -73.13 -11.52 57.16
CA VAL G 55 -74.43 -10.88 57.04
C VAL G 55 -74.67 -10.32 55.65
N GLY G 56 -73.63 -10.23 54.82
CA GLY G 56 -73.77 -9.72 53.47
C GLY G 56 -73.36 -8.28 53.27
N PHE G 57 -72.78 -7.65 54.29
CA PHE G 57 -72.42 -6.23 54.21
C PHE G 57 -71.11 -6.09 53.45
N ASP G 58 -71.21 -5.64 52.20
CA ASP G 58 -70.04 -5.32 51.38
C ASP G 58 -70.49 -4.40 50.25
N PRO G 59 -70.78 -3.12 50.55
CA PRO G 59 -71.33 -2.23 49.51
C PRO G 59 -70.41 -2.04 48.31
N LEU G 60 -69.11 -2.01 48.53
CA LEU G 60 -68.17 -1.74 47.44
C LEU G 60 -67.83 -2.98 46.62
N GLY G 61 -68.34 -4.15 46.99
CA GLY G 61 -68.03 -5.36 46.26
C GLY G 61 -66.55 -5.70 46.27
N LEU G 62 -65.89 -5.52 47.41
CA LEU G 62 -64.47 -5.78 47.50
C LEU G 62 -64.14 -7.27 47.52
N SER G 63 -65.12 -8.12 47.78
CA SER G 63 -64.90 -9.56 47.86
C SER G 63 -64.95 -10.24 46.50
N ASP G 64 -64.75 -9.50 45.41
CA ASP G 64 -64.79 -10.05 44.07
C ASP G 64 -63.55 -9.74 43.25
N ILE G 65 -62.51 -9.18 43.87
CA ILE G 65 -61.27 -8.91 43.15
C ILE G 65 -60.64 -10.24 42.74
N GLY G 66 -60.27 -10.34 41.47
CA GLY G 66 -59.67 -11.56 40.96
C GLY G 66 -58.23 -11.78 41.34
N PHE G 67 -57.59 -10.79 41.97
CA PHE G 67 -56.19 -10.92 42.34
C PHE G 67 -56.05 -11.87 43.51
N ASP G 68 -55.20 -12.89 43.35
CA ASP G 68 -54.88 -13.82 44.43
C ASP G 68 -53.80 -13.18 45.28
N PHE G 69 -54.17 -12.72 46.47
CA PHE G 69 -53.25 -11.95 47.30
C PHE G 69 -52.13 -12.80 47.89
N THR G 70 -52.20 -14.12 47.78
CA THR G 70 -51.06 -14.95 48.15
C THR G 70 -49.84 -14.62 47.30
N TYR G 71 -50.06 -14.09 46.09
CA TYR G 71 -48.95 -13.66 45.25
C TYR G 71 -48.25 -12.43 45.80
N LEU G 72 -48.85 -11.72 46.75
CA LEU G 72 -48.10 -10.71 47.48
C LEU G 72 -47.05 -11.33 48.39
N MET G 73 -47.22 -12.60 48.76
CA MET G 73 -46.23 -13.31 49.55
C MET G 73 -45.28 -14.09 48.65
N VAL G 74 -45.81 -15.02 47.87
CA VAL G 74 -45.02 -15.76 46.88
C VAL G 74 -45.32 -15.14 45.52
N PRO G 75 -44.44 -14.26 45.02
CA PRO G 75 -44.79 -13.49 43.81
C PRO G 75 -45.08 -14.35 42.59
N THR G 76 -44.46 -15.51 42.49
CA THR G 76 -44.68 -16.40 41.36
C THR G 76 -45.57 -17.58 41.77
N LYS G 77 -46.12 -18.25 40.76
CA LYS G 77 -46.90 -19.45 41.01
C LYS G 77 -46.09 -20.49 41.76
N TRP G 78 -44.79 -20.56 41.49
CA TRP G 78 -43.85 -21.43 42.21
C TRP G 78 -44.20 -22.89 42.07
N ASP G 79 -45.34 -23.30 42.63
CA ASP G 79 -45.78 -24.69 42.62
C ASP G 79 -46.79 -24.89 41.50
N GLU G 80 -46.69 -26.02 40.81
CA GLU G 80 -47.65 -26.35 39.77
C GLU G 80 -49.01 -26.74 40.34
N SER G 81 -49.07 -27.08 41.63
CA SER G 81 -50.33 -27.40 42.28
C SER G 81 -51.00 -26.17 42.90
N ARG G 82 -50.41 -24.99 42.73
CA ARG G 82 -50.99 -23.78 43.29
C ARG G 82 -52.22 -23.36 42.49
N THR G 83 -53.37 -23.93 42.84
CA THR G 83 -54.60 -23.59 42.13
C THR G 83 -54.97 -22.12 42.34
N GLY G 84 -54.75 -21.60 43.54
CA GLY G 84 -55.05 -20.21 43.83
C GLY G 84 -55.94 -20.04 45.05
N LEU G 85 -55.90 -18.87 45.65
CA LEU G 85 -56.71 -18.56 46.81
C LEU G 85 -57.65 -17.40 46.47
N SER G 86 -58.93 -17.58 46.79
CA SER G 86 -59.90 -16.52 46.54
C SER G 86 -59.59 -15.30 47.40
N ALA G 87 -59.88 -14.12 46.85
CA ALA G 87 -59.66 -12.89 47.60
C ALA G 87 -60.53 -12.83 48.85
N LEU G 88 -61.69 -13.50 48.83
CA LEU G 88 -62.56 -13.52 50.00
C LEU G 88 -61.91 -14.24 51.17
N LYS G 89 -61.27 -15.39 50.91
CA LYS G 89 -60.62 -16.13 51.99
C LYS G 89 -59.43 -15.36 52.54
N TRP G 90 -58.65 -14.72 51.66
CA TRP G 90 -57.55 -13.88 52.13
C TRP G 90 -58.07 -12.72 52.97
N PHE G 91 -59.19 -12.12 52.56
CA PHE G 91 -59.77 -11.03 53.33
C PHE G 91 -60.29 -11.51 54.67
N ARG G 92 -60.84 -12.73 54.72
CA ARG G 92 -61.30 -13.27 56.00
C ARG G 92 -60.12 -13.51 56.93
N GLU G 93 -59.03 -14.07 56.42
CA GLU G 93 -57.84 -14.25 57.23
C GLU G 93 -57.30 -12.91 57.73
N ALA G 94 -57.27 -11.92 56.85
CA ALA G 94 -56.80 -10.59 57.24
C ALA G 94 -57.71 -9.96 58.29
N GLU G 95 -59.03 -10.14 58.15
CA GLU G 95 -59.97 -9.59 59.11
C GLU G 95 -59.81 -10.25 60.48
N ILE G 96 -59.65 -11.57 60.52
CA ILE G 96 -59.46 -12.25 61.79
C ILE G 96 -58.16 -11.80 62.44
N LYS G 97 -57.08 -11.71 61.65
CA LYS G 97 -55.80 -11.26 62.19
C LYS G 97 -55.88 -9.83 62.69
N HIS G 98 -56.55 -8.95 61.94
CA HIS G 98 -56.75 -7.58 62.37
C HIS G 98 -57.53 -7.52 63.67
N GLY G 99 -58.57 -8.34 63.79
CA GLY G 99 -59.36 -8.33 65.00
C GLY G 99 -58.57 -8.78 66.21
N ARG G 100 -57.79 -9.85 66.07
CA ARG G 100 -56.96 -10.30 67.18
C ARG G 100 -55.93 -9.24 67.57
N PHE G 101 -55.28 -8.65 66.56
CA PHE G 101 -54.31 -7.59 66.83
C PHE G 101 -54.97 -6.41 67.56
N ALA G 102 -56.15 -6.01 67.12
CA ALA G 102 -56.83 -4.86 67.72
C ALA G 102 -57.30 -5.15 69.14
N MET G 103 -57.77 -6.38 69.38
CA MET G 103 -58.18 -6.76 70.73
C MET G 103 -57.00 -6.70 71.70
N LEU G 104 -55.88 -7.32 71.31
CA LEU G 104 -54.69 -7.25 72.15
C LEU G 104 -54.20 -5.82 72.30
N ALA G 105 -54.31 -5.02 71.23
CA ALA G 105 -53.84 -3.65 71.25
C ALA G 105 -54.66 -2.79 72.20
N VAL G 106 -55.98 -2.91 72.16
CA VAL G 106 -56.81 -2.12 73.08
C VAL G 106 -56.58 -2.57 74.51
N LEU G 107 -56.39 -3.88 74.72
CA LEU G 107 -56.06 -4.34 76.07
C LEU G 107 -54.77 -3.70 76.57
N GLY G 108 -53.73 -3.68 75.73
CA GLY G 108 -52.47 -3.08 76.14
C GLY G 108 -52.56 -1.58 76.35
N TRP G 109 -53.24 -0.87 75.45
CA TRP G 109 -53.35 0.58 75.56
C TRP G 109 -54.16 0.97 76.80
N VAL G 110 -55.22 0.22 77.09
CA VAL G 110 -55.99 0.49 78.31
C VAL G 110 -55.16 0.16 79.55
N ALA G 111 -54.34 -0.89 79.48
CA ALA G 111 -53.51 -1.26 80.62
C ALA G 111 -52.52 -0.16 80.97
N VAL G 112 -51.85 0.42 79.96
CA VAL G 112 -50.85 1.46 80.23
C VAL G 112 -51.46 2.80 80.57
N ASP G 113 -52.77 2.96 80.40
CA ASP G 113 -53.44 4.17 80.88
C ASP G 113 -53.69 4.12 82.38
N MET G 114 -53.98 2.93 82.91
CA MET G 114 -54.25 2.76 84.33
C MET G 114 -53.04 2.24 85.10
N GLY G 115 -51.84 2.45 84.58
CA GLY G 115 -50.63 2.00 85.24
C GLY G 115 -50.15 0.68 84.66
N LEU G 116 -49.95 -0.32 85.53
CA LEU G 116 -49.66 -1.68 85.12
C LEU G 116 -48.41 -1.73 84.23
N ARG G 117 -47.28 -1.42 84.85
CA ARG G 117 -45.99 -1.47 84.17
C ARG G 117 -45.30 -2.81 84.45
N LEU G 118 -44.46 -3.23 83.52
CA LEU G 118 -43.78 -4.51 83.65
C LEU G 118 -42.83 -4.48 84.85
N PRO G 119 -42.74 -5.58 85.60
CA PRO G 119 -41.87 -5.59 86.80
C PRO G 119 -40.39 -5.57 86.43
N VAL G 120 -39.96 -4.45 85.86
CA VAL G 120 -38.56 -4.27 85.46
C VAL G 120 -38.34 -2.78 85.29
N ALA G 121 -37.07 -2.38 85.27
CA ALA G 121 -36.71 -0.98 85.11
C ALA G 121 -37.10 -0.50 83.71
N LYS G 122 -36.77 0.76 83.42
CA LYS G 122 -36.85 1.41 82.11
C LYS G 122 -38.27 1.45 81.54
N TYR G 123 -39.25 0.99 82.32
CA TYR G 123 -40.66 1.15 81.97
C TYR G 123 -41.31 1.92 83.11
N ALA G 124 -41.18 3.25 83.10
CA ALA G 124 -41.64 4.04 84.24
C ALA G 124 -43.11 4.42 84.14
N GLY G 125 -43.44 5.37 83.26
CA GLY G 125 -44.82 5.82 83.15
C GLY G 125 -45.25 6.41 81.82
N TYR G 126 -44.40 6.34 80.81
CA TYR G 126 -44.51 7.28 79.70
C TYR G 126 -45.68 6.98 78.77
N ASN G 127 -46.89 6.96 79.34
CA ASN G 127 -48.18 6.82 78.65
C ASN G 127 -48.16 5.79 77.53
N ALA G 128 -49.01 5.98 76.53
CA ALA G 128 -49.01 5.17 75.32
C ALA G 128 -48.75 5.97 74.06
N VAL G 129 -49.02 7.28 74.09
CA VAL G 129 -48.74 8.12 72.93
C VAL G 129 -47.25 8.41 72.79
N GLN G 130 -46.46 8.17 73.84
CA GLN G 130 -45.03 8.41 73.81
C GLN G 130 -44.19 7.19 74.15
N ALA G 131 -44.78 6.14 74.74
CA ALA G 131 -44.00 4.95 75.07
C ALA G 131 -43.50 4.25 73.81
N HIS G 132 -44.28 4.28 72.74
CA HIS G 132 -43.88 3.62 71.51
C HIS G 132 -42.55 4.15 71.01
N ASP G 133 -42.40 5.47 70.92
CA ASP G 133 -41.17 6.05 70.40
C ASP G 133 -40.00 5.81 71.34
N VAL G 134 -40.21 5.99 72.65
CA VAL G 134 -39.09 5.84 73.59
C VAL G 134 -38.62 4.40 73.65
N PHE G 135 -39.52 3.44 73.40
CA PHE G 135 -39.09 2.05 73.40
C PHE G 135 -38.52 1.64 72.04
N VAL G 136 -38.97 2.25 70.95
CA VAL G 136 -38.30 2.08 69.67
C VAL G 136 -36.85 2.55 69.78
N LYS G 137 -36.64 3.64 70.53
CA LYS G 137 -35.28 4.09 70.80
C LYS G 137 -34.50 3.07 71.61
N SER G 138 -35.14 2.45 72.60
CA SER G 138 -34.43 1.55 73.52
C SER G 138 -34.47 0.10 73.04
N GLY G 139 -34.17 -0.09 71.76
CA GLY G 139 -33.77 -1.39 71.22
C GLY G 139 -34.61 -2.62 71.50
N ASP G 140 -35.79 -2.48 72.10
CA ASP G 140 -36.63 -3.64 72.37
C ASP G 140 -37.85 -3.73 71.47
N MET G 141 -38.32 -2.61 70.92
CA MET G 141 -39.34 -2.69 69.88
C MET G 141 -38.80 -3.39 68.65
N THR G 142 -37.49 -3.28 68.38
CA THR G 142 -36.90 -4.06 67.30
C THR G 142 -36.95 -5.55 67.59
N VAL G 143 -36.71 -5.94 68.85
CA VAL G 143 -36.82 -7.35 69.23
C VAL G 143 -38.26 -7.83 69.07
N GLY G 144 -39.22 -7.00 69.49
CA GLY G 144 -40.61 -7.34 69.29
C GLY G 144 -40.97 -7.48 67.82
N LEU G 145 -40.42 -6.59 66.99
CA LEU G 145 -40.63 -6.68 65.55
C LEU G 145 -40.09 -8.00 65.01
N LEU G 146 -38.89 -8.40 65.45
CA LEU G 146 -38.31 -9.65 64.97
C LEU G 146 -39.16 -10.85 65.38
N ALA G 147 -39.60 -10.88 66.65
CA ALA G 147 -40.38 -12.02 67.12
C ALA G 147 -41.73 -12.10 66.43
N ILE G 148 -42.42 -10.95 66.33
CA ILE G 148 -43.71 -10.93 65.66
C ILE G 148 -43.56 -11.30 64.20
N GLY G 149 -42.47 -10.86 63.56
CA GLY G 149 -42.23 -11.22 62.18
C GLY G 149 -41.97 -12.71 62.01
N PHE G 150 -41.26 -13.31 62.96
CA PHE G 150 -41.05 -14.77 62.91
C PHE G 150 -42.38 -15.51 62.97
N LEU G 151 -43.23 -15.14 63.94
CA LEU G 151 -44.54 -15.78 64.03
C LEU G 151 -45.38 -15.52 62.79
N GLU G 152 -45.33 -14.29 62.27
CA GLU G 152 -46.09 -13.94 61.07
C GLU G 152 -45.61 -14.73 59.87
N VAL G 153 -44.30 -14.96 59.75
CA VAL G 153 -43.78 -15.73 58.64
C VAL G 153 -44.24 -17.18 58.71
N VAL G 154 -44.23 -17.77 59.92
CA VAL G 154 -44.70 -19.15 60.04
C VAL G 154 -46.17 -19.25 59.66
N MET G 155 -47.00 -18.36 60.20
CA MET G 155 -48.42 -18.45 59.91
C MET G 155 -48.75 -17.99 58.49
N GLY G 156 -47.90 -17.18 57.88
CA GLY G 156 -48.08 -16.87 56.47
C GLY G 156 -47.69 -18.03 55.57
N ALA G 157 -46.73 -18.85 56.02
CA ALA G 157 -46.50 -20.12 55.35
C ALA G 157 -47.75 -20.99 55.44
N ALA G 158 -48.44 -20.94 56.57
CA ALA G 158 -49.73 -21.61 56.68
C ALA G 158 -50.73 -21.07 55.64
N ILE G 159 -50.79 -19.75 55.50
CA ILE G 159 -51.68 -19.14 54.51
C ILE G 159 -51.32 -19.60 53.10
N TYR G 160 -50.02 -19.65 52.80
CA TYR G 160 -49.57 -20.09 51.48
C TYR G 160 -49.94 -21.54 51.22
N GLU G 161 -49.83 -22.40 52.24
CA GLU G 161 -50.26 -23.79 52.07
C GLU G 161 -51.76 -23.86 51.82
N MET G 162 -52.53 -23.00 52.49
CA MET G 162 -53.96 -22.91 52.23
C MET G 162 -54.22 -22.54 50.79
N SER G 163 -53.45 -21.60 50.24
CA SER G 163 -53.57 -21.26 48.83
C SER G 163 -53.20 -22.46 47.95
N LYS G 164 -52.17 -23.21 48.35
CA LYS G 164 -51.79 -24.41 47.62
C LYS G 164 -52.92 -25.43 47.62
N GLY G 165 -53.78 -25.41 48.62
CA GLY G 165 -54.95 -26.28 48.63
C GLY G 165 -55.09 -27.14 49.86
N SER G 166 -54.49 -26.72 50.97
CA SER G 166 -54.71 -27.42 52.22
C SER G 166 -56.11 -27.12 52.76
N ASP G 167 -56.64 -28.08 53.53
CA ASP G 167 -57.99 -27.94 54.05
C ASP G 167 -58.11 -26.89 55.14
N ARG G 168 -56.99 -26.34 55.62
CA ARG G 168 -57.03 -25.34 56.68
C ARG G 168 -57.85 -24.13 56.25
N ALA G 169 -58.75 -23.70 57.13
CA ALA G 169 -59.57 -22.53 56.88
C ALA G 169 -58.88 -21.27 57.36
N ALA G 170 -59.39 -20.13 56.91
CA ALA G 170 -58.79 -18.84 57.24
C ALA G 170 -58.85 -18.59 58.74
N GLY G 171 -57.71 -18.19 59.31
CA GLY G 171 -57.63 -17.90 60.73
C GLY G 171 -57.55 -19.11 61.63
N GLU G 172 -57.52 -20.33 61.07
CA GLU G 172 -57.51 -21.55 61.85
C GLU G 172 -56.07 -22.03 62.02
N PHE G 173 -55.49 -21.73 63.18
CA PHE G 173 -54.16 -22.20 63.53
C PHE G 173 -54.19 -23.37 64.49
N SER G 174 -55.38 -23.94 64.72
CA SER G 174 -55.55 -25.11 65.59
C SER G 174 -55.01 -24.84 66.99
N PHE G 175 -55.19 -23.62 67.48
CA PHE G 175 -54.70 -23.20 68.79
C PHE G 175 -55.85 -23.26 69.79
N ASP G 176 -56.03 -24.43 70.40
CA ASP G 176 -57.01 -24.63 71.46
C ASP G 176 -56.35 -25.37 72.62
N PRO G 177 -55.43 -24.71 73.34
CA PRO G 177 -54.74 -25.40 74.44
C PRO G 177 -55.65 -25.71 75.62
N LEU G 178 -56.44 -24.72 76.05
CA LEU G 178 -57.33 -24.93 77.18
C LEU G 178 -58.52 -25.80 76.82
N GLY G 179 -58.84 -25.93 75.54
CA GLY G 179 -59.85 -26.87 75.11
C GLY G 179 -61.28 -26.38 75.09
N LEU G 180 -61.50 -25.06 75.14
CA LEU G 180 -62.87 -24.55 75.03
C LEU G 180 -63.25 -24.32 73.57
N GLY G 181 -62.98 -25.32 72.74
CA GLY G 181 -63.21 -25.19 71.31
C GLY G 181 -63.93 -26.37 70.72
N LYS G 182 -64.23 -27.36 71.55
CA LYS G 182 -65.01 -28.52 71.13
C LYS G 182 -66.48 -28.12 71.08
N ASP G 183 -67.37 -29.12 70.94
CA ASP G 183 -68.81 -28.87 70.79
C ASP G 183 -69.05 -27.92 69.62
N PRO G 184 -68.95 -28.42 68.36
CA PRO G 184 -68.98 -27.55 67.17
C PRO G 184 -69.90 -26.34 67.23
N SER G 185 -71.06 -26.46 67.88
CA SER G 185 -71.91 -25.29 68.08
C SER G 185 -71.18 -24.21 68.86
N LYS G 186 -70.49 -24.60 69.93
CA LYS G 186 -69.69 -23.64 70.69
C LYS G 186 -68.59 -23.05 69.82
N TYR G 187 -67.97 -23.86 68.97
CA TYR G 187 -66.92 -23.34 68.09
C TYR G 187 -67.47 -22.30 67.12
N ALA G 188 -68.65 -22.56 66.54
CA ALA G 188 -69.23 -21.59 65.61
C ALA G 188 -69.63 -20.30 66.34
N ARG G 189 -70.22 -20.44 67.53
CA ARG G 189 -70.58 -19.26 68.30
C ARG G 189 -69.35 -18.45 68.67
N TYR G 190 -68.28 -19.12 69.10
CA TYR G 190 -67.04 -18.43 69.44
C TYR G 190 -66.39 -17.81 68.20
N GLN G 191 -66.53 -18.45 67.04
CA GLN G 191 -66.07 -17.84 65.80
C GLN G 191 -66.74 -16.49 65.59
N VAL G 192 -68.07 -16.52 65.41
CA VAL G 192 -68.81 -15.28 65.16
C VAL G 192 -68.51 -14.25 66.24
N SER G 193 -68.35 -14.72 67.49
CA SER G 193 -67.99 -13.83 68.59
C SER G 193 -66.64 -13.18 68.33
N GLU G 194 -65.65 -13.97 67.90
CA GLU G 194 -64.31 -13.44 67.70
C GLU G 194 -64.28 -12.41 66.57
N ILE G 195 -64.97 -12.70 65.47
CA ILE G 195 -64.97 -11.74 64.36
C ILE G 195 -65.72 -10.46 64.73
N LYS G 196 -66.87 -10.57 65.40
CA LYS G 196 -67.59 -9.37 65.81
C LYS G 196 -66.78 -8.55 66.82
N ASN G 197 -66.17 -9.23 67.80
CA ASN G 197 -65.34 -8.55 68.77
C ASN G 197 -64.14 -7.90 68.10
N GLY G 198 -63.60 -8.54 67.06
CA GLY G 198 -62.48 -7.95 66.35
C GLY G 198 -62.87 -6.70 65.60
N ARG G 199 -64.05 -6.69 64.97
CA ARG G 199 -64.53 -5.47 64.32
C ARG G 199 -64.72 -4.36 65.34
N LEU G 200 -65.36 -4.68 66.47
CA LEU G 200 -65.55 -3.69 67.53
C LEU G 200 -64.21 -3.17 68.03
N ALA G 201 -63.23 -4.06 68.20
CA ALA G 201 -61.93 -3.66 68.71
C ALA G 201 -61.14 -2.84 67.71
N MET G 202 -61.27 -3.15 66.42
CA MET G 202 -60.65 -2.30 65.39
C MET G 202 -61.17 -0.89 65.50
N LEU G 203 -62.50 -0.74 65.52
CA LEU G 203 -63.08 0.61 65.59
C LEU G 203 -62.73 1.30 66.90
N ALA G 204 -62.74 0.55 68.00
CA ALA G 204 -62.42 1.12 69.30
C ALA G 204 -60.97 1.58 69.37
N PHE G 205 -60.04 0.80 68.80
CA PHE G 205 -58.64 1.23 68.77
C PHE G 205 -58.47 2.45 67.88
N GLY G 206 -59.17 2.50 66.75
CA GLY G 206 -59.13 3.69 65.93
C GLY G 206 -59.56 4.92 66.70
N GLY G 207 -60.66 4.79 67.45
CA GLY G 207 -61.11 5.91 68.28
C GLY G 207 -60.11 6.27 69.36
N ILE G 208 -59.58 5.26 70.05
CA ILE G 208 -58.68 5.51 71.18
C ILE G 208 -57.41 6.21 70.71
N ALA G 209 -56.83 5.72 69.61
CA ALA G 209 -55.64 6.36 69.06
C ALA G 209 -55.96 7.74 68.50
N THR G 210 -57.14 7.92 67.91
CA THR G 210 -57.50 9.23 67.39
C THR G 210 -57.82 10.21 68.52
N GLN G 211 -58.55 9.75 69.53
CA GLN G 211 -58.91 10.60 70.67
C GLN G 211 -57.76 10.81 71.64
N ALA G 212 -56.69 10.02 71.53
CA ALA G 212 -55.64 9.97 72.55
C ALA G 212 -56.22 9.64 73.93
N VAL G 213 -57.28 8.83 73.93
CA VAL G 213 -57.98 8.36 75.13
C VAL G 213 -58.73 9.50 75.81
N LEU G 214 -60.01 9.30 76.05
CA LEU G 214 -60.83 10.21 76.84
C LEU G 214 -61.44 9.57 78.08
N THR G 215 -61.72 8.26 78.05
CA THR G 215 -62.35 7.61 79.18
C THR G 215 -61.40 7.38 80.35
N ASN G 216 -60.09 7.31 80.09
CA ASN G 216 -59.13 7.04 81.14
C ASN G 216 -57.98 8.03 81.20
N SER G 217 -57.92 9.00 80.28
CA SER G 217 -56.85 9.99 80.26
C SER G 217 -57.33 11.19 79.45
N GLY G 218 -56.42 12.11 79.18
CA GLY G 218 -56.77 13.32 78.46
C GLY G 218 -56.09 13.47 77.11
N PHE G 219 -56.63 14.33 76.26
CA PHE G 219 -56.06 14.59 74.94
C PHE G 219 -54.69 15.24 75.06
N LYS H 36 54.33 -13.30 -70.53
CA LYS H 36 53.05 -13.19 -71.22
C LYS H 36 52.67 -11.74 -71.46
N SER H 37 53.16 -10.85 -70.61
CA SER H 37 52.83 -9.44 -70.73
C SER H 37 53.58 -8.80 -71.89
N LYS H 38 52.94 -7.80 -72.51
CA LYS H 38 53.56 -7.10 -73.63
C LYS H 38 54.51 -6.02 -73.14
N ALA H 39 54.15 -5.32 -72.07
CA ALA H 39 55.02 -4.27 -71.55
C ALA H 39 56.17 -4.84 -70.70
N VAL H 40 55.87 -5.78 -69.82
CA VAL H 40 56.89 -6.38 -68.97
C VAL H 40 57.09 -7.83 -69.40
N PRO H 41 58.10 -8.12 -70.21
CA PRO H 41 58.30 -9.51 -70.67
C PRO H 41 58.57 -10.49 -69.54
N PHE H 42 59.23 -10.04 -68.47
CA PHE H 42 59.54 -10.94 -67.36
C PHE H 42 58.27 -11.36 -66.62
N LEU H 43 57.53 -10.38 -66.09
CA LEU H 43 56.36 -10.68 -65.30
C LEU H 43 55.21 -11.15 -66.20
N PRO H 44 54.33 -12.00 -65.67
CA PRO H 44 53.21 -12.49 -66.48
C PRO H 44 52.20 -11.39 -66.78
N ARG H 45 51.39 -11.63 -67.81
CA ARG H 45 50.38 -10.67 -68.20
C ARG H 45 49.34 -10.52 -67.09
N PRO H 46 48.89 -9.31 -66.81
CA PRO H 46 47.85 -9.13 -65.79
C PRO H 46 46.57 -9.86 -66.17
N ALA H 47 45.90 -10.41 -65.17
CA ALA H 47 44.72 -11.24 -65.42
C ALA H 47 43.55 -10.43 -65.96
N ALA H 48 43.41 -9.18 -65.53
CA ALA H 48 42.26 -8.36 -65.91
C ALA H 48 42.50 -7.58 -67.20
N LEU H 49 43.71 -7.61 -67.74
CA LEU H 49 44.04 -6.85 -68.96
C LEU H 49 44.19 -7.83 -70.11
N ASP H 50 43.16 -7.93 -70.94
CA ASP H 50 43.20 -8.73 -72.17
C ASP H 50 43.16 -7.87 -73.42
N GLY H 51 42.16 -7.00 -73.55
CA GLY H 51 42.07 -6.10 -74.68
C GLY H 51 41.21 -4.90 -74.40
N SER H 52 41.75 -3.71 -74.63
CA SER H 52 41.01 -2.47 -74.48
C SER H 52 41.69 -1.41 -75.34
N VAL H 53 40.89 -0.65 -76.07
CA VAL H 53 41.40 0.32 -77.03
C VAL H 53 42.05 1.50 -76.32
N VAL H 54 42.05 1.45 -74.98
CA VAL H 54 42.69 2.48 -74.16
C VAL H 54 44.20 2.36 -74.10
N GLY H 55 44.79 1.39 -74.82
CA GLY H 55 46.23 1.24 -74.81
C GLY H 55 46.70 0.12 -73.90
N ASP H 56 46.00 -1.02 -73.94
CA ASP H 56 46.33 -2.16 -73.09
C ASP H 56 47.59 -2.82 -73.62
N VAL H 57 48.72 -2.54 -72.98
CA VAL H 57 49.97 -3.22 -73.27
C VAL H 57 50.38 -4.13 -72.10
N GLY H 58 49.44 -4.43 -71.21
CA GLY H 58 49.69 -5.32 -70.10
C GLY H 58 50.71 -4.83 -69.10
N PHE H 59 50.65 -3.54 -68.73
CA PHE H 59 51.57 -2.97 -67.75
C PHE H 59 50.81 -2.81 -66.43
N ASP H 60 50.96 -3.80 -65.55
CA ASP H 60 50.41 -3.73 -64.18
C ASP H 60 51.22 -4.65 -63.29
N PRO H 61 52.47 -4.30 -63.01
CA PRO H 61 53.30 -5.18 -62.18
C PRO H 61 52.76 -5.42 -60.79
N VAL H 62 52.11 -4.41 -60.19
CA VAL H 62 51.58 -4.55 -58.83
C VAL H 62 50.17 -5.11 -58.81
N GLY H 63 49.58 -5.40 -59.96
CA GLY H 63 48.26 -6.01 -60.01
C GLY H 63 47.16 -5.15 -59.43
N PHE H 64 47.18 -3.85 -59.73
CA PHE H 64 46.12 -2.97 -59.23
C PHE H 64 44.78 -3.30 -59.89
N THR H 65 44.80 -3.82 -61.11
CA THR H 65 43.56 -4.20 -61.78
C THR H 65 42.84 -5.33 -61.08
N SER H 66 43.55 -6.13 -60.28
CA SER H 66 42.88 -7.14 -59.47
C SER H 66 42.16 -6.49 -58.28
N TRP H 67 42.74 -5.43 -57.72
CA TRP H 67 42.15 -4.72 -56.59
C TRP H 67 40.81 -4.11 -56.96
N LEU H 68 40.85 -3.14 -57.86
CA LEU H 68 39.72 -2.34 -58.29
C LEU H 68 39.13 -2.89 -59.58
N PRO H 69 37.87 -2.56 -59.88
CA PRO H 69 37.38 -2.80 -61.24
C PRO H 69 38.20 -2.03 -62.24
N LEU H 70 38.46 -2.66 -63.39
CA LEU H 70 39.27 -2.02 -64.42
C LEU H 70 38.64 -0.72 -64.90
N SER H 71 37.31 -0.68 -64.92
CA SER H 71 36.60 0.50 -65.43
C SER H 71 36.86 1.72 -64.55
N TYR H 72 36.83 1.56 -63.23
CA TYR H 72 37.09 2.67 -62.32
C TYR H 72 38.51 3.20 -62.49
N LEU H 73 39.48 2.28 -62.59
CA LEU H 73 40.86 2.70 -62.79
C LEU H 73 41.03 3.42 -64.12
N GLN H 74 40.35 2.94 -65.16
CA GLN H 74 40.40 3.61 -66.46
C GLN H 74 39.84 5.03 -66.38
N GLU H 75 38.71 5.19 -65.68
CA GLU H 75 38.14 6.52 -65.51
C GLU H 75 39.09 7.44 -64.76
N ALA H 76 39.72 6.92 -63.69
CA ALA H 76 40.68 7.73 -62.95
C ALA H 76 41.87 8.12 -63.82
N GLU H 77 42.37 7.17 -64.62
CA GLU H 77 43.50 7.46 -65.50
C GLU H 77 43.16 8.51 -66.53
N ILE H 78 41.97 8.43 -67.12
CA ILE H 78 41.58 9.40 -68.13
C ILE H 78 41.39 10.78 -67.50
N LYS H 79 40.81 10.83 -66.29
CA LYS H 79 40.66 12.09 -65.60
C LYS H 79 42.03 12.72 -65.31
N HIS H 80 42.97 11.91 -64.84
CA HIS H 80 44.32 12.41 -64.60
C HIS H 80 44.97 12.87 -65.89
N CYS H 81 44.78 12.12 -66.98
CA CYS H 81 45.33 12.51 -68.27
C CYS H 81 44.84 13.89 -68.67
N ARG H 82 43.53 14.10 -68.65
CA ARG H 82 42.98 15.37 -69.12
C ARG H 82 43.40 16.52 -68.21
N ILE H 83 43.36 16.30 -66.89
CA ILE H 83 43.77 17.35 -65.96
C ILE H 83 45.23 17.72 -66.19
N ALA H 84 46.09 16.72 -66.36
CA ALA H 84 47.52 16.98 -66.52
C ALA H 84 47.81 17.69 -67.84
N MET H 85 47.13 17.31 -68.92
CA MET H 85 47.33 18.00 -70.19
C MET H 85 46.93 19.47 -70.09
N LEU H 86 45.73 19.72 -69.54
CA LEU H 86 45.29 21.10 -69.37
C LEU H 86 46.25 21.87 -68.49
N ALA H 87 46.73 21.25 -67.41
CA ALA H 87 47.61 21.94 -66.48
C ALA H 87 48.97 22.24 -67.08
N THR H 88 49.53 21.29 -67.84
CA THR H 88 50.83 21.53 -68.47
C THR H 88 50.72 22.67 -69.49
N LEU H 89 49.69 22.63 -70.33
CA LEU H 89 49.52 23.71 -71.29
C LEU H 89 49.32 25.05 -70.59
N GLY H 90 48.51 25.05 -69.53
CA GLY H 90 48.26 26.30 -68.82
C GLY H 90 49.48 26.85 -68.12
N TRP H 91 50.26 25.99 -67.46
CA TRP H 91 51.48 26.43 -66.82
C TRP H 91 52.43 27.05 -67.84
N ILE H 92 52.66 26.34 -68.96
CA ILE H 92 53.60 26.81 -69.96
C ILE H 92 53.12 28.14 -70.55
N VAL H 93 51.85 28.22 -70.90
CA VAL H 93 51.33 29.43 -71.55
C VAL H 93 51.32 30.60 -70.58
N ALA H 94 50.81 30.38 -69.36
CA ALA H 94 50.71 31.44 -68.36
C ALA H 94 52.08 31.94 -67.92
N ASP H 95 53.14 31.27 -68.24
CA ASP H 95 54.41 31.84 -67.88
C ASP H 95 54.90 32.69 -69.01
N PHE H 96 54.39 32.45 -70.20
CA PHE H 96 54.87 33.21 -71.35
C PHE H 96 54.01 34.44 -71.65
N VAL H 97 52.74 34.24 -71.96
CA VAL H 97 51.82 35.34 -72.28
C VAL H 97 50.55 35.15 -71.46
N HIS H 98 50.52 35.80 -70.30
CA HIS H 98 49.32 35.82 -69.45
C HIS H 98 49.39 37.10 -68.62
N LEU H 99 48.74 38.15 -69.12
CA LEU H 99 48.61 39.38 -68.35
C LEU H 99 47.53 40.28 -68.93
N PRO H 100 46.24 39.86 -68.94
CA PRO H 100 45.14 40.77 -69.30
C PRO H 100 44.67 41.58 -68.10
N GLY H 101 45.60 42.11 -67.33
CA GLY H 101 45.27 42.83 -66.11
C GLY H 101 46.52 43.00 -65.25
N ALA H 102 46.28 43.31 -63.98
CA ALA H 102 47.34 43.55 -63.01
C ALA H 102 47.64 42.34 -62.14
N VAL H 103 46.60 41.71 -61.59
CA VAL H 103 46.79 40.55 -60.71
C VAL H 103 47.31 39.33 -61.45
N HIS H 104 47.30 39.35 -62.78
CA HIS H 104 47.82 38.25 -63.59
C HIS H 104 49.26 38.46 -64.01
N GLU H 105 50.05 39.14 -63.20
CA GLU H 105 51.46 39.40 -63.49
C GLU H 105 52.37 38.47 -62.71
N VAL H 106 51.96 37.21 -62.56
CA VAL H 106 52.67 36.23 -61.75
C VAL H 106 53.32 35.18 -62.65
N SER H 107 54.07 34.26 -62.05
CA SER H 107 54.92 33.33 -62.79
C SER H 107 54.47 31.88 -62.65
N SER H 108 53.17 31.64 -62.50
CA SER H 108 52.55 30.32 -62.41
C SER H 108 53.12 29.47 -61.28
N LEU H 109 53.95 30.05 -60.42
CA LEU H 109 54.40 29.41 -59.20
C LEU H 109 53.87 30.12 -57.97
N ALA H 110 53.85 31.45 -57.98
CA ALA H 110 53.10 32.24 -57.02
C ALA H 110 51.68 32.52 -57.50
N ALA H 111 51.29 31.99 -58.66
CA ALA H 111 49.96 32.25 -59.20
C ALA H 111 48.87 31.65 -58.33
N HIS H 112 49.12 30.51 -57.70
CA HIS H 112 48.08 29.84 -56.95
C HIS H 112 47.56 30.70 -55.81
N ASP H 113 48.47 31.20 -54.96
CA ASP H 113 48.05 32.02 -53.83
C ASP H 113 47.46 33.34 -54.30
N VAL H 114 48.09 33.98 -55.29
CA VAL H 114 47.62 35.27 -55.76
C VAL H 114 46.20 35.16 -56.30
N ALA H 115 45.93 34.11 -57.08
CA ALA H 115 44.63 33.97 -57.72
C ALA H 115 43.60 33.23 -56.87
N VAL H 116 43.99 32.62 -55.74
CA VAL H 116 42.97 32.26 -54.77
C VAL H 116 42.60 33.48 -53.93
N LYS H 117 43.54 34.41 -53.73
CA LYS H 117 43.20 35.68 -53.10
C LYS H 117 42.29 36.50 -54.02
N SER H 118 42.55 36.49 -55.33
CA SER H 118 41.73 37.24 -56.26
C SER H 118 40.31 36.70 -56.33
N GLY H 119 40.17 35.38 -56.36
CA GLY H 119 38.86 34.75 -56.41
C GLY H 119 38.58 33.93 -57.66
N ALA H 120 39.53 33.84 -58.59
CA ALA H 120 39.31 33.04 -59.79
C ALA H 120 39.30 31.56 -59.48
N LEU H 121 40.27 31.11 -58.68
CA LEU H 121 40.35 29.70 -58.32
C LEU H 121 39.09 29.24 -57.60
N ALA H 122 38.44 30.13 -56.85
CA ALA H 122 37.19 29.77 -56.19
C ALA H 122 36.10 29.42 -57.21
N GLN H 123 35.99 30.23 -58.26
CA GLN H 123 34.99 29.96 -59.29
C GLN H 123 35.31 28.68 -60.06
N ILE H 124 36.59 28.49 -60.41
CA ILE H 124 36.95 27.27 -61.11
C ILE H 124 36.69 26.06 -60.24
N LEU H 125 36.95 26.18 -58.93
CA LEU H 125 36.67 25.08 -58.01
C LEU H 125 35.18 24.81 -57.89
N ILE H 126 34.35 25.87 -57.89
CA ILE H 126 32.90 25.67 -57.83
C ILE H 126 32.42 24.88 -59.03
N TRP H 127 32.84 25.30 -60.23
CA TRP H 127 32.38 24.61 -61.43
C TRP H 127 32.97 23.21 -61.53
N THR H 128 34.22 23.03 -61.10
CA THR H 128 34.84 21.72 -61.06
C THR H 128 34.10 20.80 -60.09
N SER H 129 33.69 21.34 -58.95
CA SER H 129 32.93 20.56 -57.97
C SER H 129 31.58 20.15 -58.54
N ILE H 130 30.92 21.04 -59.25
CA ILE H 130 29.65 20.68 -59.89
C ILE H 130 29.87 19.55 -60.89
N ALA H 131 30.90 19.68 -61.73
CA ALA H 131 31.17 18.66 -62.74
C ALA H 131 31.52 17.32 -62.09
N GLU H 132 32.31 17.35 -61.01
CA GLU H 132 32.71 16.12 -60.35
C GLU H 132 31.55 15.47 -59.62
N ALA H 133 30.68 16.28 -58.99
CA ALA H 133 29.49 15.74 -58.35
C ALA H 133 28.58 15.07 -59.36
N ILE H 134 28.46 15.65 -60.55
CA ILE H 134 27.76 14.96 -61.63
C ILE H 134 28.52 13.69 -62.03
N SER H 135 29.84 13.74 -61.97
CA SER H 135 30.67 12.60 -62.37
C SER H 135 30.54 11.42 -61.42
N VAL H 136 30.13 11.64 -60.18
CA VAL H 136 29.91 10.53 -59.27
C VAL H 136 28.81 9.64 -59.85
N ILE H 137 27.71 10.24 -60.27
CA ILE H 137 26.60 9.49 -60.83
C ILE H 137 27.02 8.82 -62.14
N ALA H 138 27.83 9.50 -62.94
CA ALA H 138 28.35 8.88 -64.16
C ALA H 138 29.21 7.67 -63.84
N ILE H 139 30.08 7.78 -62.83
CA ILE H 139 30.87 6.63 -62.41
C ILE H 139 29.98 5.58 -61.74
N SER H 140 28.93 6.01 -61.03
CA SER H 140 28.03 5.06 -60.41
C SER H 140 27.02 4.45 -61.37
N GLN H 141 26.74 5.12 -62.50
CA GLN H 141 25.86 4.50 -63.49
C GLN H 141 26.58 3.40 -64.25
N MET H 142 27.84 3.61 -64.57
CA MET H 142 28.74 2.50 -64.87
C MET H 142 29.11 1.82 -63.55
N LEU H 143 29.86 0.72 -63.64
CA LEU H 143 30.17 -0.12 -62.47
C LEU H 143 28.89 -0.73 -61.90
N GLU H 144 27.76 -0.43 -62.54
CA GLU H 144 26.44 -0.88 -62.12
C GLU H 144 25.61 -1.42 -63.27
N GLY H 145 25.90 -1.02 -64.51
CA GLY H 145 25.15 -1.42 -65.67
C GLY H 145 25.37 -0.41 -66.78
N SER H 146 24.29 0.03 -67.41
CA SER H 146 24.33 1.07 -68.44
C SER H 146 25.31 0.64 -69.54
N GLY H 147 25.89 1.59 -70.25
CA GLY H 147 26.86 1.29 -71.28
C GLY H 147 27.98 2.29 -71.39
N ARG H 148 28.09 3.19 -70.41
CA ARG H 148 29.06 4.27 -70.48
C ARG H 148 30.48 3.72 -70.37
N GLN H 149 31.29 3.96 -71.39
CA GLN H 149 32.69 3.59 -71.32
C GLN H 149 33.43 4.53 -70.38
N PRO H 150 34.50 4.06 -69.75
CA PRO H 150 35.25 4.93 -68.84
C PRO H 150 35.78 6.17 -69.55
N GLY H 151 35.61 7.32 -68.89
CA GLY H 151 36.06 8.58 -69.44
C GLY H 151 35.18 9.15 -70.52
N ASP H 152 34.06 8.51 -70.85
CA ASP H 152 33.18 8.97 -71.92
C ASP H 152 32.16 9.95 -71.35
N PHE H 153 32.10 11.14 -71.93
CA PHE H 153 31.12 12.16 -71.54
C PHE H 153 30.30 12.63 -72.73
N LYS H 154 30.44 11.97 -73.88
CA LYS H 154 29.70 12.33 -75.10
C LYS H 154 29.97 13.78 -75.50
N PHE H 155 31.20 14.23 -75.28
CA PHE H 155 31.61 15.60 -75.60
C PHE H 155 32.47 15.54 -76.87
N ASP H 156 31.82 15.56 -78.02
CA ASP H 156 32.49 15.70 -79.31
C ASP H 156 31.71 16.69 -80.16
N PRO H 157 31.68 17.96 -79.73
CA PRO H 157 30.90 18.96 -80.48
C PRO H 157 31.39 19.17 -81.90
N LEU H 158 32.71 19.10 -82.13
CA LEU H 158 33.27 19.29 -83.46
C LEU H 158 33.41 18.00 -84.25
N ASN H 159 33.07 16.87 -83.65
CA ASN H 159 33.08 15.57 -84.33
C ASN H 159 34.46 15.26 -84.92
N PHE H 160 35.50 15.37 -84.09
CA PHE H 160 36.84 15.03 -84.56
C PHE H 160 36.99 13.54 -84.79
N ALA H 161 36.23 12.72 -84.06
CA ALA H 161 36.22 11.27 -84.25
C ALA H 161 34.93 10.90 -84.98
N LYS H 162 35.05 10.07 -86.01
CA LYS H 162 33.92 9.71 -86.86
C LYS H 162 33.47 8.27 -86.66
N ASP H 163 34.37 7.31 -86.82
CA ASP H 163 34.04 5.89 -86.71
C ASP H 163 34.76 5.27 -85.51
N GLU H 164 34.60 3.95 -85.35
CA GLU H 164 35.24 3.25 -84.25
C GLU H 164 36.75 3.28 -84.36
N LYS H 165 37.27 3.08 -85.58
CA LYS H 165 38.72 3.04 -85.76
C LYS H 165 39.36 4.37 -85.37
N SER H 166 38.77 5.47 -85.80
CA SER H 166 39.25 6.78 -85.37
C SER H 166 39.09 6.96 -83.87
N LEU H 167 37.97 6.49 -83.32
CA LEU H 167 37.74 6.61 -81.89
C LEU H 167 38.80 5.85 -81.09
N LYS H 168 39.10 4.62 -81.50
CA LYS H 168 40.11 3.84 -80.79
C LYS H 168 41.50 4.45 -80.94
N LYS H 169 41.85 4.85 -82.17
CA LYS H 169 43.15 5.46 -82.40
C LYS H 169 43.34 6.71 -81.57
N MET H 170 42.31 7.56 -81.52
CA MET H 170 42.45 8.81 -80.78
C MET H 170 42.28 8.62 -79.28
N GLN H 171 41.62 7.54 -78.84
CA GLN H 171 41.65 7.20 -77.42
C GLN H 171 43.05 6.81 -76.98
N LEU H 172 43.72 5.97 -77.78
CA LEU H 172 45.10 5.62 -77.49
C LEU H 172 45.99 6.85 -77.52
N SER H 173 45.80 7.72 -78.51
CA SER H 173 46.58 8.95 -78.60
C SER H 173 46.35 9.85 -77.39
N GLU H 174 45.09 10.02 -76.98
CA GLU H 174 44.78 10.86 -75.84
C GLU H 174 45.40 10.32 -74.57
N LEU H 175 45.35 9.00 -74.37
CA LEU H 175 45.91 8.44 -73.14
C LEU H 175 47.43 8.53 -73.14
N LYS H 176 48.08 8.30 -74.29
CA LYS H 176 49.53 8.46 -74.34
C LYS H 176 49.94 9.91 -74.08
N ASN H 177 49.23 10.85 -74.70
CA ASN H 177 49.51 12.26 -74.46
C ASN H 177 49.26 12.64 -73.00
N GLY H 178 48.23 12.06 -72.40
CA GLY H 178 47.93 12.37 -71.01
C GLY H 178 48.97 11.83 -70.04
N ARG H 179 49.47 10.62 -70.29
CA ARG H 179 50.54 10.09 -69.47
C ARG H 179 51.81 10.94 -69.61
N LEU H 180 52.15 11.30 -70.85
CA LEU H 180 53.30 12.18 -71.07
C LEU H 180 53.10 13.51 -70.36
N ALA H 181 51.87 14.04 -70.38
CA ALA H 181 51.60 15.30 -69.73
C ALA H 181 51.65 15.18 -68.21
N MET H 182 51.22 14.04 -67.66
CA MET H 182 51.36 13.81 -66.23
C MET H 182 52.83 13.89 -65.83
N LEU H 183 53.68 13.14 -66.53
CA LEU H 183 55.11 13.14 -66.20
C LEU H 183 55.72 14.52 -66.42
N ALA H 184 55.30 15.19 -67.49
CA ALA H 184 55.85 16.50 -67.82
C ALA H 184 55.47 17.55 -66.79
N PHE H 185 54.21 17.54 -66.33
CA PHE H 185 53.81 18.49 -65.31
C PHE H 185 54.49 18.19 -63.99
N SER H 186 54.65 16.91 -63.65
CA SER H 186 55.42 16.56 -62.46
C SER H 186 56.82 17.16 -62.54
N GLY H 187 57.49 16.98 -63.68
CA GLY H 187 58.80 17.57 -63.86
C GLY H 187 58.78 19.09 -63.77
N ILE H 188 57.75 19.71 -64.37
CA ILE H 188 57.69 21.17 -64.39
C ILE H 188 57.56 21.72 -62.97
N VAL H 189 56.68 21.13 -62.15
CA VAL H 189 56.50 21.67 -60.82
C VAL H 189 57.73 21.37 -59.96
N THR H 190 58.29 20.17 -60.07
CA THR H 190 59.46 19.84 -59.26
C THR H 190 60.65 20.74 -59.62
N GLN H 191 60.84 21.02 -60.90
CA GLN H 191 61.96 21.88 -61.30
C GLN H 191 61.69 23.33 -60.94
N ALA H 192 60.48 23.84 -61.20
CA ALA H 192 60.15 25.23 -60.88
C ALA H 192 60.04 25.47 -59.39
N ALA H 193 60.01 24.42 -58.56
CA ALA H 193 60.16 24.59 -57.12
C ALA H 193 61.58 24.36 -56.65
N LEU H 194 62.36 23.55 -57.37
CA LEU H 194 63.78 23.39 -57.06
C LEU H 194 64.62 24.61 -57.47
N THR H 195 64.05 25.51 -58.28
CA THR H 195 64.75 26.72 -58.70
C THR H 195 63.70 27.73 -59.13
N GLY H 196 64.17 28.89 -59.59
CA GLY H 196 63.29 29.89 -60.16
C GLY H 196 63.74 30.28 -61.54
N HIS H 197 62.93 30.00 -62.55
CA HIS H 197 63.36 30.17 -63.94
C HIS H 197 62.13 30.23 -64.84
N ALA H 198 62.37 30.09 -66.14
CA ALA H 198 61.38 30.12 -67.20
C ALA H 198 61.32 28.75 -67.86
N PHE H 199 60.65 28.67 -69.01
CA PHE H 199 60.27 27.45 -69.72
C PHE H 199 61.29 26.31 -69.62
N PRO H 200 62.60 26.55 -69.75
CA PRO H 200 63.55 25.44 -69.49
C PRO H 200 63.40 24.83 -68.10
N TYR H 201 63.16 25.64 -67.09
CA TYR H 201 63.00 25.19 -65.70
C TYR H 201 64.18 24.35 -65.21
N LEU I 39 -70.08 6.86 17.63
CA LEU I 39 -71.27 6.12 18.03
C LEU I 39 -71.61 5.04 17.01
N ASP I 40 -70.58 4.34 16.54
CA ASP I 40 -70.67 3.33 15.50
C ASP I 40 -69.65 2.24 15.82
N GLY I 41 -69.32 1.43 14.82
CA GLY I 41 -68.19 0.53 14.93
C GLY I 41 -66.88 1.27 14.69
N MET I 42 -66.92 2.59 14.77
CA MET I 42 -65.75 3.42 14.57
C MET I 42 -64.73 3.21 15.69
N ILE I 43 -63.48 3.49 15.37
CA ILE I 43 -62.40 3.39 16.34
C ILE I 43 -62.47 4.59 17.28
N GLY I 44 -62.18 4.37 18.56
CA GLY I 44 -62.17 5.44 19.53
C GLY I 44 -63.06 5.19 20.73
N SER I 45 -63.66 4.01 20.80
CA SER I 45 -64.52 3.64 21.91
C SER I 45 -63.69 2.97 23.00
N SER I 46 -63.61 3.60 24.16
CA SER I 46 -62.80 3.13 25.27
C SER I 46 -63.68 2.69 26.44
N ALA I 47 -63.04 2.13 27.45
CA ALA I 47 -63.77 1.53 28.57
C ALA I 47 -64.64 2.52 29.35
N PRO I 48 -64.14 3.70 29.78
CA PRO I 48 -64.96 4.52 30.69
C PRO I 48 -66.32 4.88 30.13
N PHE I 49 -66.41 5.19 28.84
CA PHE I 49 -67.67 5.54 28.21
C PHE I 49 -67.61 5.03 26.76
N LYS I 50 -68.14 3.83 26.56
CA LYS I 50 -68.14 3.24 25.22
C LYS I 50 -69.17 3.94 24.34
N ASN I 51 -68.76 4.31 23.14
CA ASN I 51 -69.61 5.02 22.17
C ASN I 51 -70.22 6.27 22.83
N PHE I 52 -69.34 7.16 23.26
CA PHE I 52 -69.72 8.33 24.05
C PHE I 52 -70.37 9.37 23.15
N ASP I 53 -71.69 9.28 23.03
CA ASP I 53 -72.50 10.29 22.35
C ASP I 53 -73.73 10.61 23.20
N PRO I 54 -73.53 11.22 24.37
CA PRO I 54 -74.69 11.51 25.23
C PRO I 54 -75.72 12.43 24.60
N LEU I 55 -75.29 13.37 23.75
CA LEU I 55 -76.19 14.31 23.11
C LEU I 55 -76.68 13.83 21.76
N GLY I 56 -76.30 12.62 21.34
CA GLY I 56 -76.81 12.05 20.11
C GLY I 56 -76.45 12.81 18.85
N PHE I 57 -75.22 13.32 18.78
CA PHE I 57 -74.79 14.01 17.57
C PHE I 57 -74.62 13.04 16.41
N ALA I 58 -74.26 11.80 16.68
CA ALA I 58 -73.98 10.82 15.64
C ALA I 58 -75.15 9.90 15.35
N ALA I 59 -76.17 9.86 16.21
CA ALA I 59 -77.30 8.96 15.99
C ALA I 59 -78.10 9.34 14.75
N LYS I 60 -78.05 10.60 14.33
CA LYS I 60 -78.79 11.06 13.17
C LYS I 60 -77.92 11.38 11.97
N ALA I 61 -76.61 11.57 12.16
CA ALA I 61 -75.73 11.94 11.07
C ALA I 61 -75.47 10.75 10.15
N ASP I 62 -75.24 11.05 8.87
CA ASP I 62 -74.89 10.03 7.89
C ASP I 62 -73.40 9.74 7.97
N GLN I 63 -72.89 8.93 7.04
CA GLN I 63 -71.49 8.54 7.08
C GLN I 63 -70.58 9.72 6.76
N LYS I 64 -71.00 10.59 5.84
CA LYS I 64 -70.16 11.74 5.47
C LYS I 64 -69.99 12.70 6.65
N THR I 65 -71.07 13.00 7.35
CA THR I 65 -70.98 13.88 8.51
C THR I 65 -70.13 13.27 9.61
N LEU I 66 -70.22 11.95 9.78
CA LEU I 66 -69.40 11.29 10.79
C LEU I 66 -67.93 11.29 10.40
N ASN I 67 -67.63 11.13 9.10
CA ASN I 67 -66.25 11.27 8.66
C ASN I 67 -65.73 12.67 8.92
N LYS I 68 -66.57 13.69 8.66
CA LYS I 68 -66.19 15.07 8.97
C LYS I 68 -65.93 15.25 10.47
N TYR I 69 -66.78 14.66 11.31
CA TYR I 69 -66.60 14.75 12.75
C TYR I 69 -65.29 14.10 13.18
N ARG I 70 -64.99 12.93 12.63
CA ARG I 70 -63.74 12.26 12.97
C ARG I 70 -62.53 13.06 12.52
N GLU I 71 -62.61 13.65 11.32
CA GLU I 71 -61.52 14.50 10.85
C GLU I 71 -61.30 15.68 11.78
N SER I 72 -62.39 16.34 12.18
CA SER I 72 -62.28 17.48 13.08
C SER I 72 -61.70 17.05 14.43
N GLU I 73 -62.17 15.93 14.96
CA GLU I 73 -61.67 15.46 16.26
C GLU I 73 -60.18 15.15 16.19
N LEU I 74 -59.75 14.45 15.15
CA LEU I 74 -58.34 14.08 15.05
C LEU I 74 -57.46 15.30 14.84
N LYS I 75 -57.89 16.25 14.01
CA LYS I 75 -57.12 17.47 13.81
C LYS I 75 -57.03 18.27 15.11
N HIS I 76 -58.15 18.40 15.82
CA HIS I 76 -58.13 19.11 17.09
C HIS I 76 -57.21 18.43 18.09
N GLY I 77 -57.26 17.09 18.15
CA GLY I 77 -56.43 16.37 19.08
C GLY I 77 -54.96 16.53 18.80
N ARG I 78 -54.58 16.43 17.52
CA ARG I 78 -53.16 16.57 17.16
C ARG I 78 -52.67 17.99 17.44
N VAL I 79 -53.47 18.99 17.04
CA VAL I 79 -53.09 20.38 17.29
C VAL I 79 -52.98 20.64 18.79
N ALA I 80 -53.87 20.02 19.58
CA ALA I 80 -53.87 20.25 21.02
C ALA I 80 -52.69 19.58 21.69
N MET I 81 -52.31 18.39 21.24
CA MET I 81 -51.10 17.74 21.75
C MET I 81 -49.88 18.61 21.48
N LEU I 82 -49.76 19.10 20.25
CA LEU I 82 -48.65 20.00 19.94
C LEU I 82 -48.71 21.25 20.80
N ALA I 83 -49.91 21.80 21.00
CA ALA I 83 -50.05 23.04 21.76
C ALA I 83 -49.67 22.85 23.22
N VAL I 84 -50.08 21.74 23.83
CA VAL I 84 -49.75 21.48 25.23
C VAL I 84 -48.24 21.29 25.38
N LEU I 85 -47.64 20.48 24.51
CA LEU I 85 -46.20 20.27 24.60
C LEU I 85 -45.45 21.58 24.42
N GLY I 86 -45.88 22.39 23.44
CA GLY I 86 -45.25 23.68 23.24
C GLY I 86 -45.44 24.62 24.41
N TRP I 87 -46.63 24.63 24.99
CA TRP I 87 -46.88 25.46 26.17
C TRP I 87 -45.88 25.16 27.26
N ILE I 88 -45.77 23.89 27.64
CA ILE I 88 -44.87 23.53 28.74
C ILE I 88 -43.42 23.84 28.37
N VAL I 89 -42.98 23.33 27.21
CA VAL I 89 -41.56 23.45 26.84
C VAL I 89 -41.17 24.92 26.72
N GLN I 90 -42.00 25.72 26.05
CA GLN I 90 -41.76 27.16 25.99
C GLN I 90 -41.65 27.76 27.38
N GLU I 91 -42.50 27.29 28.31
CA GLU I 91 -42.44 27.84 29.66
C GLU I 91 -41.09 27.59 30.30
N PHE I 92 -40.55 26.38 30.18
CA PHE I 92 -39.26 26.12 30.82
C PHE I 92 -38.08 26.03 29.85
N TRP I 93 -38.29 26.37 28.57
CA TRP I 93 -37.16 26.41 27.62
C TRP I 93 -37.58 27.20 26.39
N HIS I 94 -36.93 28.34 26.15
CA HIS I 94 -37.14 29.12 24.93
C HIS I 94 -35.79 29.55 24.37
N PRO I 95 -35.01 28.60 23.84
CA PRO I 95 -33.68 28.93 23.32
C PRO I 95 -33.69 29.90 22.15
N LEU I 96 -34.72 29.85 21.31
CA LEU I 96 -34.73 30.65 20.10
C LEU I 96 -34.96 32.12 20.43
N TYR I 97 -34.72 32.97 19.42
CA TYR I 97 -34.90 34.42 19.51
C TYR I 97 -33.99 35.04 20.57
N ASP I 98 -32.82 34.42 20.77
CA ASP I 98 -31.80 34.90 21.71
C ASP I 98 -32.42 35.17 23.08
N GLY I 99 -32.99 34.11 23.65
CA GLY I 99 -33.79 34.30 24.84
C GLY I 99 -34.99 35.17 24.52
N LYS I 100 -35.24 36.15 25.36
CA LYS I 100 -36.37 37.08 25.20
C LYS I 100 -37.65 36.26 25.03
N LEU I 101 -38.65 36.82 24.36
CA LEU I 101 -39.86 36.08 24.01
C LEU I 101 -40.46 35.43 25.26
N SER I 102 -40.95 36.31 26.14
CA SER I 102 -41.28 35.96 27.53
C SER I 102 -41.91 34.58 27.65
N SER I 103 -41.45 33.83 28.66
CA SER I 103 -41.78 32.42 28.78
C SER I 103 -43.27 32.17 28.94
N ASN I 104 -44.02 33.17 29.35
CA ASN I 104 -45.47 33.01 29.48
C ASN I 104 -46.09 32.98 28.10
N PRO I 105 -46.78 31.91 27.72
CA PRO I 105 -47.53 31.92 26.45
C PRO I 105 -48.66 32.92 26.52
N LEU I 106 -49.23 33.22 25.35
CA LEU I 106 -50.23 34.27 25.16
C LEU I 106 -49.60 35.64 25.35
N LYS I 107 -48.33 35.67 25.73
CA LYS I 107 -47.50 36.88 25.73
C LYS I 107 -46.43 36.83 24.65
N ALA I 108 -45.79 35.67 24.47
CA ALA I 108 -44.91 35.48 23.32
C ALA I 108 -45.69 35.41 22.01
N LEU I 109 -47.02 35.20 22.09
CA LEU I 109 -47.84 35.24 20.89
C LEU I 109 -47.80 36.61 20.23
N THR I 110 -47.64 37.66 21.02
CA THR I 110 -47.55 39.02 20.50
C THR I 110 -46.12 39.54 20.44
N GLU I 111 -45.13 38.66 20.57
CA GLU I 111 -43.72 39.05 20.51
C GLU I 111 -42.95 38.42 19.35
N VAL I 112 -43.49 37.39 18.70
CA VAL I 112 -42.83 36.81 17.53
C VAL I 112 -42.76 37.86 16.43
N PRO I 113 -41.67 37.93 15.65
CA PRO I 113 -41.49 39.03 14.69
C PRO I 113 -42.63 39.30 13.72
N LEU I 114 -43.66 38.44 13.70
CA LEU I 114 -44.86 38.61 12.89
C LEU I 114 -44.56 38.35 11.42
N ILE I 115 -43.28 38.20 11.09
CA ILE I 115 -42.89 37.64 9.80
C ILE I 115 -42.54 36.16 9.97
N GLY I 116 -42.23 35.71 11.18
CA GLY I 116 -42.20 34.29 11.45
C GLY I 116 -43.57 33.70 11.65
N TRP I 117 -44.54 34.52 12.10
CA TRP I 117 -45.92 34.07 12.14
C TRP I 117 -46.43 33.76 10.74
N ALA I 118 -46.09 34.61 9.76
CA ALA I 118 -46.56 34.41 8.41
C ALA I 118 -46.03 33.11 7.82
N GLN I 119 -44.77 32.79 8.10
CA GLN I 119 -44.19 31.56 7.56
C GLN I 119 -44.81 30.33 8.18
N ILE I 120 -45.09 30.36 9.49
CA ILE I 120 -45.78 29.25 10.13
C ILE I 120 -47.18 29.09 9.54
N PHE I 121 -47.87 30.21 9.35
CA PHE I 121 -49.20 30.18 8.75
C PHE I 121 -49.16 29.57 7.35
N VAL I 122 -48.19 29.98 6.53
CA VAL I 122 -48.08 29.48 5.17
C VAL I 122 -47.73 28.00 5.17
N ALA I 123 -46.87 27.56 6.09
CA ALA I 123 -46.53 26.15 6.17
C ALA I 123 -47.73 25.31 6.56
N ILE I 124 -48.50 25.76 7.55
CA ILE I 124 -49.72 25.05 7.93
C ILE I 124 -50.69 25.00 6.75
N ASN I 125 -50.78 26.10 6.02
CA ASN I 125 -51.68 26.17 4.86
C ASN I 125 -51.27 25.18 3.78
N VAL I 126 -49.97 25.10 3.49
CA VAL I 126 -49.49 24.16 2.48
C VAL I 126 -49.73 22.72 2.93
N ILE I 127 -49.51 22.46 4.23
CA ILE I 127 -49.76 21.13 4.77
C ILE I 127 -51.22 20.75 4.60
N GLU I 128 -52.13 21.68 4.88
CA GLU I 128 -53.55 21.36 4.77
C GLU I 128 -54.01 21.31 3.32
N TYR I 129 -53.35 22.03 2.42
CA TYR I 129 -53.59 21.84 0.98
C TYR I 129 -53.20 20.43 0.57
N LEU I 130 -52.05 19.94 1.05
CA LEU I 130 -51.64 18.57 0.77
C LEU I 130 -52.63 17.58 1.37
N GLN I 131 -53.14 17.86 2.57
CA GLN I 131 -54.15 16.99 3.18
C GLN I 131 -55.42 16.96 2.35
N ASN I 132 -55.83 18.12 1.84
CA ASN I 132 -56.99 18.17 0.95
C ASN I 132 -56.77 17.32 -0.29
N LYS I 133 -55.57 17.41 -0.87
CA LYS I 133 -55.25 16.57 -2.02
C LYS I 133 -55.29 15.09 -1.66
N ILE I 134 -54.83 14.75 -0.45
CA ILE I 134 -54.89 13.36 0.02
C ILE I 134 -56.34 12.89 0.12
N LYS I 135 -57.22 13.78 0.57
CA LYS I 135 -58.61 13.39 0.85
C LYS I 135 -59.33 12.84 -0.38
N GLU I 136 -58.87 13.16 -1.58
CA GLU I 136 -59.49 12.64 -2.79
C GLU I 136 -58.83 11.37 -3.32
N LEU I 137 -57.80 10.88 -2.64
CA LEU I 137 -57.21 9.61 -3.04
C LEU I 137 -58.20 8.47 -2.77
N PRO I 138 -58.25 7.46 -3.64
CA PRO I 138 -59.22 6.38 -3.45
C PRO I 138 -58.98 5.63 -2.15
N GLY I 139 -60.08 5.22 -1.50
CA GLY I 139 -59.98 4.51 -0.25
C GLY I 139 -59.61 5.37 0.94
N TYR I 140 -59.78 6.68 0.84
CA TYR I 140 -59.37 7.57 1.92
C TYR I 140 -60.21 7.34 3.17
N ARG I 141 -59.55 7.37 4.33
CA ARG I 141 -60.17 7.28 5.63
C ARG I 141 -60.08 8.63 6.34
N PRO I 142 -61.06 8.97 7.19
CA PRO I 142 -61.20 10.35 7.67
C PRO I 142 -59.92 11.02 8.16
N GLY I 143 -59.29 10.46 9.18
CA GLY I 143 -58.08 11.06 9.73
C GLY I 143 -56.79 10.50 9.20
N ASP I 144 -56.85 9.57 8.25
CA ASP I 144 -55.67 8.84 7.78
C ASP I 144 -55.01 9.65 6.66
N TYR I 145 -53.95 10.38 7.00
CA TYR I 145 -53.15 11.08 6.01
C TYR I 145 -51.88 10.34 5.64
N LEU I 146 -51.56 9.27 6.36
CA LEU I 146 -50.45 8.39 5.99
C LEU I 146 -50.85 7.35 4.96
N GLY I 147 -52.15 7.20 4.67
CA GLY I 147 -52.60 6.19 3.75
C GLY I 147 -52.44 4.78 4.26
N THR I 148 -52.70 4.55 5.54
CA THR I 148 -52.55 3.21 6.12
C THR I 148 -53.56 2.22 5.55
N TRP I 149 -54.62 2.71 4.90
CA TRP I 149 -55.57 1.80 4.26
C TRP I 149 -54.93 1.01 3.13
N GLU I 150 -53.81 1.49 2.59
CA GLU I 150 -53.10 0.74 1.56
C GLU I 150 -52.55 -0.57 2.09
N TRP I 151 -51.99 -0.55 3.31
CA TRP I 151 -51.44 -1.74 3.93
C TRP I 151 -52.41 -2.42 4.88
N VAL I 152 -53.24 -1.67 5.58
CA VAL I 152 -54.09 -2.23 6.63
C VAL I 152 -55.44 -2.54 6.01
N GLU I 153 -55.57 -3.76 5.51
CA GLU I 153 -56.86 -4.37 5.23
C GLU I 153 -57.09 -5.47 6.26
N GLN I 154 -58.31 -5.55 6.79
CA GLN I 154 -58.63 -6.42 7.93
C GLN I 154 -57.77 -6.03 9.14
N SER I 155 -58.08 -4.84 9.65
CA SER I 155 -57.35 -4.29 10.78
C SER I 155 -57.37 -5.24 11.97
N ASP I 156 -56.31 -5.17 12.77
CA ASP I 156 -56.16 -6.01 13.95
C ASP I 156 -56.74 -5.30 15.17
N GLU I 157 -56.55 -5.88 16.35
CA GLU I 157 -56.91 -5.20 17.58
C GLU I 157 -55.82 -4.25 18.04
N GLY I 158 -54.56 -4.55 17.70
CA GLY I 158 -53.48 -3.63 18.04
C GLY I 158 -53.57 -2.32 17.29
N TRP I 159 -53.92 -2.39 16.00
CA TRP I 159 -54.07 -1.17 15.21
C TRP I 159 -55.22 -0.31 15.73
N ASP I 160 -56.37 -0.94 16.02
CA ASP I 160 -57.50 -0.21 16.58
C ASP I 160 -57.15 0.36 17.95
N SER I 161 -56.43 -0.42 18.76
CA SER I 161 -56.05 0.07 20.09
C SER I 161 -55.10 1.26 19.98
N TYR I 162 -54.17 1.24 19.03
CA TYR I 162 -53.25 2.36 18.88
C TYR I 162 -53.98 3.60 18.36
N GLN I 163 -54.93 3.42 17.43
CA GLN I 163 -55.72 4.56 16.97
C GLN I 163 -56.54 5.14 18.12
N THR I 164 -57.12 4.27 18.96
CA THR I 164 -57.84 4.74 20.13
C THR I 164 -56.92 5.46 21.11
N LYS I 165 -55.69 4.98 21.26
CA LYS I 165 -54.71 5.65 22.12
C LYS I 165 -54.43 7.06 21.61
N GLU I 166 -54.23 7.20 20.30
CA GLU I 166 -54.01 8.52 19.73
C GLU I 166 -55.22 9.42 19.96
N LEU I 167 -56.42 8.88 19.74
CA LEU I 167 -57.63 9.69 19.92
C LEU I 167 -57.80 10.12 21.37
N ASN I 168 -57.56 9.22 22.32
CA ASN I 168 -57.74 9.54 23.73
C ASN I 168 -56.70 10.55 24.20
N ASN I 169 -55.44 10.39 23.76
CA ASN I 169 -54.42 11.37 24.09
C ASN I 169 -54.76 12.73 23.49
N GLY I 170 -55.30 12.73 22.27
CA GLY I 170 -55.74 13.99 21.68
C GLY I 170 -56.85 14.66 22.45
N ARG I 171 -57.81 13.86 22.93
CA ARG I 171 -58.92 14.42 23.71
C ARG I 171 -58.41 15.00 25.03
N LEU I 172 -57.53 14.27 25.70
CA LEU I 172 -56.95 14.76 26.94
C LEU I 172 -56.16 16.04 26.70
N ALA I 173 -55.43 16.10 25.59
CA ALA I 173 -54.68 17.31 25.26
C ALA I 173 -55.60 18.47 24.90
N MET I 174 -56.74 18.20 24.26
CA MET I 174 -57.70 19.27 24.01
C MET I 174 -58.22 19.86 25.31
N VAL I 175 -58.61 19.00 26.24
CA VAL I 175 -59.07 19.50 27.54
C VAL I 175 -57.94 20.26 28.24
N ALA I 176 -56.73 19.73 28.18
CA ALA I 176 -55.59 20.35 28.87
C ALA I 176 -55.26 21.71 28.28
N ILE I 177 -55.30 21.85 26.95
CA ILE I 177 -54.94 23.13 26.34
C ILE I 177 -56.04 24.16 26.58
N ALA I 178 -57.30 23.72 26.58
CA ALA I 178 -58.38 24.63 26.93
C ALA I 178 -58.19 25.15 28.35
N GLY I 179 -57.88 24.24 29.27
CA GLY I 179 -57.62 24.65 30.65
C GLY I 179 -56.42 25.57 30.77
N LEU I 180 -55.35 25.27 30.02
CA LEU I 180 -54.16 26.11 30.05
C LEU I 180 -54.49 27.54 29.61
N ILE I 181 -55.17 27.68 28.48
CA ILE I 181 -55.48 29.00 27.96
C ILE I 181 -56.39 29.75 28.92
N VAL I 182 -57.41 29.07 29.45
CA VAL I 182 -58.34 29.75 30.36
C VAL I 182 -57.63 30.18 31.63
N GLN I 183 -56.81 29.30 32.21
CA GLN I 183 -56.08 29.65 33.44
C GLN I 183 -55.14 30.81 33.21
N ASP I 184 -54.40 30.79 32.09
CA ASP I 184 -53.49 31.89 31.81
C ASP I 184 -54.24 33.19 31.57
N LEU I 185 -55.45 33.12 31.01
CA LEU I 185 -56.24 34.32 30.80
C LEU I 185 -56.74 34.89 32.12
N ILE I 186 -57.30 34.05 32.98
CA ILE I 186 -57.93 34.56 34.19
C ILE I 186 -56.90 34.94 35.24
N THR I 187 -55.82 34.15 35.37
CA THR I 187 -54.83 34.40 36.42
C THR I 187 -53.68 35.26 35.93
N GLY I 188 -53.21 35.04 34.71
CA GLY I 188 -52.07 35.77 34.18
C GLY I 188 -50.75 35.04 34.31
N GLN I 189 -50.72 33.92 35.03
CA GLN I 189 -49.51 33.12 35.19
C GLN I 189 -49.57 31.90 34.28
N ALA I 190 -48.40 31.39 33.92
CA ALA I 190 -48.31 30.22 33.07
C ALA I 190 -48.48 28.94 33.90
N ALA I 191 -48.38 27.79 33.25
CA ALA I 191 -48.65 26.51 33.89
C ALA I 191 -47.70 26.24 35.04
N LEU I 192 -46.41 26.08 34.74
CA LEU I 192 -45.43 25.77 35.78
C LEU I 192 -45.19 26.95 36.71
N GLU I 193 -45.59 28.15 36.33
CA GLU I 193 -45.49 29.29 37.24
C GLU I 193 -46.63 29.30 38.25
N GLN I 194 -47.86 29.07 37.78
CA GLN I 194 -49.00 29.00 38.69
C GLN I 194 -48.88 27.82 39.63
N ILE I 195 -48.42 26.67 39.11
CA ILE I 195 -48.24 25.49 39.96
C ILE I 195 -47.17 25.75 41.01
N THR I 196 -46.05 26.37 40.61
CA THR I 196 -44.95 26.58 41.54
C THR I 196 -45.36 27.50 42.68
N ALA I 197 -46.04 28.60 42.37
CA ALA I 197 -46.50 29.51 43.42
C ALA I 197 -47.53 28.84 44.31
N GLY I 198 -48.47 28.12 43.72
CA GLY I 198 -49.52 27.47 44.47
C GLY I 198 -50.88 28.10 44.25
N ASN I 199 -51.07 28.72 43.10
CA ASN I 199 -52.34 29.37 42.75
C ASN I 199 -53.33 28.34 42.22
N THR I 200 -53.68 27.39 43.09
CA THR I 200 -54.60 26.32 42.73
C THR I 200 -55.80 26.32 43.67
N LYS J 6 -20.45 -39.64 36.06
CA LYS J 6 -21.47 -39.48 35.02
C LYS J 6 -22.35 -38.27 35.30
N SER J 7 -21.70 -37.12 35.48
CA SER J 7 -22.43 -35.89 35.77
C SER J 7 -23.26 -35.46 34.56
N THR J 8 -24.29 -34.68 34.84
CA THR J 8 -25.21 -34.20 33.81
C THR J 8 -24.74 -32.92 33.13
N ILE J 9 -23.59 -32.38 33.53
CA ILE J 9 -23.13 -31.11 32.99
C ILE J 9 -21.79 -31.28 32.27
N VAL J 10 -21.01 -32.27 32.69
CA VAL J 10 -19.66 -32.46 32.19
C VAL J 10 -19.46 -33.89 31.72
N ASP J 11 -18.49 -34.06 30.82
CA ASP J 11 -18.02 -35.37 30.37
C ASP J 11 -16.64 -35.61 30.94
N PHE J 12 -16.42 -36.78 31.51
CA PHE J 12 -15.19 -37.07 32.24
C PHE J 12 -14.17 -37.72 31.31
N ASN J 13 -12.93 -37.23 31.37
CA ASN J 13 -11.83 -37.73 30.56
C ASN J 13 -12.17 -37.81 29.07
N PRO J 14 -12.54 -36.68 28.45
CA PRO J 14 -12.88 -36.73 27.02
C PRO J 14 -11.66 -36.89 26.12
N VAL J 15 -10.57 -36.17 26.41
CA VAL J 15 -9.37 -36.18 25.60
C VAL J 15 -8.20 -36.59 26.46
N GLU J 16 -7.39 -37.52 25.96
CA GLU J 16 -6.23 -38.00 26.69
C GLU J 16 -5.10 -36.97 26.61
N THR J 17 -4.44 -36.75 27.75
CA THR J 17 -3.30 -35.84 27.82
C THR J 17 -2.08 -36.57 27.25
N SER J 18 -1.73 -36.26 26.00
CA SER J 18 -0.64 -36.92 25.32
C SER J 18 0.13 -35.92 24.48
N PHE J 19 1.42 -36.19 24.30
CA PHE J 19 2.29 -35.38 23.46
C PHE J 19 2.33 -35.87 22.01
N GLU J 20 1.58 -36.92 21.68
CA GLU J 20 1.65 -37.48 20.34
C GLU J 20 1.20 -36.49 19.28
N LYS J 21 0.11 -35.76 19.54
CA LYS J 21 -0.39 -34.81 18.57
C LYS J 21 0.44 -33.53 18.52
N TRP J 22 1.29 -33.29 19.50
CA TRP J 22 2.21 -32.15 19.43
C TRP J 22 3.25 -32.36 18.34
N ALA J 23 3.58 -33.60 18.04
CA ALA J 23 4.57 -33.93 17.01
C ALA J 23 3.96 -34.10 15.63
N LYS J 24 2.65 -33.85 15.48
CA LYS J 24 1.96 -33.96 14.20
C LYS J 24 1.30 -32.61 13.92
N PRO J 25 2.06 -31.65 13.38
CA PRO J 25 1.47 -30.34 13.10
C PRO J 25 0.33 -30.43 12.10
N GLY J 26 -0.70 -29.63 12.32
CA GLY J 26 -1.85 -29.64 11.44
C GLY J 26 -2.80 -30.79 11.66
N GLN J 27 -2.70 -31.48 12.80
CA GLN J 27 -3.58 -32.62 13.04
C GLN J 27 -5.04 -32.20 13.17
N PHE J 28 -5.29 -30.95 13.56
CA PHE J 28 -6.66 -30.50 13.75
C PHE J 28 -7.42 -30.40 12.44
N SER J 29 -6.75 -30.03 11.37
CA SER J 29 -7.40 -29.82 10.09
C SER J 29 -7.42 -31.10 9.26
N ARG J 30 -8.53 -31.35 8.58
CA ARG J 30 -8.62 -32.50 7.69
C ARG J 30 -7.70 -32.34 6.49
N THR J 31 -7.50 -31.11 6.02
CA THR J 31 -6.68 -30.88 4.84
C THR J 31 -5.20 -30.79 5.17
N LEU J 32 -4.86 -30.20 6.32
CA LEU J 32 -3.46 -30.02 6.70
C LEU J 32 -2.85 -31.26 7.35
N ALA J 33 -3.67 -32.25 7.72
CA ALA J 33 -3.15 -33.40 8.44
C ALA J 33 -2.25 -34.27 7.55
N LYS J 34 -2.46 -34.23 6.24
CA LYS J 34 -1.68 -35.07 5.33
C LYS J 34 -0.22 -34.65 5.26
N GLY J 35 0.11 -33.44 5.69
CA GLY J 35 1.49 -32.98 5.68
C GLY J 35 1.74 -31.92 4.62
N PRO J 36 2.79 -31.14 4.81
CA PRO J 36 3.07 -30.05 3.85
C PRO J 36 3.61 -30.58 2.53
N LYS J 37 3.13 -29.99 1.45
CA LYS J 37 3.69 -30.17 0.13
C LYS J 37 4.25 -28.89 -0.46
N THR J 38 3.68 -27.75 -0.11
CA THR J 38 4.19 -26.44 -0.49
C THR J 38 4.27 -25.58 0.77
N THR J 39 4.94 -24.42 0.64
CA THR J 39 5.04 -23.50 1.77
C THR J 39 3.70 -22.89 2.15
N THR J 40 2.68 -23.00 1.30
CA THR J 40 1.35 -22.54 1.67
C THR J 40 0.80 -23.31 2.87
N TRP J 41 1.22 -24.56 3.04
CA TRP J 41 0.76 -25.35 4.18
C TRP J 41 1.16 -24.72 5.50
N ILE J 42 2.37 -24.16 5.56
CA ILE J 42 2.86 -23.54 6.78
C ILE J 42 1.97 -22.38 7.18
N TRP J 43 1.65 -21.51 6.23
CA TRP J 43 0.80 -20.36 6.52
C TRP J 43 -0.63 -20.79 6.83
N ASN J 44 -1.14 -21.81 6.13
CA ASN J 44 -2.48 -22.32 6.43
C ASN J 44 -2.54 -22.93 7.81
N LEU J 45 -1.42 -23.43 8.32
CA LEU J 45 -1.40 -24.04 9.64
C LEU J 45 -1.74 -23.01 10.73
N HIS J 46 -1.19 -21.80 10.61
CA HIS J 46 -1.44 -20.78 11.63
C HIS J 46 -2.75 -20.04 11.37
N ALA J 47 -3.20 -19.99 10.12
CA ALA J 47 -4.44 -19.30 9.81
C ALA J 47 -5.67 -20.09 10.23
N ASP J 48 -5.54 -21.39 10.45
CA ASP J 48 -6.66 -22.24 10.84
C ASP J 48 -6.51 -22.79 12.25
N ALA J 49 -5.53 -22.31 13.02
CA ALA J 49 -5.27 -22.88 14.33
C ALA J 49 -6.45 -22.71 15.27
N HIS J 50 -7.03 -21.51 15.32
CA HIS J 50 -8.12 -21.21 16.22
C HIS J 50 -9.48 -21.23 15.53
N ASP J 51 -9.54 -21.65 14.27
CA ASP J 51 -10.82 -21.78 13.57
C ASP J 51 -11.43 -23.14 13.93
N PHE J 52 -11.92 -23.21 15.16
CA PHE J 52 -12.44 -24.47 15.69
C PHE J 52 -13.69 -24.93 14.96
N ASP J 53 -14.36 -24.04 14.23
CA ASP J 53 -15.56 -24.43 13.51
C ASP J 53 -15.26 -25.44 12.41
N ILE J 54 -14.13 -25.29 11.71
CA ILE J 54 -13.77 -26.21 10.64
C ILE J 54 -12.98 -27.41 11.13
N GLN J 55 -12.58 -27.43 12.41
CA GLN J 55 -11.85 -28.56 12.95
C GLN J 55 -12.77 -29.66 13.47
N THR J 56 -13.97 -29.30 13.93
CA THR J 56 -14.95 -30.27 14.40
C THR J 56 -16.32 -29.91 13.83
N ASN J 57 -17.17 -30.92 13.70
CA ASN J 57 -18.54 -30.72 13.23
C ASN J 57 -19.54 -30.65 14.37
N SER J 58 -19.08 -30.64 15.61
CA SER J 58 -19.94 -30.64 16.78
C SER J 58 -19.79 -29.30 17.52
N LEU J 59 -20.93 -28.67 17.82
CA LEU J 59 -20.90 -27.42 18.58
C LEU J 59 -20.33 -27.64 19.98
N GLN J 60 -20.53 -28.82 20.54
CA GLN J 60 -20.01 -29.13 21.88
C GLN J 60 -18.49 -29.05 21.91
N GLU J 61 -17.83 -29.66 20.91
CA GLU J 61 -16.38 -29.65 20.87
C GLU J 61 -15.83 -28.24 20.67
N VAL J 62 -16.48 -27.46 19.79
CA VAL J 62 -16.07 -26.07 19.59
C VAL J 62 -16.21 -25.30 20.88
N SER J 63 -17.31 -25.49 21.60
CA SER J 63 -17.52 -24.77 22.86
C SER J 63 -16.46 -25.14 23.89
N ARG J 64 -16.12 -26.43 23.98
CA ARG J 64 -15.10 -26.86 24.94
C ARG J 64 -13.73 -26.27 24.59
N LYS J 65 -13.39 -26.28 23.29
CA LYS J 65 -12.13 -25.68 22.86
C LYS J 65 -12.10 -24.19 23.19
N ILE J 66 -13.21 -23.49 22.96
CA ILE J 66 -13.30 -22.07 23.26
C ILE J 66 -13.12 -21.82 24.75
N PHE J 67 -13.74 -22.66 25.58
CA PHE J 67 -13.65 -22.51 27.03
C PHE J 67 -12.21 -22.67 27.50
N SER J 68 -11.52 -23.71 27.02
CA SER J 68 -10.12 -23.90 27.39
C SER J 68 -9.22 -22.79 26.84
N ALA J 69 -9.53 -22.28 25.64
CA ALA J 69 -8.76 -21.18 25.09
C ALA J 69 -8.94 -19.92 25.94
N HIS J 70 -10.15 -19.69 26.44
CA HIS J 70 -10.37 -18.58 27.36
C HIS J 70 -9.53 -18.75 28.61
N PHE J 71 -9.46 -19.97 29.14
CA PHE J 71 -8.62 -20.19 30.32
C PHE J 71 -7.15 -19.91 30.02
N GLY J 72 -6.67 -20.35 28.86
CA GLY J 72 -5.29 -20.04 28.48
C GLY J 72 -5.04 -18.55 28.35
N GLN J 73 -5.99 -17.83 27.76
CA GLN J 73 -5.86 -16.38 27.61
C GLN J 73 -5.83 -15.69 28.97
N LEU J 74 -6.69 -16.13 29.89
CA LEU J 74 -6.68 -15.53 31.22
C LEU J 74 -5.40 -15.86 31.97
N ALA J 75 -4.84 -17.06 31.76
CA ALA J 75 -3.54 -17.37 32.33
C ALA J 75 -2.45 -16.46 31.78
N VAL J 76 -2.50 -16.18 30.48
CA VAL J 76 -1.53 -15.26 29.87
C VAL J 76 -1.68 -13.87 30.47
N ILE J 77 -2.91 -13.40 30.63
CA ILE J 77 -3.16 -12.09 31.21
C ILE J 77 -2.64 -12.03 32.64
N PHE J 78 -2.88 -13.08 33.42
CA PHE J 78 -2.40 -13.12 34.79
C PHE J 78 -0.88 -13.12 34.84
N LEU J 79 -0.23 -13.83 33.93
CA LEU J 79 1.23 -13.80 33.85
C LEU J 79 1.74 -12.41 33.51
N TRP J 80 1.06 -11.72 32.60
CA TRP J 80 1.44 -10.36 32.25
C TRP J 80 1.30 -9.42 33.45
N LEU J 81 0.20 -9.54 34.20
CA LEU J 81 0.01 -8.72 35.39
C LEU J 81 1.05 -9.03 36.46
N SER J 82 1.36 -10.31 36.63
CA SER J 82 2.40 -10.71 37.58
C SER J 82 3.74 -10.11 37.18
N GLY J 83 4.05 -10.11 35.89
CA GLY J 83 5.27 -9.47 35.43
C GLY J 83 5.30 -7.99 35.71
N MET J 84 4.17 -7.32 35.51
CA MET J 84 4.11 -5.88 35.79
C MET J 84 4.36 -5.61 37.27
N HIS J 85 3.71 -6.38 38.13
CA HIS J 85 3.89 -6.19 39.57
C HIS J 85 5.31 -6.53 40.00
N PHE J 86 5.90 -7.57 39.40
CA PHE J 86 7.27 -7.93 39.73
C PHE J 86 8.25 -6.84 39.33
N HIS J 87 8.04 -6.25 38.14
CA HIS J 87 8.88 -5.14 37.72
C HIS J 87 8.72 -3.93 38.64
N GLY J 88 7.48 -3.66 39.06
CA GLY J 88 7.27 -2.59 40.03
C GLY J 88 7.99 -2.86 41.34
N ALA J 89 8.03 -4.13 41.75
CA ALA J 89 8.65 -4.49 43.02
C ALA J 89 10.17 -4.41 42.95
N TYR J 90 10.76 -4.85 41.84
CA TYR J 90 12.21 -5.06 41.77
C TYR J 90 12.96 -4.06 40.91
N PHE J 91 12.39 -3.63 39.79
CA PHE J 91 13.10 -2.78 38.83
C PHE J 91 12.41 -1.44 38.68
N SER J 92 11.94 -0.86 39.77
CA SER J 92 11.18 0.38 39.72
C SER J 92 11.62 1.32 40.84
N ASN J 93 11.23 2.58 40.70
CA ASN J 93 11.44 3.61 41.72
C ASN J 93 10.12 3.99 42.38
N TYR J 94 9.26 2.99 42.61
CA TYR J 94 7.94 3.26 43.15
C TYR J 94 8.01 3.87 44.55
N SER J 95 8.94 3.38 45.38
CA SER J 95 9.08 3.94 46.72
C SER J 95 9.51 5.41 46.66
N ALA J 96 10.44 5.74 45.76
CA ALA J 96 10.84 7.13 45.60
C ALA J 96 9.71 7.97 45.02
N TRP J 97 8.95 7.41 44.09
CA TRP J 97 7.83 8.15 43.50
C TRP J 97 6.73 8.41 44.51
N LEU J 98 6.55 7.52 45.48
CA LEU J 98 5.54 7.73 46.51
C LEU J 98 5.80 8.98 47.32
N THR J 99 7.06 9.22 47.67
CA THR J 99 7.42 10.38 48.46
C THR J 99 7.49 11.68 47.66
N ASN J 100 7.49 11.59 46.33
CA ASN J 100 7.55 12.78 45.47
C ASN J 100 6.82 12.49 44.17
N PRO J 101 5.49 12.37 44.23
CA PRO J 101 4.74 12.04 43.00
C PRO J 101 4.80 13.12 41.95
N THR J 102 4.93 14.39 42.34
CA THR J 102 4.88 15.50 41.40
C THR J 102 6.22 15.85 40.77
N SER J 103 7.32 15.27 41.26
CA SER J 103 8.65 15.58 40.74
C SER J 103 9.44 14.37 40.29
N THR J 104 8.94 13.16 40.49
CA THR J 104 9.62 11.94 40.07
C THR J 104 8.81 11.28 38.96
N LYS J 105 9.48 10.92 37.88
CA LYS J 105 8.80 10.28 36.76
C LYS J 105 8.76 8.77 36.99
N PRO J 106 7.60 8.14 36.81
CA PRO J 106 7.49 6.70 37.08
C PRO J 106 8.32 5.88 36.10
N SER J 107 9.17 5.02 36.64
CA SER J 107 9.99 4.11 35.83
C SER J 107 9.96 2.74 36.47
N ALA J 108 9.75 1.70 35.65
CA ALA J 108 9.66 0.33 36.15
C ALA J 108 10.37 -0.66 35.24
N GLN J 109 11.32 -0.21 34.42
CA GLN J 109 12.07 -1.11 33.55
C GLN J 109 13.46 -0.54 33.36
N ILE J 110 14.47 -1.25 33.85
CA ILE J 110 15.85 -0.85 33.66
C ILE J 110 16.42 -1.66 32.50
N VAL J 111 17.40 -1.08 31.82
CA VAL J 111 17.95 -1.62 30.59
C VAL J 111 19.38 -2.06 30.85
N TRP J 112 19.72 -3.27 30.42
CA TRP J 112 21.06 -3.81 30.62
C TRP J 112 22.08 -2.99 29.85
N PRO J 113 23.31 -2.87 30.36
CA PRO J 113 24.37 -2.13 29.65
C PRO J 113 25.09 -2.95 28.59
N ILE J 114 24.46 -3.05 27.41
CA ILE J 114 25.04 -3.74 26.27
C ILE J 114 24.97 -2.82 25.07
N VAL J 115 25.89 -3.04 24.11
CA VAL J 115 25.99 -2.32 22.83
C VAL J 115 25.66 -0.84 22.97
N GLY J 116 25.95 -0.25 24.12
CA GLY J 116 25.69 1.16 24.33
C GLY J 116 24.25 1.53 24.57
N GLN J 117 23.37 0.55 24.79
CA GLN J 117 21.96 0.81 24.98
C GLN J 117 21.62 1.36 26.36
N GLU J 118 22.61 1.45 27.26
CA GLU J 118 22.34 1.95 28.60
C GLU J 118 21.96 3.42 28.63
N VAL J 119 22.11 4.13 27.50
CA VAL J 119 21.62 5.49 27.41
C VAL J 119 20.11 5.55 27.58
N LEU J 120 19.42 4.44 27.32
CA LEU J 120 17.97 4.41 27.49
C LEU J 120 17.55 4.55 28.95
N ASN J 121 18.45 4.27 29.89
CA ASN J 121 18.16 4.46 31.31
C ASN J 121 18.14 5.96 31.59
N ALA J 122 16.94 6.53 31.67
CA ALA J 122 16.76 7.96 31.74
C ALA J 122 16.90 8.46 33.19
N ASP J 123 16.95 9.79 33.33
CA ASP J 123 17.02 10.40 34.66
C ASP J 123 15.60 10.61 35.16
N VAL J 124 14.92 9.54 35.50
CA VAL J 124 13.53 9.58 35.96
C VAL J 124 13.39 10.15 37.35
N GLY J 125 14.49 10.37 38.06
CA GLY J 125 14.45 10.93 39.39
C GLY J 125 14.39 9.87 40.47
N GLY J 126 14.57 10.32 41.71
CA GLY J 126 14.60 9.42 42.85
C GLY J 126 15.78 8.48 42.88
N ASN J 127 16.95 8.97 42.48
CA ASN J 127 18.15 8.12 42.45
C ASN J 127 17.86 6.84 41.69
N PHE J 128 17.31 6.98 40.49
CA PHE J 128 16.97 5.82 39.68
C PHE J 128 17.26 6.11 38.22
N GLN J 129 17.61 5.06 37.49
CA GLN J 129 17.83 5.12 36.05
C GLN J 129 16.99 4.03 35.40
N GLY J 130 16.24 4.39 34.37
CA GLY J 130 15.40 3.43 33.69
C GLY J 130 14.51 4.11 32.67
N ILE J 131 13.60 3.32 32.11
CA ILE J 131 12.68 3.79 31.10
C ILE J 131 11.44 4.35 31.79
N GLN J 132 11.06 5.57 31.43
CA GLN J 132 9.86 6.16 31.99
C GLN J 132 8.62 5.36 31.57
N ILE J 133 7.74 5.13 32.52
CA ILE J 133 6.57 4.28 32.34
C ILE J 133 5.34 5.15 32.12
N THR J 134 4.61 4.88 31.05
CA THR J 134 3.41 5.64 30.70
C THR J 134 2.13 4.81 30.83
N SER J 135 2.19 3.68 31.52
CA SER J 135 1.02 2.85 31.73
C SER J 135 0.27 3.20 33.02
N GLY J 136 0.79 4.13 33.81
CA GLY J 136 0.07 4.58 35.00
C GLY J 136 -0.05 3.57 36.10
N PHE J 137 0.85 2.58 36.16
CA PHE J 137 0.77 1.58 37.21
C PHE J 137 1.06 2.18 38.58
N PHE J 138 1.97 3.16 38.64
CA PHE J 138 2.31 3.77 39.92
C PHE J 138 1.10 4.45 40.54
N GLN J 139 0.35 5.20 39.73
CA GLN J 139 -0.86 5.87 40.21
C GLN J 139 -1.92 4.85 40.63
N LEU J 140 -2.07 3.77 39.85
CA LEU J 140 -3.03 2.73 40.21
C LEU J 140 -2.64 2.05 41.52
N TRP J 141 -1.35 1.75 41.70
CA TRP J 141 -0.90 1.12 42.94
C TRP J 141 -1.08 2.05 44.12
N ARG J 142 -0.83 3.34 43.93
CA ARG J 142 -1.08 4.30 44.99
C ARG J 142 -2.56 4.37 45.36
N ALA J 143 -3.43 4.34 44.34
CA ALA J 143 -4.86 4.33 44.59
C ALA J 143 -5.29 3.06 45.30
N GLU J 144 -4.58 1.96 45.09
CA GLU J 144 -4.86 0.72 45.78
C GLU J 144 -4.37 0.72 47.22
N GLY J 145 -3.63 1.74 47.63
CA GLY J 145 -3.05 1.76 48.96
C GLY J 145 -1.72 1.05 49.09
N ILE J 146 -1.15 0.59 47.99
CA ILE J 146 0.13 -0.11 48.03
C ILE J 146 1.22 0.92 48.31
N THR J 147 1.85 0.83 49.48
CA THR J 147 2.87 1.78 49.89
C THR J 147 4.26 1.16 50.00
N SER J 148 4.42 -0.11 49.66
CA SER J 148 5.70 -0.78 49.75
C SER J 148 5.89 -1.69 48.55
N GLU J 149 7.16 -1.93 48.19
CA GLU J 149 7.47 -2.84 47.11
C GLU J 149 7.30 -4.31 47.51
N VAL J 150 7.23 -4.59 48.81
CA VAL J 150 6.94 -5.96 49.25
C VAL J 150 5.54 -6.36 48.82
N GLU J 151 4.58 -5.44 48.94
CA GLU J 151 3.22 -5.72 48.51
C GLU J 151 3.17 -5.97 47.01
N LEU J 152 3.97 -5.23 46.23
CA LEU J 152 4.05 -5.49 44.80
C LEU J 152 4.61 -6.88 44.52
N TYR J 153 5.63 -7.30 45.29
CA TYR J 153 6.18 -8.63 45.12
C TYR J 153 5.14 -9.71 45.43
N TRP J 154 4.36 -9.50 46.51
CA TRP J 154 3.36 -10.49 46.86
C TRP J 154 2.23 -10.53 45.85
N THR J 155 1.86 -9.38 45.29
CA THR J 155 0.88 -9.36 44.22
C THR J 155 1.39 -10.08 42.99
N ALA J 156 2.69 -9.94 42.68
CA ALA J 156 3.28 -10.66 41.56
C ALA J 156 3.25 -12.17 41.81
N VAL J 157 3.55 -12.59 43.03
CA VAL J 157 3.51 -14.01 43.37
C VAL J 157 2.08 -14.54 43.24
N GLY J 158 1.11 -13.78 43.74
CA GLY J 158 -0.28 -14.16 43.58
C GLY J 158 -0.70 -14.24 42.13
N GLY J 159 -0.18 -13.32 41.30
CA GLY J 159 -0.47 -13.38 39.88
C GLY J 159 0.11 -14.61 39.22
N LEU J 160 1.32 -15.00 39.59
CA LEU J 160 1.90 -16.23 39.07
C LEU J 160 1.07 -17.44 39.49
N VAL J 161 0.66 -17.49 40.74
CA VAL J 161 -0.17 -18.60 41.22
C VAL J 161 -1.49 -18.63 40.47
N ALA J 162 -2.10 -17.47 40.26
CA ALA J 162 -3.36 -17.40 39.53
C ALA J 162 -3.18 -17.84 38.08
N SER J 163 -2.07 -17.45 37.45
CA SER J 163 -1.83 -17.88 36.07
C SER J 163 -1.70 -19.39 35.98
N PHE J 164 -0.96 -19.99 36.92
CA PHE J 164 -0.88 -21.45 36.94
C PHE J 164 -2.25 -22.07 37.16
N LEU J 165 -3.05 -21.45 38.03
CA LEU J 165 -4.40 -21.98 38.29
C LEU J 165 -5.26 -21.94 37.04
N MET J 166 -5.16 -20.87 36.26
CA MET J 166 -5.96 -20.79 35.04
C MET J 166 -5.47 -21.78 33.99
N LEU J 167 -4.16 -21.98 33.90
CA LEU J 167 -3.64 -23.02 33.02
C LEU J 167 -4.17 -24.39 33.41
N PHE J 168 -4.14 -24.69 34.71
CA PHE J 168 -4.64 -25.97 35.19
C PHE J 168 -6.13 -26.09 34.93
N ALA J 169 -6.88 -25.00 35.06
CA ALA J 169 -8.31 -25.02 34.80
C ALA J 169 -8.60 -25.33 33.34
N GLY J 170 -7.85 -24.71 32.43
CA GLY J 170 -8.04 -25.02 31.02
C GLY J 170 -7.73 -26.46 30.70
N TRP J 171 -6.61 -26.97 31.22
CA TRP J 171 -6.29 -28.37 31.01
C TRP J 171 -7.37 -29.28 31.59
N PHE J 172 -7.84 -28.97 32.79
CA PHE J 172 -8.85 -29.78 33.45
C PHE J 172 -10.14 -29.82 32.65
N HIS J 173 -10.58 -28.66 32.18
CA HIS J 173 -11.85 -28.57 31.49
C HIS J 173 -11.78 -28.91 30.01
N TYR J 174 -10.58 -29.20 29.48
CA TYR J 174 -10.56 -29.87 28.18
C TYR J 174 -10.28 -31.36 28.27
N HIS J 175 -9.50 -31.83 29.24
CA HIS J 175 -9.02 -33.20 29.24
C HIS J 175 -9.59 -34.07 30.35
N LYS J 176 -10.04 -33.48 31.46
CA LYS J 176 -10.51 -34.24 32.61
C LYS J 176 -12.00 -34.13 32.83
N ALA J 177 -12.57 -32.92 32.72
CA ALA J 177 -14.02 -32.73 32.90
C ALA J 177 -14.44 -31.58 31.98
N ALA J 178 -14.87 -31.94 30.77
CA ALA J 178 -15.31 -30.94 29.79
C ALA J 178 -16.81 -30.74 29.88
N PRO J 179 -17.28 -29.50 30.00
CA PRO J 179 -18.72 -29.27 30.12
C PRO J 179 -19.45 -29.63 28.83
N LYS J 180 -20.72 -29.96 28.98
CA LYS J 180 -21.56 -30.35 27.86
C LYS J 180 -22.17 -29.12 27.20
N LEU J 181 -22.82 -29.35 26.05
CA LEU J 181 -23.40 -28.25 25.29
C LEU J 181 -24.51 -27.56 26.07
N GLU J 182 -25.33 -28.34 26.79
CA GLU J 182 -26.42 -27.76 27.56
C GLU J 182 -25.91 -26.83 28.64
N TRP J 183 -24.76 -27.16 29.24
CA TRP J 183 -24.13 -26.27 30.20
C TRP J 183 -23.73 -24.95 29.57
N PHE J 184 -23.16 -25.00 28.37
CA PHE J 184 -22.75 -23.77 27.68
C PHE J 184 -23.94 -22.95 27.24
N GLN J 185 -25.06 -23.60 26.92
CA GLN J 185 -26.23 -22.91 26.38
C GLN J 185 -27.14 -22.35 27.46
N ASN J 186 -26.76 -22.45 28.73
CA ASN J 186 -27.52 -21.84 29.82
C ASN J 186 -27.18 -20.35 29.88
N VAL J 187 -27.65 -19.63 28.86
CA VAL J 187 -27.36 -18.20 28.77
C VAL J 187 -28.05 -17.42 29.88
N GLU J 188 -29.20 -17.90 30.35
CA GLU J 188 -29.88 -17.24 31.47
C GLU J 188 -29.04 -17.37 32.74
N SER J 189 -28.59 -18.58 33.05
CA SER J 189 -27.73 -18.79 34.21
C SER J 189 -26.41 -18.06 34.07
N MET J 190 -25.83 -18.08 32.87
CA MET J 190 -24.56 -17.39 32.65
C MET J 190 -24.71 -15.89 32.85
N LEU J 191 -25.79 -15.31 32.32
CA LEU J 191 -26.03 -13.88 32.50
C LEU J 191 -26.27 -13.55 33.96
N ASN J 192 -27.06 -14.37 34.65
CA ASN J 192 -27.32 -14.14 36.06
C ASN J 192 -26.01 -14.13 36.84
N HIS J 193 -25.13 -15.09 36.57
CA HIS J 193 -23.89 -15.18 37.32
C HIS J 193 -22.94 -14.05 36.95
N HIS J 194 -22.76 -13.78 35.65
CA HIS J 194 -21.84 -12.73 35.25
C HIS J 194 -22.31 -11.36 35.74
N LEU J 195 -23.63 -11.17 35.89
CA LEU J 195 -24.13 -9.89 36.35
C LEU J 195 -24.06 -9.77 37.87
N ALA J 196 -24.51 -10.80 38.58
CA ALA J 196 -24.46 -10.72 40.04
C ALA J 196 -23.06 -11.06 40.55
N GLY J 197 -22.63 -12.31 40.41
CA GLY J 197 -21.36 -12.72 40.95
C GLY J 197 -20.21 -11.91 40.40
N LEU J 198 -19.86 -12.09 39.13
CA LEU J 198 -18.68 -11.43 38.58
C LEU J 198 -18.75 -9.92 38.79
N LEU J 199 -19.68 -9.25 38.11
CA LEU J 199 -19.70 -7.78 38.15
C LEU J 199 -20.06 -7.26 39.53
N GLY J 200 -21.23 -7.63 40.05
CA GLY J 200 -21.68 -7.04 41.30
C GLY J 200 -20.80 -7.41 42.48
N LEU J 201 -20.44 -8.68 42.63
CA LEU J 201 -19.61 -9.06 43.75
C LEU J 201 -18.17 -8.56 43.60
N GLY J 202 -17.68 -8.38 42.36
CA GLY J 202 -16.40 -7.73 42.20
C GLY J 202 -16.44 -6.28 42.61
N SER J 203 -17.51 -5.57 42.24
CA SER J 203 -17.67 -4.20 42.68
C SER J 203 -17.79 -4.13 44.20
N LEU J 204 -18.52 -5.07 44.80
CA LEU J 204 -18.67 -5.09 46.26
C LEU J 204 -17.35 -5.37 46.96
N SER J 205 -16.60 -6.34 46.46
CA SER J 205 -15.30 -6.65 47.06
C SER J 205 -14.33 -5.49 46.90
N TRP J 206 -14.35 -4.83 45.75
CA TRP J 206 -13.46 -3.70 45.56
C TRP J 206 -13.88 -2.52 46.42
N ALA J 207 -15.19 -2.33 46.61
CA ALA J 207 -15.66 -1.29 47.53
C ALA J 207 -15.20 -1.58 48.94
N GLY J 208 -15.26 -2.85 49.36
CA GLY J 208 -14.75 -3.21 50.67
C GLY J 208 -13.27 -2.93 50.81
N HIS J 209 -12.49 -3.32 49.79
CA HIS J 209 -11.06 -3.05 49.84
C HIS J 209 -10.79 -1.55 49.89
N GLN J 210 -11.47 -0.77 49.07
CA GLN J 210 -11.27 0.67 49.08
C GLN J 210 -11.57 1.25 50.44
N ILE J 211 -12.74 0.91 50.99
CA ILE J 211 -13.18 1.46 52.26
C ILE J 211 -12.22 1.10 53.39
N HIS J 212 -11.71 -0.13 53.39
CA HIS J 212 -10.92 -0.58 54.53
C HIS J 212 -9.41 -0.41 54.36
N ILE J 213 -8.93 -0.22 53.14
CA ILE J 213 -7.50 -0.17 52.88
C ILE J 213 -7.17 1.11 52.12
N ALA J 214 -7.84 1.33 50.99
CA ALA J 214 -7.46 2.43 50.12
C ALA J 214 -7.88 3.78 50.70
N LEU J 215 -9.07 3.84 51.29
CA LEU J 215 -9.54 5.09 51.89
C LEU J 215 -8.63 5.58 53.01
N PRO J 216 -8.26 4.76 54.00
CA PRO J 216 -7.39 5.31 55.06
C PRO J 216 -5.97 5.56 54.62
N ILE J 217 -5.38 4.63 53.86
CA ILE J 217 -3.98 4.77 53.46
C ILE J 217 -3.79 5.99 52.57
N ASN J 218 -4.69 6.18 51.60
CA ASN J 218 -4.57 7.35 50.72
C ASN J 218 -4.86 8.64 51.45
N LYS J 219 -5.79 8.63 52.40
CA LYS J 219 -6.03 9.83 53.20
C LYS J 219 -4.80 10.20 54.02
N LEU J 220 -4.13 9.20 54.59
CA LEU J 220 -2.89 9.46 55.32
C LEU J 220 -1.80 9.96 54.38
N LEU J 221 -1.72 9.39 53.17
CA LEU J 221 -0.72 9.83 52.20
C LEU J 221 -0.95 11.27 51.81
N ASP J 222 -2.20 11.66 51.56
CA ASP J 222 -2.51 13.04 51.20
C ASP J 222 -2.28 13.99 52.36
N LEU J 223 -2.42 13.51 53.60
CA LEU J 223 -2.14 14.34 54.77
C LEU J 223 -0.67 14.61 54.96
N GLY J 224 0.21 13.94 54.20
CA GLY J 224 1.64 14.13 54.32
C GLY J 224 2.36 13.05 55.11
N VAL J 225 1.64 12.04 55.60
CA VAL J 225 2.29 10.97 56.35
C VAL J 225 3.13 10.13 55.39
N SER J 226 4.40 9.92 55.75
CA SER J 226 5.29 9.15 54.89
C SER J 226 4.87 7.69 54.87
N PRO J 227 5.13 6.97 53.78
CA PRO J 227 4.67 5.57 53.68
C PRO J 227 5.25 4.66 54.74
N GLU J 228 6.40 5.00 55.33
CA GLU J 228 7.02 4.11 56.31
C GLU J 228 6.28 4.12 57.64
N GLU J 229 5.74 5.27 58.04
CA GLU J 229 4.99 5.36 59.30
C GLU J 229 3.50 5.13 59.11
N ILE J 230 3.05 4.89 57.89
CA ILE J 230 1.65 4.50 57.68
C ILE J 230 1.46 3.07 58.17
N PRO J 231 0.39 2.76 58.91
CA PRO J 231 0.21 1.40 59.41
C PRO J 231 0.02 0.41 58.27
N LEU J 232 0.40 -0.84 58.54
CA LEU J 232 0.19 -1.89 57.55
C LEU J 232 -1.30 -2.07 57.30
N PRO J 233 -1.69 -2.45 56.07
CA PRO J 233 -3.12 -2.45 55.73
C PRO J 233 -3.97 -3.34 56.60
N TYR J 234 -3.43 -4.46 57.09
CA TYR J 234 -4.23 -5.35 57.94
C TYR J 234 -4.56 -4.70 59.27
N GLU J 235 -3.71 -3.77 59.73
CA GLU J 235 -3.98 -3.10 60.99
C GLU J 235 -5.19 -2.18 60.92
N PHE J 236 -5.59 -1.76 59.72
CA PHE J 236 -6.80 -0.95 59.59
C PHE J 236 -8.06 -1.78 59.76
N ILE J 237 -7.96 -3.10 59.71
CA ILE J 237 -9.09 -3.99 59.91
C ILE J 237 -9.15 -4.50 61.35
N LEU J 238 -8.01 -4.93 61.90
CA LEU J 238 -7.98 -5.43 63.26
C LEU J 238 -8.21 -4.31 64.27
N ASN J 239 -7.87 -3.08 63.93
CA ASN J 239 -8.01 -1.94 64.81
C ASN J 239 -9.02 -0.97 64.22
N ARG J 240 -10.20 -0.88 64.82
CA ARG J 240 -11.24 0.04 64.40
C ARG J 240 -10.96 1.48 64.82
N ASP J 241 -9.78 1.75 65.37
CA ASP J 241 -9.43 3.10 65.81
C ASP J 241 -8.46 3.80 64.87
N LEU J 242 -7.73 3.06 64.04
CA LEU J 242 -6.86 3.68 63.04
C LEU J 242 -7.64 4.25 61.88
N ILE J 243 -8.85 3.75 61.63
CA ILE J 243 -9.66 4.20 60.51
C ILE J 243 -10.76 5.13 61.02
N ALA J 244 -11.14 4.98 62.29
CA ALA J 244 -12.14 5.86 62.88
C ALA J 244 -11.60 7.24 63.21
N GLN J 245 -10.28 7.44 63.15
CA GLN J 245 -9.74 8.78 63.31
C GLN J 245 -9.81 9.56 62.01
N LEU J 246 -9.52 8.91 60.89
CA LEU J 246 -9.63 9.57 59.59
C LEU J 246 -11.08 9.74 59.17
N TYR J 247 -11.90 8.71 59.39
CA TYR J 247 -13.33 8.74 59.08
C TYR J 247 -14.09 8.41 60.36
N PRO J 248 -14.54 9.42 61.11
CA PRO J 248 -15.16 9.18 62.42
C PRO J 248 -16.60 8.67 62.33
N SER J 249 -16.81 7.69 61.45
CA SER J 249 -18.09 7.01 61.33
C SER J 249 -17.99 5.51 61.53
N PHE J 250 -16.76 4.96 61.54
CA PHE J 250 -16.58 3.54 61.84
C PHE J 250 -16.81 3.22 63.31
N ASN J 251 -16.85 4.24 64.17
CA ASN J 251 -17.10 4.02 65.58
C ASN J 251 -18.49 3.45 65.83
N LYS J 252 -19.42 3.66 64.90
CA LYS J 252 -20.76 3.10 65.00
C LYS J 252 -20.86 1.69 64.44
N GLY J 253 -19.80 1.18 63.82
CA GLY J 253 -19.82 -0.18 63.31
C GLY J 253 -20.78 -0.33 62.14
N LEU J 254 -21.30 -1.54 61.99
CA LEU J 254 -22.26 -1.85 60.95
C LEU J 254 -23.70 -1.66 61.38
N THR J 255 -23.93 -1.17 62.60
CA THR J 255 -25.30 -0.90 63.04
C THR J 255 -26.04 0.10 62.15
N PRO J 256 -25.45 1.22 61.71
CA PRO J 256 -26.18 2.10 60.78
C PRO J 256 -26.57 1.41 59.48
N PHE J 257 -25.77 0.45 59.01
CA PHE J 257 -26.11 -0.26 57.78
C PHE J 257 -27.36 -1.11 57.97
N PHE J 258 -27.40 -1.91 59.05
CA PHE J 258 -28.51 -2.82 59.26
C PHE J 258 -29.75 -2.13 59.83
N THR J 259 -29.60 -0.92 60.34
CA THR J 259 -30.73 -0.14 60.83
C THR J 259 -31.22 0.88 59.81
N LEU J 260 -30.76 0.78 58.57
CA LEU J 260 -31.13 1.65 57.45
C LEU J 260 -30.75 3.11 57.69
N ASN J 261 -29.89 3.37 58.68
CA ASN J 261 -29.41 4.73 58.93
C ASN J 261 -28.13 4.98 58.14
N TRP J 262 -28.26 4.86 56.81
CA TRP J 262 -27.13 4.96 55.91
C TRP J 262 -26.55 6.37 55.84
N GLY J 263 -27.24 7.37 56.39
CA GLY J 263 -26.70 8.71 56.44
C GLY J 263 -25.48 8.85 57.31
N GLU J 264 -25.30 7.94 58.27
CA GLU J 264 -24.14 8.00 59.15
C GLU J 264 -22.84 7.76 58.38
N TYR J 265 -22.90 6.99 57.29
CA TYR J 265 -21.73 6.63 56.52
C TYR J 265 -21.35 7.70 55.49
N SER J 266 -21.88 8.91 55.63
CA SER J 266 -21.52 10.00 54.71
C SER J 266 -20.08 10.43 54.87
N ASP J 267 -19.39 9.99 55.92
CA ASP J 267 -17.98 10.36 56.10
C ASP J 267 -17.12 9.78 54.98
N PHE J 268 -17.33 8.51 54.64
CA PHE J 268 -16.51 7.83 53.64
C PHE J 268 -17.29 7.40 52.40
N LEU J 269 -18.60 7.60 52.37
CA LEU J 269 -19.41 7.38 51.18
C LEU J 269 -19.99 8.74 50.79
N THR J 270 -19.21 9.51 50.06
CA THR J 270 -19.59 10.87 49.69
C THR J 270 -20.10 10.91 48.26
N PHE J 271 -20.66 12.07 47.89
CA PHE J 271 -21.01 12.36 46.51
C PHE J 271 -20.58 13.82 46.28
N LYS J 272 -19.34 13.99 45.86
CA LYS J 272 -18.72 15.30 45.76
C LYS J 272 -18.51 15.76 44.32
N GLY J 273 -18.08 14.87 43.44
CA GLY J 273 -17.73 15.31 42.11
C GLY J 273 -16.39 16.03 42.11
N GLY J 274 -16.03 16.53 40.93
CA GLY J 274 -14.78 17.25 40.83
C GLY J 274 -13.58 16.35 41.06
N LEU J 275 -12.50 16.95 41.57
CA LEU J 275 -11.25 16.24 41.80
C LEU J 275 -10.71 16.59 43.18
N ASN J 276 -9.89 15.68 43.70
CA ASN J 276 -9.19 15.94 44.95
C ASN J 276 -8.16 17.04 44.73
N PRO J 277 -8.23 18.15 45.47
CA PRO J 277 -7.26 19.24 45.24
C PRO J 277 -5.84 18.86 45.55
N VAL J 278 -5.61 17.83 46.37
CA VAL J 278 -4.25 17.44 46.73
C VAL J 278 -3.63 16.60 45.63
N THR J 279 -4.36 15.60 45.14
CA THR J 279 -3.82 14.65 44.17
C THR J 279 -4.28 14.90 42.74
N GLY J 280 -5.36 15.64 42.55
CA GLY J 280 -5.88 15.88 41.22
C GLY J 280 -6.75 14.77 40.67
N GLY J 281 -6.93 13.68 41.41
CA GLY J 281 -7.79 12.59 40.99
C GLY J 281 -9.16 12.66 41.64
N LEU J 282 -9.99 11.70 41.28
CA LEU J 282 -11.33 11.61 41.87
C LEU J 282 -11.23 11.30 43.35
N TRP J 283 -12.19 11.84 44.12
CA TRP J 283 -12.27 11.54 45.54
C TRP J 283 -12.49 10.04 45.72
N LEU J 284 -11.59 9.40 46.48
CA LEU J 284 -11.70 7.96 46.67
C LEU J 284 -12.93 7.58 47.48
N THR J 285 -13.44 8.49 48.32
CA THR J 285 -14.73 8.24 48.95
C THR J 285 -15.84 8.16 47.90
N ASP J 286 -15.80 9.06 46.92
CA ASP J 286 -16.74 8.99 45.80
C ASP J 286 -16.57 7.69 45.04
N THR J 287 -15.32 7.25 44.84
CA THR J 287 -15.08 5.99 44.13
C THR J 287 -15.64 4.80 44.89
N ALA J 288 -15.45 4.77 46.21
CA ALA J 288 -15.97 3.67 47.01
C ALA J 288 -17.50 3.65 46.99
N HIS J 289 -18.12 4.83 47.12
CA HIS J 289 -19.57 4.91 47.04
C HIS J 289 -20.06 4.46 45.67
N HIS J 290 -19.34 4.85 44.62
CA HIS J 290 -19.69 4.45 43.26
C HIS J 290 -19.66 2.93 43.12
N HIS J 291 -18.58 2.31 43.61
CA HIS J 291 -18.47 0.86 43.48
C HIS J 291 -19.53 0.15 44.30
N LEU J 292 -19.86 0.68 45.46
CA LEU J 292 -20.94 0.11 46.26
C LEU J 292 -22.26 0.15 45.51
N ALA J 293 -22.60 1.32 44.94
CA ALA J 293 -23.85 1.45 44.20
C ALA J 293 -23.86 0.54 42.98
N ILE J 294 -22.73 0.45 42.29
CA ILE J 294 -22.61 -0.43 41.12
C ILE J 294 -22.80 -1.88 41.54
N ALA J 295 -22.23 -2.27 42.68
CA ALA J 295 -22.38 -3.63 43.18
C ALA J 295 -23.85 -3.95 43.45
N VAL J 296 -24.54 -3.04 44.14
CA VAL J 296 -25.94 -3.29 44.45
C VAL J 296 -26.76 -3.38 43.16
N LEU J 297 -26.51 -2.46 42.23
CA LEU J 297 -27.26 -2.45 40.98
C LEU J 297 -27.03 -3.73 40.18
N PHE J 298 -25.78 -4.20 40.12
CA PHE J 298 -25.49 -5.38 39.33
C PHE J 298 -26.01 -6.65 40.00
N ILE J 299 -25.93 -6.71 41.33
CA ILE J 299 -26.50 -7.86 42.03
C ILE J 299 -28.00 -7.93 41.79
N VAL J 300 -28.68 -6.78 41.87
CA VAL J 300 -30.11 -6.75 41.58
C VAL J 300 -30.37 -7.19 40.14
N ALA J 301 -29.56 -6.67 39.20
CA ALA J 301 -29.75 -7.02 37.79
C ALA J 301 -29.48 -8.48 37.52
N GLY J 302 -28.74 -9.17 38.38
CA GLY J 302 -28.46 -10.58 38.17
C GLY J 302 -29.63 -11.49 38.47
N HIS J 303 -30.65 -11.00 39.18
CA HIS J 303 -31.86 -11.78 39.46
C HIS J 303 -32.95 -11.50 38.45
N MET J 304 -32.64 -11.63 37.16
CA MET J 304 -33.60 -11.30 36.11
C MET J 304 -34.05 -12.48 35.28
N TYR J 305 -33.14 -13.39 34.94
CA TYR J 305 -33.43 -14.46 34.00
C TYR J 305 -33.72 -15.77 34.73
N LYS J 306 -34.69 -16.51 34.21
CA LYS J 306 -35.09 -17.76 34.84
C LYS J 306 -34.05 -18.84 34.56
N THR J 307 -33.52 -19.43 35.64
CA THR J 307 -32.46 -20.42 35.50
C THR J 307 -32.89 -21.81 35.97
N ASN J 308 -33.30 -21.96 37.23
CA ASN J 308 -33.61 -23.27 37.77
C ASN J 308 -34.86 -23.30 38.63
N TRP J 309 -35.50 -22.17 38.88
CA TRP J 309 -36.73 -22.12 39.66
C TRP J 309 -37.83 -21.49 38.80
N PHE J 310 -39.05 -21.51 39.32
CA PHE J 310 -40.16 -20.79 38.68
C PHE J 310 -40.07 -19.32 39.09
N LEU J 311 -39.07 -18.65 38.54
CA LEU J 311 -38.77 -17.27 38.89
C LEU J 311 -37.79 -16.72 37.87
N GLY J 312 -38.05 -15.50 37.41
CA GLY J 312 -37.19 -14.85 36.44
C GLY J 312 -37.79 -14.85 35.05
N HIS J 313 -36.99 -14.35 34.11
CA HIS J 313 -37.41 -14.19 32.73
C HIS J 313 -36.80 -15.28 31.85
N SER J 314 -37.48 -15.58 30.76
CA SER J 314 -36.94 -16.37 29.66
C SER J 314 -36.63 -15.42 28.53
N ILE J 315 -35.37 -15.39 28.09
CA ILE J 315 -34.97 -14.47 27.03
C ILE J 315 -35.71 -14.81 25.74
N LYS J 316 -36.06 -16.07 25.53
CA LYS J 316 -36.82 -16.45 24.35
C LYS J 316 -38.20 -15.79 24.35
N THR J 317 -38.87 -15.78 25.50
CA THR J 317 -40.20 -15.17 25.56
C THR J 317 -40.14 -13.66 25.44
N ILE J 318 -39.09 -13.03 25.98
CA ILE J 318 -38.95 -11.58 25.85
C ILE J 318 -38.75 -11.19 24.40
N LEU J 319 -37.84 -11.86 23.70
CA LEU J 319 -37.53 -11.51 22.32
C LEU J 319 -38.73 -11.75 21.41
N GLU J 320 -39.41 -12.90 21.58
CA GLU J 320 -40.50 -13.25 20.68
C GLU J 320 -41.70 -12.34 20.84
N ALA J 321 -41.83 -11.63 21.95
CA ALA J 321 -42.93 -10.72 22.16
C ALA J 321 -42.69 -9.33 21.59
N HIS J 322 -41.47 -9.05 21.12
CA HIS J 322 -41.12 -7.73 20.61
C HIS J 322 -41.21 -7.73 19.08
N LYS J 323 -42.43 -7.83 18.60
CA LYS J 323 -42.74 -7.68 17.18
C LYS J 323 -43.26 -6.27 16.94
N GLY J 324 -43.61 -5.99 15.69
CA GLY J 324 -44.14 -4.68 15.34
C GLY J 324 -44.68 -4.63 13.93
N PRO J 325 -45.45 -3.59 13.63
CA PRO J 325 -45.97 -3.43 12.26
C PRO J 325 -44.88 -3.29 11.22
N PHE J 326 -43.77 -2.64 11.56
CA PHE J 326 -42.69 -2.40 10.62
C PHE J 326 -41.65 -3.51 10.58
N THR J 327 -41.68 -4.44 11.53
CA THR J 327 -40.59 -5.41 11.68
C THR J 327 -41.05 -6.87 11.58
N GLY J 328 -42.26 -7.12 11.12
CA GLY J 328 -42.69 -8.49 10.87
C GLY J 328 -42.65 -9.34 12.11
N GLU J 329 -41.89 -10.45 12.05
CA GLU J 329 -41.78 -11.37 13.17
C GLU J 329 -40.94 -10.81 14.31
N GLY J 330 -40.26 -9.69 14.11
CA GLY J 330 -39.49 -9.10 15.19
C GLY J 330 -38.28 -9.94 15.55
N HIS J 331 -38.08 -10.12 16.85
CA HIS J 331 -36.90 -10.79 17.39
C HIS J 331 -37.08 -12.30 17.49
N LYS J 332 -38.06 -12.88 16.79
CA LYS J 332 -38.24 -14.32 16.84
C LYS J 332 -37.07 -15.00 16.12
N GLY J 333 -36.46 -15.97 16.80
CA GLY J 333 -35.32 -16.67 16.26
C GLY J 333 -33.98 -16.10 16.67
N LEU J 334 -33.94 -14.90 17.25
CA LEU J 334 -32.68 -14.34 17.69
C LEU J 334 -32.08 -15.12 18.85
N TYR J 335 -32.92 -15.68 19.72
CA TYR J 335 -32.42 -16.50 20.82
C TYR J 335 -31.74 -17.75 20.28
N GLU J 336 -32.32 -18.38 19.25
CA GLU J 336 -31.68 -19.54 18.63
C GLU J 336 -30.39 -19.15 17.93
N VAL J 337 -30.33 -17.94 17.36
CA VAL J 337 -29.11 -17.48 16.70
C VAL J 337 -27.98 -17.31 17.71
N LEU J 338 -28.28 -16.69 18.84
CA LEU J 338 -27.25 -16.35 19.82
C LEU J 338 -26.92 -17.49 20.78
N THR J 339 -27.66 -18.60 20.73
CA THR J 339 -27.36 -19.77 21.54
C THR J 339 -26.81 -20.92 20.71
N THR J 340 -26.70 -20.76 19.40
CA THR J 340 -26.15 -21.80 18.53
C THR J 340 -24.99 -21.30 17.67
N SER J 341 -24.61 -20.03 17.78
CA SER J 341 -23.53 -19.46 16.98
C SER J 341 -22.59 -18.71 17.90
N TRP J 342 -21.35 -19.19 18.01
CA TRP J 342 -20.34 -18.45 18.77
C TRP J 342 -19.95 -17.16 18.06
N HIS J 343 -20.04 -17.12 16.74
CA HIS J 343 -19.60 -15.95 15.99
C HIS J 343 -20.52 -14.76 16.23
N ALA J 344 -21.83 -14.99 16.35
CA ALA J 344 -22.75 -13.89 16.66
C ALA J 344 -22.48 -13.31 18.04
N GLN J 345 -22.27 -14.18 19.03
CA GLN J 345 -21.91 -13.70 20.36
C GLN J 345 -20.60 -12.93 20.32
N LEU J 346 -19.62 -13.42 19.58
CA LEU J 346 -18.34 -12.72 19.46
C LEU J 346 -18.53 -11.37 18.81
N ALA J 347 -19.38 -11.29 17.78
CA ALA J 347 -19.63 -10.01 17.12
C ALA J 347 -20.20 -9.00 18.11
N ILE J 348 -21.27 -9.37 18.80
CA ILE J 348 -21.90 -8.44 19.74
C ILE J 348 -20.92 -8.05 20.84
N ASN J 349 -20.26 -9.04 21.44
CA ASN J 349 -19.38 -8.79 22.56
C ASN J 349 -18.19 -7.93 22.16
N LEU J 350 -17.60 -8.20 21.00
CA LEU J 350 -16.44 -7.44 20.55
C LEU J 350 -16.83 -6.01 20.20
N ALA J 351 -17.97 -5.82 19.52
CA ALA J 351 -18.38 -4.46 19.20
C ALA J 351 -18.64 -3.64 20.46
N LEU J 352 -19.44 -4.20 21.39
CA LEU J 352 -19.72 -3.47 22.62
C LEU J 352 -18.48 -3.33 23.48
N PHE J 353 -17.55 -4.26 23.37
CA PHE J 353 -16.32 -4.23 24.16
C PHE J 353 -15.39 -3.13 23.66
N GLY J 354 -15.26 -2.98 22.34
CA GLY J 354 -14.49 -1.88 21.80
C GLY J 354 -15.13 -0.53 22.09
N SER J 355 -16.45 -0.45 21.97
CA SER J 355 -17.14 0.79 22.32
C SER J 355 -16.93 1.12 23.79
N LEU J 356 -16.98 0.11 24.65
CA LEU J 356 -16.72 0.32 26.08
C LEU J 356 -15.28 0.78 26.31
N SER J 357 -14.33 0.23 25.57
CA SER J 357 -12.94 0.67 25.72
C SER J 357 -12.78 2.13 25.34
N ILE J 358 -13.45 2.56 24.26
CA ILE J 358 -13.37 3.97 23.86
C ILE J 358 -14.04 4.87 24.92
N ILE J 359 -15.18 4.42 25.45
CA ILE J 359 -15.84 5.18 26.50
C ILE J 359 -14.95 5.29 27.74
N VAL J 360 -14.27 4.19 28.08
CA VAL J 360 -13.32 4.20 29.20
C VAL J 360 -12.22 5.21 28.92
N ALA J 361 -11.68 5.20 27.70
CA ALA J 361 -10.63 6.14 27.36
C ALA J 361 -11.09 7.58 27.55
N HIS J 362 -12.32 7.88 27.13
CA HIS J 362 -12.83 9.24 27.30
C HIS J 362 -12.97 9.60 28.78
N HIS J 363 -13.65 8.74 29.54
CA HIS J 363 -13.91 9.04 30.95
C HIS J 363 -12.63 9.07 31.78
N MET J 364 -11.55 8.44 31.30
CA MET J 364 -10.29 8.44 32.03
C MET J 364 -9.72 9.85 32.15
N TYR J 365 -9.35 10.46 31.03
CA TYR J 365 -8.80 11.82 31.09
C TYR J 365 -9.87 12.81 31.51
N ALA J 366 -11.12 12.58 31.14
CA ALA J 366 -12.17 13.53 31.49
C ALA J 366 -12.29 13.69 33.01
N MET J 367 -12.25 12.57 33.74
CA MET J 367 -12.33 12.56 35.19
C MET J 367 -11.22 11.65 35.69
N PRO J 368 -10.02 12.19 35.91
CA PRO J 368 -8.89 11.36 36.32
C PRO J 368 -9.18 10.62 37.61
N PRO J 369 -9.19 9.29 37.57
CA PRO J 369 -9.58 8.50 38.74
C PRO J 369 -8.45 8.08 39.66
N TYR J 370 -7.21 8.45 39.35
CA TYR J 370 -6.07 8.02 40.16
C TYR J 370 -5.32 9.23 40.69
N PRO J 371 -4.72 9.12 41.87
CA PRO J 371 -3.94 10.24 42.42
C PRO J 371 -2.71 10.51 41.58
N TYR J 372 -2.47 11.79 41.29
CA TYR J 372 -1.29 12.24 40.56
C TYR J 372 -1.16 11.60 39.19
N ILE J 373 -2.29 11.30 38.55
CA ILE J 373 -2.29 10.81 37.19
C ILE J 373 -2.67 11.89 36.18
N ALA J 374 -3.43 12.91 36.60
CA ALA J 374 -3.79 13.98 35.69
C ALA J 374 -2.59 14.84 35.34
N ILE J 375 -1.65 15.01 36.27
CA ILE J 375 -0.45 15.80 36.02
C ILE J 375 0.65 15.00 35.36
N ASP J 376 0.48 13.68 35.21
CA ASP J 376 1.41 12.87 34.43
C ASP J 376 0.87 12.79 33.00
N TYR J 377 1.20 13.81 32.23
CA TYR J 377 0.70 13.91 30.86
C TYR J 377 1.06 12.69 29.99
N PRO J 378 2.28 12.15 30.04
CA PRO J 378 2.55 10.94 29.25
C PRO J 378 1.60 9.81 29.58
N THR J 379 1.28 9.60 30.85
CA THR J 379 0.37 8.53 31.24
C THR J 379 -1.02 8.76 30.66
N GLN J 380 -1.53 9.99 30.77
CA GLN J 380 -2.87 10.28 30.25
C GLN J 380 -2.94 10.07 28.75
N LEU J 381 -1.95 10.62 28.02
CA LEU J 381 -1.95 10.49 26.58
C LEU J 381 -1.85 9.03 26.16
N SER J 382 -0.95 8.28 26.79
CA SER J 382 -0.77 6.88 26.44
C SER J 382 -2.01 6.07 26.74
N LEU J 383 -2.63 6.29 27.91
CA LEU J 383 -3.83 5.55 28.27
C LEU J 383 -4.96 5.81 27.29
N PHE J 384 -5.19 7.09 26.97
CA PHE J 384 -6.25 7.41 26.02
C PHE J 384 -6.00 6.76 24.66
N THR J 385 -4.80 6.97 24.12
CA THR J 385 -4.51 6.45 22.78
C THR J 385 -4.59 4.94 22.74
N HIS J 386 -4.03 4.27 23.75
CA HIS J 386 -4.05 2.81 23.79
C HIS J 386 -5.47 2.29 23.86
N HIS J 387 -6.31 2.88 24.72
CA HIS J 387 -7.66 2.36 24.88
C HIS J 387 -8.50 2.64 23.64
N VAL J 388 -8.30 3.78 22.98
CA VAL J 388 -9.04 4.05 21.76
C VAL J 388 -8.61 3.10 20.65
N TRP J 389 -7.31 2.79 20.57
CA TRP J 389 -6.84 1.83 19.57
C TRP J 389 -7.43 0.45 19.82
N ILE J 390 -7.44 0.01 21.08
CA ILE J 390 -8.02 -1.28 21.40
C ILE J 390 -9.49 -1.30 21.06
N GLY J 391 -10.19 -0.20 21.34
CA GLY J 391 -11.61 -0.13 21.02
C GLY J 391 -11.88 -0.24 19.53
N GLY J 392 -11.10 0.49 18.73
CA GLY J 392 -11.28 0.42 17.28
C GLY J 392 -11.01 -0.97 16.74
N PHE J 393 -9.93 -1.61 17.21
CA PHE J 393 -9.62 -2.96 16.77
C PHE J 393 -10.74 -3.92 17.15
N CYS J 394 -11.26 -3.82 18.38
CA CYS J 394 -12.31 -4.73 18.83
C CYS J 394 -13.60 -4.50 18.05
N ILE J 395 -13.89 -3.26 17.68
CA ILE J 395 -15.09 -2.99 16.89
C ILE J 395 -14.97 -3.60 15.50
N VAL J 396 -13.80 -3.45 14.88
CA VAL J 396 -13.59 -4.08 13.57
C VAL J 396 -13.71 -5.59 13.70
N GLY J 397 -13.22 -6.15 14.79
CA GLY J 397 -13.36 -7.59 15.01
C GLY J 397 -14.79 -8.03 15.18
N GLY J 398 -15.59 -7.22 15.89
CA GLY J 398 -17.01 -7.54 16.00
C GLY J 398 -17.70 -7.53 14.66
N ALA J 399 -17.38 -6.56 13.81
CA ALA J 399 -17.94 -6.55 12.46
C ALA J 399 -17.49 -7.78 11.68
N ALA J 400 -16.22 -8.16 11.81
CA ALA J 400 -15.70 -9.31 11.10
C ALA J 400 -16.44 -10.58 11.52
N HIS J 401 -16.68 -10.74 12.81
CA HIS J 401 -17.34 -11.97 13.26
C HIS J 401 -18.84 -11.95 13.00
N GLY J 402 -19.45 -10.77 12.90
CA GLY J 402 -20.81 -10.72 12.37
C GLY J 402 -20.87 -11.21 10.94
N ALA J 403 -19.90 -10.79 10.12
CA ALA J 403 -19.84 -11.28 8.75
C ALA J 403 -19.60 -12.79 8.72
N ILE J 404 -18.73 -13.29 9.61
CA ILE J 404 -18.45 -14.72 9.67
C ILE J 404 -19.71 -15.49 10.03
N PHE J 405 -20.48 -14.98 11.01
CA PHE J 405 -21.74 -15.63 11.35
C PHE J 405 -22.68 -15.65 10.16
N PHE J 406 -22.78 -14.54 9.44
CA PHE J 406 -23.68 -14.49 8.29
C PHE J 406 -23.27 -15.51 7.24
N VAL J 407 -21.97 -15.66 7.00
CA VAL J 407 -21.51 -16.60 5.99
C VAL J 407 -21.75 -18.03 6.43
N ARG J 408 -21.37 -18.36 7.67
CA ARG J 408 -21.29 -19.74 8.12
C ARG J 408 -22.53 -20.19 8.90
N ASP J 409 -22.85 -19.51 10.00
CA ASP J 409 -23.84 -20.00 10.94
C ASP J 409 -25.25 -19.46 10.69
N TYR J 410 -25.45 -18.70 9.62
CA TYR J 410 -26.78 -18.15 9.35
C TYR J 410 -27.63 -19.18 8.62
N ASN J 411 -28.80 -19.47 9.18
CA ASN J 411 -29.76 -20.39 8.58
C ASN J 411 -30.95 -19.57 8.09
N ALA J 412 -31.20 -19.63 6.78
CA ALA J 412 -32.30 -18.86 6.20
C ALA J 412 -33.65 -19.36 6.69
N ALA J 413 -33.81 -20.68 6.81
CA ALA J 413 -35.08 -21.25 7.24
C ALA J 413 -35.45 -20.82 8.65
N ASN J 414 -34.47 -20.83 9.56
CA ASN J 414 -34.73 -20.48 10.95
C ASN J 414 -34.96 -18.99 11.17
N ASN J 415 -34.72 -18.16 10.15
CA ASN J 415 -34.85 -16.72 10.30
C ASN J 415 -35.82 -16.15 9.27
N TYR J 416 -36.99 -16.77 9.15
CA TYR J 416 -37.99 -16.33 8.18
C TYR J 416 -38.71 -15.10 8.69
N ASN J 417 -38.55 -13.99 7.98
CA ASN J 417 -39.26 -12.73 8.24
C ASN J 417 -38.95 -12.15 9.61
N ASN J 418 -37.81 -12.49 10.20
CA ASN J 418 -37.39 -11.87 11.45
C ASN J 418 -36.55 -10.63 11.14
N LEU J 419 -35.91 -10.07 12.17
CA LEU J 419 -35.16 -8.83 11.97
C LEU J 419 -33.98 -9.05 11.02
N ILE J 420 -33.26 -10.16 11.18
CA ILE J 420 -32.11 -10.42 10.32
C ILE J 420 -32.55 -10.55 8.86
N ASP J 421 -33.63 -11.29 8.63
CA ASP J 421 -34.13 -11.45 7.27
C ASP J 421 -34.54 -10.11 6.66
N ARG J 422 -35.28 -9.30 7.43
CA ARG J 422 -35.76 -8.03 6.90
C ARG J 422 -34.63 -7.05 6.65
N VAL J 423 -33.54 -7.14 7.42
CA VAL J 423 -32.39 -6.29 7.17
C VAL J 423 -31.73 -6.66 5.85
N ILE J 424 -31.55 -7.96 5.60
CA ILE J 424 -30.96 -8.40 4.34
C ILE J 424 -31.87 -8.05 3.16
N ARG J 425 -33.18 -8.07 3.37
CA ARG J 425 -34.11 -7.82 2.28
C ARG J 425 -34.05 -6.39 1.76
N HIS J 426 -33.61 -5.43 2.57
CA HIS J 426 -33.48 -4.05 2.13
C HIS J 426 -32.06 -3.53 2.35
N ARG J 427 -31.07 -4.41 2.23
CA ARG J 427 -29.68 -4.00 2.41
C ARG J 427 -29.27 -2.90 1.43
N ASP J 428 -29.86 -2.91 0.24
CA ASP J 428 -29.55 -1.89 -0.74
C ASP J 428 -29.86 -0.51 -0.19
N ALA J 429 -31.07 -0.34 0.34
CA ALA J 429 -31.48 0.96 0.86
C ALA J 429 -30.53 1.42 1.95
N ILE J 430 -30.20 0.53 2.89
CA ILE J 430 -29.30 0.88 3.99
C ILE J 430 -27.96 1.33 3.44
N ILE J 431 -27.38 0.54 2.53
CA ILE J 431 -26.04 0.83 2.05
C ILE J 431 -26.02 2.07 1.19
N SER J 432 -27.05 2.28 0.36
CA SER J 432 -27.10 3.47 -0.47
C SER J 432 -27.24 4.75 0.36
N HIS J 433 -28.10 4.71 1.38
CA HIS J 433 -28.26 5.90 2.21
C HIS J 433 -27.02 6.15 3.07
N LEU J 434 -26.37 5.07 3.54
CA LEU J 434 -25.12 5.24 4.27
C LEU J 434 -24.03 5.79 3.36
N ASN J 435 -24.03 5.37 2.09
CA ASN J 435 -23.11 5.95 1.11
C ASN J 435 -23.36 7.43 0.93
N TRP J 436 -24.63 7.83 0.80
CA TRP J 436 -24.94 9.25 0.66
C TRP J 436 -24.51 10.03 1.89
N VAL J 437 -24.76 9.49 3.08
CA VAL J 437 -24.37 10.16 4.31
C VAL J 437 -22.86 10.30 4.38
N CYS J 438 -22.13 9.25 4.01
CA CYS J 438 -20.68 9.32 4.03
C CYS J 438 -20.17 10.38 3.07
N ILE J 439 -20.74 10.44 1.87
CA ILE J 439 -20.31 11.46 0.91
C ILE J 439 -20.63 12.85 1.43
N PHE J 440 -21.83 13.03 2.00
CA PHE J 440 -22.21 14.34 2.54
C PHE J 440 -21.25 14.76 3.65
N LEU J 441 -21.00 13.87 4.61
CA LEU J 441 -20.15 14.21 5.74
C LEU J 441 -18.72 14.47 5.30
N GLY J 442 -18.19 13.64 4.39
CA GLY J 442 -16.82 13.85 3.93
C GLY J 442 -16.69 15.12 3.13
N CYS J 443 -17.52 15.29 2.11
CA CYS J 443 -17.58 16.55 1.39
C CYS J 443 -17.56 17.73 2.36
N HIS J 444 -18.50 17.76 3.29
CA HIS J 444 -18.60 18.91 4.17
C HIS J 444 -17.39 19.05 5.07
N SER J 445 -17.14 18.10 5.95
CA SER J 445 -16.04 18.28 6.88
C SER J 445 -14.73 18.57 6.14
N PHE J 446 -14.31 17.67 5.26
CA PHE J 446 -12.99 17.80 4.67
C PHE J 446 -12.94 18.98 3.71
N GLY J 447 -14.03 19.30 3.02
CA GLY J 447 -14.00 20.39 2.07
C GLY J 447 -14.06 21.74 2.73
N LEU J 448 -14.53 21.73 3.98
CA LEU J 448 -14.48 22.95 4.74
C LEU J 448 -13.03 23.09 5.15
N TYR J 449 -12.38 21.98 5.52
CA TYR J 449 -10.94 22.08 5.80
C TYR J 449 -10.17 22.60 4.59
N VAL J 450 -10.46 22.07 3.40
CA VAL J 450 -9.75 22.47 2.19
C VAL J 450 -10.09 23.89 1.79
N HIS J 451 -11.34 24.31 2.00
CA HIS J 451 -11.73 25.69 1.75
C HIS J 451 -10.97 26.64 2.66
N ASN J 452 -10.83 26.28 3.94
CA ASN J 452 -10.01 27.09 4.83
C ASN J 452 -8.59 27.17 4.33
N ASP J 453 -8.04 26.02 3.89
CA ASP J 453 -6.65 25.99 3.42
C ASP J 453 -6.46 26.87 2.19
N THR J 454 -7.38 26.79 1.23
CA THR J 454 -7.23 27.56 0.00
C THR J 454 -7.55 29.04 0.21
N MET J 455 -8.43 29.37 1.14
CA MET J 455 -8.66 30.78 1.47
C MET J 455 -7.44 31.38 2.16
N ARG J 456 -6.80 30.62 3.05
CA ARG J 456 -5.58 31.11 3.67
C ARG J 456 -4.45 31.23 2.66
N ALA J 457 -4.36 30.28 1.73
CA ALA J 457 -3.30 30.34 0.72
C ALA J 457 -3.51 31.49 -0.25
N LEU J 458 -4.75 31.92 -0.44
CA LEU J 458 -5.07 33.01 -1.35
C LEU J 458 -5.09 34.37 -0.65
N GLY J 459 -4.72 34.42 0.62
CA GLY J 459 -4.69 35.69 1.33
C GLY J 459 -6.05 36.25 1.68
N ARG J 460 -7.06 35.40 1.77
CA ARG J 460 -8.41 35.82 2.14
C ARG J 460 -8.72 35.21 3.51
N SER J 461 -8.29 35.90 4.56
CA SER J 461 -8.44 35.39 5.91
C SER J 461 -9.87 35.52 6.44
N GLN J 462 -10.67 36.42 5.88
CA GLN J 462 -12.03 36.63 6.33
C GLN J 462 -13.03 35.67 5.68
N ASP J 463 -12.58 34.83 4.75
CA ASP J 463 -13.43 33.87 4.08
C ASP J 463 -13.30 32.46 4.63
N LEU J 464 -12.55 32.29 5.72
CA LEU J 464 -12.34 30.97 6.31
C LEU J 464 -13.56 30.55 7.14
N PHE J 465 -13.57 29.28 7.53
CA PHE J 465 -14.54 28.78 8.50
C PHE J 465 -13.91 28.80 9.90
N SER J 466 -13.60 30.01 10.35
CA SER J 466 -12.91 30.24 11.61
C SER J 466 -13.79 31.02 12.57
N ASP J 467 -13.26 31.27 13.76
CA ASP J 467 -14.01 32.01 14.77
C ASP J 467 -14.07 33.50 14.42
N ASN J 468 -12.99 34.05 13.88
CA ASN J 468 -12.94 35.44 13.43
C ASN J 468 -13.42 35.58 11.98
N ALA J 469 -14.19 34.62 11.50
CA ALA J 469 -14.66 34.54 10.13
C ALA J 469 -16.02 33.85 10.17
N ILE J 470 -16.44 33.28 9.04
CA ILE J 470 -17.64 32.44 9.04
C ILE J 470 -17.48 31.41 10.16
N ALA J 471 -18.35 31.48 11.15
CA ALA J 471 -18.18 30.74 12.39
C ALA J 471 -19.23 29.64 12.48
N LEU J 472 -18.80 28.44 12.84
CA LEU J 472 -19.69 27.29 13.02
C LEU J 472 -19.58 26.89 14.48
N LYS J 473 -20.37 27.55 15.33
CA LYS J 473 -20.30 27.30 16.76
C LYS J 473 -21.03 26.01 17.11
N PRO J 474 -20.38 25.08 17.80
CA PRO J 474 -21.10 23.88 18.26
C PRO J 474 -22.05 24.20 19.40
N ILE J 475 -23.19 24.81 19.07
CA ILE J 475 -24.09 25.30 20.11
C ILE J 475 -24.69 24.16 20.92
N PHE J 476 -24.96 23.02 20.29
CA PHE J 476 -25.56 21.90 20.99
C PHE J 476 -24.63 21.36 22.07
N ALA J 477 -23.33 21.26 21.77
CA ALA J 477 -22.39 20.75 22.76
C ALA J 477 -22.15 21.77 23.87
N GLN J 478 -22.14 23.06 23.53
CA GLN J 478 -21.96 24.09 24.54
C GLN J 478 -23.17 24.14 25.47
N PHE J 479 -24.37 23.89 24.94
CA PHE J 479 -25.56 23.81 25.78
C PHE J 479 -25.42 22.68 26.80
N ILE J 480 -24.93 21.52 26.35
CA ILE J 480 -24.73 20.40 27.26
C ILE J 480 -23.66 20.73 28.30
N GLN J 481 -22.59 21.39 27.87
CA GLN J 481 -21.55 21.80 28.81
C GLN J 481 -22.12 22.73 29.89
N ASN J 482 -22.97 23.67 29.48
CA ASN J 482 -23.60 24.56 30.45
C ASN J 482 -24.51 23.78 31.38
N LEU J 483 -25.23 22.78 30.86
CA LEU J 483 -26.15 22.03 31.70
C LEU J 483 -25.40 21.25 32.78
N HIS J 484 -24.21 20.74 32.46
CA HIS J 484 -23.47 19.95 33.44
C HIS J 484 -22.85 20.83 34.51
N THR J 485 -22.30 21.98 34.13
CA THR J 485 -21.70 22.87 35.12
C THR J 485 -22.74 23.47 36.05
N LEU J 486 -24.01 23.48 35.65
CA LEU J 486 -25.11 23.93 36.51
C LEU J 486 -25.78 22.78 37.26
N ALA J 487 -25.41 21.54 36.96
CA ALA J 487 -26.07 20.39 37.59
C ALA J 487 -25.94 20.37 39.11
N PRO J 488 -24.76 20.59 39.70
CA PRO J 488 -24.67 20.55 41.17
C PRO J 488 -25.52 21.65 41.80
N GLY J 489 -26.54 21.22 42.55
CA GLY J 489 -27.43 22.13 43.23
C GLY J 489 -28.74 22.40 42.51
N SER J 490 -28.82 22.10 41.21
CA SER J 490 -30.03 22.32 40.44
C SER J 490 -30.65 21.01 39.98
N THR J 491 -29.93 20.19 39.23
CA THR J 491 -30.39 18.87 38.85
C THR J 491 -29.73 17.75 39.62
N ALA J 492 -28.50 17.95 40.09
CA ALA J 492 -27.90 17.02 41.04
C ALA J 492 -27.74 17.74 42.37
N PRO J 493 -28.84 17.95 43.11
CA PRO J 493 -28.78 18.83 44.28
C PRO J 493 -27.85 18.33 45.38
N ASN J 494 -27.54 17.04 45.42
CA ASN J 494 -26.65 16.49 46.43
C ASN J 494 -25.20 16.44 45.96
N ALA J 495 -24.90 16.99 44.78
CA ALA J 495 -23.54 17.14 44.32
C ALA J 495 -22.94 18.45 44.83
N LEU J 496 -21.64 18.41 45.12
CA LEU J 496 -20.91 19.61 45.50
C LEU J 496 -20.14 20.24 44.35
N THR J 497 -19.82 19.45 43.32
CA THR J 497 -19.04 19.94 42.19
C THR J 497 -19.46 19.15 40.96
N THR J 498 -19.23 19.74 39.79
CA THR J 498 -19.53 19.07 38.53
C THR J 498 -18.75 17.76 38.43
N VAL J 499 -19.26 16.85 37.58
CA VAL J 499 -18.62 15.56 37.42
C VAL J 499 -17.20 15.73 36.89
N SER J 500 -17.03 16.60 35.89
CA SER J 500 -15.73 16.88 35.32
C SER J 500 -15.60 18.37 35.09
N TYR J 501 -14.41 18.90 35.37
CA TYR J 501 -14.14 20.30 35.09
C TYR J 501 -14.02 20.59 33.60
N ALA J 502 -14.00 19.55 32.76
CA ALA J 502 -14.02 19.77 31.32
C ALA J 502 -15.29 20.48 30.88
N PHE J 503 -16.41 20.22 31.54
CA PHE J 503 -17.65 20.90 31.20
C PHE J 503 -17.67 22.35 31.65
N GLY J 504 -16.77 22.74 32.55
CA GLY J 504 -16.74 24.09 33.07
C GLY J 504 -16.39 24.12 34.54
N GLY J 505 -16.03 25.30 35.05
CA GLY J 505 -15.65 25.43 36.44
C GLY J 505 -14.29 26.09 36.61
N ASP J 506 -13.54 25.66 37.61
CA ASP J 506 -12.24 26.23 37.92
C ASP J 506 -11.12 25.40 37.32
N VAL J 507 -9.95 26.03 37.21
CA VAL J 507 -8.75 25.34 36.76
C VAL J 507 -8.16 24.60 37.95
N ILE J 508 -8.03 23.28 37.82
CA ILE J 508 -7.50 22.44 38.88
C ILE J 508 -6.05 22.15 38.58
N SER J 509 -5.15 22.62 39.44
CA SER J 509 -3.72 22.46 39.27
C SER J 509 -3.13 21.77 40.49
N VAL J 510 -2.22 20.83 40.25
CA VAL J 510 -1.50 20.13 41.30
C VAL J 510 -0.01 20.37 41.08
N GLY J 511 0.63 21.05 42.02
CA GLY J 511 2.05 21.36 41.87
C GLY J 511 2.36 22.21 40.67
N SER J 512 1.54 23.24 40.43
CA SER J 512 1.68 24.19 39.32
C SER J 512 1.43 23.54 37.95
N LYS J 513 0.94 22.30 37.91
CA LYS J 513 0.63 21.63 36.67
C LYS J 513 -0.88 21.43 36.58
N ILE J 514 -1.46 21.75 35.42
CA ILE J 514 -2.90 21.68 35.27
C ILE J 514 -3.36 20.22 35.24
N ALA J 515 -4.31 19.89 36.11
CA ALA J 515 -4.92 18.56 36.11
C ALA J 515 -6.12 18.50 35.17
N MET J 516 -7.08 19.40 35.36
CA MET J 516 -8.23 19.50 34.48
C MET J 516 -8.64 20.97 34.38
N MET J 517 -9.33 21.30 33.29
CA MET J 517 -9.72 22.67 33.03
C MET J 517 -10.85 22.66 31.99
N PRO J 518 -11.79 23.60 32.06
CA PRO J 518 -12.85 23.68 31.05
C PRO J 518 -12.33 23.61 29.63
N ILE J 519 -12.81 22.63 28.86
CA ILE J 519 -12.40 22.43 27.48
C ILE J 519 -13.36 23.24 26.61
N SER J 520 -12.90 24.40 26.14
CA SER J 520 -13.74 25.24 25.30
C SER J 520 -13.92 24.61 23.93
N LEU J 521 -15.15 24.71 23.41
CA LEU J 521 -15.50 24.19 22.10
C LEU J 521 -15.81 25.35 21.17
N GLY J 522 -15.06 25.44 20.07
CA GLY J 522 -15.27 26.48 19.09
C GLY J 522 -15.46 25.91 17.70
N THR J 523 -15.21 26.73 16.67
CA THR J 523 -15.37 26.25 15.30
C THR J 523 -14.34 25.19 14.96
N ALA J 524 -13.19 25.20 15.63
CA ALA J 524 -12.17 24.17 15.38
C ALA J 524 -12.65 22.81 15.85
N ASP J 525 -13.36 22.76 16.98
CA ASP J 525 -13.89 21.50 17.47
C ASP J 525 -15.07 21.01 16.64
N PHE J 526 -15.86 21.93 16.09
CA PHE J 526 -16.95 21.56 15.19
C PHE J 526 -16.41 20.76 14.00
N LEU J 527 -15.39 21.28 13.34
CA LEU J 527 -14.85 20.63 12.15
C LEU J 527 -14.27 19.26 12.48
N VAL J 528 -13.50 19.17 13.57
CA VAL J 528 -12.86 17.90 13.89
C VAL J 528 -13.89 16.88 14.37
N HIS J 529 -14.93 17.33 15.06
CA HIS J 529 -15.99 16.40 15.46
C HIS J 529 -16.73 15.86 14.24
N HIS J 530 -16.99 16.72 13.26
CA HIS J 530 -17.63 16.22 12.05
C HIS J 530 -16.71 15.33 11.24
N ILE J 531 -15.39 15.57 11.32
CA ILE J 531 -14.43 14.65 10.73
C ILE J 531 -14.52 13.29 11.40
N HIS J 532 -14.63 13.28 12.73
CA HIS J 532 -14.79 12.03 13.46
C HIS J 532 -16.06 11.31 13.01
N ALA J 533 -17.17 12.04 12.92
CA ALA J 533 -18.43 11.44 12.49
C ALA J 533 -18.31 10.86 11.10
N PHE J 534 -17.66 11.58 10.18
CA PHE J 534 -17.52 11.12 8.81
C PHE J 534 -16.67 9.85 8.74
N THR J 535 -15.54 9.83 9.43
CA THR J 535 -14.68 8.65 9.40
C THR J 535 -15.38 7.45 10.01
N ILE J 536 -16.08 7.66 11.13
CA ILE J 536 -16.82 6.57 11.75
C ILE J 536 -17.89 6.04 10.80
N HIS J 537 -18.58 6.96 10.11
CA HIS J 537 -19.62 6.54 9.17
C HIS J 537 -19.05 5.74 8.02
N VAL J 538 -17.88 6.12 7.50
CA VAL J 538 -17.30 5.36 6.39
C VAL J 538 -16.84 3.98 6.87
N THR J 539 -16.26 3.90 8.07
CA THR J 539 -15.89 2.59 8.60
C THR J 539 -17.13 1.71 8.77
N VAL J 540 -18.20 2.29 9.30
CA VAL J 540 -19.46 1.55 9.43
C VAL J 540 -19.98 1.12 8.07
N LEU J 541 -19.81 1.99 7.05
CA LEU J 541 -20.27 1.64 5.71
C LEU J 541 -19.53 0.42 5.19
N ILE J 542 -18.21 0.42 5.30
CA ILE J 542 -17.44 -0.72 4.81
C ILE J 542 -17.82 -1.99 5.55
N LEU J 543 -17.88 -1.92 6.88
CA LEU J 543 -18.15 -3.13 7.65
C LEU J 543 -19.58 -3.63 7.46
N LEU J 544 -20.55 -2.73 7.37
CA LEU J 544 -21.93 -3.14 7.17
C LEU J 544 -22.16 -3.67 5.76
N LYS J 545 -21.48 -3.10 4.77
CA LYS J 545 -21.54 -3.66 3.42
C LYS J 545 -20.93 -5.05 3.39
N GLY J 546 -19.87 -5.27 4.17
CA GLY J 546 -19.30 -6.60 4.27
C GLY J 546 -20.25 -7.59 4.91
N VAL J 547 -20.92 -7.18 5.99
CA VAL J 547 -21.81 -8.09 6.70
C VAL J 547 -23.05 -8.41 5.87
N LEU J 548 -23.67 -7.38 5.29
CA LEU J 548 -24.94 -7.57 4.60
C LEU J 548 -24.76 -8.31 3.28
N TYR J 549 -23.69 -8.01 2.54
CA TYR J 549 -23.42 -8.64 1.26
C TYR J 549 -22.46 -9.82 1.40
N SER J 550 -22.41 -10.44 2.57
CA SER J 550 -21.53 -11.58 2.78
C SER J 550 -22.07 -12.87 2.17
N ARG J 551 -23.38 -12.99 2.00
CA ARG J 551 -24.00 -14.22 1.51
C ARG J 551 -24.28 -14.18 0.01
N ASN J 552 -24.75 -13.06 -0.52
CA ASN J 552 -25.06 -12.95 -1.93
C ASN J 552 -25.07 -11.48 -2.33
N SER J 553 -25.16 -11.25 -3.63
CA SER J 553 -25.21 -9.89 -4.19
C SER J 553 -25.75 -10.00 -5.61
N ARG J 554 -25.82 -8.86 -6.29
CA ARG J 554 -26.16 -8.88 -7.70
C ARG J 554 -24.98 -9.36 -8.55
N LEU J 555 -23.76 -9.13 -8.08
CA LEU J 555 -22.59 -9.66 -8.77
C LEU J 555 -22.51 -11.17 -8.62
N ILE J 556 -22.37 -11.65 -7.39
CA ILE J 556 -22.21 -13.07 -7.11
C ILE J 556 -23.41 -13.54 -6.32
N PRO J 557 -24.40 -14.16 -6.96
CA PRO J 557 -25.61 -14.60 -6.23
C PRO J 557 -25.35 -15.73 -5.25
N ASP J 558 -24.20 -16.38 -5.31
CA ASP J 558 -23.85 -17.48 -4.42
C ASP J 558 -22.53 -17.21 -3.72
N LYS J 559 -22.38 -15.99 -3.19
CA LYS J 559 -21.16 -15.63 -2.48
C LYS J 559 -20.99 -16.41 -1.19
N ALA J 560 -22.08 -16.90 -0.60
CA ALA J 560 -21.97 -17.69 0.63
C ALA J 560 -21.31 -19.04 0.38
N ASN J 561 -21.44 -19.57 -0.84
CA ASN J 561 -20.81 -20.83 -1.18
C ASN J 561 -19.30 -20.70 -1.35
N LEU J 562 -18.78 -19.48 -1.49
CA LEU J 562 -17.35 -19.26 -1.57
C LEU J 562 -16.70 -19.07 -0.21
N GLY J 563 -17.49 -19.00 0.85
CA GLY J 563 -16.95 -18.87 2.19
C GLY J 563 -16.78 -17.43 2.62
N PHE J 564 -16.35 -17.28 3.87
CA PHE J 564 -16.08 -15.95 4.41
C PHE J 564 -14.78 -15.38 3.86
N ARG J 565 -13.76 -16.22 3.71
CA ARG J 565 -12.43 -15.78 3.32
C ARG J 565 -12.08 -16.37 1.96
N PHE J 566 -12.19 -15.54 0.92
CA PHE J 566 -11.74 -15.94 -0.41
C PHE J 566 -11.29 -14.68 -1.14
N PRO J 567 -10.33 -14.79 -2.06
CA PRO J 567 -9.79 -13.57 -2.68
C PRO J 567 -10.76 -12.89 -3.63
N CYS J 568 -11.53 -13.66 -4.39
CA CYS J 568 -12.33 -13.11 -5.49
C CYS J 568 -13.24 -14.20 -6.00
N ASP J 569 -13.96 -13.87 -7.09
CA ASP J 569 -14.61 -14.87 -7.92
C ASP J 569 -13.99 -14.97 -9.30
N GLY J 570 -13.12 -14.04 -9.68
CA GLY J 570 -12.45 -14.07 -10.95
C GLY J 570 -12.36 -12.71 -11.61
N PRO J 571 -11.61 -12.63 -12.72
CA PRO J 571 -11.51 -11.35 -13.44
C PRO J 571 -12.77 -10.98 -14.20
N GLY J 572 -13.76 -11.86 -14.25
CA GLY J 572 -14.98 -11.59 -14.97
C GLY J 572 -15.87 -10.61 -14.25
N ARG J 573 -17.01 -10.30 -14.89
CA ARG J 573 -17.93 -9.26 -14.43
C ARG J 573 -17.24 -7.91 -14.34
N GLY J 574 -16.23 -7.71 -15.19
CA GLY J 574 -15.37 -6.55 -15.11
C GLY J 574 -14.29 -6.64 -14.06
N GLY J 575 -14.30 -7.70 -13.25
CA GLY J 575 -13.37 -7.82 -12.14
C GLY J 575 -14.09 -7.95 -10.81
N THR J 576 -13.86 -9.07 -10.11
CA THR J 576 -14.54 -9.35 -8.86
C THR J 576 -13.55 -9.50 -7.71
N CYS J 577 -12.58 -8.59 -7.64
CA CYS J 577 -11.65 -8.55 -6.51
C CYS J 577 -12.43 -8.33 -5.23
N GLN J 578 -11.82 -8.76 -4.11
CA GLN J 578 -12.19 -8.29 -2.78
C GLN J 578 -13.70 -8.27 -2.54
N VAL J 579 -14.44 -9.19 -3.09
CA VAL J 579 -15.84 -9.16 -2.86
C VAL J 579 -16.19 -9.90 -1.59
N SER J 580 -15.23 -10.45 -0.89
CA SER J 580 -15.54 -11.25 0.24
C SER J 580 -16.08 -10.40 1.27
N ALA J 581 -16.06 -10.93 2.47
CA ALA J 581 -16.54 -10.19 3.55
C ALA J 581 -15.35 -9.98 4.34
N TRP J 582 -14.29 -10.69 4.05
CA TRP J 582 -13.06 -10.53 4.74
C TRP J 582 -12.37 -9.39 4.17
N ASP J 583 -12.55 -9.19 2.87
CA ASP J 583 -11.87 -8.10 2.20
C ASP J 583 -12.53 -6.81 2.60
N HIS J 584 -13.54 -6.91 3.45
CA HIS J 584 -14.24 -5.74 3.89
C HIS J 584 -13.80 -5.48 5.27
N VAL J 585 -13.30 -6.48 5.94
CA VAL J 585 -12.77 -6.28 7.25
C VAL J 585 -11.38 -5.83 7.03
N PHE J 586 -10.81 -6.04 5.88
CA PHE J 586 -9.47 -5.52 5.57
C PHE J 586 -9.52 -4.01 5.29
N LEU J 587 -10.42 -3.60 4.40
CA LEU J 587 -10.61 -2.18 4.13
C LEU J 587 -11.11 -1.43 5.36
N GLY J 588 -12.00 -2.06 6.13
CA GLY J 588 -12.48 -1.45 7.35
C GLY J 588 -11.39 -1.27 8.39
N LEU J 589 -10.43 -2.19 8.44
CA LEU J 589 -9.26 -2.02 9.29
C LEU J 589 -8.49 -0.79 8.87
N PHE J 590 -8.30 -0.61 7.56
CA PHE J 590 -7.63 0.61 7.08
C PHE J 590 -8.36 1.86 7.54
N TRP J 591 -9.69 1.87 7.35
CA TRP J 591 -10.45 3.08 7.68
C TRP J 591 -10.55 3.30 9.19
N MET J 592 -10.58 2.22 9.98
CA MET J 592 -10.49 2.35 11.42
C MET J 592 -9.17 2.97 11.83
N TYR J 593 -8.08 2.55 11.19
CA TYR J 593 -6.79 3.19 11.46
C TYR J 593 -6.87 4.68 11.20
N ASN J 594 -7.45 5.05 10.05
CA ASN J 594 -7.58 6.46 9.72
C ASN J 594 -8.38 7.22 10.78
N SER J 595 -9.54 6.68 11.16
CA SER J 595 -10.42 7.35 12.10
C SER J 595 -9.77 7.49 13.47
N ILE J 596 -9.16 6.41 13.97
CA ILE J 596 -8.56 6.45 15.30
C ILE J 596 -7.33 7.36 15.29
N SER J 597 -6.58 7.37 14.19
CA SER J 597 -5.44 8.29 14.10
C SER J 597 -5.90 9.73 14.18
N ILE J 598 -6.99 10.07 13.48
CA ILE J 598 -7.50 11.43 13.57
C ILE J 598 -8.00 11.73 14.97
N VAL J 599 -8.65 10.76 15.62
CA VAL J 599 -9.17 10.97 16.96
C VAL J 599 -8.04 11.26 17.94
N ILE J 600 -6.98 10.45 17.89
CA ILE J 600 -5.89 10.63 18.84
C ILE J 600 -5.10 11.89 18.52
N PHE J 601 -5.00 12.27 17.24
CA PHE J 601 -4.38 13.54 16.90
C PHE J 601 -5.17 14.71 17.47
N HIS J 602 -6.50 14.67 17.32
CA HIS J 602 -7.34 15.70 17.89
C HIS J 602 -7.16 15.78 19.40
N PHE J 603 -7.17 14.63 20.07
CA PHE J 603 -6.99 14.63 21.51
C PHE J 603 -5.65 15.23 21.91
N SER J 604 -4.56 14.75 21.29
CA SER J 604 -3.23 15.23 21.65
C SER J 604 -3.12 16.73 21.46
N TRP J 605 -3.48 17.23 20.27
CA TRP J 605 -3.33 18.65 20.00
C TRP J 605 -4.23 19.49 20.90
N LYS J 606 -5.50 19.09 21.04
CA LYS J 606 -6.42 19.90 21.83
C LYS J 606 -5.99 19.94 23.29
N MET J 607 -5.58 18.80 23.86
CA MET J 607 -5.15 18.80 25.24
C MET J 607 -3.89 19.64 25.42
N GLN J 608 -2.88 19.43 24.58
CA GLN J 608 -1.64 20.19 24.71
C GLN J 608 -1.86 21.68 24.52
N SER J 609 -2.83 22.07 23.69
CA SER J 609 -3.01 23.47 23.33
C SER J 609 -3.99 24.21 24.22
N ASP J 610 -4.97 23.50 24.80
CA ASP J 610 -6.06 24.18 25.49
C ASP J 610 -6.44 23.54 26.82
N VAL J 611 -5.70 22.54 27.31
CA VAL J 611 -5.95 22.04 28.66
C VAL J 611 -4.66 21.99 29.46
N TRP J 612 -3.68 21.25 28.96
CA TRP J 612 -2.46 21.01 29.72
C TRP J 612 -1.57 22.24 29.73
N GLY J 613 -0.71 22.31 30.73
CA GLY J 613 0.22 23.41 30.87
C GLY J 613 0.54 23.65 32.32
N THR J 614 0.97 24.88 32.61
CA THR J 614 1.32 25.30 33.95
C THR J 614 0.50 26.51 34.34
N VAL J 615 0.31 26.69 35.65
CA VAL J 615 -0.44 27.82 36.19
C VAL J 615 0.51 28.66 37.03
N SER J 616 0.59 29.95 36.71
CA SER J 616 1.42 30.87 37.47
C SER J 616 0.83 31.09 38.85
N PRO J 617 1.66 31.54 39.81
CA PRO J 617 1.14 31.78 41.17
C PRO J 617 0.00 32.78 41.23
N THR J 618 -0.05 33.73 40.30
CA THR J 618 -1.14 34.71 40.24
C THR J 618 -2.36 34.20 39.49
N GLY J 619 -2.30 33.00 38.92
CA GLY J 619 -3.44 32.41 38.24
C GLY J 619 -3.42 32.49 36.72
N ALA J 620 -2.29 32.84 36.11
CA ALA J 620 -2.17 32.90 34.66
C ALA J 620 -1.86 31.51 34.11
N VAL J 621 -2.63 31.09 33.11
CA VAL J 621 -2.53 29.76 32.54
C VAL J 621 -1.71 29.85 31.26
N SER J 622 -0.61 29.09 31.20
CA SER J 622 0.20 28.96 30.00
C SER J 622 0.24 27.50 29.59
N HIS J 623 -0.12 27.23 28.34
CA HIS J 623 -0.27 25.86 27.87
C HIS J 623 1.01 25.36 27.22
N ILE J 624 1.01 24.08 26.85
CA ILE J 624 2.20 23.46 26.28
C ILE J 624 2.54 24.08 24.93
N THR J 625 1.53 24.27 24.08
CA THR J 625 1.75 24.87 22.77
C THR J 625 1.35 26.35 22.71
N GLY J 626 0.31 26.75 23.43
CA GLY J 626 -0.05 28.16 23.50
C GLY J 626 -1.33 28.52 22.80
N GLY J 627 -2.29 27.61 22.77
CA GLY J 627 -3.59 27.91 22.19
C GLY J 627 -3.63 28.00 20.69
N ASN J 628 -2.68 27.37 19.99
CA ASN J 628 -2.68 27.40 18.54
C ASN J 628 -3.73 26.49 17.91
N PHE J 629 -4.41 25.66 18.70
CA PHE J 629 -5.43 24.76 18.16
C PHE J 629 -6.60 25.55 17.60
N ALA J 630 -6.99 26.64 18.27
CA ALA J 630 -8.21 27.34 17.89
C ALA J 630 -8.12 27.91 16.48
N GLN J 631 -6.94 28.42 16.10
CA GLN J 631 -6.80 29.13 14.83
C GLN J 631 -6.02 28.37 13.77
N SER J 632 -5.24 27.37 14.14
CA SER J 632 -4.39 26.67 13.19
C SER J 632 -4.76 25.20 12.99
N SER J 633 -5.77 24.69 13.68
CA SER J 633 -6.24 23.34 13.45
C SER J 633 -7.38 23.30 12.45
N ILE J 634 -7.69 24.42 11.80
CA ILE J 634 -8.79 24.50 10.85
C ILE J 634 -8.35 24.33 9.40
N THR J 635 -7.04 24.20 9.17
CA THR J 635 -6.51 23.97 7.83
C THR J 635 -5.59 22.75 7.86
N ILE J 636 -5.51 22.05 6.72
CA ILE J 636 -4.64 20.88 6.64
C ILE J 636 -3.17 21.31 6.74
N ASN J 637 -2.83 22.47 6.19
CA ASN J 637 -1.48 22.99 6.37
C ASN J 637 -1.19 23.28 7.84
N GLY J 638 -2.21 23.73 8.57
CA GLY J 638 -2.04 23.93 10.01
C GLY J 638 -1.73 22.63 10.73
N TRP J 639 -2.47 21.57 10.41
CA TRP J 639 -2.20 20.26 11.01
C TRP J 639 -0.80 19.77 10.64
N LEU J 640 -0.41 19.97 9.38
CA LEU J 640 0.91 19.53 8.92
C LEU J 640 2.03 20.28 9.64
N ARG J 641 1.88 21.59 9.83
CA ARG J 641 2.97 22.43 10.32
C ARG J 641 2.95 22.58 11.84
N ASP J 642 1.87 23.14 12.38
CA ASP J 642 1.82 23.47 13.80
C ASP J 642 1.61 22.26 14.69
N PHE J 643 1.22 21.11 14.13
CA PHE J 643 1.11 19.89 14.93
C PHE J 643 2.14 18.85 14.54
N LEU J 644 2.11 18.36 13.30
CA LEU J 644 3.01 17.28 12.92
C LEU J 644 4.46 17.75 12.91
N TRP J 645 4.75 18.77 12.10
CA TRP J 645 6.12 19.28 11.99
C TRP J 645 6.60 19.83 13.33
N SER J 646 5.74 20.57 14.03
CA SER J 646 6.17 21.24 15.25
C SER J 646 6.44 20.25 16.38
N GLN J 647 5.51 19.31 16.62
CA GLN J 647 5.66 18.37 17.72
C GLN J 647 6.50 17.15 17.36
N ALA J 648 6.89 17.02 16.09
CA ALA J 648 7.84 15.98 15.71
C ALA J 648 9.29 16.41 15.97
N ALA J 649 9.50 17.63 16.47
CA ALA J 649 10.85 18.10 16.75
C ALA J 649 11.51 17.26 17.81
N GLN J 650 10.76 16.86 18.84
CA GLN J 650 11.35 16.09 19.93
C GLN J 650 11.75 14.69 19.48
N VAL J 651 11.02 14.11 18.54
CA VAL J 651 11.35 12.76 18.06
C VAL J 651 12.62 12.78 17.23
N VAL J 652 12.74 13.76 16.32
CA VAL J 652 13.89 13.80 15.43
C VAL J 652 15.16 14.27 16.14
N GLN J 653 15.02 15.01 17.23
CA GLN J 653 16.16 15.49 17.99
C GLN J 653 16.43 14.64 19.23
N SER J 654 15.94 13.40 19.24
CA SER J 654 16.11 12.51 20.38
C SER J 654 17.39 11.70 20.34
N TYR J 655 18.14 11.76 19.23
CA TYR J 655 19.36 10.98 19.11
C TYR J 655 20.41 11.46 20.11
N GLY J 656 21.08 10.50 20.76
CA GLY J 656 22.05 10.82 21.79
C GLY J 656 21.47 11.02 23.16
N SER J 657 20.15 11.15 23.28
CA SER J 657 19.48 11.32 24.55
C SER J 657 18.85 10.01 25.01
N SER J 658 18.18 10.05 26.15
CA SER J 658 17.52 8.86 26.68
C SER J 658 16.24 8.52 25.92
N LEU J 659 15.77 9.41 25.04
CA LEU J 659 14.61 9.14 24.21
C LEU J 659 14.98 8.67 22.81
N SER J 660 16.26 8.31 22.59
CA SER J 660 16.70 7.90 21.27
C SER J 660 15.98 6.65 20.79
N ALA J 661 15.56 5.78 21.71
CA ALA J 661 14.79 4.61 21.32
C ALA J 661 13.50 5.02 20.62
N TYR J 662 12.91 6.15 21.03
CA TYR J 662 11.69 6.62 20.37
C TYR J 662 11.98 7.04 18.93
N GLY J 663 13.13 7.70 18.69
CA GLY J 663 13.49 8.02 17.32
C GLY J 663 13.77 6.78 16.48
N LEU J 664 14.44 5.80 17.07
CA LEU J 664 14.69 4.55 16.36
C LEU J 664 13.39 3.85 16.00
N ILE J 665 12.45 3.79 16.93
CA ILE J 665 11.16 3.16 16.65
C ILE J 665 10.35 3.99 15.66
N PHE J 666 10.48 5.32 15.71
CA PHE J 666 9.89 6.19 14.69
C PHE J 666 10.35 5.78 13.30
N LEU J 667 11.67 5.68 13.12
CA LEU J 667 12.22 5.30 11.82
C LEU J 667 11.81 3.89 11.43
N GLY J 668 11.87 2.95 12.38
CA GLY J 668 11.52 1.57 12.06
C GLY J 668 10.04 1.41 11.71
N ALA J 669 9.17 2.18 12.36
CA ALA J 669 7.76 2.13 12.05
C ALA J 669 7.49 2.75 10.68
N HIS J 670 8.21 3.82 10.34
CA HIS J 670 8.14 4.33 8.97
C HIS J 670 8.54 3.25 7.98
N PHE J 671 9.64 2.54 8.28
CA PHE J 671 10.11 1.48 7.39
C PHE J 671 9.07 0.38 7.24
N ILE J 672 8.44 -0.03 8.33
CA ILE J 672 7.45 -1.11 8.28
C ILE J 672 6.21 -0.65 7.52
N TRP J 673 5.77 0.59 7.74
CA TRP J 673 4.61 1.10 7.03
C TRP J 673 4.87 1.15 5.53
N ALA J 674 6.06 1.60 5.13
CA ALA J 674 6.39 1.58 3.71
C ALA J 674 6.56 0.16 3.18
N PHE J 675 7.05 -0.76 4.01
CA PHE J 675 7.17 -2.16 3.65
C PHE J 675 5.82 -2.76 3.32
N SER J 676 4.79 -2.36 4.07
CA SER J 676 3.44 -2.87 3.84
C SER J 676 2.97 -2.62 2.42
N LEU J 677 3.36 -1.49 1.84
CA LEU J 677 2.87 -1.11 0.51
C LEU J 677 3.34 -2.07 -0.57
N MET J 678 4.44 -2.80 -0.35
CA MET J 678 4.83 -3.84 -1.29
C MET J 678 3.76 -4.91 -1.39
N PHE J 679 3.22 -5.34 -0.25
CA PHE J 679 2.17 -6.36 -0.28
C PHE J 679 0.83 -5.76 -0.69
N LEU J 680 0.56 -4.51 -0.33
CA LEU J 680 -0.73 -3.91 -0.63
C LEU J 680 -0.88 -3.55 -2.10
N PHE J 681 0.21 -3.15 -2.75
CA PHE J 681 0.12 -2.66 -4.12
C PHE J 681 0.37 -3.73 -5.17
N SER J 682 1.11 -4.79 -4.83
CA SER J 682 1.52 -5.79 -5.80
C SER J 682 0.54 -6.95 -5.83
N GLY J 683 0.88 -7.97 -6.63
CA GLY J 683 0.04 -9.13 -6.79
C GLY J 683 0.84 -10.41 -6.75
N ARG J 684 0.11 -11.52 -6.62
CA ARG J 684 0.74 -12.81 -6.36
C ARG J 684 1.50 -13.35 -7.57
N GLY J 685 1.01 -13.07 -8.78
CA GLY J 685 1.61 -13.68 -9.96
C GLY J 685 3.05 -13.27 -10.17
N TYR J 686 3.36 -11.98 -9.98
CA TYR J 686 4.73 -11.51 -10.14
C TYR J 686 5.66 -12.21 -9.17
N TRP J 687 5.25 -12.34 -7.91
CA TRP J 687 6.11 -12.95 -6.91
C TRP J 687 6.26 -14.45 -7.17
N GLN J 688 5.21 -15.11 -7.62
CA GLN J 688 5.33 -16.52 -7.98
C GLN J 688 6.30 -16.71 -9.13
N GLU J 689 6.24 -15.84 -10.14
CA GLU J 689 7.14 -16.00 -11.28
C GLU J 689 8.58 -15.62 -10.93
N LEU J 690 8.77 -14.73 -9.96
CA LEU J 690 10.13 -14.46 -9.49
C LEU J 690 10.67 -15.63 -8.67
N ILE J 691 9.82 -16.21 -7.83
CA ILE J 691 10.18 -17.41 -7.09
C ILE J 691 10.51 -18.54 -8.06
N GLU J 692 9.90 -18.53 -9.25
CA GLU J 692 10.24 -19.53 -10.26
C GLU J 692 11.72 -19.47 -10.64
N SER J 693 12.23 -18.26 -10.89
CA SER J 693 13.64 -18.12 -11.26
C SER J 693 14.55 -18.40 -10.07
N ILE J 694 14.15 -17.98 -8.88
CA ILE J 694 14.93 -18.30 -7.69
C ILE J 694 15.02 -19.81 -7.49
N VAL J 695 13.90 -20.51 -7.71
CA VAL J 695 13.88 -21.96 -7.62
C VAL J 695 14.74 -22.58 -8.71
N TRP J 696 14.77 -21.96 -9.89
CA TRP J 696 15.68 -22.44 -10.94
C TRP J 696 17.12 -22.38 -10.47
N ALA J 697 17.51 -21.27 -9.84
CA ALA J 697 18.86 -21.16 -9.33
C ALA J 697 19.15 -22.22 -8.27
N HIS J 698 18.18 -22.43 -7.36
CA HIS J 698 18.36 -23.44 -6.32
C HIS J 698 18.51 -24.84 -6.91
N ASN J 699 17.68 -25.17 -7.90
CA ASN J 699 17.78 -26.46 -8.58
C ASN J 699 19.11 -26.60 -9.30
N LYS J 700 19.59 -25.51 -9.90
CA LYS J 700 20.91 -25.52 -10.53
C LYS J 700 22.00 -25.82 -9.52
N LEU J 701 21.83 -25.37 -8.27
CA LEU J 701 22.77 -25.69 -7.21
C LEU J 701 22.31 -26.84 -6.32
N LYS J 702 21.29 -27.59 -6.76
CA LYS J 702 20.83 -28.80 -6.05
C LYS J 702 20.40 -28.49 -4.62
N VAL J 703 19.81 -27.33 -4.39
CA VAL J 703 19.45 -26.92 -3.03
C VAL J 703 18.00 -26.48 -2.99
N ALA J 704 17.21 -26.94 -3.96
CA ALA J 704 15.78 -26.65 -3.94
C ALA J 704 15.11 -27.43 -2.82
N PRO J 705 14.36 -26.77 -1.94
CA PRO J 705 13.70 -27.49 -0.85
C PRO J 705 12.62 -28.42 -1.35
N SER J 706 12.40 -29.51 -0.60
CA SER J 706 11.33 -30.43 -0.94
C SER J 706 9.96 -29.77 -0.78
N ILE J 707 9.79 -28.98 0.27
CA ILE J 707 8.58 -28.18 0.43
C ILE J 707 8.64 -27.05 -0.61
N GLN J 708 7.81 -27.16 -1.64
CA GLN J 708 7.91 -26.23 -2.75
C GLN J 708 7.56 -24.81 -2.30
N PRO J 709 8.44 -23.84 -2.53
CA PRO J 709 8.16 -22.46 -2.10
C PRO J 709 7.13 -21.81 -3.01
N ARG J 710 6.06 -21.32 -2.41
CA ARG J 710 5.00 -20.63 -3.13
C ARG J 710 4.80 -19.24 -2.56
N ALA J 711 4.47 -18.30 -3.42
CA ALA J 711 4.17 -16.95 -2.98
C ALA J 711 2.93 -16.96 -2.09
N LEU J 712 2.87 -16.00 -1.16
CA LEU J 712 1.76 -15.92 -0.23
C LEU J 712 0.44 -15.78 -0.99
N SER J 713 -0.58 -16.49 -0.53
CA SER J 713 -1.89 -16.42 -1.17
C SER J 713 -2.40 -14.99 -1.19
N ILE J 714 -3.37 -14.73 -2.07
CA ILE J 714 -3.89 -13.39 -2.25
C ILE J 714 -4.43 -12.85 -0.93
N THR J 715 -5.24 -13.65 -0.24
CA THR J 715 -5.78 -13.24 1.05
C THR J 715 -4.67 -13.03 2.06
N GLN J 716 -3.68 -13.92 2.08
CA GLN J 716 -2.57 -13.73 3.00
C GLN J 716 -1.72 -12.53 2.63
N GLY J 717 -1.55 -12.25 1.33
CA GLY J 717 -0.87 -11.04 0.93
C GLY J 717 -1.56 -9.80 1.45
N ARG J 718 -2.90 -9.77 1.34
CA ARG J 718 -3.66 -8.65 1.87
C ARG J 718 -3.52 -8.56 3.40
N ALA J 719 -3.56 -9.72 4.08
CA ALA J 719 -3.45 -9.72 5.52
C ALA J 719 -2.09 -9.22 5.98
N VAL J 720 -1.02 -9.66 5.32
CA VAL J 720 0.32 -9.18 5.64
C VAL J 720 0.41 -7.68 5.39
N GLY J 721 -0.14 -7.22 4.27
CA GLY J 721 -0.10 -5.80 3.97
C GLY J 721 -0.79 -4.96 5.02
N VAL J 722 -2.01 -5.38 5.41
CA VAL J 722 -2.76 -4.59 6.39
C VAL J 722 -2.11 -4.67 7.76
N ALA J 723 -1.57 -5.83 8.14
CA ALA J 723 -0.91 -5.95 9.43
C ALA J 723 0.32 -5.07 9.50
N HIS J 724 1.14 -5.08 8.45
CA HIS J 724 2.31 -4.22 8.43
C HIS J 724 1.92 -2.74 8.38
N TYR J 725 0.88 -2.40 7.63
CA TYR J 725 0.43 -1.01 7.58
C TYR J 725 -0.01 -0.53 8.94
N LEU J 726 -0.84 -1.31 9.64
CA LEU J 726 -1.29 -0.95 10.96
C LEU J 726 -0.13 -0.85 11.93
N LEU J 727 0.78 -1.82 11.90
CA LEU J 727 1.92 -1.81 12.82
C LEU J 727 2.78 -0.57 12.58
N GLY J 728 3.09 -0.27 11.32
CA GLY J 728 3.93 0.87 11.03
C GLY J 728 3.29 2.18 11.41
N GLY J 729 2.02 2.38 11.04
CA GLY J 729 1.36 3.63 11.37
C GLY J 729 1.19 3.82 12.86
N ILE J 730 0.72 2.77 13.55
CA ILE J 730 0.49 2.88 14.98
C ILE J 730 1.80 3.04 15.72
N GLY J 731 2.88 2.37 15.27
CA GLY J 731 4.17 2.55 15.90
C GLY J 731 4.75 3.93 15.67
N THR J 732 4.56 4.49 14.48
CA THR J 732 5.02 5.85 14.23
C THR J 732 4.30 6.84 15.14
N THR J 733 2.97 6.72 15.24
CA THR J 733 2.23 7.59 16.14
C THR J 733 2.62 7.34 17.60
N TRP J 734 2.90 6.08 17.94
CA TRP J 734 3.31 5.72 19.29
C TRP J 734 4.61 6.41 19.68
N ALA J 735 5.64 6.28 18.84
CA ALA J 735 6.92 6.92 19.11
C ALA J 735 6.78 8.43 19.13
N PHE J 736 6.04 8.99 18.16
CA PHE J 736 5.86 10.44 18.12
C PHE J 736 5.20 10.95 19.39
N PHE J 737 4.07 10.35 19.77
CA PHE J 737 3.35 10.78 20.96
C PHE J 737 4.21 10.64 22.21
N LEU J 738 4.88 9.50 22.36
CA LEU J 738 5.61 9.24 23.59
C LEU J 738 6.80 10.19 23.73
N ALA J 739 7.59 10.33 22.66
CA ALA J 739 8.73 11.24 22.73
C ALA J 739 8.28 12.68 22.97
N ARG J 740 7.23 13.12 22.26
CA ARG J 740 6.78 14.50 22.41
C ARG J 740 6.28 14.76 23.83
N ILE J 741 5.45 13.86 24.36
CA ILE J 741 4.82 14.12 25.65
C ILE J 741 5.74 13.78 26.82
N ILE J 742 6.82 13.05 26.61
CA ILE J 742 7.80 12.86 27.66
C ILE J 742 8.80 14.01 27.70
N SER J 743 9.19 14.53 26.52
CA SER J 743 10.11 15.66 26.50
C SER J 743 9.48 16.90 27.11
N VAL J 744 8.20 17.16 26.81
CA VAL J 744 7.55 18.37 27.31
C VAL J 744 6.34 18.00 28.18
N VAL K 2 -23.57 5.92 -26.96
CA VAL K 2 -22.95 4.68 -26.52
C VAL K 2 -22.24 4.02 -27.69
N TYR K 3 -22.24 4.70 -28.84
CA TYR K 3 -21.59 4.23 -30.06
C TYR K 3 -20.69 5.32 -30.61
N LYS K 4 -19.87 4.94 -31.59
CA LYS K 4 -19.15 5.87 -32.45
C LYS K 4 -18.03 6.63 -31.73
N PHE K 5 -17.90 6.49 -30.41
CA PHE K 5 -16.75 7.17 -29.80
C PHE K 5 -15.49 6.38 -30.08
N PRO K 6 -15.38 5.09 -29.66
CA PRO K 6 -14.17 4.38 -30.08
C PRO K 6 -14.31 3.91 -31.52
N LYS K 7 -14.16 4.87 -32.44
CA LYS K 7 -14.26 4.57 -33.86
C LYS K 7 -13.27 3.50 -34.28
N PHE K 8 -12.13 3.42 -33.60
CA PHE K 8 -11.08 2.47 -33.94
C PHE K 8 -11.33 1.08 -33.39
N SER K 9 -12.34 0.90 -32.54
CA SER K 9 -12.59 -0.40 -31.91
C SER K 9 -14.09 -0.65 -31.84
N LYS K 10 -14.57 -1.64 -32.59
CA LYS K 10 -15.98 -1.99 -32.52
C LYS K 10 -16.30 -2.76 -31.25
N ALA K 11 -15.34 -3.50 -30.70
CA ALA K 11 -15.58 -4.25 -29.48
C ALA K 11 -15.88 -3.31 -28.32
N LEU K 12 -15.18 -2.17 -28.24
CA LEU K 12 -15.46 -1.20 -27.20
C LEU K 12 -16.75 -0.44 -27.46
N ALA K 13 -17.01 -0.12 -28.74
CA ALA K 13 -18.20 0.66 -29.08
C ALA K 13 -19.50 -0.07 -28.75
N GLU K 14 -19.45 -1.39 -28.59
CA GLU K 14 -20.61 -2.17 -28.21
C GLU K 14 -20.72 -2.37 -26.71
N ASP K 15 -19.80 -1.82 -25.94
CA ASP K 15 -19.87 -1.90 -24.48
C ASP K 15 -20.99 -1.02 -23.97
N PRO K 16 -21.96 -1.55 -23.23
CA PRO K 16 -23.06 -0.72 -22.72
C PRO K 16 -22.72 0.09 -21.47
N SER K 17 -21.51 -0.05 -20.95
CA SER K 17 -21.12 0.56 -19.69
C SER K 17 -20.21 1.75 -19.92
N THR K 18 -19.86 2.43 -18.83
CA THR K 18 -18.91 3.54 -18.88
C THR K 18 -17.49 3.07 -19.16
N ARG K 19 -17.23 1.76 -19.10
CA ARG K 19 -15.91 1.24 -19.43
C ARG K 19 -15.51 1.56 -20.86
N ARG K 20 -16.49 1.71 -21.76
CA ARG K 20 -16.19 2.05 -23.14
C ARG K 20 -15.52 3.41 -23.24
N ILE K 21 -16.02 4.40 -22.49
CA ILE K 21 -15.41 5.72 -22.52
C ILE K 21 -14.01 5.68 -21.94
N TRP K 22 -13.83 4.99 -20.80
CA TRP K 22 -12.52 4.91 -20.17
C TRP K 22 -11.51 4.22 -21.07
N TYR K 23 -11.90 3.10 -21.67
CA TYR K 23 -10.99 2.36 -22.54
C TYR K 23 -10.80 3.05 -23.89
N GLY K 24 -11.75 3.88 -24.31
CA GLY K 24 -11.57 4.63 -25.55
C GLY K 24 -10.42 5.62 -25.45
N ILE K 25 -10.25 6.23 -24.29
CA ILE K 25 -9.13 7.15 -24.09
C ILE K 25 -7.81 6.39 -24.09
N ALA K 26 -7.75 5.29 -23.35
CA ALA K 26 -6.50 4.61 -23.05
C ALA K 26 -6.02 3.71 -24.18
N THR K 27 -6.82 3.53 -25.23
CA THR K 27 -6.42 2.72 -26.38
C THR K 27 -6.37 3.52 -27.67
N ALA K 28 -6.46 4.85 -27.58
CA ALA K 28 -6.52 5.68 -28.78
C ALA K 28 -5.20 5.67 -29.55
N HIS K 29 -4.07 5.55 -28.85
CA HIS K 29 -2.76 5.61 -29.48
C HIS K 29 -2.16 4.25 -29.75
N ASP K 30 -2.82 3.17 -29.32
CA ASP K 30 -2.38 1.81 -29.65
C ASP K 30 -2.93 1.47 -31.03
N PHE K 31 -2.26 2.03 -32.05
CA PHE K 31 -2.77 1.91 -33.41
C PHE K 31 -2.76 0.46 -33.92
N GLU K 32 -1.81 -0.35 -33.44
CA GLU K 32 -1.70 -1.72 -33.91
C GLU K 32 -2.90 -2.57 -33.52
N SER K 33 -3.64 -2.17 -32.48
CA SER K 33 -4.79 -2.92 -32.01
C SER K 33 -6.11 -2.41 -32.57
N HIS K 34 -6.09 -1.42 -33.46
CA HIS K 34 -7.31 -0.82 -33.96
C HIS K 34 -7.96 -1.69 -35.02
N ASP K 35 -9.27 -1.51 -35.19
CA ASP K 35 -10.01 -2.28 -36.16
C ASP K 35 -9.64 -1.87 -37.59
N ALA K 36 -9.67 -2.85 -38.49
CA ALA K 36 -9.35 -2.63 -39.90
C ALA K 36 -7.99 -1.95 -40.06
N MET K 37 -6.96 -2.66 -39.61
CA MET K 37 -5.64 -2.07 -39.43
C MET K 37 -4.66 -2.76 -40.38
N THR K 38 -3.87 -1.96 -41.08
CA THR K 38 -2.78 -2.46 -41.90
C THR K 38 -1.47 -1.80 -41.48
N GLU K 39 -0.35 -2.33 -41.98
CA GLU K 39 0.95 -1.79 -41.60
C GLU K 39 1.19 -0.42 -42.25
N SER K 40 0.78 -0.26 -43.52
CA SER K 40 0.98 1.01 -44.21
C SER K 40 0.26 2.13 -43.49
N LYS K 41 -1.01 1.91 -43.12
CA LYS K 41 -1.76 2.92 -42.38
C LYS K 41 -1.11 3.18 -41.03
N LEU K 42 -0.55 2.15 -40.41
CA LEU K 42 0.11 2.31 -39.12
C LEU K 42 1.29 3.27 -39.23
N TYR K 43 2.18 3.02 -40.19
CA TYR K 43 3.35 3.87 -40.33
C TYR K 43 2.97 5.28 -40.76
N GLN K 44 1.97 5.42 -41.64
CA GLN K 44 1.55 6.75 -42.07
C GLN K 44 0.94 7.55 -40.92
N LYS K 45 0.09 6.91 -40.11
CA LYS K 45 -0.49 7.60 -38.97
C LYS K 45 0.57 7.97 -37.94
N ILE K 46 1.55 7.08 -37.71
CA ILE K 46 2.63 7.40 -36.79
C ILE K 46 3.44 8.59 -37.31
N PHE K 47 3.67 8.63 -38.62
CA PHE K 47 4.40 9.74 -39.24
C PHE K 47 3.66 11.06 -39.03
N ALA K 48 2.36 11.08 -39.30
CA ALA K 48 1.58 12.30 -39.11
C ALA K 48 1.54 12.70 -37.65
N SER K 49 1.43 11.73 -36.74
CA SER K 49 1.44 12.03 -35.31
C SER K 49 2.78 12.62 -34.89
N HIS K 50 3.87 12.13 -35.46
CA HIS K 50 5.17 12.70 -35.19
C HIS K 50 5.21 14.16 -35.61
N PHE K 51 4.66 14.46 -36.79
CA PHE K 51 4.64 15.85 -37.26
C PHE K 51 3.84 16.73 -36.30
N GLY K 52 2.66 16.27 -35.90
CA GLY K 52 1.86 17.04 -34.94
C GLY K 52 2.58 17.23 -33.62
N HIS K 53 3.31 16.21 -33.19
CA HIS K 53 4.05 16.29 -31.93
C HIS K 53 5.16 17.33 -31.99
N ILE K 54 5.94 17.32 -33.07
CA ILE K 54 6.99 18.32 -33.22
C ILE K 54 6.39 19.72 -33.29
N ALA K 55 5.23 19.85 -33.95
CA ALA K 55 4.53 21.13 -33.97
C ALA K 55 4.15 21.56 -32.56
N ILE K 56 3.67 20.62 -31.73
CA ILE K 56 3.32 20.95 -30.35
C ILE K 56 4.55 21.42 -29.58
N ILE K 57 5.68 20.74 -29.76
CA ILE K 57 6.90 21.12 -29.06
C ILE K 57 7.32 22.53 -29.45
N PHE K 58 7.28 22.83 -30.75
CA PHE K 58 7.69 24.15 -31.22
C PHE K 58 6.72 25.23 -30.74
N LEU K 59 5.43 24.92 -30.68
CA LEU K 59 4.46 25.88 -30.16
C LEU K 59 4.70 26.14 -28.68
N TRP K 60 5.04 25.10 -27.92
CA TRP K 60 5.36 25.28 -26.50
C TRP K 60 6.57 26.18 -26.32
N THR K 61 7.63 25.96 -27.10
CA THR K 61 8.80 26.82 -27.01
C THR K 61 8.47 28.26 -27.42
N ALA K 62 7.65 28.42 -28.46
CA ALA K 62 7.24 29.76 -28.89
C ALA K 62 6.44 30.46 -27.80
N GLY K 63 5.59 29.71 -27.11
CA GLY K 63 4.84 30.29 -26.00
C GLY K 63 5.74 30.75 -24.87
N ASN K 64 6.74 29.94 -24.53
CA ASN K 64 7.70 30.35 -23.51
C ASN K 64 8.41 31.64 -23.92
N LEU K 65 8.86 31.69 -25.18
CA LEU K 65 9.56 32.88 -25.67
C LEU K 65 8.65 34.11 -25.61
N PHE K 66 7.40 33.96 -26.08
CA PHE K 66 6.49 35.09 -26.11
C PHE K 66 6.18 35.59 -24.71
N HIS K 67 5.98 34.67 -23.75
CA HIS K 67 5.61 35.09 -22.41
C HIS K 67 6.79 35.71 -21.68
N VAL K 68 8.01 35.26 -21.97
CA VAL K 68 9.17 35.96 -21.42
C VAL K 68 9.30 37.34 -22.03
N ALA K 69 9.04 37.45 -23.34
CA ALA K 69 9.17 38.76 -24.00
C ALA K 69 8.11 39.74 -23.55
N TRP K 70 6.91 39.27 -23.22
CA TRP K 70 5.77 40.14 -22.95
C TRP K 70 5.65 40.48 -21.47
N GLN K 71 5.68 39.47 -20.60
CA GLN K 71 5.45 39.67 -19.18
C GLN K 71 6.69 39.44 -18.32
N GLY K 72 7.82 39.08 -18.93
CA GLY K 72 9.03 38.86 -18.18
C GLY K 72 9.80 40.13 -17.94
N ASN K 73 10.98 39.97 -17.34
CA ASN K 73 11.92 41.06 -17.10
C ASN K 73 13.28 40.71 -17.68
N PHE K 74 13.27 40.21 -18.92
CA PHE K 74 14.51 39.77 -19.54
C PHE K 74 15.49 40.92 -19.70
N GLU K 75 15.02 42.07 -20.19
CA GLU K 75 15.91 43.20 -20.42
C GLU K 75 16.51 43.72 -19.12
N ALA K 76 15.70 43.79 -18.06
CA ALA K 76 16.23 44.19 -16.77
C ALA K 76 17.20 43.16 -16.22
N TRP K 77 16.92 41.87 -16.45
CA TRP K 77 17.80 40.81 -15.97
C TRP K 77 19.15 40.83 -16.68
N ILE K 78 19.20 41.37 -17.90
CA ILE K 78 20.46 41.44 -18.63
C ILE K 78 21.46 42.32 -17.88
N LEU K 79 21.00 43.47 -17.38
CA LEU K 79 21.87 44.43 -16.75
C LEU K 79 22.30 44.03 -15.34
N ASN K 80 21.60 43.09 -14.72
CA ASN K 80 21.93 42.65 -13.36
C ASN K 80 21.47 41.20 -13.19
N PRO K 81 22.20 40.25 -13.76
CA PRO K 81 21.74 38.85 -13.73
C PRO K 81 21.86 38.19 -12.37
N LEU K 82 22.68 38.72 -11.46
CA LEU K 82 22.90 38.09 -10.17
C LEU K 82 21.96 38.58 -9.08
N LYS K 83 21.23 39.66 -9.32
CA LYS K 83 20.29 40.21 -8.34
C LYS K 83 18.85 40.16 -8.81
N VAL K 84 18.61 40.37 -10.10
CA VAL K 84 17.25 40.35 -10.64
C VAL K 84 16.81 38.91 -10.80
N ARG K 85 15.61 38.59 -10.31
CA ARG K 85 15.06 37.25 -10.42
C ARG K 85 14.23 37.14 -11.70
N PRO K 86 14.53 36.20 -12.59
CA PRO K 86 13.75 36.09 -13.84
C PRO K 86 12.28 35.82 -13.58
N ILE K 87 11.44 36.36 -14.45
CA ILE K 87 9.99 36.23 -14.37
C ILE K 87 9.52 35.35 -15.51
N ALA K 88 8.72 34.33 -15.20
CA ALA K 88 8.22 33.42 -16.23
C ALA K 88 7.05 34.04 -17.00
N HIS K 89 5.97 34.36 -16.30
CA HIS K 89 4.79 34.95 -16.91
C HIS K 89 3.96 35.62 -15.83
N ALA K 90 3.06 36.50 -16.26
CA ALA K 90 2.20 37.20 -15.33
C ALA K 90 1.06 36.29 -14.85
N ILE K 91 0.41 36.71 -13.77
CA ILE K 91 -0.68 35.96 -13.16
C ILE K 91 -1.94 36.81 -13.19
N TRP K 92 -3.04 36.21 -13.63
CA TRP K 92 -4.37 36.80 -13.50
C TRP K 92 -5.30 35.71 -12.98
N ASP K 93 -5.54 35.71 -11.68
CA ASP K 93 -6.40 34.72 -11.04
C ASP K 93 -7.45 35.46 -10.23
N PRO K 94 -8.73 35.32 -10.56
CA PRO K 94 -9.77 36.07 -9.82
C PRO K 94 -9.89 35.69 -8.36
N HIS K 95 -9.37 34.54 -7.95
CA HIS K 95 -9.50 34.08 -6.58
C HIS K 95 -8.52 34.74 -5.63
N PHE K 96 -7.57 35.51 -6.15
CA PHE K 96 -6.58 36.15 -5.29
C PHE K 96 -7.23 37.16 -4.36
N GLY K 97 -6.78 37.18 -3.11
CA GLY K 97 -7.05 38.29 -2.24
C GLY K 97 -6.06 39.41 -2.47
N GLN K 98 -6.24 40.49 -1.72
CA GLN K 98 -5.28 41.60 -1.81
C GLN K 98 -3.90 41.16 -1.34
N ALA K 99 -3.85 40.33 -0.30
CA ALA K 99 -2.57 39.86 0.21
C ALA K 99 -1.83 39.01 -0.81
N ALA K 100 -2.54 38.12 -1.51
CA ALA K 100 -1.91 37.30 -2.53
C ALA K 100 -1.42 38.14 -3.69
N TYR K 101 -2.20 39.13 -4.11
CA TYR K 101 -1.77 40.05 -5.16
C TYR K 101 -0.50 40.78 -4.74
N LYS K 102 -0.47 41.27 -3.50
CA LYS K 102 0.70 42.01 -3.03
C LYS K 102 1.93 41.11 -2.96
N ALA K 103 1.76 39.88 -2.49
CA ALA K 103 2.91 38.99 -2.33
C ALA K 103 3.46 38.52 -3.67
N PHE K 104 2.58 38.20 -4.61
CA PHE K 104 3.03 37.77 -5.93
C PHE K 104 3.37 38.94 -6.85
N LEU K 105 3.14 40.18 -6.40
CA LEU K 105 3.38 41.33 -7.24
C LEU K 105 4.87 41.47 -7.55
N LYS K 106 5.19 41.52 -8.85
CA LYS K 106 6.55 41.71 -9.32
C LYS K 106 6.50 42.77 -10.43
N THR K 107 7.13 43.92 -10.17
CA THR K 107 7.08 45.07 -11.06
C THR K 107 5.66 45.59 -11.23
N SER K 108 4.99 45.23 -12.33
CA SER K 108 3.70 45.80 -12.67
C SER K 108 2.52 44.90 -12.42
N SER K 109 2.71 43.59 -12.31
CA SER K 109 1.61 42.65 -12.16
C SER K 109 2.12 41.44 -11.40
N PRO K 110 1.24 40.70 -10.71
CA PRO K 110 1.66 39.43 -10.12
C PRO K 110 2.22 38.51 -11.18
N ALA K 111 3.33 37.84 -10.84
CA ALA K 111 4.03 37.04 -11.82
C ALA K 111 4.75 35.89 -11.12
N ASN K 112 5.13 34.90 -11.92
CA ASN K 112 5.83 33.72 -11.41
C ASN K 112 7.30 33.81 -11.78
N LEU K 113 8.18 33.54 -10.81
CA LEU K 113 9.60 33.44 -11.11
C LEU K 113 9.83 32.28 -12.06
N ALA K 114 10.80 32.44 -12.96
CA ALA K 114 11.10 31.42 -13.96
C ALA K 114 12.18 30.49 -13.42
N LEU K 115 11.83 29.21 -13.25
CA LEU K 115 12.76 28.20 -12.77
C LEU K 115 13.27 27.30 -13.89
N SER K 116 12.92 27.61 -15.14
CA SER K 116 13.36 26.79 -16.26
C SER K 116 14.75 27.16 -16.76
N GLY K 117 15.32 28.24 -16.25
CA GLY K 117 16.64 28.66 -16.71
C GLY K 117 16.68 29.13 -18.15
N VAL K 118 15.53 29.51 -18.71
CA VAL K 118 15.50 29.96 -20.10
C VAL K 118 16.19 31.31 -20.25
N TYR K 119 16.13 32.15 -19.21
CA TYR K 119 16.80 33.45 -19.28
C TYR K 119 18.28 33.30 -19.51
N GLU K 120 18.94 32.44 -18.74
CA GLU K 120 20.37 32.24 -18.89
C GLU K 120 20.70 31.58 -20.22
N TRP K 121 19.88 30.61 -20.64
CA TRP K 121 20.12 29.93 -21.91
C TRP K 121 20.02 30.90 -23.08
N TRP K 122 18.96 31.71 -23.10
CA TRP K 122 18.79 32.66 -24.20
C TRP K 122 19.81 33.78 -24.15
N TYR K 123 20.20 34.21 -22.95
CA TYR K 123 21.25 35.21 -22.82
C TYR K 123 22.59 34.68 -23.33
N THR K 124 22.88 33.42 -23.06
CA THR K 124 24.15 32.84 -23.50
C THR K 124 24.24 32.76 -25.01
N ILE K 125 23.14 32.42 -25.67
CA ILE K 125 23.14 32.22 -27.12
C ILE K 125 22.99 33.55 -27.84
N GLY K 126 23.00 34.65 -27.08
CA GLY K 126 23.05 35.97 -27.69
C GLY K 126 21.72 36.65 -27.90
N MET K 127 20.89 36.72 -26.87
CA MET K 127 19.65 37.48 -26.90
C MET K 127 19.71 38.58 -25.86
N ARG K 128 19.45 39.81 -26.28
CA ARG K 128 19.57 40.96 -25.40
C ARG K 128 18.32 41.84 -25.37
N THR K 129 17.28 41.51 -26.13
CA THR K 129 16.13 42.38 -26.26
C THR K 129 14.85 41.56 -26.22
N ASN K 130 13.78 42.17 -25.70
CA ASN K 130 12.45 41.57 -25.75
C ASN K 130 11.91 41.50 -27.17
N ASN K 131 12.58 42.12 -28.14
CA ASN K 131 12.24 41.95 -29.54
C ASN K 131 12.97 40.78 -30.18
N ASP K 132 14.10 40.35 -29.60
CA ASP K 132 14.75 39.12 -30.06
C ASP K 132 13.92 37.91 -29.69
N LEU K 133 13.34 37.91 -28.49
CA LEU K 133 12.47 36.80 -28.08
C LEU K 133 11.20 36.75 -28.93
N TYR K 134 10.64 37.92 -29.26
CA TYR K 134 9.44 37.95 -30.08
C TYR K 134 9.71 37.40 -31.48
N GLN K 135 10.88 37.71 -32.04
CA GLN K 135 11.25 37.13 -33.33
C GLN K 135 11.34 35.61 -33.24
N GLY K 136 11.92 35.10 -32.15
CA GLY K 136 11.98 33.65 -31.98
C GLY K 136 10.61 33.02 -31.87
N SER K 137 9.70 33.66 -31.14
CA SER K 137 8.34 33.13 -31.03
C SER K 137 7.64 33.13 -32.39
N PHE K 138 7.79 34.21 -33.15
CA PHE K 138 7.21 34.28 -34.49
C PHE K 138 7.75 33.17 -35.38
N PHE K 139 9.07 33.00 -35.38
CA PHE K 139 9.70 31.97 -36.21
C PHE K 139 9.26 30.58 -35.80
N LEU K 140 9.13 30.34 -34.50
CA LEU K 140 8.74 29.01 -34.03
C LEU K 140 7.29 28.72 -34.36
N ILE K 141 6.41 29.72 -34.31
CA ILE K 141 5.03 29.49 -34.75
C ILE K 141 4.99 29.20 -36.24
N LEU K 142 5.85 29.89 -37.03
CA LEU K 142 5.95 29.57 -38.45
C LEU K 142 6.41 28.12 -38.66
N LEU K 143 7.39 27.67 -37.88
CA LEU K 143 7.86 26.30 -37.99
C LEU K 143 6.78 25.31 -37.61
N SER K 144 6.00 25.63 -36.57
CA SER K 144 4.88 24.77 -36.18
C SER K 144 3.85 24.67 -37.31
N SER K 145 3.58 25.79 -37.98
CA SER K 145 2.69 25.76 -39.14
C SER K 145 3.26 24.88 -40.25
N LEU K 146 4.57 24.98 -40.49
CA LEU K 146 5.23 24.11 -41.47
C LEU K 146 5.00 22.64 -41.12
N LEU K 147 5.22 22.28 -39.85
CA LEU K 147 5.13 20.88 -39.47
C LEU K 147 3.69 20.38 -39.53
N LEU K 148 2.73 21.22 -39.15
CA LEU K 148 1.32 20.83 -39.29
C LEU K 148 0.95 20.63 -40.75
N PHE K 149 1.42 21.53 -41.63
CA PHE K 149 1.15 21.36 -43.05
C PHE K 149 1.76 20.07 -43.58
N ALA K 150 2.99 19.76 -43.15
CA ALA K 150 3.63 18.51 -43.60
C ALA K 150 2.86 17.29 -43.10
N GLY K 151 2.41 17.33 -41.85
CA GLY K 151 1.64 16.22 -41.31
C GLY K 151 0.34 16.00 -42.06
N TRP K 152 -0.35 17.10 -42.41
CA TRP K 152 -1.54 16.95 -43.25
C TRP K 152 -1.17 16.42 -44.63
N LEU K 153 -0.09 16.92 -45.21
CA LEU K 153 0.27 16.57 -46.58
C LEU K 153 0.60 15.09 -46.70
N HIS K 154 1.31 14.54 -45.73
CA HIS K 154 1.74 13.15 -45.83
C HIS K 154 0.67 12.16 -45.45
N LEU K 155 -0.57 12.62 -45.27
CA LEU K 155 -1.73 11.74 -45.25
C LEU K 155 -2.54 11.83 -46.53
N GLN K 156 -2.14 12.69 -47.46
CA GLN K 156 -2.82 12.80 -48.73
C GLN K 156 -2.48 11.60 -49.61
N PRO K 157 -3.37 11.25 -50.56
CA PRO K 157 -3.18 10.00 -51.31
C PRO K 157 -1.84 9.87 -52.02
N SER K 158 -1.43 10.90 -52.78
CA SER K 158 -0.21 10.79 -53.57
C SER K 158 1.06 11.07 -52.77
N PHE K 159 0.93 11.42 -51.49
CA PHE K 159 2.09 11.78 -50.68
C PHE K 159 2.25 10.89 -49.45
N ARG K 160 1.53 9.78 -49.40
CA ARG K 160 1.65 8.85 -48.28
C ARG K 160 2.78 7.87 -48.55
N PRO K 161 3.83 7.84 -47.72
CA PRO K 161 4.95 6.94 -47.98
C PRO K 161 4.56 5.48 -47.79
N SER K 162 5.27 4.61 -48.49
CA SER K 162 5.02 3.17 -48.43
C SER K 162 5.86 2.54 -47.32
N LEU K 163 5.67 1.22 -47.13
CA LEU K 163 6.41 0.51 -46.09
C LEU K 163 7.89 0.45 -46.42
N ASP K 164 8.24 0.33 -47.70
CA ASP K 164 9.64 0.27 -48.09
C ASP K 164 10.38 1.54 -47.70
N TRP K 165 9.76 2.70 -47.94
CA TRP K 165 10.37 3.96 -47.54
C TRP K 165 10.51 4.06 -46.03
N PHE K 166 9.49 3.61 -45.29
CA PHE K 166 9.55 3.67 -43.84
C PHE K 166 10.60 2.72 -43.27
N LYS K 167 10.79 1.56 -43.91
CA LYS K 167 11.74 0.56 -43.45
C LYS K 167 13.10 0.66 -44.13
N ALA K 168 13.34 1.73 -44.89
CA ALA K 168 14.63 1.96 -45.51
C ALA K 168 15.58 2.43 -44.43
N ASN K 169 16.28 1.47 -43.82
CA ASN K 169 17.12 1.79 -42.67
C ASN K 169 18.34 2.59 -43.08
N GLU K 170 19.03 2.18 -44.15
CA GLU K 170 20.29 2.80 -44.51
C GLU K 170 20.11 4.27 -44.88
N TYR K 171 19.09 4.57 -45.68
CA TYR K 171 18.84 5.96 -46.07
C TYR K 171 18.55 6.81 -44.86
N ARG K 172 17.67 6.32 -43.97
CA ARG K 172 17.29 7.11 -42.80
C ARG K 172 18.46 7.32 -41.87
N LEU K 173 19.30 6.30 -41.69
CA LEU K 173 20.47 6.46 -40.84
C LEU K 173 21.46 7.46 -41.44
N ASN K 174 21.79 7.31 -42.72
CA ASN K 174 22.69 8.26 -43.35
C ASN K 174 22.20 9.67 -43.16
N HIS K 175 20.92 9.91 -43.46
CA HIS K 175 20.39 11.26 -43.39
C HIS K 175 20.29 11.75 -41.96
N HIS K 176 19.71 10.95 -41.06
CA HIS K 176 19.61 11.35 -39.67
C HIS K 176 20.98 11.72 -39.12
N LEU K 177 21.93 10.79 -39.14
CA LEU K 177 23.27 11.08 -38.63
C LEU K 177 23.84 12.32 -39.30
N SER K 178 24.17 12.23 -40.59
CA SER K 178 24.86 13.33 -41.24
C SER K 178 24.03 14.60 -41.20
N GLY K 179 22.93 14.63 -41.94
CA GLY K 179 22.09 15.81 -41.97
C GLY K 179 21.69 16.28 -40.58
N LEU K 180 20.83 15.53 -39.88
CA LEU K 180 20.30 16.03 -38.62
C LEU K 180 21.44 16.39 -37.68
N PHE K 181 22.22 15.39 -37.21
CA PHE K 181 23.18 15.69 -36.17
C PHE K 181 24.28 16.61 -36.67
N GLY K 182 25.01 16.19 -37.71
CA GLY K 182 26.17 16.97 -38.13
C GLY K 182 25.81 18.34 -38.67
N VAL K 183 24.81 18.41 -39.55
CA VAL K 183 24.47 19.71 -40.13
C VAL K 183 23.80 20.62 -39.11
N SER K 184 23.00 20.08 -38.18
CA SER K 184 22.45 20.93 -37.14
C SER K 184 23.55 21.43 -36.23
N SER K 185 24.57 20.60 -35.94
CA SER K 185 25.71 21.07 -35.18
C SER K 185 26.51 22.11 -35.94
N LEU K 186 26.63 21.95 -37.26
CA LEU K 186 27.34 22.91 -38.08
C LEU K 186 26.61 24.25 -38.09
N ALA K 187 25.29 24.22 -38.26
CA ALA K 187 24.50 25.44 -38.21
C ALA K 187 24.54 26.06 -36.82
N TRP K 188 24.55 25.23 -35.77
CA TRP K 188 24.64 25.78 -34.43
C TRP K 188 26.00 26.39 -34.17
N THR K 189 27.06 25.82 -34.73
CA THR K 189 28.38 26.46 -34.64
C THR K 189 28.38 27.78 -35.39
N GLY K 190 27.73 27.81 -36.56
CA GLY K 190 27.62 29.06 -37.30
C GLY K 190 26.92 30.13 -36.49
N HIS K 191 25.79 29.79 -35.87
CA HIS K 191 25.10 30.76 -35.03
C HIS K 191 25.94 31.13 -33.83
N LEU K 192 26.47 30.14 -33.11
CA LEU K 192 27.31 30.39 -31.95
C LEU K 192 28.36 31.43 -32.28
N VAL K 193 29.20 31.15 -33.27
CA VAL K 193 30.24 32.09 -33.67
C VAL K 193 29.57 33.41 -34.01
N HIS K 194 28.82 33.44 -35.13
CA HIS K 194 28.39 34.69 -35.75
C HIS K 194 27.66 35.61 -34.77
N VAL K 195 26.67 35.08 -34.07
CA VAL K 195 25.84 35.88 -33.19
C VAL K 195 26.40 35.84 -31.78
N ALA K 196 26.48 34.65 -31.20
CA ALA K 196 26.75 34.54 -29.77
C ALA K 196 28.12 35.08 -29.40
N ILE K 197 29.15 34.80 -30.21
CA ILE K 197 30.49 35.18 -29.79
C ILE K 197 30.63 36.70 -29.73
N PRO K 198 30.24 37.46 -30.77
CA PRO K 198 30.31 38.93 -30.63
C PRO K 198 29.34 39.49 -29.62
N GLU K 199 28.17 38.90 -29.45
CA GLU K 199 27.21 39.42 -28.48
C GLU K 199 27.72 39.31 -27.06
N SER K 200 28.49 38.26 -26.77
CA SER K 200 29.17 38.19 -25.48
C SER K 200 30.29 39.21 -25.36
N ARG K 201 30.72 39.78 -26.48
CA ARG K 201 31.77 40.79 -26.49
C ARG K 201 31.23 42.18 -26.82
N GLY K 202 29.92 42.37 -26.71
CA GLY K 202 29.31 43.67 -26.86
C GLY K 202 28.94 44.05 -28.28
N ILE K 203 29.33 43.27 -29.28
CA ILE K 203 29.02 43.56 -30.66
C ILE K 203 27.71 42.89 -31.02
N HIS K 204 26.74 43.67 -31.49
CA HIS K 204 25.42 43.14 -31.84
C HIS K 204 25.46 42.62 -33.27
N VAL K 205 25.11 41.35 -33.45
CA VAL K 205 25.02 40.71 -34.75
C VAL K 205 23.59 40.22 -34.90
N GLY K 206 22.75 41.02 -35.56
CA GLY K 206 21.37 40.67 -35.78
C GLY K 206 21.10 40.25 -37.22
N TRP K 207 19.81 40.15 -37.55
CA TRP K 207 19.41 39.79 -38.91
C TRP K 207 19.59 40.92 -39.90
N ASP K 208 20.28 42.00 -39.55
CA ASP K 208 20.61 43.06 -40.50
C ASP K 208 22.10 43.10 -40.81
N ASN K 209 22.94 43.28 -39.80
CA ASN K 209 24.39 43.35 -39.99
C ASN K 209 25.07 42.02 -39.68
N PHE K 210 24.66 40.97 -40.38
CA PHE K 210 25.34 39.69 -40.27
C PHE K 210 26.06 39.29 -41.54
N LEU K 211 25.68 39.84 -42.68
CA LEU K 211 26.41 39.66 -43.93
C LEU K 211 27.58 40.61 -44.06
N THR K 212 27.75 41.54 -43.12
CA THR K 212 28.81 42.52 -43.17
C THR K 212 29.68 42.58 -41.91
N VAL K 213 29.32 41.85 -40.86
CA VAL K 213 30.12 41.81 -39.63
C VAL K 213 30.88 40.50 -39.62
N LEU K 214 32.20 40.58 -39.72
CA LEU K 214 33.03 39.39 -39.80
C LEU K 214 33.10 38.71 -38.43
N PRO K 215 32.75 37.43 -38.32
CA PRO K 215 32.92 36.74 -37.03
C PRO K 215 34.37 36.69 -36.56
N HIS K 216 35.32 36.67 -37.48
CA HIS K 216 36.74 36.75 -37.16
C HIS K 216 37.38 37.85 -38.01
N PRO K 217 38.35 38.58 -37.47
CA PRO K 217 38.96 39.65 -38.27
C PRO K 217 39.58 39.18 -39.56
N GLU K 218 40.16 37.97 -39.58
CA GLU K 218 40.76 37.47 -40.80
C GLU K 218 39.72 36.97 -41.79
N GLY K 219 38.57 36.49 -41.30
CA GLY K 219 37.42 36.27 -42.16
C GLY K 219 37.53 35.16 -43.18
N LEU K 220 37.53 33.91 -42.71
CA LEU K 220 37.44 32.72 -43.55
C LEU K 220 38.74 32.48 -44.33
N THR K 221 39.67 33.43 -44.27
CA THR K 221 40.98 33.20 -44.90
C THR K 221 41.76 32.08 -44.21
N PRO K 222 41.88 32.03 -42.87
CA PRO K 222 42.60 30.91 -42.26
C PRO K 222 41.99 29.55 -42.53
N PHE K 223 40.66 29.47 -42.64
CA PHE K 223 40.01 28.17 -42.86
C PHE K 223 40.43 27.58 -44.19
N PHE K 224 40.32 28.34 -45.27
CA PHE K 224 40.72 27.84 -46.58
C PHE K 224 42.23 27.72 -46.68
N SER K 225 42.98 28.64 -46.06
CA SER K 225 44.43 28.58 -46.08
C SER K 225 44.99 27.47 -45.20
N GLY K 226 44.18 26.87 -44.33
CA GLY K 226 44.65 25.85 -43.43
C GLY K 226 45.27 26.36 -42.15
N ASN K 227 45.41 27.68 -41.99
CA ASN K 227 45.97 28.26 -40.77
C ASN K 227 44.89 28.33 -39.69
N TRP K 228 44.38 27.15 -39.33
CA TRP K 228 43.25 27.07 -38.42
C TRP K 228 43.60 27.54 -37.01
N LYS K 229 44.88 27.66 -36.68
CA LYS K 229 45.27 28.19 -35.38
C LYS K 229 44.87 29.65 -35.22
N ALA K 230 44.68 30.37 -36.32
CA ALA K 230 44.34 31.79 -36.23
C ALA K 230 43.00 32.02 -35.54
N TYR K 231 42.08 31.05 -35.66
CA TYR K 231 40.79 31.16 -34.99
C TYR K 231 40.88 30.96 -33.49
N ALA K 232 42.02 30.47 -33.00
CA ALA K 232 42.22 30.27 -31.57
C ALA K 232 43.09 31.34 -30.93
N GLN K 233 43.74 32.17 -31.71
CA GLN K 233 44.61 33.22 -31.16
C GLN K 233 43.78 34.29 -30.47
N ASN K 234 44.33 34.83 -29.38
CA ASN K 234 43.73 35.91 -28.62
C ASN K 234 42.34 35.53 -28.11
N PRO K 235 42.24 34.59 -27.16
CA PRO K 235 40.95 34.25 -26.59
C PRO K 235 40.49 35.31 -25.59
N ASP K 236 39.31 35.10 -25.04
CA ASP K 236 38.80 36.01 -24.01
C ASP K 236 39.68 35.94 -22.78
N THR K 237 40.02 37.11 -22.23
CA THR K 237 40.90 37.17 -21.09
C THR K 237 40.16 36.76 -19.81
N ALA K 238 40.88 36.77 -18.69
CA ALA K 238 40.31 36.41 -17.41
C ALA K 238 39.56 37.56 -16.76
N SER K 239 39.58 38.75 -17.36
CA SER K 239 38.84 39.90 -16.86
C SER K 239 37.72 40.32 -17.80
N HIS K 240 37.22 39.39 -18.61
CA HIS K 240 36.18 39.70 -19.58
C HIS K 240 34.82 39.76 -18.91
N ILE K 241 34.09 40.85 -19.13
CA ILE K 241 32.73 41.00 -18.63
C ILE K 241 31.79 40.52 -19.73
N PHE K 242 30.97 39.52 -19.42
CA PHE K 242 30.08 38.93 -20.42
C PHE K 242 29.10 39.97 -20.95
N GLY K 243 28.89 39.95 -22.26
CA GLY K 243 28.03 40.92 -22.90
C GLY K 243 28.64 42.27 -23.13
N SER K 244 29.91 42.46 -22.79
CA SER K 244 30.60 43.73 -22.96
C SER K 244 31.98 43.49 -23.57
N GLY K 245 32.50 44.51 -24.24
CA GLY K 245 33.77 44.42 -24.90
C GLY K 245 34.98 44.56 -24.02
N GLU K 246 34.78 44.77 -22.72
CA GLU K 246 35.90 44.97 -21.80
C GLU K 246 36.59 43.64 -21.54
N GLY K 247 37.88 43.55 -21.89
CA GLY K 247 38.64 42.35 -21.65
C GLY K 247 38.31 41.20 -22.58
N SER K 248 37.67 41.49 -23.72
CA SER K 248 37.27 40.44 -24.64
C SER K 248 38.43 40.04 -25.55
N GLY K 249 38.17 39.10 -26.44
CA GLY K 249 39.17 38.67 -27.42
C GLY K 249 38.60 38.61 -28.81
N THR K 250 39.35 38.01 -29.74
CA THR K 250 38.89 37.85 -31.11
C THR K 250 38.76 36.40 -31.55
N ALA K 251 39.19 35.45 -30.71
CA ALA K 251 39.13 34.04 -31.09
C ALA K 251 37.69 33.55 -31.15
N ILE K 252 37.47 32.53 -31.97
CA ILE K 252 36.14 31.93 -32.09
C ILE K 252 36.12 30.44 -31.79
N LEU K 253 37.24 29.73 -31.91
CA LEU K 253 37.32 28.31 -31.61
C LEU K 253 38.59 28.08 -30.78
N THR K 254 38.42 27.72 -29.52
CA THR K 254 39.57 27.58 -28.62
C THR K 254 39.39 26.34 -27.74
N PHE K 255 40.52 25.90 -27.17
CA PHE K 255 40.51 25.04 -25.99
C PHE K 255 40.87 25.90 -24.80
N LEU K 256 39.98 25.99 -23.85
CA LEU K 256 40.34 26.64 -22.61
C LEU K 256 40.06 25.77 -21.41
N GLY K 257 39.00 24.97 -21.44
CA GLY K 257 38.64 24.13 -20.32
C GLY K 257 38.13 24.94 -19.15
N GLY K 258 37.49 24.29 -18.19
CA GLY K 258 37.01 25.03 -17.05
C GLY K 258 35.89 25.98 -17.41
N PHE K 259 35.78 27.06 -16.64
CA PHE K 259 34.64 27.97 -16.74
C PHE K 259 35.12 29.40 -16.97
N HIS K 260 34.19 30.21 -17.45
CA HIS K 260 34.42 31.64 -17.54
C HIS K 260 34.64 32.20 -16.13
N PRO K 261 35.65 33.05 -15.93
CA PRO K 261 35.89 33.57 -14.57
C PRO K 261 34.76 34.41 -14.02
N GLN K 262 33.93 35.01 -14.88
CA GLN K 262 32.85 35.88 -14.45
C GLN K 262 31.51 35.16 -14.37
N THR K 263 31.09 34.50 -15.45
CA THR K 263 29.81 33.81 -15.48
C THR K 263 29.85 32.43 -14.84
N LYS K 264 31.03 31.91 -14.55
CA LYS K 264 31.20 30.57 -13.98
C LYS K 264 30.51 29.52 -14.85
N SER K 265 30.73 29.63 -16.16
CA SER K 265 30.15 28.72 -17.13
C SER K 265 31.15 28.47 -18.24
N LEU K 266 30.85 27.49 -19.08
CA LEU K 266 31.77 27.10 -20.14
C LEU K 266 31.99 28.25 -21.11
N TRP K 267 33.19 28.32 -21.67
CA TRP K 267 33.51 29.35 -22.65
C TRP K 267 32.68 29.16 -23.91
N LEU K 268 32.17 30.27 -24.44
CA LEU K 268 31.41 30.20 -25.69
C LEU K 268 32.27 29.71 -26.83
N THR K 269 33.55 30.10 -26.85
CA THR K 269 34.45 29.60 -27.87
C THR K 269 34.73 28.10 -27.69
N ASP K 270 34.69 27.61 -26.46
CA ASP K 270 34.81 26.18 -26.22
C ASP K 270 33.63 25.42 -26.83
N MET K 271 32.42 25.93 -26.65
CA MET K 271 31.23 25.23 -27.12
C MET K 271 31.10 25.30 -28.63
N ALA K 272 31.51 26.42 -29.24
CA ALA K 272 31.51 26.50 -30.70
C ALA K 272 32.48 25.49 -31.30
N HIS K 273 33.68 25.38 -30.73
CA HIS K 273 34.63 24.37 -31.19
C HIS K 273 34.09 22.96 -30.97
N HIS K 274 33.43 22.73 -29.83
CA HIS K 274 32.83 21.44 -29.55
C HIS K 274 31.81 21.06 -30.63
N HIS K 275 30.92 22.00 -30.95
CA HIS K 275 29.88 21.70 -31.93
C HIS K 275 30.45 21.57 -33.33
N LEU K 276 31.51 22.30 -33.66
CA LEU K 276 32.17 22.12 -34.95
C LEU K 276 32.78 20.74 -35.06
N ALA K 277 33.47 20.28 -34.01
CA ALA K 277 34.04 18.94 -34.03
C ALA K 277 32.95 17.87 -34.12
N ILE K 278 31.88 18.05 -33.36
CA ILE K 278 30.76 17.09 -33.41
C ILE K 278 30.14 17.08 -34.80
N ALA K 279 29.99 18.26 -35.41
CA ALA K 279 29.43 18.35 -36.76
C ALA K 279 30.28 17.59 -37.76
N VAL K 280 31.60 17.81 -37.72
CA VAL K 280 32.48 17.12 -38.65
C VAL K 280 32.40 15.62 -38.45
N LEU K 281 32.44 15.18 -37.19
CA LEU K 281 32.41 13.76 -36.90
C LEU K 281 31.11 13.11 -37.37
N PHE K 282 29.97 13.77 -37.13
CA PHE K 282 28.69 13.17 -37.49
C PHE K 282 28.45 13.21 -39.00
N ILE K 283 28.91 14.28 -39.66
CA ILE K 283 28.82 14.32 -41.12
C ILE K 283 29.65 13.20 -41.73
N VAL K 284 30.84 12.97 -41.19
CA VAL K 284 31.67 11.86 -41.67
C VAL K 284 30.97 10.53 -41.42
N ALA K 285 30.44 10.34 -40.21
CA ALA K 285 29.81 9.07 -39.85
C ALA K 285 28.50 8.84 -40.59
N GLY K 286 27.92 9.87 -41.19
CA GLY K 286 26.68 9.72 -41.92
C GLY K 286 26.80 9.12 -43.30
N HIS K 287 28.02 8.81 -43.73
CA HIS K 287 28.27 8.20 -45.03
C HIS K 287 28.51 6.70 -44.93
N MET K 288 28.23 6.11 -43.78
CA MET K 288 28.61 4.71 -43.54
C MET K 288 27.76 3.75 -44.35
N TYR K 289 26.45 3.96 -44.39
CA TYR K 289 25.54 2.96 -44.91
C TYR K 289 25.27 3.18 -46.40
N ARG K 290 24.92 2.08 -47.08
CA ARG K 290 24.85 2.06 -48.53
C ARG K 290 23.56 2.71 -49.02
N THR K 291 23.68 3.43 -50.13
CA THR K 291 22.56 4.07 -50.80
C THR K 291 22.76 3.87 -52.30
N ASN K 292 22.08 4.68 -53.11
CA ASN K 292 21.97 4.46 -54.54
C ASN K 292 23.29 4.57 -55.31
N TRP K 293 24.41 4.76 -54.61
CA TRP K 293 25.68 4.99 -55.29
C TRP K 293 26.73 3.93 -54.96
N LEU K 294 26.29 2.69 -54.74
CA LEU K 294 27.11 1.48 -54.78
C LEU K 294 28.15 1.36 -53.67
N ILE K 295 28.31 2.37 -52.83
CA ILE K 295 29.29 2.30 -51.75
C ILE K 295 28.57 2.51 -50.43
N GLY K 296 29.10 1.89 -49.38
CA GLY K 296 28.52 1.96 -48.06
C GLY K 296 28.35 0.57 -47.49
N HIS K 297 27.48 0.46 -46.50
CA HIS K 297 27.27 -0.77 -45.77
C HIS K 297 25.82 -1.23 -45.87
N GLN K 298 25.62 -2.53 -45.94
CA GLN K 298 24.32 -3.16 -45.81
C GLN K 298 24.28 -3.79 -44.43
N MET K 299 23.48 -3.20 -43.53
CA MET K 299 23.52 -3.60 -42.13
C MET K 299 23.05 -5.03 -41.90
N LYS K 300 22.25 -5.58 -42.81
CA LYS K 300 21.91 -7.00 -42.74
C LYS K 300 23.16 -7.85 -42.80
N LEU K 301 24.08 -7.53 -43.72
CA LEU K 301 25.32 -8.28 -43.82
C LEU K 301 26.19 -8.10 -42.59
N ILE K 302 26.25 -6.87 -42.05
CA ILE K 302 27.05 -6.62 -40.85
C ILE K 302 26.53 -7.45 -39.69
N LEU K 303 25.20 -7.44 -39.50
CA LEU K 303 24.61 -8.20 -38.41
C LEU K 303 24.82 -9.71 -38.59
N GLU K 304 24.65 -10.19 -39.82
CA GLU K 304 24.76 -11.63 -40.06
C GLU K 304 26.18 -12.12 -39.92
N ALA K 305 27.17 -11.30 -40.28
CA ALA K 305 28.56 -11.74 -40.24
C ALA K 305 29.16 -11.72 -38.85
N HIS K 306 28.44 -11.21 -37.85
CA HIS K 306 28.99 -11.04 -36.50
C HIS K 306 28.57 -12.22 -35.63
N ARG K 307 29.24 -13.35 -35.85
CA ARG K 307 29.08 -14.53 -35.01
C ARG K 307 30.47 -14.91 -34.53
N PRO K 308 30.73 -14.94 -33.22
CA PRO K 308 32.04 -15.33 -32.72
C PRO K 308 32.41 -16.72 -33.21
N PRO K 309 33.65 -16.92 -33.66
CA PRO K 309 33.99 -18.20 -34.29
C PRO K 309 33.98 -19.37 -33.33
N GLY K 310 34.50 -19.20 -32.11
CA GLY K 310 34.43 -20.28 -31.14
C GLY K 310 33.00 -20.67 -30.82
N GLY K 311 32.13 -19.67 -30.69
CA GLY K 311 30.71 -19.88 -30.52
C GLY K 311 30.30 -19.75 -29.07
N ARG K 312 29.83 -18.57 -28.70
CA ARG K 312 29.27 -18.32 -27.38
C ARG K 312 28.03 -17.47 -27.41
N LEU K 313 27.73 -16.80 -28.52
CA LEU K 313 26.49 -16.07 -28.73
C LEU K 313 25.52 -16.80 -29.63
N GLY K 314 25.71 -18.11 -29.79
CA GLY K 314 24.85 -18.88 -30.67
C GLY K 314 25.24 -18.67 -32.11
N ILE K 315 24.26 -18.28 -32.93
CA ILE K 315 24.52 -17.98 -34.34
C ILE K 315 24.78 -16.50 -34.58
N GLY K 316 24.85 -15.69 -33.53
CA GLY K 316 25.15 -14.28 -33.68
C GLY K 316 23.93 -13.41 -33.82
N HIS K 317 24.00 -12.43 -34.73
CA HIS K 317 22.94 -11.45 -34.92
C HIS K 317 22.24 -11.61 -36.26
N ILE K 318 22.11 -12.85 -36.74
CA ILE K 318 21.65 -13.08 -38.11
C ILE K 318 20.21 -12.60 -38.29
N GLY K 319 19.34 -12.93 -37.33
CA GLY K 319 17.93 -12.60 -37.45
C GLY K 319 17.54 -11.27 -36.86
N LEU K 320 18.51 -10.45 -36.44
CA LEU K 320 18.19 -9.20 -35.77
C LEU K 320 17.70 -8.13 -36.75
N TYR K 321 18.18 -8.14 -37.99
CA TYR K 321 17.80 -7.09 -38.92
C TYR K 321 16.30 -7.12 -39.20
N GLU K 322 15.78 -8.29 -39.58
CA GLU K 322 14.35 -8.41 -39.83
C GLU K 322 13.54 -8.27 -38.55
N THR K 323 14.11 -8.64 -37.40
CA THR K 323 13.42 -8.49 -36.13
C THR K 323 13.20 -7.02 -35.80
N ILE K 324 14.25 -6.21 -35.89
CA ILE K 324 14.15 -4.79 -35.57
C ILE K 324 13.34 -4.05 -36.62
N THR K 325 13.57 -4.35 -37.90
CA THR K 325 12.91 -3.61 -38.97
C THR K 325 11.41 -3.78 -38.91
N ASN K 326 10.94 -5.00 -38.66
CA ASN K 326 9.51 -5.30 -38.69
C ASN K 326 8.79 -4.98 -37.38
N SER K 327 9.51 -4.56 -36.34
CA SER K 327 8.92 -4.25 -35.05
C SER K 327 9.15 -2.78 -34.72
N LEU K 328 8.05 -2.07 -34.44
CA LEU K 328 8.15 -0.69 -33.99
C LEU K 328 8.34 -0.56 -32.49
N HIS K 329 8.14 -1.64 -31.73
CA HIS K 329 8.37 -1.59 -30.30
C HIS K 329 9.82 -1.83 -29.93
N PHE K 330 10.53 -2.64 -30.70
CA PHE K 330 11.98 -2.79 -30.51
C PHE K 330 12.68 -1.44 -30.73
N GLN K 331 12.37 -0.78 -31.85
CA GLN K 331 12.98 0.51 -32.13
C GLN K 331 12.58 1.55 -31.09
N LEU K 332 11.32 1.54 -30.67
CA LEU K 332 10.86 2.49 -29.65
C LEU K 332 11.59 2.26 -28.34
N GLY K 333 11.77 0.98 -27.95
CA GLY K 333 12.50 0.69 -26.73
C GLY K 333 13.95 1.14 -26.81
N LEU K 334 14.60 0.89 -27.94
CA LEU K 334 15.98 1.34 -28.12
C LEU K 334 16.08 2.86 -28.02
N ALA K 335 15.17 3.56 -28.71
CA ALA K 335 15.19 5.01 -28.69
C ALA K 335 14.93 5.55 -27.30
N LEU K 336 13.99 4.95 -26.57
CA LEU K 336 13.68 5.40 -25.22
C LEU K 336 14.84 5.16 -24.27
N ALA K 337 15.52 4.01 -24.40
CA ALA K 337 16.68 3.76 -23.55
C ALA K 337 17.79 4.76 -23.84
N ALA K 338 18.06 5.03 -25.12
CA ALA K 338 19.09 5.99 -25.48
C ALA K 338 18.72 7.38 -24.98
N LEU K 339 17.45 7.78 -25.11
CA LEU K 339 17.02 9.08 -24.63
C LEU K 339 17.12 9.18 -23.11
N GLY K 340 16.77 8.10 -22.40
CA GLY K 340 16.91 8.11 -20.96
C GLY K 340 18.35 8.28 -20.51
N VAL K 341 19.27 7.55 -21.15
CA VAL K 341 20.68 7.73 -20.83
C VAL K 341 21.14 9.13 -21.18
N ALA K 342 20.66 9.67 -22.30
CA ALA K 342 21.08 11.00 -22.73
C ALA K 342 20.60 12.07 -21.76
N THR K 343 19.36 11.99 -21.29
CA THR K 343 18.87 13.00 -20.38
C THR K 343 19.43 12.82 -18.96
N SER K 344 19.75 11.58 -18.57
CA SER K 344 20.55 11.40 -17.36
C SER K 344 21.90 12.11 -17.51
N LEU K 345 22.51 12.00 -18.69
CA LEU K 345 23.76 12.70 -18.95
C LEU K 345 23.59 14.21 -18.86
N THR K 346 22.49 14.73 -19.43
CA THR K 346 22.22 16.15 -19.34
C THR K 346 22.12 16.60 -17.89
N ALA K 347 21.36 15.85 -17.09
CA ALA K 347 21.21 16.21 -15.68
C ALA K 347 22.56 16.17 -14.97
N GLN K 348 23.36 15.13 -15.22
CA GLN K 348 24.61 14.97 -14.50
C GLN K 348 25.70 15.93 -14.97
N HIS K 349 25.57 16.50 -16.17
CA HIS K 349 26.61 17.39 -16.67
C HIS K 349 26.26 18.87 -16.61
N MET K 350 24.96 19.22 -16.62
CA MET K 350 24.59 20.62 -16.58
C MET K 350 24.69 21.21 -15.18
N TYR K 351 24.93 20.40 -14.15
CA TYR K 351 25.23 20.92 -12.82
C TYR K 351 26.73 20.92 -12.53
N ALA K 352 27.45 19.90 -12.99
CA ALA K 352 28.90 19.88 -12.80
C ALA K 352 29.59 20.83 -13.75
N LEU K 353 29.09 20.94 -14.98
CA LEU K 353 29.66 21.80 -16.01
C LEU K 353 28.56 22.72 -16.51
N PRO K 354 28.22 23.75 -15.75
CA PRO K 354 27.16 24.68 -16.17
C PRO K 354 27.52 25.35 -17.49
N PRO K 355 26.65 25.23 -18.50
CA PRO K 355 26.97 25.77 -19.82
C PRO K 355 26.44 27.17 -20.09
N TYR K 356 25.60 27.71 -19.21
CA TYR K 356 24.93 28.98 -19.45
C TYR K 356 25.40 30.02 -18.44
N ALA K 357 25.49 31.27 -18.90
CA ALA K 357 26.01 32.35 -18.07
C ALA K 357 25.12 32.59 -16.86
N PHE K 358 25.74 32.70 -15.69
CA PHE K 358 25.07 33.02 -14.43
C PHE K 358 24.04 31.97 -14.02
N LEU K 359 24.09 30.79 -14.62
CA LEU K 359 23.20 29.70 -14.21
C LEU K 359 23.69 29.01 -12.94
N ALA K 360 24.99 29.08 -12.64
CA ALA K 360 25.52 28.43 -11.46
C ALA K 360 24.99 29.07 -10.18
N SER K 361 24.75 30.38 -10.20
CA SER K 361 24.26 31.11 -9.04
C SER K 361 22.74 31.10 -8.93
N ASN K 362 22.05 30.46 -9.87
CA ASN K 362 20.59 30.36 -9.83
C ASN K 362 20.24 29.00 -9.22
N PHE K 363 20.36 28.94 -7.89
CA PHE K 363 20.17 27.67 -7.19
C PHE K 363 18.81 27.04 -7.39
N PRO K 364 17.68 27.77 -7.26
CA PRO K 364 16.38 27.13 -7.51
C PRO K 364 16.25 26.53 -8.90
N THR K 365 16.74 27.24 -9.93
CA THR K 365 16.67 26.69 -11.28
C THR K 365 17.61 25.52 -11.46
N GLN K 366 18.78 25.53 -10.80
CA GLN K 366 19.66 24.37 -10.84
C GLN K 366 18.96 23.13 -10.29
N ALA K 367 18.37 23.26 -9.10
CA ALA K 367 17.67 22.13 -8.50
C ALA K 367 16.50 21.68 -9.35
N ALA K 368 15.72 22.63 -9.88
CA ALA K 368 14.57 22.28 -10.70
C ALA K 368 14.99 21.56 -11.97
N LEU K 369 16.05 22.04 -12.63
CA LEU K 369 16.52 21.41 -13.86
C LEU K 369 17.01 20.00 -13.60
N TYR K 370 17.83 19.82 -12.54
CA TYR K 370 18.34 18.48 -12.27
C TYR K 370 17.21 17.52 -11.94
N THR K 371 16.27 17.95 -11.08
CA THR K 371 15.16 17.08 -10.72
C THR K 371 14.30 16.74 -11.93
N HIS K 372 13.99 17.74 -12.76
CA HIS K 372 13.17 17.53 -13.94
C HIS K 372 13.82 16.51 -14.87
N HIS K 373 15.11 16.70 -15.15
CA HIS K 373 15.76 15.81 -16.11
C HIS K 373 15.94 14.40 -15.55
N GLN K 374 16.20 14.27 -14.24
CA GLN K 374 16.31 12.93 -13.68
C GLN K 374 14.97 12.19 -13.69
N TYR K 375 13.88 12.90 -13.39
CA TYR K 375 12.56 12.26 -13.46
C TYR K 375 12.22 11.86 -14.89
N ILE K 376 12.52 12.73 -15.86
CA ILE K 376 12.30 12.38 -17.26
C ILE K 376 13.15 11.17 -17.64
N ALA K 377 14.38 11.09 -17.11
CA ALA K 377 15.25 9.96 -17.39
C ALA K 377 14.65 8.65 -16.89
N GLY K 378 14.16 8.67 -15.64
CA GLY K 378 13.54 7.48 -15.11
C GLY K 378 12.32 7.06 -15.91
N PHE K 379 11.50 8.04 -16.30
CA PHE K 379 10.32 7.73 -17.12
C PHE K 379 10.73 7.09 -18.44
N LEU K 380 11.75 7.66 -19.09
CA LEU K 380 12.19 7.13 -20.39
C LEU K 380 12.75 5.72 -20.26
N MET K 381 13.50 5.45 -19.18
CA MET K 381 14.04 4.11 -19.00
C MET K 381 12.94 3.09 -18.79
N VAL K 382 11.96 3.44 -17.94
CA VAL K 382 10.85 2.52 -17.70
C VAL K 382 10.07 2.30 -18.99
N GLY K 383 9.91 3.35 -19.80
CA GLY K 383 9.23 3.18 -21.08
C GLY K 383 9.99 2.30 -22.04
N ALA K 384 11.32 2.42 -22.06
CA ALA K 384 12.13 1.55 -22.90
C ALA K 384 11.93 0.09 -22.52
N PHE K 385 11.96 -0.21 -21.22
CA PHE K 385 11.78 -1.60 -20.80
C PHE K 385 10.36 -2.08 -21.06
N ALA K 386 9.37 -1.21 -20.86
CA ALA K 386 7.99 -1.60 -21.14
C ALA K 386 7.79 -1.92 -22.61
N HIS K 387 8.41 -1.13 -23.50
CA HIS K 387 8.26 -1.42 -24.92
C HIS K 387 9.07 -2.63 -25.35
N GLY K 388 10.18 -2.92 -24.66
CA GLY K 388 10.83 -4.20 -24.88
C GLY K 388 9.93 -5.37 -24.52
N ALA K 389 9.21 -5.26 -23.40
CA ALA K 389 8.26 -6.30 -23.03
C ALA K 389 7.14 -6.41 -24.06
N ILE K 390 6.65 -5.27 -24.56
CA ILE K 390 5.61 -5.29 -25.59
C ILE K 390 6.12 -5.96 -26.85
N PHE K 391 7.37 -5.68 -27.24
CA PHE K 391 7.97 -6.36 -28.38
C PHE K 391 8.00 -7.86 -28.17
N PHE K 392 8.39 -8.30 -26.96
CA PHE K 392 8.39 -9.72 -26.67
C PHE K 392 6.99 -10.32 -26.83
N VAL K 393 5.98 -9.61 -26.34
CA VAL K 393 4.63 -10.15 -26.35
C VAL K 393 4.10 -10.26 -27.79
N ARG K 394 4.21 -9.19 -28.57
CA ARG K 394 3.44 -9.07 -29.80
C ARG K 394 4.26 -8.99 -31.07
N ASP K 395 5.57 -8.76 -31.00
CA ASP K 395 6.38 -8.64 -32.21
C ASP K 395 7.47 -9.70 -32.34
N TYR K 396 7.86 -10.36 -31.26
CA TYR K 396 8.95 -11.31 -31.31
C TYR K 396 8.51 -12.60 -32.00
N ASP K 397 9.33 -13.05 -32.94
CA ASP K 397 9.08 -14.30 -33.66
C ASP K 397 10.24 -15.25 -33.44
N PRO K 398 10.06 -16.35 -32.70
CA PRO K 398 11.18 -17.27 -32.46
C PRO K 398 11.76 -17.88 -33.73
N ALA K 399 10.94 -18.05 -34.76
CA ALA K 399 11.43 -18.68 -36.00
C ALA K 399 12.47 -17.80 -36.69
N VAL K 400 12.26 -16.49 -36.70
CA VAL K 400 13.20 -15.59 -37.35
C VAL K 400 14.53 -15.57 -36.61
N ASN K 401 14.49 -15.64 -35.27
CA ASN K 401 15.68 -15.58 -34.44
C ASN K 401 16.29 -16.95 -34.19
N THR K 402 15.95 -17.96 -35.00
CA THR K 402 16.46 -19.31 -34.84
C THR K 402 16.83 -19.85 -36.20
N ARG K 403 18.01 -20.47 -36.29
CA ARG K 403 18.49 -21.10 -37.53
C ARG K 403 18.89 -22.53 -37.21
N ASN K 404 18.09 -23.48 -37.67
CA ASN K 404 18.38 -24.91 -37.53
C ASN K 404 18.56 -25.30 -36.06
N GLY K 405 17.61 -24.90 -35.22
CA GLY K 405 17.64 -25.26 -33.82
C GLY K 405 18.44 -24.28 -32.97
N GLU K 406 19.59 -23.85 -33.47
CA GLU K 406 20.40 -22.88 -32.74
C GLU K 406 19.72 -21.52 -32.75
N LYS K 407 19.87 -20.80 -31.64
CA LYS K 407 19.19 -19.53 -31.44
C LYS K 407 20.18 -18.37 -31.53
N ASN K 408 19.68 -17.23 -32.00
CA ASN K 408 20.54 -16.07 -32.22
C ASN K 408 20.78 -15.35 -30.88
N VAL K 409 21.39 -14.17 -30.96
CA VAL K 409 21.80 -13.47 -29.75
C VAL K 409 20.60 -13.03 -28.92
N LEU K 410 19.48 -12.70 -29.58
CA LEU K 410 18.30 -12.25 -28.83
C LEU K 410 17.50 -13.43 -28.29
N ALA K 411 17.32 -14.48 -29.09
CA ALA K 411 16.57 -15.64 -28.64
C ALA K 411 17.25 -16.36 -27.49
N ARG K 412 18.58 -16.25 -27.38
CA ARG K 412 19.30 -16.87 -26.27
C ARG K 412 19.06 -16.14 -24.95
N MET K 413 18.55 -14.91 -24.98
CA MET K 413 18.23 -14.22 -23.75
C MET K 413 17.05 -14.85 -23.03
N LEU K 414 16.23 -15.59 -23.75
CA LEU K 414 15.10 -16.30 -23.16
C LEU K 414 15.47 -17.71 -22.70
N GLU K 415 16.70 -18.16 -22.97
CA GLU K 415 17.14 -19.47 -22.51
C GLU K 415 17.73 -19.39 -21.10
N HIS K 416 18.63 -18.44 -20.86
CA HIS K 416 19.15 -18.18 -19.53
C HIS K 416 18.40 -17.05 -18.84
N LYS K 417 17.11 -16.88 -19.15
CA LYS K 417 16.31 -15.87 -18.49
C LYS K 417 16.24 -16.10 -16.99
N GLU K 418 16.16 -17.38 -16.58
CA GLU K 418 16.15 -17.68 -15.15
C GLU K 418 17.48 -17.28 -14.51
N ALA K 419 18.60 -17.52 -15.20
CA ALA K 419 19.89 -17.08 -14.66
C ALA K 419 19.94 -15.56 -14.52
N ILE K 420 19.47 -14.84 -15.54
CA ILE K 420 19.49 -13.38 -15.49
C ILE K 420 18.64 -12.88 -14.33
N ILE K 421 17.42 -13.41 -14.19
CA ILE K 421 16.52 -12.94 -13.15
C ILE K 421 17.06 -13.31 -11.78
N SER K 422 17.60 -14.53 -11.63
CA SER K 422 18.14 -14.95 -10.35
C SER K 422 19.31 -14.08 -9.93
N HIS K 423 20.18 -13.73 -10.87
CA HIS K 423 21.33 -12.91 -10.50
C HIS K 423 20.95 -11.45 -10.26
N LEU K 424 19.96 -10.93 -10.99
CA LEU K 424 19.44 -9.61 -10.66
C LEU K 424 18.84 -9.61 -9.26
N SER K 425 18.09 -10.67 -8.91
CA SER K 425 17.53 -10.78 -7.58
C SER K 425 18.63 -10.86 -6.52
N TRP K 426 19.69 -11.62 -6.80
CA TRP K 426 20.79 -11.72 -5.85
C TRP K 426 21.46 -10.38 -5.63
N VAL K 427 21.73 -9.64 -6.71
CA VAL K 427 22.37 -8.33 -6.57
C VAL K 427 21.46 -7.38 -5.80
N SER K 428 20.17 -7.39 -6.11
CA SER K 428 19.24 -6.51 -5.42
C SER K 428 19.19 -6.84 -3.92
N LEU K 429 19.10 -8.14 -3.59
CA LEU K 429 19.05 -8.53 -2.19
C LEU K 429 20.35 -8.19 -1.48
N PHE K 430 21.49 -8.43 -2.14
CA PHE K 430 22.79 -8.12 -1.57
C PHE K 430 22.89 -6.63 -1.22
N LEU K 431 22.62 -5.78 -2.22
CA LEU K 431 22.73 -4.34 -2.01
C LEU K 431 21.73 -3.86 -0.98
N GLY K 432 20.48 -4.31 -1.05
CA GLY K 432 19.49 -3.86 -0.10
C GLY K 432 19.82 -4.27 1.33
N PHE K 433 20.10 -5.56 1.53
CA PHE K 433 20.48 -6.06 2.84
C PHE K 433 21.60 -5.23 3.44
N HIS K 434 22.67 -5.01 2.66
CA HIS K 434 23.86 -4.45 3.29
C HIS K 434 23.81 -2.93 3.39
N THR K 435 23.21 -2.24 2.41
CA THR K 435 23.02 -0.81 2.52
C THR K 435 22.09 -0.50 3.70
N LEU K 436 20.97 -1.22 3.81
CA LEU K 436 20.08 -1.00 4.94
C LEU K 436 20.76 -1.38 6.25
N GLY K 437 21.57 -2.44 6.24
CA GLY K 437 22.26 -2.83 7.46
C GLY K 437 23.23 -1.78 7.94
N ILE K 438 24.03 -1.22 7.02
CA ILE K 438 24.97 -0.17 7.41
C ILE K 438 24.22 1.08 7.86
N TYR K 439 23.15 1.45 7.14
CA TYR K 439 22.39 2.64 7.51
C TYR K 439 21.75 2.48 8.89
N VAL K 440 21.16 1.32 9.16
CA VAL K 440 20.53 1.09 10.46
C VAL K 440 21.58 0.96 11.56
N HIS K 441 22.75 0.39 11.25
CA HIS K 441 23.83 0.36 12.21
C HIS K 441 24.24 1.77 12.61
N ASN K 442 24.38 2.65 11.62
CA ASN K 442 24.71 4.04 11.92
C ASN K 442 23.58 4.70 12.71
N ASP K 443 22.33 4.43 12.34
CA ASP K 443 21.19 4.98 13.08
C ASP K 443 21.26 4.59 14.56
N VAL K 444 21.40 3.31 14.84
CA VAL K 444 21.38 2.82 16.21
C VAL K 444 22.60 3.34 16.97
N VAL K 445 23.77 3.30 16.34
CA VAL K 445 25.00 3.69 17.02
C VAL K 445 24.99 5.19 17.34
N VAL K 446 24.56 6.03 16.40
CA VAL K 446 24.47 7.46 16.67
C VAL K 446 23.40 7.75 17.70
N ALA K 447 22.26 7.07 17.62
CA ALA K 447 21.18 7.30 18.58
C ALA K 447 21.64 7.00 19.99
N PHE K 448 22.42 5.94 20.18
CA PHE K 448 22.94 5.61 21.50
C PHE K 448 24.06 6.55 21.95
N GLY K 449 24.31 7.62 21.21
CA GLY K 449 25.24 8.64 21.65
C GLY K 449 26.70 8.33 21.43
N GLN K 450 27.03 7.37 20.58
CA GLN K 450 28.41 6.96 20.35
C GLN K 450 28.71 6.97 18.86
N PRO K 451 28.73 8.15 18.22
CA PRO K 451 28.89 8.20 16.76
C PRO K 451 30.22 7.64 16.28
N GLU K 452 31.21 7.49 17.15
CA GLU K 452 32.51 6.97 16.73
C GLU K 452 32.46 5.52 16.28
N LYS K 453 31.43 4.77 16.67
CA LYS K 453 31.28 3.38 16.27
C LYS K 453 30.58 3.22 14.93
N GLN K 454 30.38 4.31 14.20
CA GLN K 454 29.76 4.24 12.89
C GLN K 454 30.63 3.50 11.90
N ILE K 455 30.00 2.84 10.94
CA ILE K 455 30.70 2.22 9.82
C ILE K 455 30.69 3.23 8.68
N LEU K 456 31.83 3.86 8.42
CA LEU K 456 31.98 4.87 7.40
C LEU K 456 33.04 4.42 6.42
N VAL K 457 32.65 4.08 5.20
CA VAL K 457 33.55 3.58 4.17
C VAL K 457 33.91 4.74 3.25
N GLU K 458 35.20 5.04 3.16
CA GLU K 458 35.64 6.10 2.28
C GLU K 458 35.51 5.66 0.83
N PRO K 459 34.83 6.41 -0.03
CA PRO K 459 34.69 6.00 -1.42
C PRO K 459 35.99 6.16 -2.19
N LEU K 460 36.95 5.27 -1.93
CA LEU K 460 38.27 5.41 -2.52
C LEU K 460 38.25 5.21 -4.03
N PHE K 461 37.39 4.32 -4.52
CA PHE K 461 37.32 4.08 -5.95
C PHE K 461 36.86 5.33 -6.70
N ALA K 462 35.85 6.02 -6.17
CA ALA K 462 35.37 7.24 -6.82
C ALA K 462 36.33 8.41 -6.61
N GLU K 463 36.94 8.50 -5.42
CA GLU K 463 37.95 9.51 -5.19
C GLU K 463 39.18 9.27 -6.07
N TRP K 464 39.47 8.00 -6.37
CA TRP K 464 40.53 7.69 -7.32
C TRP K 464 40.25 8.29 -8.69
N ILE K 465 39.00 8.22 -9.13
CA ILE K 465 38.62 8.80 -10.41
C ILE K 465 38.76 10.32 -10.38
N GLN K 466 38.34 10.95 -9.28
CA GLN K 466 38.46 12.40 -9.15
C GLN K 466 39.92 12.83 -9.23
N ALA K 467 40.82 12.09 -8.57
CA ALA K 467 42.24 12.41 -8.64
C ALA K 467 42.77 12.20 -10.05
N ALA K 468 42.25 11.19 -10.75
CA ALA K 468 42.71 10.94 -12.12
C ALA K 468 42.40 12.11 -13.04
N SER K 469 41.32 12.84 -12.77
CA SER K 469 40.94 14.00 -13.57
C SER K 469 41.59 15.28 -13.09
N GLY K 470 42.41 15.23 -12.04
CA GLY K 470 43.18 16.38 -11.61
C GLY K 470 42.87 16.93 -10.24
N LYS K 471 41.96 16.32 -9.48
CA LYS K 471 41.61 16.86 -8.17
C LYS K 471 42.70 16.48 -7.16
N THR K 472 43.41 17.48 -6.66
CA THR K 472 44.44 17.28 -5.65
C THR K 472 43.85 17.55 -4.27
N LEU K 473 42.97 16.64 -3.86
CA LEU K 473 42.27 16.78 -2.59
C LEU K 473 42.40 15.51 -1.75
N TYR K 474 42.60 14.37 -2.42
CA TYR K 474 42.69 13.08 -1.75
C TYR K 474 44.12 12.56 -1.67
N ASN K 475 45.10 13.36 -2.11
CA ASN K 475 46.52 13.00 -2.03
C ASN K 475 46.79 11.66 -2.70
N PHE K 476 46.33 11.53 -3.94
CA PHE K 476 46.56 10.32 -4.72
C PHE K 476 47.71 10.45 -5.70
N ASP K 477 47.93 11.64 -6.27
CA ASP K 477 49.06 11.90 -7.16
C ASP K 477 49.05 10.90 -8.33
N LEU K 478 47.89 10.75 -8.96
CA LEU K 478 47.70 9.60 -9.84
C LEU K 478 47.99 9.86 -11.31
N LEU K 479 47.15 10.65 -11.98
CA LEU K 479 47.37 10.89 -13.41
C LEU K 479 47.45 12.38 -13.74
N LEU K 480 46.41 13.13 -13.39
CA LEU K 480 46.40 14.56 -13.59
C LEU K 480 46.65 15.33 -12.31
N ALA K 481 46.56 14.66 -11.15
CA ALA K 481 47.08 15.21 -9.91
C ALA K 481 48.60 15.23 -9.88
N SER K 482 49.25 14.57 -10.84
CA SER K 482 50.69 14.58 -10.98
C SER K 482 51.07 15.43 -12.18
N SER K 483 52.11 16.27 -12.01
CA SER K 483 52.60 17.10 -13.10
C SER K 483 53.61 16.38 -13.98
N ASN K 484 54.04 15.18 -13.59
CA ASN K 484 55.03 14.43 -14.35
C ASN K 484 54.44 13.27 -15.14
N SER K 485 53.18 12.92 -14.89
CA SER K 485 52.55 11.83 -15.62
C SER K 485 52.37 12.21 -17.09
N PRO K 486 52.46 11.22 -18.00
CA PRO K 486 52.27 11.53 -19.43
C PRO K 486 50.91 12.13 -19.74
N ALA K 487 49.89 11.81 -18.94
CA ALA K 487 48.57 12.40 -19.16
C ALA K 487 48.58 13.91 -18.95
N SER K 488 49.40 14.40 -18.02
CA SER K 488 49.45 15.83 -17.75
C SER K 488 50.35 16.56 -18.72
N VAL K 489 51.53 16.01 -19.02
CA VAL K 489 52.44 16.68 -19.95
C VAL K 489 51.80 16.81 -21.33
N ALA K 490 50.93 15.87 -21.70
CA ALA K 490 50.34 15.87 -23.03
C ALA K 490 49.43 17.07 -23.25
N SER K 491 48.62 17.43 -22.25
CA SER K 491 47.67 18.53 -22.39
C SER K 491 48.05 19.73 -21.54
N SER K 492 49.31 19.82 -21.09
CA SER K 492 49.72 20.94 -20.26
C SER K 492 49.60 22.27 -21.00
N GLN K 493 49.53 22.25 -22.32
CA GLN K 493 49.47 23.46 -23.12
C GLN K 493 48.12 23.66 -23.81
N LEU K 494 47.15 22.77 -23.61
CA LEU K 494 45.89 22.85 -24.33
C LEU K 494 44.70 23.17 -23.43
N TRP K 495 44.40 22.33 -22.44
CA TRP K 495 43.23 22.57 -21.62
C TRP K 495 43.39 22.23 -20.14
N LEU K 496 44.57 21.78 -19.69
CA LEU K 496 44.73 21.56 -18.25
C LEU K 496 44.65 22.82 -17.42
N PRO K 497 45.31 23.93 -17.77
CA PRO K 497 45.22 25.12 -16.89
C PRO K 497 43.81 25.56 -16.62
N GLY K 498 42.94 25.52 -17.63
CA GLY K 498 41.53 25.81 -17.39
C GLY K 498 40.83 24.71 -16.60
N TRP K 499 41.10 23.45 -16.93
CA TRP K 499 40.42 22.35 -16.26
C TRP K 499 40.86 22.21 -14.81
N LEU K 500 42.17 22.32 -14.56
CA LEU K 500 42.65 22.19 -13.18
C LEU K 500 42.15 23.33 -12.30
N SER K 501 42.10 24.54 -12.86
CA SER K 501 41.62 25.68 -12.09
C SER K 501 40.16 25.54 -11.71
N ALA K 502 39.38 24.76 -12.48
CA ALA K 502 37.97 24.57 -12.19
C ALA K 502 37.71 23.37 -11.29
N ILE K 503 38.40 22.25 -11.54
CA ILE K 503 38.20 21.06 -10.72
C ILE K 503 38.70 21.29 -9.30
N ASN K 504 39.77 22.05 -9.14
CA ASN K 504 40.33 22.35 -7.82
C ASN K 504 39.82 23.69 -7.32
N ASP K 505 38.50 23.76 -7.14
CA ASP K 505 37.84 24.96 -6.65
C ASP K 505 36.65 24.54 -5.78
N GLY K 506 36.59 25.09 -4.57
CA GLY K 506 35.56 24.69 -3.64
C GLY K 506 34.18 25.24 -3.91
N LYS K 507 34.07 26.26 -4.77
CA LYS K 507 32.79 26.89 -5.06
C LYS K 507 32.07 26.26 -6.24
N ASN K 508 32.72 25.37 -6.98
CA ASN K 508 32.09 24.71 -8.11
C ASN K 508 31.30 23.49 -7.67
N SER K 509 30.50 22.97 -8.59
CA SER K 509 29.93 21.64 -8.47
C SER K 509 30.68 20.61 -9.30
N LEU K 510 31.76 21.04 -9.97
CA LEU K 510 32.60 20.14 -10.77
C LEU K 510 33.31 19.18 -9.84
N PHE K 511 32.91 17.91 -9.86
CA PHE K 511 33.52 16.86 -9.05
C PHE K 511 33.47 17.23 -7.57
N LEU K 512 32.24 17.25 -7.05
CA LEU K 512 32.04 17.63 -5.67
C LEU K 512 32.80 16.69 -4.74
N PRO K 513 33.44 17.19 -3.69
CA PRO K 513 34.12 16.31 -2.74
C PRO K 513 33.13 15.33 -2.13
N ILE K 514 33.60 14.10 -1.93
CA ILE K 514 32.73 13.01 -1.50
C ILE K 514 33.29 12.37 -0.25
N GLY K 515 32.40 11.75 0.53
CA GLY K 515 32.77 11.06 1.74
C GLY K 515 31.95 9.80 1.93
N PRO K 516 31.93 9.27 3.15
CA PRO K 516 31.17 8.05 3.42
C PRO K 516 29.70 8.17 3.11
N GLY K 517 29.09 9.34 3.35
CA GLY K 517 27.70 9.52 2.99
C GLY K 517 27.45 9.35 1.51
N ASP K 518 28.36 9.88 0.68
CA ASP K 518 28.28 9.68 -0.76
C ASP K 518 28.39 8.21 -1.11
N PHE K 519 29.28 7.48 -0.43
CA PHE K 519 29.41 6.05 -0.65
C PHE K 519 28.09 5.33 -0.38
N LEU K 520 27.51 5.57 0.79
CA LEU K 520 26.27 4.88 1.17
C LEU K 520 25.13 5.24 0.22
N VAL K 521 24.99 6.51 -0.12
CA VAL K 521 23.88 6.90 -0.99
C VAL K 521 24.09 6.38 -2.40
N HIS K 522 25.34 6.27 -2.85
CA HIS K 522 25.58 5.68 -4.17
C HIS K 522 25.22 4.21 -4.17
N HIS K 523 25.48 3.51 -3.05
CA HIS K 523 25.05 2.11 -2.97
C HIS K 523 23.53 2.00 -2.93
N ALA K 524 22.86 2.94 -2.28
CA ALA K 524 21.40 2.97 -2.31
C ALA K 524 20.89 3.19 -3.73
N ILE K 525 21.55 4.08 -4.48
CA ILE K 525 21.18 4.33 -5.87
C ILE K 525 21.39 3.08 -6.70
N ALA K 526 22.51 2.39 -6.49
CA ALA K 526 22.77 1.14 -7.21
C ALA K 526 21.70 0.10 -6.90
N LEU K 527 21.29 0.01 -5.64
CA LEU K 527 20.22 -0.92 -5.27
C LEU K 527 18.93 -0.56 -5.99
N GLY K 528 18.58 0.72 -6.04
CA GLY K 528 17.38 1.13 -6.72
C GLY K 528 17.41 0.81 -8.20
N LEU K 529 18.55 1.11 -8.85
CA LEU K 529 18.70 0.80 -10.27
C LEU K 529 18.58 -0.70 -10.52
N HIS K 530 19.24 -1.50 -9.68
CA HIS K 530 19.22 -2.94 -9.88
C HIS K 530 17.82 -3.52 -9.66
N THR K 531 17.09 -3.01 -8.67
CA THR K 531 15.75 -3.54 -8.42
C THR K 531 14.77 -3.13 -9.52
N THR K 532 14.83 -1.88 -9.97
CA THR K 532 14.00 -1.47 -11.09
C THR K 532 14.32 -2.28 -12.34
N THR K 533 15.61 -2.50 -12.60
CA THR K 533 16.01 -3.34 -13.73
C THR K 533 15.52 -4.77 -13.55
N LEU K 534 15.56 -5.28 -12.32
CA LEU K 534 15.08 -6.64 -12.08
C LEU K 534 13.61 -6.76 -12.41
N ILE K 535 12.79 -5.81 -11.93
CA ILE K 535 11.36 -5.87 -12.21
C ILE K 535 11.10 -5.78 -13.70
N LEU K 536 11.76 -4.82 -14.37
CA LEU K 536 11.49 -4.61 -15.79
C LEU K 536 11.98 -5.77 -16.65
N VAL K 537 13.18 -6.29 -16.36
CA VAL K 537 13.73 -7.40 -17.12
C VAL K 537 12.91 -8.67 -16.88
N LYS K 538 12.49 -8.89 -15.64
CA LYS K 538 11.64 -10.04 -15.35
C LYS K 538 10.33 -9.95 -16.11
N GLY K 539 9.71 -8.76 -16.14
CA GLY K 539 8.49 -8.60 -16.90
C GLY K 539 8.69 -8.79 -18.39
N ALA K 540 9.82 -8.31 -18.91
CA ALA K 540 10.08 -8.44 -20.34
C ALA K 540 10.32 -9.88 -20.74
N LEU K 541 11.19 -10.58 -20.00
CA LEU K 541 11.53 -11.95 -20.35
C LEU K 541 10.37 -12.91 -20.08
N ASP K 542 9.68 -12.73 -18.94
CA ASP K 542 8.53 -13.55 -18.59
C ASP K 542 7.26 -13.10 -19.29
N ALA K 543 7.36 -12.16 -20.22
CA ALA K 543 6.17 -11.66 -20.91
C ALA K 543 5.51 -12.74 -21.75
N ARG K 544 6.30 -13.58 -22.41
CA ARG K 544 5.76 -14.60 -23.29
C ARG K 544 5.27 -15.84 -22.57
N GLY K 545 5.54 -15.96 -21.27
CA GLY K 545 5.06 -17.09 -20.52
C GLY K 545 5.98 -17.43 -19.36
N SER K 546 5.44 -18.20 -18.42
CA SER K 546 6.19 -18.66 -17.26
C SER K 546 5.63 -20.03 -16.85
N LYS K 547 5.98 -20.48 -15.65
CA LYS K 547 5.41 -21.73 -15.16
C LYS K 547 3.97 -21.54 -14.72
N LEU K 548 3.67 -20.38 -14.12
CA LEU K 548 2.30 -20.09 -13.70
C LEU K 548 1.38 -19.82 -14.86
N MET K 549 1.93 -19.41 -16.02
CA MET K 549 1.12 -19.08 -17.19
C MET K 549 1.96 -19.31 -18.44
N PRO K 550 2.07 -20.56 -18.88
CA PRO K 550 2.93 -20.86 -20.05
C PRO K 550 2.33 -20.43 -21.38
N ASP K 551 1.21 -19.71 -21.36
CA ASP K 551 0.63 -19.16 -22.58
C ASP K 551 0.33 -17.68 -22.42
N LYS K 552 1.17 -16.96 -21.66
CA LYS K 552 0.91 -15.56 -21.39
C LYS K 552 0.93 -14.71 -22.66
N LYS K 553 1.64 -15.15 -23.69
CA LYS K 553 1.67 -14.40 -24.94
C LYS K 553 0.31 -14.38 -25.62
N ASP K 554 -0.51 -15.41 -25.39
CA ASP K 554 -1.84 -15.46 -25.99
C ASP K 554 -2.81 -14.49 -25.36
N PHE K 555 -2.47 -13.90 -24.21
CA PHE K 555 -3.35 -12.97 -23.52
C PHE K 555 -2.94 -11.52 -23.73
N GLY K 556 -1.84 -11.27 -24.42
CA GLY K 556 -1.42 -9.91 -24.71
C GLY K 556 -0.51 -9.33 -23.65
N TYR K 557 -0.09 -8.08 -23.91
CA TYR K 557 0.81 -7.39 -23.00
C TYR K 557 0.12 -7.02 -21.70
N SER K 558 -1.12 -6.51 -21.79
CA SER K 558 -1.85 -6.01 -20.63
C SER K 558 -3.17 -6.76 -20.51
N PHE K 559 -3.29 -7.56 -19.46
CA PHE K 559 -4.52 -8.21 -19.08
C PHE K 559 -4.59 -8.23 -17.56
N PRO K 560 -5.80 -8.29 -16.98
CA PRO K 560 -5.88 -8.21 -15.51
C PRO K 560 -5.15 -9.31 -14.79
N CYS K 561 -5.44 -10.56 -15.12
CA CYS K 561 -4.93 -11.71 -14.38
C CYS K 561 -5.21 -12.97 -15.20
N ASP K 562 -5.01 -14.12 -14.58
CA ASP K 562 -5.49 -15.39 -15.10
C ASP K 562 -6.48 -16.07 -14.16
N GLY K 563 -6.98 -15.36 -13.15
CA GLY K 563 -7.95 -15.91 -12.25
C GLY K 563 -7.36 -16.32 -10.92
N PRO K 564 -8.23 -16.70 -9.96
CA PRO K 564 -7.74 -17.16 -8.66
C PRO K 564 -7.20 -18.58 -8.68
N GLY K 565 -7.30 -19.30 -9.79
CA GLY K 565 -6.83 -20.67 -9.85
C GLY K 565 -5.33 -20.75 -9.82
N ARG K 566 -4.84 -21.98 -9.60
CA ARG K 566 -3.42 -22.27 -9.53
C ARG K 566 -2.73 -21.46 -8.43
N GLY K 567 -3.44 -21.19 -7.35
CA GLY K 567 -2.91 -20.45 -6.22
C GLY K 567 -3.13 -18.96 -6.25
N GLY K 568 -3.57 -18.40 -7.38
CA GLY K 568 -3.75 -16.96 -7.49
C GLY K 568 -2.77 -16.34 -8.45
N THR K 569 -3.26 -15.50 -9.37
CA THR K 569 -2.46 -14.95 -10.45
C THR K 569 -2.63 -13.43 -10.54
N CYS K 570 -2.58 -12.75 -9.39
CA CYS K 570 -2.64 -11.30 -9.39
C CYS K 570 -1.38 -10.71 -10.02
N ASP K 571 -1.55 -9.67 -10.82
CA ASP K 571 -0.44 -8.90 -11.37
C ASP K 571 0.53 -9.80 -12.14
N ILE K 572 0.00 -10.72 -12.94
CA ILE K 572 0.83 -11.68 -13.64
C ILE K 572 1.24 -11.21 -15.04
N SER K 573 0.60 -10.18 -15.57
CA SER K 573 0.90 -9.73 -16.92
C SER K 573 2.19 -8.91 -16.94
N ALA K 574 2.72 -8.70 -18.14
CA ALA K 574 3.92 -7.88 -18.31
C ALA K 574 3.64 -6.42 -18.02
N TRP K 575 2.42 -5.95 -18.29
CA TRP K 575 2.04 -4.59 -17.93
C TRP K 575 2.13 -4.37 -16.44
N ASP K 576 1.77 -5.38 -15.66
CA ASP K 576 1.86 -5.28 -14.20
C ASP K 576 3.31 -5.16 -13.74
N ALA K 577 4.26 -5.73 -14.49
CA ALA K 577 5.67 -5.55 -14.16
C ALA K 577 6.09 -4.09 -14.34
N PHE K 578 5.66 -3.47 -15.44
CA PHE K 578 5.85 -2.03 -15.60
C PHE K 578 5.20 -1.28 -14.45
N TYR K 579 3.98 -1.68 -14.07
CA TYR K 579 3.25 -0.97 -13.04
C TYR K 579 3.98 -1.04 -11.70
N LEU K 580 4.56 -2.20 -11.39
CA LEU K 580 5.31 -2.35 -10.15
C LEU K 580 6.64 -1.62 -10.22
N ALA K 581 7.28 -1.63 -11.40
CA ALA K 581 8.58 -0.98 -11.54
C ALA K 581 8.49 0.53 -11.57
N MET K 582 7.29 1.08 -11.84
CA MET K 582 7.13 2.53 -11.75
C MET K 582 7.36 3.03 -10.33
N PHE K 583 6.88 2.29 -9.33
CA PHE K 583 7.12 2.65 -7.95
C PHE K 583 8.61 2.65 -7.64
N TRP K 584 9.33 1.64 -8.13
CA TRP K 584 10.76 1.56 -7.85
C TRP K 584 11.54 2.63 -8.61
N MET K 585 11.11 2.97 -9.83
CA MET K 585 11.72 4.09 -10.52
C MET K 585 11.51 5.39 -9.77
N LEU K 586 10.29 5.61 -9.28
CA LEU K 586 10.02 6.83 -8.52
C LEU K 586 10.86 6.87 -7.25
N ASN K 587 11.00 5.73 -6.58
CA ASN K 587 11.82 5.66 -5.37
C ASN K 587 13.29 5.92 -5.67
N THR K 588 13.81 5.33 -6.74
CA THR K 588 15.21 5.52 -7.09
C THR K 588 15.50 6.97 -7.49
N ILE K 589 14.62 7.56 -8.31
CA ILE K 589 14.79 8.97 -8.67
C ILE K 589 14.63 9.86 -7.45
N GLY K 590 13.76 9.49 -6.52
CA GLY K 590 13.66 10.23 -5.28
C GLY K 590 14.93 10.19 -4.47
N TRP K 591 15.57 9.01 -4.39
CA TRP K 591 16.84 8.91 -3.69
C TRP K 591 17.90 9.75 -4.37
N VAL K 592 17.97 9.68 -5.71
CA VAL K 592 18.98 10.43 -6.45
C VAL K 592 18.78 11.93 -6.24
N THR K 593 17.55 12.39 -6.36
CA THR K 593 17.27 13.82 -6.25
C THR K 593 17.41 14.31 -4.82
N PHE K 594 17.04 13.48 -3.84
CA PHE K 594 17.29 13.82 -2.44
C PHE K 594 18.78 14.00 -2.19
N TYR K 595 19.59 13.07 -2.66
CA TYR K 595 21.03 13.16 -2.49
C TYR K 595 21.57 14.42 -3.14
N TRP K 596 21.20 14.66 -4.40
CA TRP K 596 21.70 15.84 -5.12
C TRP K 596 21.28 17.11 -4.40
N HIS K 597 20.01 17.22 -4.04
CA HIS K 597 19.50 18.45 -3.45
C HIS K 597 20.11 18.71 -2.09
N TRP K 598 20.25 17.68 -1.24
CA TRP K 598 20.85 17.91 0.06
C TRP K 598 22.33 18.27 -0.07
N LYS K 599 23.06 17.58 -0.95
CA LYS K 599 24.46 17.91 -1.15
C LYS K 599 24.61 19.36 -1.60
N HIS K 600 23.77 19.79 -2.54
CA HIS K 600 23.91 21.16 -3.06
C HIS K 600 23.36 22.20 -2.09
N LEU K 601 22.35 21.88 -1.29
CA LEU K 601 21.91 22.80 -0.25
C LEU K 601 23.01 23.02 0.79
N THR K 602 23.70 21.96 1.17
CA THR K 602 24.81 22.13 2.11
C THR K 602 25.96 22.88 1.46
N LEU K 603 26.22 22.62 0.17
CA LEU K 603 27.30 23.34 -0.52
C LEU K 603 27.00 24.82 -0.64
N TRP K 604 25.76 25.18 -0.99
CA TRP K 604 25.41 26.58 -1.19
C TRP K 604 25.33 27.32 0.14
N GLN K 605 24.74 26.69 1.16
CA GLN K 605 24.66 27.31 2.48
C GLN K 605 26.02 27.38 3.17
N GLY K 606 26.95 26.50 2.80
CA GLY K 606 28.27 26.48 3.37
C GLY K 606 28.49 25.42 4.43
N ASN K 607 27.41 24.84 4.97
CA ASN K 607 27.53 23.84 6.02
C ASN K 607 27.64 22.43 5.43
N GLN K 608 28.67 22.26 4.59
CA GLN K 608 28.94 20.94 4.01
C GLN K 608 29.29 19.92 5.08
N VAL K 609 29.72 20.37 6.26
CA VAL K 609 29.95 19.45 7.37
C VAL K 609 28.64 18.85 7.87
N GLN K 610 27.51 19.53 7.67
CA GLN K 610 26.23 18.97 8.07
C GLN K 610 25.89 17.73 7.25
N PHE K 611 26.14 17.77 5.94
CA PHE K 611 25.89 16.59 5.12
C PHE K 611 26.90 15.49 5.42
N ASN K 612 28.18 15.85 5.52
CA ASN K 612 29.23 14.84 5.66
C ASN K 612 29.07 14.05 6.95
N GLU K 613 28.44 14.62 7.96
CA GLU K 613 28.24 13.95 9.24
C GLU K 613 26.88 13.28 9.36
N SER K 614 25.81 13.96 8.95
CA SER K 614 24.45 13.46 9.14
C SER K 614 23.95 12.58 8.00
N SER K 615 24.68 12.50 6.88
CA SER K 615 24.20 11.74 5.73
C SER K 615 24.49 10.25 5.84
N ASN K 616 25.19 9.83 6.90
CA ASN K 616 25.55 8.43 7.07
C ASN K 616 24.47 7.61 7.76
N TYR K 617 23.43 8.26 8.30
CA TYR K 617 22.36 7.55 9.00
C TYR K 617 21.02 8.15 8.59
N ILE K 618 19.97 7.32 8.66
CA ILE K 618 18.68 7.69 8.08
C ILE K 618 18.07 8.88 8.82
N MET K 619 18.13 8.87 10.16
CA MET K 619 17.58 9.98 10.91
C MET K 619 18.28 11.28 10.56
N GLY K 620 19.56 11.22 10.19
CA GLY K 620 20.23 12.41 9.69
C GLY K 620 19.52 12.99 8.48
N TRP K 621 19.18 12.13 7.52
CA TRP K 621 18.41 12.59 6.37
C TRP K 621 17.08 13.17 6.81
N LEU K 622 16.31 12.39 7.58
CA LEU K 622 14.95 12.80 7.93
C LEU K 622 14.93 14.13 8.69
N ARG K 623 15.92 14.35 9.56
CA ARG K 623 15.92 15.54 10.40
C ARG K 623 16.53 16.74 9.70
N ASP K 624 17.66 16.55 9.01
CA ASP K 624 18.41 17.68 8.50
C ASP K 624 18.07 18.06 7.06
N TYR K 625 17.51 17.14 6.27
CA TYR K 625 17.07 17.52 4.93
C TYR K 625 15.58 17.86 4.97
N LEU K 626 14.74 16.86 5.24
CA LEU K 626 13.31 17.04 5.11
C LEU K 626 12.76 17.96 6.18
N TRP K 627 12.91 17.57 7.45
CA TRP K 627 12.34 18.35 8.54
C TRP K 627 12.95 19.74 8.61
N LEU K 628 14.25 19.85 8.33
CA LEU K 628 14.91 21.15 8.45
C LEU K 628 14.48 22.09 7.32
N ASN K 629 14.56 21.63 6.07
CA ASN K 629 14.30 22.52 4.94
C ASN K 629 12.82 22.64 4.61
N SER K 630 11.95 21.87 5.26
CA SER K 630 10.52 22.02 5.02
C SER K 630 9.91 23.19 5.79
N SER K 631 10.66 23.82 6.69
CA SER K 631 10.12 24.94 7.45
C SER K 631 9.73 26.13 6.58
N PRO K 632 10.58 26.62 5.66
CA PRO K 632 10.12 27.73 4.81
C PRO K 632 8.92 27.39 3.95
N LEU K 633 8.82 26.14 3.49
CA LEU K 633 7.74 25.77 2.59
C LEU K 633 6.39 25.76 3.30
N ILE K 634 6.31 25.13 4.47
CA ILE K 634 5.03 25.01 5.16
C ILE K 634 4.56 26.37 5.66
N ASN K 635 5.48 27.29 5.93
CA ASN K 635 5.10 28.66 6.28
C ASN K 635 5.00 29.53 5.04
N GLY K 636 4.32 29.04 4.01
CA GLY K 636 4.01 29.82 2.85
C GLY K 636 2.73 30.60 3.09
N TYR K 637 1.92 30.07 4.00
CA TYR K 637 0.75 30.76 4.52
C TYR K 637 0.45 30.18 5.89
N ASN K 638 0.28 31.06 6.86
CA ASN K 638 0.00 30.71 8.24
C ASN K 638 -1.21 31.52 8.70
N PRO K 639 -1.73 31.25 9.91
CA PRO K 639 -2.85 32.06 10.40
C PRO K 639 -2.53 33.54 10.57
N PHE K 640 -1.30 33.94 10.25
CA PHE K 640 -0.87 35.33 10.35
C PHE K 640 -0.68 36.02 9.00
N GLY K 641 -0.36 35.26 7.95
CA GLY K 641 -0.14 35.89 6.66
C GLY K 641 0.24 34.85 5.62
N MET K 642 0.90 35.32 4.56
CA MET K 642 1.34 34.43 3.50
C MET K 642 2.50 35.10 2.76
N ASN K 643 3.20 34.29 1.96
CA ASN K 643 4.34 34.73 1.18
C ASN K 643 4.14 34.31 -0.28
N SER K 644 5.10 34.67 -1.13
CA SER K 644 5.08 34.20 -2.50
C SER K 644 5.28 32.69 -2.59
N LEU K 645 5.71 32.05 -1.50
CA LEU K 645 5.83 30.60 -1.42
C LEU K 645 4.51 29.93 -1.05
N SER K 646 3.41 30.70 -0.95
CA SER K 646 2.13 30.10 -0.58
C SER K 646 1.67 29.09 -1.61
N VAL K 647 1.90 29.37 -2.89
CA VAL K 647 1.50 28.43 -3.93
C VAL K 647 2.25 27.12 -3.79
N TRP K 648 3.50 27.16 -3.32
CA TRP K 648 4.27 25.95 -3.17
C TRP K 648 3.77 25.10 -2.00
N ALA K 649 3.34 25.73 -0.92
CA ALA K 649 2.73 24.98 0.18
C ALA K 649 1.42 24.34 -0.25
N TRP K 650 0.60 25.07 -1.03
CA TRP K 650 -0.63 24.51 -1.56
C TRP K 650 -0.34 23.33 -2.47
N MET K 651 0.68 23.43 -3.31
CA MET K 651 1.07 22.31 -4.16
C MET K 651 1.61 21.15 -3.35
N PHE K 652 2.31 21.43 -2.24
CA PHE K 652 2.76 20.39 -1.33
C PHE K 652 1.59 19.56 -0.81
N LEU K 653 0.58 20.26 -0.27
CA LEU K 653 -0.59 19.57 0.24
C LEU K 653 -1.35 18.86 -0.88
N PHE K 654 -1.42 19.48 -2.05
CA PHE K 654 -2.08 18.88 -3.20
C PHE K 654 -1.40 17.57 -3.60
N GLY K 655 -0.06 17.57 -3.61
CA GLY K 655 0.66 16.36 -3.92
C GLY K 655 0.43 15.27 -2.90
N HIS K 656 0.40 15.63 -1.62
CA HIS K 656 0.08 14.63 -0.59
C HIS K 656 -1.31 14.04 -0.81
N LEU K 657 -2.28 14.89 -1.14
CA LEU K 657 -3.65 14.43 -1.35
C LEU K 657 -3.74 13.48 -2.55
N VAL K 658 -3.08 13.84 -3.66
CA VAL K 658 -3.12 12.98 -4.84
C VAL K 658 -2.40 11.66 -4.56
N TRP K 659 -1.30 11.72 -3.81
CA TRP K 659 -0.60 10.50 -3.40
C TRP K 659 -1.52 9.57 -2.62
N ALA K 660 -2.26 10.10 -1.66
CA ALA K 660 -3.13 9.25 -0.86
C ALA K 660 -4.35 8.77 -1.65
N THR K 661 -4.83 9.55 -2.62
CA THR K 661 -5.89 9.04 -3.49
C THR K 661 -5.37 7.89 -4.34
N GLY K 662 -4.12 7.98 -4.78
CA GLY K 662 -3.49 6.83 -5.39
C GLY K 662 -3.46 5.64 -4.47
N PHE K 663 -3.17 5.88 -3.19
CA PHE K 663 -3.23 4.81 -2.20
C PHE K 663 -4.62 4.17 -2.18
N MET K 664 -5.68 4.99 -2.18
CA MET K 664 -7.04 4.48 -2.38
C MET K 664 -7.10 3.50 -3.55
N PHE K 665 -6.70 3.96 -4.72
CA PHE K 665 -6.92 3.16 -5.93
C PHE K 665 -6.04 1.92 -5.98
N LEU K 666 -4.96 1.90 -5.21
CA LEU K 666 -4.05 0.78 -5.21
C LEU K 666 -4.41 -0.26 -4.15
N ILE K 667 -4.77 0.16 -2.95
CA ILE K 667 -5.07 -0.79 -1.88
C ILE K 667 -6.43 -1.45 -2.08
N SER K 668 -7.47 -0.63 -2.21
CA SER K 668 -8.82 -1.13 -2.46
C SER K 668 -8.96 -1.52 -3.92
N TRP K 669 -9.36 -2.76 -4.16
CA TRP K 669 -9.51 -3.28 -5.51
C TRP K 669 -10.99 -3.30 -5.91
N ARG K 670 -11.28 -3.88 -7.06
CA ARG K 670 -12.63 -3.87 -7.62
C ARG K 670 -13.51 -4.81 -6.81
N GLY K 671 -14.71 -4.96 -7.23
CA GLY K 671 -15.50 -5.91 -6.52
C GLY K 671 -16.07 -5.34 -5.29
N TYR K 672 -15.33 -4.42 -4.71
CA TYR K 672 -15.85 -3.78 -3.55
C TYR K 672 -16.49 -2.50 -4.02
N TRP K 673 -16.16 -2.10 -5.25
CA TRP K 673 -16.66 -0.89 -5.75
C TRP K 673 -17.72 -1.14 -6.73
N GLN K 674 -17.87 -2.34 -7.19
CA GLN K 674 -18.98 -2.70 -8.07
C GLN K 674 -20.28 -2.83 -7.29
N GLU K 675 -20.24 -3.47 -6.12
CA GLU K 675 -21.45 -3.61 -5.31
C GLU K 675 -21.94 -2.26 -4.79
N LEU K 676 -21.01 -1.39 -4.39
CA LEU K 676 -21.39 -0.05 -3.96
C LEU K 676 -22.03 0.71 -5.11
N ILE K 677 -21.48 0.58 -6.31
CA ILE K 677 -22.05 1.24 -7.48
C ILE K 677 -23.43 0.69 -7.78
N GLU K 678 -23.63 -0.62 -7.57
CA GLU K 678 -24.96 -1.21 -7.74
C GLU K 678 -25.96 -0.62 -6.75
N THR K 679 -25.53 -0.43 -5.49
CA THR K 679 -26.40 0.21 -4.52
C THR K 679 -26.76 1.63 -4.94
N ILE K 680 -25.76 2.38 -5.44
CA ILE K 680 -26.04 3.74 -5.92
C ILE K 680 -27.00 3.72 -7.10
N VAL K 681 -26.84 2.74 -7.99
CA VAL K 681 -27.72 2.60 -9.15
C VAL K 681 -29.15 2.35 -8.69
N TRP K 682 -29.33 1.46 -7.71
CA TRP K 682 -30.66 1.21 -7.17
C TRP K 682 -31.23 2.48 -6.57
N ALA K 683 -30.41 3.22 -5.81
CA ALA K 683 -30.89 4.45 -5.18
C ALA K 683 -31.36 5.46 -6.21
N HIS K 684 -30.60 5.63 -7.30
CA HIS K 684 -31.01 6.56 -8.35
C HIS K 684 -32.27 6.08 -9.04
N GLU K 685 -32.37 4.77 -9.32
CA GLU K 685 -33.51 4.24 -10.04
C GLU K 685 -34.79 4.29 -9.22
N ARG K 686 -34.70 4.28 -7.89
CA ARG K 686 -35.87 4.18 -7.04
C ARG K 686 -36.21 5.48 -6.30
N THR K 687 -35.74 6.61 -6.81
CA THR K 687 -36.02 7.88 -6.16
C THR K 687 -36.80 8.80 -7.10
N PRO K 688 -37.87 9.43 -6.62
CA PRO K 688 -38.62 10.36 -7.48
C PRO K 688 -37.83 11.63 -7.74
N LEU K 689 -38.24 12.34 -8.80
CA LEU K 689 -37.68 13.62 -9.22
C LEU K 689 -36.29 13.44 -9.82
N ALA K 690 -35.74 12.23 -9.72
CA ALA K 690 -34.48 11.89 -10.37
C ALA K 690 -34.62 10.70 -11.29
N ASN K 691 -35.75 9.98 -11.26
CA ASN K 691 -36.04 8.95 -12.24
C ASN K 691 -36.17 9.54 -13.64
N LEU K 692 -36.52 10.83 -13.75
CA LEU K 692 -36.62 11.47 -15.05
C LEU K 692 -35.29 11.51 -15.79
N VAL K 693 -34.19 11.42 -15.06
CA VAL K 693 -32.85 11.45 -15.64
C VAL K 693 -32.23 10.07 -15.47
N ARG K 694 -31.81 9.47 -16.59
CA ARG K 694 -31.21 8.15 -16.58
C ARG K 694 -29.95 8.16 -17.45
N TRP K 695 -28.98 7.35 -17.04
CA TRP K 695 -27.71 7.26 -17.77
C TRP K 695 -27.89 6.53 -19.09
N LYS K 696 -27.03 6.85 -20.04
CA LYS K 696 -26.98 6.10 -21.29
C LYS K 696 -25.98 4.96 -21.22
N ASP K 697 -24.87 5.16 -20.53
CA ASP K 697 -23.90 4.11 -20.27
C ASP K 697 -24.09 3.62 -18.84
N LYS K 698 -24.17 2.30 -18.67
CA LYS K 698 -24.38 1.73 -17.35
C LYS K 698 -23.16 2.01 -16.48
N PRO K 699 -23.31 2.68 -15.35
CA PRO K 699 -22.14 2.97 -14.49
C PRO K 699 -21.61 1.69 -13.87
N VAL K 700 -20.32 1.41 -14.11
CA VAL K 700 -19.65 0.25 -13.56
C VAL K 700 -18.33 0.70 -12.95
N ALA K 701 -17.79 -0.15 -12.07
CA ALA K 701 -16.52 0.14 -11.44
C ALA K 701 -15.39 0.05 -12.47
N LEU K 702 -14.31 0.78 -12.19
CA LEU K 702 -13.16 0.77 -13.10
C LEU K 702 -12.56 -0.64 -13.14
N SER K 703 -12.06 -1.02 -14.32
CA SER K 703 -11.48 -2.34 -14.47
C SER K 703 -10.21 -2.45 -13.65
N ILE K 704 -9.75 -3.70 -13.47
CA ILE K 704 -8.59 -3.95 -12.63
C ILE K 704 -7.36 -3.25 -13.17
N VAL K 705 -7.10 -3.40 -14.48
CA VAL K 705 -5.96 -2.73 -15.09
C VAL K 705 -6.14 -1.22 -15.07
N GLN K 706 -7.36 -0.75 -15.36
CA GLN K 706 -7.61 0.69 -15.28
C GLN K 706 -7.42 1.23 -13.88
N ALA K 707 -7.86 0.47 -12.88
CA ALA K 707 -7.67 0.89 -11.50
C ALA K 707 -6.19 0.97 -11.14
N ARG K 708 -5.42 -0.02 -11.58
CA ARG K 708 -3.97 0.02 -11.36
C ARG K 708 -3.35 1.25 -12.02
N LEU K 709 -3.77 1.54 -13.26
CA LEU K 709 -3.25 2.72 -13.95
C LEU K 709 -3.61 4.01 -13.24
N VAL K 710 -4.86 4.11 -12.76
CA VAL K 710 -5.31 5.34 -12.12
C VAL K 710 -4.59 5.53 -10.79
N GLY K 711 -4.43 4.45 -10.02
CA GLY K 711 -3.66 4.56 -8.79
C GLY K 711 -2.21 4.93 -9.04
N LEU K 712 -1.60 4.34 -10.07
CA LEU K 712 -0.23 4.70 -10.42
C LEU K 712 -0.14 6.15 -10.86
N ALA K 713 -1.12 6.64 -11.62
CA ALA K 713 -1.10 8.02 -12.07
C ALA K 713 -1.22 8.97 -10.89
N HIS K 714 -2.13 8.68 -9.96
CA HIS K 714 -2.24 9.52 -8.76
C HIS K 714 -0.95 9.49 -7.95
N PHE K 715 -0.40 8.29 -7.73
CA PHE K 715 0.84 8.15 -6.99
C PHE K 715 1.95 8.99 -7.62
N THR K 716 2.12 8.87 -8.94
CA THR K 716 3.20 9.57 -9.63
C THR K 716 2.99 11.08 -9.65
N ILE K 717 1.76 11.53 -9.94
CA ILE K 717 1.49 12.96 -9.99
C ILE K 717 1.68 13.59 -8.62
N GLY K 718 1.16 12.95 -7.57
CA GLY K 718 1.37 13.45 -6.22
C GLY K 718 2.84 13.47 -5.85
N TYR K 719 3.57 12.40 -6.17
CA TYR K 719 5.00 12.33 -5.92
C TYR K 719 5.73 13.51 -6.56
N VAL K 720 5.50 13.71 -7.85
CA VAL K 720 6.21 14.74 -8.60
C VAL K 720 5.84 16.13 -8.07
N LEU K 721 4.55 16.37 -7.83
CA LEU K 721 4.12 17.69 -7.38
C LEU K 721 4.67 18.02 -6.01
N THR K 722 4.56 17.07 -5.06
CA THR K 722 5.04 17.35 -3.71
C THR K 722 6.56 17.55 -3.70
N TYR K 723 7.31 16.76 -4.47
CA TYR K 723 8.75 16.96 -4.44
C TYR K 723 9.17 18.24 -5.15
N ALA K 724 8.49 18.59 -6.26
CA ALA K 724 8.81 19.85 -6.93
C ALA K 724 8.55 21.02 -6.00
N ALA K 725 7.39 21.02 -5.34
CA ALA K 725 7.09 22.08 -4.39
C ALA K 725 8.13 22.14 -3.29
N PHE K 726 8.49 20.99 -2.72
CA PHE K 726 9.46 20.99 -1.63
C PHE K 726 10.80 21.53 -2.08
N VAL K 727 11.35 21.00 -3.18
CA VAL K 727 12.70 21.39 -3.59
C VAL K 727 12.74 22.88 -3.91
N ILE K 728 11.76 23.36 -4.69
CA ILE K 728 11.76 24.76 -5.09
C ILE K 728 11.60 25.67 -3.88
N ALA K 729 10.59 25.40 -3.05
CA ALA K 729 10.31 26.28 -1.93
C ALA K 729 11.45 26.24 -0.91
N SER K 730 12.02 25.07 -0.66
CA SER K 730 13.13 24.97 0.29
C SER K 730 14.33 25.75 -0.20
N THR K 731 14.70 25.59 -1.48
CA THR K 731 15.83 26.35 -2.00
C THR K 731 15.58 27.84 -1.92
N ILE K 732 14.39 28.29 -2.31
CA ILE K 732 14.08 29.71 -2.32
C ILE K 732 14.09 30.28 -0.91
N GLY K 733 13.43 29.60 0.03
CA GLY K 733 13.30 30.11 1.38
C GLY K 733 14.54 29.96 2.23
N LYS K 734 15.45 29.05 1.87
CA LYS K 734 16.67 28.90 2.64
C LYS K 734 17.79 29.79 2.08
N LEU K 735 17.99 29.77 0.77
CA LEU K 735 19.03 30.59 0.14
C LEU K 735 18.47 31.91 -0.37
N GLY K 736 17.81 32.66 0.50
CA GLY K 736 17.26 33.95 0.14
C GLY K 736 16.22 33.90 -0.96
N LYS L 4 -52.59 -10.99 -2.34
CA LYS L 4 -51.29 -10.69 -1.74
C LYS L 4 -50.21 -10.55 -2.81
N LEU L 5 -50.17 -11.52 -3.73
CA LEU L 5 -49.18 -11.55 -4.79
C LEU L 5 -49.87 -11.62 -6.14
N LYS L 6 -49.15 -11.21 -7.19
CA LYS L 6 -49.73 -11.13 -8.52
C LYS L 6 -50.18 -12.50 -9.02
N GLN L 7 -49.38 -13.53 -8.81
CA GLN L 7 -49.67 -14.88 -9.27
C GLN L 7 -49.64 -15.85 -8.11
N SER L 8 -50.47 -16.89 -8.19
CA SER L 8 -50.57 -17.85 -7.11
C SER L 8 -49.37 -18.78 -7.03
N ASP L 9 -48.60 -18.90 -8.12
CA ASP L 9 -47.44 -19.78 -8.15
C ASP L 9 -46.17 -19.11 -7.68
N PHE L 10 -46.19 -17.82 -7.39
CA PHE L 10 -45.02 -17.14 -6.88
C PHE L 10 -44.65 -17.73 -5.51
N PRO L 11 -43.36 -17.87 -5.21
CA PRO L 11 -42.97 -18.25 -3.84
C PRO L 11 -43.41 -17.21 -2.84
N LYS L 12 -43.69 -17.65 -1.62
CA LYS L 12 -44.19 -16.73 -0.61
C LYS L 12 -43.06 -15.82 -0.14
N PHE L 13 -42.66 -14.89 -0.99
CA PHE L 13 -41.59 -13.95 -0.72
C PHE L 13 -42.18 -12.58 -0.42
N GLU L 14 -41.63 -11.89 0.57
CA GLU L 14 -42.13 -10.60 1.00
C GLU L 14 -41.55 -9.44 0.19
N GLY L 15 -40.75 -9.73 -0.83
CA GLY L 15 -40.19 -8.69 -1.65
C GLY L 15 -38.94 -8.08 -1.05
N SER L 16 -37.91 -7.89 -1.88
CA SER L 16 -36.64 -7.36 -1.44
C SER L 16 -36.19 -6.27 -2.40
N THR L 17 -35.47 -5.27 -1.86
CA THR L 17 -34.88 -4.25 -2.71
C THR L 17 -33.57 -4.78 -3.29
N GLY L 18 -33.61 -5.97 -3.87
CA GLY L 18 -32.47 -6.57 -4.51
C GLY L 18 -32.90 -7.31 -5.76
N GLY L 19 -34.18 -7.17 -6.10
CA GLY L 19 -34.73 -7.80 -7.28
C GLY L 19 -34.30 -7.08 -8.54
N TRP L 20 -35.06 -7.29 -9.61
CA TRP L 20 -34.67 -6.71 -10.88
C TRP L 20 -34.98 -5.21 -10.90
N LEU L 21 -34.40 -4.54 -11.89
CA LEU L 21 -34.49 -3.10 -12.03
C LEU L 21 -35.02 -2.76 -13.42
N SER L 22 -34.90 -1.48 -13.83
CA SER L 22 -35.42 -1.08 -15.13
C SER L 22 -34.79 -1.86 -16.28
N ALA L 23 -33.63 -2.48 -16.06
CA ALA L 23 -33.02 -3.28 -17.11
C ALA L 23 -33.90 -4.48 -17.48
N ALA L 24 -34.44 -5.17 -16.48
CA ALA L 24 -35.32 -6.31 -16.77
C ALA L 24 -36.76 -5.85 -16.99
N LYS L 25 -36.88 -4.79 -17.78
CA LYS L 25 -38.15 -4.35 -18.37
C LYS L 25 -37.99 -3.88 -19.80
N ASN L 26 -36.76 -3.63 -20.26
CA ASN L 26 -36.51 -3.18 -21.62
C ASN L 26 -35.35 -3.90 -22.30
N GLU L 27 -34.59 -4.73 -21.57
CA GLU L 27 -33.51 -5.50 -22.18
C GLU L 27 -33.77 -7.00 -22.14
N GLU L 28 -33.93 -7.58 -20.94
CA GLU L 28 -34.22 -9.00 -20.78
C GLU L 28 -34.47 -9.34 -19.33
N LYS L 29 -35.31 -10.34 -19.08
CA LYS L 29 -35.54 -10.86 -17.75
C LYS L 29 -35.53 -12.38 -17.81
N TYR L 30 -35.20 -13.01 -16.69
CA TYR L 30 -35.06 -14.45 -16.61
C TYR L 30 -36.06 -15.01 -15.61
N VAL L 31 -36.73 -16.09 -15.99
CA VAL L 31 -37.72 -16.74 -15.15
C VAL L 31 -37.30 -18.18 -14.93
N ILE L 32 -37.36 -18.64 -13.68
CA ILE L 32 -37.08 -20.02 -13.32
C ILE L 32 -38.36 -20.64 -12.78
N ILE L 33 -38.70 -21.81 -13.30
CA ILE L 33 -39.90 -22.52 -12.87
C ILE L 33 -39.47 -23.88 -12.32
N TRP L 34 -40.22 -24.35 -11.32
CA TRP L 34 -39.97 -25.66 -10.74
C TRP L 34 -41.19 -26.09 -9.95
N THR L 35 -41.30 -27.39 -9.73
CA THR L 35 -42.37 -27.97 -8.94
C THR L 35 -41.76 -28.62 -7.70
N SER L 36 -42.31 -28.29 -6.53
CA SER L 36 -41.81 -28.77 -5.26
C SER L 36 -42.89 -29.58 -4.55
N LYS L 37 -42.47 -30.66 -3.89
CA LYS L 37 -43.40 -31.47 -3.12
C LYS L 37 -43.78 -30.81 -1.80
N ASP L 38 -42.89 -30.00 -1.24
CA ASP L 38 -43.10 -29.40 0.07
C ASP L 38 -42.89 -27.89 -0.02
N ALA L 39 -43.55 -27.17 0.88
CA ALA L 39 -43.41 -25.72 0.97
C ALA L 39 -42.14 -25.37 1.76
N SER L 40 -41.01 -25.80 1.21
CA SER L 40 -39.74 -25.61 1.88
C SER L 40 -39.34 -24.13 1.91
N LEU L 41 -38.61 -23.75 2.94
CA LEU L 41 -38.11 -22.39 3.09
C LEU L 41 -36.71 -22.32 2.51
N PHE L 42 -36.52 -21.45 1.52
CA PHE L 42 -35.26 -21.33 0.82
C PHE L 42 -34.82 -19.88 0.80
N GLU L 43 -33.55 -19.66 0.50
CA GLU L 43 -32.96 -18.34 0.48
C GLU L 43 -32.93 -17.80 -0.94
N MET L 44 -33.45 -16.59 -1.12
CA MET L 44 -33.47 -15.98 -2.44
C MET L 44 -32.04 -15.62 -2.86
N PRO L 45 -31.72 -15.75 -4.16
CA PRO L 45 -30.41 -15.26 -4.63
C PRO L 45 -30.24 -13.77 -4.48
N THR L 46 -31.34 -13.01 -4.38
CA THR L 46 -31.28 -11.56 -4.28
C THR L 46 -31.30 -11.08 -2.83
N GLY L 47 -32.36 -11.44 -2.09
CA GLY L 47 -32.53 -10.94 -0.74
C GLY L 47 -32.46 -12.01 0.33
N GLY L 48 -33.60 -12.30 0.95
CA GLY L 48 -33.61 -13.21 2.10
C GLY L 48 -34.38 -14.49 1.87
N THR L 49 -35.16 -14.89 2.87
CA THR L 49 -35.82 -16.18 2.87
C THR L 49 -37.19 -16.09 2.22
N ALA L 50 -37.49 -17.03 1.34
CA ALA L 50 -38.81 -17.19 0.74
C ALA L 50 -39.31 -18.60 0.98
N LYS L 51 -40.61 -18.78 0.82
CA LYS L 51 -41.26 -20.07 1.04
C LYS L 51 -41.76 -20.63 -0.28
N MET L 52 -41.39 -21.86 -0.58
CA MET L 52 -41.86 -22.51 -1.79
C MET L 52 -43.35 -22.82 -1.70
N ASN L 53 -43.95 -23.09 -2.86
CA ASN L 53 -45.31 -23.58 -2.93
C ASN L 53 -45.28 -25.10 -3.10
N ALA L 54 -46.22 -25.79 -2.45
CA ALA L 54 -46.32 -27.22 -2.62
C ALA L 54 -46.93 -27.54 -3.98
N GLY L 55 -46.17 -27.25 -5.04
CA GLY L 55 -46.66 -27.37 -6.40
C GLY L 55 -45.84 -26.53 -7.36
N ASN L 56 -46.51 -25.84 -8.27
CA ASN L 56 -45.81 -25.01 -9.25
C ASN L 56 -45.22 -23.78 -8.58
N ASN L 57 -43.95 -23.50 -8.88
CA ASN L 57 -43.26 -22.32 -8.39
C ASN L 57 -42.62 -21.59 -9.55
N VAL L 58 -42.78 -20.27 -9.58
CA VAL L 58 -42.25 -19.44 -10.65
C VAL L 58 -41.59 -18.21 -10.04
N ALA L 59 -40.34 -17.95 -10.43
CA ALA L 59 -39.59 -16.81 -9.91
C ALA L 59 -38.93 -16.07 -11.07
N TYR L 60 -38.88 -14.75 -10.98
CA TYR L 60 -38.28 -13.90 -11.99
C TYR L 60 -37.03 -13.23 -11.44
N PHE L 61 -35.99 -13.15 -12.27
CA PHE L 61 -34.72 -12.55 -11.87
C PHE L 61 -34.17 -11.74 -13.02
N ALA L 62 -33.15 -10.93 -12.71
CA ALA L 62 -32.55 -10.04 -13.69
C ALA L 62 -31.35 -10.65 -14.42
N ARG L 63 -30.79 -11.74 -13.90
CA ARG L 63 -29.62 -12.36 -14.48
C ARG L 63 -29.82 -13.87 -14.59
N LYS L 64 -29.15 -14.46 -15.60
CA LYS L 64 -29.12 -15.91 -15.70
C LYS L 64 -28.39 -16.54 -14.53
N GLU L 65 -27.35 -15.86 -14.03
CA GLU L 65 -26.58 -16.40 -12.91
C GLU L 65 -27.43 -16.49 -11.65
N GLN L 66 -28.32 -15.52 -11.43
CA GLN L 66 -29.20 -15.58 -10.25
C GLN L 66 -30.13 -16.79 -10.34
N CYS L 67 -30.73 -17.01 -11.51
CA CYS L 67 -31.61 -18.17 -11.68
C CYS L 67 -30.85 -19.46 -11.50
N LEU L 68 -29.62 -19.53 -12.02
CA LEU L 68 -28.84 -20.76 -11.90
C LEU L 68 -28.37 -20.97 -10.46
N ALA L 69 -28.07 -19.91 -9.72
CA ALA L 69 -27.76 -20.07 -8.30
C ALA L 69 -28.96 -20.58 -7.53
N LEU L 70 -30.15 -20.06 -7.84
CA LEU L 70 -31.36 -20.58 -7.22
C LEU L 70 -31.55 -22.05 -7.56
N GLY L 71 -31.32 -22.43 -8.82
CA GLY L 71 -31.46 -23.82 -9.21
C GLY L 71 -30.46 -24.72 -8.51
N SER L 72 -29.23 -24.26 -8.36
CA SER L 72 -28.23 -25.03 -7.63
C SER L 72 -28.64 -25.20 -6.18
N GLN L 73 -29.24 -24.17 -5.59
CA GLN L 73 -29.80 -24.32 -4.24
C GLN L 73 -30.93 -25.34 -4.23
N LEU L 74 -31.75 -25.36 -5.28
CA LEU L 74 -32.88 -26.29 -5.33
C LEU L 74 -32.42 -27.74 -5.33
N ARG L 75 -31.24 -28.01 -5.89
CA ARG L 75 -30.73 -29.38 -5.91
C ARG L 75 -30.53 -29.93 -4.51
N GLY L 76 -30.24 -29.05 -3.55
CA GLY L 76 -30.15 -29.48 -2.16
C GLY L 76 -31.48 -29.90 -1.57
N PHE L 77 -32.59 -29.47 -2.16
CA PHE L 77 -33.92 -29.89 -1.75
C PHE L 77 -34.41 -31.09 -2.55
N LYS L 78 -33.50 -31.77 -3.26
CA LYS L 78 -33.85 -32.89 -4.15
C LYS L 78 -34.80 -32.45 -5.25
N ILE L 79 -34.71 -31.19 -5.66
CA ILE L 79 -35.49 -30.64 -6.77
C ILE L 79 -34.60 -30.59 -8.00
N THR L 80 -35.08 -31.17 -9.09
CA THR L 80 -34.25 -31.37 -10.28
C THR L 80 -34.94 -30.83 -11.53
N ASN L 81 -36.27 -30.76 -11.50
CA ASN L 81 -37.05 -30.38 -12.67
C ASN L 81 -37.08 -28.87 -12.91
N TYR L 82 -36.22 -28.10 -12.25
CA TYR L 82 -36.22 -26.66 -12.45
C TYR L 82 -35.73 -26.31 -13.84
N LYS L 83 -36.38 -25.32 -14.46
CA LYS L 83 -36.05 -24.90 -15.82
C LYS L 83 -36.02 -23.38 -15.88
N ILE L 84 -35.02 -22.85 -16.59
CA ILE L 84 -34.76 -21.41 -16.63
C ILE L 84 -35.01 -20.92 -18.06
N PHE L 85 -35.72 -19.81 -18.18
CA PHE L 85 -36.05 -19.21 -19.47
C PHE L 85 -35.57 -17.77 -19.51
N ARG L 86 -35.32 -17.28 -20.72
CA ARG L 86 -34.98 -15.89 -20.96
C ARG L 86 -36.15 -15.21 -21.65
N ILE L 87 -36.57 -14.07 -21.11
CA ILE L 87 -37.69 -13.30 -21.65
C ILE L 87 -37.16 -11.95 -22.10
N TYR L 88 -37.33 -11.66 -23.38
CA TYR L 88 -36.93 -10.38 -23.96
C TYR L 88 -37.97 -9.33 -23.57
N PRO L 89 -37.83 -8.07 -24.00
CA PRO L 89 -38.76 -7.03 -23.55
C PRO L 89 -40.22 -7.41 -23.77
N PRO L 90 -40.59 -8.00 -24.93
CA PRO L 90 -41.92 -8.60 -25.02
C PRO L 90 -41.89 -10.06 -24.62
N LEU L 91 -43.02 -10.76 -24.69
CA LEU L 91 -43.07 -12.16 -24.27
C LEU L 91 -42.36 -13.01 -25.32
N ASP L 92 -41.03 -12.97 -25.27
CA ASP L 92 -40.17 -13.78 -26.13
C ASP L 92 -39.44 -14.77 -25.22
N ILE L 93 -40.07 -15.92 -25.00
CA ILE L 93 -39.58 -16.91 -24.06
C ILE L 93 -38.63 -17.86 -24.78
N THR L 94 -37.47 -18.09 -24.17
CA THR L 94 -36.48 -19.02 -24.72
C THR L 94 -35.96 -19.90 -23.59
N LEU L 95 -36.13 -21.20 -23.72
CA LEU L 95 -35.60 -22.14 -22.73
C LEU L 95 -34.08 -22.11 -22.76
N LEU L 96 -33.45 -21.98 -21.59
CA LEU L 96 -32.01 -21.82 -21.51
C LEU L 96 -31.30 -22.99 -20.85
N HIS L 97 -31.62 -23.31 -19.60
CA HIS L 97 -30.71 -24.16 -18.84
C HIS L 97 -30.84 -25.63 -19.24
N PRO L 98 -32.02 -26.27 -19.09
CA PRO L 98 -32.08 -27.64 -19.64
C PRO L 98 -32.30 -27.61 -21.14
N PHE L 99 -31.25 -27.24 -21.87
CA PHE L 99 -31.38 -26.89 -23.28
C PHE L 99 -31.92 -28.05 -24.10
N ASP L 100 -31.38 -29.25 -23.88
CA ASP L 100 -31.88 -30.45 -24.54
C ASP L 100 -32.61 -31.39 -23.57
N GLY L 101 -33.08 -30.86 -22.44
CA GLY L 101 -33.75 -31.66 -21.45
C GLY L 101 -32.83 -32.42 -20.53
N VAL L 102 -31.53 -32.44 -20.81
CA VAL L 102 -30.53 -33.11 -19.98
C VAL L 102 -29.58 -32.04 -19.47
N PHE L 103 -29.22 -32.14 -18.19
CA PHE L 103 -28.32 -31.16 -17.60
C PHE L 103 -26.97 -31.20 -18.33
N PRO L 104 -26.28 -30.06 -18.43
CA PRO L 104 -25.04 -30.02 -19.21
C PRO L 104 -23.95 -30.92 -18.67
N GLU L 105 -24.01 -31.32 -17.39
CA GLU L 105 -23.00 -32.19 -16.83
C GLU L 105 -23.11 -33.63 -17.30
N LYS L 106 -24.27 -34.03 -17.81
CA LYS L 106 -24.49 -35.39 -18.30
C LYS L 106 -24.44 -35.37 -19.82
N VAL L 107 -23.69 -36.32 -20.39
CA VAL L 107 -23.53 -36.37 -21.84
C VAL L 107 -24.84 -36.80 -22.49
N ASN L 108 -25.26 -36.07 -23.50
CA ASN L 108 -26.44 -36.38 -24.27
C ASN L 108 -26.08 -36.44 -25.75
N GLN L 109 -26.61 -37.44 -26.45
CA GLN L 109 -26.41 -37.53 -27.88
C GLN L 109 -27.11 -36.36 -28.57
N GLY L 110 -26.56 -35.94 -29.70
CA GLY L 110 -27.08 -34.79 -30.42
C GLY L 110 -26.39 -33.49 -30.10
N ARG L 111 -25.33 -33.50 -29.30
CA ARG L 111 -24.55 -32.31 -29.00
C ARG L 111 -23.26 -32.33 -29.80
N SER L 112 -22.94 -31.21 -30.44
CA SER L 112 -21.70 -31.11 -31.18
C SER L 112 -20.69 -30.26 -30.41
N PRO L 113 -19.39 -30.59 -30.49
CA PRO L 113 -18.39 -29.81 -29.76
C PRO L 113 -18.26 -28.41 -30.34
N VAL L 114 -18.32 -27.41 -29.47
CA VAL L 114 -18.19 -26.01 -29.85
C VAL L 114 -16.96 -25.45 -29.13
N GLY L 115 -16.07 -24.83 -29.91
CA GLY L 115 -14.86 -24.29 -29.34
C GLY L 115 -13.80 -25.30 -28.99
N LYS L 116 -13.74 -26.41 -29.73
CA LYS L 116 -12.76 -27.46 -29.48
C LYS L 116 -11.58 -27.30 -30.42
N ARG L 117 -10.37 -27.30 -29.87
CA ARG L 117 -9.14 -27.27 -30.63
C ARG L 117 -8.46 -28.62 -30.55
N ASP L 118 -8.02 -29.14 -31.70
CA ASP L 118 -7.42 -30.48 -31.75
C ASP L 118 -5.92 -30.44 -31.47
N ALA L 119 -5.56 -29.79 -30.36
CA ALA L 119 -4.18 -29.68 -29.91
C ALA L 119 -4.21 -29.16 -28.48
N SER L 120 -3.06 -29.25 -27.81
CA SER L 120 -2.94 -28.75 -26.46
C SER L 120 -2.67 -27.25 -26.49
N ILE L 121 -2.38 -26.65 -25.34
CA ILE L 121 -2.11 -25.22 -25.27
C ILE L 121 -0.84 -24.88 -26.05
N GLY L 122 0.16 -25.75 -26.01
CA GLY L 122 1.44 -25.47 -26.64
C GLY L 122 1.37 -25.33 -28.15
N GLY L 123 0.29 -25.79 -28.76
CA GLY L 123 0.13 -25.68 -30.19
C GLY L 123 -0.47 -24.37 -30.68
N ASN L 124 -0.69 -23.42 -29.80
CA ASN L 124 -1.28 -22.15 -30.21
C ASN L 124 -0.29 -21.36 -31.06
N PRO L 125 -0.78 -20.62 -32.06
CA PRO L 125 0.14 -19.88 -32.94
C PRO L 125 0.77 -18.70 -32.21
N ASN L 126 1.95 -18.32 -32.68
CA ASN L 126 2.67 -17.19 -32.10
C ASN L 126 1.94 -15.89 -32.42
N PRO L 127 1.79 -15.00 -31.44
CA PRO L 127 1.04 -13.75 -31.69
C PRO L 127 1.63 -12.88 -32.79
N ALA L 128 2.95 -12.91 -32.97
CA ALA L 128 3.57 -12.08 -34.01
C ALA L 128 3.09 -12.48 -35.40
N SER L 129 2.67 -13.72 -35.59
CA SER L 129 2.11 -14.19 -36.85
C SER L 129 0.62 -13.88 -36.97
N LEU L 130 0.02 -13.29 -35.93
CA LEU L 130 -1.39 -12.92 -35.93
C LEU L 130 -1.53 -11.40 -35.83
N LYS L 131 -0.73 -10.68 -36.60
CA LYS L 131 -0.71 -9.21 -36.57
C LYS L 131 -1.39 -8.67 -37.83
N PHE L 132 -2.33 -7.75 -37.61
CA PHE L 132 -3.08 -7.10 -38.70
C PHE L 132 -3.94 -8.11 -39.46
N GLN L 133 -4.83 -8.77 -38.72
CA GLN L 133 -5.88 -9.59 -39.33
C GLN L 133 -7.20 -9.35 -38.61
N ILE M 2 7.63 -47.94 -22.89
CA ILE M 2 7.30 -47.54 -21.53
C ILE M 2 6.18 -48.41 -21.00
N GLN M 3 6.13 -48.55 -19.68
CA GLN M 3 5.12 -49.38 -19.03
C GLN M 3 4.90 -48.87 -17.62
N LYS M 4 4.06 -49.58 -16.87
CA LYS M 4 3.79 -49.20 -15.48
C LYS M 4 5.07 -49.27 -14.66
N GLY M 5 5.33 -48.22 -13.89
CA GLY M 5 6.51 -48.12 -13.07
C GLY M 5 7.74 -47.56 -13.76
N SER M 6 7.68 -47.35 -15.07
CA SER M 6 8.81 -46.79 -15.79
C SER M 6 9.00 -45.33 -15.44
N THR M 7 10.24 -44.85 -15.59
CA THR M 7 10.58 -43.46 -15.33
C THR M 7 10.76 -42.74 -16.66
N VAL M 8 10.05 -41.63 -16.82
CA VAL M 8 10.05 -40.88 -18.06
C VAL M 8 10.33 -39.42 -17.79
N ARG M 9 10.85 -38.73 -18.80
CA ARG M 9 11.06 -37.30 -18.77
C ARG M 9 9.97 -36.61 -19.58
N ILE M 10 9.37 -35.58 -19.01
CA ILE M 10 8.28 -34.87 -19.67
C ILE M 10 8.84 -33.94 -20.73
N LEU M 11 8.34 -34.06 -21.96
CA LEU M 11 8.76 -33.21 -23.06
C LEU M 11 7.73 -32.16 -23.43
N ARG M 12 6.58 -32.14 -22.74
CA ARG M 12 5.59 -31.11 -22.99
C ARG M 12 6.05 -29.79 -22.38
N LYS M 13 6.10 -28.75 -23.21
CA LYS M 13 6.65 -27.48 -22.75
C LYS M 13 5.72 -26.77 -21.77
N GLU M 14 4.41 -26.85 -22.01
CA GLU M 14 3.45 -26.18 -21.13
C GLU M 14 3.10 -27.05 -19.92
N SER M 15 4.13 -27.58 -19.27
CA SER M 15 3.94 -28.53 -18.18
C SER M 15 4.68 -28.05 -16.94
N TYR M 16 4.04 -28.20 -15.79
CA TYR M 16 4.73 -27.93 -14.53
C TYR M 16 5.86 -28.92 -14.26
N TRP M 17 5.91 -30.03 -15.00
CA TRP M 17 6.96 -31.02 -14.82
C TRP M 17 7.83 -31.16 -16.07
N TYR M 18 7.88 -30.13 -16.90
CA TYR M 18 8.73 -30.16 -18.08
C TYR M 18 10.19 -30.32 -17.66
N ASN M 19 10.92 -31.15 -18.41
CA ASN M 19 12.31 -31.53 -18.16
C ASN M 19 12.49 -32.33 -16.88
N GLU M 20 11.41 -32.62 -16.15
CA GLU M 20 11.48 -33.39 -14.92
C GLU M 20 11.13 -34.85 -15.19
N SER M 21 11.41 -35.70 -14.20
CA SER M 21 11.19 -37.13 -14.31
C SER M 21 9.99 -37.54 -13.45
N GLY M 22 9.14 -38.40 -14.01
CA GLY M 22 8.00 -38.91 -13.29
C GLY M 22 7.91 -40.42 -13.46
N THR M 23 6.95 -41.00 -12.74
CA THR M 23 6.72 -42.44 -12.75
C THR M 23 5.43 -42.74 -13.49
N VAL M 24 5.50 -43.63 -14.49
CA VAL M 24 4.33 -43.97 -15.28
C VAL M 24 3.40 -44.85 -14.46
N VAL M 25 2.14 -44.42 -14.32
CA VAL M 25 1.17 -45.20 -13.56
C VAL M 25 0.53 -46.27 -14.44
N VAL M 26 0.13 -45.90 -15.65
CA VAL M 26 -0.48 -46.84 -16.59
C VAL M 26 -0.43 -46.23 -17.98
N VAL M 27 -0.14 -47.07 -18.97
CA VAL M 27 -0.18 -46.67 -20.38
C VAL M 27 -1.42 -47.33 -20.98
N ASP M 28 -2.39 -46.51 -21.36
CA ASP M 28 -3.62 -47.04 -21.93
C ASP M 28 -3.37 -47.63 -23.31
N GLN M 29 -3.99 -48.78 -23.57
CA GLN M 29 -3.85 -49.47 -24.84
C GLN M 29 -4.96 -49.14 -25.82
N SER M 30 -5.90 -48.28 -25.45
CA SER M 30 -6.98 -47.90 -26.33
C SER M 30 -6.51 -46.79 -27.29
N LYS M 31 -7.45 -46.19 -28.00
CA LYS M 31 -7.14 -45.17 -29.01
C LYS M 31 -7.24 -43.77 -28.46
N VAL M 32 -6.95 -43.58 -27.18
CA VAL M 32 -6.99 -42.24 -26.59
C VAL M 32 -5.78 -41.43 -27.05
N ARG M 33 -5.93 -40.11 -26.97
CA ARG M 33 -4.89 -39.21 -27.47
C ARG M 33 -3.71 -39.12 -26.53
N TYR M 34 -3.94 -39.18 -25.22
CA TYR M 34 -2.88 -39.05 -24.21
C TYR M 34 -2.99 -40.23 -23.26
N PRO M 35 -2.42 -41.38 -23.64
CA PRO M 35 -2.60 -42.59 -22.86
C PRO M 35 -1.70 -42.69 -21.63
N VAL M 36 -0.51 -42.11 -21.70
CA VAL M 36 0.48 -42.28 -20.63
C VAL M 36 0.06 -41.45 -19.43
N LEU M 37 -0.09 -42.11 -18.28
CA LEU M 37 -0.42 -41.45 -17.02
C LEU M 37 0.83 -41.47 -16.14
N VAL M 38 1.30 -40.29 -15.75
CA VAL M 38 2.56 -40.14 -15.03
C VAL M 38 2.28 -39.49 -13.69
N ARG M 39 2.88 -40.03 -12.64
CA ARG M 39 2.77 -39.50 -11.29
C ARG M 39 4.08 -38.85 -10.89
N PHE M 40 4.00 -37.67 -10.28
CA PHE M 40 5.17 -36.90 -9.89
C PHE M 40 5.19 -36.69 -8.38
N THR M 41 6.37 -36.40 -7.85
CA THR M 41 6.52 -36.13 -6.43
C THR M 41 6.19 -34.69 -6.08
N LYS M 42 6.37 -33.77 -7.02
CA LYS M 42 6.12 -32.35 -6.79
C LYS M 42 4.73 -32.00 -7.32
N VAL M 43 3.89 -31.47 -6.42
CA VAL M 43 2.57 -30.99 -6.84
C VAL M 43 2.73 -29.73 -7.68
N ASN M 44 1.83 -29.56 -8.64
CA ASN M 44 1.86 -28.37 -9.48
C ASN M 44 1.21 -27.21 -8.74
N TYR M 45 0.99 -26.10 -9.45
CA TYR M 45 0.40 -24.93 -8.81
C TYR M 45 -1.05 -25.16 -8.41
N ALA M 46 -1.74 -26.10 -9.06
CA ALA M 46 -3.12 -26.43 -8.72
C ALA M 46 -3.23 -27.49 -7.64
N GLY M 47 -2.12 -28.09 -7.22
CA GLY M 47 -2.11 -29.10 -6.18
C GLY M 47 -2.07 -30.52 -6.69
N THR M 48 -2.35 -30.75 -7.97
CA THR M 48 -2.31 -32.10 -8.51
C THR M 48 -0.87 -32.58 -8.67
N ASN M 49 -0.69 -33.90 -8.66
CA ASN M 49 0.62 -34.51 -8.82
C ASN M 49 0.62 -35.58 -9.90
N THR M 50 -0.36 -35.58 -10.79
CA THR M 50 -0.45 -36.57 -11.85
C THR M 50 -1.06 -35.92 -13.08
N ASN M 51 -0.74 -36.48 -14.24
CA ASN M 51 -1.24 -35.94 -15.50
C ASN M 51 -1.10 -36.98 -16.59
N ASN M 52 -1.97 -36.88 -17.60
CA ASN M 52 -1.94 -37.76 -18.76
C ASN M 52 -1.10 -37.12 -19.86
N PHE M 53 -0.16 -37.89 -20.42
CA PHE M 53 0.74 -37.39 -21.45
C PHE M 53 0.66 -38.28 -22.69
N GLY M 54 0.99 -37.70 -23.83
CA GLY M 54 1.05 -38.46 -25.06
C GLY M 54 2.30 -39.32 -25.14
N LEU M 55 2.33 -40.17 -26.17
CA LEU M 55 3.47 -41.06 -26.33
C LEU M 55 4.73 -40.32 -26.78
N ASN M 56 4.56 -39.22 -27.50
CA ASN M 56 5.69 -38.42 -27.97
C ASN M 56 6.07 -37.30 -27.01
N GLU M 57 5.35 -37.16 -25.90
CA GLU M 57 5.66 -36.14 -24.90
C GLU M 57 6.37 -36.70 -23.68
N VAL M 58 6.72 -37.98 -23.69
CA VAL M 58 7.45 -38.61 -22.61
C VAL M 58 8.66 -39.34 -23.18
N GLU M 59 9.78 -39.24 -22.48
CA GLU M 59 11.02 -39.89 -22.89
C GLU M 59 11.52 -40.73 -21.72
N GLU M 60 11.64 -42.04 -21.93
CA GLU M 60 12.03 -42.94 -20.86
C GLU M 60 13.47 -42.69 -20.43
N VAL M 61 13.69 -42.69 -19.12
CA VAL M 61 15.04 -42.56 -18.57
C VAL M 61 15.70 -43.93 -18.56
N VAL M 62 16.99 -43.96 -18.89
CA VAL M 62 17.75 -45.20 -18.98
C VAL M 62 17.73 -45.97 -17.66
N ASP N 25 46.68 10.91 4.71
CA ASP N 25 47.21 9.72 4.05
C ASP N 25 46.33 9.28 2.89
N ILE N 26 45.75 8.09 3.04
CA ILE N 26 44.92 7.51 1.99
C ILE N 26 43.63 8.31 1.90
N GLY N 27 43.37 8.89 0.72
CA GLY N 27 42.16 9.66 0.53
C GLY N 27 42.09 10.96 1.29
N GLY N 28 43.24 11.51 1.69
CA GLY N 28 43.27 12.73 2.45
C GLY N 28 42.97 12.58 3.92
N LEU N 29 42.75 11.36 4.40
CA LEU N 29 42.46 11.13 5.80
C LEU N 29 43.75 11.18 6.63
N ASN N 30 43.58 11.28 7.94
CA ASN N 30 44.69 11.32 8.87
C ASN N 30 44.44 10.31 9.99
N PRO N 31 45.51 9.79 10.60
CA PRO N 31 45.32 8.85 11.71
C PRO N 31 44.55 9.50 12.84
N CYS N 32 43.70 8.69 13.50
CA CYS N 32 42.89 9.20 14.59
C CYS N 32 43.70 9.53 15.82
N LYS N 33 44.91 8.97 15.94
CA LYS N 33 45.78 9.30 17.08
C LYS N 33 46.26 10.74 17.03
N ASP N 34 46.25 11.38 15.86
CA ASP N 34 46.68 12.76 15.70
C ASP N 34 45.55 13.67 15.24
N SER N 35 44.30 13.21 15.37
CA SER N 35 43.13 13.98 14.95
C SER N 35 42.61 14.75 16.15
N GLU N 36 42.70 16.09 16.10
CA GLU N 36 42.25 16.92 17.21
C GLU N 36 40.75 16.77 17.43
N VAL N 37 39.97 16.71 16.35
CA VAL N 37 38.52 16.58 16.48
C VAL N 37 38.14 15.28 17.15
N PHE N 38 38.92 14.22 16.96
CA PHE N 38 38.67 12.96 17.66
C PHE N 38 38.78 13.14 19.17
N GLN N 39 39.86 13.80 19.61
CA GLN N 39 40.01 14.07 21.04
C GLN N 39 38.96 15.02 21.56
N LYS N 40 38.51 15.98 20.73
CA LYS N 40 37.41 16.85 21.13
C LYS N 40 36.14 16.05 21.35
N ARG N 41 35.87 15.09 20.46
CA ARG N 41 34.69 14.23 20.62
C ARG N 41 34.79 13.44 21.92
N LEU N 42 35.97 12.87 22.20
CA LEU N 42 36.15 12.10 23.42
C LEU N 42 35.93 12.99 24.65
N ALA N 43 36.51 14.19 24.63
CA ALA N 43 36.38 15.09 25.76
C ALA N 43 34.93 15.52 25.98
N LYS N 44 34.21 15.81 24.89
CA LYS N 44 32.81 16.22 25.03
C LYS N 44 31.96 15.08 25.57
N THR N 45 32.16 13.86 25.07
CA THR N 45 31.39 12.73 25.58
C THR N 45 31.67 12.49 27.06
N VAL N 46 32.95 12.55 27.45
CA VAL N 46 33.31 12.35 28.86
C VAL N 46 32.72 13.45 29.72
N LYS N 47 32.75 14.69 29.23
CA LYS N 47 32.19 15.81 30.00
C LYS N 47 30.68 15.66 30.19
N LYS N 48 29.97 15.24 29.14
CA LYS N 48 28.54 15.01 29.28
C LYS N 48 28.27 13.90 30.28
N LEU N 49 29.04 12.81 30.22
CA LEU N 49 28.84 11.71 31.15
C LEU N 49 29.12 12.13 32.58
N GLU N 50 30.16 12.94 32.80
CA GLU N 50 30.48 13.42 34.14
C GLU N 50 29.41 14.37 34.66
N ASN N 51 28.89 15.25 33.79
CA ASN N 51 27.80 16.13 34.20
C ASN N 51 26.58 15.32 34.60
N ARG N 52 26.28 14.26 33.86
CA ARG N 52 25.21 13.34 34.27
C ARG N 52 25.54 12.69 35.61
N LEU N 53 26.81 12.33 35.81
CA LEU N 53 27.24 11.68 37.05
C LEU N 53 27.09 12.61 38.25
N LYS N 54 27.15 13.93 38.03
CA LYS N 54 27.13 14.86 39.15
C LYS N 54 25.78 14.87 39.87
N LYS N 55 24.70 14.50 39.19
CA LYS N 55 23.36 14.62 39.75
C LYS N 55 22.92 13.40 40.55
N TYR N 56 23.80 12.43 40.76
CA TYR N 56 23.54 11.28 41.61
C TYR N 56 24.41 11.35 42.86
N GLU N 57 24.21 10.42 43.77
CA GLU N 57 24.78 10.49 45.11
C GLU N 57 25.66 9.28 45.40
N GLU N 58 26.84 9.54 45.94
CA GLU N 58 27.73 8.56 46.58
C GLU N 58 27.98 7.37 45.66
N GLY N 59 28.26 6.21 46.24
CA GLY N 59 28.53 5.01 45.47
C GLY N 59 27.28 4.24 45.11
N THR N 60 26.24 4.96 44.71
CA THR N 60 24.98 4.33 44.38
C THR N 60 25.03 3.75 42.99
N PRO N 61 24.27 2.70 42.72
CA PRO N 61 24.38 1.98 41.44
C PRO N 61 24.32 2.90 40.23
N PRO N 62 23.50 3.96 40.24
CA PRO N 62 23.55 4.89 39.09
C PRO N 62 24.94 5.49 38.85
N GLN N 63 25.63 5.90 39.92
CA GLN N 63 26.97 6.44 39.75
C GLN N 63 27.94 5.39 39.26
N ILE N 64 27.80 4.15 39.73
CA ILE N 64 28.65 3.06 39.27
C ILE N 64 28.43 2.82 37.78
N ALA N 65 27.17 2.84 37.35
CA ALA N 65 26.86 2.63 35.93
C ALA N 65 27.42 3.76 35.07
N ILE N 66 27.29 5.01 35.52
CA ILE N 66 27.82 6.12 34.74
C ILE N 66 29.35 6.07 34.70
N GLN N 67 29.98 5.69 35.81
CA GLN N 67 31.43 5.54 35.82
C GLN N 67 31.89 4.44 34.87
N GLN N 68 31.15 3.33 34.83
CA GLN N 68 31.45 2.28 33.87
C GLN N 68 31.30 2.78 32.44
N GLN N 69 30.27 3.60 32.20
CA GLN N 69 30.11 4.19 30.88
C GLN N 69 31.31 5.07 30.51
N ILE N 70 31.78 5.87 31.45
CA ILE N 70 32.94 6.73 31.19
C ILE N 70 34.18 5.89 30.90
N THR N 71 34.40 4.84 31.69
CA THR N 71 35.55 3.97 31.49
C THR N 71 35.49 3.28 30.14
N GLN N 72 34.31 2.78 29.76
CA GLN N 72 34.18 2.12 28.46
C GLN N 72 34.37 3.09 27.32
N THR N 73 33.87 4.33 27.46
CA THR N 73 34.07 5.33 26.42
C THR N 73 35.55 5.64 26.23
N LYS N 74 36.27 5.81 27.35
CA LYS N 74 37.70 6.09 27.26
C LYS N 74 38.45 4.92 26.64
N GLN N 75 38.10 3.69 27.03
CA GLN N 75 38.76 2.51 26.47
C GLN N 75 38.49 2.40 24.97
N ARG N 76 37.25 2.63 24.55
CA ARG N 76 36.92 2.53 23.13
C ARG N 76 37.66 3.59 22.32
N PHE N 77 37.71 4.83 22.82
CA PHE N 77 38.42 5.88 22.10
C PHE N 77 39.92 5.57 22.03
N THR N 78 40.50 5.08 23.13
CA THR N 78 41.92 4.74 23.12
C THR N 78 42.21 3.60 22.15
N ARG N 79 41.34 2.59 22.11
CA ARG N 79 41.54 1.47 21.19
C ARG N 79 41.41 1.92 19.74
N TYR N 80 40.45 2.79 19.45
CA TYR N 80 40.30 3.29 18.09
C TYR N 80 41.49 4.14 17.69
N ALA N 81 42.05 4.91 18.63
CA ALA N 81 43.23 5.71 18.32
C ALA N 81 44.43 4.83 17.96
N ASP N 82 44.65 3.77 18.73
CA ASP N 82 45.78 2.86 18.50
C ASP N 82 45.34 1.64 17.69
N SER N 83 44.77 1.90 16.51
CA SER N 83 44.22 0.82 15.70
C SER N 83 44.49 0.96 14.21
N ASN N 84 45.42 1.83 13.81
CA ASN N 84 45.67 2.13 12.41
C ASN N 84 44.38 2.55 11.71
N LEU N 85 43.61 3.39 12.39
CA LEU N 85 42.33 3.87 11.88
C LEU N 85 42.50 5.29 11.38
N LEU N 86 41.96 5.56 10.19
CA LEU N 86 42.04 6.87 9.57
C LEU N 86 40.77 7.64 9.86
N CYS N 87 40.92 8.87 10.33
CA CYS N 87 39.79 9.73 10.68
C CYS N 87 39.69 10.88 9.70
N GLY N 88 38.47 11.27 9.35
CA GLY N 88 38.23 12.36 8.45
C GLY N 88 38.24 13.69 9.17
N ASN N 89 37.58 14.68 8.56
CA ASN N 89 37.47 16.00 9.16
C ASN N 89 36.40 16.06 10.25
N ASP N 90 35.61 15.00 10.41
CA ASP N 90 34.61 14.93 11.46
C ASP N 90 35.07 14.17 12.69
N GLY N 91 36.31 13.67 12.71
CA GLY N 91 36.80 12.92 13.84
C GLY N 91 36.11 11.58 14.05
N LEU N 92 35.81 10.87 12.97
CA LEU N 92 35.22 9.55 13.07
C LEU N 92 36.03 8.57 12.23
N PRO N 93 36.20 7.34 12.70
CA PRO N 93 37.03 6.37 11.97
C PRO N 93 36.42 6.02 10.61
N HIS N 94 37.21 6.21 9.57
CA HIS N 94 36.80 5.85 8.21
C HIS N 94 37.45 4.53 7.82
N LEU N 95 36.70 3.71 7.09
CA LEU N 95 37.14 2.38 6.70
C LEU N 95 37.78 2.43 5.33
N ILE N 96 38.97 1.86 5.20
CA ILE N 96 39.70 1.79 3.95
C ILE N 96 39.50 0.39 3.39
N THR N 97 38.56 0.25 2.45
CA THR N 97 38.18 -1.05 1.92
C THR N 97 38.54 -1.21 0.44
N ASP N 98 39.59 -0.51 -0.01
CA ASP N 98 40.04 -0.68 -1.39
C ASP N 98 40.71 -2.03 -1.61
N GLY N 99 41.17 -2.68 -0.56
CA GLY N 99 41.78 -3.99 -0.68
C GLY N 99 43.17 -4.09 -0.11
N ARG N 100 43.76 -2.96 0.27
CA ARG N 100 45.12 -2.97 0.80
C ARG N 100 45.18 -3.69 2.13
N TRP N 101 46.23 -4.49 2.31
CA TRP N 101 46.38 -5.27 3.53
C TRP N 101 46.76 -4.41 4.73
N SER N 102 47.22 -3.18 4.50
CA SER N 102 47.55 -2.30 5.62
C SER N 102 46.34 -2.08 6.51
N HIS N 103 45.22 -1.69 5.92
CA HIS N 103 43.94 -1.65 6.62
C HIS N 103 43.15 -2.92 6.36
N GLY N 104 43.78 -4.08 6.58
CA GLY N 104 43.15 -5.35 6.30
C GLY N 104 42.20 -5.83 7.38
N SER N 105 42.35 -5.32 8.60
CA SER N 105 41.48 -5.71 9.70
C SER N 105 40.15 -4.99 9.70
N GLU N 106 39.95 -4.02 8.80
CA GLU N 106 38.70 -3.29 8.76
C GLU N 106 37.65 -4.02 7.93
N PHE N 107 38.03 -4.48 6.73
CA PHE N 107 37.10 -5.18 5.86
C PHE N 107 37.55 -6.59 5.51
N LEU N 108 38.82 -6.77 5.14
CA LEU N 108 39.26 -8.02 4.53
C LEU N 108 39.16 -9.20 5.49
N LEU N 109 39.70 -9.05 6.70
CA LEU N 109 39.60 -10.13 7.68
C LEU N 109 38.16 -10.40 8.11
N PRO N 110 37.34 -9.41 8.44
CA PRO N 110 35.91 -9.71 8.66
C PRO N 110 35.24 -10.29 7.44
N SER N 111 35.66 -9.90 6.23
CA SER N 111 35.10 -10.50 5.02
C SER N 111 35.39 -11.99 4.96
N ILE N 112 36.64 -12.38 5.26
CA ILE N 112 37.00 -13.79 5.26
C ILE N 112 36.22 -14.54 6.33
N LEU N 113 36.09 -13.93 7.52
CA LEU N 113 35.36 -14.58 8.60
C LEU N 113 33.90 -14.81 8.21
N PHE N 114 33.25 -13.79 7.65
CA PHE N 114 31.87 -13.97 7.25
C PHE N 114 31.75 -14.99 6.13
N LEU N 115 32.66 -14.96 5.16
CA LEU N 115 32.58 -15.91 4.07
C LEU N 115 32.67 -17.33 4.60
N TYR N 116 33.56 -17.57 5.56
CA TYR N 116 33.66 -18.88 6.18
C TYR N 116 32.36 -19.27 6.87
N ILE N 117 31.82 -18.37 7.69
CA ILE N 117 30.62 -18.72 8.47
C ILE N 117 29.42 -18.95 7.56
N SER N 118 29.23 -18.05 6.58
CA SER N 118 28.08 -18.15 5.70
C SER N 118 28.19 -19.35 4.77
N GLY N 119 29.41 -19.66 4.30
CA GLY N 119 29.60 -20.88 3.54
C GLY N 119 29.31 -22.11 4.37
N TRP N 120 29.69 -22.08 5.64
CA TRP N 120 29.33 -23.15 6.56
C TRP N 120 27.82 -23.33 6.61
N ILE N 121 27.09 -22.24 6.83
CA ILE N 121 25.63 -22.31 6.95
C ILE N 121 25.02 -22.85 5.67
N GLY N 122 25.41 -22.28 4.52
CA GLY N 122 24.86 -22.72 3.26
C GLY N 122 25.19 -24.17 2.95
N TRP N 123 26.42 -24.59 3.26
CA TRP N 123 26.82 -25.96 3.00
C TRP N 123 26.02 -26.95 3.85
N VAL N 124 25.86 -26.66 5.14
CA VAL N 124 25.12 -27.59 5.97
C VAL N 124 23.65 -27.63 5.57
N GLY N 125 23.09 -26.48 5.19
CA GLY N 125 21.71 -26.47 4.72
C GLY N 125 21.54 -27.28 3.45
N ARG N 126 22.44 -27.10 2.48
CA ARG N 126 22.37 -27.85 1.24
C ARG N 126 22.56 -29.34 1.47
N LYS N 127 23.51 -29.70 2.34
CA LYS N 127 23.75 -31.11 2.63
C LYS N 127 22.53 -31.74 3.30
N TYR N 128 21.90 -31.03 4.23
CA TYR N 128 20.69 -31.57 4.85
C TYR N 128 19.56 -31.70 3.84
N ILE N 129 19.40 -30.72 2.95
CA ILE N 129 18.35 -30.80 1.95
C ILE N 129 18.57 -31.99 1.03
N ARG N 130 19.81 -32.20 0.59
CA ARG N 130 20.10 -33.31 -0.31
C ARG N 130 20.04 -34.65 0.40
N THR N 131 20.29 -34.68 1.71
CA THR N 131 20.31 -35.94 2.44
C THR N 131 18.90 -36.44 2.72
N VAL N 132 18.04 -35.57 3.25
CA VAL N 132 16.64 -35.95 3.48
C VAL N 132 15.82 -35.90 2.21
N GLY N 133 16.39 -35.46 1.10
CA GLY N 133 15.70 -35.53 -0.17
C GLY N 133 15.64 -36.90 -0.80
N GLN N 134 16.37 -37.86 -0.24
CA GLN N 134 16.40 -39.23 -0.73
C GLN N 134 15.72 -40.20 0.24
N THR N 135 14.84 -39.71 1.10
CA THR N 135 14.10 -40.53 2.04
C THR N 135 12.64 -40.63 1.58
N SER N 136 11.87 -41.43 2.31
CA SER N 136 10.48 -41.70 1.92
C SER N 136 9.63 -40.43 1.99
N ASN N 137 9.84 -39.60 3.01
CA ASN N 137 9.02 -38.41 3.24
C ASN N 137 9.94 -37.20 3.36
N PRO N 138 10.45 -36.70 2.23
CA PRO N 138 11.36 -35.55 2.29
C PRO N 138 10.72 -34.30 2.88
N THR N 139 9.43 -34.06 2.63
CA THR N 139 8.79 -32.85 3.13
C THR N 139 8.57 -32.90 4.63
N GLU N 140 8.32 -34.08 5.19
CA GLU N 140 8.13 -34.21 6.63
C GLU N 140 9.39 -33.84 7.39
N LYS N 141 10.55 -34.23 6.88
CA LYS N 141 11.82 -33.98 7.55
C LYS N 141 12.29 -32.53 7.41
N GLU N 142 11.46 -31.65 6.83
CA GLU N 142 11.80 -30.24 6.72
C GLU N 142 11.07 -29.37 7.73
N ILE N 143 9.91 -29.79 8.22
CA ILE N 143 9.21 -29.08 9.28
C ILE N 143 9.55 -29.72 10.62
N ILE N 144 9.88 -31.02 10.58
CA ILE N 144 10.29 -31.76 11.77
C ILE N 144 11.72 -32.23 11.48
N ILE N 145 12.70 -31.46 11.94
CA ILE N 145 14.08 -31.71 11.59
C ILE N 145 14.56 -33.00 12.24
N ASP N 146 15.33 -33.80 11.50
CA ASP N 146 16.01 -34.96 12.06
C ASP N 146 17.23 -34.43 12.82
N VAL N 147 17.01 -34.13 14.10
CA VAL N 147 18.06 -33.50 14.90
C VAL N 147 19.35 -34.32 14.93
N PRO N 148 19.34 -35.64 15.06
CA PRO N 148 20.62 -36.38 14.94
C PRO N 148 21.33 -36.12 13.62
N LEU N 149 20.64 -36.27 12.49
CA LEU N 149 21.26 -36.03 11.20
C LEU N 149 21.63 -34.56 11.04
N ALA N 150 20.80 -33.66 11.55
CA ALA N 150 21.11 -32.23 11.48
C ALA N 150 22.40 -31.92 12.21
N ILE N 151 22.56 -32.45 13.43
CA ILE N 151 23.78 -32.24 14.19
C ILE N 151 24.97 -32.86 13.47
N SER N 152 24.77 -34.04 12.86
CA SER N 152 25.84 -34.70 12.13
C SER N 152 26.32 -33.82 10.97
N ILE N 153 25.40 -33.22 10.24
CA ILE N 153 25.77 -32.41 9.08
C ILE N 153 26.36 -31.07 9.51
N MET N 154 25.79 -30.46 10.55
CA MET N 154 26.17 -29.09 10.93
C MET N 154 27.62 -29.02 11.38
N THR N 155 28.08 -29.97 12.18
CA THR N 155 29.46 -29.97 12.64
C THR N 155 30.44 -30.41 11.56
N SER N 156 29.95 -30.82 10.39
CA SER N 156 30.79 -31.20 9.27
C SER N 156 31.02 -30.06 8.29
N GLY N 157 30.50 -28.87 8.57
CA GLY N 157 30.64 -27.73 7.69
C GLY N 157 31.95 -27.00 7.79
N PHE N 158 32.83 -27.37 8.73
CA PHE N 158 34.12 -26.72 8.85
C PHE N 158 35.01 -26.97 7.65
N LEU N 159 34.71 -28.00 6.86
CA LEU N 159 35.43 -28.30 5.64
C LEU N 159 34.69 -27.86 4.39
N TRP N 160 33.74 -26.93 4.53
CA TRP N 160 32.94 -26.51 3.39
C TRP N 160 33.78 -25.98 2.23
N PRO N 161 34.85 -25.20 2.42
CA PRO N 161 35.66 -24.83 1.25
C PRO N 161 36.27 -26.04 0.56
N PHE N 162 36.70 -27.04 1.32
CA PHE N 162 37.27 -28.24 0.74
C PHE N 162 36.20 -29.14 0.15
N ALA N 163 35.06 -29.28 0.84
CA ALA N 163 33.98 -30.11 0.33
C ALA N 163 33.40 -29.54 -0.97
N ALA N 164 33.28 -28.21 -1.04
CA ALA N 164 32.77 -27.58 -2.25
C ALA N 164 33.73 -27.79 -3.42
N TRP N 165 35.03 -27.60 -3.19
CA TRP N 165 36.01 -27.94 -4.23
C TRP N 165 36.50 -29.38 -4.08
N GLN N 166 35.54 -30.27 -3.85
CA GLN N 166 35.67 -31.71 -4.10
C GLN N 166 34.41 -32.29 -4.70
N GLU N 167 33.28 -31.58 -4.61
CA GLU N 167 32.02 -31.94 -5.23
C GLU N 167 31.82 -31.25 -6.56
N PHE N 168 32.37 -30.04 -6.71
CA PHE N 168 32.37 -29.38 -8.02
C PHE N 168 33.24 -30.14 -9.01
N LEU N 169 34.37 -30.68 -8.55
CA LEU N 169 35.25 -31.44 -9.43
C LEU N 169 34.58 -32.72 -9.92
N SER N 170 33.79 -33.37 -9.06
CA SER N 170 33.11 -34.61 -9.41
C SER N 170 31.79 -34.37 -10.15
N GLY N 171 31.42 -33.11 -10.38
CA GLY N 171 30.18 -32.83 -11.07
C GLY N 171 28.93 -33.00 -10.25
N ASP N 172 29.05 -33.20 -8.95
CA ASP N 172 27.92 -33.42 -8.06
C ASP N 172 27.35 -32.12 -7.50
N LEU N 173 27.95 -30.97 -7.83
CA LEU N 173 27.50 -29.70 -7.29
C LEU N 173 26.46 -29.01 -8.16
N ILE N 174 26.44 -29.28 -9.47
CA ILE N 174 25.62 -28.53 -10.41
C ILE N 174 24.73 -29.51 -11.18
N ALA N 175 23.45 -29.17 -11.29
CA ALA N 175 22.56 -29.86 -12.20
C ALA N 175 22.75 -29.35 -13.62
N SER N 176 22.35 -30.17 -14.61
CA SER N 176 22.64 -29.85 -16.00
C SER N 176 21.39 -29.56 -16.82
N ASP N 177 20.46 -30.52 -16.95
CA ASP N 177 19.27 -30.29 -17.76
C ASP N 177 18.00 -30.90 -17.19
N GLU N 178 18.05 -31.51 -16.01
CA GLU N 178 16.83 -31.91 -15.33
C GLU N 178 16.11 -30.72 -14.71
N THR N 179 16.76 -29.56 -14.67
CA THR N 179 16.13 -28.36 -14.16
C THR N 179 15.01 -27.93 -15.10
N ILE N 180 13.93 -27.43 -14.52
CA ILE N 180 12.74 -27.08 -15.28
C ILE N 180 12.90 -25.69 -15.88
N THR N 181 12.25 -25.48 -17.03
CA THR N 181 12.29 -24.20 -17.72
C THR N 181 10.88 -23.83 -18.16
N THR N 182 10.60 -22.53 -18.20
CA THR N 182 9.30 -22.04 -18.64
C THR N 182 9.12 -22.29 -20.13
N SER N 183 7.94 -21.90 -20.64
CA SER N 183 7.61 -22.17 -22.04
C SER N 183 8.55 -21.48 -23.02
N PRO N 184 8.85 -20.17 -22.90
CA PRO N 184 9.74 -19.60 -23.92
C PRO N 184 11.23 -19.86 -23.63
N GLU O 44 26.91 -13.43 -51.73
CA GLU O 44 26.38 -12.90 -50.48
C GLU O 44 26.55 -13.90 -49.35
N SER O 45 25.58 -13.92 -48.44
CA SER O 45 25.56 -14.82 -47.29
C SER O 45 26.82 -14.64 -46.43
N THR O 46 26.90 -13.45 -45.84
CA THR O 46 28.00 -13.13 -44.93
C THR O 46 27.99 -13.98 -43.66
N TYR O 47 26.88 -14.67 -43.37
CA TYR O 47 26.83 -15.56 -42.21
C TYR O 47 27.82 -16.71 -42.39
N TRP O 48 28.51 -17.06 -41.30
CA TRP O 48 29.53 -18.08 -41.35
C TRP O 48 29.56 -18.84 -40.03
N GLU O 49 30.00 -20.10 -40.10
CA GLU O 49 30.14 -20.94 -38.92
C GLU O 49 31.45 -21.70 -38.86
N GLY O 50 32.30 -21.59 -39.88
CA GLY O 50 33.53 -22.35 -39.91
C GLY O 50 34.63 -21.74 -39.06
N LYS O 51 35.86 -21.79 -39.56
CA LYS O 51 36.99 -21.21 -38.85
C LYS O 51 37.16 -19.73 -39.13
N ALA O 52 36.93 -19.32 -40.37
CA ALA O 52 37.06 -17.92 -40.78
C ALA O 52 35.88 -17.53 -41.64
N PRO O 53 35.49 -16.26 -41.64
CA PRO O 53 34.39 -15.80 -42.49
C PRO O 53 34.80 -15.82 -43.95
N PRO O 54 33.85 -15.90 -44.87
CA PRO O 54 34.18 -15.81 -46.29
C PRO O 54 34.73 -14.43 -46.63
N SER O 55 35.51 -14.38 -47.71
CA SER O 55 36.16 -13.14 -48.11
C SER O 55 35.19 -12.05 -48.52
N VAL O 56 33.91 -12.39 -48.74
CA VAL O 56 32.92 -11.39 -49.13
C VAL O 56 32.68 -10.37 -48.02
N VAL O 57 32.96 -10.71 -46.77
CA VAL O 57 32.75 -9.78 -45.66
C VAL O 57 33.75 -8.63 -45.68
N LEU O 58 34.81 -8.73 -46.48
CA LEU O 58 35.81 -7.68 -46.59
C LEU O 58 35.45 -6.61 -47.61
N GLY O 59 34.36 -6.80 -48.35
CA GLY O 59 33.98 -5.87 -49.39
C GLY O 59 34.68 -6.19 -50.69
N PRO O 60 34.13 -5.71 -51.81
CA PRO O 60 34.74 -6.03 -53.11
C PRO O 60 35.90 -5.11 -53.45
N PHE O 61 36.71 -4.80 -52.46
CA PHE O 61 38.02 -4.18 -52.63
C PHE O 61 39.09 -4.90 -51.82
N LEU O 62 38.76 -5.36 -50.61
CA LEU O 62 39.67 -6.16 -49.82
C LEU O 62 39.50 -7.65 -50.08
N SER O 63 38.40 -8.06 -50.72
CA SER O 63 38.23 -9.48 -51.03
C SER O 63 39.27 -9.99 -52.02
N LYS O 64 39.93 -9.10 -52.74
CA LYS O 64 40.86 -9.49 -53.80
C LYS O 64 42.30 -9.12 -53.48
N ILE O 65 42.57 -8.61 -52.28
CA ILE O 65 43.95 -8.32 -51.88
C ILE O 65 44.58 -9.60 -51.36
N PRO O 66 45.75 -10.01 -51.86
CA PRO O 66 46.43 -11.15 -51.27
C PRO O 66 46.81 -10.88 -49.82
N SER O 67 46.79 -11.93 -49.00
CA SER O 67 47.13 -11.77 -47.59
C SER O 67 48.58 -11.32 -47.42
N GLY O 68 49.46 -11.75 -48.31
CA GLY O 68 50.84 -11.31 -48.27
C GLY O 68 51.02 -9.83 -48.53
N VAL O 69 49.98 -9.17 -49.05
CA VAL O 69 50.00 -7.71 -49.19
C VAL O 69 49.37 -7.04 -47.97
N LEU O 70 48.22 -7.56 -47.52
CA LEU O 70 47.51 -6.94 -46.39
C LEU O 70 48.32 -7.02 -45.10
N GLY O 71 48.97 -8.16 -44.85
CA GLY O 71 49.70 -8.37 -43.62
C GLY O 71 50.80 -7.34 -43.40
N PRO O 72 51.81 -7.35 -44.28
CA PRO O 72 52.85 -6.31 -44.17
C PRO O 72 52.32 -4.90 -44.23
N ALA O 73 51.28 -4.65 -45.05
CA ALA O 73 50.66 -3.33 -45.07
C ALA O 73 50.05 -2.98 -43.73
N SER O 74 49.40 -3.95 -43.09
CA SER O 74 48.82 -3.70 -41.77
C SER O 74 49.90 -3.40 -40.74
N LEU O 75 50.99 -4.16 -40.76
CA LEU O 75 52.07 -3.91 -39.81
C LEU O 75 52.71 -2.53 -40.04
N VAL O 76 52.93 -2.17 -41.31
CA VAL O 76 53.50 -0.88 -41.64
C VAL O 76 52.57 0.24 -41.18
N ALA O 77 51.27 0.08 -41.43
CA ALA O 77 50.31 1.10 -41.02
C ALA O 77 50.27 1.24 -39.51
N LEU O 78 50.33 0.13 -38.78
CA LEU O 78 50.33 0.19 -37.32
C LEU O 78 51.57 0.90 -36.81
N ILE O 79 52.74 0.57 -37.35
CA ILE O 79 53.98 1.22 -36.92
C ILE O 79 53.94 2.70 -37.24
N VAL O 80 53.50 3.06 -38.44
CA VAL O 80 53.45 4.47 -38.83
C VAL O 80 52.48 5.24 -37.96
N GLY O 81 51.31 4.65 -37.68
CA GLY O 81 50.35 5.34 -36.83
C GLY O 81 50.82 5.50 -35.40
N SER O 82 51.45 4.47 -34.85
CA SER O 82 52.01 4.59 -33.51
C SER O 82 53.08 5.66 -33.45
N TYR O 83 53.96 5.70 -34.46
CA TYR O 83 55.00 6.73 -34.47
C TYR O 83 54.39 8.12 -34.61
N CYS O 84 53.37 8.27 -35.46
CA CYS O 84 52.74 9.58 -35.62
C CYS O 84 52.07 10.03 -34.34
N THR O 85 51.39 9.11 -33.65
CA THR O 85 50.78 9.45 -32.36
C THR O 85 51.83 9.84 -31.34
N HIS O 86 52.94 9.09 -31.29
CA HIS O 86 54.01 9.37 -30.34
C HIS O 86 54.83 10.60 -30.72
N GLU O 87 54.72 11.07 -31.95
CA GLU O 87 55.42 12.29 -32.32
C GLU O 87 54.54 13.53 -32.14
N SER O 88 53.25 13.40 -32.39
CA SER O 88 52.33 14.51 -32.11
C SER O 88 52.19 14.73 -30.60
N ASN O 89 52.13 13.65 -29.83
CA ASN O 89 52.00 13.72 -28.38
C ASN O 89 53.11 12.91 -27.73
N ILE O 90 53.02 12.69 -26.41
CA ILE O 90 53.89 11.78 -25.68
C ILE O 90 55.34 12.24 -25.74
N PHE O 91 55.98 12.11 -26.91
CA PHE O 91 57.37 12.54 -27.03
C PHE O 91 57.49 14.06 -27.08
N ASN O 92 56.58 14.71 -27.80
CA ASN O 92 56.51 16.17 -27.86
C ASN O 92 55.11 16.59 -27.48
N THR O 93 55.00 17.45 -26.47
CA THR O 93 53.70 17.88 -25.99
C THR O 93 52.97 18.70 -27.05
N LEU O 94 51.65 18.49 -27.14
CA LEU O 94 50.87 19.17 -28.16
C LEU O 94 50.73 20.65 -27.85
N THR O 95 50.60 21.45 -28.90
CA THR O 95 50.44 22.89 -28.78
C THR O 95 49.60 23.37 -29.96
N VAL O 96 49.01 24.55 -29.82
CA VAL O 96 48.18 25.11 -30.87
C VAL O 96 48.97 25.23 -32.17
N ASP O 97 50.22 25.67 -32.06
CA ASP O 97 51.06 25.91 -33.24
C ASP O 97 51.60 24.62 -33.85
N THR O 98 51.44 23.47 -33.20
CA THR O 98 51.98 22.20 -33.66
C THR O 98 50.86 21.17 -33.69
N ILE O 99 50.20 21.01 -34.85
CA ILE O 99 49.14 20.02 -35.02
C ILE O 99 49.52 18.98 -36.07
N TYR O 100 50.15 19.41 -37.17
CA TYR O 100 50.75 18.50 -38.15
C TYR O 100 49.75 17.47 -38.70
N PRO O 101 48.92 17.90 -39.66
CA PRO O 101 47.97 16.97 -40.29
C PRO O 101 48.56 15.64 -40.70
N ALA O 102 49.87 15.57 -40.99
CA ALA O 102 50.49 14.27 -41.28
C ALA O 102 50.43 13.34 -40.08
N TYR O 103 50.79 13.87 -38.90
CA TYR O 103 50.72 13.06 -37.69
C TYR O 103 49.28 12.73 -37.33
N VAL O 104 48.37 13.66 -37.54
CA VAL O 104 46.97 13.38 -37.29
C VAL O 104 46.44 12.36 -38.26
N LEU O 105 46.57 12.65 -39.53
CA LEU O 105 46.13 11.70 -40.49
C LEU O 105 46.85 10.41 -40.25
N GLY O 106 48.08 10.48 -39.81
CA GLY O 106 48.86 9.29 -39.61
C GLY O 106 48.22 8.50 -38.53
N SER O 107 48.12 9.13 -37.36
CA SER O 107 47.50 8.49 -36.22
C SER O 107 46.22 7.80 -36.62
N PHE O 108 45.49 8.34 -37.59
CA PHE O 108 44.31 7.59 -38.02
C PHE O 108 44.58 6.21 -38.61
N LEU O 109 45.79 5.83 -38.93
CA LEU O 109 46.21 4.57 -39.45
C LEU O 109 46.31 3.51 -38.40
N THR O 110 46.36 3.92 -37.13
CA THR O 110 46.36 2.96 -36.02
C THR O 110 44.99 2.29 -35.92
N PRO O 111 43.91 3.07 -35.79
CA PRO O 111 42.61 2.39 -35.82
C PRO O 111 42.49 1.57 -37.09
N ILE O 112 42.87 2.14 -38.23
CA ILE O 112 42.80 1.43 -39.50
C ILE O 112 43.61 0.14 -39.47
N SER O 113 44.87 0.25 -39.09
CA SER O 113 45.73 -0.93 -38.99
C SER O 113 44.96 -2.12 -38.44
N TRP O 114 44.20 -1.92 -37.37
CA TRP O 114 43.40 -2.99 -36.80
C TRP O 114 42.60 -3.61 -37.89
N GLY O 115 41.93 -2.84 -38.71
CA GLY O 115 41.07 -3.47 -39.71
C GLY O 115 41.87 -4.18 -40.78
N LEU O 116 43.01 -3.61 -41.16
CA LEU O 116 43.83 -4.20 -42.21
C LEU O 116 44.36 -5.56 -41.81
N HIS O 117 44.84 -5.71 -40.56
CA HIS O 117 45.34 -7.03 -40.21
C HIS O 117 44.22 -8.02 -39.93
N VAL O 118 43.06 -7.55 -39.48
CA VAL O 118 41.92 -8.46 -39.39
C VAL O 118 41.59 -9.02 -40.77
N ALA O 119 41.55 -8.13 -41.78
CA ALA O 119 41.32 -8.57 -43.15
C ALA O 119 42.45 -9.47 -43.67
N ALA O 120 43.69 -9.20 -43.24
CA ALA O 120 44.81 -10.03 -43.65
C ALA O 120 44.65 -11.45 -43.13
N TRP O 121 44.26 -11.59 -41.86
CA TRP O 121 44.01 -12.91 -41.30
C TRP O 121 42.86 -13.61 -42.03
N ILE O 122 41.79 -12.86 -42.31
CA ILE O 122 40.64 -13.45 -43.00
C ILE O 122 41.06 -13.95 -44.38
N GLN O 123 41.86 -13.17 -45.11
CA GLN O 123 42.33 -13.59 -46.41
C GLN O 123 43.26 -14.79 -46.31
N LYS O 124 44.14 -14.80 -45.32
CA LYS O 124 45.07 -15.92 -45.18
C LYS O 124 44.34 -17.22 -44.90
N MET O 125 43.32 -17.18 -44.04
CA MET O 125 42.58 -18.40 -43.72
C MET O 125 41.69 -18.86 -44.86
N ASN O 126 41.38 -17.98 -45.81
CA ASN O 126 40.53 -18.32 -46.95
C ASN O 126 41.34 -18.67 -48.19
N LYS O 127 42.61 -19.04 -48.02
CA LYS O 127 43.49 -19.43 -49.12
C LYS O 127 43.60 -18.30 -50.14
N ALA O 128 44.02 -17.14 -49.66
CA ALA O 128 44.19 -15.97 -50.51
C ALA O 128 45.41 -15.17 -50.07
N MET P 1 -7.52 49.83 -26.18
CA MET P 1 -7.29 48.64 -25.37
C MET P 1 -5.80 48.39 -25.18
N SER P 2 -5.34 48.47 -23.94
CA SER P 2 -3.94 48.27 -23.63
C SER P 2 -3.59 46.78 -23.64
N LEU P 3 -2.29 46.50 -23.59
CA LEU P 3 -1.84 45.11 -23.56
C LEU P 3 -2.09 44.45 -22.22
N ASP P 4 -2.24 45.23 -21.15
CA ASP P 4 -2.45 44.67 -19.82
C ASP P 4 -3.89 44.23 -19.60
N LEU P 5 -4.81 44.58 -20.50
CA LEU P 5 -6.18 44.08 -20.45
C LEU P 5 -6.31 42.70 -21.06
N LEU P 6 -5.31 42.26 -21.82
CA LEU P 6 -5.38 40.94 -22.46
C LEU P 6 -5.50 39.78 -21.46
N PRO P 7 -4.79 39.77 -20.32
CA PRO P 7 -5.04 38.68 -19.35
C PRO P 7 -6.48 38.61 -18.90
N SER P 8 -7.07 39.74 -18.52
CA SER P 8 -8.46 39.74 -18.07
C SER P 8 -9.43 39.42 -19.20
N PHE P 9 -9.04 39.65 -20.46
CA PHE P 9 -9.91 39.26 -21.56
C PHE P 9 -9.80 37.77 -21.88
N PHE P 10 -8.60 37.20 -21.75
CA PHE P 10 -8.34 35.85 -22.25
C PHE P 10 -8.47 34.76 -21.19
N VAL P 11 -7.96 34.99 -19.98
CA VAL P 11 -7.99 33.94 -18.96
C VAL P 11 -9.41 33.48 -18.65
N PRO P 12 -10.38 34.36 -18.40
CA PRO P 12 -11.76 33.86 -18.25
C PRO P 12 -12.24 33.16 -19.51
N LEU P 13 -12.02 33.80 -20.67
CA LEU P 13 -12.41 33.23 -21.95
C LEU P 13 -11.93 31.79 -22.07
N VAL P 14 -10.61 31.58 -22.07
CA VAL P 14 -10.06 30.24 -22.21
C VAL P 14 -10.60 29.37 -21.08
N GLY P 15 -10.22 29.69 -19.85
CA GLY P 15 -10.37 28.78 -18.72
C GLY P 15 -11.79 28.49 -18.30
N LEU P 16 -12.79 29.20 -18.84
CA LEU P 16 -14.18 28.86 -18.56
C LEU P 16 -14.96 28.54 -19.82
N VAL P 17 -14.88 29.37 -20.86
CA VAL P 17 -15.66 29.12 -22.06
C VAL P 17 -15.16 27.89 -22.78
N LEU P 18 -13.84 27.77 -22.96
CA LEU P 18 -13.31 26.61 -23.68
C LEU P 18 -13.67 25.29 -22.98
N PRO P 19 -13.58 25.16 -21.65
CA PRO P 19 -14.15 23.96 -21.03
C PRO P 19 -15.60 23.73 -21.36
N LEU P 20 -16.44 24.76 -21.37
CA LEU P 20 -17.87 24.54 -21.59
C LEU P 20 -18.12 23.97 -22.98
N PHE P 21 -17.58 24.63 -24.02
CA PHE P 21 -17.80 24.17 -25.38
C PHE P 21 -17.13 22.83 -25.62
N SER P 22 -15.94 22.62 -25.06
CA SER P 22 -15.26 21.35 -25.22
C SER P 22 -16.05 20.21 -24.56
N ILE P 23 -16.61 20.44 -23.37
CA ILE P 23 -17.45 19.45 -22.72
C ILE P 23 -18.69 19.17 -23.56
N ILE P 24 -19.32 20.21 -24.09
CA ILE P 24 -20.49 20.01 -24.94
C ILE P 24 -20.14 19.12 -26.13
N GLY P 25 -19.07 19.45 -26.83
CA GLY P 25 -18.69 18.69 -28.01
C GLY P 25 -18.30 17.26 -27.67
N LEU P 26 -17.49 17.08 -26.63
CA LEU P 26 -17.03 15.75 -26.26
C LEU P 26 -18.19 14.88 -25.78
N PHE P 27 -19.09 15.42 -24.96
CA PHE P 27 -20.25 14.67 -24.51
C PHE P 27 -21.13 14.27 -25.69
N LEU P 28 -21.39 15.23 -26.59
CA LEU P 28 -22.19 14.92 -27.76
C LEU P 28 -21.54 13.82 -28.60
N TYR P 29 -20.22 13.91 -28.79
CA TYR P 29 -19.52 12.93 -29.61
C TYR P 29 -19.54 11.54 -28.98
N ILE P 30 -19.19 11.45 -27.70
CA ILE P 30 -19.12 10.14 -27.04
C ILE P 30 -20.48 9.56 -26.73
N GLU P 31 -21.55 10.35 -26.81
CA GLU P 31 -22.90 9.83 -26.62
C GLU P 31 -23.63 9.61 -27.94
N LYS P 32 -22.93 9.67 -29.08
CA LYS P 32 -23.57 9.46 -30.36
C LYS P 32 -23.98 8.00 -30.53
N GLU P 33 -24.75 7.74 -31.59
CA GLU P 33 -25.15 6.40 -31.94
C GLU P 33 -24.79 6.11 -33.39
N ASN P 34 -25.27 4.99 -33.93
CA ASN P 34 -25.00 4.64 -35.32
C ASN P 34 -26.28 4.27 -36.06
N MET Q 1 8.37 -39.44 26.63
CA MET Q 1 9.31 -38.45 26.12
C MET Q 1 9.80 -38.81 24.71
N LYS Q 2 8.97 -39.54 23.98
CA LYS Q 2 9.30 -39.87 22.59
C LYS Q 2 8.68 -38.88 21.62
N ASP Q 3 7.45 -38.44 21.88
CA ASP Q 3 6.80 -37.44 21.05
C ASP Q 3 7.11 -36.02 21.50
N PHE Q 4 7.44 -35.83 22.78
CA PHE Q 4 7.89 -34.51 23.23
C PHE Q 4 9.21 -34.14 22.57
N LEU Q 5 10.14 -35.08 22.49
CA LEU Q 5 11.40 -34.82 21.79
C LEU Q 5 11.17 -34.63 20.30
N LYS Q 6 10.15 -35.29 19.74
CA LYS Q 6 9.79 -35.04 18.35
C LYS Q 6 9.17 -33.65 18.20
N TYR Q 7 8.38 -33.21 19.19
CA TYR Q 7 7.84 -31.86 19.17
C TYR Q 7 8.95 -30.83 19.24
N LEU Q 8 9.95 -31.05 20.08
CA LEU Q 8 11.09 -30.15 20.16
C LEU Q 8 11.90 -30.15 18.88
N SER Q 9 11.74 -31.16 18.02
CA SER Q 9 12.43 -31.24 16.75
C SER Q 9 11.69 -30.52 15.64
N THR Q 10 10.54 -29.91 15.93
CA THR Q 10 9.80 -29.18 14.92
C THR Q 10 10.55 -27.91 14.52
N ALA Q 11 10.19 -27.38 13.36
CA ALA Q 11 10.84 -26.18 12.84
C ALA Q 11 10.76 -24.98 13.76
N PRO Q 12 9.59 -24.63 14.37
CA PRO Q 12 9.55 -23.41 15.17
C PRO Q 12 10.39 -23.49 16.43
N VAL Q 13 10.27 -24.60 17.16
CA VAL Q 13 11.01 -24.76 18.40
C VAL Q 13 12.51 -24.78 18.13
N LEU Q 14 12.92 -25.51 17.09
CA LEU Q 14 14.35 -25.57 16.75
C LEU Q 14 14.86 -24.21 16.30
N LEU Q 15 14.09 -23.50 15.48
CA LEU Q 15 14.52 -22.16 15.05
C LEU Q 15 14.60 -21.20 16.22
N THR Q 16 13.63 -21.26 17.13
CA THR Q 16 13.66 -20.40 18.31
C THR Q 16 14.86 -20.70 19.18
N ALA Q 17 15.15 -21.98 19.41
CA ALA Q 17 16.30 -22.35 20.22
C ALA Q 17 17.60 -21.92 19.55
N TRP Q 18 17.71 -22.14 18.24
CA TRP Q 18 18.95 -21.79 17.54
C TRP Q 18 19.16 -20.29 17.49
N LEU Q 19 18.08 -19.52 17.26
CA LEU Q 19 18.22 -18.06 17.22
C LEU Q 19 18.47 -17.50 18.60
N THR Q 20 17.87 -18.09 19.65
CA THR Q 20 18.15 -17.65 21.00
C THR Q 20 19.61 -17.91 21.37
N PHE Q 21 20.12 -19.10 21.02
CA PHE Q 21 21.53 -19.40 21.25
C PHE Q 21 22.43 -18.46 20.44
N THR Q 22 22.06 -18.17 19.20
CA THR Q 22 22.87 -17.32 18.34
C THR Q 22 22.93 -15.90 18.88
N ALA Q 23 21.77 -15.31 19.17
CA ALA Q 23 21.74 -14.00 19.80
C ALA Q 23 22.48 -14.02 21.12
N GLY Q 24 22.41 -15.12 21.86
CA GLY Q 24 23.09 -15.20 23.13
C GLY Q 24 24.60 -15.09 22.98
N PHE Q 25 25.18 -15.89 22.08
CA PHE Q 25 26.64 -15.82 22.00
C PHE Q 25 27.10 -14.54 21.32
N VAL Q 26 26.29 -13.97 20.43
CA VAL Q 26 26.63 -12.66 19.86
C VAL Q 26 26.63 -11.58 20.95
N ILE Q 27 25.57 -11.55 21.76
CA ILE Q 27 25.48 -10.54 22.81
C ILE Q 27 26.61 -10.72 23.82
N GLU Q 28 26.98 -11.96 24.12
CA GLU Q 28 28.03 -12.16 25.11
C GLU Q 28 29.41 -11.84 24.56
N ILE Q 29 29.66 -12.11 23.27
CA ILE Q 29 30.90 -11.62 22.65
C ILE Q 29 30.95 -10.11 22.72
N ASN Q 30 29.84 -9.44 22.43
CA ASN Q 30 29.83 -7.99 22.47
C ASN Q 30 29.87 -7.44 23.89
N ARG Q 31 29.53 -8.23 24.90
CA ARG Q 31 29.72 -7.80 26.27
C ARG Q 31 31.18 -7.92 26.70
N PHE Q 32 31.80 -9.07 26.41
CA PHE Q 32 33.16 -9.28 26.87
C PHE Q 32 34.19 -8.51 26.05
N TYR Q 33 33.93 -8.30 24.77
CA TYR Q 33 34.78 -7.46 23.91
C TYR Q 33 33.90 -6.44 23.21
N PRO Q 34 33.51 -5.38 23.90
CA PRO Q 34 32.61 -4.38 23.32
C PRO Q 34 33.33 -3.43 22.38
N ASP Q 35 32.53 -2.72 21.59
CA ASP Q 35 33.01 -1.63 20.74
C ASP Q 35 34.10 -2.09 19.77
N ALA Q 36 33.88 -3.25 19.15
CA ALA Q 36 34.85 -3.82 18.21
C ALA Q 36 34.50 -3.36 16.81
N LEU Q 37 35.18 -2.31 16.34
CA LEU Q 37 34.94 -1.79 15.00
C LEU Q 37 35.73 -2.52 13.92
N THR Q 38 36.95 -2.96 14.23
CA THR Q 38 37.78 -3.70 13.30
C THR Q 38 38.11 -5.06 13.87
N PHE Q 39 38.77 -5.88 13.05
CA PHE Q 39 39.20 -7.19 13.50
C PHE Q 39 40.21 -7.03 14.63
N PRO Q 40 40.10 -7.83 15.70
CA PRO Q 40 41.02 -7.66 16.83
C PRO Q 40 42.49 -7.85 16.46
N PHE Q 41 42.78 -8.75 15.52
CA PHE Q 41 44.16 -8.97 15.10
C PHE Q 41 44.64 -7.80 14.24
N VAL R 2 -50.84 -6.10 11.93
CA VAL R 2 -50.70 -5.39 10.67
C VAL R 2 -49.23 -5.29 10.27
N SER R 3 -48.98 -5.16 8.97
CA SER R 3 -47.64 -4.96 8.44
C SER R 3 -47.67 -3.77 7.48
N PHE R 4 -46.74 -2.85 7.65
CA PHE R 4 -46.71 -1.63 6.86
C PHE R 4 -45.66 -1.66 5.76
N ILE R 5 -45.02 -2.81 5.53
CA ILE R 5 -44.10 -3.00 4.41
C ILE R 5 -44.53 -4.26 3.67
N LYS R 6 -44.81 -4.12 2.38
CA LYS R 6 -45.27 -5.21 1.55
C LYS R 6 -44.59 -5.10 0.20
N PRO R 7 -44.54 -6.19 -0.57
CA PRO R 7 -43.96 -6.12 -1.91
C PRO R 7 -44.70 -5.11 -2.78
N TYR R 8 -43.95 -4.41 -3.63
CA TYR R 8 -44.49 -3.32 -4.42
C TYR R 8 -45.40 -3.88 -5.52
N ARG R 9 -46.67 -3.46 -5.50
CA ARG R 9 -47.66 -3.84 -6.52
C ARG R 9 -47.76 -5.37 -6.65
N GLN R 10 -47.65 -6.07 -5.51
CA GLN R 10 -47.81 -7.52 -5.45
C GLN R 10 -46.79 -8.25 -6.32
N ASP R 11 -45.62 -7.65 -6.52
CA ASP R 11 -44.52 -8.28 -7.25
C ASP R 11 -43.34 -8.46 -6.32
N PRO R 12 -43.11 -9.67 -5.80
CA PRO R 12 -42.00 -9.88 -4.86
C PRO R 12 -40.62 -9.88 -5.51
N PHE R 13 -40.53 -9.69 -6.82
CA PHE R 13 -39.25 -9.78 -7.52
C PHE R 13 -38.74 -8.43 -7.99
N VAL R 14 -39.50 -7.35 -7.81
CA VAL R 14 -38.99 -6.03 -8.13
C VAL R 14 -37.97 -5.62 -7.08
N GLY R 15 -37.02 -4.79 -7.50
CA GLY R 15 -36.06 -4.23 -6.55
C GLY R 15 -36.64 -3.03 -5.85
N HIS R 16 -37.80 -3.21 -5.21
CA HIS R 16 -38.51 -2.10 -4.59
C HIS R 16 -39.45 -2.66 -3.52
N LEU R 17 -39.88 -1.78 -2.63
CA LEU R 17 -40.77 -2.16 -1.55
C LEU R 17 -41.84 -1.07 -1.37
N ALA R 18 -43.00 -1.49 -0.86
CA ALA R 18 -44.10 -0.58 -0.57
C ALA R 18 -44.05 -0.22 0.92
N THR R 19 -43.17 0.73 1.23
CA THR R 19 -42.99 1.20 2.59
C THR R 19 -43.90 2.37 2.88
N PRO R 20 -44.04 2.78 4.14
CA PRO R 20 -44.88 3.95 4.46
C PRO R 20 -44.33 5.26 3.93
N ILE R 21 -43.30 5.20 3.10
CA ILE R 21 -42.70 6.38 2.48
C ILE R 21 -42.80 6.33 0.96
N THR R 22 -42.59 5.15 0.37
CA THR R 22 -42.69 5.04 -1.08
C THR R 22 -44.14 5.15 -1.55
N THR R 23 -45.06 4.51 -0.85
CA THR R 23 -46.46 4.42 -1.29
C THR R 23 -47.42 4.89 -0.20
N SER R 24 -47.09 5.99 0.46
CA SER R 24 -48.01 6.60 1.42
C SER R 24 -48.84 7.66 0.72
N ALA R 25 -50.06 7.88 1.24
CA ALA R 25 -50.95 8.87 0.65
C ALA R 25 -50.31 10.25 0.64
N PHE R 26 -49.58 10.59 1.70
CA PHE R 26 -48.86 11.86 1.72
C PHE R 26 -47.85 11.93 0.58
N THR R 27 -47.08 10.85 0.39
CA THR R 27 -46.12 10.83 -0.71
C THR R 27 -46.82 10.96 -2.05
N ARG R 28 -47.94 10.24 -2.23
CA ARG R 28 -48.69 10.31 -3.48
C ARG R 28 -49.12 11.74 -3.78
N ALA R 29 -49.81 12.38 -2.83
CA ALA R 29 -50.31 13.73 -3.08
C ALA R 29 -49.17 14.73 -3.25
N TYR R 30 -48.15 14.63 -2.41
CA TYR R 30 -47.04 15.59 -2.47
C TYR R 30 -46.30 15.49 -3.80
N LEU R 31 -46.06 14.28 -4.29
CA LEU R 31 -45.39 14.14 -5.57
C LEU R 31 -46.31 14.47 -6.73
N LYS R 32 -47.63 14.33 -6.56
CA LYS R 32 -48.56 14.69 -7.62
C LYS R 32 -48.85 16.18 -7.68
N VAL R 33 -48.50 16.95 -6.65
CA VAL R 33 -48.61 18.41 -6.75
C VAL R 33 -47.33 19.06 -7.21
N LEU R 34 -46.22 18.31 -7.32
CA LEU R 34 -44.98 18.87 -7.79
C LEU R 34 -45.05 19.12 -9.30
N PRO R 35 -44.34 20.13 -9.80
CA PRO R 35 -44.42 20.44 -11.24
C PRO R 35 -44.01 19.29 -12.14
N ALA R 36 -43.07 18.44 -11.70
CA ALA R 36 -42.61 17.34 -12.54
C ALA R 36 -43.70 16.31 -12.78
N TYR R 37 -44.65 16.18 -11.85
CA TYR R 37 -45.71 15.18 -11.95
C TYR R 37 -47.11 15.76 -11.87
N ARG R 38 -47.26 17.07 -11.75
CA ARG R 38 -48.59 17.66 -11.63
C ARG R 38 -49.38 17.45 -12.92
N PRO R 39 -50.60 16.93 -12.86
CA PRO R 39 -51.38 16.73 -14.07
C PRO R 39 -51.82 18.06 -14.67
N GLY R 40 -52.05 18.03 -15.99
CA GLY R 40 -52.54 19.20 -16.69
C GLY R 40 -51.49 20.24 -17.05
N LEU R 41 -50.22 19.89 -16.99
CA LEU R 41 -49.13 20.82 -17.28
C LEU R 41 -48.44 20.40 -18.57
N THR R 42 -48.25 21.37 -19.47
CA THR R 42 -47.41 21.15 -20.65
C THR R 42 -45.95 21.10 -20.22
N PRO R 43 -45.07 20.48 -21.02
CA PRO R 43 -43.66 20.41 -20.62
C PRO R 43 -43.03 21.78 -20.44
N LEU R 44 -43.45 22.76 -21.24
CA LEU R 44 -42.97 24.13 -21.07
C LEU R 44 -43.37 24.69 -19.71
N SER R 45 -44.61 24.41 -19.27
CA SER R 45 -45.05 24.89 -17.96
C SER R 45 -44.28 24.23 -16.83
N ARG R 46 -44.05 22.91 -16.94
CA ARG R 46 -43.25 22.22 -15.93
C ARG R 46 -41.86 22.81 -15.85
N GLY R 47 -41.22 23.00 -17.01
CA GLY R 47 -39.90 23.60 -17.02
C GLY R 47 -39.90 24.99 -16.43
N ALA R 48 -40.90 25.80 -16.77
CA ALA R 48 -40.96 27.17 -16.27
C ALA R 48 -41.09 27.20 -14.75
N GLU R 49 -41.98 26.37 -14.19
CA GLU R 49 -42.13 26.34 -12.74
C GLU R 49 -40.88 25.84 -12.06
N ILE R 50 -40.27 24.77 -12.59
CA ILE R 50 -39.05 24.24 -11.99
C ILE R 50 -37.94 25.27 -12.02
N GLY R 51 -37.77 25.94 -13.17
CA GLY R 51 -36.76 26.97 -13.27
C GLY R 51 -37.01 28.14 -12.33
N PHE R 52 -38.26 28.56 -12.20
CA PHE R 52 -38.56 29.65 -11.28
C PHE R 52 -38.17 29.28 -9.86
N THR R 53 -38.62 28.12 -9.37
CA THR R 53 -38.28 27.72 -8.01
C THR R 53 -36.77 27.58 -7.84
N HIS R 54 -36.10 27.01 -8.84
CA HIS R 54 -34.68 26.71 -8.69
C HIS R 54 -33.82 27.96 -8.71
N GLY R 55 -34.10 28.89 -9.63
CA GLY R 55 -33.40 30.17 -9.58
C GLY R 55 -33.69 30.94 -8.31
N TYR R 56 -34.95 30.88 -7.85
CA TYR R 56 -35.34 31.58 -6.63
C TYR R 56 -34.52 31.11 -5.43
N PHE R 57 -34.36 29.80 -5.27
CA PHE R 57 -33.56 29.34 -4.14
C PHE R 57 -32.08 29.26 -4.46
N LEU R 58 -31.68 29.43 -5.73
CA LEU R 58 -30.27 29.37 -6.08
C LEU R 58 -29.58 30.71 -5.88
N ILE R 59 -30.29 31.82 -6.06
CA ILE R 59 -29.66 33.12 -5.84
C ILE R 59 -29.23 33.28 -4.39
N GLY R 60 -29.88 32.58 -3.46
CA GLY R 60 -29.63 32.71 -2.06
C GLY R 60 -28.20 32.46 -1.64
N PRO R 61 -27.72 31.22 -1.81
CA PRO R 61 -26.34 30.91 -1.38
C PRO R 61 -25.28 31.73 -2.07
N PHE R 62 -25.47 32.07 -3.34
CA PHE R 62 -24.48 32.88 -4.05
C PHE R 62 -24.39 34.29 -3.48
N TYR R 63 -25.56 34.91 -3.21
CA TYR R 63 -25.55 36.25 -2.66
C TYR R 63 -25.05 36.28 -1.23
N THR R 64 -25.46 35.29 -0.42
CA THR R 64 -25.14 35.32 1.00
C THR R 64 -23.67 35.01 1.25
N TYR R 65 -23.13 33.99 0.58
CA TYR R 65 -21.80 33.49 0.91
C TYR R 65 -20.78 33.68 -0.21
N GLY R 66 -21.10 34.49 -1.21
CA GLY R 66 -20.22 34.67 -2.35
C GLY R 66 -18.88 35.29 -2.02
N PRO R 67 -18.09 35.60 -3.04
CA PRO R 67 -16.82 36.29 -2.80
C PRO R 67 -16.97 37.78 -2.52
N LEU R 68 -18.15 38.34 -2.74
CA LEU R 68 -18.40 39.76 -2.54
C LEU R 68 -19.54 39.99 -1.55
N ARG R 69 -19.52 39.26 -0.43
CA ARG R 69 -20.57 39.40 0.56
C ARG R 69 -20.54 40.79 1.18
N SER R 70 -21.57 41.07 1.97
CA SER R 70 -21.68 42.32 2.72
C SER R 70 -22.65 42.08 3.86
N VAL R 71 -22.21 42.34 5.08
CA VAL R 71 -23.11 42.17 6.22
C VAL R 71 -24.26 43.16 6.14
N GLU R 72 -24.06 44.30 5.51
CA GLU R 72 -25.14 45.21 5.16
C GLU R 72 -25.59 44.90 3.73
N PHE R 73 -26.60 45.63 3.25
CA PHE R 73 -27.08 45.42 1.90
C PHE R 73 -26.22 46.19 0.91
N SER R 74 -25.72 45.48 -0.11
CA SER R 74 -24.92 46.07 -1.17
C SER R 74 -25.51 45.70 -2.51
N LEU R 75 -25.66 46.68 -3.40
CA LEU R 75 -26.13 46.39 -4.74
C LEU R 75 -25.14 45.54 -5.51
N THR R 76 -23.84 45.72 -5.24
CA THR R 76 -22.83 44.89 -5.91
C THR R 76 -22.93 43.43 -5.50
N SER R 77 -23.16 43.17 -4.21
CA SER R 77 -23.33 41.80 -3.75
C SER R 77 -24.56 41.16 -4.39
N LEU R 78 -25.66 41.90 -4.46
CA LEU R 78 -26.88 41.36 -5.09
C LEU R 78 -26.66 41.09 -6.57
N ALA R 79 -25.97 42.01 -7.25
CA ALA R 79 -25.70 41.80 -8.67
C ALA R 79 -24.79 40.60 -8.89
N ALA R 80 -23.78 40.43 -8.03
CA ALA R 80 -22.90 39.29 -8.15
C ALA R 80 -23.64 37.99 -7.95
N GLY R 81 -24.48 37.93 -6.90
CA GLY R 81 -25.27 36.72 -6.67
C GLY R 81 -26.23 36.44 -7.80
N LEU R 82 -26.87 37.47 -8.33
CA LEU R 82 -27.81 37.30 -9.43
C LEU R 82 -27.09 36.78 -10.68
N LEU R 83 -25.94 37.36 -11.00
CA LEU R 83 -25.19 36.90 -12.17
C LEU R 83 -24.70 35.47 -12.00
N ALA R 84 -24.21 35.13 -10.81
CA ALA R 84 -23.78 33.76 -10.57
C ALA R 84 -24.93 32.77 -10.70
N ALA R 85 -26.10 33.13 -10.15
CA ALA R 85 -27.26 32.25 -10.26
C ALA R 85 -27.69 32.09 -11.71
N ILE R 86 -27.69 33.18 -12.48
CA ILE R 86 -28.09 33.11 -13.88
C ILE R 86 -27.12 32.26 -14.68
N THR R 87 -25.82 32.41 -14.43
CA THR R 87 -24.84 31.59 -15.15
C THR R 87 -24.96 30.12 -14.77
N LEU R 88 -25.23 29.83 -13.50
CA LEU R 88 -25.45 28.45 -13.09
C LEU R 88 -26.68 27.87 -13.77
N LEU R 89 -27.73 28.67 -13.88
CA LEU R 89 -28.92 28.23 -14.61
C LEU R 89 -28.59 27.99 -16.08
N LEU R 90 -27.72 28.82 -16.67
CA LEU R 90 -27.30 28.59 -18.04
C LEU R 90 -26.55 27.28 -18.19
N ILE R 91 -25.67 26.97 -17.23
CA ILE R 91 -24.93 25.70 -17.27
C ILE R 91 -25.89 24.54 -17.15
N LEU R 92 -26.87 24.64 -16.25
CA LEU R 92 -27.86 23.59 -16.08
C LEU R 92 -28.70 23.42 -17.34
N THR R 93 -29.04 24.53 -18.01
CA THR R 93 -29.80 24.46 -19.25
C THR R 93 -28.98 23.81 -20.36
N VAL R 94 -27.68 24.10 -20.42
CA VAL R 94 -26.81 23.43 -21.38
C VAL R 94 -26.80 21.93 -21.14
N GLY R 95 -26.69 21.53 -19.86
CA GLY R 95 -26.75 20.12 -19.53
C GLY R 95 -28.06 19.48 -19.93
N LEU R 96 -29.17 20.17 -19.66
CA LEU R 96 -30.48 19.66 -20.05
C LEU R 96 -30.57 19.49 -21.56
N SER R 97 -30.08 20.49 -22.32
CA SER R 97 -30.16 20.44 -23.77
C SER R 97 -29.37 19.26 -24.33
N ILE R 98 -28.14 19.08 -23.85
CA ILE R 98 -27.34 17.98 -24.39
C ILE R 98 -27.90 16.63 -23.96
N TYR R 99 -28.42 16.54 -22.73
CA TYR R 99 -29.04 15.30 -22.27
C TYR R 99 -30.23 14.93 -23.14
N GLY R 100 -31.11 15.90 -23.41
CA GLY R 100 -32.25 15.63 -24.28
C GLY R 100 -31.82 15.32 -25.71
N GLN R 101 -30.75 15.95 -26.17
CA GLN R 101 -30.25 15.67 -27.52
C GLN R 101 -29.79 14.23 -27.65
N VAL R 102 -29.08 13.73 -26.63
CA VAL R 102 -28.51 12.38 -26.73
C VAL R 102 -29.44 11.29 -26.22
N THR R 103 -30.55 11.63 -25.57
CA THR R 103 -31.39 10.61 -24.94
C THR R 103 -32.53 10.14 -25.85
N TYR R 104 -33.39 11.05 -26.29
CA TYR R 104 -34.62 10.69 -26.98
C TYR R 104 -34.50 10.90 -28.48
N ASP R 105 -35.22 10.06 -29.24
CA ASP R 105 -35.58 10.37 -30.63
C ASP R 105 -37.08 10.12 -30.86
N VAL R 106 -37.90 11.07 -30.42
CA VAL R 106 -39.36 10.99 -30.56
C VAL R 106 -39.88 12.43 -30.62
N TYR R 107 -40.98 12.62 -31.36
CA TYR R 107 -41.70 13.89 -31.35
C TYR R 107 -43.12 13.79 -30.82
N ASP R 108 -43.69 12.58 -30.71
CA ASP R 108 -45.03 12.40 -30.16
C ASP R 108 -45.09 11.03 -29.53
N ASN R 109 -45.13 10.98 -28.20
CA ASN R 109 -45.07 9.72 -27.47
C ASN R 109 -46.49 9.28 -27.09
N ALA R 110 -46.57 8.15 -26.39
CA ALA R 110 -47.81 7.46 -26.00
C ALA R 110 -48.56 6.91 -27.21
N LEU R 111 -48.06 7.15 -28.42
CA LEU R 111 -48.63 6.57 -29.63
C LEU R 111 -47.67 5.60 -30.30
N ILE R 112 -46.42 6.02 -30.55
CA ILE R 112 -45.45 5.18 -31.26
C ILE R 112 -45.35 3.80 -30.60
N VAL R 113 -45.44 3.76 -29.27
CA VAL R 113 -45.42 2.47 -28.58
C VAL R 113 -46.59 1.61 -29.02
N LYS R 114 -47.79 2.19 -29.08
CA LYS R 114 -48.96 1.44 -29.51
C LYS R 114 -48.86 1.05 -30.98
N LEU R 115 -48.34 1.94 -31.82
CA LEU R 115 -48.18 1.65 -33.23
C LEU R 115 -47.26 0.46 -33.46
N VAL R 116 -46.17 0.39 -32.71
CA VAL R 116 -45.25 -0.72 -32.89
C VAL R 116 -45.69 -1.96 -32.14
N ARG R 117 -46.57 -1.82 -31.14
CA ARG R 117 -47.20 -2.99 -30.53
C ARG R 117 -48.35 -3.53 -31.36
N GLN R 118 -48.83 -2.76 -32.35
CA GLN R 118 -49.93 -3.18 -33.20
C GLN R 118 -49.49 -3.43 -34.64
N MET R 119 -48.85 -2.45 -35.27
CA MET R 119 -48.49 -2.54 -36.69
C MET R 119 -47.08 -3.07 -36.91
N VAL R 120 -46.51 -3.75 -35.91
CA VAL R 120 -45.19 -4.38 -35.99
C VAL R 120 -44.09 -3.33 -36.08
N GLY R 121 -42.90 -3.68 -35.60
CA GLY R 121 -41.79 -2.75 -35.55
C GLY R 121 -40.50 -3.29 -36.13
N SER R 122 -40.59 -4.01 -37.25
CA SER R 122 -39.43 -4.66 -37.83
C SER R 122 -38.48 -3.64 -38.45
N GLU R 123 -37.82 -2.86 -37.61
CA GLU R 123 -36.88 -1.83 -38.04
C GLU R 123 -35.66 -1.88 -37.12
N ARG R 124 -34.82 -0.86 -37.19
CA ARG R 124 -33.61 -0.77 -36.38
C ARG R 124 -33.90 -0.65 -34.89
N THR R 125 -35.17 -0.52 -34.50
CA THR R 125 -35.60 -0.48 -33.10
C THR R 125 -35.03 0.72 -32.35
N GLN R 126 -35.38 0.82 -31.07
CA GLN R 126 -34.92 1.87 -30.15
C GLN R 126 -35.56 3.22 -30.47
N ASP R 127 -36.26 3.30 -31.59
CA ASP R 127 -37.09 4.47 -31.91
C ASP R 127 -38.53 4.07 -32.15
N LEU R 128 -38.79 3.09 -33.02
CA LEU R 128 -40.10 2.51 -33.16
C LEU R 128 -40.38 1.65 -31.93
N PRO R 129 -39.64 0.55 -31.75
CA PRO R 129 -39.82 -0.27 -30.54
C PRO R 129 -39.16 0.35 -29.32
N GLN R 130 -39.13 -0.39 -28.22
CA GLN R 130 -38.54 0.06 -26.96
C GLN R 130 -39.28 1.28 -26.43
N ILE R 131 -38.62 2.44 -26.43
CA ILE R 131 -39.17 3.70 -25.95
C ILE R 131 -39.52 3.60 -24.47
N LYS R 132 -38.63 4.10 -23.62
CA LYS R 132 -38.85 4.10 -22.18
C LYS R 132 -39.66 5.32 -21.78
N GLY R 133 -40.74 5.09 -21.04
CA GLY R 133 -41.59 6.17 -20.57
C GLY R 133 -42.56 6.67 -21.62
N THR R 134 -43.78 7.00 -21.19
CA THR R 134 -44.81 7.49 -22.09
C THR R 134 -45.15 8.96 -21.84
N SER R 135 -44.42 9.64 -20.97
CA SER R 135 -44.69 11.03 -20.68
C SER R 135 -44.31 11.91 -21.87
N GLU R 136 -44.93 13.09 -21.92
CA GLU R 136 -44.58 14.08 -22.94
C GLU R 136 -43.19 14.66 -22.72
N LEU R 137 -42.64 14.53 -21.51
CA LEU R 137 -41.26 14.94 -21.26
C LEU R 137 -40.24 14.02 -21.91
N ASP R 138 -40.66 12.86 -22.40
CA ASP R 138 -39.76 11.85 -22.95
C ASP R 138 -39.68 11.92 -24.47
N THR R 139 -39.75 13.12 -25.03
CA THR R 139 -39.64 13.33 -26.46
C THR R 139 -38.60 14.41 -26.73
N VAL R 140 -38.11 14.44 -27.97
CA VAL R 140 -37.17 15.49 -28.36
C VAL R 140 -37.83 16.86 -28.25
N LEU R 141 -39.06 16.99 -28.76
CA LEU R 141 -39.78 18.24 -28.64
C LEU R 141 -40.12 18.56 -27.18
N GLY R 142 -40.57 17.55 -26.44
CA GLY R 142 -40.95 17.80 -25.05
C GLY R 142 -39.79 18.25 -24.19
N TRP R 143 -38.64 17.58 -24.32
CA TRP R 143 -37.49 17.97 -23.52
C TRP R 143 -36.92 19.32 -23.93
N GLN R 144 -37.00 19.65 -25.23
CA GLN R 144 -36.53 20.96 -25.67
C GLN R 144 -37.36 22.07 -25.04
N LYS R 145 -38.69 21.93 -25.06
CA LYS R 145 -39.53 22.92 -24.41
C LYS R 145 -39.35 22.91 -22.90
N PHE R 146 -39.07 21.75 -22.31
CA PHE R 146 -38.78 21.68 -20.89
C PHE R 146 -37.54 22.49 -20.54
N SER R 147 -36.48 22.33 -21.34
CA SER R 147 -35.24 23.09 -21.11
C SER R 147 -35.47 24.58 -21.32
N GLU R 148 -36.21 24.94 -22.37
CA GLU R 148 -36.51 26.35 -22.62
C GLU R 148 -37.27 26.97 -21.44
N GLY R 149 -38.28 26.25 -20.94
CA GLY R 149 -39.02 26.73 -19.78
C GLY R 149 -38.15 26.83 -18.54
N PHE R 150 -37.31 25.83 -18.32
CA PHE R 150 -36.40 25.87 -17.17
C PHE R 150 -35.53 27.11 -17.24
N PHE R 151 -34.99 27.41 -18.42
CA PHE R 151 -34.07 28.52 -18.58
C PHE R 151 -34.77 29.86 -18.37
N SER R 152 -35.93 30.05 -19.02
CA SER R 152 -36.66 31.30 -18.87
C SER R 152 -37.16 31.49 -17.45
N GLY R 153 -37.76 30.45 -16.86
CA GLY R 153 -38.23 30.53 -15.50
C GLY R 153 -37.10 30.73 -14.51
N GLY R 154 -35.94 30.16 -14.77
CA GLY R 154 -34.80 30.41 -13.91
C GLY R 154 -34.39 31.87 -13.91
N LEU R 155 -34.32 32.47 -15.10
CA LEU R 155 -34.01 33.90 -15.15
C LEU R 155 -35.05 34.72 -14.38
N ILE R 156 -36.33 34.45 -14.64
CA ILE R 156 -37.39 35.24 -14.01
C ILE R 156 -37.39 35.06 -12.50
N GLY R 157 -37.24 33.82 -12.03
CA GLY R 157 -37.23 33.56 -10.61
C GLY R 157 -36.04 34.15 -9.91
N SER R 158 -34.86 34.11 -10.55
CA SER R 158 -33.69 34.75 -9.98
C SER R 158 -33.89 36.25 -9.85
N ILE R 159 -34.46 36.89 -10.87
CA ILE R 159 -34.72 38.33 -10.79
C ILE R 159 -35.72 38.63 -9.68
N VAL R 160 -36.78 37.82 -9.59
CA VAL R 160 -37.81 38.04 -8.56
C VAL R 160 -37.22 37.89 -7.18
N ALA R 161 -36.37 36.88 -6.98
CA ALA R 161 -35.75 36.66 -5.68
C ALA R 161 -34.77 37.78 -5.34
N ALA R 162 -34.05 38.30 -6.34
CA ALA R 162 -33.18 39.45 -6.10
C ALA R 162 -34.00 40.66 -5.66
N VAL R 163 -35.13 40.91 -6.32
CA VAL R 163 -36.00 42.02 -5.94
C VAL R 163 -36.50 41.84 -4.52
N GLY R 164 -36.93 40.61 -4.18
CA GLY R 164 -37.41 40.35 -2.83
C GLY R 164 -36.34 40.53 -1.78
N ILE R 165 -35.11 40.08 -2.08
CA ILE R 165 -34.00 40.24 -1.15
C ILE R 165 -33.71 41.72 -0.93
N ALA R 166 -33.70 42.50 -2.02
CA ALA R 166 -33.47 43.93 -1.88
C ALA R 166 -34.55 44.60 -1.05
N LEU R 167 -35.81 44.24 -1.29
CA LEU R 167 -36.91 44.83 -0.51
C LEU R 167 -36.80 44.46 0.95
N TYR R 168 -36.48 43.19 1.25
CA TYR R 168 -36.36 42.76 2.64
C TYR R 168 -35.19 43.45 3.34
N SER R 169 -34.08 43.62 2.64
CA SER R 169 -32.91 44.25 3.26
C SER R 169 -33.10 45.76 3.41
N THR R 170 -33.90 46.37 2.55
CA THR R 170 -34.07 47.83 2.61
C THR R 170 -35.19 48.24 3.56
N TYR R 171 -36.38 47.67 3.41
CA TYR R 171 -37.56 48.14 4.12
C TYR R 171 -37.81 47.41 5.43
N LEU R 172 -36.90 46.53 5.84
CA LEU R 172 -37.06 45.81 7.10
C LEU R 172 -35.86 46.05 8.02
N MET S 1 9.43 46.43 -24.05
CA MET S 1 7.98 46.34 -24.16
C MET S 1 7.55 46.19 -25.62
N ILE S 2 6.81 45.13 -25.90
CA ILE S 2 6.32 44.88 -27.25
C ILE S 2 5.02 45.63 -27.45
N TYR S 3 4.73 45.98 -28.71
CA TYR S 3 3.60 46.83 -29.04
C TYR S 3 2.34 46.00 -29.22
N ASP S 4 1.21 46.70 -29.39
CA ASP S 4 -0.05 46.03 -29.68
C ASP S 4 0.00 45.35 -31.04
N SER S 5 0.65 45.98 -32.02
CA SER S 5 0.77 45.39 -33.34
C SER S 5 1.56 44.08 -33.29
N GLN S 6 2.63 44.05 -32.50
CA GLN S 6 3.44 42.84 -32.40
C GLN S 6 2.64 41.69 -31.80
N VAL S 7 1.90 41.95 -30.72
CA VAL S 7 1.10 40.91 -30.10
C VAL S 7 -0.07 40.52 -30.99
N TYR S 8 -0.69 41.50 -31.65
CA TYR S 8 -1.86 41.22 -32.47
C TYR S 8 -1.51 40.30 -33.64
N ILE S 9 -0.43 40.59 -34.34
CA ILE S 9 -0.07 39.76 -35.50
C ILE S 9 0.41 38.39 -35.05
N ALA S 10 1.05 38.30 -33.88
CA ALA S 10 1.40 36.99 -33.34
C ALA S 10 0.15 36.19 -33.01
N LEU S 11 -0.89 36.86 -32.50
CA LEU S 11 -2.17 36.18 -32.27
C LEU S 11 -2.80 35.73 -33.58
N VAL S 12 -2.73 36.57 -34.61
CA VAL S 12 -3.30 36.21 -35.91
C VAL S 12 -2.55 35.02 -36.51
N ILE S 13 -1.21 35.03 -36.42
CA ILE S 13 -0.43 33.92 -36.93
C ILE S 13 -0.72 32.65 -36.11
N ALA S 14 -0.95 32.81 -34.80
CA ALA S 14 -1.32 31.68 -33.97
C ALA S 14 -2.65 31.08 -34.41
N VAL S 15 -3.59 31.93 -34.83
CA VAL S 15 -4.87 31.44 -35.35
C VAL S 15 -4.64 30.60 -36.59
N VAL S 16 -3.77 31.07 -37.49
CA VAL S 16 -3.49 30.31 -38.71
C VAL S 16 -2.89 28.95 -38.37
N ALA S 17 -1.99 28.91 -37.39
CA ALA S 17 -1.44 27.63 -36.92
C ALA S 17 -2.52 26.77 -36.29
N SER S 18 -3.58 27.37 -35.77
CA SER S 18 -4.67 26.59 -35.20
C SER S 18 -5.51 25.92 -36.28
N VAL S 19 -5.81 26.66 -37.36
CA VAL S 19 -6.56 26.08 -38.47
C VAL S 19 -5.76 24.98 -39.13
N LEU S 20 -4.44 25.11 -39.17
CA LEU S 20 -3.60 24.04 -39.67
C LEU S 20 -3.62 22.84 -38.74
N ALA S 21 -3.82 23.07 -37.43
CA ALA S 21 -3.82 21.97 -36.48
C ALA S 21 -5.11 21.15 -36.59
N ILE S 22 -6.26 21.81 -36.71
CA ILE S 22 -7.51 21.07 -36.86
C ILE S 22 -7.53 20.31 -38.18
N ARG S 23 -6.95 20.89 -39.23
CA ARG S 23 -6.87 20.18 -40.50
C ARG S 23 -6.05 18.90 -40.36
N LEU S 24 -4.94 18.97 -39.63
CA LEU S 24 -4.19 17.76 -39.31
C LEU S 24 -4.99 16.85 -38.38
N GLY S 25 -5.69 17.43 -37.40
CA GLY S 25 -6.48 16.63 -36.49
C GLY S 25 -7.62 15.91 -37.18
N ALA S 26 -8.34 16.62 -38.05
CA ALA S 26 -9.42 15.99 -38.79
C ALA S 26 -8.91 15.00 -39.83
N THR S 27 -7.70 15.24 -40.36
CA THR S 27 -7.16 14.32 -41.35
C THR S 27 -6.67 13.03 -40.69
N LEU S 28 -6.26 13.09 -39.43
CA LEU S 28 -5.99 11.89 -38.65
C LEU S 28 -7.27 11.18 -38.23
N TYR S 29 -8.38 11.66 -38.77
CA TYR S 29 -9.70 11.04 -38.68
C TYR S 29 -10.34 11.21 -37.31
N ASN S 30 -11.65 10.96 -37.26
CA ASN S 30 -12.44 11.06 -36.04
C ASN S 30 -11.83 10.24 -34.91
N UNK T 1 -52.70 12.77 -35.51
CA UNK T 1 -52.12 11.83 -34.55
C UNK T 1 -51.02 11.01 -35.20
N UNK T 2 -51.21 10.65 -36.47
CA UNK T 2 -50.24 9.87 -37.21
C UNK T 2 -50.49 9.94 -38.71
N UNK T 3 -50.80 8.79 -39.30
CA UNK T 3 -51.09 8.69 -40.72
C UNK T 3 -51.84 7.39 -40.99
N UNK T 4 -51.72 6.88 -42.21
CA UNK T 4 -52.34 5.61 -42.61
C UNK T 4 -53.84 5.59 -42.32
N UNK T 5 -54.37 4.41 -42.07
CA UNK T 5 -55.80 4.24 -41.77
C UNK T 5 -56.11 2.84 -41.26
N UNK T 6 -57.33 2.38 -41.53
CA UNK T 6 -57.79 1.04 -41.21
C UNK T 6 -57.78 0.73 -39.71
N UNK T 7 -56.62 0.35 -39.20
CA UNK T 7 -56.50 -0.12 -37.81
C UNK T 7 -56.41 1.02 -36.81
N UNK T 8 -57.08 2.13 -37.08
CA UNK T 8 -57.11 3.26 -36.16
C UNK T 8 -58.05 2.94 -35.00
N UNK T 9 -58.91 1.95 -35.19
CA UNK T 9 -59.86 1.53 -34.16
C UNK T 9 -59.14 0.93 -32.97
N UNK T 10 -58.20 0.03 -33.23
CA UNK T 10 -57.42 -0.61 -32.18
C UNK T 10 -56.41 0.38 -31.59
N UNK T 11 -56.00 1.35 -32.41
CA UNK T 11 -55.04 2.37 -31.97
C UNK T 11 -55.69 3.34 -31.01
N UNK T 12 -56.85 3.88 -31.40
CA UNK T 12 -57.58 4.82 -30.55
C UNK T 12 -58.12 4.14 -29.31
N UNK T 13 -58.29 2.83 -29.38
CA UNK T 13 -58.73 2.05 -28.23
C UNK T 13 -57.62 1.97 -27.19
N UNK T 14 -56.43 1.59 -27.64
CA UNK T 14 -55.27 1.49 -26.76
C UNK T 14 -54.85 2.88 -26.28
N UNK T 15 -55.06 3.89 -27.12
CA UNK T 15 -54.69 5.26 -26.80
C UNK T 15 -55.50 5.77 -25.61
N UNK T 16 -56.82 5.69 -25.73
CA UNK T 16 -57.71 6.15 -24.66
C UNK T 16 -57.54 5.31 -23.40
N UNK T 17 -57.12 4.06 -23.58
CA UNK T 17 -56.92 3.17 -22.44
C UNK T 17 -55.59 3.48 -21.74
N UNK T 18 -54.56 3.76 -22.52
CA UNK T 18 -53.24 4.07 -21.97
C UNK T 18 -53.19 5.49 -21.41
N UNK T 19 -53.87 6.42 -22.10
CA UNK T 19 -53.94 7.81 -21.64
C UNK T 19 -54.70 7.87 -20.33
N UNK T 20 -55.68 7.00 -20.18
CA UNK T 20 -56.43 6.89 -18.93
C UNK T 20 -55.54 6.29 -17.84
N UNK T 21 -55.10 5.06 -18.07
CA UNK T 21 -54.30 4.32 -17.09
C UNK T 21 -53.10 5.11 -16.57
N UNK T 22 -52.48 5.89 -17.44
CA UNK T 22 -51.33 6.71 -17.04
C UNK T 22 -51.77 7.85 -16.14
N UNK T 23 -52.84 8.54 -16.53
CA UNK T 23 -53.31 9.72 -15.82
C UNK T 23 -54.25 9.38 -14.67
N UNK T 24 -55.14 8.40 -14.87
CA UNK T 24 -56.12 8.04 -13.86
C UNK T 24 -55.45 7.42 -12.63
N UNK T 25 -55.17 6.12 -12.70
CA UNK T 25 -54.55 5.41 -11.59
C UNK T 25 -53.12 5.85 -11.39
N UNK T 26 -52.18 5.00 -11.81
CA UNK T 26 -50.76 5.21 -11.55
C UNK T 26 -50.55 5.43 -10.06
N UNK T 27 -50.80 6.67 -9.61
CA UNK T 27 -50.65 7.05 -8.21
C UNK T 27 -49.26 6.69 -7.70
N UNK T 28 -48.31 6.67 -8.64
CA UNK T 28 -46.95 6.25 -8.40
C UNK T 28 -46.21 6.34 -9.72
N UNK T 29 -46.57 7.35 -10.50
CA UNK T 29 -45.96 7.59 -11.81
C UNK T 29 -44.44 7.74 -11.69
N UNK T 30 -44.01 8.17 -10.51
CA UNK T 30 -42.58 8.30 -10.20
C UNK T 30 -41.88 6.94 -10.27
N UNK T 31 -42.62 5.88 -9.94
CA UNK T 31 -42.07 4.53 -9.94
C UNK T 31 -42.80 3.64 -10.93
N UNK T 32 -42.56 3.87 -12.22
CA UNK T 32 -43.23 3.12 -13.27
C UNK T 32 -42.35 1.99 -13.80
N UNK T 33 -41.05 2.08 -13.54
CA UNK T 33 -40.11 1.04 -13.95
C UNK T 33 -40.03 -0.06 -12.90
N UNK T 34 -41.02 -0.11 -12.02
CA UNK T 34 -41.09 -1.10 -10.96
C UNK T 34 -42.35 -1.94 -11.08
N UNK T 35 -42.88 -2.04 -12.30
CA UNK T 35 -44.07 -2.83 -12.56
C UNK T 35 -44.00 -3.43 -13.96
N UNK T 36 -44.81 -4.45 -14.23
CA UNK T 36 -44.79 -5.10 -15.53
C UNK T 36 -46.13 -5.79 -15.82
N UNK T 37 -46.29 -6.21 -17.07
CA UNK T 37 -47.49 -6.94 -17.48
C UNK T 37 -47.10 -8.08 -18.41
N UNK T 38 -45.79 -8.29 -18.54
CA UNK T 38 -45.27 -9.34 -19.39
C UNK T 38 -44.82 -10.55 -18.57
N UNK T 39 -45.79 -11.19 -17.91
CA UNK T 39 -45.52 -12.39 -17.12
C UNK T 39 -46.16 -13.59 -17.79
N UNK T 40 -45.43 -14.71 -17.80
CA UNK T 40 -45.91 -15.92 -18.44
C UNK T 40 -46.45 -16.92 -17.42
N UNK T 41 -47.35 -17.79 -17.86
CA UNK T 41 -47.91 -18.81 -16.99
C UNK T 41 -46.97 -20.01 -16.90
N UNK T 42 -47.06 -20.75 -15.80
CA UNK T 42 -46.21 -21.92 -15.60
C UNK T 42 -46.53 -23.00 -16.63
N UNK T 43 -47.79 -23.04 -17.07
CA UNK T 43 -48.23 -24.02 -18.05
C UNK T 43 -47.57 -23.79 -19.40
N UNK T 44 -47.52 -22.53 -19.82
CA UNK T 44 -46.92 -22.17 -21.11
C UNK T 44 -45.42 -22.37 -21.09
N UNK T 45 -44.79 -22.07 -19.95
CA UNK T 45 -43.36 -22.20 -19.81
C UNK T 45 -42.94 -23.66 -19.77
N UNK T 46 -43.71 -24.47 -19.03
CA UNK T 46 -43.40 -25.89 -18.90
C UNK T 46 -43.62 -26.64 -20.22
N UNK T 47 -44.45 -26.07 -21.09
CA UNK T 47 -44.77 -26.68 -22.37
C UNK T 47 -43.63 -26.47 -23.37
N UNK T 48 -43.19 -25.22 -23.51
CA UNK T 48 -42.10 -24.88 -24.42
C UNK T 48 -40.81 -25.58 -24.01
N UNK T 49 -40.69 -25.83 -22.71
CA UNK T 49 -39.49 -26.45 -22.15
C UNK T 49 -39.34 -27.91 -22.58
N UNK T 50 -40.33 -28.73 -22.26
CA UNK T 50 -40.30 -30.14 -22.62
C UNK T 50 -40.23 -30.33 -24.14
N UNK T 51 -40.71 -29.32 -24.88
CA UNK T 51 -40.62 -29.31 -26.33
C UNK T 51 -39.17 -29.21 -26.76
N UNK T 52 -38.49 -28.15 -26.32
CA UNK T 52 -37.09 -27.94 -26.65
C UNK T 52 -36.19 -28.98 -25.99
N UNK T 53 -36.75 -29.67 -25.01
CA UNK T 53 -36.04 -30.74 -24.32
C UNK T 53 -35.77 -31.91 -25.26
N UNK T 54 -36.78 -32.75 -25.44
CA UNK T 54 -36.65 -33.97 -26.24
C UNK T 54 -36.24 -33.71 -27.69
N UNK T 55 -36.69 -32.58 -28.23
CA UNK T 55 -36.38 -32.24 -29.62
C UNK T 55 -34.89 -31.95 -29.81
N SER U 2 -18.42 -10.46 -25.97
CA SER U 2 -18.47 -11.69 -25.18
C SER U 2 -17.10 -12.35 -25.13
N HIS U 3 -16.81 -13.03 -24.01
CA HIS U 3 -15.53 -13.70 -23.86
C HIS U 3 -15.46 -14.94 -24.73
N THR U 4 -14.25 -15.43 -24.92
CA THR U 4 -13.99 -16.60 -25.75
C THR U 4 -13.52 -17.75 -24.89
N VAL U 5 -14.14 -18.91 -25.06
CA VAL U 5 -13.81 -20.12 -24.31
C VAL U 5 -13.44 -21.21 -25.31
N LYS U 6 -12.26 -21.78 -25.15
CA LYS U 6 -11.77 -22.83 -26.03
C LYS U 6 -11.51 -24.10 -25.22
N ILE U 7 -11.78 -25.24 -25.84
CA ILE U 7 -11.55 -26.55 -25.25
C ILE U 7 -10.45 -27.24 -26.04
N TYR U 8 -9.54 -27.89 -25.33
CA TYR U 8 -8.38 -28.54 -25.94
C TYR U 8 -8.44 -30.04 -25.70
N ASP U 9 -7.87 -30.80 -26.62
CA ASP U 9 -8.00 -32.26 -26.61
C ASP U 9 -7.33 -32.91 -25.40
N THR U 10 -6.67 -32.15 -24.54
CA THR U 10 -6.18 -32.69 -23.27
C THR U 10 -7.32 -32.97 -22.30
N CYS U 11 -8.53 -32.56 -22.63
CA CYS U 11 -9.73 -32.88 -21.87
C CYS U 11 -9.79 -34.35 -21.52
N ILE U 12 -10.02 -34.63 -20.24
CA ILE U 12 -10.22 -35.99 -19.76
C ILE U 12 -11.68 -36.27 -19.45
N GLY U 13 -12.56 -35.31 -19.71
CA GLY U 13 -13.99 -35.53 -19.51
C GLY U 13 -14.39 -35.76 -18.07
N CYS U 14 -13.78 -35.05 -17.13
CA CYS U 14 -14.09 -35.21 -15.71
C CYS U 14 -15.26 -34.35 -15.26
N THR U 15 -15.82 -33.54 -16.15
CA THR U 15 -17.04 -32.76 -15.97
C THR U 15 -16.93 -31.67 -14.91
N GLN U 16 -15.77 -31.50 -14.27
CA GLN U 16 -15.67 -30.52 -13.18
C GLN U 16 -15.84 -29.10 -13.69
N CYS U 17 -15.48 -28.83 -14.95
CA CYS U 17 -15.67 -27.50 -15.50
C CYS U 17 -17.15 -27.18 -15.68
N VAL U 18 -17.91 -28.14 -16.21
CA VAL U 18 -19.31 -27.89 -16.52
C VAL U 18 -20.11 -27.65 -15.25
N ARG U 19 -19.86 -28.45 -14.21
CA ARG U 19 -20.60 -28.29 -12.96
C ARG U 19 -20.08 -27.15 -12.10
N ALA U 20 -19.08 -26.41 -12.57
CA ALA U 20 -18.59 -25.22 -11.89
C ALA U 20 -19.00 -23.93 -12.57
N CYS U 21 -19.48 -23.99 -13.81
CA CYS U 21 -19.89 -22.79 -14.53
C CYS U 21 -21.12 -22.18 -13.88
N PRO U 22 -21.08 -20.90 -13.46
CA PRO U 22 -22.24 -20.30 -12.81
C PRO U 22 -23.30 -19.80 -13.79
N THR U 23 -23.02 -19.77 -15.09
CA THR U 23 -23.95 -19.20 -16.06
C THR U 23 -24.34 -20.19 -17.16
N ASP U 24 -24.05 -21.48 -16.97
CA ASP U 24 -24.40 -22.53 -17.93
C ASP U 24 -23.85 -22.20 -19.32
N VAL U 25 -22.52 -22.15 -19.38
CA VAL U 25 -21.82 -21.93 -20.64
C VAL U 25 -21.26 -23.22 -21.20
N LEU U 26 -20.74 -24.09 -20.33
CA LEU U 26 -20.11 -25.33 -20.75
C LEU U 26 -21.08 -26.50 -20.63
N GLU U 27 -20.88 -27.50 -21.48
CA GLU U 27 -21.66 -28.71 -21.45
C GLU U 27 -20.78 -29.86 -21.93
N MET U 28 -21.17 -31.08 -21.56
CA MET U 28 -20.42 -32.28 -21.92
C MET U 28 -21.02 -32.91 -23.17
N VAL U 29 -20.17 -33.19 -24.15
CA VAL U 29 -20.61 -33.72 -25.43
C VAL U 29 -19.84 -35.00 -25.71
N PRO U 30 -20.40 -35.90 -26.53
CA PRO U 30 -19.70 -37.16 -26.82
C PRO U 30 -18.37 -36.92 -27.53
N TRP U 31 -17.44 -37.82 -27.27
CA TRP U 31 -16.09 -37.73 -27.83
C TRP U 31 -15.48 -39.12 -27.82
N ASP U 32 -14.38 -39.27 -28.56
CA ASP U 32 -13.65 -40.53 -28.62
C ASP U 32 -12.15 -40.35 -28.40
N GLY U 33 -11.75 -39.23 -27.80
CA GLY U 33 -10.35 -38.95 -27.53
C GLY U 33 -9.89 -39.22 -26.11
N CYS U 34 -10.74 -39.76 -25.26
CA CYS U 34 -10.37 -40.03 -23.87
C CYS U 34 -11.18 -41.21 -23.35
N LYS U 35 -10.79 -41.68 -22.16
CA LYS U 35 -11.43 -42.84 -21.58
C LYS U 35 -12.91 -42.60 -21.31
N ALA U 36 -13.24 -41.42 -20.78
CA ALA U 36 -14.63 -41.12 -20.43
C ALA U 36 -15.52 -41.00 -21.65
N GLY U 37 -14.94 -40.84 -22.85
CA GLY U 37 -15.76 -40.70 -24.04
C GLY U 37 -16.54 -39.41 -24.11
N GLN U 38 -16.08 -38.37 -23.40
CA GLN U 38 -16.79 -37.10 -23.35
C GLN U 38 -15.77 -35.97 -23.36
N ILE U 39 -16.18 -34.83 -23.91
CA ILE U 39 -15.36 -33.64 -23.93
C ILE U 39 -16.23 -32.42 -23.64
N ALA U 40 -15.65 -31.44 -22.96
CA ALA U 40 -16.37 -30.21 -22.67
C ALA U 40 -16.58 -29.40 -23.95
N SER U 41 -17.68 -28.68 -24.00
CA SER U 41 -18.00 -27.79 -25.10
C SER U 41 -18.44 -26.45 -24.54
N ALA U 42 -18.32 -25.41 -25.36
CA ALA U 42 -18.70 -24.05 -24.97
C ALA U 42 -19.65 -23.47 -26.01
N PRO U 43 -20.90 -23.95 -26.02
CA PRO U 43 -21.86 -23.47 -27.03
C PRO U 43 -22.63 -22.22 -26.64
N ARG U 44 -22.48 -21.73 -25.41
CA ARG U 44 -23.24 -20.59 -24.91
C ARG U 44 -22.30 -19.55 -24.32
N THR U 45 -21.24 -19.22 -25.05
CA THR U 45 -20.28 -18.23 -24.58
C THR U 45 -20.86 -16.83 -24.46
N GLU U 46 -22.04 -16.57 -25.05
CA GLU U 46 -22.68 -15.28 -24.86
C GLU U 46 -23.07 -15.05 -23.40
N ASP U 47 -23.23 -16.13 -22.63
CA ASP U 47 -23.49 -16.03 -21.20
C ASP U 47 -22.21 -16.10 -20.36
N CYS U 48 -21.07 -16.29 -21.00
CA CYS U 48 -19.81 -16.36 -20.27
C CYS U 48 -19.54 -15.05 -19.55
N VAL U 49 -19.25 -15.14 -18.26
CA VAL U 49 -19.01 -13.95 -17.45
C VAL U 49 -17.52 -13.70 -17.23
N GLY U 50 -16.67 -14.69 -17.48
CA GLY U 50 -15.24 -14.54 -17.27
C GLY U 50 -14.76 -14.81 -15.87
N CYS U 51 -15.59 -15.39 -15.00
CA CYS U 51 -15.18 -15.66 -13.63
C CYS U 51 -14.08 -16.70 -13.54
N LYS U 52 -13.88 -17.49 -14.59
CA LYS U 52 -12.82 -18.49 -14.68
C LYS U 52 -12.94 -19.57 -13.60
N ARG U 53 -14.14 -19.80 -13.06
CA ARG U 53 -14.35 -20.97 -12.23
C ARG U 53 -14.15 -22.26 -13.02
N CYS U 54 -14.37 -22.20 -14.34
CA CYS U 54 -14.26 -23.39 -15.17
C CYS U 54 -12.85 -23.95 -15.13
N GLU U 55 -11.84 -23.09 -15.24
CA GLU U 55 -10.46 -23.55 -15.28
C GLU U 55 -9.83 -23.63 -13.90
N THR U 56 -10.51 -23.19 -12.85
CA THR U 56 -10.08 -23.49 -11.49
C THR U 56 -10.37 -24.94 -11.11
N ALA U 57 -11.34 -25.56 -11.77
CA ALA U 57 -11.70 -26.95 -11.53
C ALA U 57 -11.08 -27.90 -12.53
N CYS U 58 -10.20 -27.41 -13.40
CA CYS U 58 -9.59 -28.26 -14.42
C CYS U 58 -8.41 -29.02 -13.84
N PRO U 59 -8.41 -30.36 -13.90
CA PRO U 59 -7.29 -31.12 -13.32
C PRO U 59 -6.14 -31.34 -14.29
N THR U 60 -6.36 -31.17 -15.60
CA THR U 60 -5.30 -31.39 -16.57
C THR U 60 -4.15 -30.41 -16.33
N ASP U 61 -2.98 -30.73 -16.89
CA ASP U 61 -1.75 -30.09 -16.45
C ASP U 61 -1.78 -28.57 -16.66
N PHE U 62 -1.72 -28.12 -17.91
CA PHE U 62 -2.04 -26.72 -18.14
C PHE U 62 -3.41 -26.57 -18.78
N LEU U 63 -4.46 -27.01 -18.07
CA LEU U 63 -5.84 -26.70 -18.45
C LEU U 63 -6.26 -27.35 -19.76
N SER U 64 -7.54 -27.67 -19.88
CA SER U 64 -8.14 -28.02 -21.15
C SER U 64 -9.23 -27.06 -21.56
N VAL U 65 -9.73 -26.23 -20.64
CA VAL U 65 -10.63 -25.14 -20.94
C VAL U 65 -9.89 -23.84 -20.66
N ARG U 66 -9.90 -22.94 -21.65
CA ARG U 66 -9.20 -21.67 -21.56
C ARG U 66 -10.18 -20.55 -21.85
N VAL U 67 -10.19 -19.53 -20.99
CA VAL U 67 -11.10 -18.39 -21.12
C VAL U 67 -10.27 -17.18 -21.52
N TYR U 68 -10.56 -16.62 -22.68
CA TYR U 68 -9.90 -15.42 -23.18
C TYR U 68 -10.89 -14.27 -23.07
N LEU U 69 -10.60 -13.33 -22.18
CA LEU U 69 -11.48 -12.19 -22.01
C LEU U 69 -11.45 -11.29 -23.25
N GLY U 70 -12.63 -10.84 -23.67
CA GLY U 70 -12.75 -10.03 -24.86
C GLY U 70 -13.71 -8.87 -24.69
N GLY U 71 -14.54 -8.63 -25.71
CA GLY U 71 -15.50 -7.55 -25.62
C GLY U 71 -16.50 -7.77 -24.51
N GLU U 72 -16.92 -6.67 -23.90
CA GLU U 72 -17.81 -6.72 -22.75
C GLU U 72 -19.26 -6.53 -23.16
N THR U 73 -20.16 -7.16 -22.41
CA THR U 73 -21.59 -7.06 -22.63
C THR U 73 -22.27 -7.04 -21.27
N THR U 74 -23.51 -6.55 -21.24
CA THR U 74 -24.25 -6.51 -19.99
C THR U 74 -24.38 -7.90 -19.37
N ARG U 75 -24.40 -8.94 -20.20
CA ARG U 75 -24.36 -10.30 -19.66
C ARG U 75 -22.99 -10.66 -19.15
N SER U 76 -21.94 -10.31 -19.91
CA SER U 76 -20.58 -10.66 -19.52
C SER U 76 -20.06 -9.80 -18.37
N LEU U 77 -20.62 -8.60 -18.20
CA LEU U 77 -20.23 -7.73 -17.09
C LEU U 77 -20.99 -8.06 -15.80
N GLY U 78 -21.93 -9.01 -15.84
CA GLY U 78 -22.69 -9.35 -14.66
C GLY U 78 -23.52 -8.21 -14.12
N LEU U 79 -24.16 -7.45 -15.01
CA LEU U 79 -24.93 -6.28 -14.61
C LEU U 79 -26.38 -6.69 -14.41
N ALA U 80 -26.85 -6.62 -13.17
CA ALA U 80 -28.26 -6.80 -12.88
C ALA U 80 -29.07 -5.55 -13.18
N TYR U 81 -28.42 -4.44 -13.52
CA TYR U 81 -29.09 -3.20 -13.85
C TYR U 81 -28.79 -2.81 -15.29
C1 XAT V . 65.78 -19.84 18.60
C2 XAT V . 67.24 -19.53 18.88
C3 XAT V . 67.43 -19.39 20.38
C4 XAT V . 67.37 -20.79 20.94
C5 XAT V . 66.06 -21.52 20.63
C6 XAT V . 65.21 -20.98 19.46
C7 XAT V . 64.51 -22.11 18.71
C8 XAT V . 63.19 -22.20 18.80
C9 XAT V . 62.48 -23.30 18.11
C10 XAT V . 61.28 -23.68 18.56
C11 XAT V . 60.54 -24.75 17.93
C12 XAT V . 59.58 -25.34 18.64
C13 XAT V . 58.76 -26.44 18.09
C14 XAT V . 57.76 -26.91 18.84
C15 XAT V . 56.89 -27.98 18.37
C16 XAT V . 65.65 -20.20 17.12
C17 XAT V . 64.95 -18.59 18.83
C18 XAT V . 65.96 -23.04 20.76
C19 XAT V . 63.10 -23.97 16.91
C20 XAT V . 59.06 -27.01 16.74
O3 XAT V . 68.71 -18.80 20.66
O4 XAT V . 64.88 -20.74 20.84
C21 XAT V . 46.03 -34.52 16.71
C22 XAT V . 44.95 -35.59 16.73
C23 XAT V . 45.60 -36.94 16.63
C24 XAT V . 46.15 -37.20 18.02
C25 XAT V . 47.19 -36.15 18.41
C26 XAT V . 47.19 -34.81 17.65
C27 XAT V . 47.69 -33.64 18.49
C28 XAT V . 48.87 -33.14 18.14
C29 XAT V . 49.53 -32.01 18.81
C30 XAT V . 50.80 -31.76 18.51
C31 XAT V . 51.55 -30.66 19.10
C32 XAT V . 52.80 -30.50 18.67
C33 XAT V . 53.67 -29.42 19.17
C34 XAT V . 54.86 -29.24 18.58
C35 XAT V . 55.75 -28.18 19.02
C36 XAT V . 45.40 -33.18 17.08
C37 XAT V . 46.58 -34.40 15.29
C38 XAT V . 47.62 -35.95 19.88
C39 XAT V . 48.78 -31.16 19.80
C40 XAT V . 53.22 -28.55 20.30
O23 XAT V . 44.62 -37.94 16.31
O24 XAT V . 48.15 -35.86 17.40
C1 XAT W . 28.85 -39.34 28.93
C2 XAT W . 27.57 -39.53 28.13
C3 XAT W . 26.44 -39.71 29.12
C4 XAT W . 26.14 -38.32 29.65
C5 XAT W . 27.35 -37.64 30.28
C6 XAT W . 28.76 -38.21 29.97
C7 XAT W . 29.81 -37.10 29.92
C8 XAT W . 30.95 -37.27 30.60
C9 XAT W . 32.03 -36.27 30.64
C10 XAT W . 32.84 -36.07 29.57
C11 XAT W . 33.93 -35.10 29.68
C12 XAT W . 34.75 -34.87 28.66
C13 XAT W . 35.86 -33.91 28.80
C14 XAT W . 36.68 -33.67 27.76
C15 XAT W . 37.81 -32.74 27.92
C16 XAT W . 30.01 -39.10 27.98
C17 XAT W . 29.15 -40.64 29.65
C18 XAT W . 27.40 -36.12 30.47
C19 XAT W . 32.28 -35.51 31.90
C20 XAT W . 36.09 -33.24 30.11
O3 XAT W . 25.29 -40.26 28.46
O4 XAT W . 28.07 -38.44 31.22
C21 XAT W . 47.39 -24.68 26.10
C22 XAT W . 48.71 -23.96 26.33
C23 XAT W . 49.39 -24.51 27.56
C24 XAT W . 49.92 -25.86 27.16
C25 XAT W . 48.78 -26.82 26.79
C26 XAT W . 47.45 -26.20 26.31
C27 XAT W . 46.65 -27.09 25.38
C28 XAT W . 45.63 -27.69 25.99
C29 XAT W . 44.67 -28.60 25.35
C30 XAT W . 43.79 -29.22 26.16
C31 XAT W . 42.77 -30.16 25.68
C32 XAT W . 41.90 -30.59 26.58
C33 XAT W . 40.82 -31.53 26.26
C34 XAT W . 39.86 -31.75 27.18
C35 XAT W . 38.74 -32.66 26.98
C36 XAT W . 46.88 -24.38 24.70
C37 XAT W . 46.38 -24.13 27.10
C38 XAT W . 49.07 -28.17 26.13
C39 XAT W . 44.67 -28.82 23.88
C40 XAT W . 40.78 -32.24 24.94
O23 XAT W . 50.47 -23.66 27.96
O24 XAT W . 47.63 -26.73 27.63
C1 A1L1G X . 52.85 -45.23 22.15
C5 A1L1G X . 51.16 -45.22 20.28
C4 A1L1G X . 54.73 -46.48 21.06
C3 A1L1G X . 52.42 -47.31 20.81
C2 A1L1G X . 52.12 -43.92 24.28
C10 A1L1G X . 55.26 -44.68 22.70
C11 A1L1G X . 54.29 -45.15 21.63
C12 A1L1G X . 50.67 -46.43 22.37
C14 A1L1G X . 45.66 -34.68 38.95
C17 A1L1G X . 44.06 -32.33 38.10
C18 A1L1G X . 46.10 -34.43 41.79
C19 A1L1G X . 48.19 -33.65 40.66
C20 A1L1G X . 45.18 -32.17 39.09
C21 A1L1G X . 45.12 -30.94 39.96
C22 A1L1G X . 46.40 -30.81 40.74
C23 A1L1G X . 46.61 -32.01 41.63
C24 A1L1G X . 46.70 -33.35 40.88
C25 A1L1G X . 45.97 -33.33 39.53
C26 A1L1G X . 45.21 -37.43 38.06
C27 A1L1G X . 46.32 -40.09 33.36
C28 A1L1G X . 51.00 -38.69 28.02
C29 A1L1G X . 46.23 -35.14 37.85
C30 A1L1G X . 45.98 -36.41 37.28
C31 A1L1G X . 46.45 -36.71 36.01
C32 A1L1G X . 45.91 -37.59 35.10
C33 A1L1G X . 46.20 -37.66 33.76
C34 A1L1G X . 46.75 -38.72 33.03
C35 A1L1G X . 47.69 -38.54 32.02
C36 A1L1G X . 48.15 -39.48 31.11
C37 A1L1G X . 49.26 -39.46 30.29
C38 A1L1G X . 49.69 -40.33 29.31
C39 A1L1G X . 50.56 -40.09 28.24
C40 A1L1G X . 51.03 -41.07 27.38
C41 A1L1G X . 51.72 -40.91 26.19
C42 A1L1G X . 52.56 -41.79 25.55
C43 A1L1G X . 52.35 -41.73 23.09
C44 A1L1G X . 52.34 -42.48 24.37
C45 A1L1G X . 52.52 -44.58 23.23
C6 A1L1G X . 51.79 -46.05 21.40
C8 A1L1G X . 53.73 -47.05 20.09
O13 A1L1G X . 43.86 -37.03 38.14
O15 A1L1G X . 46.51 -32.40 38.56
O16 A1L1G X . 46.37 -29.62 41.53
O7 A1L1G X . 54.23 -48.25 19.51
O9 A1L1G X . 54.35 -44.23 20.51
C1 XAT Y . 41.70 -20.55 25.78
C2 XAT Y . 42.09 -19.10 25.58
C3 XAT Y . 42.26 -18.43 26.91
C4 XAT Y . 43.56 -18.99 27.47
C5 XAT Y . 43.27 -20.43 27.90
C6 XAT Y . 42.22 -21.20 27.09
C7 XAT Y . 42.45 -22.70 27.04
C8 XAT Y . 41.52 -23.35 27.74
C9 XAT Y . 41.42 -24.81 27.92
C10 XAT Y . 40.41 -25.21 28.70
C11 XAT Y . 40.11 -26.59 29.02
C12 XAT Y . 38.97 -26.78 29.67
C13 XAT Y . 38.52 -28.12 30.08
C14 XAT Y . 37.55 -28.22 30.99
C15 XAT Y . 37.10 -29.51 31.45
C16 XAT Y . 42.18 -21.37 24.59
C17 XAT Y . 40.17 -20.64 25.78
C18 XAT Y . 44.37 -21.37 28.40
C19 XAT Y . 42.38 -25.77 27.28
C20 XAT Y . 39.17 -29.34 29.50
O3 XAT Y . 42.33 -17.01 26.76
O4 XAT Y . 41.94 -20.65 28.37
C21 XAT Y . 30.28 -38.82 36.47
C22 XAT Y . 30.02 -40.18 37.10
C23 XAT Y . 31.28 -40.72 37.73
C24 XAT Y . 31.47 -39.88 38.97
C25 XAT Y . 31.91 -38.48 38.54
C26 XAT Y . 31.36 -37.98 37.19
C27 XAT Y . 31.20 -36.47 37.13
C28 XAT Y . 32.02 -35.89 36.26
C29 XAT Y . 32.07 -34.45 36.01
C30 XAT Y . 33.06 -34.03 35.21
C31 XAT Y . 33.27 -32.63 34.85
C32 XAT Y . 34.31 -32.40 34.06
C33 XAT Y . 34.66 -31.04 33.62
C34 XAT Y . 35.69 -30.90 32.78
C35 XAT Y . 36.12 -29.59 32.33
C36 XAT Y . 28.99 -38.03 36.44
C37 XAT Y . 30.73 -39.04 35.02
C38 XAT Y . 32.06 -37.33 39.53
C39 XAT Y . 31.09 -33.50 36.61
C40 XAT Y . 33.88 -29.85 34.10
O23 XAT Y . 31.13 -42.10 38.07
O24 XAT Y . 32.71 -38.46 37.35
MG CLA Z . 27.75 -45.90 39.44
CHA CLA Z . 30.61 -47.57 38.36
CHB CLA Z . 27.16 -48.40 41.68
CHC CLA Z . 24.98 -44.19 40.53
CHD CLA Z . 28.41 -43.33 37.10
NA CLA Z . 28.74 -47.68 39.92
C1A CLA Z . 29.92 -48.19 39.36
C2A CLA Z . 30.29 -49.54 39.99
C3A CLA Z . 29.13 -49.80 40.99
C4A CLA Z . 28.27 -48.55 40.87
CMA CLA Z . 28.37 -51.05 40.63
CAA CLA Z . 31.61 -49.46 40.74
CBA CLA Z . 31.71 -48.20 41.57
CGA CLA Z . 33.09 -48.09 42.16
O1A CLA Z . 34.17 -48.21 41.59
O2A CLA Z . 33.08 -47.81 43.50
NB CLA Z . 26.36 -46.21 40.85
C1B CLA Z . 26.29 -47.30 41.67
C2B CLA Z . 25.09 -47.20 42.55
C3B CLA Z . 24.47 -46.01 42.24
C4B CLA Z . 25.26 -45.37 41.15
CMB CLA Z . 24.72 -48.22 43.53
CAB CLA Z . 23.26 -45.43 42.79
CBB CLA Z . 23.15 -44.20 43.28
NC CLA Z . 26.86 -44.10 38.89
C1C CLA Z . 25.73 -43.58 39.47
C2C CLA Z . 25.38 -42.31 38.87
C3C CLA Z . 26.35 -42.07 37.89
C4C CLA Z . 27.28 -43.19 37.91
CMC CLA Z . 24.22 -41.50 39.24
CAC CLA Z . 26.42 -40.89 37.00
CBC CLA Z . 25.37 -40.90 35.91
ND CLA Z . 29.11 -45.50 38.00
C1D CLA Z . 29.30 -44.40 37.13
C2D CLA Z . 30.51 -44.63 36.32
C3D CLA Z . 31.04 -45.83 36.73
C4D CLA Z . 30.15 -46.32 37.79
CMD CLA Z . 31.01 -43.72 35.28
CAD CLA Z . 32.10 -46.80 36.54
OBD CLA Z . 33.01 -46.81 35.72
CBD CLA Z . 31.89 -47.91 37.62
CGD CLA Z . 31.85 -49.29 37.03
O1D CLA Z . 30.92 -50.11 37.06
O2D CLA Z . 32.99 -49.64 36.38
CED CLA Z . 33.42 -51.00 36.46
C1 CLA Z . 34.15 -46.97 43.99
MG CLA AA . 41.19 -47.95 38.74
CHA CLA AA . 42.77 -49.23 35.92
CHB CLA AA . 40.65 -51.11 39.88
CHC CLA AA . 39.72 -46.62 41.55
CHD CLA AA . 41.79 -44.68 37.52
NA CLA AA . 41.64 -49.85 38.00
C1A CLA AA . 42.31 -50.18 36.81
C2A CLA AA . 42.43 -51.69 36.66
C3A CLA AA . 41.64 -52.25 37.87
C4A CLA AA . 41.28 -51.00 38.66
CMA CLA AA . 40.43 -53.03 37.44
CAA CLA AA . 43.88 -52.15 36.74
CBA CLA AA . 44.69 -51.27 37.67
CGA CLA AA . 45.04 -51.98 38.95
O1A CLA AA . 44.30 -52.25 39.90
O2A CLA AA . 46.35 -52.36 39.01
NB CLA AA . 40.35 -48.72 40.40
C1B CLA AA . 40.25 -50.04 40.70
C2B CLA AA . 39.61 -50.21 42.03
C3B CLA AA . 39.33 -48.95 42.51
C4B CLA AA . 39.80 -47.98 41.47
CMB CLA AA . 39.34 -51.52 42.63
CAB CLA AA . 38.71 -48.55 43.75
CBB CLA AA . 37.59 -47.84 43.84
NC CLA AA . 40.80 -46.00 39.40
C1C CLA AA . 40.17 -45.69 40.57
C2C CLA AA . 40.06 -44.24 40.71
C3C CLA AA . 40.66 -43.68 39.57
C4C CLA AA . 41.13 -44.80 38.75
CMC CLA AA . 39.44 -43.55 41.83
CAC CLA AA . 40.79 -42.25 39.25
CBC CLA AA . 42.09 -41.67 39.77
ND CLA AA . 42.01 -47.09 37.10
C1D CLA AA . 42.20 -45.73 36.73
C2D CLA AA . 42.91 -45.68 35.43
C3D CLA AA . 43.14 -47.00 35.07
C4D CLA AA . 42.57 -47.83 36.16
CMD CLA AA . 43.27 -44.46 34.72
CAD CLA AA . 43.69 -47.90 34.07
OBD CLA AA . 44.22 -47.64 32.99
CBD CLA AA . 43.51 -49.35 34.61
CGD CLA AA . 42.79 -50.23 33.62
O1D CLA AA . 41.65 -50.70 33.72
O2D CLA AA . 43.54 -50.51 32.52
CED CLA AA . 43.35 -51.78 31.89
MG CLA BA . 33.12 -41.54 27.59
CHA CLA BA . 31.36 -44.52 27.29
CHB CLA BA . 32.48 -40.85 24.32
CHC CLA BA . 34.70 -38.53 27.99
CHD CLA BA . 33.66 -42.28 31.01
NA CLA BA . 32.11 -42.55 26.06
C1A CLA BA . 31.42 -43.77 26.14
C2A CLA BA . 30.81 -44.14 24.80
C3A CLA BA . 31.34 -43.05 23.85
C4A CLA BA . 32.02 -42.06 24.79
CMA CLA BA . 32.30 -43.64 22.83
CAA CLA BA . 29.30 -44.05 24.91
CBA CLA BA . 28.86 -42.83 25.70
CGA CLA BA . 28.64 -41.66 24.78
O1A CLA BA . 27.95 -41.61 23.77
O2A CLA BA . 29.33 -40.53 25.14
NB CLA BA . 33.53 -39.99 26.38
C1B CLA BA . 33.14 -39.88 25.09
C2B CLA BA . 33.56 -38.55 24.55
C3B CLA BA . 34.19 -37.89 25.58
C4B CLA BA . 34.18 -38.80 26.76
CMB CLA BA . 33.29 -38.13 23.17
CAB CLA BA . 34.79 -36.57 25.65
CBB CLA BA . 35.33 -35.90 24.63
NC CLA BA . 34.05 -40.60 29.20
C1C CLA BA . 34.66 -39.37 29.13
C2C CLA BA . 35.20 -39.02 30.43
C3C CLA BA . 34.88 -40.06 31.30
C4C CLA BA . 34.15 -41.06 30.51
CMC CLA BA . 35.93 -37.79 30.74
CAC CLA BA . 35.21 -40.16 32.73
CBC CLA BA . 34.14 -39.48 33.55
ND CLA BA . 32.72 -43.05 28.88
C1D CLA BA . 32.99 -43.22 30.26
C2D CLA BA . 32.45 -44.52 30.70
C3D CLA BA . 31.83 -45.08 29.59
C4D CLA BA . 32.01 -44.10 28.50
CMD CLA BA . 32.59 -45.06 32.05
CAD CLA BA . 31.09 -46.21 29.05
OBD CLA BA . 30.76 -47.26 29.57
CBD CLA BA . 30.73 -45.86 27.57
CGD CLA BA . 31.24 -46.91 26.64
O1D CLA BA . 32.26 -47.59 26.75
O2D CLA BA . 30.45 -47.12 25.54
CED CLA BA . 31.04 -47.80 24.44
C1 CLA BA . 29.24 -39.40 24.24
C2 CLA BA . 29.83 -38.23 24.94
C3 CLA BA . 29.67 -36.95 24.59
C4 CLA BA . 28.88 -36.55 23.40
C5 CLA BA . 30.30 -35.86 25.37
C6 CLA BA . 29.29 -35.08 26.19
C7 CLA BA . 29.96 -34.09 27.13
C8 CLA BA . 28.97 -33.48 28.11
C9 CLA BA . 27.89 -32.72 27.38
C10 CLA BA . 29.69 -32.55 29.10
C11 CLA BA . 29.10 -32.66 30.48
C12 CLA BA . 30.15 -32.44 31.56
C13 CLA BA . 29.56 -32.51 32.96
C14 CLA BA . 28.53 -33.61 33.08
C15 CLA BA . 28.96 -31.17 33.38
MG CLA CA . 35.89 -31.19 22.88
CHA CLA CA . 34.58 -32.56 19.99
CHB CLA CA . 33.39 -32.62 24.69
CHC CLA CA . 37.24 -29.80 25.72
CHD CLA CA . 38.47 -29.70 20.95
NA CLA CA . 34.27 -32.41 22.38
C1A CLA CA . 33.90 -32.88 21.13
C2A CLA CA . 32.63 -33.74 21.22
C3A CLA CA . 32.28 -33.72 22.73
C4A CLA CA . 33.39 -32.86 23.33
CMA CLA CA . 30.92 -33.12 22.96
CAA CLA CA . 32.90 -35.18 20.79
CBA CLA CA . 31.63 -35.98 20.70
CGA CLA CA . 30.95 -35.72 19.40
O1A CLA CA . 31.40 -35.82 18.26
O2A CLA CA . 29.66 -35.28 19.55
NB CLA CA . 35.46 -31.28 24.84
C1B CLA CA . 34.33 -31.82 25.37
C2B CLA CA . 34.18 -31.43 26.80
C3B CLA CA . 35.27 -30.63 27.10
C4B CLA CA . 36.09 -30.53 25.85
CMB CLA CA . 33.07 -31.84 27.63
CAB CLA CA . 35.62 -29.96 28.31
CBB CLA CA . 34.83 -29.13 28.98
NC CLA CA . 37.56 -29.99 23.26
C1C CLA CA . 37.93 -29.55 24.50
C2C CLA CA . 39.15 -28.74 24.40
C3C CLA CA . 39.49 -28.71 23.05
C4C CLA CA . 38.50 -29.51 22.34
CMC CLA CA . 39.80 -28.10 25.54
CAC CLA CA . 40.65 -28.02 22.46
CBC CLA CA . 40.45 -26.53 22.34
ND CLA CA . 36.42 -31.05 20.93
C1D CLA CA . 37.50 -30.42 20.27
C2D CLA CA . 37.39 -30.66 18.82
C3D CLA CA . 36.28 -31.46 18.65
C4D CLA CA . 35.72 -31.70 20.00
CMD CLA CA . 38.29 -30.11 17.81
CAD CLA CA . 35.42 -32.15 17.70
OBD CLA CA . 35.46 -32.18 16.48
CBD CLA CA . 34.34 -32.92 18.53
CGD CLA CA . 32.96 -32.56 18.11
O1D CLA CA . 32.23 -31.66 18.56
O2D CLA CA . 32.46 -33.32 17.09
CED CLA CA . 32.03 -32.64 15.92
C1 CLA CA . 29.35 -33.99 18.98
C2 CLA CA . 27.94 -33.69 19.34
C3 CLA CA . 27.46 -32.45 19.40
C4 CLA CA . 28.30 -31.25 19.14
C5 CLA CA . 26.03 -32.20 19.77
C6 CLA CA . 25.88 -31.48 21.09
C7 CLA CA . 26.16 -32.41 22.25
C8 CLA CA . 26.07 -31.69 23.60
C9 CLA CA . 24.63 -31.43 23.96
C10 CLA CA . 26.87 -30.39 23.57
MG CLA DA . 54.39 -27.91 24.97
CHA CLA DA . 56.22 -24.99 25.25
CHB CLA DA . 51.85 -26.18 23.48
CHC CLA DA . 52.63 -30.85 24.66
CHD CLA DA . 57.04 -29.67 26.51
NA CLA DA . 54.11 -25.91 24.47
C1A CLA DA . 54.99 -24.83 24.67
C2A CLA DA . 54.40 -23.53 24.15
C3A CLA DA . 52.97 -23.93 23.69
C4A CLA DA . 52.96 -25.45 23.87
CMA CLA DA . 51.91 -23.24 24.48
CAA CLA DA . 55.20 -22.98 22.98
CBA CLA DA . 55.33 -23.96 21.84
CGA CLA DA . 56.59 -24.78 21.98
O1A CLA DA . 57.77 -24.42 21.89
O2A CLA DA . 56.32 -26.10 22.23
NB CLA DA . 52.57 -28.42 24.24
C1B CLA DA . 51.71 -27.57 23.61
C2B CLA DA . 50.56 -28.35 23.06
C3B CLA DA . 50.77 -29.67 23.39
C4B CLA DA . 52.05 -29.72 24.15
CMB CLA DA . 49.46 -27.71 22.32
CAB CLA DA . 49.98 -30.83 23.12
CBB CLA DA . 48.65 -30.93 23.29
NC CLA DA . 54.77 -29.89 25.51
C1C CLA DA . 53.91 -30.94 25.29
C2C CLA DA . 54.48 -32.18 25.80
C3C CLA DA . 55.74 -31.85 26.31
C4C CLA DA . 55.91 -30.41 26.12
CMC CLA DA . 53.84 -33.49 25.74
CAC CLA DA . 56.71 -32.76 26.93
CBC CLA DA . 57.79 -33.18 25.97
ND CLA DA . 56.22 -27.50 25.70
C1D CLA DA . 57.21 -28.32 26.33
C2D CLA DA . 58.36 -27.47 26.70
C3D CLA DA . 58.04 -26.18 26.30
C4D CLA DA . 56.70 -26.26 25.70
CMD CLA DA . 59.57 -27.95 27.36
CAD CLA DA . 58.46 -24.80 26.24
OBD CLA DA . 59.51 -24.28 26.62
CBD CLA DA . 57.30 -23.99 25.58
CGD CLA DA . 56.79 -22.90 26.48
O1D CLA DA . 56.08 -21.93 26.19
O2D CLA DA . 57.19 -23.03 27.77
CED CLA DA . 56.28 -22.60 28.79
C1 CLA DA . 57.46 -27.00 22.31
C2 CLA DA . 56.90 -28.34 22.59
C3 CLA DA . 57.64 -29.46 22.57
C4 CLA DA . 59.08 -29.45 22.26
C5 CLA DA . 57.02 -30.79 22.87
C6 CLA DA . 56.95 -31.68 21.65
C7 CLA DA . 55.53 -31.78 21.13
C8 CLA DA . 54.74 -32.91 21.77
C9 CLA DA . 55.61 -34.12 22.03
C10 CLA DA . 53.54 -33.30 20.91
C11 CLA DA . 53.99 -34.10 19.69
C12 CLA DA . 52.82 -34.79 19.01
C13 CLA DA . 53.27 -35.49 17.75
C14 CLA DA . 53.95 -34.53 16.80
C15 CLA DA . 52.10 -36.18 17.04
C16 CLA DA . 51.79 -37.51 17.70
C17 CLA DA . 51.93 -38.66 16.73
C18 CLA DA . 50.74 -38.77 15.80
C19 CLA DA . 50.88 -39.96 14.88
C20 CLA DA . 49.45 -38.86 16.58
MG CLA EA . 58.37 -23.74 12.94
CHA CLA EA . 59.06 -21.37 15.38
CHB CLA EA . 60.30 -22.04 10.72
CHC CLA EA . 57.71 -26.17 10.61
CHD CLA EA . 56.29 -25.43 15.27
NA CLA EA . 59.49 -21.98 13.06
C1A CLA EA . 59.66 -21.14 14.16
C2A CLA EA . 60.56 -19.95 13.81
C3A CLA EA . 60.86 -20.16 12.31
C4A CLA EA . 60.18 -21.49 11.98
CMA CLA EA . 60.31 -19.03 11.47
CAA CLA EA . 61.85 -19.98 14.62
CBA CLA EA . 62.62 -21.27 14.40
CGA CLA EA . 64.05 -20.97 14.12
O1A CLA EA . 64.97 -21.76 13.90
O2A CLA EA . 64.32 -19.63 14.11
NB CLA EA . 58.87 -24.03 11.02
C1B CLA EA . 59.71 -23.25 10.30
C2B CLA EA . 59.95 -23.84 8.96
C3B CLA EA . 59.22 -25.01 8.91
C4B CLA EA . 58.53 -25.15 10.23
CMB CLA EA . 60.80 -23.24 7.94
CAB CLA EA . 59.09 -25.98 7.85
CBB CLA EA . 59.42 -27.28 7.94
NC CLA EA . 57.23 -25.49 12.95
C1C CLA EA . 57.10 -26.34 11.89
C2C CLA EA . 56.24 -27.46 12.24
C3C CLA EA . 55.83 -27.25 13.56
C4C CLA EA . 56.46 -26.01 13.99
CMC CLA EA . 55.90 -28.56 11.35
CAC CLA EA . 54.96 -28.10 14.37
CBC CLA EA . 55.74 -29.16 15.11
ND CLA EA . 57.82 -23.54 14.88
C1D CLA EA . 56.92 -24.27 15.70
C2D CLA EA . 56.82 -23.62 17.02
C3D CLA EA . 57.66 -22.51 16.97
C4D CLA EA . 58.22 -22.50 15.61
CMD CLA EA . 56.01 -24.09 18.14
CAD CLA EA . 58.18 -21.37 17.67
OBD CLA EA . 58.03 -21.04 18.85
CBD CLA EA . 59.05 -20.56 16.66
CGD CLA EA . 58.52 -19.17 16.45
O1D CLA EA . 57.79 -18.77 15.54
O2D CLA EA . 58.89 -18.28 17.40
CED CLA EA . 60.28 -17.93 17.47
C1 CLA EA . 65.53 -19.22 13.44
MG CLA FA . 41.01 -31.48 15.14
CHA CLA FA . 38.50 -33.76 15.84
CHB CLA FA . 40.22 -31.63 11.83
CHC CLA FA . 43.26 -28.96 14.56
CHD CLA FA . 41.81 -31.40 18.59
NA CLA FA . 39.63 -32.58 14.03
C1A CLA FA . 38.64 -33.46 14.51
C2A CLA FA . 37.84 -34.05 13.35
C3A CLA FA . 38.60 -33.56 12.10
C4A CLA FA . 39.55 -32.51 12.67
CMA CLA FA . 39.35 -34.69 11.45
CAA CLA FA . 36.41 -33.53 13.36
CBA CLA FA . 36.31 -32.03 13.44
CGA CLA FA . 34.88 -31.63 13.36
O1A CLA FA . 33.89 -32.35 13.25
O2A CLA FA . 34.69 -30.27 13.38
NB CLA FA . 41.66 -30.53 13.49
C1B CLA FA . 41.13 -30.64 12.25
C2B CLA FA . 41.63 -29.56 11.37
C3B CLA FA . 42.49 -28.79 12.13
C4B CLA FA . 42.53 -29.41 13.50
CMB CLA FA . 41.23 -29.43 9.97
CAB CLA FA . 43.27 -27.61 11.82
CBB CLA FA . 42.99 -26.70 10.88
NC CLA FA . 42.35 -30.43 16.35
C1C CLA FA . 43.19 -29.45 15.89
C2C CLA FA . 43.97 -28.92 17.01
C3C CLA FA . 43.56 -29.60 18.16
C4C CLA FA . 42.53 -30.54 17.73
CMC CLA FA . 44.98 -27.86 16.90
CAC CLA FA . 44.05 -29.41 19.53
CBC CLA FA . 45.22 -30.30 19.84
ND CLA FA . 40.41 -32.40 16.84
C1D CLA FA . 40.81 -32.27 18.20
C2D CLA FA . 39.98 -33.14 19.04
C3D CLA FA . 39.05 -33.72 18.19
C4D CLA FA . 39.37 -33.22 16.84
CMD CLA FA . 40.12 -33.28 20.49
CAD CLA FA . 37.93 -34.63 18.07
OBD CLA FA . 37.36 -35.29 18.93
CBD CLA FA . 37.52 -34.66 16.57
CGD CLA FA . 37.47 -36.05 16.01
O1D CLA FA . 38.22 -36.56 15.18
O2D CLA FA . 36.45 -36.80 16.51
CED CLA FA . 35.96 -37.88 15.72
C1 CLA FA . 34.47 -29.67 14.68
C2 CLA FA . 33.20 -28.91 14.58
C3 CLA FA . 32.71 -28.22 15.62
C4 CLA FA . 31.43 -27.47 15.51
C5 CLA FA . 33.41 -28.16 16.93
C6 CLA FA . 32.45 -28.26 18.11
MG CLA GA . 47.93 -44.75 22.05
CHA CLA GA . 47.30 -46.69 19.25
CHB CLA GA . 47.52 -47.50 24.04
CHC CLA GA . 48.68 -42.83 24.78
CHD CLA GA . 48.19 -41.91 19.96
NA CLA GA . 47.50 -46.76 21.67
C1A CLA GA . 47.28 -47.38 20.43
C2A CLA GA . 47.00 -48.87 20.60
C3A CLA GA . 46.90 -49.04 22.13
C4A CLA GA . 47.36 -47.68 22.68
CMA CLA GA . 45.50 -49.38 22.55
CAA CLA GA . 48.13 -49.69 20.04
CBA CLA GA . 49.49 -49.33 20.62
CGA CLA GA . 49.77 -50.07 21.89
O1A CLA GA . 49.54 -51.25 22.16
O2A CLA GA . 50.34 -49.28 22.86
NB CLA GA . 48.04 -45.09 24.03
C1B CLA GA . 47.89 -46.29 24.64
C2B CLA GA . 48.16 -46.15 26.10
C3B CLA GA . 48.50 -44.84 26.32
C4B CLA GA . 48.43 -44.14 25.01
CMB CLA GA . 48.08 -47.28 27.02
CAB CLA GA . 48.86 -44.16 27.54
CBB CLA GA . 48.20 -44.26 28.71
NC CLA GA . 48.36 -42.72 22.31
C1C CLA GA . 48.64 -42.15 23.52
C2C CLA GA . 48.90 -40.72 23.33
C3C CLA GA . 48.76 -40.47 21.97
C4C CLA GA . 48.41 -41.74 21.34
CMC CLA GA . 49.24 -39.77 24.40
CAC CLA GA . 48.92 -39.18 21.28
CBC CLA GA . 50.27 -39.07 20.60
ND CLA GA . 47.87 -44.34 20.07
C1D CLA GA . 47.93 -43.12 19.36
C2D CLA GA . 47.70 -43.39 17.92
C3D CLA GA . 47.46 -44.76 17.82
C4D CLA GA . 47.56 -45.28 19.19
CMD CLA GA . 47.72 -42.38 16.86
CAD CLA GA . 47.19 -45.87 16.94
OBD CLA GA . 47.12 -45.90 15.72
CBD CLA GA . 46.97 -47.12 17.85
CGD CLA GA . 45.52 -47.50 17.87
O1D CLA GA . 44.62 -46.91 18.48
O2D CLA GA . 45.18 -48.63 17.19
CED CLA GA . 43.87 -49.12 17.46
C1 CLA GA . 50.46 -49.85 24.19
C2 CLA GA . 50.74 -48.71 25.11
C3 CLA GA . 51.72 -48.71 26.01
C4 CLA GA . 52.64 -49.86 26.19
C5 CLA GA . 51.96 -47.54 26.89
C6 CLA GA . 53.33 -46.92 26.69
C7 CLA GA . 53.43 -45.57 27.37
MG CLA HA . 49.06 -44.16 34.10
CHA CLA HA . 48.43 -47.55 33.62
CHB CLA HA . 51.15 -44.16 31.40
CHC CLA HA . 49.69 -40.84 34.66
CHD CLA HA . 46.84 -44.21 36.86
NA CLA HA . 49.66 -45.63 32.74
C1A CLA HA . 49.29 -46.99 32.70
C2A CLA HA . 49.98 -47.70 31.53
C3A CLA HA . 50.81 -46.60 30.86
C4A CLA HA . 50.53 -45.37 31.71
CMA CLA HA . 52.28 -46.95 30.85
CAA CLA HA . 48.97 -48.27 30.53
CBA CLA HA . 49.63 -49.26 29.62
CGA CLA HA . 50.01 -50.50 30.37
O1A CLA HA . 49.27 -51.42 30.73
O2A CLA HA . 51.34 -50.56 30.67
NB CLA HA . 50.16 -42.75 33.17
C1B CLA HA . 50.99 -42.96 32.12
C2B CLA HA . 51.74 -41.72 31.81
C3B CLA HA . 51.34 -40.76 32.72
C4B CLA HA . 50.33 -41.41 33.62
CMB CLA HA . 52.73 -41.62 30.73
CAB CLA HA . 51.78 -39.40 32.86
CBB CLA HA . 51.02 -38.33 33.07
NC CLA HA . 48.38 -42.78 35.51
C1C CLA HA . 48.78 -41.47 35.56
C2C CLA HA . 48.13 -40.80 36.67
C3C CLA HA . 47.30 -41.74 37.29
C4C CLA HA . 47.47 -42.99 36.54
CMC CLA HA . 48.34 -39.40 37.05
CAC CLA HA . 46.45 -41.55 38.47
CBC CLA HA . 47.13 -41.95 39.75
ND CLA HA . 47.93 -45.51 35.09
C1D CLA HA . 47.05 -45.40 36.20
C2D CLA HA . 46.46 -46.72 36.49
C3D CLA HA . 46.98 -47.59 35.55
C4D CLA HA . 47.87 -46.79 34.69
CMD CLA HA . 45.53 -46.99 37.59
CAD CLA HA . 47.01 -48.95 35.06
OBD CLA HA . 46.49 -49.96 35.50
CBD CLA HA . 47.92 -48.95 33.78
CGD CLA HA . 49.02 -49.96 33.91
O1D CLA HA . 49.00 -51.15 33.60
O2D CLA HA . 50.17 -49.45 34.43
CED CLA HA . 50.88 -50.26 35.37
MG CLA IA . 39.70 -28.71 40.64
CHA CLA IA . 40.13 -26.24 43.05
CHB CLA IA . 41.49 -30.87 42.57
CHC CLA IA . 39.22 -31.14 38.27
CHD CLA IA . 37.91 -26.40 38.65
NA CLA IA . 40.63 -28.56 42.51
C1A CLA IA . 40.69 -27.45 43.36
C2A CLA IA . 41.47 -27.77 44.63
C3A CLA IA . 41.94 -29.22 44.41
C4A CLA IA . 41.30 -29.61 43.08
CMA CLA IA . 43.45 -29.32 44.36
CAA CLA IA . 40.54 -27.72 45.84
CBA CLA IA . 39.87 -29.06 46.08
CGA CLA IA . 38.55 -28.87 46.76
O1A CLA IA . 38.03 -27.82 47.14
O2A CLA IA . 37.86 -30.03 46.98
NB CLA IA . 40.22 -30.65 40.47
C1B CLA IA . 40.98 -31.35 41.34
C2B CLA IA . 41.26 -32.71 40.81
C3B CLA IA . 40.62 -32.79 39.60
C4B CLA IA . 39.94 -31.48 39.36
CMB CLA IA . 42.08 -33.68 41.53
CAB CLA IA . 40.56 -33.87 38.64
CBB CLA IA . 41.55 -34.69 38.32
NC CLA IA . 38.73 -28.74 38.80
C1C CLA IA . 38.65 -29.85 37.99
C2C CLA IA . 37.89 -29.54 36.79
C3C CLA IA . 37.53 -28.20 36.89
C4C CLA IA . 38.06 -27.71 38.16
CMC CLA IA . 37.60 -30.49 35.72
CAC CLA IA . 36.76 -27.41 35.91
CBC CLA IA . 35.32 -27.20 36.33
ND CLA IA . 39.14 -26.77 40.74
C1D CLA IA . 38.40 -25.94 39.86
C2D CLA IA . 38.30 -24.58 40.44
C3D CLA IA . 38.94 -24.64 41.65
C4D CLA IA . 39.45 -26.02 41.80
CMD CLA IA . 37.61 -23.45 39.81
CAD CLA IA . 39.34 -23.90 42.84
OBD CLA IA . 39.16 -22.72 43.12
CBD CLA IA . 40.09 -24.91 43.77
CGD CLA IA . 41.48 -24.41 44.11
O1D CLA IA . 41.86 -23.88 45.16
O2D CLA IA . 42.38 -24.58 43.10
CED CLA IA . 43.75 -24.27 43.37
C1 CLA IA . 36.48 -29.89 47.34
C2 CLA IA . 35.82 -31.17 46.98
C3 CLA IA . 35.61 -32.16 47.86
C4 CLA IA . 36.02 -32.06 49.28
C5 CLA IA . 34.94 -33.43 47.43
C6 CLA IA . 33.94 -33.95 48.44
C7 CLA IA . 33.28 -35.21 47.93
MG CLA JA . 35.36 -23.06 32.01
CHA CLA JA . 36.19 -20.30 33.93
CHB CLA JA . 33.49 -24.29 34.58
CHC CLA JA . 34.44 -25.69 30.01
CHD CLA JA . 37.33 -21.75 29.38
NA CLA JA . 34.94 -22.39 33.95
C1A CLA JA . 35.38 -21.20 34.56
C2A CLA JA . 34.83 -21.10 35.98
C3A CLA JA . 34.12 -22.45 36.20
C4A CLA JA . 34.16 -23.10 34.81
CMA CLA JA . 34.82 -23.28 37.23
CAA CLA JA . 33.85 -19.95 36.10
CBA CLA JA . 32.81 -19.97 35.01
CGA CLA JA . 31.63 -19.12 35.37
O1A CLA JA . 30.50 -19.12 34.87
O2A CLA JA . 31.89 -18.26 36.41
NB CLA JA . 34.20 -24.69 32.25
C1B CLA JA . 33.49 -24.99 33.37
C2B CLA JA . 32.68 -26.22 33.13
C3B CLA JA . 32.94 -26.63 31.83
C4B CLA JA . 33.92 -25.65 31.26
CMB CLA JA . 31.80 -26.80 34.15
CAB CLA JA . 32.43 -27.74 31.08
CBB CLA JA . 31.16 -28.18 31.08
NC CLA JA . 35.83 -23.62 30.05
C1C CLA JA . 35.33 -24.74 29.43
C2C CLA JA . 35.84 -24.82 28.07
C3C CLA JA . 36.66 -23.71 27.88
C4C CLA JA . 36.65 -22.96 29.14
CMC CLA JA . 35.49 -25.90 27.14
CAC CLA JA . 37.40 -23.30 26.67
CBC CLA JA . 38.41 -24.29 26.12
ND CLA JA . 36.52 -21.44 31.67
C1D CLA JA . 37.29 -21.03 30.55
C2D CLA JA . 37.96 -19.75 30.86
C3D CLA JA . 37.56 -19.42 32.15
C4D CLA JA . 36.67 -20.50 32.61
CMD CLA JA . 38.84 -19.01 29.96
CAD CLA JA . 37.67 -18.46 33.23
OBD CLA JA . 38.30 -17.40 33.30
CBD CLA JA . 36.80 -18.99 34.42
CGD CLA JA . 37.59 -19.19 35.67
O1D CLA JA . 38.51 -19.98 35.87
O2D CLA JA . 37.21 -18.39 36.70
CED CLA JA . 37.40 -16.97 36.55
C1 CLA JA . 30.76 -17.53 36.92
O6 SQD KA . 35.52 -45.80 38.42
C44 SQD KA . 34.42 -45.89 39.30
C45 SQD KA . 34.11 -44.59 40.03
C46 SQD KA . 32.77 -44.77 40.75
O47 SQD KA . 35.09 -44.34 41.02
C7 SQD KA . 35.58 -42.97 40.97
O49 SQD KA . 36.20 -42.60 39.99
C8 SQD KA . 35.29 -42.04 42.14
C9 SQD KA . 36.35 -40.96 42.26
C10 SQD KA . 36.02 -39.75 41.38
C11 SQD KA . 34.80 -38.99 41.88
C12 SQD KA . 35.12 -38.17 43.11
C13 SQD KA . 34.15 -36.99 43.26
C14 SQD KA . 32.71 -37.48 43.41
O48 SQD KA . 31.87 -43.73 40.39
C23 SQD KA . 30.68 -43.50 41.18
O10 SQD KA . 30.51 -44.18 42.19
C24 SQD KA . 29.67 -42.46 40.78
C25 SQD KA . 28.69 -42.20 41.92
C26 SQD KA . 27.85 -40.98 41.60
C27 SQD KA . 26.86 -40.69 42.74
C1 SQD KA . 35.78 -47.09 37.88
C2 SQD KA . 36.91 -47.04 36.87
O2 SQD KA . 36.48 -47.63 35.64
C3 SQD KA . 38.06 -47.85 37.41
O3 SQD KA . 38.37 -47.32 38.70
C4 SQD KA . 37.59 -49.28 37.60
O4 SQD KA . 37.14 -49.78 36.34
C5 SQD KA . 36.44 -49.29 38.60
C6 SQD KA . 36.83 -50.04 39.87
O5 SQD KA . 36.12 -47.95 38.97
S SQD KA . 35.78 -51.31 40.14
O7 SQD KA . 36.36 -52.52 39.65
O8 SQD KA . 35.51 -51.43 41.74
O9 SQD KA . 34.54 -51.04 39.48
C1 A1L1G LA . -23.86 65.78 -45.49
C5 A1L1G LA . -24.35 67.74 -46.99
C4 A1L1G LA . -23.89 66.98 -43.31
C3 A1L1G LA . -22.60 67.93 -45.22
C2 A1L1G LA . -23.49 63.39 -46.45
C10 A1L1G LA . -24.96 64.73 -43.46
C11 A1L1G LA . -24.65 66.02 -44.21
C12 A1L1G LA . -22.20 66.52 -47.24
C14 A1L1G LA . -20.51 45.91 -51.95
C17 A1L1G LA . -20.39 44.01 -49.64
C18 A1L1G LA . -23.39 45.60 -52.71
C19 A1L1G LA . -21.86 44.66 -54.44
C20 A1L1G LA . -21.12 43.63 -50.90
C21 A1L1G LA . -22.14 42.54 -50.77
C22 A1L1G LA . -22.47 42.06 -52.16
C23 A1L1G LA . -23.15 43.16 -52.96
C24 A1L1G LA . -22.38 44.49 -53.02
C25 A1L1G LA . -21.22 44.57 -52.03
C26 A1L1G LA . -18.80 48.17 -52.01
C27 A1L1G LA . -18.91 53.31 -49.31
C28 A1L1G LA . -24.37 57.56 -47.40
C29 A1L1G LA . -20.88 46.99 -51.27
C30 A1L1G LA . -20.17 48.19 -51.39
C31 A1L1G LA . -20.70 49.41 -50.97
C32 A1L1G LA . -20.02 50.56 -50.61
C33 A1L1G LA . -20.28 51.27 -49.45
C34 A1L1G LA . -20.22 52.64 -49.25
C35 A1L1G LA . -21.34 53.45 -48.99
C36 A1L1G LA . -21.38 54.82 -48.93
C37 A1L1G LA . -22.22 55.70 -48.27
C38 A1L1G LA . -22.02 57.02 -47.87
C39 A1L1G LA . -22.96 57.99 -47.54
C40 A1L1G LA . -22.66 59.35 -47.35
C41 A1L1G LA . -23.30 60.27 -46.54
C42 A1L1G LA . -24.40 61.06 -46.82
C43 A1L1G LA . -25.96 62.95 -46.48
C44 A1L1G LA . -24.59 62.42 -46.59
C45 A1L1G LA . -23.70 64.57 -45.95
C6 A1L1G LA . -23.26 66.98 -46.23
C8 A1L1G LA . -23.48 68.25 -44.03
O13 A1L1G LA . -17.90 48.85 -51.17
O15 A1L1G LA . -20.28 43.47 -52.07
O16 A1L1G LA . -23.34 40.94 -52.08
O7 A1L1G LA . -22.79 69.12 -43.13
O9 A1L1G LA . -25.89 66.70 -44.52
C8 A1L1F MA . -39.13 37.12 -31.44
C5 A1L1F MA . -37.55 39.30 -32.83
C4 A1L1F MA . -38.14 36.54 -30.46
C6 A1L1F MA . -37.95 39.33 -31.36
C10 A1L1F MA . -35.73 36.63 -29.71
C11 A1L1F MA . -36.77 37.14 -30.71
C2 A1L1F MA . -35.39 39.92 -29.07
C3 A1L1F MA . -39.26 38.60 -31.16
C1 A1L1F MA . -36.91 38.62 -30.56
C12 A1L1F MA . -38.08 40.75 -30.87
C14 A1L1F MA . -24.74 50.54 -17.57
C17 A1L1F MA . -23.85 49.10 -15.38
C18 A1L1F MA . -23.82 53.26 -17.66
C19 A1L1F MA . -25.81 53.40 -16.23
C20 A1L1F MA . -24.28 50.52 -15.01
C21 A1L1F MA . -23.37 51.28 -14.05
C22 A1L1F MA . -23.90 52.69 -13.93
C23 A1L1F MA . -23.56 53.38 -15.22
C24 A1L1F MA . -24.41 52.83 -16.34
C25 A1L1F MA . -24.50 51.31 -16.31
C26 A1L1F MA . -24.97 49.06 -19.94
C27 A1L1F MA . -28.24 46.77 -23.09
C28 A1L1F MA . -34.47 43.58 -23.46
C29 A1L1F MA . -25.96 50.12 -17.84
C30 A1L1F MA . -26.16 49.36 -19.08
C31 A1L1F MA . -27.37 48.94 -19.43
C32 A1L1F MA . -27.61 48.17 -20.63
C33 A1L1F MA . -28.86 47.76 -20.83
C34 A1L1F MA . -29.23 46.96 -22.00
C35 A1L1F MA . -30.44 46.41 -22.07
C36 A1L1F MA . -30.83 45.61 -23.22
C37 A1L1F MA . -31.88 44.80 -23.15
C38 A1L1F MA . -32.22 44.00 -24.33
C39 A1L1F MA . -33.41 43.43 -24.49
C40 A1L1F MA . -33.67 42.65 -25.70
C41 A1L1F MA . -34.84 42.10 -26.02
C42 A1L1F MA . -34.83 41.36 -27.27
C43 A1L1F MA . -36.97 40.12 -27.01
C44 A1L1F MA . -35.73 40.50 -27.75
C45 A1L1F MA . -24.20 51.18 -20.98
C47 A1L1F MA . -24.58 52.35 -21.85
C48 A1L1F MA . -23.34 53.22 -22.09
C49 A1L1F MA . -22.83 53.04 -23.51
C50 A1L1F MA . -23.85 52.40 -24.43
C51 A1L1F MA . -23.27 51.18 -25.13
C52 A1L1F MA . -24.27 50.03 -25.12
C53 A1L1F MA . -23.57 48.70 -25.12
C54 A1L1F MA . -40.52 35.13 -31.29
C56 A1L1F MA . -41.14 34.48 -32.49
C57 A1L1F MA . -36.18 39.26 -29.79
O13 A1L1F MA . -24.98 49.96 -21.03
O15 A1L1F MA . -25.56 50.99 -15.40
O16 A1L1F MA . -23.22 53.32 -12.85
O46 A1L1F MA . -23.25 51.23 -20.24
O55 A1L1F MA . -40.12 34.49 -30.34
O7 A1L1F MA . -40.42 36.58 -31.23
O9 A1L1F MA . -36.39 36.78 -32.02
C1 XAT NA . -19.52 44.99 -33.15
C2 XAT NA . -19.19 45.64 -31.81
C3 XAT NA . -20.45 45.90 -31.01
C4 XAT NA . -20.93 44.53 -30.56
C5 XAT NA . -21.21 43.57 -31.72
C6 XAT NA . -20.58 43.87 -33.09
C7 XAT NA . -20.23 42.60 -33.86
C8 XAT NA . -20.54 42.51 -35.16
C9 XAT NA . -20.21 41.33 -35.95
C10 XAT NA . -19.31 41.46 -36.94
C11 XAT NA . -18.93 40.34 -37.79
C12 XAT NA . -18.13 40.60 -38.82
C13 XAT NA . -17.71 39.52 -39.72
C14 XAT NA . -16.81 39.77 -40.69
C15 XAT NA . -16.40 38.69 -41.58
C16 XAT NA . -18.26 44.39 -33.71
C17 XAT NA . -19.91 46.08 -34.13
C18 XAT NA . -21.33 42.06 -31.47
C19 XAT NA . -20.87 40.01 -35.69
C20 XAT NA . -18.30 38.15 -39.58
O3 XAT NA . -20.11 46.68 -29.87
O4 XAT NA . -21.96 44.11 -32.80
C21 XAT NA . -10.61 31.24 -49.80
C22 XAT NA . -10.36 30.01 -50.66
C23 XAT NA . -11.66 29.38 -51.09
C24 XAT NA . -12.26 30.37 -52.09
C25 XAT NA . -12.72 31.63 -51.34
C26 XAT NA . -11.91 32.01 -50.09
C27 XAT NA . -11.89 33.50 -49.82
C28 XAT NA . -12.49 33.87 -48.70
C29 XAT NA . -12.58 35.27 -48.23
C30 XAT NA . -13.24 35.48 -47.09
C31 XAT NA . -13.44 36.78 -46.47
C32 XAT NA . -14.21 36.77 -45.38
C33 XAT NA . -14.52 37.98 -44.60
C34 XAT NA . -15.27 37.82 -43.50
C35 XAT NA . -15.64 38.95 -42.65
C36 XAT NA . -9.45 32.20 -49.98
C37 XAT NA . -10.63 30.80 -48.34
C38 XAT NA . -13.22 32.87 -52.08
C39 XAT NA . -11.97 36.41 -49.00
C40 XAT NA . -14.03 39.33 -45.02
O23 XAT NA . -11.42 28.13 -51.74
O24 XAT NA . -13.21 31.37 -50.03
C1 XAT OA . -32.59 50.47 -36.01
C2 XAT OA . -32.24 50.99 -34.62
C3 XAT OA . -32.78 50.02 -33.60
C4 XAT OA . -31.82 48.85 -33.62
C5 XAT OA . -31.73 48.17 -34.99
C6 XAT OA . -32.14 48.99 -36.24
C7 XAT OA . -31.37 48.65 -37.52
C8 XAT OA . -30.10 49.00 -37.79
C9 XAT OA . -29.47 48.62 -39.06
C10 XAT OA . -28.23 49.07 -39.30
C11 XAT OA . -27.52 48.79 -40.53
C12 XAT OA . -26.26 49.22 -40.61
C13 XAT OA . -25.43 49.02 -41.80
C14 XAT OA . -24.19 49.52 -41.80
C15 XAT OA . -23.34 49.38 -42.97
C16 XAT OA . -32.02 51.46 -37.02
C17 XAT OA . -34.10 50.51 -36.18
C18 XAT OA . -30.64 47.11 -35.23
C19 XAT OA . -30.20 47.78 -40.07
C20 XAT OA . -25.98 48.29 -43.00
O3 XAT OA . -32.80 50.63 -32.31
O4 XAT OA . -32.98 47.98 -35.66
C21 XAT OA . -14.32 48.51 -51.24
C22 XAT OA . -13.55 48.35 -52.53
C23 XAT OA . -14.21 49.14 -53.64
C24 XAT OA . -13.90 50.59 -53.32
C25 XAT OA . -14.66 51.00 -52.06
C26 XAT OA . -14.96 49.90 -51.03
C27 XAT OA . -15.01 50.41 -49.60
C28 XAT OA . -16.18 50.23 -49.01
C29 XAT OA . -16.50 50.63 -47.63
C30 XAT OA . -17.69 50.25 -47.16
C31 XAT OA . -18.19 50.57 -45.84
C32 XAT OA . -19.44 50.17 -45.62
C33 XAT OA . -20.15 50.39 -44.35
C34 XAT OA . -21.35 49.83 -44.20
C35 XAT OA . -22.15 49.98 -43.01
C36 XAT OA . -13.39 48.21 -50.06
C37 XAT OA . -15.42 47.46 -51.21
C38 XAT OA . -14.42 52.35 -51.36
C39 XAT OA . -15.55 51.44 -46.80
C40 XAT OA . -19.56 51.24 -43.25
O23 XAT OA . -13.64 48.78 -54.90
O24 XAT OA . -15.95 50.41 -51.92
O01 45D PA . -16.44 45.23 -53.40
O02 45D PA . -12.97 23.87 -38.54
C03 45D PA . -18.17 42.07 -55.21
C04 45D PA . -16.33 25.78 -37.40
C05 45D PA . -17.62 43.21 -56.03
C06 45D PA . -16.42 24.46 -38.14
C07 45D PA . -17.36 41.91 -53.94
C08 45D PA . -15.11 26.50 -37.89
C09 45D PA . -17.74 44.48 -55.22
C10 45D PA . -15.20 23.62 -37.80
C11 45D PA . -18.09 40.78 -56.00
C12 45D PA . -19.59 42.39 -54.82
C13 45D PA . -17.53 26.65 -37.70
C14 45D PA . -16.19 25.55 -35.91
C15 45D PA . -16.64 42.93 -53.51
C16 45D PA . -13.95 25.85 -37.90
C17 45D PA . -16.90 44.28 -53.99
C18 45D PA . -13.97 24.42 -38.12
C19 45D PA . -17.40 40.64 -53.20
C20 45D PA . -15.21 27.89 -38.35
C21 45D PA . -15.55 42.73 -52.49
C22 45D PA . -12.66 26.57 -37.66
C23 45D PA . -16.40 39.78 -53.33
C24 45D PA . -15.38 28.14 -39.64
C25 45D PA . -16.37 38.49 -52.63
C26 45D PA . -15.48 29.53 -40.07
C27 45D PA . -16.22 37.25 -53.46
C28 45D PA . -15.24 30.64 -39.10
C29 45D PA . -16.47 38.38 -51.31
C30 45D PA . -15.78 29.80 -41.34
C31 45D PA . -16.42 37.06 -50.71
C32 45D PA . -15.88 31.17 -41.83
C33 45D PA . -16.85 36.86 -49.47
C34 45D PA . -16.43 31.35 -43.01
C35 45D PA . -16.80 35.53 -48.85
C36 45D PA . -16.54 32.69 -43.59
C37 45D PA . -16.78 35.44 -47.52
C38 45D PA . -16.83 32.79 -44.89
C39 45D PA . -16.76 34.31 -49.70
C40 45D PA . -16.30 33.90 -42.74
C41 45D PA . -16.72 34.16 -46.84
C42 45D PA . -16.92 34.09 -45.54
C1 A1L1G QA . -36.71 35.08 -24.61
C5 A1L1G QA . -38.75 35.74 -23.31
C4 A1L1G QA . -37.68 33.12 -25.86
C3 A1L1G QA . -38.06 33.34 -23.41
C2 A1L1G QA . -34.61 36.62 -24.46
C10 A1L1G QA . -35.98 34.55 -26.97
C11 A1L1G QA . -37.13 34.53 -25.98
C12 A1L1G QA . -36.72 34.99 -22.10
C14 A1L1G QA . -22.20 45.22 -12.91
C17 A1L1G QA . -19.87 46.57 -14.13
C18 A1L1G QA . -23.18 48.23 -11.85
C19 A1L1G QA . -23.21 46.29 -10.28
C20 A1L1G QA . -20.36 46.99 -12.78
C21 A1L1G QA . -20.00 48.38 -12.34
C22 A1L1G QA . -20.27 48.73 -10.89
C23 A1L1G QA . -21.33 47.86 -10.23
C24 A1L1G QA . -22.32 47.16 -11.17
C25 A1L1G QA . -21.52 46.33 -12.16
C26 A1L1G QA . -23.73 42.78 -12.48
C27 A1L1G QA . -27.01 39.95 -15.54
C28 A1L1G QA . -31.86 41.26 -21.22
C29 A1L1G QA . -23.48 45.13 -13.30
C30 A1L1G QA . -24.16 43.91 -13.36
C31 A1L1G QA . -25.22 43.72 -14.23
C32 A1L1G QA . -25.72 42.52 -14.70
C33 A1L1G QA . -26.28 42.28 -15.93
C34 A1L1G QA . -27.11 41.20 -16.32
C35 A1L1G QA . -28.01 41.26 -17.39
C36 A1L1G QA . -28.82 40.25 -17.88
C37 A1L1G QA . -29.97 40.31 -18.65
C38 A1L1G QA . -30.17 39.97 -19.97
C39 A1L1G QA . -31.37 39.97 -20.70
C40 A1L1G QA . -32.12 38.81 -20.96
C41 A1L1G QA . -33.35 38.72 -21.57
C42 A1L1G QA . -33.85 37.66 -22.29
C43 A1L1G QA . -35.38 38.90 -23.77
C44 A1L1G QA . -34.58 37.70 -23.47
C45 A1L1G QA . -35.64 35.82 -24.52
C6 A1L1G QA . -37.54 34.79 -23.37
C8 A1L1G QA . -38.69 32.99 -24.73
O13 A1L1G QA . -22.71 42.04 -13.12
O15 A1L1G QA . -20.18 46.00 -11.74
O16 A1L1G QA . -20.68 50.09 -10.81
O7 A1L1G QA . -39.17 31.64 -24.69
O9 A1L1G QA . -38.22 35.33 -26.49
O1 LHG RA . -27.20 22.57 -26.62
C1 LHG RA . -26.47 22.70 -27.80
C2 LHG RA . -27.32 22.20 -28.96
O2 LHG RA . -26.60 22.27 -30.14
C3 LHG RA . -28.62 23.02 -29.08
O3 LHG RA . -28.45 24.24 -28.40
P LHG RA . -27.97 25.56 -29.26
O4 LHG RA . -27.68 25.14 -30.68
O5 LHG RA . -29.06 26.59 -29.25
O6 LHG RA . -26.59 26.18 -28.56
C4 LHG RA . -26.09 27.43 -29.04
C5 LHG RA . -24.59 27.28 -29.31
C6 LHG RA . -23.89 26.68 -28.09
O7 LHG RA . -24.41 26.42 -30.41
C7 LHG RA . -23.08 26.26 -30.83
O9 LHG RA . -22.51 25.25 -30.63
C8 LHG RA . -22.36 27.42 -31.58
C9 LHG RA . -20.86 27.11 -31.82
O8 LHG RA . -24.53 27.17 -26.95
C23 LHG RA . -23.85 28.22 -26.33
O10 LHG RA . -23.89 29.31 -26.80
C24 LHG RA . -23.07 27.97 -25.02
C25 LHG RA . -23.17 29.14 -24.05
C26 LHG RA . -22.40 30.24 -24.25
C27 LHG RA . -22.50 31.46 -23.26
C28 LHG RA . -21.11 32.09 -22.99
C29 LHG RA . -20.16 31.14 -22.21
C30 LHG RA . -19.78 31.70 -20.81
C31 LHG RA . -20.43 30.92 -19.66
C32 LHG RA . -19.82 29.50 -19.51
C33 LHG RA . -18.75 29.41 -18.42
C34 LHG RA . -19.19 28.49 -17.23
C35 LHG RA . -18.02 27.72 -16.62
C36 LHG RA . -17.77 26.37 -17.31
C37 LHG RA . -18.03 25.18 -16.38
C38 LHG RA . -17.36 23.90 -16.88
MG CLA SA . -20.15 35.54 -47.79
CHA CLA SA . -20.68 33.86 -50.77
CHB CLA SA . -20.74 32.66 -46.06
CHC CLA SA . -19.39 37.20 -44.88
CHD CLA SA . -19.70 38.54 -49.62
NA CLA SA . -20.63 33.59 -48.35
C1A CLA SA . -20.78 33.09 -49.65
C2A CLA SA . -21.10 31.60 -49.62
C3A CLA SA . -21.27 31.28 -48.11
C4A CLA SA . -20.84 32.58 -47.44
CMA CLA SA . -22.70 30.93 -47.78
CAA CLA SA . -19.90 30.85 -50.15
CBA CLA SA . -18.60 31.40 -49.60
CGA CLA SA . -17.56 30.33 -49.48
O1A CLA SA . -17.58 29.17 -49.90
O2A CLA SA . -16.44 30.74 -48.79
NB CLA SA . -20.03 35.01 -45.84
C1B CLA SA . -20.39 33.81 -45.34
C2B CLA SA . -20.38 33.86 -43.84
C3B CLA SA . -20.00 35.14 -43.50
C4B CLA SA . -19.78 35.89 -44.77
CMB CLA SA . -20.72 32.71 -43.01
CAB CLA SA . -19.82 35.74 -42.21
CBB CLA SA . -19.19 35.18 -41.17
NC CLA SA . -19.63 37.50 -47.34
C1C CLA SA . -19.33 37.95 -46.09
C2C CLA SA . -18.94 39.35 -46.16
C3C CLA SA . -19.08 39.76 -47.48
C4C CLA SA . -19.52 38.59 -48.22
CMC CLA SA . -18.50 40.15 -45.02
CAC CLA SA . -18.79 41.09 -48.03
CBC CLA SA . -17.34 41.25 -48.37
ND CLA SA . -20.22 36.15 -49.72
C1D CLA SA . -20.02 37.41 -50.33
C2D CLA SA . -20.19 37.26 -51.79
C3D CLA SA . -20.42 35.92 -52.02
C4D CLA SA . -20.43 35.27 -50.70
CMD CLA SA . -20.09 38.37 -52.75
CAD CLA SA . -20.68 34.88 -53.01
OBD CLA SA . -20.76 34.98 -54.23
CBD CLA SA . -20.84 33.54 -52.24
CGD CLA SA . -22.17 32.88 -52.50
O1D CLA SA . -23.29 33.30 -52.19
O2D CLA SA . -22.07 31.68 -53.13
CED CLA SA . -22.18 31.67 -54.55
C1 CLA SA . -15.87 29.79 -47.87
C2 CLA SA . -14.71 30.44 -47.23
C3 CLA SA . -14.05 29.90 -46.19
C4 CLA SA . -14.46 28.61 -45.60
C5 CLA SA . -12.88 30.58 -45.59
C6 CLA SA . -13.25 31.48 -44.42
C7 CLA SA . -12.71 32.88 -44.62
C8 CLA SA . -11.63 33.22 -43.58
C9 CLA SA . -12.08 32.84 -42.19
C10 CLA SA . -11.26 34.70 -43.65
C11 CLA SA . -12.14 35.56 -42.77
C12 CLA SA . -11.30 36.47 -41.89
C13 CLA SA . -11.99 37.80 -41.64
C14 CLA SA . -11.33 38.89 -42.48
C15 CLA SA . -11.96 38.17 -40.17
C16 CLA SA . -12.39 39.60 -39.92
C17 CLA SA . -12.25 39.98 -38.47
C18 CLA SA . -12.90 41.31 -38.11
C19 CLA SA . -11.91 42.44 -38.20
C20 CLA SA . -14.11 41.59 -38.98
MG CLA TA . -19.60 35.15 -35.67
CHA CLA TA . -21.53 32.27 -35.89
CHB CLA TA . -21.60 36.29 -33.18
CHC CLA TA . -17.53 37.85 -35.34
CHD CLA TA . -17.59 33.93 -38.32
NA CLA TA . -21.30 34.39 -34.73
C1A CLA TA . -21.95 33.17 -34.95
C2A CLA TA . -23.16 33.01 -34.04
C3A CLA TA . -23.28 34.40 -33.38
C4A CLA TA . -21.97 35.10 -33.76
CMA CLA TA . -24.48 35.13 -33.92
CAA CLA TA . -22.90 31.93 -33.00
CBA CLA TA . -21.68 32.25 -32.15
CGA CLA TA . -21.48 31.21 -31.10
O1A CLA TA . -22.30 30.46 -30.59
O2A CLA TA . -20.18 31.14 -30.68
NB CLA TA . -19.60 36.80 -34.52
C1B CLA TA . -20.44 37.02 -33.48
C2B CLA TA . -19.96 38.17 -32.68
C3B CLA TA . -18.81 38.63 -33.28
C4B CLA TA . -18.56 37.76 -34.46
CMB CLA TA . -20.67 38.64 -31.49
CAB CLA TA . -17.95 39.72 -32.92
CBB CLA TA . -16.62 39.67 -32.77
NC CLA TA . -17.88 35.78 -36.68
C1C CLA TA . -17.20 36.93 -36.38
C2C CLA TA . -16.06 37.08 -37.27
C3C CLA TA . -16.06 35.96 -38.11
C4C CLA TA . -17.22 35.16 -37.73
CMC CLA TA . -15.11 38.19 -37.23
CAC CLA TA . -15.10 35.66 -39.19
CBC CLA TA . -14.11 34.58 -38.78
ND CLA TA . -19.52 33.52 -36.86
C1D CLA TA . -18.65 33.15 -37.93
C2D CLA TA . -19.09 31.85 -38.48
C3D CLA TA . -20.16 31.45 -37.71
C4D CLA TA . -20.40 32.54 -36.73
CMD CLA TA . -18.45 31.14 -39.58
CAD CLA TA . -21.18 30.43 -37.49
OBD CLA TA . -21.36 29.38 -38.07
CBD CLA TA . -22.09 30.94 -36.32
CGD CLA TA . -23.53 31.05 -36.74
O1D CLA TA . -24.15 32.07 -37.06
O2D CLA TA . -24.19 29.85 -36.77
CED CLA TA . -25.43 29.79 -37.47
C1 CLA TA . -19.97 31.16 -29.26
MG CLA UA . -31.28 45.24 -16.82
CHA CLA UA . -29.07 44.88 -14.15
CHB CLA UA . -30.41 48.52 -17.12
CHC CLA UA . -33.51 45.54 -19.42
CHD CLA UA . -32.14 41.82 -16.50
NA CLA UA . -29.94 46.47 -15.79
C1A CLA UA . -29.12 46.14 -14.71
C2A CLA UA . -28.31 47.36 -14.26
C3A CLA UA . -28.74 48.48 -15.24
C4A CLA UA . -29.77 47.79 -16.13
CMA CLA UA . -29.32 49.68 -14.52
CAA CLA UA . -26.81 47.12 -14.36
CBA CLA UA . -26.20 47.21 -12.98
CGA CLA UA . -26.54 48.54 -12.38
O1A CLA UA . -26.53 49.65 -12.92
O2A CLA UA . -26.89 48.47 -11.07
NB CLA UA . -31.85 46.74 -18.03
C1B CLA UA . -31.37 48.01 -18.01
C2B CLA UA . -32.01 48.83 -19.08
C3B CLA UA . -32.89 47.99 -19.74
C4B CLA UA . -32.80 46.65 -19.08
CMB CLA UA . -31.69 50.23 -19.30
CAB CLA UA . -33.78 48.24 -20.85
CBB CLA UA . -33.48 48.95 -21.94
NC CLA UA . -32.57 43.91 -17.78
C1C CLA UA . -33.41 44.25 -18.82
C2C CLA UA . -34.19 43.09 -19.24
C3C CLA UA . -33.79 42.03 -18.42
C4C CLA UA . -32.78 42.56 -17.51
CMC CLA UA . -35.17 43.09 -20.32
CAC CLA UA . -34.29 40.66 -18.45
CBC CLA UA . -35.56 40.48 -17.63
ND CLA UA . -30.75 43.67 -15.66
C1D CLA UA . -31.19 42.31 -15.63
C2D CLA UA . -30.48 41.60 -14.56
C3D CLA UA . -29.66 42.53 -13.95
C4D CLA UA . -29.87 43.80 -14.68
CMD CLA UA . -30.66 40.19 -14.24
CAD CLA UA . -28.67 42.78 -12.91
OBD CLA UA . -28.18 42.00 -12.10
CBD CLA UA . -28.29 44.29 -13.01
CGD CLA UA . -28.53 44.98 -11.69
O1D CLA UA . -28.01 44.72 -10.60
O2D CLA UA . -29.44 46.00 -11.75
CED CLA UA . -29.67 46.75 -10.55
C1 CLA UA . -26.56 49.61 -10.26
MG CLA VA . -26.82 37.69 -30.22
CHA CLA VA . -30.12 38.28 -31.10
CHB CLA VA . -26.33 41.04 -29.90
CHC CLA VA . -23.67 37.04 -29.05
CHD CLA VA . -27.36 34.23 -30.71
NA CLA VA . -28.04 39.36 -30.49
C1A CLA VA . -29.39 39.39 -30.82
C2A CLA VA . -29.89 40.83 -30.91
C3A CLA VA . -28.57 41.62 -30.90
C4A CLA VA . -27.56 40.63 -30.36
CMA CLA VA . -28.24 41.90 -32.33
CAA CLA VA . -30.72 41.17 -29.68
CBA CLA VA . -30.73 42.66 -29.41
CGA CLA VA . -32.15 43.16 -29.41
O1A CLA VA . -33.12 42.71 -28.80
O2A CLA VA . -32.33 44.26 -30.20
NB CLA VA . -25.28 38.83 -29.58
C1B CLA VA . -25.31 40.18 -29.44
C2B CLA VA . -24.05 40.64 -28.79
C3B CLA VA . -23.30 39.52 -28.55
C4B CLA VA . -24.06 38.35 -29.07
CMB CLA VA . -23.76 42.05 -28.52
CAB CLA VA . -21.99 39.41 -27.95
CBB CLA VA . -21.64 38.59 -26.97
NC CLA VA . -25.70 35.95 -29.97
C1C CLA VA . -24.42 35.91 -29.49
C2C CLA VA . -23.95 34.54 -29.43
C3C CLA VA . -24.99 33.74 -29.90
C4C CLA VA . -26.10 34.63 -30.23
CMC CLA VA . -22.63 34.13 -28.96
CAC CLA VA . -25.01 32.27 -30.02
CBC CLA VA . -25.62 31.61 -28.81
ND CLA VA . -28.31 36.49 -30.85
C1D CLA VA . -28.42 35.08 -31.00
C2D CLA VA . -29.78 34.74 -31.47
C3D CLA VA . -30.49 35.93 -31.50
C4D CLA VA . -29.54 36.98 -31.10
CMD CLA VA . -30.25 33.38 -31.76
CAD CLA VA . -31.75 36.58 -31.79
OBD CLA VA . -32.81 36.09 -32.18
CBD CLA VA . -31.56 38.11 -31.53
CGD CLA VA . -31.82 38.92 -32.77
O1D CLA VA . -31.71 38.55 -33.94
O2D CLA VA . -32.22 40.20 -32.55
CED CLA VA . -33.47 40.45 -31.90
C1 CLA VA . -33.55 44.99 -30.01
MG CLA WA . -34.34 41.28 -39.98
CHA CLA WA . -36.69 38.74 -39.68
CHB CLA WA . -35.63 42.12 -43.01
CHC CLA WA . -32.15 43.93 -40.12
CHD CLA WA . -32.98 40.33 -36.84
NA CLA WA . -35.90 40.52 -41.14
C1A CLA WA . -36.79 39.48 -40.83
C2A CLA WA . -37.80 39.28 -41.97
C3A CLA WA . -37.24 40.18 -43.08
C4A CLA WA . -36.21 41.03 -42.36
CMA CLA WA . -36.61 39.35 -44.18
CAA CLA WA . -39.16 39.89 -41.68
CBA CLA WA . -40.01 39.21 -40.63
CGA CLA WA . -40.19 40.13 -39.46
O1A CLA WA . -40.48 39.86 -38.30
O2A CLA WA . -39.97 41.45 -39.79
NB CLA WA . -33.97 42.74 -41.31
C1B CLA WA . -34.64 42.95 -42.47
C2B CLA WA . -34.12 44.18 -43.15
C3B CLA WA . -33.14 44.69 -42.33
C4B CLA WA . -33.02 43.78 -41.16
CMB CLA WA . -34.66 44.64 -44.43
CAB CLA WA . -32.30 45.86 -42.47
CBB CLA WA . -31.92 46.43 -43.61
NC CLA WA . -32.83 41.98 -38.71
C1C CLA WA . -32.05 43.08 -38.97
C2C CLA WA . -31.12 43.29 -37.88
C3C CLA WA . -31.35 42.28 -36.95
C4C CLA WA . -32.43 41.46 -37.48
CMC CLA WA . -30.13 44.37 -37.82
CAC CLA WA . -30.64 42.08 -35.68
CBC CLA WA . -31.29 42.84 -34.55
ND CLA WA . -34.68 39.87 -38.57
C1D CLA WA . -34.04 39.58 -37.33
C2D CLA WA . -34.69 38.40 -36.72
C3D CLA WA . -35.71 38.04 -37.58
C4D CLA WA . -35.67 39.00 -38.71
CMD CLA WA . -34.31 37.78 -35.46
CAD CLA WA . -36.79 37.11 -37.83
OBD CLA WA . -37.18 36.16 -37.15
CBD CLA WA . -37.45 37.53 -39.18
CGD CLA WA . -37.39 36.40 -40.17
O1D CLA WA . -36.67 36.31 -41.16
O2D CLA WA . -38.27 35.39 -39.92
CED CLA WA . -37.84 34.05 -40.17
C1 CLA WA . -39.10 42.20 -38.90
MG CLA XA . -29.17 50.41 -45.90
CHA CLA XA . -30.31 49.36 -49.00
CHB CLA XA . -32.25 49.83 -44.56
CHC CLA XA . -28.06 51.70 -42.91
CHD CLA XA . -25.98 50.98 -47.32
NA CLA XA . -30.96 49.66 -46.67
C1A CLA XA . -31.24 49.30 -48.00
C2A CLA XA . -32.69 48.82 -48.13
C3A CLA XA . -33.22 48.84 -46.66
C4A CLA XA . -32.08 49.49 -45.89
CMA CLA XA . -34.52 49.60 -46.55
CAA CLA XA . -32.76 47.42 -48.71
CBA CLA XA . -33.60 47.45 -49.96
CGA CLA XA . -32.87 46.87 -51.14
O1A CLA XA . -33.02 47.14 -52.34
O2A CLA XA . -31.95 45.93 -50.79
NB CLA XA . -30.01 50.72 -44.09
C1B CLA XA . -31.28 50.42 -43.74
C2B CLA XA . -31.52 50.83 -42.32
C3B CLA XA . -30.35 51.36 -41.86
C4B CLA XA . -29.36 51.29 -42.96
CMB CLA XA . -32.81 50.64 -41.65
CAB CLA XA . -30.01 51.89 -40.56
CBB CLA XA . -30.69 52.85 -39.94
NC CLA XA . -27.34 51.16 -45.23
C1C CLA XA . -27.11 51.62 -43.97
C2C CLA XA . -25.73 52.11 -43.86
C3C CLA XA . -25.14 51.89 -45.10
C4C CLA XA . -26.15 51.30 -45.97
CMC CLA XA . -25.15 52.69 -42.65
CAC CLA XA . -23.76 52.22 -45.49
CBC CLA XA . -23.63 53.69 -45.82
ND CLA XA . -28.25 50.13 -47.68
C1D CLA XA . -26.94 50.44 -48.14
C2D CLA XA . -26.85 50.12 -49.58
C3D CLA XA . -28.10 49.71 -49.96
C4D CLA XA . -28.96 49.75 -48.75
CMD CLA XA . -25.63 50.26 -50.38
CAD CLA XA . -28.93 49.23 -51.06
OBD CLA XA . -28.62 48.96 -52.21
CBD CLA XA . -30.38 49.07 -50.49
CGD CLA XA . -31.34 50.01 -51.16
O1D CLA XA . -32.25 50.65 -50.63
O2D CLA XA . -31.17 50.13 -52.51
CED CLA XA . -32.27 50.60 -53.28
C1 CLA XA . -31.83 44.81 -51.69
MG CLA YA . -15.83 46.59 -28.97
CHA CLA YA . -14.90 49.15 -26.80
CHB CLA YA . -14.72 48.43 -31.60
CHC CLA YA . -16.34 43.89 -30.99
CHD CLA YA . -16.91 44.69 -26.18
NA CLA YA . -15.02 48.50 -29.15
C1A CLA YA . -14.69 49.41 -28.13
C2A CLA YA . -14.10 50.68 -28.72
C3A CLA YA . -14.35 50.54 -30.24
C4A CLA YA . -14.71 49.05 -30.37
CMA CLA YA . -15.44 51.45 -30.74
CAA CLA YA . -12.61 50.75 -28.39
CBA CLA YA . -11.82 49.57 -28.91
CGA CLA YA . -11.68 48.48 -27.87
O1A CLA YA . -11.01 48.49 -26.83
O2A CLA YA . -12.42 47.37 -28.15
NB CLA YA . -15.67 46.26 -30.95
C1B CLA YA . -15.03 47.08 -31.81
C2B CLA YA . -14.66 46.35 -33.05
C3B CLA YA . -15.11 45.06 -32.90
C4B CLA YA . -15.76 44.99 -31.56
CMB CLA YA . -13.96 47.00 -34.17
CAB CLA YA . -15.00 43.93 -33.80
CBB CLA YA . -15.17 43.96 -35.12
NC CLA YA . -16.61 44.68 -28.66
C1C CLA YA . -16.78 43.75 -29.64
C2C CLA YA . -17.36 42.54 -29.09
C3C CLA YA . -17.46 42.74 -27.71
C4C CLA YA . -16.99 44.09 -27.45
CMC CLA YA . -17.70 41.35 -29.86
CAC CLA YA . -17.99 41.79 -26.72
CBC CLA YA . -19.49 41.62 -26.80
ND CLA YA . -16.01 46.84 -26.97
C1D CLA YA . -16.44 45.96 -25.94
C2D CLA YA . -16.29 46.64 -24.63
C3D CLA YA . -15.69 47.86 -24.90
C4D CLA YA . -15.52 47.93 -26.37
CMD CLA YA . -16.66 46.07 -23.34
CAD CLA YA . -15.19 49.11 -24.35
OBD CLA YA . -15.21 49.50 -23.19
CBD CLA YA . -14.61 49.93 -25.53
CGD CLA YA . -15.10 51.36 -25.47
O1D CLA YA . -15.01 52.12 -24.51
O2D CLA YA . -15.69 51.85 -26.59
CED CLA YA . -15.43 53.22 -26.90
C1 CLA YA . -11.92 46.10 -27.69
C2 CLA YA . -12.93 45.07 -28.05
C3 CLA YA . -12.67 43.75 -28.07
C4 CLA YA . -11.33 43.21 -27.74
C5 CLA YA . -13.72 42.77 -28.45
C6 CLA YA . -13.23 41.69 -29.38
C7 CLA YA . -13.96 40.39 -29.13
C8 CLA YA . -13.86 39.42 -30.30
C9 CLA YA . -14.40 38.06 -29.90
C10 CLA YA . -12.42 39.28 -30.78
MG CLA ZA . -18.88 59.92 -44.88
CHA CLA ZA . -16.62 62.54 -45.08
CHB CLA ZA . -16.54 57.81 -46.16
CHC CLA ZA . -21.10 57.33 -44.52
CHD CLA ZA . -21.27 62.14 -43.48
NA CLA ZA . -16.91 60.17 -45.53
C1A CLA ZA . -16.14 61.33 -45.52
C2A CLA ZA . -14.74 61.07 -46.07
C3A CLA ZA . -14.79 59.60 -46.52
C4A CLA ZA . -16.17 59.14 -46.04
CMA CLA ZA . -14.64 59.44 -48.01
CAA CLA ZA . -13.69 61.27 -44.99
CBA CLA ZA . -12.34 60.72 -45.41
NB CLA ZA . -18.84 57.95 -45.31
C1B CLA ZA . -17.77 57.26 -45.76
C2B CLA ZA . -18.07 55.80 -45.78
C3B CLA ZA . -19.37 55.66 -45.33
C4B CLA ZA . -19.87 57.02 -45.02
CMB CLA ZA . -17.11 54.80 -46.22
CAB CLA ZA . -20.17 54.49 -45.12
CBB CLA ZA . -20.18 53.42 -45.93
NC CLA ZA . -20.84 59.78 -44.17
C1C CLA ZA . -21.57 58.62 -44.13
C2C CLA ZA . -22.89 58.86 -43.58
C3C CLA ZA . -22.94 60.23 -43.26
C4C CLA ZA . -21.64 60.79 -43.64
CMC CLA ZA . -23.91 57.84 -43.39
CAC CLA ZA . -24.07 60.97 -42.66
CBC CLA ZA . -25.27 61.10 -43.57
ND CLA ZA . -19.00 61.88 -44.39
C1D CLA ZA . -20.04 62.66 -43.84
C2D CLA ZA . -19.57 64.06 -43.71
C3D CLA ZA . -18.26 64.08 -44.17
C4D CLA ZA . -17.96 62.69 -44.58
CMD CLA ZA . -20.37 65.17 -43.19
CAD CLA ZA . -17.07 64.88 -44.42
OBD CLA ZA . -16.89 66.07 -44.25
CBD CLA ZA . -15.99 63.92 -45.01
CGD CLA ZA . -15.51 64.36 -46.36
O1D CLA ZA . -14.41 64.13 -46.87
O2D CLA ZA . -16.43 65.07 -47.06
CED CLA ZA . -17.28 64.36 -47.97
MG CLA AB . -13.79 29.99 -10.31
CHA CLA AB . -15.45 32.15 -8.16
CHB CLA AB . -13.12 32.59 -12.41
CHC CLA AB . -12.04 27.84 -12.32
CHD CLA AB . -14.39 27.35 -8.04
NA CLA AB . -14.24 32.03 -10.28
C1A CLA AB . -14.93 32.74 -9.28
C2A CLA AB . -15.02 34.22 -9.64
C3A CLA AB . -14.48 34.26 -11.09
C4A CLA AB . -13.88 32.88 -11.29
CMA CLA AB . -15.57 34.55 -12.09
CAA CLA AB . -14.05 35.01 -8.78
CBA CLA AB . -14.70 35.75 -7.62
CGA CLA AB . -15.05 37.14 -8.01
O1A CLA AB . -14.58 38.20 -7.59
O2A CLA AB . -16.02 37.20 -8.96
NB CLA AB . -12.82 30.17 -12.07
C1B CLA AB . -12.56 31.33 -12.71
C2B CLA AB . -11.58 31.10 -13.81
C3B CLA AB . -11.27 29.76 -13.79
C4B CLA AB . -12.07 29.15 -12.69
CMB CLA AB . -11.12 32.18 -14.68
CAB CLA AB . -10.39 28.95 -14.60
CBB CLA AB . -9.49 29.37 -15.49
NC CLA AB . -13.35 27.95 -10.22
C1C CLA AB . -12.65 27.27 -11.18
C2C CLA AB . -12.56 25.85 -10.82
C3C CLA AB . -13.17 25.73 -9.57
C4C CLA AB . -13.66 27.05 -9.20
CMC CLA AB . -11.89 24.84 -11.63
CAC CLA AB . -13.33 24.49 -8.79
CBC CLA AB . -12.07 24.10 -8.06
ND CLA AB . -14.70 29.73 -8.53
C1D CLA AB . -14.88 28.59 -7.70
C2D CLA AB . -15.67 28.97 -6.52
C3D CLA AB . -15.96 30.31 -6.66
C4D CLA AB . -15.30 30.75 -7.91
CMD CLA AB . -16.09 28.05 -5.45
CAD CLA AB . -16.63 31.48 -6.10
OBD CLA AB . -17.36 31.55 -5.12
CBD CLA AB . -16.29 32.68 -7.02
CGD CLA AB . -17.55 33.29 -7.54
O1D CLA AB . -17.72 34.46 -7.95
O2D CLA AB . -18.60 32.44 -7.57
CED CLA AB . -19.60 32.63 -8.59
C1 CLA AB . -17.34 37.60 -8.50
C2 CLA AB . -18.31 37.03 -9.47
C3 CLA AB . -19.27 37.77 -10.05
C4 CLA AB . -19.41 39.21 -9.75
C5 CLA AB . -20.22 37.16 -11.02
C6 CLA AB . -19.56 36.12 -11.90
C7 CLA AB . -20.58 35.17 -12.48
C8 CLA AB . -20.13 34.55 -13.79
C9 CLA AB . -18.80 33.85 -13.63
C10 CLA AB . -20.04 35.60 -14.89
C11 CLA AB . -20.07 34.96 -16.26
C12 CLA AB . -20.69 35.86 -17.29
C13 CLA AB . -21.23 35.05 -18.46
C14 CLA AB . -20.59 35.49 -19.77
C15 CLA AB . -22.75 35.16 -18.56
C16 CLA AB . -23.28 34.43 -19.78
C17 CLA AB . -24.60 35.00 -20.26
C18 CLA AB . -25.75 34.65 -19.31
C19 CLA AB . -26.28 35.88 -18.62
C20 CLA AB . -26.86 33.96 -20.07
O1 LHG BB . -16.45 8.64 -40.17
C1 LHG BB . -16.47 9.81 -39.43
C2 LHG BB . -17.03 10.93 -40.30
O2 LHG BB . -18.41 10.85 -40.33
C3 LHG BB . -16.47 10.79 -41.72
O3 LHG BB . -16.16 12.07 -42.20
P LHG BB . -14.69 12.71 -41.85
O4 LHG BB . -13.74 11.62 -41.45
O5 LHG BB . -14.15 13.43 -43.06
O6 LHG BB . -14.86 13.80 -40.59
C4 LHG BB . -14.56 13.35 -39.27
C5 LHG BB . -15.26 14.29 -38.26
C6 LHG BB . -16.13 15.29 -39.01
O7 LHG BB . -16.06 13.53 -37.38
C7 LHG BB . -16.02 13.97 -36.05
O9 LHG BB . -17.03 14.09 -35.45
C8 LHG BB . -14.67 14.28 -35.37
C9 LHG BB . -14.82 14.59 -33.88
C10 LHG BB . -13.46 14.87 -33.19
O8 LHG BB . -16.74 16.13 -38.08
C23 LHG BB . -16.27 17.44 -38.10
O10 LHG BB . -16.94 18.31 -38.56
C24 LHG BB . -14.87 17.77 -37.53
C11 LHG BB . -12.81 13.59 -32.58
C12 LHG BB . -12.84 13.60 -31.01
C13 LHG BB . -11.63 12.83 -30.39
C14 LHG BB . -10.79 13.73 -29.46
C15 LHG BB . -9.26 13.54 -29.66
C16 LHG BB . -8.47 14.82 -29.35
C17 LHG BB . -7.75 14.75 -28.00
C18 LHG BB . -7.55 16.14 -27.39
C19 LHG BB . -6.87 16.08 -26.03
C25 LHG BB . -14.93 18.88 -36.49
C26 LHG BB . -15.69 18.73 -35.37
C27 LHG BB . -15.71 19.88 -34.31
C28 LHG BB . -14.36 20.01 -33.56
C29 LHG BB . -14.27 21.31 -32.72
C30 LHG BB . -14.58 22.58 -33.57
C31 LHG BB . -13.32 23.37 -33.91
C32 LHG BB . -12.38 23.52 -32.69
C33 LHG BB . -10.92 23.76 -33.11
C34 LHG BB . -10.73 25.12 -33.83
C35 LHG BB . -9.25 25.49 -33.98
C36 LHG BB . -9.03 26.60 -35.01
C37 LHG BB . -9.48 27.98 -34.51
C38 LHG BB . -8.90 28.33 -33.13
MG CLA CB . -15.26 38.74 -20.45
CHA CLA CB . -14.18 42.02 -20.14
CHB CLA CB . -14.94 38.33 -17.08
CHC CLA CB . -16.59 35.59 -20.77
CHD CLA CB . -15.60 39.24 -23.94
NA CLA CB . -14.61 39.98 -18.89
C1A CLA CB . -14.23 41.32 -18.96
C2A CLA CB . -13.86 41.86 -17.59
C3A CLA CB . -13.91 40.61 -16.69
C4A CLA CB . -14.54 39.55 -17.60
CMA CLA CB . -12.53 40.19 -16.24
CAA CLA CB . -14.90 42.88 -17.21
CBA CLA CB . -14.79 43.38 -15.80
CGA CLA CB . -16.14 43.91 -15.39
O1A CLA CB . -16.87 44.69 -16.01
O2A CLA CB . -16.57 43.45 -14.18
NB CLA CB . -15.67 37.24 -19.17
C1B CLA CB . -15.51 37.28 -17.82
C2B CLA CB . -16.00 36.01 -17.22
C3B CLA CB . -16.47 35.23 -18.25
C4B CLA CB . -16.27 36.00 -19.51
CMB CLA CB . -15.95 35.73 -15.79
CAB CLA CB . -17.05 33.91 -18.21
CBB CLA CB . -16.57 32.84 -18.86
NC CLA CB . -15.92 37.61 -22.07
C1C CLA CB . -16.42 36.34 -21.98
C2C CLA CB . -16.80 35.86 -23.31
C3C CLA CB . -16.53 36.89 -24.20
C4C CLA CB . -15.98 37.99 -23.41
CMC CLA CB . -17.37 34.55 -23.59
CAC CLA CB . -16.75 36.90 -25.66
CBC CLA CB . -15.48 36.60 -26.43
ND CLA CB . -14.87 40.20 -21.80
C1D CLA CB . -15.08 40.28 -23.20
C2D CLA CB . -14.67 41.63 -23.67
C3D CLA CB . -14.32 42.34 -22.54
C4D CLA CB . -14.48 41.41 -21.40
CMD CLA CB . -14.70 42.08 -25.06
CAD CLA CB . -13.81 43.59 -22.00
OBD CLA CB . -13.46 44.60 -22.59
CBD CLA CB . -13.79 43.45 -20.45
CGD CLA CB . -12.46 43.79 -19.85
O1D CLA CB . -12.20 44.68 -19.04
O2D CLA CB . -11.46 42.98 -20.27
CED CLA CB . -10.22 43.59 -20.59
C1 CLA CB . -18.00 43.36 -14.00
C2 CLA CB . -18.27 42.10 -13.26
C3 CLA CB . -18.30 40.90 -13.87
C4 CLA CB . -18.56 39.65 -13.14
C5 CLA CB . -18.12 40.76 -15.34
C6 CLA CB . -19.25 39.95 -15.94
C7 CLA CB . -18.85 39.34 -17.26
C8 CLA CB . -18.68 40.41 -18.34
C9 CLA CB . -19.91 41.28 -18.41
C10 CLA CB . -18.38 39.74 -19.68
C11 CLA CB . -19.20 40.27 -20.82
C12 CLA CB . -20.12 39.20 -21.38
C13 CLA CB . -19.82 38.93 -22.85
C14 CLA CB . -19.27 40.16 -23.54
C15 CLA CB . -21.07 38.43 -23.58
C16 CLA CB . -21.44 37.03 -23.13
C17 CLA CB . -22.37 36.37 -24.13
C1 XAT DB . -1.50 57.11 -54.06
C2 XAT DB . -1.71 58.57 -54.41
C3 XAT DB . -0.45 59.13 -55.02
C4 XAT DB . -0.38 58.54 -56.41
C5 XAT DB . -0.35 57.01 -56.43
C6 XAT DB . -0.87 56.27 -55.17
C7 XAT DB . -1.54 54.97 -55.53
C8 XAT DB . -0.93 53.82 -55.21
C9 XAT DB . -1.53 52.52 -55.53
C10 XAT DB . -0.73 51.47 -55.72
C11 XAT DB . -1.23 50.15 -56.04
C12 XAT DB . -0.35 49.21 -56.36
C13 XAT DB . -0.76 47.84 -56.70
C14 XAT DB . 0.18 46.90 -56.85
C15 XAT DB . -0.14 45.52 -57.17
C16 XAT DB . -2.85 56.51 -53.69
C17 XAT DB . -0.63 57.02 -52.81
C18 XAT DB . -0.65 56.23 -57.71
C19 XAT DB . -3.02 52.37 -55.64
C20 XAT DB . -2.21 47.50 -56.86
O3 XAT DB . -0.52 60.56 -55.09
O4 XAT DB . 0.55 56.42 -55.48
C21 XAT DB . 1.02 32.80 -57.42
C22 XAT DB . 1.05 31.35 -57.84
C23 XAT DB . 0.40 31.18 -59.20
C24 XAT DB . 1.40 31.74 -60.17
C25 XAT DB . 1.60 33.25 -59.96
C26 XAT DB . 1.31 33.80 -58.56
C27 XAT DB . 2.17 35.00 -58.21
C28 XAT DB . 1.53 36.16 -58.11
C29 XAT DB . 2.20 37.43 -57.77
C30 XAT DB . 1.45 38.53 -57.72
C31 XAT DB . 1.96 39.86 -57.39
C32 XAT DB . 1.10 40.86 -57.50
C33 XAT DB . 1.46 42.26 -57.19
C34 XAT DB . 0.53 43.21 -57.35
C35 XAT DB . 0.83 44.61 -57.05
C36 XAT DB . 2.05 33.01 -56.31
C37 XAT DB . -0.36 33.12 -56.85
C38 XAT DB . 2.74 34.02 -60.63
C39 XAT DB . 3.68 37.49 -57.49
C40 XAT DB . 2.85 42.61 -56.71
O23 XAT DB . 0.17 29.79 -59.46
O24 XAT DB . 0.40 33.96 -59.66
C1 XAT EB . 11.08 41.54 -56.32
C2 XAT EB . 11.83 42.79 -55.92
C3 XAT EB . 11.05 43.52 -54.85
C4 XAT EB . 11.28 42.73 -53.59
C5 XAT EB . 10.81 41.28 -53.70
C6 XAT EB . 10.65 40.67 -55.11
C7 XAT EB . 11.00 39.19 -55.11
C8 XAT EB . 10.18 38.32 -55.69
C9 XAT EB . 10.46 36.86 -55.68
C10 XAT EB . 11.01 36.23 -56.73
C11 XAT EB . 11.23 34.79 -56.63
C12 XAT EB . 12.15 34.16 -57.36
C13 XAT EB . 12.29 32.69 -57.21
C14 XAT EB . 13.41 32.07 -57.64
C15 XAT EB . 13.55 30.63 -57.52
C16 XAT EB . 11.93 40.72 -57.28
C17 XAT EB . 9.83 41.96 -57.08
C18 XAT EB . 11.29 40.21 -52.70
C19 XAT EB . 10.08 36.08 -54.47
C20 XAT EB . 11.18 31.89 -56.61
O3 XAT EB . 11.56 44.85 -54.69
O4 XAT EB . 9.54 41.09 -54.31
C21 XAT EB . 19.40 19.04 -59.20
C22 XAT EB . 19.48 17.63 -59.73
C23 XAT EB . 18.15 16.94 -59.57
C24 XAT EB . 17.27 17.54 -60.65
C25 XAT EB . 17.03 19.04 -60.39
C26 XAT EB . 18.10 19.79 -59.56
C27 XAT EB . 18.23 21.25 -59.95
C28 XAT EB . 17.78 22.14 -59.07
C29 XAT EB . 17.84 23.60 -59.31
C30 XAT EB . 17.01 24.38 -58.60
C31 XAT EB . 16.99 25.83 -58.76
C32 XAT EB . 15.98 26.50 -58.22
C33 XAT EB . 15.87 27.96 -58.35
C34 XAT EB . 14.78 28.58 -57.88
C35 XAT EB . 14.64 30.03 -58.00
C36 XAT EB . 20.58 19.84 -59.74
C37 XAT EB . 19.52 19.00 -57.68
C38 XAT EB . 16.42 19.95 -61.46
C39 XAT EB . 18.80 24.17 -60.31
C40 XAT EB . 16.98 28.74 -58.99
O23 XAT EB . 18.28 15.54 -59.80
O24 XAT EB . 16.83 19.38 -59.02
C1 XAT FB . -1.21 36.73 -70.80
C2 XAT FB . -2.59 36.13 -71.00
C3 XAT FB . -2.50 34.75 -71.59
C4 XAT FB . -1.97 33.87 -70.49
C5 XAT FB . -0.53 34.27 -70.13
C6 XAT FB . -0.11 35.72 -70.38
C7 XAT FB . 0.93 36.23 -69.41
C8 XAT FB . 2.16 36.34 -69.90
C9 XAT FB . 3.32 36.82 -69.13
C10 XAT FB . 4.54 36.57 -69.62
C11 XAT FB . 5.77 37.00 -68.97
C12 XAT FB . 6.90 36.40 -69.33
C13 XAT FB . 8.19 36.80 -68.75
C14 XAT FB . 9.29 36.10 -69.06
C15 XAT FB . 10.58 36.50 -68.53
C16 XAT FB . -1.30 37.83 -69.74
C17 XAT FB . -0.77 37.40 -72.10
C18 XAT FB . 0.17 33.70 -68.90
C19 XAT FB . 3.13 37.60 -67.87
C20 XAT FB . 8.28 37.98 -67.83
O3 XAT FB . -3.80 34.30 -72.01
O4 XAT FB . 0.27 34.63 -71.24
C21 XAT FB . 21.97 40.38 -66.21
C22 XAT FB . 23.11 40.98 -65.40
C23 XAT FB . 22.71 41.08 -63.95
C24 XAT FB . 22.75 39.65 -63.43
C25 XAT FB . 21.66 38.81 -64.09
C26 XAT FB . 21.21 39.24 -65.51
C27 XAT FB . 20.77 38.08 -66.37
C28 XAT FB . 19.47 38.03 -66.62
C29 XAT FB . 18.78 37.00 -67.42
C30 XAT FB . 17.46 36.99 -67.30
C31 XAT FB . 16.53 36.10 -67.99
C32 XAT FB . 15.26 36.43 -67.80
C33 XAT FB . 14.11 35.75 -68.40
C34 XAT FB . 12.91 36.29 -68.17
C35 XAT FB . 11.67 35.76 -68.72
C36 XAT FB . 22.51 39.87 -67.54
C37 XAT FB . 20.97 41.50 -66.52
C38 XAT FB . 21.60 37.29 -63.92
C39 XAT FB . 19.52 36.04 -68.29
C40 XAT FB . 14.27 34.51 -69.23
O23 XAT FB . 23.65 41.88 -63.23
O24 XAT FB . 20.43 39.51 -64.32
C8 A1L1F GB . -10.69 26.33 -43.16
C5 A1L1F GB . -8.77 23.80 -42.40
C4 A1L1F GB . -10.42 26.95 -44.52
C6 A1L1F GB . -9.47 24.22 -43.68
C10 A1L1F GB . -9.52 25.92 -46.61
C11 A1L1F GB . -9.19 26.38 -45.19
C2 A1L1F GB . -6.14 24.82 -44.39
C3 A1L1F GB . -10.81 24.83 -43.33
C1 A1L1F GB . -8.60 25.22 -44.42
C12 A1L1F GB . -9.67 23.01 -44.57
C14 A1L1F GB . 6.50 36.65 -49.99
C17 A1L1F GB . 8.76 38.06 -48.94
C18 A1L1F GB . 5.64 38.07 -52.33
C19 A1L1F GB . 4.15 38.76 -50.47
C20 A1L1F GB . 7.55 38.96 -49.21
C21 A1L1F GB . 7.80 40.32 -49.83
C22 A1L1F GB . 6.47 40.99 -50.09
C23 A1L1F GB . 5.89 40.31 -51.31
C24 A1L1F GB . 5.57 38.85 -51.02
C25 A1L1F GB . 6.52 38.16 -50.03
C26 A1L1F GB . 6.82 33.76 -49.89
C27 A1L1F GB . 4.35 29.62 -48.31
C28 A1L1F GB . -1.47 29.21 -44.61
C29 A1L1F GB . 6.14 36.03 -48.88
C30 A1L1F GB . 6.10 34.56 -48.85
C31 A1L1F GB . 5.38 33.97 -47.89
C32 A1L1F GB . 5.27 32.52 -47.83
C33 A1L1F GB . 4.02 32.11 -47.67
C34 A1L1F GB . 3.60 30.71 -47.60
C35 A1L1F GB . 2.49 30.45 -46.90
C36 A1L1F GB . 1.92 29.12 -46.77
C37 A1L1F GB . 0.80 29.05 -46.08
C38 A1L1F GB . 0.07 27.81 -45.89
C39 A1L1F GB . -1.06 27.89 -45.18
C40 A1L1F GB . -1.91 26.72 -44.94
C41 A1L1F GB . -3.13 26.81 -45.45
C42 A1L1F GB . -4.12 25.75 -45.32
C43 A1L1F GB . -5.32 27.15 -43.69
C44 A1L1F GB . -5.15 25.90 -44.50
C45 A1L1F GB . 8.77 32.53 -49.00
C47 A1L1F GB . 10.21 32.50 -48.51
C48 A1L1F GB . 10.56 31.09 -48.05
C49 A1L1F GB . 11.40 30.35 -49.08
C50 A1L1F GB . 11.09 28.86 -49.03
C51 A1L1F GB . 12.24 28.04 -49.62
C52 A1L1F GB . 11.86 26.56 -49.64
C53 A1L1F GB . 12.97 25.73 -50.22
C54 A1L1F GB . -11.94 28.17 -42.21
C56 A1L1F GB . -10.83 28.73 -41.38
C57 A1L1F GB . -7.37 25.05 -44.40
O13 A1L1F GB . 8.20 33.73 -49.56
O15 A1L1F GB . 6.24 38.63 -48.71
O16 A1L1F GB . 6.69 42.37 -50.36
O46 A1L1F GB . 8.07 31.53 -48.91
O55 A1L1F GB . -12.88 28.84 -42.56
O7 A1L1F GB . -11.93 26.78 -42.62
O9 A1L1F GB . -8.21 27.42 -45.28
MG CLA HB . 24.51 19.74 -70.34
CHA CLA HB . 21.63 20.99 -71.84
CHB CLA HB . 25.61 18.65 -73.38
CHC CLA HB . 27.36 18.55 -68.82
CHD CLA HB . 23.32 20.89 -67.21
NA CLA HB . 23.74 19.83 -72.28
C1A CLA HB . 22.52 20.40 -72.69
C2A CLA HB . 22.35 20.25 -74.20
C3A CLA HB . 23.60 19.46 -74.65
C4A CLA HB . 24.39 19.29 -73.35
CMA CLA HB . 23.26 18.14 -75.30
CAA CLA HB . 22.34 21.60 -74.87
CBA CLA HB . 23.57 22.41 -74.47
CGA CLA HB . 23.69 23.67 -75.27
NB CLA HB . 26.17 18.79 -70.98
C1B CLA HB . 26.43 18.41 -72.25
C2B CLA HB . 27.73 17.69 -72.32
C3B CLA HB . 28.23 17.66 -71.03
C4B CLA HB . 27.24 18.37 -70.17
CMB CLA HB . 28.26 17.17 -73.58
CAB CLA HB . 29.44 17.10 -70.48
CBB CLA HB . 30.48 16.60 -71.15
NC CLA HB . 25.20 19.74 -68.38
C1C CLA HB . 26.40 19.20 -67.98
C2C CLA HB . 26.58 19.38 -66.54
C3C CLA HB . 25.44 20.04 -66.08
C4C CLA HB . 24.58 20.26 -67.24
CMC CLA HB . 27.75 18.94 -65.78
CAC CLA HB . 25.15 20.45 -64.70
CBC CLA HB . 24.41 19.40 -63.90
ND CLA HB . 22.89 20.71 -69.62
C1D CLA HB . 22.52 21.11 -68.31
C2D CLA HB . 21.18 21.76 -68.36
C3D CLA HB . 20.80 21.74 -69.69
C4D CLA HB . 21.90 21.08 -70.43
CMD CLA HB . 20.48 22.30 -67.20
CAD CLA HB . 19.78 22.11 -70.65
OBD CLA HB . 18.71 22.68 -70.47
CBD CLA HB . 20.28 21.63 -72.05
CGD CLA HB . 19.32 20.64 -72.66
O1D CLA HB . 18.97 19.55 -72.21
O2D CLA HB . 18.79 21.06 -73.85
CED CLA HB . 18.21 20.05 -74.70
MG CLA IB . 18.35 28.49 -76.65
CHA CLA IB . 14.91 28.49 -77.14
CHB CLA IB . 18.78 27.08 -79.73
CHC CLA IB . 21.75 28.57 -76.15
CHD CLA IB . 17.85 29.95 -73.46
NA CLA IB . 17.04 27.89 -78.17
C1A CLA IB . 15.64 27.98 -78.19
C2A CLA IB . 15.06 27.43 -79.49
C3A CLA IB . 16.31 26.92 -80.25
C4A CLA IB . 17.48 27.32 -79.33
CMA CLA IB . 16.25 25.43 -80.49
CAA CLA IB . 14.38 28.53 -80.28
CBA CLA IB . 15.33 29.66 -80.60
CGA CLA IB . 14.58 30.92 -80.93
O1A CLA IB . 13.43 31.03 -81.37
O2A CLA IB . 15.30 32.06 -80.70
NB CLA IB . 19.95 27.92 -77.73
C1B CLA IB . 19.93 27.38 -78.97
C2B CLA IB . 21.32 27.15 -79.45
C3B CLA IB . 22.16 27.56 -78.44
C4B CLA IB . 21.31 28.06 -77.33
CMB CLA IB . 21.63 26.56 -80.76
CAB CLA IB . 23.60 27.57 -78.37
CBB CLA IB . 24.41 28.09 -79.29
NC CLA IB . 19.56 29.12 -75.08
C1C CLA IB . 20.93 29.06 -75.09
C2C CLA IB . 21.46 29.60 -73.84
C3C CLA IB . 20.36 30.00 -73.08
C4C CLA IB . 19.18 29.70 -73.86
CMC CLA IB . 22.89 29.67 -73.50
CAC CLA IB . 20.40 30.59 -71.73
CBC CLA IB . 20.65 32.08 -71.76
ND CLA IB . 16.79 29.07 -75.50
C1D CLA IB . 16.73 29.67 -74.22
C2D CLA IB . 15.30 29.90 -73.87
C3D CLA IB . 14.56 29.45 -74.95
C4D CLA IB . 15.54 28.96 -75.94
CMD CLA IB . 14.85 30.50 -72.62
CAD CLA IB . 13.24 29.27 -75.51
OBD CLA IB . 12.14 29.52 -75.02
CBD CLA IB . 13.43 28.66 -76.93
CGD CLA IB . 12.72 27.35 -77.11
O1D CLA IB . 13.20 26.22 -76.94
O2D CLA IB . 11.43 27.46 -77.51
CED CLA IB . 10.99 26.56 -78.52
C1 CLA IB . 14.56 33.29 -80.68
MG CLA JB . 13.82 21.48 -63.04
CHA CLA JB . 13.30 18.59 -64.88
CHB CLA JB . 11.43 20.50 -60.82
CHC CLA JB . 14.49 24.28 -61.18
CHD CLA JB . 16.26 22.48 -65.41
NA CLA JB . 12.58 19.81 -62.91
C1A CLA JB . 12.52 18.71 -63.76
C2A CLA JB . 11.47 17.70 -63.30
C3A CLA JB . 10.79 18.42 -62.11
C4A CLA JB . 11.65 19.67 -61.90
CMA CLA JB . 9.38 18.80 -62.45
CAA CLA JB . 12.10 16.40 -62.86
CBA CLA JB . 13.27 16.61 -61.92
CGA CLA JB . 12.82 16.56 -60.49
O1A CLA JB . 11.93 15.86 -59.99
O2A CLA JB . 13.51 17.42 -59.69
NB CLA JB . 13.08 22.25 -61.34
C1B CLA JB . 12.13 21.68 -60.54
C2B CLA JB . 11.92 22.52 -59.33
C3B CLA JB . 12.78 23.59 -59.43
C4B CLA JB . 13.53 23.43 -60.70
CMB CLA JB . 10.94 22.15 -58.30
CAB CLA JB . 13.01 24.71 -58.55
CBB CLA JB . 12.13 25.26 -57.71
NC CLA JB . 15.12 23.10 -63.28
C1C CLA JB . 15.22 24.14 -62.40
C2C CLA JB . 16.21 25.10 -62.87
C3C CLA JB . 16.73 24.58 -64.06
C4C CLA JB . 16.04 23.33 -64.31
CMC CLA JB . 16.57 26.33 -62.18
CAC CLA JB . 17.77 25.19 -64.90
CBC CLA JB . 19.14 24.61 -64.60
ND CLA JB . 14.63 20.78 -64.76
C1D CLA JB . 15.60 21.29 -65.65
C2D CLA JB . 15.79 20.35 -66.77
C3D CLA JB . 14.93 19.29 -66.52
C4D CLA JB . 14.23 19.60 -65.26
CMD CLA JB . 16.72 20.56 -67.88
CAD CLA JB . 14.43 18.00 -66.98
OBD CLA JB . 14.74 17.36 -67.98
CBD CLA JB . 13.36 17.53 -65.96
CGD CLA JB . 12.00 17.39 -66.58
O1D CLA JB . 11.48 18.11 -67.43
O2D CLA JB . 11.29 16.31 -66.14
CED CLA JB . 9.89 16.29 -66.38
C1 CLA JB . 12.77 18.06 -58.63
C2 CLA JB . 13.62 19.18 -58.17
C3 CLA JB . 13.60 19.64 -56.90
C4 CLA JB . 12.72 19.05 -55.86
C5 CLA JB . 14.48 20.76 -56.48
C6 CLA JB . 15.41 20.34 -55.35
C7 CLA JB . 16.32 21.47 -54.94
C8 CLA JB . 17.79 21.14 -55.22
C9 CLA JB . 18.43 20.52 -53.99
C10 CLA JB . 18.54 22.36 -55.70
C11 CLA JB . 19.65 22.80 -54.78
C12 CLA JB . 20.23 24.15 -55.18
C13 CLA JB . 20.99 24.08 -56.49
C14 CLA JB . 22.01 22.96 -56.48
C15 CLA JB . 21.69 25.40 -56.78
C16 CLA JB . 20.72 26.56 -56.74
C17 CLA JB . 21.42 27.88 -56.44
C18 CLA JB . 21.74 28.70 -57.68
C19 CLA JB . 23.07 28.32 -58.28
C20 CLA JB . 20.63 28.56 -58.72
MG CLA KB . 11.49 26.95 -53.19
CHA CLA KB . 9.05 24.56 -52.52
CHB CLA KB . 13.59 24.51 -54.29
CHC CLA KB . 13.81 29.37 -53.95
CHD CLA KB . 9.27 29.47 -52.08
NA CLA KB . 11.32 24.88 -53.36
C1A CLA KB . 10.22 24.07 -53.06
C2A CLA KB . 10.52 22.59 -53.36
C3A CLA KB . 11.98 22.62 -53.87
C4A CLA KB . 12.34 24.10 -53.86
CMA CLA KB . 12.90 21.84 -52.97
CAA CLA KB . 9.61 22.07 -54.45
CBA CLA KB . 9.71 20.56 -54.63
CGA CLA KB . 8.59 19.89 -53.90
O1A CLA KB . 7.68 20.41 -53.24
O2A CLA KB . 8.59 18.51 -54.00
NB CLA KB . 13.30 26.95 -54.07
C1B CLA KB . 14.04 25.83 -54.30
C2B CLA KB . 15.46 26.21 -54.58
C3B CLA KB . 15.53 27.59 -54.48
C4B CLA KB . 14.17 28.07 -54.15
CMB CLA KB . 16.48 25.20 -54.86
CAB CLA KB . 16.64 28.49 -54.63
CBB CLA KB . 17.80 28.25 -55.26
NC CLA KB . 11.53 29.03 -53.02
C1C CLA KB . 12.58 29.83 -53.41
C2C CLA KB . 12.26 31.23 -53.19
C3C CLA KB . 10.97 31.26 -52.65
C4C CLA KB . 10.52 29.87 -52.55
CMC CLA KB . 13.14 32.35 -53.49
CAC CLA KB . 10.21 32.45 -52.27
CBC CLA KB . 9.13 32.78 -53.27
ND CLA KB . 9.66 27.06 -52.34
C1D CLA KB . 8.84 28.15 -51.96
C2D CLA KB . 7.55 27.65 -51.46
C3D CLA KB . 7.59 26.27 -51.64
C4D CLA KB . 8.90 25.96 -52.23
CMD CLA KB . 6.49 28.48 -50.92
CAD CLA KB . 6.88 25.02 -51.46
OBD CLA KB . 5.81 24.80 -50.91
CBD CLA KB . 7.75 23.91 -52.12
CGD CLA KB . 7.90 22.73 -51.19
O1D CLA KB . 7.04 21.90 -50.90
O2D CLA KB . 9.13 22.59 -50.62
CED CLA KB . 9.31 21.51 -49.71
C1 CLA KB . 9.87 17.85 -53.96
C2 CLA KB . 9.95 17.11 -52.67
C3 CLA KB . 10.73 17.52 -51.65
C4 CLA KB . 11.55 18.76 -51.75
C5 CLA KB . 10.81 16.78 -50.36
C6 CLA KB . 10.78 17.71 -49.16
C7 CLA KB . 11.80 17.31 -48.12
C8 CLA KB . 11.68 18.15 -46.86
C9 CLA KB . 11.83 19.62 -47.20
C10 CLA KB . 12.69 17.74 -45.80
MG CLA LB . 6.71 45.30 -58.35
CHA CLA LB . 6.90 48.35 -56.72
CHB CLA LB . 6.69 43.70 -55.34
CHC CLA LB . 6.47 42.30 -60.01
CHD CLA LB . 6.69 47.02 -61.45
NA CLA LB . 6.79 45.95 -56.37
C1A CLA LB . 6.86 47.26 -55.89
C2A CLA LB . 6.89 47.29 -54.36
C3A CLA LB . 6.88 45.80 -53.96
C4A CLA LB . 6.77 45.08 -55.31
CMA CLA LB . 8.11 45.41 -53.19
CAA CLA LB . 5.65 47.98 -53.82
CBA CLA LB . 4.37 47.33 -54.32
CGA CLA LB . 3.85 48.05 -55.53
O1A CLA LB . 3.59 49.25 -55.67
O2A CLA LB . 3.67 47.23 -56.60
NB CLA LB . 6.60 43.37 -57.79
C1B CLA LB . 6.59 42.91 -56.51
C2B CLA LB . 6.49 41.43 -56.50
C3B CLA LB . 6.44 41.02 -57.82
C4B CLA LB . 6.51 42.26 -58.66
CMB CLA LB . 6.46 40.64 -55.27
CAB CLA LB . 6.33 39.72 -58.39
CBB CLA LB . 7.07 38.65 -58.03
NC CLA LB . 6.61 44.77 -60.37
C1C CLA LB . 6.53 43.48 -60.81
C2C CLA LB . 6.47 43.47 -62.28
C3C CLA LB . 6.53 44.80 -62.69
C4C CLA LB . 6.61 45.61 -61.48
CMC CLA LB . 6.39 42.26 -63.10
CAC CLA LB . 6.51 45.30 -64.07
CBC CLA LB . 5.14 45.79 -64.48
ND CLA LB . 6.80 47.21 -59.01
C1D CLA LB . 6.78 47.78 -60.31
C2D CLA LB . 6.86 49.26 -60.19
C3D CLA LB . 6.93 49.53 -58.84
C4D CLA LB . 6.88 48.23 -58.15
CMD CLA LB . 6.87 50.19 -61.31
CAD CLA LB . 7.03 50.56 -57.81
OBD CLA LB . 7.13 51.78 -57.94
CBD CLA LB . 7.00 49.83 -56.43
CGD CLA LB . 8.21 50.15 -55.61
O1D CLA LB . 8.29 50.27 -54.38
O2D CLA LB . 9.35 50.31 -56.34
CED CLA LB . 10.56 49.81 -55.78
C1 CLA LB . 3.40 47.87 -57.87
C2 CLA LB . 3.18 46.80 -58.88
C3 CLA LB . 3.03 47.08 -60.18
C4 CLA LB . 3.07 48.46 -60.70
C5 CLA LB . 2.80 46.00 -61.19
C6 CLA LB . 2.52 44.64 -60.59
C7 CLA LB . 2.27 43.63 -61.68
C8 CLA LB . 1.83 42.27 -61.14
C9 CLA LB . 3.03 41.48 -60.67
C10 CLA LB . 1.08 41.48 -62.22
C11 CLA LB . -0.20 40.90 -61.69
C12 CLA LB . -1.12 41.96 -61.12
MG CLA MB . -4.84 47.95 -52.60
CHA CLA MB . -2.51 50.40 -51.83
CHB CLA MB . -7.32 49.95 -51.38
CHC CLA MB . -7.11 45.50 -53.37
CHD CLA MB . -2.22 45.87 -53.73
NA CLA MB . -4.88 49.87 -51.77
C1A CLA MB . -3.81 50.74 -51.53
C2A CLA MB . -4.28 52.05 -50.91
C3A CLA MB . -5.80 51.85 -50.75
C4A CLA MB . -6.05 50.47 -51.35
CMA CLA MB . -6.22 51.90 -49.29
CAA CLA MB . -3.99 53.23 -51.82
CBA CLA MB . -4.68 54.49 -51.34
CGA CLA MB . -4.13 54.89 -50.00
O1A CLA MB . -4.73 55.32 -49.02
O2A CLA MB . -2.77 54.76 -49.93
NB CLA MB . -6.84 47.76 -52.41
C1B CLA MB . -7.68 48.70 -51.90
C2B CLA MB . -9.07 48.18 -51.93
C3B CLA MB . -9.03 46.93 -52.49
C4B CLA MB . -7.60 46.63 -52.80
CMB CLA MB . -10.20 48.97 -51.44
CAB CLA MB . -10.09 45.99 -52.76
CBB CLA MB . -11.07 46.18 -53.65
NC CLA MB . -4.68 46.04 -53.43
C1C CLA MB . -5.76 45.22 -53.67
C2C CLA MB . -5.29 43.97 -54.26
C3C CLA MB . -3.90 44.06 -54.35
C4C CLA MB . -3.53 45.37 -53.82
CMC CLA MB . -6.16 42.86 -54.66
CAC CLA MB . -2.98 43.05 -54.89
CBC CLA MB . -2.90 43.09 -56.40
ND CLA MB . -2.84 48.06 -52.83
C1D CLA MB . -1.87 47.11 -53.26
C2D CLA MB . -0.52 47.72 -53.13
C3D CLA MB . -0.71 48.99 -52.61
C4D CLA MB . -2.17 49.14 -52.42
CMD CLA MB . 0.73 47.05 -53.49
CAD CLA MB . -0.09 50.22 -52.18
OBD CLA MB . 1.10 50.54 -52.23
CBD CLA MB . -1.21 51.13 -51.61
CGD CLA MB . -0.99 51.42 -50.15
O1D CLA MB . -1.81 51.26 -49.23
O2D CLA MB . 0.24 51.90 -49.84
CED CLA MB . 0.37 52.67 -48.64
C1 CLA MB . -2.10 55.61 -48.97
MG CLA NB . 2.57 29.52 -51.90
CHA CLA NB . 3.58 26.44 -53.11
CHB CLA NB . -0.05 28.03 -50.32
CHC CLA NB . 1.79 32.54 -50.48
CHD CLA NB . 5.24 31.04 -53.66
NA CLA NB . 1.90 27.56 -51.78
C1A CLA NB . 2.48 26.40 -52.33
C2A CLA NB . 1.67 25.17 -51.96
C3A CLA NB . 0.40 25.75 -51.34
C4A CLA NB . 0.76 27.21 -51.09
CMA CLA NB . -0.75 25.62 -52.32
CAA CLA NB . 2.44 24.36 -50.93
CBA CLA NB . 2.96 25.24 -49.80
CGA CLA NB . 3.51 24.46 -48.65
O1A CLA NB . 4.27 23.48 -48.66
O2A CLA NB . 3.08 24.93 -47.43
NB CLA NB . 1.13 30.17 -50.66
C1B CLA NB . 0.18 29.39 -50.06
C2B CLA NB . -0.61 30.20 -49.09
C3B CLA NB . -0.10 31.48 -49.13
C4B CLA NB . 1.02 31.47 -50.13
CMB CLA NB . -1.71 29.62 -48.32
CAB CLA NB . -0.45 32.67 -48.42
CBB CLA NB . -1.31 32.80 -47.40
NC CLA NB . 3.36 31.45 -52.07
C1C CLA NB . 2.89 32.53 -51.39
C2C CLA NB . 3.69 33.71 -51.72
C3C CLA NB . 4.66 33.28 -52.63
C4C CLA NB . 4.44 31.86 -52.84
CMC CLA NB . 3.47 35.04 -51.17
CAC CLA NB . 5.70 34.11 -53.25
CBC CLA NB . 5.26 34.68 -54.58
ND CLA NB . 4.07 28.96 -53.13
C1D CLA NB . 5.09 29.68 -53.80
C2D CLA NB . 5.90 28.74 -54.60
C3D CLA NB . 5.39 27.47 -54.35
C4D CLA NB . 4.24 27.67 -53.44
CMD CLA NB . 7.04 29.12 -55.43
CAD CLA NB . 5.48 26.05 -54.64
OBD CLA NB . 6.26 25.44 -55.35
CBD CLA NB . 4.32 25.35 -53.86
CGD CLA NB . 3.39 24.63 -54.79
O1D CLA NB . 2.23 24.95 -55.07
O2D CLA NB . 3.92 23.52 -55.37
CED CLA NB . 3.06 22.77 -56.24
C1 CLA NB . 4.11 25.46 -46.56
C2 CLA NB . 3.45 25.74 -45.25
C3 CLA NB . 3.64 26.88 -44.57
C4 CLA NB . 2.98 27.13 -43.27
C5 CLA NB . 4.53 27.94 -45.11
C6 CLA NB . 5.12 28.86 -44.05
C7 CLA NB . 6.46 29.39 -44.51
C8 CLA NB . 6.84 30.74 -43.91
C9 CLA NB . 5.60 31.52 -43.49
C10 CLA NB . 7.66 31.55 -44.89
C11 CLA NB . 7.79 33.00 -44.49
MG CLA OB . 2.17 31.00 -68.74
CHA CLA OB . -0.56 28.87 -68.82
CHB CLA OB . 3.12 29.90 -71.82
CHC CLA OB . 4.78 33.24 -68.67
CHD CLA OB . 1.13 32.14 -65.56
NA CLA OB . 1.40 29.61 -70.08
C1A CLA OB . 0.23 28.83 -69.93
C2A CLA OB . 0.01 27.95 -71.16
C3A CLA OB . 1.26 28.21 -72.04
C4A CLA OB . 1.99 29.33 -71.28
CMA CLA OB . 2.12 26.97 -72.18
CAA CLA OB . -1.23 28.41 -71.92
CBA CLA OB . -1.34 29.92 -71.99
CGA CLA OB . -0.56 30.46 -73.16
O1A CLA OB . -0.59 30.08 -74.34
O2A CLA OB . 0.26 31.51 -72.84
NB CLA OB . 3.65 31.50 -70.02
C1B CLA OB . 3.87 30.92 -71.23
C2B CLA OB . 5.10 31.50 -71.84
C3B CLA OB . 5.58 32.45 -70.96
C4B CLA OB . 4.66 32.45 -69.78
CMB CLA OB . 5.61 31.07 -73.15
CAB CLA OB . 6.73 33.32 -71.04
CBB CLA OB . 7.94 32.96 -71.52
NC CLA OB . 2.84 32.41 -67.36
C1C CLA OB . 3.93 33.21 -67.53
C2C CLA OB . 4.10 34.09 -66.37
C3C CLA OB . 3.05 33.79 -65.50
C4C CLA OB . 2.26 32.74 -66.12
CMC CLA OB . 5.15 35.08 -66.18
CAC CLA OB . 2.78 34.41 -64.20
CBC CLA OB . 1.73 35.51 -64.29
ND CLA OB . 0.70 30.60 -67.42
C1D CLA OB . 0.39 31.13 -66.14
C2D CLA OB . -0.81 30.45 -65.61
C3D CLA OB . -1.21 29.56 -66.59
C4D CLA OB . -0.25 29.71 -67.70
CMD CLA OB . -1.40 30.71 -64.30
CAD CLA OB . -2.18 28.54 -66.99
OBD CLA OB . -3.12 28.08 -66.36
CBD CLA OB . -1.79 28.09 -68.43
CGD CLA OB . -1.54 26.61 -68.49
O1D CLA OB . -0.53 26.01 -68.12
O2D CLA OB . -2.56 25.89 -69.06
CED CLA OB . -2.24 24.59 -69.55
C1 CLA OB . 1.10 32.01 -73.89
C2 CLA OB . 1.88 33.14 -73.33
C3 CLA OB . 2.65 33.97 -74.07
C4 CLA OB . 2.78 33.82 -75.53
C5 CLA OB . 3.40 35.09 -73.43
C6 CLA OB . 3.26 36.40 -74.18
C7 CLA OB . 3.94 37.53 -73.44
MG CLA PB . 12.19 35.66 -73.81
CHA CLA PB . 10.90 33.60 -76.29
CHB CLA PB . 9.07 36.88 -73.20
CHC CLA PB . 13.55 37.76 -71.45
CHD CLA PB . 15.42 34.35 -74.47
NA CLA PB . 10.30 35.26 -74.61
C1A CLA PB . 9.97 34.36 -75.63
C2A CLA PB . 8.46 34.38 -75.91
C3A CLA PB . 7.91 35.41 -74.87
C4A CLA PB . 9.18 35.89 -74.16
CMA CLA PB . 7.18 36.54 -75.54
CAA CLA PB . 7.83 33.03 -75.67
CBA CLA PB . 6.38 33.00 -76.10
CGA CLA PB . 6.27 33.19 -77.59
O1A CLA PB . 7.17 33.11 -78.44
O2A CLA PB . 5.01 33.49 -78.00
NB CLA PB . 11.44 37.02 -72.53
C1B CLA PB . 10.15 37.42 -72.47
C2B CLA PB . 10.02 38.57 -71.53
C3B CLA PB . 11.27 38.83 -71.03
C4B CLA PB . 12.20 37.84 -71.67
CMB CLA PB . 8.74 39.23 -71.27
CAB CLA PB . 11.69 39.84 -70.10
CBB CLA PB . 12.27 39.61 -68.93
NC CLA PB . 14.12 35.97 -73.08
C1C CLA PB . 14.45 36.88 -72.12
C2C CLA PB . 15.88 36.85 -71.86
C3C CLA PB . 16.43 35.87 -72.71
C4C CLA PB . 15.30 35.33 -73.47
CMC CLA PB . 16.60 37.70 -70.92
CAC CLA PB . 17.83 35.47 -72.82
CBC CLA PB . 18.60 36.33 -73.80
ND CLA PB . 13.03 34.30 -75.06
C1D CLA PB . 14.37 33.86 -75.23
C2D CLA PB . 14.41 32.87 -76.33
C3D CLA PB . 13.12 32.75 -76.79
C4D CLA PB . 12.29 33.65 -75.95
CMD CLA PB . 15.62 32.21 -76.80
CAD CLA PB . 12.22 32.10 -77.73
OBD CLA PB . 12.47 31.28 -78.61
CBD CLA PB . 10.79 32.63 -77.44
CGD CLA PB . 10.22 33.32 -78.65
O1D CLA PB . 10.11 34.54 -78.85
O2D CLA PB . 9.76 32.47 -79.62
CED CLA PB . 9.39 33.05 -80.88
C1 CLA PB . 4.89 34.50 -79.02
MG CLA QB . 26.00 36.77 -61.34
CHA CLA QB . 28.17 39.23 -60.24
CHB CLA QB . 26.10 38.08 -64.49
CHC CLA QB . 23.99 34.19 -62.43
CHD CLA QB . 25.95 35.41 -58.08
NA CLA QB . 26.96 38.42 -62.19
C1A CLA QB . 27.85 39.31 -61.57
C2A CLA QB . 28.33 40.38 -62.55
C3A CLA QB . 27.56 40.05 -63.84
C4A CLA QB . 26.81 38.76 -63.50
CMA CLA QB . 26.62 41.16 -64.25
CAA CLA QB . 29.83 40.27 -62.79
NB CLA QB . 25.20 36.24 -63.12
C1B CLA QB . 25.38 36.89 -64.29
C2B CLA QB . 24.67 36.18 -65.38
C3B CLA QB . 24.06 35.08 -64.82
C4B CLA QB . 24.39 35.11 -63.36
CMB CLA QB . 24.65 36.63 -66.78
CAB CLA QB . 23.25 34.06 -65.42
CBB CLA QB . 21.96 33.86 -65.15
NC CLA QB . 25.10 35.13 -60.40
C1C CLA QB . 24.31 34.21 -61.04
C2C CLA QB . 23.87 33.19 -60.09
C3C CLA QB . 24.44 33.52 -58.86
C4C CLA QB . 25.21 34.74 -59.06
CMC CLA QB . 23.02 32.05 -60.44
CAC CLA QB . 24.29 32.78 -57.59
CBC CLA QB . 22.91 32.92 -56.97
ND CLA QB . 26.75 37.22 -59.52
C1D CLA QB . 26.68 36.56 -58.27
C2D CLA QB . 27.49 37.31 -57.29
C3D CLA QB . 28.09 38.35 -57.98
C4D CLA QB . 27.61 38.24 -59.38
CMD CLA QB . 27.62 36.96 -55.87
CAD CLA QB . 28.95 39.51 -57.92
OBD CLA QB . 29.48 40.03 -56.94
CBD CLA QB . 29.09 40.06 -59.37
CGD CLA QB . 28.82 41.53 -59.48
O1D CLA QB . 29.43 42.36 -60.17
O2D CLA QB . 27.78 41.96 -58.70
CED CLA QB . 27.17 43.20 -59.07
C1A DGD RB . 18.77 26.15 -70.08
C2A DGD RB . 19.07 25.63 -68.70
C3A DGD RB . 20.32 26.30 -68.14
C4A DGD RB . 19.99 27.66 -67.56
O1A DGD RB . 17.73 26.76 -70.27
C1B DGD RB . 23.44 24.46 -70.64
C2B DGD RB . 24.53 24.88 -69.68
C3B DGD RB . 25.19 23.66 -69.06
C4B DGD RB . 26.23 23.07 -70.01
C5B DGD RB . 27.52 22.75 -69.29
C6B DGD RB . 28.45 21.99 -70.22
O1B DGD RB . 23.61 23.56 -71.43
O1G DGD RB . 19.67 25.91 -71.20
C1G DGD RB . 20.74 26.81 -71.47
C2G DGD RB . 21.99 26.00 -71.70
O2G DGD RB . 22.16 25.13 -70.60
C3G DGD RB . 21.79 25.19 -72.97
O3G DGD RB . 20.80 25.86 -73.74
C1D DGD RB . 19.96 24.94 -74.41
C2D DGD RB . 18.55 25.47 -74.38
O2D DGD RB . 18.11 25.62 -73.03
C3D DGD RB . 17.64 24.48 -75.09
O3D DGD RB . 16.31 24.97 -75.11
C4D DGD RB . 18.17 24.34 -76.50
O4D DGD RB . 18.14 25.62 -77.14
C5D DGD RB . 19.60 23.84 -76.46
O5D DGD RB . 21.33 22.86 -77.83
C6D DGD RB . 20.15 23.67 -77.87
O6D DGD RB . 20.39 24.79 -75.75
C1E DGD RB . 22.00 22.83 -79.08
C2E DGD RB . 21.83 21.47 -79.71
O2E DGD RB . 20.45 21.24 -79.99
C3E DGD RB . 22.36 20.40 -78.78
O3E DGD RB . 22.34 19.13 -79.44
C4E DGD RB . 23.79 20.72 -78.36
O4E DGD RB . 24.67 20.48 -79.46
C5E DGD RB . 23.93 22.16 -77.91
O6E DGD RB . 23.40 23.04 -78.88
C6E DGD RB . 25.39 22.50 -77.65
O5E DGD RB . 26.10 22.62 -78.89
C1 XAT SB . 33.83 -20.57 43.38
C2 XAT SB . 33.89 -19.11 43.79
C3 XAT SB . 35.16 -18.46 43.28
C4 XAT SB . 34.98 -18.35 41.78
C5 XAT SB . 34.97 -19.74 41.14
C6 XAT SB . 34.45 -20.91 42.00
C7 XAT SB . 33.73 -21.96 41.18
C8 XAT SB . 34.28 -23.18 41.15
C9 XAT SB . 33.67 -24.30 40.42
C10 XAT SB . 34.33 -25.47 40.42
C11 XAT SB . 33.81 -26.66 39.74
C12 XAT SB . 34.55 -27.77 39.83
C13 XAT SB . 34.13 -29.03 39.20
C14 XAT SB . 34.97 -30.09 39.23
C15 XAT SB . 34.60 -31.37 38.66
C16 XAT SB . 32.36 -20.99 43.35
C17 XAT SB . 34.52 -21.43 44.42
C18 XAT SB . 34.62 -19.94 39.66
C19 XAT SB . 32.36 -24.16 39.72
C20 XAT SB . 32.78 -29.16 38.55
O3 XAT SB . 35.31 -17.16 43.86
O4 XAT SB . 35.85 -20.69 41.74
C21 XAT SB . 37.96 -43.04 34.96
C22 XAT SB . 37.40 -43.63 33.68
C23 XAT SB . 36.44 -44.74 34.05
C24 XAT SB . 35.18 -44.07 34.58
C25 XAT SB . 35.41 -43.03 35.70
C26 XAT SB . 36.86 -42.53 35.92
C27 XAT SB . 36.94 -41.07 36.31
C28 XAT SB . 37.09 -40.72 37.58
C29 XAT SB . 37.20 -39.30 37.98
C30 XAT SB . 36.12 -38.51 38.11
C31 XAT SB . 36.33 -37.13 38.53
C32 XAT SB . 35.52 -36.13 38.17
C33 XAT SB . 35.84 -34.78 38.67
C34 XAT SB . 35.08 -33.73 38.34
C35 XAT SB . 35.40 -32.41 38.87
C36 XAT SB . 38.89 -41.89 34.62
C37 XAT SB . 38.78 -44.10 35.70
C38 XAT SB . 34.36 -41.95 36.00
C39 XAT SB . 38.55 -38.74 38.28
C40 XAT SB . 37.01 -34.58 39.59
O23 XAT SB . 36.12 -45.51 32.90
O24 XAT SB . 36.21 -43.49 36.79
C1 XAT TB . 37.16 -22.38 52.53
C2 XAT TB . 38.18 -21.37 53.01
C3 XAT TB . 38.47 -21.53 54.48
C4 XAT TB . 39.23 -22.83 54.60
C5 XAT TB . 38.33 -24.02 54.24
C6 XAT TB . 37.20 -23.75 53.24
C7 XAT TB . 36.89 -24.95 52.35
C8 XAT TB . 35.75 -25.58 52.60
C9 XAT TB . 35.28 -26.74 51.83
C10 XAT TB . 34.17 -27.37 52.26
C11 XAT TB . 33.59 -28.50 51.54
C12 XAT TB . 32.36 -28.83 51.89
C13 XAT TB . 31.62 -29.94 51.25
C14 XAT TB . 30.31 -30.02 51.52
C15 XAT TB . 29.43 -31.02 50.92
C16 XAT TB . 37.33 -22.59 51.03
C17 XAT TB . 35.76 -21.80 52.73
C18 XAT TB . 38.90 -25.44 54.10
C19 XAT TB . 35.99 -27.19 50.60
C20 XAT TB . 32.29 -30.89 50.31
O3 XAT TB . 39.26 -20.44 54.95
O4 XAT TB . 36.97 -23.89 54.65
C21 XAT TB . 18.59 -35.02 45.44
C22 XAT TB . 17.36 -35.85 45.08
C23 XAT TB . 17.56 -37.28 45.52
C24 XAT TB . 17.42 -37.24 47.03
C25 XAT TB . 18.54 -36.42 47.68
C26 XAT TB . 19.19 -35.32 46.81
C27 XAT TB . 19.66 -34.12 47.62
C28 XAT TB . 20.97 -34.00 47.79
C29 XAT TB . 21.62 -32.90 48.52
C30 XAT TB . 22.87 -33.08 48.91
C31 XAT TB . 23.65 -32.07 49.61
C32 XAT TB . 24.92 -32.36 49.83
C33 XAT TB . 25.85 -31.43 50.50
C34 XAT TB . 27.16 -31.68 50.43
C35 XAT TB . 28.13 -30.78 51.03
C36 XAT TB . 18.20 -33.55 45.38
C37 XAT TB . 19.66 -35.26 44.38
C38 XAT TB . 18.50 -36.02 49.17
C39 XAT TB . 20.89 -31.62 48.80
C40 XAT TB . 25.33 -30.21 51.20
O23 XAT TB . 16.53 -38.10 44.97
O24 XAT TB . 19.83 -36.58 47.08
C1 XAT UB . -1.30 -34.99 51.37
C2 XAT UB . -2.29 -35.29 50.25
C3 XAT UB . -3.70 -35.15 50.77
C4 XAT UB . -3.93 -33.67 50.95
C5 XAT UB . -3.00 -33.08 52.03
C6 XAT UB . -1.67 -33.81 52.29
C7 XAT UB . -0.56 -32.83 52.63
C8 XAT UB . 0.27 -33.13 53.63
C9 XAT UB . 1.37 -32.23 54.03
C10 XAT UB . 2.54 -32.26 53.36
C11 XAT UB . 3.64 -31.40 53.75
C12 XAT UB . 4.81 -31.52 53.14
C13 XAT UB . 5.98 -30.69 53.53
C14 XAT UB . 7.11 -30.78 52.82
C15 XAT UB . 8.29 -30.00 53.18
C16 XAT UB . 0.06 -34.72 50.73
C17 XAT UB . -1.13 -36.24 52.22
C18 XAT UB . -2.86 -31.57 52.21
C19 XAT UB . 1.21 -31.32 55.20
C20 XAT UB . 5.88 -29.79 54.73
O3 XAT UB . -4.62 -35.66 49.80
O4 XAT UB . -2.79 -33.91 53.17
C21 XAT UB . 19.26 -23.95 53.52
C22 XAT UB . 20.41 -23.24 54.22
C23 XAT UB . 20.44 -23.58 55.70
C24 XAT UB . 20.90 -25.02 55.75
C25 XAT UB . 19.80 -25.94 55.18
C26 XAT UB . 18.89 -25.34 54.09
C27 XAT UB . 18.37 -26.37 53.10
C28 XAT UB . 17.07 -26.63 53.19
C29 XAT UB . 16.31 -27.59 52.38
C30 XAT UB . 15.08 -27.89 52.81
C31 XAT UB . 14.13 -28.80 52.18
C32 XAT UB . 12.96 -28.88 52.81
C33 XAT UB . 11.83 -29.71 52.37
C34 XAT UB . 10.66 -29.55 53.00
C35 XAT UB . 9.47 -30.32 52.64
C36 XAT UB . 19.62 -24.11 52.05
C37 XAT UB . 18.03 -23.07 53.61
C38 XAT UB . 20.03 -27.44 54.96
C39 XAT UB . 16.87 -28.18 51.12
C40 XAT UB . 11.97 -30.69 51.25
O23 XAT UB . 21.37 -22.75 56.38
O24 XAT UB . 18.47 -25.50 55.45
C1 XAT VB . 12.27 -29.70 68.30
C2 XAT VB . 11.66 -28.45 68.90
C3 XAT VB . 11.82 -27.27 67.95
C4 XAT VB . 10.83 -27.54 66.84
C5 XAT VB . 11.25 -28.78 66.03
C6 XAT VB . 12.07 -29.85 66.77
C7 XAT VB . 11.81 -31.26 66.25
C8 XAT VB . 12.76 -31.78 65.49
C9 XAT VB . 12.71 -33.11 64.88
C10 XAT VB . 13.64 -33.42 63.97
C11 XAT VB . 13.72 -34.72 63.31
C12 XAT VB . 14.63 -34.87 62.36
C13 XAT VB . 14.80 -36.15 61.66
C14 XAT VB . 15.95 -36.35 61.00
C15 XAT VB . 16.26 -37.60 60.32
C16 XAT VB . 11.69 -30.93 69.00
C17 XAT VB . 13.77 -29.70 68.58
C18 XAT VB . 10.33 -29.40 64.98
C19 XAT VB . 11.65 -34.10 65.27
C20 XAT VB . 13.74 -37.21 61.71
O3 XAT VB . 11.49 -26.05 68.61
O4 XAT VB . 12.66 -28.92 65.85
C21 XAT VB . 24.23 -45.69 54.04
C22 XAT VB . 24.58 -46.90 53.20
C23 XAT VB . 23.37 -47.81 53.04
C24 XAT VB . 22.47 -47.07 52.07
C25 XAT VB . 21.91 -45.81 52.75
C26 XAT VB . 22.79 -45.16 53.84
C27 XAT VB . 22.61 -43.66 53.97
C28 XAT VB . 21.90 -43.27 55.03
C29 XAT VB . 21.62 -41.88 55.38
C30 XAT VB . 20.74 -41.65 56.37
C31 XAT VB . 20.38 -40.32 56.85
C32 XAT VB . 19.38 -40.24 57.70
C33 XAT VB . 18.96 -38.96 58.30
C34 XAT VB . 17.89 -38.94 59.09
C35 XAT VB . 17.45 -37.71 59.75
C36 XAT VB . 25.21 -44.58 53.75
C37 XAT VB . 24.38 -46.08 55.50
C38 XAT VB . 21.08 -44.77 51.99
C39 XAT VB . 22.31 -40.74 54.68
C40 XAT VB . 19.74 -37.71 58.03
O23 XAT VB . 23.76 -49.06 52.48
O24 XAT VB . 21.66 -45.97 54.14
C1 XAT WB . 15.71 -18.54 52.08
C2 XAT WB . 16.95 -17.68 52.26
C3 XAT WB . 16.71 -16.59 53.28
C4 XAT WB . 16.67 -17.31 54.62
C5 XAT WB . 15.50 -18.29 54.71
C6 XAT WB . 14.95 -18.86 53.39
C7 XAT WB . 14.45 -20.28 53.58
C8 XAT WB . 13.13 -20.49 53.47
C9 XAT WB . 12.56 -21.82 53.67
C10 XAT WB . 11.23 -21.92 53.85
C11 XAT WB . 10.58 -23.20 54.08
C12 XAT WB . 9.28 -23.19 54.37
C13 XAT WB . 8.56 -24.44 54.65
C14 XAT WB . 7.28 -24.39 55.03
C15 XAT WB . 6.56 -25.62 55.35
C16 XAT WB . 16.11 -19.84 51.40
C17 XAT WB . 14.74 -17.82 51.14
C18 XAT WB . 15.40 -19.30 55.86
C19 XAT WB . 13.41 -23.05 53.68
C20 XAT WB . 9.26 -25.76 54.54
O3 XAT WB . 17.78 -15.65 53.26
O4 XAT WB . 14.29 -17.82 54.12
C21 XAT WB . -0.93 -33.58 60.36
C22 XAT WB . -1.25 -35.06 60.48
C23 XAT WB . -2.69 -35.33 60.08
C24 XAT WB . -2.72 -35.13 58.58
C25 XAT WB . -2.49 -33.65 58.24
C26 XAT WB . -1.65 -32.82 59.22
C27 XAT WB . -0.84 -31.71 58.56
C28 XAT WB . -0.92 -30.51 59.14
C29 XAT WB . -0.22 -29.31 58.66
C30 XAT WB . 1.03 -29.37 58.18
C31 XAT WB . 1.67 -28.14 57.75
C32 XAT WB . 2.83 -28.14 57.11
C33 XAT WB . 3.44 -26.85 56.74
C34 XAT WB . 4.69 -26.84 56.22
C35 XAT WB . 5.34 -25.58 55.86
C36 XAT WB . 0.57 -33.44 60.16
C37 XAT WB . -1.30 -32.92 61.69
C38 XAT WB . -2.28 -33.17 56.80
C39 XAT WB . -0.91 -27.98 58.73
C40 XAT WB . 2.70 -25.57 56.96
O23 XAT WB . -3.03 -36.68 60.41
O24 XAT WB . -3.08 -32.73 59.16
MG CLA XB . -6.99 -40.81 61.34
CHA CLA XB . -4.23 -42.90 61.16
CHB CLA XB . -8.61 -43.13 63.22
CHC CLA XB . -9.69 -38.68 61.52
CHD CLA XB . -5.28 -38.45 59.33
NA CLA XB . -6.48 -42.70 62.06
C1A CLA XB . -5.27 -43.40 61.89
C2A CLA XB . -5.31 -44.76 62.60
C3A CLA XB . -6.75 -44.83 63.17
C4A CLA XB . -7.33 -43.45 62.81
CMA CLA XB . -7.54 -45.95 62.56
CAA CLA XB . -4.29 -44.90 63.72
CBA CLA XB . -3.79 -43.59 64.29
CGA CLA XB . -4.62 -43.13 65.45
O1A CLA XB . -5.84 -43.05 65.54
O2A CLA XB . -3.85 -42.75 66.53
NB CLA XB . -8.79 -40.89 62.23
C1B CLA XB . -9.28 -41.92 62.95
C2B CLA XB . -10.67 -41.62 63.41
C3B CLA XB . -10.97 -40.36 62.94
C4B CLA XB . -9.79 -39.88 62.17
CMB CLA XB . -11.47 -42.54 64.22
CAB CLA XB . -12.18 -39.60 63.09
CBB CLA XB . -12.27 -38.35 63.57
NC CLA XB . -7.40 -38.91 60.56
C1C CLA XB . -8.56 -38.23 60.76
C2C CLA XB . -8.51 -36.94 60.10
C3C CLA XB . -7.26 -36.86 59.47
C4C CLA XB . -6.57 -38.12 59.76
CMC CLA XB . -9.59 -35.95 60.12
CAC CLA XB . -6.74 -35.75 58.67
CBC CLA XB . -7.41 -35.59 57.33
ND CLA XB . -5.20 -40.65 60.41
C1D CLA XB . -4.62 -39.62 59.62
C2D CLA XB . -3.26 -40.05 59.20
C3D CLA XB . -3.06 -41.30 59.75
C4D CLA XB . -4.29 -41.63 60.51
CMD CLA XB . -2.36 -39.25 58.36
CAD CLA XB . -2.15 -42.42 59.91
OBD CLA XB . -1.03 -42.59 59.43
CBD CLA XB . -2.86 -43.47 60.82
CGD CLA XB . -2.97 -44.83 60.19
O1D CLA XB . -3.95 -45.31 59.62
O2D CLA XB . -1.84 -45.58 60.28
CED CLA XB . -1.97 -46.96 60.60
MG CLA YB . 5.30 -44.32 65.51
CHA CLA YB . 7.60 -46.27 63.78
CHB CLA YB . 3.72 -47.13 66.60
CHC CLA YB . 3.08 -42.33 67.23
CHD CLA YB . 7.02 -41.42 64.41
NA CLA YB . 5.63 -46.36 65.22
C1A CLA YB . 6.64 -46.98 64.47
C2A CLA YB . 6.52 -48.50 64.55
C3A CLA YB . 5.26 -48.73 65.41
C4A CLA YB . 4.83 -47.31 65.79
CMA CLA YB . 4.19 -49.47 64.65
CAA CLA YB . 7.75 -49.08 65.25
CBA CLA YB . 7.99 -48.41 66.59
CGA CLA YB . 9.36 -48.74 67.11
O1A CLA YB . 10.12 -49.65 66.77
O2A CLA YB . 9.78 -47.88 68.09
NB CLA YB . 3.72 -44.66 66.72
C1B CLA YB . 3.21 -45.88 67.02
C2B CLA YB . 1.98 -45.73 67.85
C3B CLA YB . 1.80 -44.38 68.03
C4B CLA YB . 2.89 -43.68 67.31
CMB CLA YB . 1.19 -46.86 68.33
CAB CLA YB . 0.76 -43.68 68.75
CBB CLA YB . 0.95 -42.82 69.75
NC CLA YB . 5.09 -42.25 65.75
C1C CLA YB . 4.11 -41.66 66.51
C2C CLA YB . 4.26 -40.21 66.47
C3C CLA YB . 5.38 -39.94 65.68
C4C CLA YB . 5.90 -41.23 65.24
CMC CLA YB . 3.38 -39.26 67.15
CAC CLA YB . 5.94 -38.62 65.36
CBC CLA YB . 7.16 -38.30 66.18
ND CLA YB . 6.88 -43.87 64.32
C1D CLA YB . 7.49 -42.64 63.98
C2D CLA YB . 8.66 -42.90 63.10
C3D CLA YB . 8.73 -44.28 62.97
C4D CLA YB . 7.62 -44.84 63.78
CMD CLA YB . 9.52 -41.88 62.52
CAD CLA YB . 9.45 -45.40 62.38
OBD CLA YB . 10.39 -45.40 61.60
CBD CLA YB . 8.77 -46.71 62.92
CGD CLA YB . 8.43 -47.67 61.80
O1D CLA YB . 9.23 -48.26 61.07
O2D CLA YB . 7.10 -47.88 61.62
CED CLA YB . 6.71 -49.17 61.14
C1 CLA YB . 11.18 -47.56 68.14
C2 CLA YB . 11.38 -46.68 69.32
C3 CLA YB . 12.43 -45.85 69.47
C4 CLA YB . 12.58 -44.99 70.67
C5 CLA YB . 13.50 -45.73 68.43
C6 CLA YB . 13.85 -44.28 68.15
C7 CLA YB . 15.33 -44.14 67.81
C8 CLA YB . 15.65 -42.77 67.23
C9 CLA YB . 17.00 -42.81 66.52
C10 CLA YB . 15.66 -41.69 68.31
C11 CLA YB . 16.31 -40.41 67.84
MG CLA ZB . 2.46 -37.92 51.66
CHA CLA ZB . 0.45 -40.64 50.97
CHB CLA ZB . 3.08 -37.55 48.34
CHC CLA ZB . 4.31 -35.14 52.39
CHD CLA ZB . 1.84 -38.41 55.12
NA CLA ZB . 1.85 -38.95 49.96
C1A CLA ZB . 0.99 -40.05 49.87
C2A CLA ZB . 0.80 -40.50 48.43
C3A CLA ZB . 1.81 -39.63 47.65
C4A CLA ZB . 2.29 -38.61 48.69
CMA CLA ZB . 2.95 -40.48 47.17
CAA CLA ZB . -0.62 -40.21 47.98
CBA CLA ZB . -1.08 -38.82 48.38
CGA CLA ZB . -0.76 -37.83 47.31
O1A CLA ZB . -0.95 -37.95 46.09
O2A CLA ZB . -0.19 -36.68 47.76
NB CLA ZB . 3.56 -36.64 50.57
C1B CLA ZB . 3.58 -36.58 49.22
C2B CLA ZB . 4.25 -35.32 48.77
C3B CLA ZB . 4.59 -34.63 49.91
C4B CLA ZB . 4.16 -35.47 51.08
CMB CLA ZB . 4.41 -34.98 47.36
CAB CLA ZB . 5.24 -33.35 50.09
CBB CLA ZB . 6.09 -32.76 49.26
NC CLA ZB . 2.99 -36.97 53.44
C1C CLA ZB . 3.78 -35.85 53.50
C2C CLA ZB . 3.96 -35.46 54.89
C3C CLA ZB . 3.24 -36.37 55.67
C4C CLA ZB . 2.63 -37.32 54.75
CMC CLA ZB . 4.75 -34.31 55.36
CAC CLA ZB . 3.12 -36.39 57.13
CBC CLA ZB . 1.80 -35.79 57.58
ND CLA ZB . 1.36 -39.15 52.83
C1D CLA ZB . 1.24 -39.28 54.24
C2D CLA ZB . 0.36 -40.45 54.55
C3D CLA ZB . 0.03 -41.00 53.32
C4D CLA ZB . 0.69 -40.17 52.30
CMD CLA ZB . -0.01 -40.87 55.89
CAD CLA ZB . -0.70 -42.05 52.62
OBD CLA ZB . -1.44 -42.92 53.07
CBD CLA ZB . -0.37 -41.89 51.11
CGD CLA ZB . 0.46 -43.04 50.60
O1D CLA ZB . 1.68 -43.15 50.69
O2D CLA ZB . -0.24 -44.02 49.98
CED CLA ZB . 0.47 -44.78 48.99
C1 CLA ZB . 0.41 -35.79 46.78
C2 CLA ZB . 0.83 -34.59 47.54
C3 CLA ZB . 1.03 -33.36 47.01
C4 CLA ZB . 0.86 -33.08 45.57
C5 CLA ZB . 1.43 -32.24 47.89
C6 CLA ZB . 0.34 -31.18 47.98
C7 CLA ZB . 0.43 -30.39 49.27
C8 CLA ZB . -0.62 -29.29 49.34
C9 CLA ZB . -0.77 -28.58 48.01
C10 CLA ZB . -0.28 -28.27 50.42
C11 CLA ZB . -0.06 -28.92 51.77
C12 CLA ZB . 0.62 -28.01 52.76
C13 CLA ZB . -0.28 -27.63 53.92
C14 CLA ZB . -1.25 -28.73 54.27
C15 CLA ZB . -1.04 -26.33 53.64
C16 CLA ZB . -1.04 -25.40 54.83
C17 CLA ZB . -2.30 -25.54 55.67
C18 CLA ZB . -2.88 -24.21 56.13
C19 CLA ZB . -1.95 -23.04 55.86
C20 CLA ZB . -4.23 -23.96 55.51
MG CLA AC . 8.01 -28.88 46.91
CHA CLA AC . 7.60 -30.08 43.68
CHB CLA AC . 4.84 -29.90 47.69
CHC CLA AC . 8.48 -27.72 50.11
CHD CLA AC . 11.29 -27.88 46.06
NA CLA AC . 6.50 -29.84 45.84
C1A CLA AC . 6.52 -30.28 44.51
C2A CLA AC . 5.21 -30.97 44.12
C3A CLA AC . 4.36 -30.87 45.41
C4A CLA AC . 5.29 -30.17 46.40
CMA CLA AC . 3.09 -30.08 45.18
CAA CLA AC . 5.51 -32.42 43.83
CBA CLA AC . 4.28 -33.29 43.86
CGA CLA AC . 3.63 -33.27 42.51
O1A CLA AC . 3.84 -34.01 41.55
O2A CLA AC . 2.71 -32.27 42.38
NB CLA AC . 6.90 -28.87 48.59
C1B CLA AC . 5.60 -29.24 48.67
C2B CLA AC . 5.03 -28.82 49.98
C3B CLA AC . 6.05 -28.20 50.68
C4B CLA AC . 7.25 -28.23 49.80
CMB CLA AC . 3.64 -29.07 50.36
CAB CLA AC . 6.09 -27.59 51.99
CBB CLA AC . 5.06 -27.00 52.61
NC CLA AC . 9.61 -27.98 47.91
C1C CLA AC . 9.59 -27.61 49.22
C2C CLA AC . 10.88 -27.04 49.59
C3C CLA AC . 11.68 -27.07 48.44
C4C CLA AC . 10.87 -27.67 47.39
CMC CLA AC . 11.22 -26.52 50.92
CAC CLA AC . 13.07 -26.62 48.30
CBC CLA AC . 14.04 -27.77 48.32
ND CLA AC . 9.20 -28.90 45.28
C1D CLA AC . 10.53 -28.44 45.06
C2D CLA AC . 10.90 -28.69 43.65
C3D CLA AC . 9.80 -29.30 43.07
C4D CLA AC . 8.78 -29.42 44.13
CMD CLA AC . 12.18 -28.32 43.04
CAD CLA AC . 9.24 -29.86 41.86
OBD CLA AC . 9.72 -29.96 40.73
CBD CLA AC . 7.81 -30.39 42.22
CGD CLA AC . 6.75 -29.73 41.38
O1D CLA AC . 6.65 -28.54 41.09
O2D CLA AC . 5.80 -30.58 40.92
CED CLA AC . 6.24 -31.76 40.23
C1 CLA AC . 2.13 -32.08 41.08
C2 CLA AC . 1.98 -30.62 40.89
C3 CLA AC . 1.05 -29.88 41.52
C4 CLA AC . 0.08 -30.47 42.48
C5 CLA AC . 0.95 -28.41 41.28
MG CLA BC . 25.20 -28.06 55.70
CHA CLA BC . 27.35 -25.46 56.51
CHB CLA BC . 23.90 -26.22 53.16
CHC CLA BC . 23.19 -30.74 54.89
CHD CLA BC . 26.63 -29.96 58.33
NA CLA BC . 25.57 -26.14 54.98
C1A CLA BC . 26.51 -25.20 55.46
C2A CLA BC . 26.46 -23.94 54.61
C3A CLA BC . 25.29 -24.18 53.62
C4A CLA BC . 24.88 -25.62 53.92
CMA CLA BC . 24.16 -23.20 53.82
CAA CLA BC . 27.74 -23.69 53.81
CBA CLA BC . 28.70 -24.85 53.60
CGA CLA BC . 28.01 -26.07 53.06
O1A CLA BC . 27.43 -26.22 51.99
O2A CLA BC . 28.01 -27.13 53.93
NB CLA BC . 23.81 -28.42 54.29
C1B CLA BC . 23.42 -27.54 53.34
C2B CLA BC . 22.36 -28.15 52.48
C3B CLA BC . 22.15 -29.42 52.97
C4B CLA BC . 23.08 -29.61 54.12
CMB CLA BC . 21.72 -27.45 51.37
CAB CLA BC . 21.25 -30.46 52.54
CBB CLA BC . 19.94 -30.30 52.32
NC CLA BC . 24.94 -29.98 56.49
C1C CLA BC . 24.06 -30.91 55.99
C2C CLA BC . 24.14 -32.15 56.78
C3C CLA BC . 25.13 -31.94 57.75
C4C CLA BC . 25.62 -30.58 57.55
CMC CLA BC . 23.35 -33.35 56.55
CAC CLA BC . 25.58 -32.89 58.79
CBC CLA BC . 26.90 -33.52 58.45
ND CLA BC . 26.60 -27.82 57.15
C1D CLA BC . 27.10 -28.69 58.16
C2D CLA BC . 28.17 -27.99 58.90
C3D CLA BC . 28.30 -26.73 58.32
C4D CLA BC . 27.31 -26.69 57.22
CMD CLA BC . 28.90 -28.56 60.04
CAD CLA BC . 28.99 -25.46 58.34
OBD CLA BC . 29.86 -25.05 59.10
CBD CLA BC . 28.43 -24.62 57.15
CGD CLA BC . 27.92 -23.27 57.57
O1D CLA BC . 28.17 -22.18 57.05
O2D CLA BC . 27.09 -23.31 58.65
CED CLA BC . 26.23 -22.20 58.87
C1 CLA BC . 29.18 -27.98 54.06
C2 CLA BC . 28.64 -29.30 54.44
C3 CLA BC . 29.34 -30.23 55.12
C4 CLA BC . 30.74 -30.01 55.56
C5 CLA BC . 28.73 -31.54 55.47
C6 CLA BC . 27.73 -32.03 54.43
C7 CLA BC . 27.55 -33.53 54.51
C8 CLA BC . 26.56 -34.06 53.48
C9 CLA BC . 25.31 -33.21 53.46
C10 CLA BC . 26.21 -35.51 53.76
C11 CLA BC . 26.48 -36.40 52.57
C12 CLA BC . 25.41 -36.26 51.51
C13 CLA BC . 25.95 -36.59 50.13
C14 CLA BC . 27.23 -35.85 49.85
C15 CLA BC . 24.90 -36.28 49.05
C16 CLA BC . 25.49 -36.33 47.66
C17 CLA BC . 24.78 -35.35 46.74
C18 CLA BC . 24.66 -35.87 45.32
C19 CLA BC . 23.96 -34.86 44.44
C20 CLA BC . 26.02 -36.21 44.75
MG CLA CC . 33.36 -28.54 46.06
CHA CLA CC . 33.89 -25.64 47.91
CHB CLA CC . 36.13 -27.85 44.21
CHC CLA CC . 32.88 -31.49 44.36
CHD CLA CC . 30.40 -29.12 47.89
NA CLA CC . 34.75 -26.99 46.08
C1A CLA CC . 34.81 -25.88 46.93
C2A CLA CC . 35.99 -24.98 46.58
C3A CLA CC . 36.57 -25.63 45.30
C4A CLA CC . 35.78 -26.93 45.17
CMA CLA CC . 36.34 -24.74 44.10
CAA CLA CC . 37.02 -24.93 47.69
CBA CLA CC . 38.40 -24.63 47.15
CGA CLA CC . 39.05 -23.56 47.96
O1A CLA CC . 40.00 -23.64 48.75
O2A CLA CC . 38.47 -22.33 47.78
NB CLA CC . 34.30 -29.47 44.55
C1B CLA CC . 35.47 -29.08 43.98
C2B CLA CC . 35.96 -30.13 43.05
C3B CLA CC . 35.05 -31.16 43.08
C4B CLA CC . 33.98 -30.76 44.04
CMB CLA CC . 37.19 -30.01 42.28
CAB CLA CC . 35.05 -32.41 42.37
CBB CLA CC . 35.11 -33.62 42.94
NC CLA CC . 31.90 -30.03 46.12
C1C CLA CC . 31.91 -31.15 45.34
C2C CLA CC . 30.74 -31.98 45.65
C3C CLA CC . 30.02 -31.30 46.64
C4C CLA CC . 30.76 -30.08 46.92
CMC CLA CC . 30.43 -33.26 45.01
CAC CLA CC . 28.78 -31.74 47.28
CBC CLA CC . 27.55 -31.40 46.46
ND CLA CC . 32.35 -27.67 47.57
C1D CLA CC . 31.12 -28.00 48.20
C2D CLA CC . 30.84 -26.98 49.22
C3D CLA CC . 31.89 -26.09 49.21
C4D CLA CC . 32.79 -26.54 48.12
CMD CLA CC . 29.66 -26.99 50.10
CAD CLA CC . 32.46 -24.88 49.78
OBD CLA CC . 32.08 -24.22 50.74
CBD CLA CC . 33.71 -24.52 48.93
CGD CLA CC . 33.55 -23.15 48.31
O1D CLA CC . 32.53 -22.46 48.32
O2D CLA CC . 34.67 -22.65 47.72
CED CLA CC . 35.10 -21.34 48.09
C1 CLA CC . 39.00 -21.52 46.72
MG CLA DC . 14.45 -31.27 40.95
CHA CLA DC . 11.44 -32.92 41.36
CHB CLA DC . 14.41 -32.02 37.63
CHC CLA DC . 17.31 -29.42 40.56
CHD CLA DC . 14.49 -30.59 44.43
NA CLA DC . 13.13 -32.33 39.73
C1A CLA DC . 11.92 -32.91 40.08
C2A CLA DC . 11.25 -33.58 38.87
C3A CLA DC . 12.32 -33.45 37.77
C4A CLA DC . 13.37 -32.52 38.39
CMA CLA DC . 12.89 -34.82 37.47
CAA CLA DC . 9.99 -32.82 38.49
CBA CLA DC . 10.29 -31.59 37.64
CGA CLA DC . 9.16 -30.62 37.66
O1A CLA DC . 7.95 -30.85 37.52
O2A CLA DC . 9.56 -29.34 37.87
NB CLA DC . 15.64 -30.81 39.40
C1B CLA DC . 15.43 -31.18 38.10
C2B CLA DC . 16.47 -30.57 37.23
C3B CLA DC . 17.30 -29.84 38.05
C4B CLA DC . 16.78 -29.98 39.44
CMB CLA DC . 16.54 -30.78 35.79
CAB CLA DC . 18.47 -29.06 37.72
CBB CLA DC . 18.58 -27.74 37.87
NC CLA DC . 15.68 -30.23 42.27
C1C CLA DC . 16.81 -29.54 41.90
C2C CLA DC . 17.43 -28.91 43.07
C3C CLA DC . 16.62 -29.24 44.16
C4C CLA DC . 15.54 -30.08 43.65
CMC CLA DC . 18.64 -28.10 43.03
CAC CLA DC . 16.83 -28.85 45.57
CBC CLA DC . 17.65 -29.86 46.33
ND CLA DC . 13.31 -31.67 42.57
C1D CLA DC . 13.43 -31.34 43.95
C2D CLA DC . 12.28 -31.90 44.68
C3D CLA DC . 11.48 -32.50 43.73
C4D CLA DC . 12.16 -32.34 42.44
CMD CLA DC . 12.07 -31.77 46.12
CAD CLA DC . 10.26 -33.26 43.48
OBD CLA DC . 9.40 -33.66 44.26
CBD CLA DC . 10.20 -33.53 41.95
CGD CLA DC . 10.13 -35.01 41.66
O1D CLA DC . 11.04 -35.83 41.77
O2D CLA DC . 8.92 -35.45 41.21
CED CLA DC . 8.78 -36.85 40.99
C1 CLA DC . 8.64 -28.30 37.46
MG CLA EC . 17.52 -44.19 52.23
CHA CLA EC . 17.72 -46.54 49.69
CHB CLA EC . 16.06 -46.52 54.24
CHC CLA EC . 17.50 -41.89 54.78
CHD CLA EC . 19.06 -41.83 50.09
NA CLA EC . 16.97 -46.19 51.98
C1A CLA EC . 17.15 -47.00 50.85
C2A CLA EC . 16.63 -48.41 51.09
C3A CLA EC . 15.91 -48.29 52.46
C4A CLA EC . 16.35 -46.92 52.96
CMA CLA EC . 14.42 -48.39 52.32
CAA CLA EC . 17.79 -49.37 51.19
CBA CLA EC . 19.00 -48.77 51.88
CGA CLA EC . 18.89 -48.93 53.37
O1A CLA EC . 18.61 -49.94 54.00
O2A CLA EC . 19.12 -47.77 54.07
NB CLA EC . 16.82 -44.18 54.12
C1B CLA EC . 16.40 -45.28 54.80
C2B CLA EC . 16.34 -45.00 56.25
C3B CLA EC . 16.74 -43.69 56.43
C4B CLA EC . 17.05 -43.15 55.07
CMB CLA EC . 15.92 -46.01 57.22
CAB CLA EC . 16.89 -42.92 57.63
CBB CLA EC . 16.17 -43.04 58.75
NC CLA EC . 18.12 -42.20 52.38
C1C CLA EC . 17.99 -41.44 53.51
C2C CLA EC . 18.49 -40.09 53.25
C3C CLA EC . 18.97 -40.09 51.94
C4C CLA EC . 18.73 -41.42 51.40
CMC CLA EC . 18.49 -39.00 54.22
CAC CLA EC . 19.58 -38.95 51.22
CBC CLA EC . 21.08 -39.08 51.11
ND CLA EC . 18.26 -44.14 50.36
C1D CLA EC . 18.84 -43.09 49.59
C2D CLA EC . 19.15 -43.60 48.22
C3D CLA EC . 18.74 -44.93 48.21
C4D CLA EC . 18.19 -45.21 49.56
CMD CLA EC . 19.76 -42.82 47.15
CAD CLA EC . 18.61 -46.15 47.43
OBD CLA EC . 18.93 -46.37 46.27
CBD CLA EC . 17.94 -47.22 48.36
CGD CLA EC . 16.64 -47.70 47.80
O1D CLA EC . 15.78 -47.03 47.23
O2D CLA EC . 16.41 -49.03 47.97
CED CLA EC . 15.09 -49.52 47.70
C1 CLA EC . 19.67 -47.93 55.40
C2 CLA EC . 19.57 -46.63 56.12
C3 CLA EC . 19.70 -46.52 57.45
C4 CLA EC . 19.93 -47.69 58.32
C5 CLA EC . 19.60 -45.19 58.13
C6 CLA EC . 20.66 -44.98 59.19
C7 CLA EC . 21.81 -44.13 58.67
C8 CLA EC . 22.60 -43.50 59.81
MG CLA FC . 14.72 -42.11 63.92
CHA CLA FC . 13.71 -45.41 63.63
CHB CLA FC . 17.48 -42.79 62.06
CHC CLA FC . 15.69 -38.82 64.26
CHD CLA FC . 11.80 -41.43 65.81
NA CLA FC . 15.45 -43.83 63.01
C1A CLA FC . 14.88 -45.12 62.98
C2A CLA FC . 15.74 -46.10 62.19
C3A CLA FC . 16.93 -45.23 61.72
C4A CLA FC . 16.62 -43.85 62.28
CMA CLA FC . 18.24 -45.76 62.24
CAA CLA FC . 14.99 -46.65 60.99
CBA CLA FC . 15.77 -47.77 60.31
CGA CLA FC . 16.13 -48.84 61.28
O1A CLA FC . 17.06 -48.87 62.09
O2A CLA FC . 15.27 -49.91 61.23
NB CLA FC . 16.26 -41.00 63.24
C1B CLA FC . 17.32 -41.48 62.53
C2B CLA FC . 18.33 -40.41 62.34
C3B CLA FC . 17.83 -39.27 62.97
C4B CLA FC . 16.52 -39.65 63.55
CMB CLA FC . 19.59 -40.60 61.63
CAB CLA FC . 18.42 -37.97 63.10
CBB CLA FC . 18.76 -37.39 64.24
NC CLA FC . 13.89 -40.44 64.88
C1C CLA FC . 14.47 -39.20 64.90
C2C CLA FC . 13.64 -38.28 65.67
C3C CLA FC . 12.52 -39.00 66.10
C4C CLA FC . 12.69 -40.37 65.59
CMC CLA FC . 13.95 -36.87 65.92
CAC CLA FC . 11.40 -38.52 66.91
CBC CLA FC . 11.71 -38.56 68.39
ND CLA FC . 13.14 -43.13 64.65
C1D CLA FC . 11.99 -42.72 65.39
C2D CLA FC . 11.12 -43.90 65.61
C3D CLA FC . 11.75 -44.96 64.99
C4D CLA FC . 12.98 -44.42 64.38
CMD CLA FC . 9.86 -43.87 66.37
CAD CLA FC . 11.70 -46.38 64.69
OBD CLA FC . 10.91 -47.23 65.05
CBD CLA FC . 12.91 -46.69 63.76
CGD CLA FC . 13.74 -47.81 64.31
O1D CLA FC . 13.66 -49.01 64.06
O2D CLA FC . 14.69 -47.40 65.21
CED CLA FC . 15.67 -48.35 65.62
MG CLA GC . 6.01 -25.92 65.57
CHA CLA GC . 5.92 -23.25 67.79
CHB CLA GC . 7.15 -27.94 68.05
CHC CLA GC . 6.03 -28.54 63.34
CHD CLA GC . 4.84 -23.77 63.01
NA CLA GC . 6.46 -25.61 67.59
C1A CLA GC . 6.35 -24.43 68.33
C2A CLA GC . 6.77 -24.66 69.78
C3A CLA GC . 7.21 -26.14 69.81
C4A CLA GC . 6.92 -26.62 68.39
CMA CLA GC . 8.65 -26.32 70.16
CAA CLA GC . 5.60 -24.44 70.73
NB CLA GC . 6.54 -27.86 65.67
C1B CLA GC . 6.93 -28.51 66.79
C2B CLA GC . 7.10 -29.96 66.50
C3B CLA GC . 6.78 -30.15 65.18
C4B CLA GC . 6.42 -28.81 64.62
CMB CLA GC . 7.50 -30.94 67.52
CAB CLA GC . 6.76 -31.37 64.41
CBB CLA GC . 7.41 -31.60 63.28
NC CLA GC . 5.53 -26.11 63.54
C1C CLA GC . 5.61 -27.28 62.83
C2C CLA GC . 5.19 -27.05 61.45
C3C CLA GC . 4.85 -25.70 61.35
C4C CLA GC . 5.06 -25.12 62.67
CMC CLA GC . 5.15 -28.07 60.41
CAC CLA GC . 4.36 -24.98 60.17
CBC CLA GC . 5.46 -24.55 59.24
ND CLA GC . 5.47 -23.98 65.37
C1D CLA GC . 5.02 -23.22 64.26
C2D CLA GC . 4.79 -21.82 64.69
C3D CLA GC . 5.12 -21.78 66.04
C4D CLA GC . 5.54 -23.14 66.41
CMD CLA GC . 4.32 -20.75 63.81
CAD CLA GC . 5.22 -20.95 67.22
OBD CLA GC . 4.97 -19.76 67.37
CBD CLA GC . 5.74 -21.87 68.38
CGD CLA GC . 7.02 -21.35 68.96
O1D CLA GC . 7.46 -21.53 70.10
O2D CLA GC . 7.75 -20.59 68.09
CED CLA GC . 8.67 -19.64 68.64
MG CLA HC . 18.19 -21.29 46.79
CHA CLA HC . 19.27 -18.53 45.00
CHB CLA HC . 15.32 -19.66 47.60
CHC CLA HC . 17.20 -24.05 48.59
CHD CLA HC . 21.22 -22.94 45.97
NA CLA HC . 17.44 -19.40 46.35
C1A CLA HC . 18.04 -18.39 45.58
C2A CLA HC . 17.14 -17.15 45.50
C3A CLA HC . 15.91 -17.54 46.36
C4A CLA HC . 16.22 -18.96 46.80
CMA CLA HC . 15.70 -16.61 47.53
CAA CLA HC . 16.71 -16.84 44.08
CBA CLA HC . 16.43 -18.09 43.29
CGA CLA HC . 15.06 -18.02 42.69
O1A CLA HC . 13.99 -17.83 43.25
O2A CLA HC . 15.06 -18.21 41.33
NB CLA HC . 16.58 -21.76 47.91
C1B CLA HC . 15.49 -20.95 48.10
C2B CLA HC . 14.50 -21.67 48.95
C3B CLA HC . 15.02 -22.91 49.24
C4B CLA HC . 16.34 -22.98 48.57
CMB CLA HC . 13.22 -21.06 49.35
CAB CLA HC . 14.45 -23.98 50.01
CBB CLA HC . 15.06 -24.63 51.00
NC CLA HC . 19.05 -23.16 47.19
C1C CLA HC . 18.47 -24.14 47.95
C2C CLA HC . 19.34 -25.30 48.01
C3C CLA HC . 20.48 -24.99 47.29
C4C CLA HC . 20.29 -23.64 46.77
CMC CLA HC . 19.03 -26.54 48.74
CAC CLA HC . 21.64 -25.85 47.06
CBC CLA HC . 21.45 -26.72 45.83
ND CLA HC . 19.85 -20.92 45.71
C1D CLA HC . 21.04 -21.67 45.48
C2D CLA HC . 21.96 -20.88 44.64
C3D CLA HC . 21.33 -19.66 44.42
C4D CLA HC . 20.03 -19.73 45.12
CMD CLA HC . 23.27 -21.34 44.17
CAD CLA HC . 21.41 -18.36 43.78
OBD CLA HC . 22.29 -17.90 43.05
CBD CLA HC . 20.12 -17.58 44.18
CGD CLA HC . 20.44 -16.32 44.95
O1D CLA HC . 19.90 -15.91 45.98
O2D CLA HC . 21.46 -15.59 44.42
CED CLA HC . 21.13 -14.64 43.41
C1 CLA HC . 13.95 -18.95 40.78
MG CLA IC . 6.73 -19.52 55.39
CHA CLA IC . 9.26 -17.15 55.14
CHB CLA IC . 5.79 -18.19 58.38
CHC CLA IC . 4.18 -21.81 55.53
CHD CLA IC . 7.74 -20.86 52.28
NA CLA IC . 7.44 -17.93 56.56
C1A CLA IC . 8.50 -17.06 56.27
C2A CLA IC . 8.67 -16.03 57.40
C3A CLA IC . 7.57 -16.42 58.42
C4A CLA IC . 6.86 -17.59 57.75
CMA CLA IC . 8.15 -16.78 59.77
CAA CLA IC . 8.43 -14.62 56.90
CBA CLA IC . 7.00 -14.42 56.41
CGA CLA IC . 6.92 -14.65 54.93
O1A CLA IC . 7.70 -14.30 54.04
O2A CLA IC . 5.80 -15.36 54.57
NB CLA IC . 5.26 -19.92 56.70
C1B CLA IC . 5.04 -19.27 57.87
C2B CLA IC . 3.87 -19.87 58.57
C3B CLA IC . 3.41 -20.89 57.77
C4B CLA IC . 4.29 -20.94 56.57
CMB CLA IC . 3.38 -19.39 59.86
CAB CLA IC . 2.30 -21.79 57.98
CBB CLA IC . 1.25 -21.91 57.17
NC CLA IC . 6.10 -21.06 54.13
C1C CLA IC . 5.02 -21.87 54.39
C2C CLA IC . 4.85 -22.83 53.30
C3C CLA IC . 5.87 -22.57 52.38
C4C CLA IC . 6.64 -21.46 52.90
CMC CLA IC . 3.79 -23.84 53.24
CAC CLA IC . 6.11 -23.26 51.10
CBC CLA IC . 7.28 -24.22 51.18
ND CLA IC . 8.18 -19.18 54.01
C1D CLA IC . 8.47 -19.80 52.76
C2D CLA IC . 9.63 -19.12 52.16
C3D CLA IC . 9.98 -18.09 53.02
C4D CLA IC . 9.03 -18.17 54.15
CMD CLA IC . 10.25 -19.49 50.87
CAD CLA IC . 10.88 -16.99 53.27
OBD CLA IC . 11.83 -16.59 52.61
CBD CLA IC . 10.43 -16.34 54.62
CGD CLA IC . 11.57 -16.27 55.61
O1D CLA IC . 11.96 -17.14 56.39
O2D CLA IC . 12.20 -15.06 55.61
CED CLA IC . 13.61 -15.03 55.40
C1 CLA IC . 5.99 -16.47 53.68
C2 CLA IC . 4.64 -16.96 53.32
C3 CLA IC . 4.39 -17.81 52.31
C4 CLA IC . 5.47 -18.32 51.44
C5 CLA IC . 3.00 -18.25 52.02
C6 CLA IC . 2.79 -19.74 52.23
C7 CLA IC . 1.37 -20.01 52.67
C8 CLA IC . 0.80 -21.29 52.08
C9 CLA IC . 0.97 -21.32 50.58
C10 CLA IC . -0.67 -21.45 52.46
C1A DGD JC . 0.21 -13.44 56.87
C2A DGD JC . -0.65 -13.11 55.68
C3A DGD JC . -2.11 -13.29 56.06
C4A DGD JC . -2.99 -13.34 54.82
O1A DGD JC . -0.28 -14.01 57.81
C1B DGD JC . 2.62 -16.58 57.00
C2B DGD JC . 1.39 -17.03 57.72
C3B DGD JC . 0.72 -18.13 56.92
C4B DGD JC . 0.43 -17.66 55.50
C5B DGD JC . -1.07 -17.74 55.21
C6B DGD JC . -1.83 -18.32 56.40
O1B DGD JC . 3.28 -17.39 56.38
O1G DGD JC . 1.61 -13.09 56.91
C1G DGD JC . 2.31 -13.21 58.14
C2G DGD JC . 2.95 -14.58 58.27
O2G DGD JC . 3.02 -15.20 57.00
C3G DGD JC . 4.37 -14.42 58.79
O3G DGD JC . 4.34 -13.87 60.09
C1D DGD JC . 4.88 -12.55 60.14
C2D DGD JC . 3.95 -11.69 60.98
O2D DGD JC . 2.65 -11.63 60.39
C3D DGD JC . 4.52 -10.30 61.07
O3D DGD JC . 3.68 -9.48 61.87
C4D DGD JC . 5.89 -10.41 61.68
O4D DGD JC . 5.76 -11.00 62.97
C5D DGD JC . 6.76 -11.31 60.82
O5D DGD JC . 9.04 -11.96 60.42
C6D DGD JC . 8.17 -11.41 61.40
O6D DGD JC . 6.16 -12.59 60.76
C1E DGD JC . 10.33 -12.26 60.96
C2E DGD JC . 11.35 -11.25 60.48
O2E DGD JC . 11.02 -9.94 60.96
C3E DGD JC . 11.39 -11.24 58.96
O3E DGD JC . 12.45 -10.40 58.51
C4E DGD JC . 11.60 -12.65 58.41
O4E DGD JC . 12.95 -13.04 58.65
C5E DGD JC . 10.65 -13.64 59.08
O6E DGD JC . 10.73 -13.54 60.50
C6E DGD JC . 11.35 -14.76 58.45
O5E DGD JC . 12.68 -14.60 58.96
C1 XAT KC . 1.88 -39.24 60.86
C2 XAT KC . 1.96 -40.60 60.17
C3 XAT KC . 3.16 -40.70 59.25
C4 XAT KC . 4.37 -40.69 60.17
C5 XAT KC . 4.53 -39.30 60.78
C6 XAT KC . 3.23 -38.51 61.05
C7 XAT KC . 3.34 -37.60 62.27
C8 XAT KC . 3.19 -36.31 62.00
C9 XAT KC . 3.25 -35.21 62.97
C10 XAT KC . 2.95 -33.99 62.50
C11 XAT KC . 2.93 -32.75 63.25
C12 XAT KC . 2.54 -31.69 62.54
C13 XAT KC . 2.45 -30.32 63.09
C14 XAT KC . 2.02 -29.34 62.30
C15 XAT KC . 1.92 -27.96 62.77
C16 XAT KC . 1.21 -39.42 62.21
C17 XAT KC . 0.98 -38.35 60.03
C18 XAT KC . 5.60 -38.99 61.82
C19 XAT KC . 3.62 -35.43 64.41
C20 XAT KC . 2.87 -30.04 64.51
O3 XAT KC . 3.12 -41.90 58.48
O4 XAT KC . 4.09 -38.23 59.94
C21 XAT KC . -0.36 -15.06 62.15
C22 XAT KC . 0.29 -13.71 61.96
C23 XAT KC . 1.12 -13.40 63.19
C24 XAT KC . 2.37 -14.24 63.07
C25 XAT KC . 2.07 -15.75 62.94
C26 XAT KC . 0.64 -16.16 62.55
C27 XAT KC . 0.62 -17.45 61.72
C28 XAT KC . 0.16 -18.55 62.30
C29 XAT KC . 0.13 -19.83 61.57
C30 XAT KC . 0.38 -20.96 62.24
C31 XAT KC . 0.35 -22.27 61.59
C32 XAT KC . 0.78 -23.31 62.30
C33 XAT KC . 0.81 -24.67 61.74
C34 XAT KC . 1.32 -25.66 62.49
C35 XAT KC . 1.39 -27.03 62.00
C36 XAT KC . -1.05 -15.46 60.86
C37 XAT KC . -1.41 -14.95 63.24
C38 XAT KC . 3.12 -16.72 62.39
C39 XAT KC . -0.23 -19.87 60.11
C40 XAT KC . 0.29 -24.93 60.36
O23 XAT KC . 1.48 -12.01 63.20
O24 XAT KC . 1.14 -16.24 63.90
C1 A1L1G LC . -35.56 -25.90 71.39
C5 A1L1G LC . -37.95 -25.64 70.70
C4 A1L1G LC . -34.39 -28.07 71.01
C3 A1L1G LC . -36.74 -27.77 70.20
C2 A1L1G LC . -35.41 -23.33 71.04
C10 A1L1G LC . -34.06 -26.91 73.19
C11 A1L1G LC . -34.29 -26.72 71.70
C12 A1L1G LC . -37.39 -27.20 72.55
C14 A1L1G LC . -30.66 -5.14 69.46
C17 A1L1G LC . -32.09 -2.97 68.10
C18 A1L1G LC . -28.61 -4.20 71.08
C19 A1L1G LC . -27.43 -4.53 68.90
C20 A1L1G LC . -30.59 -2.89 68.24
C21 A1L1G LC . -30.01 -1.51 68.16
C22 A1L1G LC . -28.51 -1.52 68.36
C23 A1L1G LC . -28.14 -2.26 69.62
C24 A1L1G LC . -28.53 -3.75 69.62
C25 A1L1G LC . -29.88 -3.97 68.92
C26 A1L1G LC . -32.49 -7.04 67.66
C27 A1L1G LC . -33.40 -12.29 67.94
C28 A1L1G LC . -33.91 -17.28 73.29
C29 A1L1G LC . -30.48 -6.38 69.02
C30 A1L1G LC . -31.51 -7.30 68.78
C31 A1L1G LC . -31.63 -8.43 69.56
C32 A1L1G LC . -31.94 -9.70 69.16
C33 A1L1G LC . -33.03 -10.46 69.56
C34 A1L1G LC . -33.25 -11.82 69.34
C35 A1L1G LC . -33.35 -12.77 70.37
C36 A1L1G LC . -33.59 -14.12 70.26
C37 A1L1G LC . -33.89 -15.06 71.24
C38 A1L1G LC . -34.62 -16.23 71.16
C39 A1L1G LC . -34.48 -17.40 71.92
C40 A1L1G LC . -34.83 -18.67 71.46
C41 A1L1G LC . -34.87 -19.87 72.16
C42 A1L1G LC . -35.68 -20.94 71.86
C43 A1L1G LC . -35.24 -22.77 73.48
C44 A1L1G LC . -35.45 -22.31 72.09
C45 A1L1G LC . -35.47 -24.62 71.25
C6 A1L1G LC . -36.90 -26.63 71.21
C8 A1L1G LC . -35.30 -28.03 69.79
O13 A1L1G LC . -31.91 -7.45 66.44
O15 A1L1G LC . -29.85 -3.87 67.48
O16 A1L1G LC . -28.02 -0.18 68.42
O7 A1L1G LC . -35.22 -29.27 69.09
O9 A1L1G LC . -33.15 -26.07 71.12
C1 XAT MC . -6.61 -24.75 86.50
C2 XAT MC . -6.59 -24.07 87.87
C3 XAT MC . -6.69 -22.58 87.72
C4 XAT MC . -8.13 -22.32 87.31
C5 XAT MC . -8.40 -22.90 85.91
C6 XAT MC . -7.55 -24.10 85.48
C7 XAT MC . -8.32 -25.05 84.58
C8 XAT MC . -7.93 -25.13 83.31
C9 XAT MC . -8.59 -25.99 82.32
C10 XAT MC . -8.40 -25.72 81.03
C11 XAT MC . -9.00 -26.50 79.96
C12 XAT MC . -8.97 -25.98 78.75
C13 XAT MC . -9.55 -26.67 77.58
C14 XAT MC . -9.83 -25.96 76.48
C15 XAT MC . -10.41 -26.58 75.31
C16 XAT MC . -6.99 -26.21 86.68
C17 XAT MC . -5.20 -24.73 85.92
C18 XAT MC . -9.82 -22.98 85.36
C19 XAT MC . -9.46 -27.14 82.75
C20 XAT MC . -9.83 -28.14 77.63
O3 XAT MC . -6.41 -21.93 88.96
O4 XAT MC . -7.32 -22.77 84.99
C21 XAT MC . -15.49 -27.74 63.43
C22 XAT MC . -16.64 -28.27 62.61
C23 XAT MC . -17.03 -29.65 63.10
C24 XAT MC . -17.76 -29.39 64.40
C25 XAT MC . -16.80 -28.81 65.46
C26 XAT MC . -15.58 -28.04 64.94
C27 XAT MC . -15.15 -26.95 65.90
C28 XAT MC . -14.02 -27.16 66.57
C29 XAT MC . -13.48 -26.19 67.54
C30 XAT MC . -12.81 -26.69 68.57
C31 XAT MC . -12.22 -25.88 69.62
C32 XAT MC . -11.84 -26.52 70.72
C33 XAT MC . -11.23 -25.83 71.86
C34 XAT MC . -11.15 -26.48 73.04
C35 XAT MC . -10.56 -25.86 74.21
C36 XAT MC . -15.40 -26.22 63.24
C37 XAT MC . -14.20 -28.35 62.91
C38 XAT MC . -17.31 -28.24 66.79
C39 XAT MC . -13.66 -24.72 67.35
C40 XAT MC . -10.70 -24.44 71.74
O23 XAT MC . -17.91 -30.28 62.17
O24 XAT MC . -15.50 -29.39 65.44
C1 XAT NC . -36.73 -21.30 59.87
C2 XAT NC . -37.91 -21.99 59.19
C3 XAT NC . -37.43 -23.19 58.41
C4 XAT NC . -37.10 -24.23 59.45
C5 XAT NC . -35.91 -23.77 60.30
C6 XAT NC . -35.66 -22.25 60.44
C7 XAT NC . -35.05 -21.87 61.79
C8 XAT NC . -33.78 -21.48 61.76
C9 XAT NC . -33.02 -21.09 62.95
C10 XAT NC . -31.70 -20.92 62.85
C11 XAT NC . -30.85 -20.53 63.96
C12 XAT NC . -29.53 -20.58 63.79
C13 XAT NC . -28.59 -20.20 64.88
C14 XAT NC . -27.28 -20.38 64.68
C15 XAT NC . -26.31 -20.04 65.72
C16 XAT NC . -37.27 -20.42 61.00
C17 XAT NC . -36.06 -20.38 58.87
C18 XAT NC . -35.51 -24.51 61.59
C19 XAT NC . -33.72 -20.85 64.27
C20 XAT NC . -29.11 -19.63 66.16
O3 XAT NC . -38.45 -23.66 57.53
O4 XAT NC . -34.87 -23.10 59.59
C21 XAT NC . -16.07 -17.98 71.47
C22 XAT NC . -15.50 -16.97 72.45
C23 XAT NC . -14.06 -16.67 72.11
C24 XAT NC . -14.11 -15.83 70.85
C25 XAT NC . -14.68 -16.64 69.67
C26 XAT NC . -15.62 -17.80 70.00
C27 XAT NC . -16.69 -18.00 68.93
C28 XAT NC . -17.05 -19.24 68.60
C29 XAT NC . -18.08 -19.50 67.57
C30 XAT NC . -19.37 -19.60 67.92
C31 XAT NC . -20.40 -19.88 66.92
C32 XAT NC . -21.69 -19.90 67.28
C33 XAT NC . -22.72 -20.19 66.28
C34 XAT NC . -24.01 -19.92 66.51
C35 XAT NC . -25.01 -20.24 65.50
C36 XAT NC . -17.59 -17.88 71.54
C37 XAT NC . -15.66 -19.38 71.91
C38 XAT NC . -15.07 -15.97 68.35
C39 XAT NC . -17.66 -19.68 66.15
C40 XAT NC . -22.31 -20.85 64.99
O23 XAT NC . -13.47 -15.90 73.17
O24 XAT NC . -14.25 -18.00 69.62
C1 XAT OC . -27.43 -17.37 80.08
C2 XAT OC . -27.66 -15.88 80.26
C3 XAT OC . -26.72 -15.09 79.36
C4 XAT OC . -27.27 -15.27 77.97
C5 XAT OC . -27.09 -16.73 77.53
C6 XAT OC . -27.10 -17.81 78.63
C7 XAT OC . -27.69 -19.13 78.16
C8 XAT OC . -26.82 -20.12 78.02
C9 XAT OC . -27.16 -21.48 77.57
C10 XAT OC . -26.14 -22.31 77.29
C11 XAT OC . -26.26 -23.69 76.87
C12 XAT OC . -25.13 -24.30 76.53
C13 XAT OC . -25.06 -25.72 76.12
C14 XAT OC . -23.85 -26.27 75.97
C15 XAT OC . -23.66 -27.66 75.60
C16 XAT OC . -28.67 -18.13 80.55
C17 XAT OC . -26.28 -17.80 80.96
C18 XAT OC . -27.69 -17.25 76.22
C19 XAT OC . -28.58 -21.93 77.44
C20 XAT OC . -26.30 -26.52 75.87
O3 XAT OC . -26.71 -13.72 79.72
O4 XAT OC . -25.89 -17.36 78.00
C21 XAT OC . -16.34 -38.25 73.66
C22 XAT OC . -16.00 -39.63 73.12
C23 XAT OC . -17.22 -40.29 72.52
C24 XAT OC . -17.51 -39.52 71.26
C25 XAT OC . -18.00 -38.11 71.61
C26 XAT OC . -17.46 -37.49 72.91
C27 XAT OC . -17.32 -35.99 72.87
C28 XAT OC . -18.20 -35.32 73.62
C29 XAT OC . -18.24 -33.85 73.75
C30 XAT OC . -19.33 -33.30 74.29
C31 XAT OC . -19.48 -31.87 74.50
C32 XAT OC . -20.69 -31.40 74.77
C33 XAT OC . -20.91 -29.98 75.04
C34 XAT OC . -22.16 -29.54 75.25
C35 XAT OC . -22.42 -28.13 75.56
C36 XAT OC . -15.07 -37.40 73.63
C37 XAT OC . -16.76 -38.38 75.11
C38 XAT OC . -18.22 -37.03 70.53
C39 XAT OC . -17.07 -33.02 73.30
C40 XAT OC . -19.75 -29.02 75.09
O23 XAT OC . -16.92 -41.65 72.21
O24 XAT OC . -18.79 -38.04 72.80
C1 A1L1G PC . -15.67 -27.15 49.53
C5 A1L1G PC . -13.23 -27.75 49.41
C4 A1L1G PC . -17.30 -28.73 48.54
C3 A1L1G PC . -14.96 -29.52 49.11
C2 A1L1G PC . -14.99 -24.96 50.75
C10 A1L1G PC . -18.08 -26.45 49.20
C11 A1L1G PC . -17.12 -27.59 49.52
C12 A1L1G PC . -14.58 -27.78 47.33
C14 A1L1G PC . -15.30 -13.90 65.63
C17 A1L1G PC . -12.77 -12.33 65.33
C18 A1L1G PC . -16.95 -11.12 65.73
C19 A1L1G PC . -17.35 -12.83 67.50
C20 A1L1G PC . -13.84 -11.91 66.31
C21 A1L1G PC . -13.85 -10.46 66.70
C22 A1L1G PC . -14.55 -10.35 68.04
C23 A1L1G PC . -15.99 -10.82 67.98
C24 A1L1G PC . -16.32 -11.87 66.91
C25 A1L1G PC . -15.08 -12.65 66.45
C26 A1L1G PC . -16.72 -16.21 64.61
C27 A1L1G PC . -16.50 -19.10 60.28
C28 A1L1G PC . -15.93 -19.16 52.91
C29 A1L1G PC . -15.68 -13.95 64.35
C30 A1L1G PC . -16.15 -15.11 63.74
C31 A1L1G PC . -16.10 -15.27 62.37
C32 A1L1G PC . -16.34 -16.41 61.62
C33 A1L1G PC . -15.82 -16.73 60.38
C34 A1L1G PC . -16.06 -17.86 59.60
C35 A1L1G PC . -15.89 -17.89 58.22
C36 A1L1G PC . -15.63 -18.98 57.41
C37 A1L1G PC . -15.80 -19.12 56.03
C38 A1L1G PC . -15.21 -19.98 55.13
C39 A1L1G PC . -15.62 -20.28 53.82
C40 A1L1G PC . -15.75 -21.58 53.33
C41 A1L1G PC . -15.12 -22.15 52.24
C42 A1L1G PC . -15.70 -22.55 51.06
C43 A1L1G PC . -15.38 -23.46 48.79
C44 A1L1G PC . -15.36 -23.63 50.26
C45 A1L1G PC . -15.32 -26.04 50.10
C6 A1L1G PC . -14.62 -28.05 48.85
C8 A1L1G PC . -16.41 -29.92 48.87
O13 A1L1G PC . -16.03 -17.42 64.37
O15 A1L1G PC . -14.04 -12.80 67.43
O16 A1L1G PC . -14.51 -8.99 68.48
O7 A1L1G PC . -16.46 -30.85 47.79
O9 A1L1G PC . -17.46 -28.15 50.81
MG CLA QC . -45.92 -25.81 68.17
CHA CLA QC . -44.78 -28.86 69.40
CHB CLA QC . -49.12 -26.77 68.80
CHC CLA QC . -47.00 -22.79 66.94
CHD CLA QC . -42.58 -24.91 67.44
NA CLA QC . -46.78 -27.53 68.99
C1A CLA QC . -46.14 -28.69 69.45
C2A CLA QC . -47.15 -29.72 69.96
C3A CLA QC . -48.52 -29.03 69.72
C4A CLA QC . -48.14 -27.67 69.13
CMA CLA QC . -49.39 -29.83 68.78
CAA CLA QC . -46.96 -29.96 71.44
CBA CLA QC . -46.94 -28.66 72.21
CGA CLA QC . -46.81 -28.93 73.68
O1A CLA QC . -47.30 -29.85 74.34
O2A CLA QC . -46.04 -28.00 74.32
NB CLA QC . -47.71 -24.94 67.92
C1B CLA QC . -48.91 -25.49 68.24
C2B CLA QC . -50.01 -24.54 67.91
C3B CLA QC . -49.42 -23.42 67.38
C4B CLA QC . -47.94 -23.66 67.38
CMB CLA QC . -51.42 -24.85 68.13
CAB CLA QC . -50.03 -22.20 66.90
CBB CLA QC . -49.80 -20.99 67.43
NC CLA QC . -44.95 -24.15 67.36
C1C CLA QC . -45.58 -23.01 66.93
C2C CLA QC . -44.60 -22.06 66.44
C3C CLA QC . -43.35 -22.66 66.56
C4C CLA QC . -43.58 -23.98 67.14
CMC CLA QC . -44.93 -20.73 65.91
CAC CLA QC . -42.05 -22.08 66.19
CBC CLA QC . -41.28 -21.60 67.40
ND CLA QC . -44.08 -26.61 68.39
C1D CLA QC . -42.79 -26.15 68.00
C2D CLA QC . -41.79 -27.19 68.34
C3D CLA QC . -42.49 -28.24 68.90
C4D CLA QC . -43.92 -27.84 68.89
CMD CLA QC . -40.36 -27.06 68.11
CAD CLA QC . -42.41 -29.56 69.49
OBD CLA QC . -41.43 -30.25 69.75
CBD CLA QC . -43.88 -30.01 69.78
CGD CLA QC . -44.23 -31.27 69.03
O1D CLA QC . -44.20 -31.45 67.81
O2D CLA QC . -44.61 -32.31 69.81
CED CLA QC . -44.79 -33.59 69.19
MG CLA RC . -37.15 -30.58 76.99
CHA CLA RC . -35.03 -33.32 76.63
CHB CLA RC . -39.71 -32.66 77.83
CHC CLA RC . -39.15 -27.84 77.46
CHD CLA RC . -34.44 -28.45 76.19
NA CLA RC . -37.33 -32.66 77.17
C1A CLA RC . -36.32 -33.63 77.00
C2A CLA RC . -36.88 -35.03 77.25
C3A CLA RC . -38.38 -34.79 77.55
C4A CLA RC . -38.50 -33.26 77.52
CMA CLA RC . -39.27 -35.44 76.50
CAA CLA RC . -36.21 -35.65 78.46
CBA CLA RC . -36.16 -34.68 79.62
CGA CLA RC . -35.24 -35.17 80.69
O1A CLA RC . -35.07 -34.74 81.83
O2A CLA RC . -34.50 -36.25 80.29
NB CLA RC . -39.04 -30.30 77.61
C1B CLA RC . -39.95 -31.28 77.84
C2B CLA RC . -41.29 -30.68 78.07
C3B CLA RC . -41.14 -29.32 77.97
C4B CLA RC . -39.71 -29.05 77.66
CMB CLA RC . -42.50 -31.48 78.34
CAB CLA RC . -42.12 -28.26 78.09
CBB CLA RC . -43.20 -28.13 77.32
NC CLA RC . -36.85 -28.52 76.81
C1C CLA RC . -37.81 -27.58 77.05
C2C CLA RC . -37.26 -26.24 76.86
C3C CLA RC . -35.92 -26.41 76.50
C4C CLA RC . -35.67 -27.85 76.49
CMC CLA RC . -38.01 -25.00 77.02
CAC CLA RC . -34.95 -25.35 76.21
CBC CLA RC . -34.16 -24.94 77.43
ND CLA RC . -35.23 -30.78 76.38
C1D CLA RC . -34.21 -29.81 76.13
C2D CLA RC . -32.95 -30.51 75.82
C3D CLA RC . -33.21 -31.86 75.97
C4D CLA RC . -34.64 -31.97 76.36
CMD CLA RC . -31.69 -29.86 75.46
CAD CLA RC . -32.69 -33.21 75.87
OBD CLA RC . -31.60 -33.61 75.48
CBD CLA RC . -33.80 -34.17 76.40
CGD CLA RC . -34.02 -35.35 75.49
O1D CLA RC . -33.29 -36.34 75.36
O2D CLA RC . -35.15 -35.28 74.73
CED CLA RC . -35.80 -36.52 74.43
C1 CLA RC . -33.62 -36.84 81.28
C2 CLA RC . -32.90 -37.94 80.60
MG CLA SC . -33.22 -26.84 62.46
CHA CLA SC . -35.50 -29.24 61.44
CHB CLA SC . -31.41 -27.36 59.63
CHC CLA SC . -31.06 -24.40 63.49
CHD CLA SC . -35.13 -26.39 65.42
NA CLA SC . -33.44 -28.11 60.81
C1A CLA SC . -34.47 -29.03 60.57
C2A CLA SC . -34.24 -29.76 59.24
C3A CLA SC . -32.86 -29.24 58.79
C4A CLA SC . -32.53 -28.15 59.80
CMA CLA SC . -31.83 -30.35 58.79
CAA CLA SC . -35.31 -29.37 58.23
CBA CLA SC . -35.59 -27.88 58.22
CGA CLA SC . -34.66 -27.17 57.27
O1A CLA SC . -34.42 -27.44 56.08
O2A CLA SC . -34.05 -26.08 57.81
NB CLA SC . -31.51 -26.09 61.74
C1B CLA SC . -31.00 -26.33 60.50
C2B CLA SC . -29.92 -25.36 60.19
C3B CLA SC . -29.82 -24.52 61.28
C4B CLA SC . -30.83 -24.96 62.27
CMB CLA SC . -29.19 -25.38 58.92
CAB CLA SC . -28.96 -23.39 61.52
CBB CLA SC . -27.70 -23.24 61.10
NC CLA SC . -33.11 -25.63 64.16
C1C CLA SC . -32.13 -24.71 64.38
C2C CLA SC . -32.33 -24.06 65.68
C3C CLA SC . -33.50 -24.60 66.21
C4C CLA SC . -33.97 -25.59 65.26
CMC CLA SC . -31.48 -23.03 66.26
CAC CLA SC . -34.13 -24.27 67.50
CBC CLA SC . -35.33 -23.38 67.33
ND CLA SC . -34.95 -27.54 63.26
C1D CLA SC . -35.59 -27.31 64.51
C2D CLA SC . -36.79 -28.17 64.61
C3D CLA SC . -36.82 -28.92 63.45
C4D CLA SC . -35.63 -28.51 62.66
CMD CLA SC . -37.71 -28.16 65.73
CAD CLA SC . -37.51 -29.94 62.67
OBD CLA SC . -38.58 -30.49 62.90
CBD CLA SC . -36.63 -30.24 61.41
CGD CLA SC . -36.06 -31.62 61.49
O1D CLA SC . -35.68 -32.22 62.50
O2D CLA SC . -35.94 -32.24 60.29
CED CLA SC . -34.87 -33.18 60.16
C1 CLA SC . -33.06 -25.41 57.02
C2 CLA SC . -32.59 -24.24 57.79
C3 CLA SC . -31.80 -23.28 57.29
C4 CLA SC . -31.31 -23.32 55.90
C5 CLA SC . -31.36 -22.13 58.14
C6 CLA SC . -31.96 -20.82 57.66
C7 CLA SC . -31.92 -19.76 58.75
C8 CLA SC . -32.67 -18.50 58.35
C9 CLA SC . -32.25 -18.05 56.97
C10 CLA SC . -32.43 -17.38 59.36
C11 CLA SC . -33.28 -17.56 60.60
MG CLA TC . -24.29 -19.73 59.81
CHA CLA TC . -23.88 -21.67 56.97
CHB CLA TC . -27.66 -19.91 59.47
CHC CLA TC . -24.62 -17.95 62.74
CHD CLA TC . -20.77 -19.55 60.13
NA CLA TC . -25.54 -20.64 58.42
C1A CLA TC . -25.18 -21.43 57.32
C2A CLA TC . -26.41 -21.92 56.57
C3A CLA TC . -27.59 -21.29 57.35
C4A CLA TC . -26.91 -20.56 58.50
CMA CLA TC . -28.38 -20.34 56.49
CAA CLA TC . -26.50 -23.44 56.64
CBA CLA TC . -27.67 -24.01 55.86
CGA CLA TC . -27.47 -23.78 54.39
O1A CLA TC . -26.53 -24.13 53.68
O2A CLA TC . -28.49 -23.08 53.83
NB CLA TC . -25.84 -19.15 60.95
C1B CLA TC . -27.15 -19.20 60.55
C2B CLA TC . -27.98 -18.33 61.44
C3B CLA TC . -27.13 -17.78 62.37
C4B CLA TC . -25.76 -18.29 62.06
CMB CLA TC . -29.42 -18.18 61.24
CAB CLA TC . -27.36 -16.86 63.46
CBB CLA TC . -28.53 -16.58 64.04
NC CLA TC . -22.93 -18.89 61.18
C1C CLA TC . -23.29 -18.23 62.32
C2C CLA TC . -22.10 -17.83 63.06
C3C CLA TC . -21.00 -18.25 62.31
C4C CLA TC . -21.54 -18.94 61.13
CMC CLA TC . -22.11 -17.10 64.33
CAC CLA TC . -19.58 -18.08 62.64
CBC CLA TC . -18.88 -19.39 62.90
ND CLA TC . -22.66 -20.31 58.76
C1D CLA TC . -21.27 -20.20 59.02
C2D CLA TC . -20.51 -20.89 57.95
C3D CLA TC . -21.47 -21.46 57.13
C4D CLA TC . -22.78 -21.10 57.70
CMD CLA TC . -19.06 -20.93 57.85
CAD CLA TC . -21.72 -22.25 55.95
OBD CLA TC . -20.91 -22.71 55.13
CBD CLA TC . -23.26 -22.48 55.85
CGD CLA TC . -23.79 -22.11 54.49
O1D CLA TC . -24.40 -21.07 54.18
O2D CLA TC . -23.56 -23.05 53.54
CED CLA TC . -23.93 -22.75 52.20
C1 CLA TC . -28.26 -22.46 52.54
C2 CLA TC . -29.08 -21.23 52.52
C3 CLA TC . -30.43 -21.25 52.39
C4 CLA TC . -31.19 -22.52 52.26
C5 CLA TC . -31.20 -19.98 52.37
C6 CLA TC . -32.57 -20.11 51.73
C7 CLA TC . -33.26 -18.77 51.64
C8 CLA TC . -33.79 -18.30 52.99
C9 CLA TC . -34.98 -19.14 53.40
C10 CLA TC . -34.16 -16.82 52.93
C11 CLA TC . -34.89 -16.38 54.19
MG CLA UC . -11.75 -21.80 74.64
CHA CLA UC . -9.22 -19.81 75.94
CHB CLA UC . -11.53 -20.13 71.69
CHC CLA UC . -14.20 -23.85 73.37
CHD CLA UC . -11.97 -23.48 77.75
NA CLA UC . -10.56 -20.22 73.95
C1A CLA UC . -9.55 -19.54 74.64
C2A CLA UC . -8.92 -18.46 73.75
C3A CLA UC . -9.74 -18.53 72.45
C4A CLA UC . -10.68 -19.72 72.69
CMA CLA UC . -10.48 -17.24 72.19
CAA CLA UC . -7.46 -18.76 73.47
CBA CLA UC . -7.20 -20.25 73.28
CGA CLA UC . -7.21 -20.60 71.82
O1A CLA UC . -6.64 -20.04 70.89
O2A CLA UC . -7.96 -21.72 71.55
NB CLA UC . -12.70 -21.95 72.87
C1B CLA UC . -12.45 -21.19 71.77
C2B CLA UC . -13.32 -21.64 70.65
C3B CLA UC . -14.08 -22.70 71.12
C4B CLA UC . -13.70 -22.90 72.54
CMB CLA UC . -13.28 -21.02 69.32
CAB CLA UC . -15.07 -23.50 70.46
CBB CLA UC . -16.00 -23.07 69.61
NC CLA UC . -12.87 -23.37 75.43
C1C CLA UC . -13.81 -24.08 74.73
C2C CLA UC . -14.40 -25.11 75.58
C3C CLA UC . -13.78 -25.01 76.82
C4C CLA UC . -12.82 -23.90 76.73
CMC CLA UC . -15.43 -26.06 75.16
CAC CLA UC . -14.04 -25.83 78.02
CBC CLA UC . -13.26 -27.12 78.02
ND CLA UC . -10.84 -21.72 76.45
C1D CLA UC . -11.04 -22.46 77.65
C2D CLA UC . -10.11 -21.95 78.69
C3D CLA UC . -9.37 -20.94 78.08
C4D CLA UC . -9.89 -20.84 76.69
CMD CLA UC . -10.01 -22.47 80.05
CAD CLA UC . -8.34 -19.94 78.24
OBD CLA UC . -7.66 -19.67 79.23
CBD CLA UC . -8.21 -19.18 76.89
CGD CLA UC . -8.44 -17.71 77.03
O1D CLA UC . -7.67 -16.79 76.72
O2D CLA UC . -9.65 -17.38 77.56
CED CLA UC . -9.91 -16.00 77.84
C1 CLA UC . -7.28 -22.83 70.95
C2 CLA UC . -6.61 -23.58 72.05
C3 CLA UC . -6.25 -24.87 71.93
C4 CLA UC . -6.50 -25.66 70.70
C5 CLA UC . -5.58 -25.57 73.06
MG CLA VC . -16.42 -23.91 57.64
CHA CLA VC . -19.54 -25.14 56.74
CHB CLA VC . -15.17 -24.87 54.63
CHC CLA VC . -13.43 -22.45 58.49
CHD CLA VC . -17.75 -23.01 60.80
NA CLA VC . -17.24 -24.87 55.99
C1A CLA VC . -18.56 -25.30 55.79
C2A CLA VC . -18.72 -25.97 54.42
C3A CLA VC . -17.27 -26.07 53.91
C4A CLA VC . -16.48 -25.20 54.90
CMA CLA VC . -16.78 -27.49 53.97
CAA CLA VC . -19.57 -25.11 53.51
CBA CLA VC . -18.77 -24.00 52.84
CGA CLA VC . -19.67 -22.97 52.23
O1A CLA VC . -20.38 -23.06 51.23
O2A CLA VC . -19.67 -21.80 52.93
NB CLA VC . -14.62 -23.74 56.74
C1B CLA VC . -14.35 -24.11 55.46
C2B CLA VC . -13.01 -23.58 55.07
C3B CLA VC . -12.51 -22.89 56.16
C4B CLA VC . -13.53 -22.99 57.23
CMB CLA VC . -12.41 -23.81 53.76
CAB CLA VC . -11.26 -22.20 56.30
CBB CLA VC . -11.12 -20.92 56.64
NC CLA VC . -15.71 -22.95 59.35
C1C CLA VC . -14.45 -22.44 59.48
C2C CLA VC . -14.29 -21.83 60.80
C3C CLA VC . -15.50 -21.98 61.46
C4C CLA VC . -16.40 -22.68 60.54
CMC CLA VC . -13.06 -21.18 61.28
CAC CLA VC . -15.84 -21.52 62.81
CBC CLA VC . -15.25 -22.43 63.88
ND CLA VC . -18.19 -24.03 58.62
C1D CLA VC . -18.60 -23.63 59.91
C2D CLA VC . -20.03 -23.97 60.09
C3D CLA VC . -20.45 -24.53 58.90
C4D CLA VC . -19.26 -24.56 58.02
CMD CLA VC . -20.80 -23.71 61.30
CAD CLA VC . -21.55 -25.12 58.16
OBD CLA VC . -22.71 -25.30 58.49
CBD CLA VC . -20.99 -25.53 56.76
CGD CLA VC . -21.19 -27.00 56.48
O1D CLA VC . -20.39 -27.91 56.67
O2D CLA VC . -22.41 -27.30 55.96
CED CLA VC . -22.62 -28.64 55.50
C1 CLA VC . -19.99 -20.58 52.23
C2 CLA VC . -19.46 -19.50 53.10
C3 CLA VC . -20.22 -18.66 53.82
C4 CLA VC . -19.61 -17.61 54.67
C5 CLA VC . -21.71 -18.75 53.80
C6 CLA VC . -22.32 -18.62 55.19
C7 CLA VC . -23.19 -17.39 55.28
C8 CLA VC . -24.04 -17.41 56.55
C9 CLA VC . -25.48 -17.05 56.22
C10 CLA VC . -23.49 -16.44 57.60
C11 CLA VC . -24.49 -16.17 58.70
C12 CLA VC . -23.98 -15.14 59.68
C13 CLA VC . -25.14 -14.54 60.49
C14 CLA VC . -24.65 -13.97 61.80
MG CLA WC . -21.37 -35.82 69.37
CHA CLA WC . -20.95 -38.49 67.19
CHB CLA WC . -23.88 -37.49 70.95
CHC CLA WC . -21.68 -33.18 71.54
CHD CLA WC . -18.73 -34.13 67.71
NA CLA WC . -22.26 -37.69 69.09
C1A CLA WC . -21.94 -38.66 68.13
C2A CLA WC . -22.84 -39.88 68.28
C3A CLA WC . -23.83 -39.47 69.39
C4A CLA WC . -23.29 -38.13 69.87
CMA CLA WC . -25.23 -39.38 68.88
CAA CLA WC . -22.01 -41.09 68.73
CBA CLA WC . -20.97 -40.71 69.76
CGA CLA WC . -21.56 -40.78 71.15
O1A CLA WC . -22.15 -41.72 71.68
O2A CLA WC . -21.41 -39.63 71.86
NB CLA WC . -22.57 -35.40 70.92
C1B CLA WC . -23.49 -36.24 71.46
C2B CLA WC . -24.08 -35.64 72.69
C3B CLA WC . -23.46 -34.41 72.86
C4B CLA WC . -22.50 -34.25 71.74
CMB CLA WC . -25.10 -36.31 73.49
CAB CLA WC . -23.64 -33.41 73.88
CBB CLA WC . -24.80 -33.00 74.38
NC CLA WC . -20.40 -33.98 69.57
C1C CLA WC . -20.70 -33.04 70.52
C2C CLA WC . -19.84 -31.87 70.36
C3C CLA WC . -18.98 -32.16 69.29
C4C CLA WC . -19.34 -33.48 68.79
CMC CLA WC . -19.88 -30.68 71.19
CAC CLA WC . -17.93 -31.29 68.75
CBC CLA WC . -16.56 -31.68 69.25
ND CLA WC . -20.11 -36.15 67.82
C1D CLA WC . -19.07 -35.38 67.24
C2D CLA WC . -18.49 -36.12 66.10
C3D CLA WC . -19.18 -37.32 66.03
C4D CLA WC . -20.17 -37.29 67.13
CMD CLA WC . -17.40 -35.64 65.25
CAD CLA WC . -19.33 -38.59 65.34
OBD CLA WC . -18.72 -39.03 64.37
CBD CLA WC . -20.48 -39.36 66.06
CGD CLA WC . -21.62 -39.67 65.12
O1D CLA WC . -22.54 -38.92 64.78
O2D CLA WC . -21.59 -40.93 64.61
CED CLA WC . -22.62 -41.28 63.68
C1 CLA WC . -21.96 -39.62 73.19
C2 CLA WC . -21.70 -38.29 73.78
C3 CLA WC . -21.90 -38.02 75.07
C4 CLA WC . -22.40 -39.05 76.02
C5 CLA WC . -21.62 -36.67 75.64
C6 CLA WC . -20.91 -36.72 76.98
C7 CLA WC . -20.36 -35.37 77.37
MG CLA XC . -27.63 -30.27 79.03
CHA CLA XC . -28.78 -33.53 78.82
CHB CLA XC . -24.44 -31.37 78.66
CHC CLA XC . -26.54 -27.03 79.34
CHD CLA XC . -30.97 -29.17 79.43
NA CLA XC . -26.78 -32.16 78.76
C1A CLA XC . -27.43 -33.40 78.69
C2A CLA XC . -26.41 -34.53 78.48
C3A CLA XC . -25.05 -33.80 78.40
C4A CLA XC . -25.42 -32.33 78.62
CMA CLA XC . -24.09 -34.29 79.45
CAA CLA XC . -26.68 -35.28 77.19
CBA CLA XC . -26.74 -36.78 77.44
CGA CLA XC . -25.44 -37.22 78.04
O1A CLA XC . -24.30 -37.01 77.63
O2A CLA XC . -25.61 -37.96 79.19
NB CLA XC . -25.83 -29.37 78.98
C1B CLA XC . -24.63 -30.00 78.86
C2B CLA XC . -23.53 -29.00 78.99
C3B CLA XC . -24.12 -27.77 79.18
C4B CLA XC . -25.59 -27.99 79.18
CMB CLA XC . -22.12 -29.37 78.91
CAB CLA XC . -23.53 -26.47 79.36
CBB CLA XC . -22.62 -26.15 80.28
NC CLA XC . -28.60 -28.44 79.30
C1C CLA XC . -27.95 -27.23 79.39
C2C CLA XC . -28.92 -26.16 79.57
C3C CLA XC . -30.18 -26.76 79.61
C4C CLA XC . -29.97 -28.20 79.43
CMC CLA XC . -28.58 -24.75 79.70
CAC CLA XC . -31.48 -26.10 79.79
CBC CLA XC . -31.83 -25.90 81.24
ND CLA XC . -29.48 -31.08 79.07
C1D CLA XC . -30.78 -30.53 79.27
C2D CLA XC . -31.78 -31.61 79.28
C3D CLA XC . -31.07 -32.79 79.12
C4D CLA XC . -29.65 -32.41 78.99
CMD CLA XC . -33.22 -31.41 79.45
CAD CLA XC . -31.15 -34.23 79.00
OBD CLA XC . -32.12 -34.98 79.04
CBD CLA XC . -29.68 -34.75 78.84
CGD CLA XC . -29.29 -35.66 79.97
O1D CLA XC . -28.49 -35.42 80.89
O2D CLA XC . -29.91 -36.87 79.95
CED CLA XC . -29.29 -37.95 80.66
C1 CLA XC . -24.62 -38.98 79.46
C2 CLA XC . -23.59 -38.36 80.33
MG CLA YC . -30.18 -12.41 75.01
CHA CLA YC . -29.77 -9.27 76.44
CHB CLA YC . -30.79 -13.72 78.08
CHC CLA YC . -30.68 -15.46 73.52
CHD CLA YC . -29.56 -10.98 71.83
NA CLA YC . -30.25 -11.61 76.94
C1A CLA YC . -30.06 -10.27 77.33
C2A CLA YC . -30.21 -10.12 78.84
C3A CLA YC . -30.47 -11.56 79.33
C4A CLA YC . -30.51 -12.37 78.03
CMA CLA YC . -29.40 -12.04 80.27
CAA CLA YC . -31.39 -9.23 79.18
CBA CLA YC . -32.70 -9.99 79.10
CGA CLA YC . -33.84 -9.06 78.77
O1A CLA YC . -35.04 -9.33 78.64
O2A CLA YC . -33.43 -7.77 78.62
NB CLA YC . -30.67 -14.24 75.67
C1B CLA YC . -30.85 -14.59 76.97
C2B CLA YC . -31.11 -16.04 77.08
C3B CLA YC . -31.08 -16.56 75.80
C4B CLA YC . -30.79 -15.41 74.88
CMB CLA YC . -31.34 -16.73 78.35
CAB CLA YC . -31.28 -17.91 75.37
CBB CLA YC . -30.49 -18.60 74.53
NC CLA YC . -30.11 -13.09 73.03
C1C CLA YC . -30.36 -14.38 72.66
C2C CLA YC . -30.25 -14.50 71.20
C3C CLA YC . -29.93 -13.23 70.72
C4C CLA YC . -29.85 -12.34 71.88
CMC CLA YC . -30.45 -15.73 70.45
CAC CLA YC . -29.73 -12.83 69.31
CBC CLA YC . -28.40 -13.26 68.74
ND CLA YC . -29.70 -10.60 74.25
C1D CLA YC . -29.49 -10.14 72.92
C2D CLA YC . -29.19 -8.69 72.94
C3D CLA YC . -29.27 -8.30 74.27
C4D CLA YC . -29.61 -9.53 75.03
CMD CLA YC . -28.88 -7.88 71.77
CAD CLA YC . -29.15 -7.21 75.22
OBD CLA YC . -28.83 -6.04 75.03
CBD CLA YC . -29.52 -7.78 76.63
CGD CLA YC . -28.45 -7.51 77.64
O1D CLA YC . -27.30 -7.96 77.68
O2D CLA YC . -28.83 -6.64 78.62
CED CLA YC . -27.83 -5.81 79.21
C1 CLA YC . -34.27 -6.93 77.80
C8 A1L1F ZC . 51.64 -15.65 10.99
C5 A1L1F ZC . 52.30 -18.64 11.17
C4 A1L1F ZC . 52.72 -15.06 10.10
C6 A1L1F ZC . 51.91 -17.89 9.91
C10 A1L1F ZC . 54.85 -15.56 8.92
C11 A1L1F ZC . 53.79 -16.10 9.86
C2 A1L1F ZC . 54.25 -18.48 7.34
C3 A1L1F ZC . 50.94 -16.76 10.23
C1 A1L1F ZC . 53.15 -17.33 9.27
C12 A1L1F ZC . 51.26 -18.86 8.92
C14 A1L1F ZC . 60.20 -28.82 -6.96
C17 A1L1F ZC . 61.02 -27.77 -9.57
C18 A1L1F ZC . 59.90 -31.63 -7.06
C19 A1L1F ZC . 57.69 -30.73 -7.70
C20 A1L1F ZC . 59.85 -28.76 -9.62
C21 A1L1F ZC . 59.80 -29.74 -10.78
C22 A1L1F ZC . 58.71 -30.75 -10.54
C23 A1L1F ZC . 59.20 -31.64 -9.42
C24 A1L1F ZC . 59.14 -30.87 -8.12
C25 A1L1F ZC . 59.76 -29.47 -8.25
C26 A1L1F ZC . 61.14 -27.51 -4.52
C27 A1L1F ZC . 59.58 -23.84 -1.01
C28 A1L1F ZC . 54.33 -19.71 0.63
C29 A1L1F ZC . 59.57 -27.72 -6.56
C30 A1L1F ZC . 59.93 -27.06 -5.28
C31 A1L1F ZC . 59.15 -26.09 -4.81
C32 A1L1F ZC . 59.36 -25.40 -3.55
C33 A1L1F ZC . 58.44 -24.49 -3.23
C34 A1L1F ZC . 58.44 -23.74 -1.97
C35 A1L1F ZC . 57.34 -23.00 -1.69
C36 A1L1F ZC . 57.16 -22.26 -0.45
C37 A1L1F ZC . 56.72 -21.02 -0.31
C38 A1L1F ZC . 56.59 -20.62 1.09
C39 A1L1F ZC . 55.47 -20.03 1.55
C40 A1L1F ZC . 55.39 -19.72 2.98
C41 A1L1F ZC . 54.31 -19.26 3.61
C42 A1L1F ZC . 54.55 -19.12 5.05
C43 A1L1F ZC . 52.53 -17.74 5.52
C44 A1L1F ZC . 53.78 -18.46 5.93
C45 A1L1F ZC . 63.51 -26.80 -4.54
C47 A1L1F ZC . 63.66 -25.45 -3.89
C48 A1L1F ZC . 64.65 -24.63 -4.69
C49 A1L1F ZC . 66.08 -25.07 -4.42
C50 A1L1F ZC . 66.90 -25.07 -5.71
C51 A1L1F ZC . 67.88 -26.22 -5.73
C52 A1L1F ZC . 68.78 -26.21 -4.49
C53 A1L1F ZC . 70.20 -25.85 -4.86
C54 A1L1F ZC . 50.72 -14.37 12.74
C56 A1L1F ZC . 49.43 -14.03 13.43
C57 A1L1F ZC . 53.68 -17.89 8.29
O13 A1L1F ZC . 62.29 -27.13 -5.25
O15 A1L1F ZC . 58.73 -28.62 -8.75
O16 A1L1F ZC . 58.47 -31.55 -11.70
O46 A1L1F ZC . 64.40 -27.62 -4.50
O55 A1L1F ZC . 51.78 -14.45 13.34
O7 A1L1F ZC . 50.71 -14.62 11.32
O9 A1L1F ZC . 54.42 -16.42 11.10
C1 XAT AD . 76.31 -1.45 -30.26
C2 XAT AD . 76.88 -0.17 -29.68
C3 XAT AD . 76.42 1.00 -30.53
C4 XAT AD . 74.96 1.20 -30.19
C5 XAT AD . 74.10 -0.03 -30.51
C6 XAT AD . 74.82 -1.39 -30.62
C7 XAT AD . 73.96 -2.55 -30.15
C8 XAT AD . 73.51 -3.39 -31.08
C9 XAT AD . 72.68 -4.57 -30.77
C10 XAT AD . 71.68 -4.51 -29.89
C11 XAT AD . 70.91 -5.73 -29.65
C12 XAT AD . 70.16 -5.91 -28.57
C13 XAT AD . 69.41 -7.17 -28.44
C14 XAT AD . 68.52 -7.33 -27.45
C15 XAT AD . 67.77 -8.58 -27.35
C16 XAT AD . 76.54 -2.59 -29.26
C17 XAT AD . 77.09 -1.81 -31.52
C18 XAT AD . 72.69 -0.18 -29.93
C19 XAT AD . 72.97 -5.85 -31.49
C20 XAT AD . 69.62 -8.26 -29.45
O3 XAT AD . 77.18 2.17 -30.20
O4 XAT AD . 74.37 -0.64 -31.77
C21 XAT AD . 59.53 -16.79 -25.29
C22 XAT AD . 58.66 -17.88 -25.93
C23 XAT AD . 57.29 -17.90 -25.31
C24 XAT AD . 56.61 -16.64 -25.81
C25 XAT AD . 57.29 -15.40 -25.25
C26 XAT AD . 58.78 -15.51 -24.89
C27 XAT AD . 59.52 -14.20 -25.06
C28 XAT AD . 60.36 -13.82 -24.10
C29 XAT AD . 61.14 -12.56 -24.19
C30 XAT AD . 62.40 -12.58 -24.63
C31 XAT AD . 63.17 -11.35 -24.72
C32 XAT AD . 64.32 -11.32 -25.37
C33 XAT AD . 65.08 -10.06 -25.45
C34 XAT AD . 65.98 -9.90 -26.42
C35 XAT AD . 66.74 -8.66 -26.52
C36 XAT AD . 60.64 -16.46 -26.27
C37 XAT AD . 60.17 -17.36 -24.03
C38 XAT AD . 56.94 -13.98 -25.76
C39 XAT AD . 60.51 -11.26 -23.78
C40 XAT AD . 64.85 -8.98 -24.44
O23 XAT AD . 56.57 -19.05 -25.76
O24 XAT AD . 57.74 -15.52 -23.90
C1 XAT BD . 63.38 -9.30 -15.97
C2 XAT BD . 64.36 -8.27 -15.43
C3 XAT BD . 64.28 -6.97 -16.19
C4 XAT BD . 62.95 -6.36 -15.82
C5 XAT BD . 61.78 -7.22 -16.35
C6 XAT BD . 62.05 -8.73 -16.50
C7 XAT BD . 60.80 -9.55 -16.20
C8 XAT BD . 60.51 -10.59 -16.98
C9 XAT BD . 59.31 -11.41 -16.70
C10 XAT BD . 59.47 -12.65 -16.23
C11 XAT BD . 58.35 -13.53 -15.93
C12 XAT BD . 58.53 -14.54 -15.09
C13 XAT BD . 57.41 -15.44 -14.79
C14 XAT BD . 57.39 -16.15 -13.64
C15 XAT BD . 56.25 -17.04 -13.39
C16 XAT BD . 63.08 -10.30 -14.86
C17 XAT BD . 64.05 -10.06 -17.09
C18 XAT BD . 60.33 -6.94 -15.95
C19 XAT BD . 57.95 -10.83 -16.95
C20 XAT BD . 56.28 -15.59 -15.77
O3 XAT BD . 65.34 -6.10 -15.77
O4 XAT BD . 62.02 -7.83 -17.62
C21 XAT BD . 48.23 -25.57 -7.40
C22 XAT BD . 47.55 -26.93 -7.34
C23 XAT BD . 47.00 -27.29 -8.70
C24 XAT BD . 48.22 -27.67 -9.52
C25 XAT BD . 49.17 -26.47 -9.68
C26 XAT BD . 49.09 -25.33 -8.66
C27 XAT BD . 50.42 -24.61 -8.48
C28 XAT BD . 50.58 -23.43 -9.05
C29 XAT BD . 51.83 -22.66 -8.95
C30 XAT BD . 52.05 -21.67 -9.84
C31 XAT BD . 53.26 -20.86 -9.82
C32 XAT BD . 53.53 -20.11 -10.89
C33 XAT BD . 54.73 -19.26 -10.97
C34 XAT BD . 54.94 -18.53 -12.07
C35 XAT BD . 56.10 -17.67 -12.23
C36 XAT BD . 49.12 -25.43 -6.17
C37 XAT BD . 47.16 -24.49 -7.33
C38 XAT BD . 50.61 -26.65 -10.15
C39 XAT BD . 52.83 -22.95 -7.88
C40 XAT BD . 55.71 -19.22 -9.83
O23 XAT BD . 46.12 -28.41 -8.61
O24 XAT BD . 48.52 -25.24 -9.97
C8 A1L1F CD . 66.22 -21.02 -2.66
C5 A1L1F CD . 68.26 -19.16 -3.94
C4 A1L1F CD . 65.21 -21.37 -3.73
C6 A1L1F CD . 67.97 -20.58 -4.39
C10 A1L1F CD . 64.58 -21.18 -6.12
C11 A1L1F CD . 65.41 -20.57 -5.00
C2 A1L1F CD . 67.41 -20.34 -7.84
C3 A1L1F CD . 67.58 -21.43 -3.18
C1 A1L1F CD . 66.86 -20.55 -5.40
C12 A1L1F CD . 69.21 -21.18 -5.04
C14 A1L1F CD . 67.85 -23.33 -26.78
C17 A1L1F CD . 65.30 -24.34 -27.40
C18 A1L1F CD . 68.59 -22.97 -29.86
C19 A1L1F CD . 70.13 -24.22 -28.40
C20 A1L1F CD . 66.40 -25.06 -28.17
C21 A1L1F CD . 66.24 -25.29 -29.65
C22 A1L1F CD . 67.38 -26.18 -30.14
C23 A1L1F CD . 68.71 -25.46 -29.99
C24 A1L1F CD . 68.76 -24.25 -29.05
C25 A1L1F CD . 67.70 -24.29 -27.93
C26 A1L1F CD . 68.80 -21.52 -24.65
C27 A1L1F CD . 67.71 -20.38 -19.71
C28 A1L1F CD . 66.25 -23.64 -13.63
C29 A1L1F CD . 67.93 -23.77 -25.53
C30 A1L1F CD . 68.08 -22.81 -24.43
C31 A1L1F CD . 67.60 -23.09 -23.21
C32 A1L1F CD . 67.75 -22.17 -22.09
C33 A1L1F CD . 67.37 -22.63 -20.90
C34 A1L1F CD . 67.45 -21.85 -19.66
C35 A1L1F CD . 67.29 -22.48 -18.50
C36 A1L1F CD . 67.38 -21.77 -17.22
C37 A1L1F CD . 67.04 -22.40 -16.10
C38 A1L1F CD . 67.16 -21.68 -14.83
C39 A1L1F CD . 66.81 -22.24 -13.68
C40 A1L1F CD . 66.99 -21.47 -12.45
C41 A1L1F CD . 66.91 -21.99 -11.23
C42 A1L1F CD . 67.14 -21.05 -10.12
C43 A1L1F CD . 66.87 -22.81 -8.41
C44 A1L1F CD . 67.14 -21.39 -8.83
C45 A1L1F CD . 68.37 -19.16 -25.17
C47 A1L1F CD . 68.70 -18.36 -23.93
C48 A1L1F CD . 70.21 -18.39 -23.68
C49 A1L1F CD . 70.70 -17.04 -23.17
C54 A1L1F CD . 66.69 -21.48 -0.35
C56 A1L1F CD . 66.15 -20.65 0.77
C57 A1L1F CD . 67.14 -20.48 -6.62
O13 A1L1F CD . 67.88 -20.51 -25.03
O15 A1L1F CD . 67.52 -25.62 -27.47
O16 A1L1F CD . 67.18 -26.49 -31.52
O46 A1L1F CD . 68.51 -18.69 -26.27
O55 A1L1F CD . 67.82 -21.95 -0.31
O7 A1L1F CD . 65.86 -21.76 -1.50
O9 A1L1F CD . 64.97 -19.24 -4.76
C1 XAT DD . 57.90 -5.14 -11.53
C2 XAT DD . 59.03 -5.35 -10.52
C3 XAT DD . 58.64 -5.29 -9.05
C4 XAT DD . 57.50 -4.30 -8.83
C5 XAT DD . 56.22 -4.80 -9.52
C6 XAT DD . 56.48 -5.27 -10.96
C7 XAT DD . 55.71 -6.56 -11.22
C8 XAT DD . 54.70 -6.58 -12.08
C9 XAT DD . 53.95 -7.82 -12.33
C10 XAT DD . 53.09 -7.86 -13.35
C11 XAT DD . 52.29 -9.04 -13.65
C12 XAT DD . 51.41 -8.92 -14.64
C13 XAT DD . 50.54 -10.02 -15.07
C14 XAT DD . 49.82 -9.86 -16.18
C15 XAT DD . 48.92 -10.89 -16.69
C16 XAT DD . 58.09 -6.17 -12.63
C17 XAT DD . 58.04 -3.77 -12.18
C18 XAT DD . 55.17 -5.63 -8.80
C19 XAT DD . 54.14 -9.03 -11.44
C20 XAT DD . 50.45 -11.28 -14.26
O3 XAT DD . 58.24 -6.60 -8.61
O4 XAT DD . 55.81 -4.04 -10.66
C21 XAT DD . 41.16 -16.09 -23.98
C22 XAT DD . 41.03 -17.41 -24.74
C23 XAT DD . 40.57 -17.17 -26.15
C24 XAT DD . 41.75 -16.53 -26.85
C25 XAT DD . 42.05 -15.14 -26.28
C26 XAT DD . 41.66 -14.89 -24.80
C27 XAT DD . 42.62 -13.94 -24.11
C28 XAT DD . 42.15 -13.01 -23.29
C29 XAT DD . 43.08 -12.09 -22.61
C30 XAT DD . 43.72 -12.51 -21.51
C31 XAT DD . 44.66 -11.61 -20.86
C32 XAT DD . 45.36 -12.03 -19.80
C33 XAT DD . 46.30 -11.09 -19.19
C34 XAT DD . 47.15 -11.51 -18.22
C35 XAT DD . 48.07 -10.54 -17.65
C36 XAT DD . 42.13 -16.32 -22.81
C37 XAT DD . 39.81 -15.74 -23.39
C38 XAT DD . 43.32 -14.36 -26.65
C39 XAT DD . 43.30 -10.71 -23.15
C40 XAT DD . 46.33 -9.66 -19.62
O23 XAT DD . 40.26 -18.42 -26.77
O24 XAT DD . 40.90 -14.38 -25.90
C1 XAT ED . 58.01 -15.88 -37.08
C2 XAT ED . 57.95 -17.38 -37.23
C3 XAT ED . 58.61 -17.80 -38.53
C4 XAT ED . 60.10 -17.63 -38.29
C5 XAT ED . 60.47 -16.17 -37.99
C6 XAT ED . 59.37 -15.25 -37.44
C7 XAT ED . 59.91 -14.20 -36.48
C8 XAT ED . 59.83 -12.93 -36.88
C9 XAT ED . 60.31 -11.81 -36.06
C10 XAT ED . 60.41 -10.61 -36.65
C11 XAT ED . 60.87 -9.41 -35.96
C12 XAT ED . 61.07 -8.33 -36.70
C13 XAT ED . 61.52 -7.05 -36.12
C14 XAT ED . 61.91 -6.08 -36.94
C15 XAT ED . 62.37 -4.79 -36.43
C16 XAT ED . 57.65 -15.52 -35.64
C17 XAT ED . 56.95 -15.24 -37.96
C18 XAT ED . 61.85 -15.80 -37.42
C19 XAT ED . 60.66 -11.99 -34.62
C20 XAT ED . 61.54 -6.85 -34.63
O3 XAT ED . 58.31 -19.16 -38.83
O4 XAT ED . 59.81 -15.20 -38.80
C21 XAT ED . 68.96 6.36 -38.22
C22 XAT ED . 70.31 6.96 -37.87
C23 XAT ED . 70.25 7.48 -36.45
C24 XAT ED . 70.29 6.27 -35.55
C25 XAT ED . 69.14 5.29 -35.83
C26 XAT ED . 68.40 5.40 -37.17
C27 XAT ED . 67.92 4.05 -37.68
C28 XAT ED . 66.62 3.75 -37.63
C29 XAT ED . 66.16 2.45 -38.12
C30 XAT ED . 65.13 1.84 -37.53
C31 XAT ED . 64.66 0.54 -38.02
C32 XAT ED . 64.10 -0.32 -37.17
C33 XAT ED . 63.64 -1.63 -37.67
C34 XAT ED . 63.19 -2.55 -36.80
C35 XAT ED . 62.73 -3.84 -37.29
C36 XAT ED . 69.10 5.63 -39.56
C37 XAT ED . 67.96 7.50 -38.41
C38 XAT ED . 69.20 3.83 -35.32
C39 XAT ED . 66.84 1.80 -39.29
C40 XAT ED . 63.68 -1.93 -39.14
O23 XAT ED . 71.40 8.32 -36.19
O24 XAT ED . 67.85 5.89 -35.93
MG CLA FD . 64.18 -34.49 -9.75
CHA CLA FD . 64.87 -34.84 -13.13
CHB CLA FD . 64.27 -37.87 -9.38
CHC CLA FD . 63.52 -34.09 -6.40
CHD CLA FD . 64.10 -30.97 -10.18
NA CLA FD . 64.51 -36.07 -11.06
C1A CLA FD . 64.80 -36.01 -12.43
C2A CLA FD . 65.00 -37.42 -13.02
C3A CLA FD . 64.76 -38.35 -11.81
C4A CLA FD . 64.50 -37.38 -10.66
CMA CLA FD . 63.59 -39.28 -12.04
CAA CLA FD . 66.42 -37.58 -13.53
CBA CLA FD . 67.44 -37.15 -12.48
CGA CLA FD . 68.66 -36.60 -13.15
O1A CLA FD . 69.22 -36.97 -14.17
O2A CLA FD . 69.18 -35.52 -12.48
NB CLA FD . 63.98 -35.74 -8.18
C1B CLA FD . 64.00 -37.10 -8.24
C2B CLA FD . 63.67 -37.67 -6.91
C3B CLA FD . 63.46 -36.61 -6.06
C4B CLA FD . 63.65 -35.36 -6.86
CMB CLA FD . 63.60 -39.11 -6.65
CAB CLA FD . 63.11 -36.62 -4.65
CBB CLA FD . 63.79 -36.01 -3.68
NC CLA FD . 63.87 -32.83 -8.52
C1C CLA FD . 63.62 -32.89 -7.17
C2C CLA FD . 63.48 -31.55 -6.63
C3C CLA FD . 63.64 -30.67 -7.69
C4C CLA FD . 63.89 -31.48 -8.88
CMC CLA FD . 63.21 -31.25 -5.22
CAC CLA FD . 63.58 -29.20 -7.64
CBC CLA FD . 64.96 -28.58 -7.69
ND CLA FD . 64.36 -33.16 -11.25
C1D CLA FD . 64.32 -31.74 -11.30
C2D CLA FD . 64.56 -31.29 -12.69
C3D CLA FD . 64.75 -32.44 -13.44
C4D CLA FD . 64.64 -33.57 -12.49
CMD CLA FD . 64.55 -29.89 -13.12
CAD CLA FD . 65.01 -32.99 -14.76
OBD CLA FD . 65.13 -32.41 -15.84
CBD CLA FD . 65.13 -34.54 -14.59
CGD CLA FD . 64.19 -35.30 -15.48
O1D CLA FD . 62.97 -35.42 -15.36
O2D CLA FD . 64.79 -35.92 -16.53
CED CLA FD . 64.04 -36.91 -17.23
C1 CLA FD . 70.55 -35.18 -12.78
MG CLA GD . 52.00 -27.21 -12.97
CHA CLA GD . 50.99 -30.45 -13.68
CHB CLA GD . 49.42 -26.01 -14.83
CHC CLA GD . 52.95 -24.02 -12.11
CHD CLA GD . 54.56 -28.52 -10.89
NA CLA GD . 50.51 -28.11 -14.12
C1A CLA GD . 50.25 -29.48 -14.28
C2A CLA GD . 49.05 -29.70 -15.20
C3A CLA GD . 48.73 -28.27 -15.72
C4A CLA GD . 49.60 -27.37 -14.84
CMA CLA GD . 49.04 -28.12 -17.18
CAA CLA GD . 47.85 -30.24 -14.42
CBA CLA GD . 47.51 -29.42 -13.19
CGA CLA GD . 46.61 -28.27 -13.52
O1A CLA GD . 45.60 -28.25 -14.22
O2A CLA GD . 47.03 -27.10 -12.95
NB CLA GD . 51.28 -25.37 -13.34
C1B CLA GD . 50.20 -25.09 -14.10
C2B CLA GD . 50.00 -23.60 -14.19
C3B CLA GD . 51.01 -23.03 -13.43
C4B CLA GD . 51.85 -24.14 -12.90
CMB CLA GD . 48.96 -22.98 -15.00
CAB CLA GD . 51.29 -21.65 -13.20
CBB CLA GD . 51.52 -20.75 -14.17
NC CLA GD . 53.52 -26.42 -11.77
C1C CLA GD . 53.75 -25.08 -11.59
C2C CLA GD . 54.91 -24.89 -10.73
C3C CLA GD . 55.33 -26.16 -10.34
C4C CLA GD . 54.46 -27.12 -11.00
CMC CLA GD . 55.46 -23.59 -10.33
CAC CLA GD . 56.46 -26.49 -9.46
CBC CLA GD . 56.03 -26.73 -8.04
ND CLA GD . 52.77 -29.02 -12.51
C1D CLA GD . 53.79 -29.42 -11.59
C2D CLA GD . 53.82 -30.90 -11.53
C3D CLA GD . 52.80 -31.35 -12.34
C4D CLA GD . 52.14 -30.14 -12.88
CMD CLA GD . 54.77 -31.68 -10.74
CAD CLA GD . 52.10 -32.50 -12.86
OBD CLA GD . 52.34 -33.70 -12.72
CBD CLA GD . 50.89 -31.96 -13.69
CGD CLA GD . 50.99 -32.49 -15.09
O1D CLA GD . 51.75 -32.11 -15.99
O2D CLA GD . 50.11 -33.50 -15.38
CED CLA GD . 50.47 -34.39 -16.44
C1 CLA GD . 46.38 -25.87 -13.36
C2 CLA GD . 47.08 -24.78 -12.64
C3 CLA GD . 46.68 -23.49 -12.63
C4 CLA GD . 45.46 -23.05 -13.35
C5 CLA GD . 47.45 -22.46 -11.88
C6 CLA GD . 46.67 -21.80 -10.76
C7 CLA GD . 47.63 -21.27 -9.72
C8 CLA GD . 46.91 -20.49 -8.63
C9 CLA GD . 46.78 -19.03 -9.03
C10 CLA GD . 47.64 -20.61 -7.30
C11 CLA GD . 49.12 -20.34 -7.44
C12 CLA GD . 49.75 -19.96 -6.12
C13 CLA GD . 49.59 -21.07 -5.08
MG CLA HD . 50.48 -15.69 -14.91
CHA CLA HD . 48.00 -16.62 -17.17
CHB CLA HD . 49.35 -18.02 -12.71
CHC CLA HD . 53.07 -14.86 -12.81
CHD CLA HD . 51.64 -13.33 -17.27
NA CLA HD . 48.91 -17.07 -14.95
C1A CLA HD . 48.00 -17.33 -15.99
C2A CLA HD . 47.02 -18.44 -15.60
C3A CLA HD . 47.42 -18.78 -14.15
C4A CLA HD . 48.66 -17.91 -13.90
CMA CLA HD . 46.30 -18.47 -13.18
CAA CLA HD . 47.26 -19.64 -16.49
CBA CLA HD . 46.30 -20.77 -16.19
CGA CLA HD . 44.99 -20.51 -16.87
O1A CLA HD . 44.78 -19.91 -17.92
O2A CLA HD . 43.92 -21.03 -16.18
NB CLA HD . 51.13 -16.37 -13.15
C1B CLA HD . 50.48 -17.26 -12.36
C2B CLA HD . 51.11 -17.32 -11.01
C3B CLA HD . 52.17 -16.42 -11.02
C4B CLA HD . 52.19 -15.81 -12.38
CMB CLA HD . 50.60 -18.19 -9.94
CAB CLA HD . 53.12 -16.03 -10.02
CBB CLA HD . 53.42 -16.68 -8.89
NC CLA HD . 52.05 -14.32 -15.01
C1C CLA HD . 52.99 -14.15 -14.04
C2C CLA HD . 53.95 -13.13 -14.45
C3C CLA HD . 53.54 -12.69 -15.71
C4C CLA HD . 52.36 -13.44 -16.06
CMC CLA HD . 55.09 -12.68 -13.65
CAC CLA HD . 54.20 -11.67 -16.55
CBC CLA HD . 54.83 -12.26 -17.79
ND CLA HD . 49.89 -14.96 -16.72
C1D CLA HD . 50.50 -14.03 -17.59
C2D CLA HD . 49.71 -13.95 -18.84
C3D CLA HD . 48.73 -14.92 -18.72
C4D CLA HD . 48.92 -15.54 -17.41
CMD CLA HD . 49.98 -13.03 -19.94
CAD CLA HD . 47.58 -15.55 -19.35
OBD CLA HD . 47.00 -15.26 -20.39
CBD CLA HD . 47.16 -16.73 -18.43
CGD CLA HD . 45.67 -16.73 -18.18
O1D CLA HD . 44.79 -17.11 -18.96
O2D CLA HD . 45.29 -16.25 -16.97
CED CLA HD . 43.91 -16.37 -16.63
C1 CLA HD . 43.01 -20.08 -15.61
C2 CLA HD . 42.76 -20.51 -14.22
C3 CLA HD . 41.86 -19.90 -13.42
C4 CLA HD . 41.63 -20.36 -12.03
C5 CLA HD . 41.07 -18.74 -13.90
C6 CLA HD . 41.71 -17.41 -13.57
C7 CLA HD . 41.00 -16.28 -14.29
C8 CLA HD . 41.67 -14.92 -14.12
C9 CLA HD . 42.90 -14.98 -13.23
C10 CLA HD . 40.70 -13.87 -13.58
C11 CLA HD . 39.70 -14.46 -12.60
C12 CLA HD . 39.13 -13.39 -11.69
C13 CLA HD . 37.60 -13.46 -11.61
C14 CLA HD . 37.16 -14.68 -10.83
C15 CLA HD . 36.97 -13.45 -13.00
C16 CLA HD . 37.13 -12.11 -13.66
C17 CLA HD . 36.57 -12.10 -15.07
C18 CLA HD . 37.12 -10.94 -15.90
C19 CLA HD . 36.33 -10.75 -17.17
C20 CLA HD . 37.12 -9.65 -15.10
MG CLA ID . 67.75 -8.92 -20.54
CHA CLA ID . 69.18 -5.77 -20.49
CHB CLA ID . 64.64 -7.51 -20.48
CHC CLA ID . 66.37 -12.07 -20.74
CHD CLA ID . 70.99 -10.34 -20.60
NA CLA ID . 67.06 -6.96 -20.49
C1A CLA ID . 67.82 -5.78 -20.49
C2A CLA ID . 66.91 -4.55 -20.48
C3A CLA ID . 65.49 -5.13 -20.39
C4A CLA ID . 65.72 -6.65 -20.46
CMA CLA ID . 64.78 -4.73 -19.12
CAA CLA ID . 67.08 -3.81 -21.78
CBA CLA ID . 66.83 -4.69 -22.99
CGA CLA ID . 68.11 -5.23 -23.56
O1A CLA ID . 69.12 -4.61 -23.90
O2A CLA ID . 68.11 -6.59 -23.67
NB CLA ID . 65.87 -9.65 -20.61
C1B CLA ID . 64.73 -8.92 -20.55
C2B CLA ID . 63.54 -9.83 -20.53
C3B CLA ID . 64.03 -11.12 -20.59
C4B CLA ID . 65.51 -11.02 -20.65
CMB CLA ID . 62.17 -9.33 -20.45
CAB CLA ID . 63.33 -12.38 -20.62
CBB CLA ID . 62.33 -12.72 -19.81
NC CLA ID . 68.55 -10.85 -20.65
C1C CLA ID . 67.80 -11.99 -20.74
C2C CLA ID . 68.67 -13.15 -20.84
C3C CLA ID . 69.98 -12.67 -20.77
C4C CLA ID . 69.90 -11.22 -20.64
CMC CLA ID . 68.19 -14.52 -20.99
CAC CLA ID . 71.22 -13.47 -20.84
CBC CLA ID . 71.89 -13.38 -22.19
ND CLA ID . 69.66 -8.28 -20.51
C1D CLA ID . 70.91 -8.97 -20.55
C2D CLA ID . 72.01 -7.98 -20.51
C3D CLA ID . 71.40 -6.74 -20.49
C4D CLA ID . 69.95 -6.98 -20.50
CMD CLA ID . 73.43 -8.32 -20.52
CAD CLA ID . 71.61 -5.30 -20.44
OBD CLA ID . 72.65 -4.66 -20.39
CBD CLA ID . 70.19 -4.64 -20.48
CGD CLA ID . 69.96 -3.70 -19.33
O1D CLA ID . 69.20 -2.73 -19.28
O2D CLA ID . 70.70 -4.00 -18.22
CED CLA ID . 70.11 -3.72 -16.94
C1 CLA ID . 69.40 -7.22 -23.92
C2 CLA ID . 69.16 -8.67 -24.09
C3 CLA ID . 70.13 -9.53 -24.42
C4 CLA ID . 71.53 -9.09 -24.65
C5 CLA ID . 69.86 -10.99 -24.59
C6 CLA ID . 68.41 -11.36 -24.35
C7 CLA ID . 68.07 -12.67 -25.04
MG CLA JD . 67.24 -4.69 -34.22
CHA CLA JD . 68.88 -2.14 -32.51
CHB CLA JD . 68.22 -3.33 -37.17
CHC CLA JD . 65.65 -7.26 -35.85
CHD CLA JD . 66.17 -6.00 -31.11
NA CLA JD . 68.37 -3.00 -34.73
C1A CLA JD . 68.99 -2.08 -33.88
C2A CLA JD . 69.72 -1.00 -34.67
C3A CLA JD . 69.43 -1.37 -36.14
C4A CLA JD . 68.63 -2.66 -36.03
CMA CLA JD . 68.65 -0.29 -36.85
CAA CLA JD . 71.22 -1.03 -34.40
CBA CLA JD . 71.99 -1.73 -35.49
NB CLA JD . 67.00 -5.21 -36.15
C1B CLA JD . 67.48 -4.52 -37.22
C2B CLA JD . 67.07 -5.21 -38.48
C3B CLA JD . 66.34 -6.32 -38.11
C4B CLA JD . 66.29 -6.33 -36.62
CMB CLA JD . 67.42 -4.71 -39.81
CAB CLA JD . 65.72 -7.32 -38.94
CBB CLA JD . 66.07 -8.61 -38.97
NC CLA JD . 66.12 -6.34 -33.59
C1C CLA JD . 65.57 -7.26 -34.43
C2C CLA JD . 64.88 -8.29 -33.65
C3C CLA JD . 65.01 -7.93 -32.31
C4C CLA JD . 65.79 -6.69 -32.27
CMC CLA JD . 64.18 -9.43 -34.22
CAC CLA JD . 64.48 -8.64 -31.14
CBC CLA JD . 65.53 -9.45 -30.42
ND CLA JD . 67.43 -4.24 -32.25
C1D CLA JD . 66.93 -4.86 -31.07
C2D CLA JD . 67.37 -4.08 -29.89
C3D CLA JD . 68.14 -3.04 -30.38
C4D CLA JD . 68.14 -3.18 -31.86
CMD CLA JD . 67.04 -4.41 -28.51
CAD CLA JD . 68.92 -1.86 -30.05
OBD CLA JD . 69.20 -1.38 -28.96
CBD CLA JD . 69.42 -1.24 -31.41
CGD CLA JD . 68.96 0.17 -31.58
O1D CLA JD . 68.25 0.63 -32.49
O2D CLA JD . 69.40 1.02 -30.62
CED CLA JD . 69.33 2.42 -30.89
MG CLA KD . 51.60 -12.61 -23.92
CHA CLA KD . 49.72 -15.40 -23.06
CHB CLA KD . 49.39 -11.86 -26.38
CHC CLA KD . 53.47 -9.83 -24.67
CHD CLA KD . 53.94 -13.49 -21.42
NA CLA KD . 49.83 -13.50 -24.59
C1A CLA KD . 49.20 -14.65 -24.09
C2A CLA KD . 47.91 -14.95 -24.88
C3A CLA KD . 47.90 -13.87 -25.98
C4A CLA KD . 49.11 -12.99 -25.64
CMA CLA KD . 48.00 -14.46 -27.36
CAA CLA KD . 46.70 -14.80 -23.99
CBA CLA KD . 46.79 -13.61 -23.05
CGA CLA KD . 46.39 -12.34 -23.74
O1A CLA KD . 45.64 -12.20 -24.70
O2A CLA KD . 46.96 -11.22 -23.18
NB CLA KD . 51.42 -11.09 -25.22
C1B CLA KD . 50.48 -11.00 -26.20
C2B CLA KD . 50.80 -9.84 -27.08
C3B CLA KD . 51.95 -9.27 -26.61
C4B CLA KD . 52.36 -10.06 -25.42
CMB CLA KD . 49.98 -9.48 -28.25
CAB CLA KD . 52.71 -8.13 -27.08
CBB CLA KD . 52.21 -6.98 -27.51
NC CLA KD . 53.37 -11.82 -23.17
C1C CLA KD . 53.96 -10.66 -23.62
C2C CLA KD . 55.17 -10.37 -22.86
C3C CLA KD . 55.33 -11.42 -21.95
C4C CLA KD . 54.20 -12.32 -22.15
CMC CLA KD . 56.03 -9.20 -23.07
CAC CLA KD . 56.40 -11.59 -20.97
CBC CLA KD . 57.67 -12.11 -21.60
ND CLA KD . 51.86 -14.11 -22.58
C1D CLA KD . 52.87 -14.34 -21.60
C2D CLA KD . 52.54 -15.57 -20.86
C3D CLA KD . 51.33 -16.02 -21.38
C4D CLA KD . 50.96 -15.07 -22.43
CMD CLA KD . 53.36 -16.14 -19.79
CAD CLA KD . 50.30 -17.04 -21.31
OBD CLA KD . 50.22 -18.03 -20.60
CBD CLA KD . 49.22 -16.66 -22.38
CGD CLA KD . 49.00 -17.78 -23.35
O1D CLA KD . 49.35 -17.85 -24.53
O2D CLA KD . 48.31 -18.83 -22.82
CED CLA KD . 48.62 -20.15 -23.31
C1 CLA KD . 46.91 -10.02 -23.97
C2 CLA KD . 48.24 -9.36 -23.84
C3 CLA KD . 48.42 -8.04 -23.90
C4 CLA KD . 49.76 -7.42 -23.77
C5 CLA KD . 47.26 -7.12 -24.08
C6 CLA KD . 47.53 -6.05 -25.13
MG CLA LD . 63.23 -25.31 -25.26
CHA CLA LD . 61.80 -26.62 -28.13
CHB CLA LD . 64.06 -28.45 -24.26
CHC CLA LD . 64.76 -23.95 -22.50
CHD CLA LD . 62.26 -22.07 -26.31
NA CLA LD . 62.95 -27.21 -26.08
C1A CLA LD . 62.35 -27.55 -27.30
C2A CLA LD . 62.35 -29.07 -27.52
C3A CLA LD . 62.92 -29.62 -26.19
C4A CLA LD . 63.36 -28.35 -25.45
CMA CLA LD . 61.88 -30.37 -25.42
CAA CLA LD . 63.25 -29.44 -28.68
CBA CLA LD . 64.55 -28.69 -28.70
CGA CLA LD . 65.58 -29.34 -27.84
O1A CLA LD . 65.97 -30.52 -27.87
O2A CLA LD . 66.12 -28.50 -26.90
NB CLA LD . 64.21 -26.07 -23.68
C1B CLA LD . 64.49 -27.37 -23.47
C2B CLA LD . 65.32 -27.53 -22.25
C3B CLA LD . 65.52 -26.26 -21.75
C4B CLA LD . 64.81 -25.32 -22.64
CMB CLA LD . 65.77 -28.83 -21.76
CAB CLA LD . 66.24 -25.81 -20.57
CBB CLA LD . 66.40 -26.47 -19.43
NC CLA LD . 63.44 -23.36 -24.54
C1C CLA LD . 64.11 -23.04 -23.39
C2C CLA LD . 64.07 -21.59 -23.19
C3C CLA LD . 63.36 -21.06 -24.27
C4C CLA LD . 62.98 -22.18 -25.11
CMC CLA LD . 64.68 -20.87 -22.06
CAC CLA LD . 63.07 -19.64 -24.52
CBC CLA LD . 63.93 -19.04 -25.62
ND CLA LD . 62.25 -24.47 -26.81
C1D CLA LD . 61.91 -23.13 -27.12
C2D CLA LD . 61.18 -23.10 -28.41
C3D CLA LD . 61.13 -24.40 -28.84
C4D CLA LD . 61.81 -25.22 -27.82
CMD CLA LD . 60.66 -21.88 -29.05
CAD CLA LD . 60.68 -25.30 -29.88
OBD CLA LD . 60.11 -25.03 -30.92
CBD CLA LD . 61.08 -26.75 -29.46
CGD CLA LD . 59.89 -27.66 -29.33
O1D CLA LD . 59.14 -27.79 -28.34
O2D CLA LD . 59.66 -28.45 -30.41
CED CLA LD . 59.40 -29.83 -30.20
C1 CLA LD . 67.28 -28.98 -26.18
C2 CLA LD . 67.64 -27.91 -25.23
C3 CLA LD . 68.71 -27.99 -24.42
C4 CLA LD . 69.62 -29.16 -24.42
C5 CLA LD . 69.04 -26.89 -23.47
C6 CLA LD . 70.48 -26.41 -23.60
C7 CLA LD . 70.77 -25.32 -22.59
MG CLA MD . 69.28 -27.75 -14.78
CHA CLA MD . 69.02 -30.79 -16.43
CHB CLA MD . 70.06 -26.21 -17.72
CHC CLA MD . 69.59 -24.78 -13.07
CHD CLA MD . 68.53 -29.40 -11.73
NA CLA MD . 69.49 -28.42 -16.75
C1A CLA MD . 69.33 -29.72 -17.24
C2A CLA MD . 69.58 -29.77 -18.75
C3A CLA MD . 69.88 -28.30 -19.12
C4A CLA MD . 69.80 -27.57 -17.78
CMA CLA MD . 71.23 -28.14 -19.77
CAA CLA MD . 68.39 -30.29 -19.54
CBA CLA MD . 68.75 -30.55 -20.98
CGA CLA MD . 69.86 -31.55 -21.10
O1A CLA MD . 71.03 -31.46 -20.68
O2A CLA MD . 69.50 -32.68 -21.76
NB CLA MD . 69.73 -25.86 -15.29
C1B CLA MD . 70.03 -25.43 -16.55
C2B CLA MD . 70.36 -23.98 -16.53
C3B CLA MD . 70.23 -23.56 -15.22
C4B CLA MD . 69.82 -24.75 -14.42
CMB CLA MD . 70.73 -23.25 -17.74
CAB CLA MD . 70.42 -22.28 -14.59
CBB CLA MD . 70.82 -21.14 -15.17
NC CLA MD . 69.08 -27.20 -12.77
C1C CLA MD . 69.23 -25.92 -12.30
C2C CLA MD . 69.01 -25.89 -10.86
C3C CLA MD . 68.72 -27.20 -10.47
C4C CLA MD . 68.77 -28.02 -11.69
CMC CLA MD . 69.09 -24.70 -10.03
CAC CLA MD . 68.43 -27.69 -9.12
CBC CLA MD . 69.69 -27.95 -8.32
ND CLA MD . 68.84 -29.62 -14.16
C1D CLA MD . 68.55 -30.16 -12.88
C2D CLA MD . 68.33 -31.63 -13.01
C3D CLA MD . 68.50 -31.92 -14.36
C4D CLA MD . 68.82 -30.65 -15.02
CMD CLA MD . 67.99 -32.52 -11.90
CAD CLA MD . 68.48 -32.96 -15.37
OBD CLA MD . 68.27 -34.16 -15.27
CBD CLA MD . 68.84 -32.27 -16.73
CGD CLA MD . 70.08 -32.87 -17.35
O1D CLA MD . 71.21 -32.95 -16.84
O2D CLA MD . 69.89 -33.35 -18.61
CED CLA MD . 70.35 -34.67 -18.89
C1 CLA MD . 70.47 -33.21 -22.69
MG CLA ND . 59.88 -19.22 1.86
CHA CLA ND . 58.39 -17.12 4.17
CHB CLA ND . 58.16 -17.70 -0.64
CHC CLA ND . 61.47 -21.28 -0.40
CHD CLA ND . 61.75 -20.71 4.48
NA CLA ND . 58.47 -17.69 1.81
C1A CLA ND . 57.98 -16.92 2.88
C2A CLA ND . 56.94 -15.90 2.38
C3A CLA ND . 56.90 -16.13 0.86
C4A CLA ND . 57.89 -17.26 0.63
CMA CLA ND . 55.51 -16.45 0.35
CAA CLA ND . 57.23 -14.45 2.74
NB CLA ND . 59.85 -19.42 -0.14
C1B CLA ND . 59.06 -18.73 -1.00
C2B CLA ND . 59.30 -19.18 -2.39
C3B CLA ND . 60.22 -20.18 -2.33
C4B CLA ND . 60.58 -20.36 -0.89
CMB CLA ND . 58.58 -18.63 -3.55
CAB CLA ND . 60.79 -21.00 -3.37
CBB CLA ND . 62.09 -21.02 -3.69
NC CLA ND . 61.30 -20.75 2.03
C1C CLA ND . 61.80 -21.47 0.97
C2C CLA ND . 62.76 -22.47 1.45
C3C CLA ND . 62.86 -22.29 2.83
C4C CLA ND . 61.94 -21.21 3.19
CMC CLA ND . 63.46 -23.43 0.59
CAC CLA ND . 63.71 -23.05 3.76
CBC CLA ND . 65.14 -22.56 3.81
ND CLA ND . 59.96 -19.12 3.88
C1D CLA ND . 60.84 -19.73 4.82
C2D CLA ND . 60.56 -19.16 6.16
C3D CLA ND . 59.61 -18.18 5.98
C4D CLA ND . 59.31 -18.16 4.53
CMD CLA ND . 61.22 -19.60 7.40
CAD CLA ND . 58.79 -17.18 6.62
OBD CLA ND . 58.60 -16.96 7.81
CBD CLA ND . 58.10 -16.38 5.46
CGD CLA ND . 56.63 -16.13 5.66
O1D CLA ND . 55.70 -16.71 5.11
O2D CLA ND . 56.36 -15.13 6.55
CED CLA ND . 57.11 -13.91 6.44
MG CLA OD . 76.30 -18.84 -6.16
CHA CLA OD . 78.76 -16.46 -6.71
CHB CLA OD . 75.23 -18.47 -9.37
CHC CLA OD . 73.86 -21.18 -5.54
CHD CLA OD . 77.40 -19.13 -2.81
NA CLA OD . 76.94 -17.67 -7.77
C1A CLA OD . 77.98 -16.73 -7.80
C2A CLA OD . 78.10 -16.09 -9.19
C3A CLA OD . 76.95 -16.74 -10.00
C4A CLA OD . 76.32 -17.72 -9.00
CMA CLA OD . 75.96 -15.72 -10.48
CAA CLA OD . 79.43 -16.35 -9.90
CBA CLA OD . 80.24 -17.54 -9.40
CGA CLA OD . 79.54 -18.85 -9.64
O1A CLA OD . 78.88 -19.54 -8.85
O2A CLA OD . 79.70 -19.31 -10.92
NB CLA OD . 74.83 -19.67 -7.25
C1B CLA OD . 74.54 -19.39 -8.55
C2B CLA OD . 73.36 -20.19 -8.99
C3B CLA OD . 72.97 -20.95 -7.91
C4B CLA OD . 73.90 -20.64 -6.79
CMB CLA OD . 72.80 -20.11 -10.34
CAB CLA OD . 71.90 -21.90 -7.79
CBB CLA OD . 71.73 -22.96 -8.58
NC CLA OD . 75.76 -19.96 -4.49
C1C CLA OD . 74.73 -20.87 -4.47
C2C CLA OD . 74.62 -21.48 -3.14
C3C CLA OD . 75.62 -20.89 -2.35
C4C CLA OD . 76.32 -19.94 -3.21
CMC CLA OD . 73.64 -22.50 -2.76
CAC CLA OD . 75.90 -21.18 -0.94
CBC CLA OD . 77.00 -22.20 -0.77
ND CLA OD . 77.75 -18.07 -4.99
C1D CLA OD . 78.08 -18.25 -3.62
C2D CLA OD . 79.22 -17.36 -3.27
C3D CLA OD . 79.52 -16.65 -4.41
C4D CLA OD . 78.58 -17.12 -5.45
CMD CLA OD . 79.84 -17.29 -1.95
CAD CLA OD . 80.38 -15.65 -5.03
OBD CLA OD . 81.32 -15.03 -4.55
CBD CLA OD . 79.89 -15.47 -6.50
CGD CLA OD . 79.44 -14.06 -6.79
O1D CLA OD . 78.32 -13.69 -7.16
O2D CLA OD . 80.40 -13.12 -6.60
CED CLA OD . 80.25 -11.87 -7.28
C1 CLA OD . 80.72 -20.30 -11.12
MG CLA PD . 45.44 -9.28 -32.98
CHA CLA PD . 46.77 -11.62 -35.16
CHB CLA PD . 42.30 -10.30 -33.79
CHC CLA PD . 44.17 -6.96 -30.77
CHD CLA PD . 48.72 -8.15 -32.26
NA CLA PD . 44.68 -10.74 -34.26
C1A CLA PD . 45.39 -11.63 -35.08
C2A CLA PD . 44.44 -12.54 -35.86
C3A CLA PD . 43.04 -11.99 -35.50
C4A CLA PD . 43.34 -10.95 -34.42
CMA CLA PD . 42.33 -11.39 -36.69
CAA CLA PD . 44.46 -14.02 -35.49
CBA CLA PD . 45.49 -14.51 -34.48
CGA CLA PD . 45.17 -14.04 -33.10
O1A CLA PD . 44.08 -13.68 -32.64
O2A CLA PD . 46.27 -14.06 -32.29
NB CLA PD . 43.59 -8.66 -32.48
C1B CLA PD . 42.44 -9.31 -32.81
C2B CLA PD . 41.30 -8.82 -31.97
C3B CLA PD . 41.82 -7.88 -31.11
C4B CLA PD . 43.28 -7.77 -31.41
CMB CLA PD . 39.95 -9.35 -32.09
CAB CLA PD . 41.21 -7.11 -30.06
CBB CLA PD . 39.97 -6.60 -30.10
NC CLA PD . 46.30 -7.84 -31.73
C1C CLA PD . 45.58 -6.99 -30.91
C2C CLA PD . 46.50 -6.11 -30.20
C3C CLA PD . 47.79 -6.44 -30.61
C4C CLA PD . 47.65 -7.52 -31.59
CMC CLA PD . 46.10 -5.11 -29.22
CAC CLA PD . 49.06 -5.84 -30.17
CBC CLA PD . 49.48 -4.68 -31.06
ND CLA PD . 47.33 -9.82 -33.41
C1D CLA PD . 48.59 -9.24 -33.10
C2D CLA PD . 49.65 -9.96 -33.83
C3D CLA PD . 49.01 -10.89 -34.62
C4D CLA PD . 47.57 -10.75 -34.35
CMD CLA PD . 51.09 -9.66 -33.73
CAD CLA PD . 49.17 -11.97 -35.59
OBD CLA PD . 50.20 -12.48 -36.02
CBD CLA PD . 47.74 -12.38 -36.03
CGD CLA PD . 47.50 -12.07 -37.48
O1D CLA PD . 47.55 -10.97 -38.05
O2D CLA PD . 47.18 -13.16 -38.25
CED CLA PD . 47.45 -13.08 -39.65
C1 CLA PD . 46.73 -12.82 -31.73
C2 CLA PD . 46.02 -12.64 -30.43
C3 CLA PD . 46.24 -11.56 -29.66
C4 CLA PD . 47.19 -10.50 -30.10
C5 CLA PD . 45.54 -11.34 -28.37
C6 CLA PD . 44.99 -9.93 -28.24
C7 CLA PD . 44.15 -9.79 -26.99
C8 CLA PD . 43.44 -8.45 -26.90
C9 CLA PD . 44.44 -7.34 -26.62
C10 CLA PD . 42.38 -8.48 -25.82
C11 CLA PD . 41.25 -7.50 -26.08
C12 CLA PD . 39.93 -8.02 -25.54
C13 CLA PD . 39.18 -6.94 -24.77
C14 CLA PD . 38.05 -7.54 -23.96
C15 CLA PD . 38.64 -5.87 -25.71
C16 CLA PD . 37.89 -4.81 -24.95
C17 CLA PD . 36.73 -4.24 -25.76
C18 CLA PD . 36.28 -2.88 -25.24
C19 CLA PD . 36.07 -2.92 -23.74
C20 CLA PD . 37.27 -1.82 -25.60
C1 XAT QD . -71.64 -4.01 63.13
C2 XAT QD . -72.18 -5.41 63.30
C3 XAT QD . -71.02 -6.36 63.57
C4 XAT QD . -70.61 -6.10 64.99
C5 XAT QD . -70.10 -4.67 65.18
C6 XAT QD . -70.58 -3.60 64.18
C7 XAT QD . -70.72 -2.25 64.85
C8 XAT QD . -69.87 -1.32 64.46
C9 XAT QD . -69.83 0.04 65.01
C10 XAT QD . -69.21 0.98 64.30
C11 XAT QD . -69.10 2.36 64.74
C12 XAT QD . -68.16 3.09 64.13
C13 XAT QD . -67.93 4.50 64.49
C14 XAT QD . -67.05 5.21 63.78
C15 XAT QD . -66.78 6.60 64.11
C16 XAT QD . -72.80 -3.02 63.17
C17 XAT QD . -70.99 -3.88 61.77
C18 XAT QD . -69.90 -4.06 66.57
C19 XAT QD . -70.45 0.36 66.35
C20 XAT QD . -68.66 5.12 65.65
O3 XAT QD . -71.44 -7.71 63.39
O4 XAT QD . -69.27 -4.19 64.12
C21 XAT QD . -60.63 17.77 61.25
C22 XAT QD . -59.54 18.64 61.83
C23 XAT QD . -60.11 19.49 62.95
C24 XAT QD . -60.32 18.55 64.12
C25 XAT QD . -61.32 17.42 63.78
C26 XAT QD . -61.54 17.09 62.29
C27 XAT QD . -61.85 15.62 62.05
C28 XAT QD . -63.11 15.24 61.84
C29 XAT QD . -63.41 13.82 61.59
C30 XAT QD . -64.32 13.19 62.33
C31 XAT QD . -64.61 11.79 62.04
C32 XAT QD . -65.16 11.01 62.97
C33 XAT QD . -65.42 9.59 62.64
C34 XAT QD . -65.83 8.75 63.58
C35 XAT QD . -66.09 7.36 63.26
C36 XAT QD . -59.96 16.68 60.40
C37 XAT QD . -61.49 18.61 60.33
C38 XAT QD . -61.44 16.19 64.68
C39 XAT QD . -62.70 13.10 60.48
C40 XAT QD . -65.25 9.12 61.23
O23 XAT QD . -59.18 20.51 63.31
O24 XAT QD . -62.48 17.86 63.07
C1 XAT RD . -49.70 -13.00 66.41
C2 XAT RD . -50.39 -13.21 65.08
C3 XAT RD . -51.76 -13.82 65.33
C4 XAT RD . -52.62 -12.70 65.88
C5 XAT RD . -52.06 -12.08 67.16
C6 XAT RD . -50.57 -12.30 67.48
C7 XAT RD . -49.94 -11.12 68.19
C8 XAT RD . -49.64 -11.29 69.47
C9 XAT RD . -49.01 -10.25 70.30
C10 XAT RD . -49.05 -10.43 71.64
C11 XAT RD . -48.47 -9.49 72.59
C12 XAT RD . -48.70 -9.74 73.87
C13 XAT RD . -48.16 -8.92 74.96
C14 XAT RD . -48.48 -9.24 76.22
C15 XAT RD . -47.97 -8.49 77.36
C16 XAT RD . -48.42 -12.19 66.18
C17 XAT RD . -49.25 -14.35 66.97
C18 XAT RD . -52.55 -10.72 67.67
C19 XAT RD . -48.36 -9.04 69.69
C20 XAT RD . -47.25 -7.75 74.67
O3 XAT RD . -52.30 -14.32 64.11
O4 XAT RD . -51.62 -13.02 68.14
C21 XAT RD . -47.25 -6.55 90.34
C22 XAT RD . -47.48 -5.74 91.60
C23 XAT RD . -46.70 -4.44 91.52
C24 XAT RD . -47.45 -3.57 90.53
C25 XAT RD . -47.53 -4.21 89.13
C26 XAT RD . -47.35 -5.73 89.03
C27 XAT RD . -48.15 -6.37 87.92
C28 XAT RD . -47.50 -6.80 86.84
C29 XAT RD . -48.18 -7.46 85.71
C30 XAT RD . -47.55 -7.53 84.54
C31 XAT RD . -48.16 -8.20 83.38
C32 XAT RD . -47.65 -7.98 82.17
C33 XAT RD . -48.19 -8.64 80.98
C34 XAT RD . -47.78 -8.24 79.76
C35 XAT RD . -48.29 -8.92 78.58
C36 XAT RD . -48.26 -7.68 90.30
C37 XAT RD . -45.85 -7.15 90.42
C38 XAT RD . -48.51 -3.68 88.07
C39 XAT RD . -49.55 -8.04 85.88
C40 XAT RD . -49.18 -9.76 81.12
O23 XAT RD . -46.68 -3.79 92.79
O24 XAT RD . -46.31 -4.79 88.68
C1 XAT SD . -50.30 -0.60 71.64
C2 XAT SD . -50.06 0.52 72.62
C3 XAT SD . -48.60 0.93 72.60
C4 XAT SD . -48.42 1.67 71.29
C5 XAT SD . -48.76 0.82 70.06
C6 XAT SD . -49.66 -0.41 70.24
C7 XAT SD . -50.52 -0.69 69.02
C8 XAT SD . -50.44 -1.89 68.43
C9 XAT SD . -51.20 -2.31 67.24
C10 XAT SD . -52.45 -1.87 66.97
C11 XAT SD . -53.15 -2.36 65.78
C12 XAT SD . -54.32 -1.82 65.42
C13 XAT SD . -55.05 -2.30 64.24
C14 XAT SD . -56.17 -1.67 63.85
C15 XAT SD . -56.95 -2.12 62.70
C16 XAT SD . -51.80 -0.75 71.49
C17 XAT SD . -49.79 -1.88 72.25
C18 XAT SD . -48.97 1.47 68.69
C19 XAT SD . -50.57 -3.28 66.29
C20 XAT SD . -54.56 -3.51 63.49
O3 XAT SD . -48.32 1.79 73.70
O4 XAT SD . -48.23 -0.51 70.08
C21 XAT SD . -65.56 -3.31 54.42
C22 XAT SD . -65.52 -3.44 52.91
C23 XAT SD . -66.76 -2.78 52.35
C24 XAT SD . -66.52 -1.29 52.44
C25 XAT SD . -66.17 -0.81 53.85
C26 XAT SD . -65.74 -1.85 54.89
C27 XAT SD . -64.70 -1.30 55.86
C28 XAT SD . -64.92 -1.44 57.17
C29 XAT SD . -64.00 -0.93 58.20
C30 XAT SD . -62.82 -1.54 58.42
C31 XAT SD . -61.94 -1.04 59.48
C32 XAT SD . -60.85 -1.73 59.81
C33 XAT SD . -59.98 -1.26 60.91
C34 XAT SD . -58.81 -1.87 61.17
C35 XAT SD . -58.01 -1.41 62.29
C36 XAT SD . -64.29 -3.91 55.01
C37 XAT SD . -66.74 -4.13 54.94
C38 XAT SD . -65.45 0.54 54.08
C39 XAT SD . -64.42 0.22 59.06
C40 XAT SD . -60.45 -0.13 61.78
O23 XAT SD . -66.94 -3.17 50.98
O24 XAT SD . -67.05 -1.27 54.88
C1 XAT TD . -64.90 4.29 75.12
C2 XAT TD . -64.93 5.81 75.07
C3 XAT TD . -63.69 6.37 74.39
C4 XAT TD . -63.81 5.97 72.94
C5 XAT TD . -63.64 4.46 72.79
C6 XAT TD . -64.13 3.60 73.97
C7 XAT TD . -64.67 2.24 73.56
C8 XAT TD . -63.88 1.21 73.88
C9 XAT TD . -64.22 -0.19 73.58
C10 XAT TD . -63.22 -1.08 73.49
C11 XAT TD . -63.45 -2.49 73.24
C12 XAT TD . -62.42 -3.30 73.44
C13 XAT TD . -62.51 -4.76 73.28
C14 XAT TD . -61.53 -5.50 73.82
C15 XAT TD . -61.50 -6.95 73.79
C16 XAT TD . -66.33 3.78 75.14
C17 XAT TD . -64.26 3.86 76.43
C18 XAT TD . -63.86 3.75 71.45
C19 XAT TD . -65.65 -0.62 73.42
C20 XAT TD . -63.67 -5.40 72.56
O3 XAT TD . -63.65 7.79 74.53
O4 XAT TD . -62.74 3.87 73.73
C21 XAT TD . -57.25 -19.03 75.30
C22 XAT TD . -57.02 -20.50 75.00
C23 XAT TD . -58.16 -21.04 74.17
C24 XAT TD . -57.96 -20.47 72.79
C25 XAT TD . -58.12 -18.94 72.81
C26 XAT TD . -57.84 -18.22 74.13
C27 XAT TD . -57.30 -16.81 73.94
C28 XAT TD . -58.11 -15.81 74.26
C29 XAT TD . -57.72 -14.39 74.13
C30 XAT TD . -58.68 -13.46 74.28
C31 XAT TD . -58.41 -12.04 74.19
C32 XAT TD . -59.43 -11.22 74.33
C33 XAT TD . -59.30 -9.75 74.27
C34 XAT TD . -60.42 -9.02 74.35
C35 XAT TD . -60.45 -7.57 74.33
C36 XAT TD . -55.92 -18.41 75.69
C37 XAT TD . -58.19 -18.90 76.48
C38 XAT TD . -57.74 -18.07 71.59
C39 XAT TD . -56.31 -14.00 73.86
C40 XAT TD . -57.96 -9.09 74.14
O23 XAT TD . -58.10 -22.47 74.12
O24 XAT TD . -59.17 -18.47 73.65
C1 XAT UD . -70.13 1.45 58.48
C2 XAT UD . -71.64 1.27 58.42
C3 XAT UD . -72.12 0.77 59.77
C4 XAT UD . -72.08 1.97 60.69
C5 XAT UD . -70.65 2.50 60.85
C6 XAT UD . -69.61 2.16 59.75
C7 XAT UD . -68.59 3.26 59.58
C8 XAT UD . -67.35 2.97 59.97
C9 XAT UD . -66.22 3.91 59.89
C10 XAT UD . -65.07 3.52 60.44
C11 XAT UD . -63.87 4.34 60.46
C12 XAT UD . -62.78 3.81 61.02
C13 XAT UD . -61.53 4.58 61.12
C14 XAT UD . -60.52 4.07 61.83
C15 XAT UD . -59.27 4.79 61.98
C16 XAT UD . -69.68 2.24 57.25
C17 XAT UD . -69.45 0.09 58.41
C18 XAT UD . -70.37 3.89 61.46
C19 XAT UD . -66.36 5.25 59.24
C20 XAT UD . -61.39 5.90 60.43
O3 XAT UD . -73.47 0.30 59.66
O4 XAT UD . -69.65 1.50 61.03
C21 XAT UD . -48.32 6.93 68.51
C22 XAT UD . -47.34 8.09 68.68
C23 XAT UD . -46.08 7.85 67.89
C24 XAT UD . -46.49 8.01 66.44
C25 XAT UD . -47.37 6.83 66.02
C26 XAT UD . -48.29 6.22 67.13
C27 XAT UD . -49.60 5.55 66.70
C28 XAT UD . -50.60 6.06 65.99
C29 XAT UD . -51.80 5.24 65.71
C30 XAT UD . -52.66 5.61 64.76
C31 XAT UD . -53.86 4.83 64.52
C32 XAT UD . -54.75 5.23 63.62
C33 XAT UD . -55.97 4.43 63.42
C34 XAT UD . -56.98 4.95 62.70
C35 XAT UD . -58.22 4.19 62.53
C36 XAT UD . -49.71 7.48 68.81
C37 XAT UD . -48.00 5.88 69.57
C38 XAT UD . -47.84 6.74 64.57
C39 XAT UD . -52.06 4.01 66.53
C40 XAT UD . -56.10 3.08 64.05
O23 XAT UD . -45.09 8.83 68.23
O24 XAT UD . -47.06 5.60 66.69
MG CLA VD . -78.48 -1.88 57.49
CHA CLA VD . -77.74 -4.37 59.80
CHB CLA VD . -81.78 -2.65 57.69
CHC CLA VD . -79.15 0.67 55.29
CHD CLA VD . -75.02 -1.10 57.31
NA CLA VD . -79.56 -3.29 58.57
C1A CLA VD . -79.08 -4.24 59.50
C2A CLA VD . -80.22 -5.08 60.07
C3A CLA VD . -81.47 -4.56 59.32
C4A CLA VD . -80.92 -3.41 58.47
CMA CLA VD . -82.11 -5.63 58.48
CAA CLA VD . -80.37 -4.84 61.56
CBA CLA VD . -80.22 -6.13 62.36
CGA CLA VD . -79.97 -5.80 63.80
NB CLA VD . -80.15 -1.11 56.68
C1B CLA VD . -81.41 -1.59 56.85
C2B CLA VD . -82.37 -0.83 56.00
C3B CLA VD . -81.63 0.11 55.32
C4B CLA VD . -80.21 -0.06 55.74
CMB CLA VD . -83.80 -1.12 55.96
CAB CLA VD . -82.07 1.09 54.36
CBB CLA VD . -81.85 2.41 54.45
NC CLA VD . -77.29 -0.48 56.48
C1C CLA VD . -77.79 0.48 55.64
C2C CLA VD . -76.70 1.29 55.12
C3C CLA VD . -75.52 0.78 55.68
C4C CLA VD . -75.91 -0.32 56.54
CMC CLA VD . -76.87 2.41 54.18
CAC CLA VD . -74.15 1.29 55.45
CBC CLA VD . -73.60 0.97 54.08
ND CLA VD . -76.75 -2.56 58.27
C1D CLA VD . -75.39 -2.15 58.12
C2D CLA VD . -74.53 -3.01 58.97
C3D CLA VD . -75.38 -3.88 59.63
C4D CLA VD . -76.75 -3.55 59.17
CMD CLA VD . -73.08 -2.90 59.04
CAD CLA VD . -75.48 -4.98 60.56
OBD CLA VD . -74.60 -5.61 61.15
CBD CLA VD . -77.01 -5.30 60.73
CGD CLA VD . -77.32 -6.75 60.44
O1D CLA VD . -78.07 -7.19 59.57
O2D CLA VD . -76.70 -7.62 61.28
MG CLA WD . -75.12 -9.42 69.47
CHA CLA WD . -75.53 -6.04 68.81
CHB CLA WD . -71.78 -8.93 69.89
CHC CLA WD . -74.71 -12.81 69.86
CHD CLA WD . -78.59 -9.91 68.97
NA CLA WD . -73.90 -7.73 69.42
C1A CLA WD . -74.24 -6.41 69.11
C2A CLA WD . -73.00 -5.49 69.18
C3A CLA WD . -71.91 -6.42 69.75
C4A CLA WD . -72.56 -7.81 69.68
CMA CLA WD . -70.61 -6.41 68.99
CAA CLA WD . -73.19 -4.29 70.09
CBA CLA WD . -73.33 -4.67 71.54
CGA CLA WD . -74.79 -4.74 71.91
O1A CLA WD . -75.62 -3.83 71.95
O2A CLA WD . -75.19 -6.01 72.21
NB CLA WD . -73.56 -10.63 69.84
C1B CLA WD . -72.26 -10.24 69.88
C2B CLA WD . -71.37 -11.44 69.92
C3B CLA WD . -72.19 -12.54 69.90
C4B CLA WD . -73.60 -12.04 69.87
CMB CLA WD . -69.93 -11.31 69.97
CAB CLA WD . -71.87 -13.94 69.94
CBB CLA WD . -72.13 -14.81 68.96
NC CLA WD . -76.44 -11.04 69.49
C1C CLA WD . -76.05 -12.34 69.70
C2C CLA WD . -77.22 -13.22 69.67
C3C CLA WD . -78.31 -12.41 69.37
C4C CLA WD . -77.81 -11.04 69.26
CMC CLA WD . -77.18 -14.67 69.86
CAC CLA WD . -79.71 -12.84 69.23
CBC CLA WD . -80.46 -12.77 70.55
ND CLA WD . -76.74 -8.28 69.11
C1D CLA WD . -78.11 -8.61 68.88
C2D CLA WD . -78.85 -7.38 68.56
C3D CLA WD . -77.92 -6.36 68.52
C4D CLA WD . -76.62 -6.98 68.84
CMD CLA WD . -80.29 -7.32 68.31
CAD CLA WD . -77.69 -4.94 68.33
OBD CLA WD . -78.50 -4.04 68.14
CBD CLA WD . -76.14 -4.71 68.42
CGD CLA WD . -75.59 -4.24 67.11
O1D CLA WD . -75.51 -3.08 66.69
O2D CLA WD . -75.11 -5.24 66.32
CED CLA WD . -76.01 -5.82 65.36
C1 CLA WD . -76.62 -6.24 72.25
C2 CLA WD . -76.82 -7.69 72.45
MG CLA XD . -65.32 -6.77 57.46
CHA CLA XD . -67.64 -8.76 55.82
CHB CLA XD . -62.84 -8.16 55.60
CHC CLA XD . -63.08 -4.75 59.09
CHD CLA XD . -67.95 -5.41 59.40
NA CLA XD . -65.27 -8.22 55.97
C1A CLA XD . -66.35 -8.93 55.41
C2A CLA XD . -65.89 -9.91 54.33
C3A CLA XD . -64.35 -9.79 54.39
C4A CLA XD . -64.11 -8.63 55.37
CMA CLA XD . -63.73 -11.07 54.86
CAA CLA XD . -66.41 -9.51 52.97
CBA CLA XD . -66.24 -8.03 52.68
CGA CLA XD . -64.93 -7.79 52.02
O1A CLA XD . -64.44 -8.37 51.04
O2A CLA XD . -64.20 -6.80 52.61
NB CLA XD . -63.32 -6.58 57.44
C1B CLA XD . -62.51 -7.12 56.49
C2B CLA XD . -61.18 -6.43 56.51
C3B CLA XD . -61.25 -5.47 57.48
C4B CLA XD . -62.61 -5.56 58.09
CMB CLA XD . -60.10 -6.80 55.58
CAB CLA XD . -60.27 -4.50 57.93
CBB CLA XD . -58.94 -4.61 57.85
NC CLA XD . -65.49 -5.35 58.97
C1C CLA XD . -64.44 -4.65 59.51
C2C CLA XD . -64.92 -3.77 60.57
C3C CLA XD . -66.30 -3.93 60.63
C4C CLA XD . -66.66 -4.93 59.63
CMC CLA XD . -64.09 -2.88 61.38
CAC CLA XD . -67.24 -3.25 61.55
CBC CLA XD . -67.85 -2.02 60.92
ND CLA XD . -67.34 -6.90 57.55
C1D CLA XD . -68.29 -6.33 58.44
C2D CLA XD . -69.63 -6.89 58.14
C3D CLA XD . -69.45 -7.81 57.11
C4D CLA XD . -68.00 -7.80 56.82
CMD CLA XD . -70.86 -6.49 58.82
CAD CLA XD . -70.06 -8.76 56.20
OBD CLA XD . -71.24 -9.02 56.01
CBD CLA XD . -68.91 -9.47 55.43
CGD CLA XD . -68.82 -10.93 55.79
O1D CLA XD . -69.11 -11.45 56.87
O2D CLA XD . -68.33 -11.72 54.79
CED CLA XD . -68.27 -13.13 55.04
C1 CLA XD . -62.90 -6.52 52.03
C2 CLA XD . -62.32 -5.43 52.84
C3 CLA XD . -61.11 -4.89 52.62
C4 CLA XD . -60.23 -5.33 51.52
C5 CLA XD . -60.61 -3.79 53.49
C6 CLA XD . -60.68 -2.43 52.81
C7 CLA XD . -60.98 -1.33 53.81
C8 CLA XD . -61.08 0.03 53.14
C9 CLA XD . -59.91 0.26 52.21
MG CLA YD . -54.40 -2.50 57.67
CHA CLA YD . -53.54 -4.99 55.39
CHB CLA YD . -57.29 -1.94 55.96
CHC CLA YD . -55.24 -0.12 60.00
CHD CLA YD . -51.37 -3.11 59.38
NA CLA YD . -55.25 -3.34 55.95
C1A CLA YD . -54.75 -4.37 55.16
C2A CLA YD . -55.71 -4.70 54.00
C3A CLA YD . -56.84 -3.66 54.17
C4A CLA YD . -56.46 -2.92 55.46
CMA CLA YD . -56.90 -2.72 52.99
CAA CLA YD . -56.26 -6.10 54.17
CBA CLA YD . -57.02 -6.54 52.93
CGA CLA YD . -56.21 -6.22 51.71
O1A CLA YD . -55.07 -6.58 51.42
O2A CLA YD . -56.88 -5.42 50.82
NB CLA YD . -55.97 -1.27 57.93
C1B CLA YD . -57.05 -1.18 57.13
C2B CLA YD . -57.98 -0.12 57.62
C3B CLA YD . -57.40 0.40 58.76
C4B CLA YD . -56.12 -0.33 58.98
CMB CLA YD . -59.23 0.21 56.95
CAB CLA YD . -57.86 1.43 59.65
CBB CLA YD . -58.36 2.61 59.27
NC CLA YD . -53.46 -1.76 59.38
C1C CLA YD . -54.00 -0.79 60.19
C2C CLA YD . -53.08 -0.52 61.30
C3C CLA YD . -51.98 -1.36 61.12
C4C CLA YD . -52.23 -2.14 59.92
CMC CLA YD . -53.32 0.45 62.37
CAC CLA YD . -50.79 -1.48 61.98
CBC CLA YD . -49.58 -0.79 61.37
ND CLA YD . -52.79 -3.72 57.49
C1D CLA YD . -51.61 -3.85 58.25
C2D CLA YD . -50.75 -4.89 57.64
C3D CLA YD . -51.45 -5.37 56.54
C4D CLA YD . -52.72 -4.60 56.50
CMD CLA YD . -49.43 -5.30 58.14
CAD CLA YD . -51.46 -6.30 55.43
OBD CLA YD . -50.63 -7.14 55.13
CBD CLA YD . -52.79 -6.07 54.65
CGD CLA YD . -52.52 -5.68 53.22
O1D CLA YD . -53.03 -4.76 52.58
O2D CLA YD . -51.60 -6.47 52.60
CED CLA YD . -52.08 -7.61 51.88
C1 CLA YD . -56.14 -4.98 49.66
MG CLA ZD . -48.04 -4.28 75.81
CHA CLA ZD . -45.64 -2.63 77.71
CHB CLA ZD . -46.51 -3.23 72.97
CHC CLA ZD . -50.40 -6.00 73.99
CHD CLA ZD . -49.56 -5.41 78.80
NA CLA ZD . -46.37 -3.09 75.43
C1A CLA ZD . -45.49 -2.49 76.36
C2A CLA ZD . -44.40 -1.70 75.65
C3A CLA ZD . -44.76 -1.83 74.15
C4A CLA ZD . -45.97 -2.78 74.16
CMA CLA ZD . -45.10 -0.49 73.52
CAA CLA ZD . -43.02 -2.26 75.93
CBA CLA ZD . -42.76 -3.56 75.19
CGA CLA ZD . -41.75 -3.32 74.11
O1A CLA ZD . -40.89 -2.45 74.04
O2A CLA ZD . -41.83 -4.25 73.11
NB CLA ZD . -48.40 -4.54 73.86
C1B CLA ZD . -47.61 -4.10 72.85
C2B CLA ZD . -48.11 -4.63 71.55
C3B CLA ZD . -49.21 -5.41 71.83
C4B CLA ZD . -49.42 -5.35 73.30
CMB CLA ZD . -47.46 -4.31 70.28
CAB CLA ZD . -50.08 -6.15 70.95
CBB CLA ZD . -50.61 -5.69 69.82
NC CLA ZD . -49.70 -5.45 76.32
C1C CLA ZD . -50.54 -6.04 75.41
C2C CLA ZD . -51.59 -6.76 76.10
C3C CLA ZD . -51.35 -6.63 77.47
C4C CLA ZD . -50.16 -5.79 77.59
CMC CLA ZD . -52.67 -7.51 75.45
CAC CLA ZD . -52.15 -7.18 78.57
CBC CLA ZD . -51.85 -8.64 78.84
ND CLA ZD . -47.76 -4.07 77.80
C1D CLA ZD . -48.45 -4.62 78.93
C2D CLA ZD . -47.76 -4.19 80.16
C3D CLA ZD . -46.68 -3.41 79.76
C4D CLA ZD . -46.72 -3.38 78.28
CMD CLA ZD . -48.20 -4.58 81.49
CAD CLA ZD . -45.54 -2.62 80.18
OBD CLA ZD . -45.13 -2.37 81.30
CBD CLA ZD . -44.83 -2.12 78.88
CGD CLA ZD . -44.65 -0.63 78.87
O1D CLA ZD . -43.79 0.03 79.46
O2D CLA ZD . -45.58 0.04 78.13
CED CLA ZD . -45.71 1.45 78.34
C1 CLA ZD . -41.60 -5.61 73.48
C2 CLA ZD . -42.07 -6.45 72.35
C3 CLA ZD . -43.37 -6.70 72.11
C4 CLA ZD . -44.45 -6.15 72.98
C5 CLA ZD . -43.79 -7.55 70.97
C6 CLA ZD . -44.64 -8.73 71.40
C7 CLA ZD . -43.93 -10.04 71.13
C8 CLA ZD . -44.55 -11.20 71.90
C9 CLA ZD . -43.97 -11.26 73.30
C10 CLA ZD . -44.33 -12.52 71.18
C11 CLA ZD . -45.24 -13.60 71.75
C12 CLA ZD . -46.71 -13.22 71.63
C13 CLA ZD . -47.64 -14.30 72.18
C14 CLA ZD . -46.97 -15.66 72.26
C15 CLA ZD . -48.92 -14.38 71.35
C16 CLA ZD . -49.63 -15.71 71.47
C17 CLA ZD . -50.51 -15.97 70.27
C18 CLA ZD . -50.18 -17.27 69.54
C19 CLA ZD . -48.70 -17.63 69.64
C20 CLA ZD . -51.03 -18.41 70.08
MG CLA AE . -47.76 -8.88 59.42
CHA CLA AE . -50.52 -9.55 57.42
CHB CLA AE . -45.83 -10.83 57.39
CHC CLA AE . -45.00 -7.92 61.22
CHD CLA AE . -49.80 -6.88 61.49
NA CLA AE . -48.15 -10.04 57.72
C1A CLA AE . -49.36 -10.17 57.02
C2A CLA AE . -49.20 -11.12 55.84
C3A CLA AE . -47.79 -11.71 56.05
C4A CLA AE . -47.18 -10.80 57.11
CMA CLA AE . -47.85 -13.15 56.50
CAA CLA AE . -49.28 -10.35 54.53
CBA CLA AE . -48.30 -9.18 54.48
CGA CLA AE . -48.39 -8.46 53.17
O1A CLA AE . -49.08 -8.74 52.19
O2A CLA AE . -47.57 -7.37 53.09
NB CLA AE . -45.79 -9.35 59.36
C1B CLA AE . -45.18 -10.04 58.36
C2B CLA AE . -43.71 -9.86 58.44
C3B CLA AE . -43.47 -9.03 59.51
C4B CLA AE . -44.79 -8.71 60.13
CMB CLA AE . -42.77 -10.48 57.51
CAB CLA AE . -42.21 -8.55 60.04
CBB CLA AE . -41.88 -7.27 60.18
NC CLA AE . -47.47 -7.67 61.09
C1C CLA AE . -46.26 -7.45 61.68
C2C CLA AE . -46.42 -6.57 62.83
C3C CLA AE . -47.78 -6.24 62.90
C4C CLA AE . -48.44 -6.95 61.80
CMC CLA AE . -45.35 -6.11 63.70
CAC CLA AE . -48.44 -5.38 63.89
CBC CLA AE . -48.50 -3.94 63.42
ND CLA AE . -49.70 -8.36 59.54
C1D CLA AE . -50.42 -7.52 60.43
C2D CLA AE . -51.83 -7.46 60.03
C3D CLA AE . -51.93 -8.20 58.85
C4D CLA AE . -50.57 -8.74 58.60
CMD CLA AE . -52.87 -6.72 60.73
CAD CLA AE . -52.80 -8.71 57.81
OBD CLA AE . -54.01 -8.55 57.66
CBD CLA AE . -51.91 -9.55 56.83
CGD CLA AE . -52.46 -10.93 56.61
O1D CLA AE . -52.25 -11.94 57.26
O2D CLA AE . -53.30 -11.00 55.53
CED CLA AE . -54.01 -12.22 55.32
C1 CLA AE . -47.85 -6.27 53.98
C2 CLA AE . -47.48 -5.02 53.26
C3 CLA AE . -47.95 -3.81 53.60
C4 CLA AE . -47.56 -2.59 52.88
C5 CLA AE . -48.90 -3.65 54.74
C6 CLA AE . -50.22 -3.00 54.32
C7 CLA AE . -50.41 -1.67 55.01
C8 CLA AE . -51.80 -1.08 54.74
C9 CLA AE . -52.05 -0.98 53.25
C10 CLA AE . -51.92 0.29 55.39
C11 CLA AE . -52.45 0.21 56.80
C12 CLA AE . -52.01 1.37 57.65
C13 CLA AE . -50.50 1.38 57.84
MG CLA BE . -66.83 -9.10 75.00
CHA CLA BE . -69.10 -11.56 74.06
CHB CLA BE . -64.56 -11.50 75.82
CHC CLA BE . -64.63 -6.63 75.93
CHD CLA BE . -69.22 -6.64 74.12
NA CLA BE . -66.85 -11.20 74.94
C1A CLA BE . -67.89 -12.03 74.51
C2A CLA BE . -67.48 -13.50 74.64
C3A CLA BE . -66.04 -13.44 75.20
C4A CLA BE . -65.78 -11.94 75.35
CMA CLA BE . -65.92 -14.15 76.53
CAA CLA BE . -67.47 -14.21 73.30
CBA CLA BE . -67.11 -15.68 73.44
CGA CLA BE . -67.99 -16.33 74.46
O1A CLA BE . -67.69 -17.08 75.38
O2A CLA BE . -69.32 -16.02 74.29
NB CLA BE . -64.94 -9.07 75.66
C1B CLA BE . -64.20 -10.16 76.02
C2B CLA BE . -62.93 -9.72 76.67
C3B CLA BE . -62.94 -8.35 76.70
C4B CLA BE . -64.22 -7.92 76.07
CMB CLA BE . -61.94 -10.69 77.16
CAB CLA BE . -62.00 -7.41 77.24
CBB CLA BE . -61.27 -7.56 78.35
NC CLA BE . -66.92 -7.02 75.02
C1C CLA BE . -65.91 -6.20 75.44
C2C CLA BE . -66.31 -4.80 75.32
C3C CLA BE . -67.60 -4.80 74.79
C4C CLA BE . -67.98 -6.19 74.61
CMC CLA BE . -65.47 -3.66 75.68
CAC CLA BE . -68.44 -3.63 74.49
CBC CLA BE . -69.19 -3.13 75.70
ND CLA BE . -68.75 -9.04 74.34
C1D CLA BE . -69.60 -7.95 73.99
C2D CLA BE . -70.88 -8.50 73.50
C3D CLA BE . -70.75 -9.87 73.51
C4D CLA BE . -69.39 -10.16 74.02
CMD CLA BE . -72.02 -7.67 73.10
CAD CLA BE . -71.39 -11.15 73.24
OBD CLA BE . -72.53 -11.38 72.87
CBD CLA BE . -70.33 -12.25 73.53
CGD CLA BE . -70.85 -13.31 74.48
O1D CLA BE . -70.66 -13.38 75.70
O2D CLA BE . -71.61 -14.26 73.88
CED CLA BE . -72.98 -14.38 74.27
C1 CLA BE . -70.24 -17.13 74.25
C2 CLA BE . -70.57 -17.36 72.82
MG CLA CE . -64.94 8.55 68.67
CHA CLA CE . -65.07 11.75 70.03
CHB CLA CE . -67.09 7.44 71.08
CHC CLA CE . -64.75 5.39 67.32
CHD CLA CE . -62.62 9.71 66.28
NA CLA CE . -65.94 9.48 70.26
C1A CLA CE . -65.85 10.82 70.67
C2A CLA CE . -66.74 11.08 71.88
C3A CLA CE . -67.38 9.69 72.18
C4A CLA CE . -66.77 8.80 71.10
CMA CLA CE . -67.04 9.21 73.58
CAA CLA CE . -67.85 12.08 71.56
NB CLA CE . -65.76 6.76 69.11
C1B CLA CE . -66.61 6.51 70.14
C2B CLA CE . -66.97 5.07 70.17
C3B CLA CE . -66.31 4.47 69.10
C4B CLA CE . -65.54 5.55 68.42
CMB CLA CE . -67.87 4.49 71.16
CAB CLA CE . -66.30 3.12 68.64
CBB CLA CE . -66.26 2.02 69.42
NC CLA CE . -63.91 7.72 67.06
C1C CLA CE . -63.99 6.41 66.67
C2C CLA CE . -63.14 6.18 65.51
C3C CLA CE . -62.50 7.39 65.23
C4C CLA CE . -62.99 8.36 66.21
CMC CLA CE . -63.00 4.90 64.81
CAC CLA CE . -61.55 7.65 64.14
CBC CLA CE . -62.15 8.41 62.99
ND CLA CE . -64.09 10.30 68.14
C1D CLA CE . -63.12 10.63 67.16
C2D CLA CE . -62.78 12.08 67.29
C3D CLA CE . -63.52 12.55 68.35
C4D CLA CE . -64.29 11.41 68.87
CMD CLA CE . -61.85 12.79 66.42
CAD CLA CE . -63.85 13.71 69.17
OBD CLA CE . -63.50 14.88 69.04
CBD CLA CE . -64.79 13.21 70.31
CGD CLA CE . -64.13 13.39 71.65
O1D CLA CE . -62.93 13.59 71.88
O2D CLA CE . -64.98 13.33 72.71
CED CLA CE . -65.56 14.54 73.18
MG CLA DE . -44.16 1.04 64.51
CHA CLA DE . -41.17 2.50 63.53
CHB CLA DE . -45.89 3.58 63.02
CHC CLA DE . -47.10 -0.48 65.44
CHD CLA DE . -42.33 -1.54 66.10
NA CLA DE . -43.59 2.76 63.46
C1A CLA DE . -42.30 3.18 63.14
C2A CLA DE . -42.32 4.49 62.35
C3A CLA DE . -43.83 4.84 62.29
C4A CLA DE . -44.50 3.65 62.95
CMA CLA DE . -44.13 6.13 63.02
CAA CLA DE . -41.77 4.25 60.96
CBA CLA DE . -42.41 5.16 59.92
CGA CLA DE . -41.37 5.53 58.91
O1A CLA DE . -41.27 5.21 57.73
O2A CLA DE . -40.42 6.36 59.44
NB CLA DE . -46.13 1.48 64.30
C1B CLA DE . -46.63 2.54 63.61
C2B CLA DE . -48.10 2.46 63.57
C3B CLA DE . -48.47 1.32 64.25
C4B CLA DE . -47.20 0.68 64.72
CMB CLA DE . -48.94 3.45 62.90
CAB CLA DE . -49.79 0.78 64.47
CBB CLA DE . -50.30 0.43 65.66
NC CLA DE . -44.62 -0.69 65.58
C1C CLA DE . -45.89 -1.12 65.83
C2C CLA DE . -45.85 -2.37 66.59
C3C CLA DE . -44.51 -2.68 66.79
C4C CLA DE . -43.73 -1.61 66.15
CMC CLA DE . -47.04 -3.11 67.02
CAC CLA DE . -43.97 -3.84 67.52
CBC CLA DE . -43.55 -4.95 66.59
ND CLA DE . -42.22 0.52 64.76
C1D CLA DE . -41.61 -0.56 65.46
C2D CLA DE . -40.14 -0.42 65.34
C3D CLA DE . -39.91 0.73 64.60
C4D CLA DE . -41.25 1.29 64.28
CMD CLA DE . -39.16 -1.34 65.90
CAD CLA DE . -38.92 1.62 64.03
OBD CLA DE . -37.70 1.54 64.05
CBD CLA DE . -39.69 2.79 63.34
CGD CLA DE . -39.32 4.14 63.89
O1D CLA DE . -39.78 4.71 64.88
O2D CLA DE . -38.36 4.78 63.17
CED CLA DE . -37.02 4.72 63.64
C1 CLA DE . -39.69 7.20 58.51
C2 CLA DE . -40.26 8.57 58.62
C3 CLA DE . -40.10 9.37 59.68
C4 CLA DE . -39.35 8.95 60.89
C5 CLA DE . -40.70 10.73 59.71
C6 CLA DE . -42.20 10.73 59.47
C7 CLA DE . -42.54 11.44 58.17
C8 CLA DE . -42.31 12.94 58.26
C9 CLA DE . -43.28 13.58 59.23
C10 CLA DE . -42.41 13.59 56.90
C11 CLA DE . -41.18 14.40 56.57
MG CLA EE . -54.67 9.79 62.42
CHA CLA EE . -51.72 11.00 63.79
CHB CLA EE . -56.40 12.33 63.90
CHC CLA EE . -57.53 8.65 60.92
CHD CLA EE . -52.84 7.15 60.93
NA CLA EE . -54.13 11.38 63.66
C1A CLA EE . -52.85 11.71 64.12
C2A CLA EE . -52.89 12.95 65.02
C3A CLA EE . -54.40 13.23 65.18
C4A CLA EE . -55.04 12.26 64.18
CMA CLA EE . -54.88 12.98 66.59
CAA CLA EE . -52.19 14.13 64.36
CBA CLA EE . -52.56 14.27 62.90
NB CLA EE . -56.61 10.32 62.47
C1B CLA EE . -57.09 11.49 63.02
C2B CLA EE . -58.47 11.74 62.54
C3B CLA EE . -58.81 10.70 61.70
C4B CLA EE . -57.63 9.79 61.65
CMB CLA EE . -59.26 12.90 62.95
CAB CLA EE . -60.02 10.47 60.97
CBB CLA EE . -60.12 10.35 59.64
NC CLA EE . -55.11 8.18 61.18
C1C CLA EE . -56.35 7.88 60.70
C2C CLA EE . -56.30 6.67 59.88
C3C CLA EE . -54.97 6.26 59.87
C4C CLA EE . -54.22 7.20 60.69
CMC CLA EE . -57.44 6.06 59.21
CAC CLA EE . -54.41 5.08 59.18
CBC CLA EE . -54.36 3.87 60.08
ND CLA EE . -52.75 9.18 62.32
C1D CLA EE . -52.13 8.07 61.68
C2D CLA EE . -50.68 8.10 61.97
C3D CLA EE . -50.46 9.21 62.76
C4D CLA EE . -51.79 9.84 62.96
CMD CLA EE . -49.72 7.12 61.46
CAD CLA EE . -49.49 10.02 63.48
OBD CLA EE . -48.26 9.88 63.55
CBD CLA EE . -50.27 11.15 64.20
CGD CLA EE . -50.10 11.10 65.69
O1D CLA EE . -50.85 10.58 66.52
O2D CLA EE . -48.95 11.70 66.13
CED CLA EE . -48.75 11.79 67.55
MG CLA FE . -41.80 -14.97 50.00
CHA CLA FE . -42.78 -12.87 52.59
CHB CLA FE . -40.59 -12.30 48.28
CHC CLA FE . -40.83 -17.11 47.48
CHD CLA FE . -43.09 -17.72 51.82
NA CLA FE . -41.72 -12.92 50.39
C1A CLA FE . -42.17 -12.24 51.53
C2A CLA FE . -41.91 -10.74 51.40
C3A CLA FE . -41.28 -10.59 49.99
C4A CLA FE . -41.18 -12.03 49.50
CMA CLA FE . -42.14 -9.74 49.09
CAA CLA FE . -40.92 -10.28 52.46
CBA CLA FE . -41.12 -8.82 52.82
CGA CLA FE . -40.28 -8.48 54.01
O1A CLA FE . -39.09 -8.75 54.22
O2A CLA FE . -40.96 -7.75 54.95
NB CLA FE . -40.87 -14.74 48.23
C1B CLA FE . -40.44 -13.57 47.70
C2B CLA FE . -39.79 -13.82 46.37
C3B CLA FE . -39.86 -15.17 46.15
C4B CLA FE . -40.55 -15.79 47.32
CMB CLA FE . -39.25 -12.75 45.54
CAB CLA FE . -39.40 -15.94 45.02
CBB CLA FE . -40.19 -16.69 44.23
NC CLA FE . -41.96 -17.03 49.71
C1C CLA FE . -41.49 -17.70 48.61
C2C CLA FE . -41.77 -19.12 48.73
C3C CLA FE . -42.40 -19.30 49.96
C4C CLA FE . -42.52 -17.98 50.57
CMC CLA FE . -41.41 -20.13 47.73
CAC CLA FE . -42.89 -20.58 50.51
CBC CLA FE . -42.09 -21.04 51.71
ND CLA FE . -42.76 -15.29 51.75
C1D CLA FE . -43.20 -16.48 52.39
C2D CLA FE . -43.78 -16.13 53.70
C3D CLA FE . -43.66 -14.75 53.82
C4D CLA FE . -43.01 -14.28 52.59
CMD CLA FE . -44.33 -17.10 54.64
CAD CLA FE . -43.92 -13.59 54.66
OBD CLA FE . -44.48 -13.51 55.74
CBD CLA FE . -43.32 -12.36 53.91
CGD CLA FE . -44.32 -11.25 53.72
O1D CLA FE . -44.33 -10.14 54.25
O2D CLA FE . -45.32 -11.55 52.84
CED CLA FE . -45.82 -10.50 52.01
C1 CLA FE . -40.18 -7.26 56.06
C1 LMG GE . -39.74 -24.38 48.89
O1 LMG GE . -39.23 -23.06 49.02
C2 LMG GE . -41.22 -24.35 49.12
O2 LMG GE . -41.52 -23.71 50.36
C3 LMG GE . -41.67 -25.77 49.17
O3 LMG GE . -43.06 -25.82 49.47
C4 LMG GE . -41.42 -26.36 47.80
O4 LMG GE . -42.18 -25.64 46.86
C5 LMG GE . -39.97 -26.20 47.40
O5 LMG GE . -38.50 -26.32 45.51
C6 LMG GE . -39.83 -26.58 45.94
O6 LMG GE . -39.55 -24.86 47.56
C7 LMG GE . -37.81 -23.10 49.16
C8 LMG GE . -37.35 -21.73 49.62
C9 LMG GE . -36.36 -21.19 48.60
O7 LMG GE . -38.46 -20.86 49.71
C10 LMG GE . -38.27 -19.81 50.69
O9 LMG GE . -37.52 -19.99 51.62
C11 LMG GE . -39.00 -18.51 50.57
C12 LMG GE . -39.10 -17.86 51.94
C13 LMG GE . -39.06 -16.34 51.81
C14 LMG GE . -39.46 -15.68 53.11
C15 LMG GE . -39.23 -14.18 53.05
C16 LMG GE . -39.56 -13.52 54.37
O8 LMG GE . -35.53 -22.27 48.20
C28 LMG GE . -34.35 -22.04 47.40
O10 LMG GE . -34.38 -22.26 46.21
C29 LMG GE . -33.08 -21.53 48.04
C30 LMG GE . -31.91 -22.29 47.47
C31 LMG GE . -30.69 -21.38 47.35
C32 LMG GE . -31.12 -19.92 47.38
C33 LMG GE . -29.98 -19.01 47.79
C34 LMG GE . -30.49 -17.83 48.59
C35 LMG GE . -29.39 -16.78 48.71
C36 LMG GE . -29.35 -16.22 50.13
C1 XAT HE . 68.43 15.83 -56.11
C2 XAT HE . 69.39 16.59 -55.21
C3 XAT HE . 68.64 17.54 -54.30
C4 XAT HE . 67.95 16.64 -53.29
C5 XAT HE . 66.86 15.81 -53.98
C6 XAT HE . 67.07 15.47 -55.48
C7 XAT HE . 66.48 14.12 -55.85
C8 XAT HE . 65.54 14.14 -56.79
C9 XAT HE . 64.86 12.94 -57.29
C10 XAT HE . 64.28 13.02 -58.50
C11 XAT HE . 63.57 11.91 -59.12
C12 XAT HE . 63.15 12.10 -60.38
C13 XAT HE . 62.42 11.06 -61.13
C14 XAT HE . 62.10 11.32 -62.40
C15 XAT HE . 61.38 10.35 -63.22
C16 XAT HE . 69.11 14.56 -56.59
C17 XAT HE . 68.15 16.68 -57.36
C18 XAT HE . 66.13 14.67 -53.26
C19 XAT HE . 64.80 11.68 -56.48
C20 XAT HE . 62.05 9.76 -60.47
O3 XAT HE . 69.55 18.42 -53.64
O4 XAT HE . 66.16 16.49 -55.03
C21 XAT HE . 54.12 7.27 -72.93
C22 XAT HE . 52.83 6.54 -72.60
C23 XAT HE . 53.00 5.10 -72.99
C24 XAT HE . 53.89 4.47 -71.94
C25 XAT HE . 55.22 5.20 -71.70
C26 XAT HE . 55.36 6.63 -72.28
C27 XAT HE . 56.18 7.55 -71.39
C28 XAT HE . 57.46 7.82 -71.69
C29 XAT HE . 58.20 8.74 -70.80
C30 XAT HE . 58.78 8.29 -69.68
C31 XAT HE . 59.50 9.22 -68.83
C32 XAT HE . 59.60 8.99 -67.52
C33 XAT HE . 60.32 9.94 -66.66
C34 XAT HE . 60.43 9.70 -65.35
C35 XAT HE . 61.15 10.63 -64.49
C36 XAT HE . 54.01 8.72 -72.48
C37 XAT HE . 54.31 7.25 -74.44
C38 XAT HE . 56.00 5.02 -70.39
C39 XAT HE . 58.29 10.19 -71.15
C40 XAT HE . 60.91 11.19 -67.25
O23 XAT HE . 51.72 4.45 -72.98
O24 XAT HE . 55.97 5.47 -72.88
C1 A1L1G IE . 39.69 40.62 -65.83
C5 A1L1G IE . 38.07 42.14 -67.04
C4 A1L1G IE . 41.35 42.32 -65.09
C3 A1L1G IE . 40.53 42.34 -67.45
C2 A1L1G IE . 39.24 38.07 -65.66
C10 A1L1G IE . 40.66 40.54 -63.49
C11 A1L1G IE . 40.22 41.42 -64.64
C12 A1L1G IE . 39.28 40.36 -68.30
C14 A1L1G IE . 38.69 19.80 -64.66
C17 A1L1G IE . 36.42 18.47 -63.25
C18 A1L1G IE . 37.60 18.58 -67.43
C19 A1L1G IE . 40.01 18.22 -66.86
C20 A1L1G IE . 37.18 17.75 -64.32
C21 A1L1G IE . 36.48 16.63 -65.02
C22 A1L1G IE . 37.52 15.70 -65.60
C23 A1L1G IE . 38.39 16.39 -66.62
C24 A1L1G IE . 38.56 17.91 -66.45
C25 A1L1G IE . 38.30 18.39 -65.02
C26 A1L1G IE . 40.16 22.15 -63.82
C27 A1L1G IE . 41.27 27.11 -65.78
C28 A1L1G IE . 36.66 32.88 -67.28
C29 A1L1G IE . 38.81 20.84 -65.49
C30 A1L1G IE . 39.49 22.03 -65.16
C31 A1L1G IE . 39.57 23.09 -66.05
C32 A1L1G IE . 40.05 24.36 -65.83
C33 A1L1G IE . 39.37 25.55 -65.99
C34 A1L1G IE . 39.90 26.83 -66.21
C35 A1L1G IE . 39.17 27.86 -66.84
C36 A1L1G IE . 39.45 29.20 -66.84
C37 A1L1G IE . 38.60 30.31 -66.87
C38 A1L1G IE . 38.66 31.47 -67.62
C39 A1L1G IE . 38.13 32.74 -67.32
C40 A1L1G IE . 38.92 33.86 -67.05
C41 A1L1G IE . 38.56 35.03 -66.39
C42 A1L1G IE . 38.10 36.20 -66.95
C43 A1L1G IE . 36.91 38.33 -66.55
C44 A1L1G IE . 38.11 37.48 -66.40
C45 A1L1G IE . 39.49 39.34 -65.72
C6 A1L1G IE . 39.40 41.36 -67.14
C8 A1L1G IE . 40.95 43.20 -66.27
O13 A1L1G IE . 41.16 21.16 -63.70
O15 A1L1G IE . 38.55 17.42 -63.98
O16 A1L1G IE . 36.87 14.58 -66.21
O7 A1L1G IE . 42.05 44.03 -66.63
O9 A1L1G IE . 39.19 42.34 -64.17
C1 XAT JE . 48.57 25.20 -62.86
C2 XAT JE . 49.56 26.33 -62.61
C3 XAT JE . 48.95 27.33 -61.67
C4 XAT JE . 48.98 26.68 -60.30
C5 XAT JE . 48.24 25.34 -60.25
C6 XAT JE . 47.96 24.61 -61.57
C7 XAT JE . 48.00 23.09 -61.38
C8 XAT JE . 46.92 22.40 -61.73
C9 XAT JE . 46.76 20.94 -61.61
C10 XAT JE . 47.68 20.07 -62.06
C11 XAT JE . 47.47 18.63 -61.95
C12 XAT JE . 48.40 17.80 -62.41
C13 XAT JE . 48.27 16.33 -62.37
C14 XAT JE . 49.36 15.56 -62.45
C15 XAT JE . 49.28 14.11 -62.45
C16 XAT JE . 49.24 24.13 -63.68
C17 XAT JE . 47.45 25.77 -63.70
C18 XAT JE . 48.46 24.36 -59.09
C19 XAT JE . 45.50 20.40 -61.00
C20 XAT JE . 46.91 15.70 -62.29
O3 XAT JE . 49.75 28.53 -61.67
O4 XAT JE . 46.95 25.35 -60.87
C21 XAT JE . 51.05 2.43 -62.93
C22 XAT JE . 50.41 1.17 -62.34
C23 XAT JE . 51.48 0.10 -62.23
C24 XAT JE . 52.33 0.50 -61.03
C25 XAT JE . 52.96 1.88 -61.19
C26 XAT JE . 52.35 2.86 -62.22
C27 XAT JE . 52.46 4.31 -61.80
C28 XAT JE . 52.95 5.15 -62.71
C29 XAT JE . 53.13 6.60 -62.49
C30 XAT JE . 52.07 7.41 -62.53
C31 XAT JE . 52.24 8.86 -62.36
C32 XAT JE . 51.19 9.65 -62.46
C33 XAT JE . 51.34 11.12 -62.35
C34 XAT JE . 50.25 11.90 -62.35
C35 XAT JE . 50.37 13.36 -62.30
C36 XAT JE . 50.02 3.56 -62.89
C37 XAT JE . 51.35 2.16 -64.39
C38 XAT JE . 53.51 2.65 -59.98
C39 XAT JE . 54.50 7.16 -62.29
C40 XAT JE . 52.71 11.73 -62.28
O23 XAT JE . 50.86 -1.17 -62.00
O24 XAT JE . 53.57 2.13 -62.45
C1 XAT KE . 59.45 19.62 -69.19
C2 XAT KE . 60.22 20.82 -68.67
C3 XAT KE . 61.65 20.73 -69.15
C4 XAT KE . 61.60 21.10 -70.62
C5 XAT KE . 60.67 20.22 -71.46
C6 XAT KE . 59.60 19.39 -70.72
C7 XAT KE . 58.32 19.24 -71.54
C8 XAT KE . 57.80 18.03 -71.66
C9 XAT KE . 56.58 17.73 -72.43
C10 XAT KE . 55.40 18.32 -72.17
C11 XAT KE . 54.21 17.97 -72.94
C12 XAT KE . 52.99 18.15 -72.44
C13 XAT KE . 51.81 17.79 -73.23
C14 XAT KE . 50.68 18.51 -73.13
C15 XAT KE . 49.51 18.17 -73.94
C16 XAT KE . 57.98 19.78 -68.84
C17 XAT KE . 59.95 18.38 -68.46
C18 XAT KE . 60.16 20.67 -72.84
C19 XAT KE . 56.65 16.71 -73.53
C20 XAT KE . 51.87 16.62 -74.17
O3 XAT KE . 62.47 21.64 -68.43
O4 XAT KE . 60.81 18.82 -71.23
C21 XAT KE . 37.36 20.20 -78.51
C22 XAT KE . 36.05 19.75 -79.16
C23 XAT KE . 36.14 18.31 -79.62
C24 XAT KE . 36.20 17.50 -78.35
C25 XAT KE . 37.57 17.71 -77.69
C26 XAT KE . 38.21 19.09 -77.87
C27 XAT KE . 39.12 19.50 -76.73
C28 XAT KE . 40.42 19.42 -76.97
C29 XAT KE . 41.48 19.78 -75.99
C30 XAT KE . 42.73 19.37 -76.23
C31 XAT KE . 43.84 19.70 -75.35
C32 XAT KE . 44.99 19.03 -75.48
C33 XAT KE . 46.14 19.35 -74.62
C34 XAT KE . 47.25 18.58 -74.66
C35 XAT KE . 48.41 18.91 -73.84
C36 XAT KE . 37.04 21.24 -77.44
C37 XAT KE . 38.21 20.90 -79.57
C38 XAT KE . 37.92 17.10 -76.33
C39 XAT KE . 41.16 20.62 -74.80
C40 XAT KE . 46.09 20.54 -73.70
O23 XAT KE . 34.99 17.96 -80.38
O24 XAT KE . 38.63 17.94 -78.62
C1 XAT LE . 50.61 24.73 -54.56
C2 XAT LE . 50.57 26.21 -54.17
C3 XAT LE . 51.97 26.74 -53.91
C4 XAT LE . 52.62 26.81 -55.27
C5 XAT LE . 52.87 25.39 -55.80
C6 XAT LE . 51.87 24.30 -55.35
C7 XAT LE . 51.70 23.25 -56.44
C8 XAT LE . 52.13 22.03 -56.15
C9 XAT LE . 52.06 20.93 -57.11
C10 XAT LE . 52.69 19.79 -56.80
C11 XAT LE . 52.70 18.66 -57.72
C12 XAT LE . 53.56 17.67 -57.47
C13 XAT LE . 53.66 16.51 -58.37
C14 XAT LE . 54.63 15.61 -58.17
C15 XAT LE . 54.75 14.48 -59.08
C16 XAT LE . 49.38 24.41 -55.38
C17 XAT LE . 50.55 23.89 -53.29
C18 XAT LE . 53.38 25.15 -57.22
C19 XAT LE . 51.33 21.08 -58.41
C20 XAT LE . 52.71 16.37 -59.51
O3 XAT LE . 51.89 28.05 -53.33
O4 XAT LE . 53.18 24.43 -54.79
C21 XAT LE . 57.79 3.76 -65.07
C22 XAT LE . 58.01 2.78 -66.21
C23 XAT LE . 58.27 3.50 -67.52
C24 XAT LE . 59.62 4.14 -67.36
C25 XAT LE . 59.53 5.29 -66.35
C26 XAT LE . 58.50 5.13 -65.22
C27 XAT LE . 58.92 5.82 -63.93
C28 XAT LE . 58.15 6.84 -63.58
C29 XAT LE . 58.38 7.66 -62.37
C30 XAT LE . 57.61 8.74 -62.21
C31 XAT LE . 57.72 9.65 -61.09
C32 XAT LE . 56.77 10.56 -60.97
C33 XAT LE . 56.75 11.57 -59.89
C34 XAT LE . 55.83 12.54 -59.94
C35 XAT LE . 55.74 13.60 -58.95
C36 XAT LE . 58.25 3.11 -63.78
C37 XAT LE . 56.30 4.02 -64.95
C38 XAT LE . 60.76 6.06 -65.87
C39 XAT LE . 59.43 7.29 -61.36
C40 XAT LE . 57.76 11.51 -58.78
O23 XAT LE . 58.29 2.57 -68.60
O24 XAT LE . 58.27 5.97 -66.36
MG CLA ME . 59.43 -2.54 -71.23
CHA CLA ME . 57.19 -1.02 -73.41
CHB CLA ME . 60.82 -4.23 -73.84
CHC CLA ME . 61.67 -3.95 -69.04
CHD CLA ME . 57.92 -0.78 -68.54
NA CLA ME . 59.04 -2.60 -73.28
C1A CLA ME . 58.07 -1.88 -74.00
C2A CLA ME . 58.13 -2.22 -75.49
C3A CLA ME . 59.23 -3.31 -75.57
C4A CLA ME . 59.75 -3.39 -74.14
CMA CLA ME . 58.67 -4.63 -76.05
CAA CLA ME . 58.52 -0.99 -76.30
CBA CLA ME . 59.72 -1.22 -77.21
CGA CLA ME . 60.99 -0.83 -76.51
O1A CLA ME . 61.16 -0.03 -75.59
O2A CLA ME . 62.09 -1.50 -77.01
NB CLA ME . 60.96 -3.82 -71.41
C1B CLA ME . 61.38 -4.41 -72.57
C2B CLA ME . 62.54 -5.30 -72.29
C3B CLA ME . 62.79 -5.22 -70.93
C4B CLA ME . 61.78 -4.29 -70.36
CMB CLA ME . 63.21 -6.08 -73.33
CAB CLA ME . 63.78 -5.89 -70.13
CBB CLA ME . 65.06 -6.04 -70.44
NC CLA ME . 59.73 -2.39 -69.16
C1C CLA ME . 60.70 -3.06 -68.48
C2C CLA ME . 60.64 -2.73 -67.06
C3C CLA ME . 59.58 -1.83 -66.91
C4C CLA ME . 59.01 -1.62 -68.25
CMC CLA ME . 61.53 -3.27 -66.04
CAC CLA ME . 59.12 -1.20 -65.67
CBC CLA ME . 58.36 -2.16 -64.76
ND CLA ME . 57.90 -1.25 -70.96
C1D CLA ME . 57.39 -0.58 -69.80
C2D CLA ME . 56.26 0.29 -70.20
C3D CLA ME . 56.14 0.15 -71.57
C4D CLA ME . 57.18 -0.79 -71.99
CMD CLA ME . 55.47 1.10 -69.27
CAD CLA ME . 55.39 0.55 -72.76
OBD CLA ME . 54.42 1.28 -72.86
CBD CLA ME . 56.08 -0.15 -73.97
CGD CLA ME . 55.11 -0.96 -74.80
O1D CLA ME . 54.96 -2.18 -74.81
O2D CLA ME . 54.32 -0.20 -75.61
CED CLA ME . 54.33 -0.49 -77.01
C1 CLA ME . 62.76 -0.87 -78.12
C2 CLA ME . 62.80 -1.87 -79.22
C3 CLA ME . 61.70 -2.30 -79.85
MG CLA NE . 55.69 7.21 -79.48
CHA CLA NE . 52.42 7.59 -80.59
CHB CLA NE . 56.27 4.95 -81.98
CHC CLA NE . 58.92 6.88 -78.36
CHD CLA NE . 55.06 9.60 -76.95
NA CLA NE . 54.51 6.42 -81.02
C1A CLA NE . 53.17 6.71 -81.33
C2A CLA NE . 52.70 5.92 -82.54
C3A CLA NE . 53.93 5.06 -82.93
C4A CLA NE . 54.99 5.50 -81.91
CMA CLA NE . 53.64 3.58 -82.84
CAA CLA NE . 52.35 6.84 -83.70
CBA CLA NE . 53.37 7.95 -83.83
CGA CLA NE . 53.25 8.61 -85.17
O1A CLA NE . 52.33 9.31 -85.60
O2A CLA NE . 54.33 8.39 -85.98
NB CLA NE . 57.28 6.13 -80.07
C1B CLA NE . 57.32 5.26 -81.11
C2B CLA NE . 58.68 4.64 -81.20
C3B CLA NE . 59.44 5.18 -80.19
C4B CLA NE . 58.56 6.13 -79.45
CMB CLA NE . 59.03 3.65 -82.22
CAB CLA NE . 60.81 4.91 -79.83
CBB CLA NE . 61.20 4.38 -78.67
NC CLA NE . 56.78 8.07 -77.93
C1C CLA NE . 58.08 7.78 -77.65
C2C CLA NE . 58.53 8.55 -76.50
C3C CLA NE . 57.45 9.34 -76.09
C4C CLA NE . 56.35 9.02 -77.01
CMC CLA NE . 59.87 8.49 -75.91
CAC CLA NE . 57.41 10.29 -74.97
CBC CLA NE . 57.76 11.70 -75.40
ND CLA NE . 54.14 8.33 -78.84
C1D CLA NE . 54.01 9.28 -77.79
C2D CLA NE . 52.64 9.82 -77.79
C3D CLA NE . 51.97 9.19 -78.83
C4D CLA NE . 52.96 8.29 -79.45
CMD CLA NE . 52.14 10.81 -76.83
CAD CLA NE . 50.72 9.06 -79.55
OBD CLA NE . 49.64 9.61 -79.35
CBD CLA NE . 50.97 8.05 -80.72
CGD CLA NE . 50.00 6.91 -80.74
O1D CLA NE . 50.17 5.76 -80.33
O2D CLA NE . 48.80 7.23 -81.29
CED CLA NE . 48.74 7.39 -82.70
MG CLA OE . 48.53 4.11 -66.23
CHA CLA OE . 47.80 1.01 -67.60
CHB CLA OE . 45.70 3.92 -64.34
CHC CLA OE . 49.32 7.16 -64.86
CHD CLA OE . 51.43 4.26 -68.23
NA CLA OE . 47.01 2.69 -66.03
C1A CLA OE . 46.88 1.45 -66.68
C2A CLA OE . 45.62 0.72 -66.24
C3A CLA OE . 44.92 1.74 -65.32
C4A CLA OE . 45.94 2.87 -65.20
CMA CLA OE . 43.63 2.20 -65.93
CAA CLA OE . 45.97 -0.56 -65.49
CBA CLA OE . 47.04 -0.34 -64.43
CGA CLA OE . 46.40 0.06 -63.14
O1A CLA OE . 45.68 -0.61 -62.39
O2A CLA OE . 46.68 1.35 -62.79
NB CLA OE . 47.64 5.34 -64.91
C1B CLA OE . 46.55 5.03 -64.15
C2B CLA OE . 46.35 6.07 -63.09
C3B CLA OE . 47.37 6.98 -63.24
C4B CLA OE . 48.21 6.53 -64.39
CMB CLA OE . 45.25 5.99 -62.14
CAB CLA OE . 47.71 8.18 -62.50
CBB CLA OE . 47.13 8.65 -61.40
NC CLA OE . 50.09 5.46 -66.52
C1C CLA OE . 50.21 6.66 -65.86
C2C CLA OE . 51.41 7.36 -66.32
C3C CLA OE . 52.02 6.52 -67.25
C4C CLA OE . 51.19 5.33 -67.38
CMC CLA OE . 51.85 8.67 -65.85
CAC CLA OE . 53.26 6.78 -67.99
CBC CLA OE . 54.45 6.11 -67.33
ND CLA OE . 49.48 2.93 -67.57
C1D CLA OE . 50.66 3.13 -68.34
C2D CLA OE . 50.85 1.94 -69.22
C3D CLA OE . 49.79 1.10 -68.96
C4D CLA OE . 48.96 1.77 -67.94
CMD CLA OE . 51.97 1.78 -70.15
CAD CLA OE . 49.16 -0.18 -69.27
OBD CLA OE . 49.53 -1.08 -70.01
CBD CLA OE . 47.84 -0.24 -68.45
CGD CLA OE . 46.66 -0.30 -69.38
O1D CLA OE . 46.61 0.09 -70.55
O2D CLA OE . 45.54 -0.84 -68.83
CED CLA OE . 44.27 -0.33 -69.29
C1 CLA OE . 46.28 1.83 -61.49
C2 CLA OE . 47.48 2.50 -60.96
C3 CLA OE . 47.56 3.20 -59.81
C4 CLA OE . 46.40 3.38 -58.91
C5 CLA OE . 48.85 3.81 -59.41
C6 CLA OE . 48.72 5.13 -58.68
C7 CLA OE . 49.36 5.03 -57.31
C8 CLA OE . 50.81 4.53 -57.33
C9 CLA OE . 51.26 4.23 -55.92
C10 CLA OE . 51.72 5.54 -58.00
C11 CLA OE . 53.15 5.43 -57.54
C12 CLA OE . 53.86 6.78 -57.52
C13 CLA OE . 54.86 6.90 -58.65
C14 CLA OE . 55.78 5.70 -58.71
C15 CLA OE . 55.67 8.18 -58.52
MG CLA PE . 46.05 11.74 -57.64
CHA CLA PE . 43.21 9.94 -56.80
CHB CLA PE . 47.77 8.84 -58.03
CHC CLA PE . 48.80 13.57 -58.61
CHD CLA PE . 44.22 14.73 -57.19
NA CLA PE . 45.55 9.72 -57.44
C1A CLA PE . 44.30 9.18 -57.10
C2A CLA PE . 44.35 7.66 -57.09
C3A CLA PE . 45.84 7.35 -57.39
C4A CLA PE . 46.45 8.72 -57.66
CMA CLA PE . 46.48 6.69 -56.19
CAA CLA PE . 43.48 7.11 -58.21
CBA CLA PE . 43.59 5.61 -58.35
CGA CLA PE . 42.77 4.94 -57.30
O1A CLA PE . 41.55 4.97 -57.14
O2A CLA PE . 43.52 4.21 -56.42
NB CLA PE . 47.91 11.29 -58.26
C1B CLA PE . 48.45 10.05 -58.28
C2B CLA PE . 49.91 10.13 -58.57
C3B CLA PE . 50.21 11.47 -58.74
C4B CLA PE . 48.94 12.22 -58.54
CMB CLA PE . 50.78 8.96 -58.65
CAB CLA PE . 51.45 12.13 -59.03
CBB CLA PE . 52.64 11.83 -58.49
NC CLA PE . 46.42 13.78 -57.86
C1C CLA PE . 47.62 14.31 -58.29
C2C CLA PE . 47.51 15.76 -58.37
C3C CLA PE . 46.23 16.10 -57.94
C4C CLA PE . 45.55 14.85 -57.63
CMC CLA PE . 48.59 16.66 -58.80
CAC CLA PE . 45.64 17.44 -57.85
CBC CLA PE . 44.61 17.68 -58.92
ND CLA PE . 44.19 12.29 -57.07
C1D CLA PE . 43.57 13.56 -56.91
C2D CLA PE . 42.17 13.36 -56.46
C3D CLA PE . 41.99 11.99 -56.40
C4D CLA PE . 43.26 11.37 -56.80
CMD CLA PE . 41.24 14.44 -56.15
CAD CLA PE . 41.06 10.91 -56.09
OBD CLA PE . 39.90 10.97 -55.70
CBD CLA PE . 41.82 9.57 -56.36
CGD CLA PE . 41.86 8.68 -55.14
O1D CLA PE . 42.36 8.93 -54.04
O2D CLA PE . 41.26 7.48 -55.32
C1 CLA PE . 42.94 3.96 -55.12
C2 CLA PE . 43.92 3.15 -54.36
C3 CLA PE . 45.17 3.58 -54.12
MG CLA QE . 45.26 28.96 -66.57
CHA CLA QE . 45.82 32.19 -65.42
CHB CLA QE . 44.68 27.93 -63.38
CHC CLA QE . 44.67 25.79 -67.76
CHD CLA QE . 45.86 30.08 -69.87
NA CLA QE . 45.27 29.93 -64.71
C1A CLA QE . 45.53 31.28 -64.45
C2A CLA QE . 45.44 31.56 -62.94
C3A CLA QE . 45.17 30.17 -62.32
C4A CLA QE . 45.03 29.26 -63.54
CMA CLA QE . 46.27 29.74 -61.39
CAA CLA QE . 44.29 32.50 -62.64
CBA CLA QE . 43.01 32.04 -63.33
CGA CLA QE . 42.66 32.98 -64.44
O1A CLA QE . 42.28 34.15 -64.36
O2A CLA QE . 42.82 32.43 -65.67
NB CLA QE . 44.81 27.19 -65.73
C1B CLA QE . 44.54 26.99 -64.42
C2B CLA QE . 44.11 25.58 -64.19
C3B CLA QE . 44.10 24.97 -65.43
C4B CLA QE . 44.55 25.99 -66.42
CMB CLA QE . 43.77 25.06 -62.87
CAB CLA QE . 43.76 23.62 -65.81
CBB CLA QE . 44.09 22.51 -65.14
NC CLA QE . 45.27 28.11 -68.47
C1C CLA QE . 45.01 26.78 -68.73
C2C CLA QE . 45.12 26.52 -70.16
C3C CLA QE . 45.46 27.74 -70.77
C4C CLA QE . 45.55 28.72 -69.69
CMC CLA QE . 44.92 25.22 -70.80
CAC CLA QE . 45.67 27.98 -72.20
CBC CLA QE . 44.46 28.57 -72.88
ND CLA QE . 45.72 30.70 -67.51
C1D CLA QE . 45.94 31.02 -68.87
C2D CLA QE . 46.24 32.47 -68.98
C3D CLA QE . 46.20 32.97 -67.69
C4D CLA QE . 45.87 31.82 -66.81
CMD CLA QE . 46.50 33.15 -70.25
CAD CLA QE . 46.32 34.14 -66.85
OBD CLA QE . 46.52 35.31 -67.16
CBD CLA QE . 46.14 33.68 -65.37
CGD CLA QE . 47.36 33.95 -64.54
O1D CLA QE . 47.44 34.61 -63.51
O2D CLA QE . 48.49 33.35 -65.01
CED CLA QE . 49.71 34.08 -64.91
C1 CLA QE . 42.05 31.25 -65.97
MG CLA RE . 33.52 33.48 -63.96
CHA CLA RE . 35.94 35.80 -63.11
CHB CLA RE . 31.09 35.78 -63.31
CHC CLA RE . 31.15 31.17 -64.90
CHD CLA RE . 36.06 31.08 -64.50
NA CLA RE . 33.55 35.47 -63.32
C1A CLA RE . 34.65 36.27 -63.04
C2A CLA RE . 34.23 37.67 -62.61
C3A CLA RE . 32.69 37.60 -62.62
C4A CLA RE . 32.40 36.19 -63.13
CMA CLA RE . 32.10 37.83 -61.25
CAA CLA RE . 34.72 38.71 -63.60
CBA CLA RE . 35.60 39.74 -62.93
CGA CLA RE . 35.95 40.82 -63.90
O1A CLA RE . 37.06 41.28 -64.18
O2A CLA RE . 34.85 41.33 -64.55
NB CLA RE . 31.51 33.48 -64.11
C1B CLA RE . 30.69 34.50 -63.76
C2B CLA RE . 29.27 34.08 -63.88
C3B CLA RE . 29.27 32.78 -64.32
C4B CLA RE . 30.70 32.38 -64.49
CMB CLA RE . 28.16 34.98 -63.54
CAB CLA RE . 28.18 31.89 -64.61
CBB CLA RE . 27.04 32.21 -65.22
NC CLA RE . 33.60 31.50 -64.60
C1C CLA RE . 32.52 30.74 -64.96
C2C CLA RE . 32.94 29.42 -65.40
C3C CLA RE . 34.33 29.38 -65.25
C4C CLA RE . 34.74 30.69 -64.75
CMC CLA RE . 32.04 28.36 -65.88
CAC CLA RE . 35.22 28.25 -65.57
CBC CLA RE . 35.34 27.27 -64.44
ND CLA RE . 35.53 33.39 -63.86
C1D CLA RE . 36.46 32.33 -64.07
C2D CLA RE . 37.83 32.83 -63.80
C3D CLA RE . 37.69 34.17 -63.46
C4D CLA RE . 36.24 34.46 -63.49
CMD CLA RE . 39.04 32.04 -63.90
CAD CLA RE . 38.37 35.38 -63.07
OBD CLA RE . 39.57 35.61 -62.97
CBD CLA RE . 37.27 36.45 -62.80
CGD CLA RE . 37.31 36.94 -61.38
O1D CLA RE . 36.49 36.76 -60.49
O2D CLA RE . 38.43 37.68 -61.08
CED CLA RE . 38.48 38.32 -59.81
C1 CLA RE . 34.11 42.34 -63.84
MG CLA SE . 37.41 14.63 -57.85
CHA CLA SE . 38.27 11.37 -58.62
CHB CLA SE . 34.46 13.53 -56.56
CHC CLA SE . 36.71 17.85 -56.90
CHD CLA SE . 40.45 15.72 -59.30
NA CLA SE . 36.52 12.75 -57.66
C1A CLA SE . 37.06 11.50 -58.02
C2A CLA SE . 36.08 10.38 -57.70
C3A CLA SE . 34.82 11.12 -57.24
C4A CLA SE . 35.28 12.57 -57.12
CMA CLA SE . 33.75 10.96 -58.28
CAA CLA SE . 36.63 9.49 -56.59
CBA CLA SE . 36.80 10.23 -55.28
CGA CLA SE . 37.66 9.43 -54.36
O1A CLA SE . 38.30 8.40 -54.60
O2A CLA SE . 37.72 9.95 -53.09
NB CLA SE . 35.87 15.53 -56.92
C1B CLA SE . 34.77 14.90 -56.43
C2B CLA SE . 33.89 15.89 -55.73
C3B CLA SE . 34.52 17.12 -55.82
C4B CLA SE . 35.79 16.90 -56.58
CMB CLA SE . 32.63 15.52 -55.10
CAB CLA SE . 34.15 18.42 -55.33
CBB CLA SE . 33.54 18.68 -54.16
NC CLA SE . 38.40 16.46 -58.08
C1C CLA SE . 37.92 17.65 -57.61
C2C CLA SE . 38.87 18.71 -57.93
C3C CLA SE . 39.93 18.11 -58.62
C4C CLA SE . 39.62 16.70 -58.71
CMC CLA SE . 38.71 20.13 -57.57
CAC CLA SE . 41.13 18.78 -59.15
CBC CLA SE . 40.92 19.32 -60.55
ND CLA SE . 39.01 13.81 -58.78
C1D CLA SE . 40.18 14.37 -59.34
C2D CLA SE . 41.01 13.28 -59.91
C3D CLA SE . 40.34 12.10 -59.64
C4D CLA SE . 39.09 12.49 -58.94
CMD CLA SE . 42.29 13.48 -60.58
CAD CLA SE . 40.33 10.65 -59.77
OBD CLA SE . 41.16 9.91 -60.28
CBD CLA SE . 39.00 10.14 -59.14
CGD CLA SE . 38.16 9.41 -60.14
O1D CLA SE . 37.46 9.91 -61.04
O2D CLA SE . 38.18 8.05 -60.01
CED CLA SE . 37.50 7.29 -61.02
C1 CLA SE . 38.39 11.22 -52.93
C2 CLA SE . 39.18 11.14 -51.68
C3 CLA SE . 40.07 12.08 -51.33
MG CLA TE . 39.57 14.29 -75.19
CHA CLA TE . 36.48 12.77 -75.59
CHB CLA TE . 40.77 12.52 -77.84
CHC CLA TE . 42.59 15.90 -74.83
CHD CLA TE . 38.27 16.10 -72.44
NA CLA TE . 38.74 12.87 -76.49
C1A CLA TE . 37.43 12.37 -76.49
C2A CLA TE . 37.24 11.36 -77.62
C3A CLA TE . 38.66 11.20 -78.20
C4A CLA TE . 39.47 12.28 -77.48
CMA CLA TE . 39.22 9.83 -77.95
CAA CLA TE . 36.29 11.92 -78.67
CBA CLA TE . 36.48 13.41 -78.89
CGA CLA TE . 37.62 13.69 -79.83
O1A CLA TE . 37.82 13.20 -80.95
O2A CLA TE . 38.54 14.58 -79.35
NB CLA TE . 41.37 14.16 -76.10
C1B CLA TE . 41.61 13.47 -77.25
C2B CLA TE . 42.92 13.88 -77.82
C3B CLA TE . 43.45 14.83 -76.98
C4B CLA TE . 42.46 15.02 -75.87
CMB CLA TE . 43.44 13.31 -79.07
CAB CLA TE . 44.68 15.56 -77.07
CBB CLA TE . 45.86 15.09 -77.49
NC CLA TE . 40.30 15.71 -73.86
C1C CLA TE . 41.58 16.22 -73.88
C2C CLA TE . 41.74 17.17 -72.79
C3C CLA TE . 40.51 17.26 -72.13
C4C CLA TE . 39.61 16.33 -72.81
CMC CLA TE . 42.97 17.90 -72.49
CAC CLA TE . 40.17 18.11 -70.97
CBC CLA TE . 39.36 19.31 -71.38
ND CLA TE . 37.80 14.50 -74.24
C1D CLA TE . 37.41 15.24 -73.10
C2D CLA TE . 36.00 14.93 -72.79
C3D CLA TE . 35.59 14.00 -73.72
C4D CLA TE . 36.76 13.74 -74.58
CMD CLA TE . 35.24 15.54 -71.69
CAD CLA TE . 34.50 13.17 -74.20
OBD CLA TE . 33.33 13.10 -73.81
CBD CLA TE . 35.06 12.31 -75.38
CGD CLA TE . 35.04 10.84 -75.04
O1D CLA TE . 35.31 10.32 -73.96
O2D CLA TE . 34.69 10.04 -76.07
CED CLA TE . 35.06 8.65 -75.99
C1 CLA TE . 39.55 14.95 -80.30
C2 CLA TE . 40.48 15.95 -79.69
C3 CLA TE . 41.47 16.53 -80.40
C4 CLA TE . 41.72 16.24 -81.82
C5 CLA TE . 42.37 17.54 -79.77
C6 CLA TE . 42.44 18.80 -80.60
C7 CLA TE . 42.51 20.03 -79.71
C8 CLA TE . 43.55 21.04 -80.19
C10 CLA TE . 43.96 21.96 -79.04
MG CLA UE . 51.07 15.90 -79.44
CHA CLA UE . 48.70 14.32 -81.44
CHB CLA UE . 53.34 13.49 -80.20
CHC CLA UE . 53.27 17.37 -77.25
CHD CLA UE . 48.67 18.36 -78.63
NA CLA UE . 51.03 14.22 -80.67
C1A CLA UE . 49.94 13.69 -81.40
C2A CLA UE . 50.37 12.41 -82.15
C3A CLA UE . 51.91 12.40 -81.95
C4A CLA UE . 52.13 13.42 -80.84
CMA CLA UE . 52.50 11.05 -81.63
CAA CLA UE . 50.03 12.37 -83.62
CBA CLA UE . 50.33 13.68 -84.33
CGA CLA UE . 49.27 13.96 -85.34
O1A CLA UE . 49.12 14.96 -86.05
O2A CLA UE . 48.38 12.93 -85.46
NB CLA UE . 52.93 15.48 -78.81
C1B CLA UE . 53.69 14.43 -79.22
C2B CLA UE . 55.00 14.45 -78.51
C3B CLA UE . 54.99 15.54 -77.67
C4B CLA UE . 53.68 16.23 -77.87
CMB CLA UE . 56.05 13.46 -78.75
CAB CLA UE . 56.01 16.04 -76.80
CBB CLA UE . 57.25 16.36 -77.17
NC CLA UE . 51.00 17.60 -78.22
C1C CLA UE . 52.02 18.03 -77.42
C2C CLA UE . 51.64 19.26 -76.73
C3C CLA UE . 50.31 19.51 -77.09
C4C CLA UE . 49.92 18.47 -78.02
CMC CLA UE . 52.50 20.01 -75.81
CAC CLA UE . 49.48 20.64 -76.64
CBC CLA UE . 49.29 21.69 -77.71
ND CLA UE . 49.20 16.40 -80.02
C1D CLA UE . 48.31 17.39 -79.55
C2D CLA UE . 47.01 17.24 -80.23
C3D CLA UE . 47.11 16.08 -80.98
C4D CLA UE . 48.47 15.57 -80.78
CMD CLA UE . 45.88 18.14 -80.06
CAD CLA UE . 46.45 15.20 -81.91
OBD CLA UE . 45.36 15.32 -82.48
CBD CLA UE . 47.39 13.97 -82.11
CGD CLA UE . 46.74 12.78 -81.48
O1D CLA UE . 46.42 12.67 -80.29
O2D CLA UE . 46.46 11.77 -82.34
CED CLA UE . 45.46 12.00 -83.34
MG CLA VE . 63.14 16.20 -64.80
CHA CLA VE . 65.93 17.96 -63.69
CHB CLA VE . 63.95 16.96 -68.02
CHC CLA VE . 60.36 14.46 -65.85
CHD CLA VE . 62.35 15.42 -61.43
NA CLA VE . 64.70 17.29 -65.68
C1A CLA VE . 65.77 17.93 -65.05
C2A CLA VE . 66.70 18.59 -66.08
C3A CLA VE . 66.01 18.28 -67.44
C4A CLA VE . 64.80 17.44 -67.04
CMA CLA VE . 65.62 19.54 -68.18
CAA CLA VE . 68.08 17.98 -66.04
NB CLA VE . 62.32 15.78 -66.59
C1B CLA VE . 62.79 16.18 -67.80
C2B CLA VE . 61.90 15.69 -68.88
C3B CLA VE . 60.88 14.98 -68.27
C4B CLA VE . 61.14 15.03 -66.81
CMB CLA VE . 62.14 15.96 -70.30
CAB CLA VE . 59.75 14.31 -68.84
CBB CLA VE . 58.71 14.93 -69.40
NC CLA VE . 61.64 15.14 -63.81
C1C CLA VE . 60.60 14.50 -64.43
C2C CLA VE . 59.74 13.86 -63.44
C3C CLA VE . 60.30 14.14 -62.20
C4C CLA VE . 61.50 14.93 -62.44
CMC CLA VE . 58.53 13.09 -63.76
CAC CLA VE . 59.81 13.68 -60.89
CBC CLA VE . 58.88 14.69 -60.25
ND CLA VE . 63.89 16.57 -62.96
C1D CLA VE . 63.47 16.19 -61.66
C2D CLA VE . 64.41 16.75 -60.66
C3D CLA VE . 65.37 17.45 -61.38
C4D CLA VE . 65.01 17.29 -62.81
CMD CLA VE . 64.29 16.58 -59.21
CAD CLA VE . 66.58 18.25 -61.32
OBD CLA VE . 67.22 18.62 -60.34
CBD CLA VE . 66.97 18.59 -62.79
CGD CLA VE . 67.04 20.09 -62.99
O1D CLA VE . 66.43 20.96 -62.37
O2D CLA VE . 67.89 20.48 -63.99
CED CLA VE . 69.27 20.62 -63.66
MG CLA WE . 44.13 24.34 -54.40
CHA CLA WE . 43.46 26.38 -51.65
CHB CLA WE . 46.78 22.99 -52.75
CHC CLA WE . 44.78 22.42 -57.17
CHD CLA WE . 41.35 25.77 -56.07
NA CLA WE . 44.95 24.64 -52.49
C1A CLA WE . 44.54 25.53 -51.49
C2A CLA WE . 45.44 25.41 -50.26
C3A CLA WE . 46.44 24.30 -50.64
C4A CLA WE . 46.05 23.94 -52.06
CMA CLA WE . 47.87 24.78 -50.55
CAA CLA WE . 44.63 25.04 -49.03
CBA CLA WE . 44.89 23.64 -48.52
CGA CLA WE . 44.41 23.58 -47.09
O1A CLA WE . 44.88 24.14 -46.11
O2A CLA WE . 43.30 22.79 -46.93
NB CLA WE . 45.52 22.98 -54.88
C1B CLA WE . 46.53 22.56 -54.07
C2B CLA WE . 47.35 21.54 -54.78
C3B CLA WE . 46.79 21.38 -56.03
C4B CLA WE . 45.62 22.29 -56.10
CMB CLA WE . 48.51 20.89 -54.15
CAB CLA WE . 47.14 20.52 -57.14
CBB CLA WE . 48.27 19.85 -57.33
NC CLA WE . 43.21 24.13 -56.26
C1C CLA WE . 43.65 23.28 -57.24
C2C CLA WE . 42.79 23.37 -58.41
C3C CLA WE . 41.82 24.33 -58.11
C4C CLA WE . 42.09 24.80 -56.76
CMC CLA WE . 42.99 22.56 -59.62
CAC CLA WE . 40.69 24.77 -58.96
CBC CLA WE . 41.11 25.33 -60.30
ND CLA WE . 42.67 25.70 -54.00
C1D CLA WE . 41.61 26.21 -54.78
C2D CLA WE . 40.88 27.22 -53.99
C3D CLA WE . 41.55 27.33 -52.78
C4D CLA WE . 42.66 26.36 -52.84
CMD CLA WE . 39.71 27.96 -54.45
CAD CLA WE . 41.58 27.98 -51.49
OBD CLA WE . 40.83 28.81 -51.01
CBD CLA WE . 42.83 27.42 -50.74
CGD CLA WE . 43.77 28.55 -50.35
O1D CLA WE . 43.45 29.62 -49.84
O2D CLA WE . 45.08 28.34 -50.63
CED CLA WE . 46.02 29.28 -50.12
C1 CLA WE . 42.16 23.41 -46.32
C2 CLA WE . 41.27 22.31 -45.87
C3 CLA WE . 39.95 22.31 -46.07
C4 CLA WE . 39.25 23.42 -46.75
C5 CLA WE . 39.10 21.17 -45.60
C6 CLA WE . 39.93 19.97 -45.18
MG CLA XE . 57.12 17.35 -54.47
CHA CLA XE . 56.76 20.59 -53.26
CHB CLA XE . 60.45 17.85 -54.84
CHC CLA XE . 57.41 14.11 -55.60
CHD CLA XE . 53.62 16.88 -54.09
NA CLA XE . 58.37 18.97 -54.11
C1A CLA XE . 58.04 20.24 -53.60
C2A CLA XE . 59.28 21.13 -53.49
C3A CLA XE . 60.42 20.23 -54.04
C4A CLA XE . 59.72 18.92 -54.36
CMA CLA XE . 61.07 20.83 -55.26
CAA CLA XE . 59.56 21.48 -52.03
CBA CLA XE . 59.84 20.25 -51.21
CGA CLA XE . 58.91 20.19 -50.03
O1A CLA XE . 58.84 20.96 -49.08
O2A CLA XE . 58.05 19.13 -50.08
NB CLA XE . 58.64 16.20 -55.10
C1B CLA XE . 59.94 16.58 -55.18
C2B CLA XE . 60.76 15.45 -55.69
C3B CLA XE . 59.92 14.39 -55.90
C4B CLA XE . 58.54 14.86 -55.53
CMB CLA XE . 62.22 15.55 -55.87
CAB CLA XE . 60.20 13.07 -56.38
CBB CLA XE . 59.98 11.94 -55.70
NC CLA XE . 55.75 15.79 -54.79
C1C CLA XE . 56.09 14.54 -55.25
C2C CLA XE . 54.91 13.70 -55.34
C3C CLA XE . 53.83 14.49 -54.92
C4C CLA XE . 54.37 15.80 -54.58
CMC CLA XE . 54.90 12.32 -55.80
CAC CLA XE . 52.42 14.09 -54.84
CBC CLA XE . 51.61 14.58 -56.02
ND CLA XE . 55.52 18.42 -53.84
C1D CLA XE . 54.13 18.11 -53.74
C2D CLA XE . 53.41 19.29 -53.22
C3D CLA XE . 54.37 20.27 -53.01
C4D CLA XE . 55.66 19.68 -53.42
CMD CLA XE . 51.97 19.35 -52.98
CAD CLA XE . 54.62 21.62 -52.55
OBD CLA XE . 53.85 22.45 -52.11
CBD CLA XE . 56.16 21.88 -52.72
CGD CLA XE . 56.41 23.05 -53.63
O1D CLA XE . 56.45 23.06 -54.86
O2D CLA XE . 56.58 24.23 -52.97
CED CLA XE . 56.21 25.43 -53.64
C1 A1L1G YE . -65.26 31.78 38.17
C5 A1L1G YE . -62.74 31.78 38.14
C4 A1L1G YE . -65.59 33.24 40.19
C3 A1L1G YE . -63.97 31.34 40.27
C2 A1L1G YE . -66.57 30.54 36.31
C10 A1L1G YE . -67.12 33.50 38.25
C11 A1L1G YE . -65.71 33.16 38.68
C12 A1L1G YE . -63.97 29.64 38.45
C14 A1L1G YE . -61.32 12.49 30.08
C17 A1L1G YE . -64.02 11.18 29.98
C18 A1L1G YE . -61.07 12.21 26.96
C19 A1L1G YE . -59.19 11.34 28.33
C20 A1L1G YE . -62.86 10.64 29.19
C21 A1L1G YE . -63.19 9.79 28.00
C22 A1L1G YE . -61.97 8.94 27.71
C23 A1L1G YE . -60.80 9.80 27.26
C24 A1L1G YE . -60.67 11.15 27.98
C25 A1L1G YE . -61.55 11.28 29.22
C26 A1L1G YE . -60.42 14.59 31.79
C27 A1L1G YE . -61.70 19.14 33.69
C28 A1L1G YE . -66.51 24.70 33.20
C29 A1L1G YE . -61.83 13.71 29.92
C30 A1L1G YE . -61.58 14.73 30.84
C31 A1L1G YE . -62.36 15.87 30.91
C32 A1L1G YE . -62.18 16.98 31.72
C33 A1L1G YE . -62.93 18.14 31.79
C34 A1L1G YE . -62.84 19.17 32.73
C35 A1L1G YE . -63.74 20.24 32.81
C36 A1L1G YE . -63.50 21.55 33.19
C37 A1L1G YE . -64.30 22.68 33.15
C38 A1L1G YE . -64.38 23.75 34.03
C39 A1L1G YE . -65.28 24.83 34.01
C40 A1L1G YE . -65.07 26.03 34.72
C41 A1L1G YE . -66.01 26.89 35.24
C42 A1L1G YE . -65.94 28.26 35.36
C43 A1L1G YE . -67.35 28.41 37.38
C44 A1L1G YE . -66.58 29.07 36.30
C45 A1L1G YE . -65.95 31.18 37.26
C6 A1L1G YE . -63.99 31.14 38.76
C8 A1L1G YE . -64.23 32.78 40.70
O13 A1L1G YE . -60.88 14.44 33.11
O15 A1L1G YE . -61.79 10.08 29.98
O16 A1L1G YE . -62.29 7.99 26.68
O7 A1L1G YE . -64.16 32.88 42.11
O9 A1L1G YE . -64.81 34.18 38.18
C1 XAT ZE . -33.74 35.78 14.82
C2 XAT ZE . -32.64 36.75 15.23
C3 XAT ZE . -32.19 36.47 16.64
C4 XAT ZE . -31.40 35.18 16.56
C5 XAT ZE . -32.31 34.01 16.17
C6 XAT ZE . -33.57 34.33 15.34
C7 XAT ZE . -33.99 33.22 14.40
C8 XAT ZE . -35.05 32.51 14.78
C9 XAT ZE . -35.60 31.41 13.98
C10 XAT ZE . -36.56 30.66 14.52
C11 XAT ZE . -37.18 29.55 13.81
C12 XAT ZE . -38.27 29.01 14.36
C13 XAT ZE . -39.00 27.91 13.72
C14 XAT ZE . -40.23 27.64 14.16
C15 XAT ZE . -41.07 26.60 13.58
C16 XAT ZE . -33.81 35.73 13.30
C17 XAT ZE . -35.08 36.31 15.30
C18 XAT ZE . -31.74 32.63 15.80
C19 XAT ZE . -35.10 31.13 12.59
C20 XAT ZE . -38.39 27.12 12.60
O3 XAT ZE . -31.36 37.53 17.12
O4 XAT ZE . -33.61 34.05 16.75
C21 XAT ZE . -52.37 21.10 10.95
C22 XAT ZE . -53.48 20.10 10.69
C23 XAT ZE . -52.92 18.70 10.63
C24 XAT ZE . -52.57 18.35 12.06
C25 XAT ZE . -51.42 19.23 12.57
C26 XAT ZE . -51.27 20.62 11.93
C27 XAT ZE . -50.71 21.67 12.87
C28 XAT ZE . -49.47 22.07 12.60
C29 XAT ZE . -48.75 23.09 13.38
C30 XAT ZE . -47.45 23.27 13.11
C31 XAT ZE . -46.63 24.27 13.78
C32 XAT ZE . -45.36 24.36 13.41
C33 XAT ZE . -44.45 25.35 14.00
C34 XAT ZE . -43.21 25.48 13.51
C35 XAT ZE . -42.31 26.48 14.05
C36 XAT ZE . -52.98 22.38 11.50
C37 XAT ZE . -51.69 21.44 9.63
C38 XAT ZE . -51.01 19.24 14.05
C39 XAT ZE . -49.45 23.91 14.43
C40 XAT ZE . -44.91 26.22 15.13
O23 XAT ZE . -53.91 17.80 10.14
O24 XAT ZE . -50.42 19.52 11.60
C1 XAT AF . -50.15 30.06 20.85
C2 XAT AF . -48.78 30.66 21.08
C3 XAT AF . -48.20 30.17 22.39
C4 XAT AF . -47.80 28.73 22.14
C5 XAT AF . -49.02 27.86 21.83
C6 XAT AF . -50.26 28.56 21.23
C7 XAT AF . -51.02 27.68 20.26
C8 XAT AF . -52.19 27.21 20.71
C9 XAT AF . -53.10 26.35 19.93
C10 XAT AF . -54.08 25.76 20.61
C11 XAT AF . -55.09 24.89 20.00
C12 XAT AF . -56.02 24.46 20.84
C13 XAT AF . -57.15 23.60 20.43
C14 XAT AF . -58.09 23.32 21.36
C15 XAT AF . -59.26 22.51 21.06
C16 XAT AF . -50.53 30.23 19.39
C17 XAT AF . -51.16 30.83 21.68
C18 XAT AF . -48.86 26.44 21.28
C19 XAT AF . -52.93 26.17 18.46
C20 XAT AF . -57.26 23.07 19.04
O3 XAT AF . -47.06 30.95 22.76
O4 XAT AF . -50.19 28.15 22.61
C21 XAT AF . -70.50 16.54 23.84
C22 XAT AF . -71.60 15.49 23.79
C23 XAT AF . -71.47 14.65 22.53
C24 XAT AF . -70.22 13.83 22.75
C25 XAT AF . -68.98 14.73 22.66
C26 XAT AF . -69.17 16.17 23.15
C27 XAT AF . -67.93 16.77 23.79
C28 XAT AF . -67.30 17.73 23.12
C29 XAT AF . -66.09 18.39 23.66
C30 XAT AF . -65.39 19.19 22.85
C31 XAT AF . -64.21 19.92 23.30
C32 XAT AF . -63.34 20.34 22.39
C33 XAT AF . -62.12 21.09 22.75
C34 XAT AF . -61.36 21.55 21.77
C35 XAT AF . -60.15 22.34 22.03
C36 XAT AF . -70.22 16.87 25.30
C37 XAT AF . -71.04 17.81 23.17
C38 XAT AF . -67.56 14.21 22.93
C39 XAT AF . -65.69 18.18 25.08
C40 XAT AF . -61.77 21.33 24.19
O23 XAT AF . -72.60 13.79 22.40
O24 XAT AF . -69.13 15.82 21.76
C8 A1L1F BF . -39.86 9.03 16.07
C5 A1L1F BF . -41.39 7.05 17.66
C4 A1L1F BF . -40.93 9.79 15.31
C6 A1L1F BF . -41.43 8.54 17.93
C10 A1L1F BF . -43.38 10.03 14.91
C11 A1L1F BF . -42.29 9.21 15.58
C2 A1L1F BF . -44.57 10.21 18.02
C3 A1L1F BF . -40.10 9.15 17.56
C1 A1L1F BF . -42.48 9.19 17.08
C12 A1L1F BF . -41.72 8.81 19.39
C14 A1L1F BF . -52.65 18.97 32.75
C17 A1L1F BF . -50.26 19.53 34.12
C18 A1L1F BF . -52.81 22.18 32.05
C19 A1L1F BF . -54.81 20.97 32.80
C20 A1L1F BF . -51.41 20.42 34.55
C21 A1L1F BF . -51.17 21.91 34.71
C22 A1L1F BF . -52.41 22.50 35.34
C23 A1L1F BF . -53.59 22.40 34.39
C24 A1L1F BF . -53.43 21.44 33.23
C25 A1L1F BF . -52.58 20.22 33.58
C26 A1L1F BF . -53.35 16.60 31.17
C27 A1L1F BF . -52.01 14.32 26.51
C28 A1L1F BF . -46.79 15.26 21.82
C29 A1L1F BF . -52.35 18.96 31.46
C30 A1L1F BF . -52.44 17.71 30.69
C31 A1L1F BF . -51.69 17.58 29.59
C32 A1L1F BF . -51.67 16.39 28.74
C33 A1L1F BF . -51.22 16.57 27.50
C34 A1L1F BF . -51.08 15.49 26.53
C35 A1L1F BF . -50.08 15.58 25.65
C36 A1L1F BF . -49.79 14.57 24.65
C37 A1L1F BF . -48.85 14.81 23.75
C38 A1L1F BF . -48.51 13.79 22.77
C39 A1L1F BF . -47.54 13.97 21.87
C40 A1L1F BF . -47.22 12.88 20.95
C41 A1L1F BF . -45.99 12.72 20.45
C42 A1L1F BF . -45.75 11.59 19.58
C43 A1L1F BF . -43.55 12.43 18.81
C44 A1L1F BF . -44.65 11.43 18.84
C45 A1L1F BF . -53.56 15.38 33.34
C47 A1L1F BF . -52.91 14.85 34.59
C48 A1L1F BF . -53.94 14.79 35.70
C49 A1L1F BF . -54.18 13.36 36.14
C50 A1L1F BF . -55.67 13.03 36.11
C51 A1L1F BF . -55.99 11.86 37.03
C52 A1L1F BF . -54.84 10.86 37.08
C53 A1L1F BF . -55.21 9.56 36.40
C54 A1L1F BF . -37.99 9.02 14.59
C56 A1L1F BF . -38.58 7.75 14.05
C57 A1L1F BF . -43.51 9.72 17.57
O13 A1L1F BF . -52.76 16.01 32.31
O15 A1L1F BF . -52.67 19.89 34.96
O16 A1L1F BF . -52.17 23.89 35.63
O46 A1L1F BF . -54.77 15.28 33.20
O55 A1L1F BF . -37.04 9.58 14.09
O7 A1L1F BF . -38.59 9.62 15.78
O9 A1L1F BF . -42.35 7.89 15.07
MG CLA CF . -58.43 5.85 30.33
CHA CLA CF . -56.51 4.67 27.69
CHB CLA CF . -59.66 2.72 30.85
CHC CLA CF . -60.23 7.06 33.00
CHD CLA CF . -57.08 9.08 29.79
NA CLA CF . -58.13 4.01 29.39
C1A CLA CF . -57.29 3.73 28.32
C2A CLA CF . -57.35 2.25 27.94
C3A CLA CF . -58.44 1.68 28.88
C4A CLA CF . -58.78 2.88 29.78
CMA CLA CF . -59.62 1.20 28.07
CAA CLA CF . -56.03 1.57 28.24
CBA CLA CF . -55.62 1.77 29.69
CGA CLA CF . -54.13 1.89 29.81
O1A CLA CF . -53.27 1.10 29.42
O2A CLA CF . -53.74 3.03 30.46
NB CLA CF . -59.71 5.05 31.66
C1B CLA CF . -60.06 3.74 31.74
C2B CLA CF . -60.96 3.52 32.91
C3B CLA CF . -61.12 4.75 33.52
C4B CLA CF . -60.33 5.73 32.73
CMB CLA CF . -61.51 2.21 33.25
CAB CLA CF . -61.88 5.11 34.68
CBB CLA CF . -63.19 4.88 34.85
NC CLA CF . -58.64 7.74 31.21
C1C CLA CF . -59.45 8.01 32.28
C2C CLA CF . -59.36 9.42 32.62
C3C CLA CF . -58.45 10.00 31.73
C4C CLA CF . -58.00 8.93 30.85
CMC CLA CF . -60.10 10.08 33.72
CAC CLA CF . -58.02 11.40 31.68
CBC CLA CF . -56.68 11.61 32.34
ND CLA CF . -57.15 6.75 29.04
C1D CLA CF . -56.68 8.08 28.93
C2D CLA CF . -55.73 8.17 27.81
C3D CLA CF . -55.64 6.88 27.28
C4D CLA CF . -56.53 6.04 28.10
CMD CLA CF . -55.05 9.39 27.37
CAD CLA CF . -55.03 6.04 26.28
OBD CLA CF . -54.22 6.32 25.39
CBD CLA CF . -55.56 4.59 26.51
CGD CLA CF . -56.26 4.05 25.29
O1D CLA CF . -56.97 4.67 24.50
O2D CLA CF . -56.05 2.73 25.07
CED CLA CF . -56.81 2.09 24.04
C1 CLA CF . -53.47 2.93 31.87
C2 CLA CF . -52.11 2.35 32.01
C3 CLA CF . -50.98 3.05 31.79
C4 CLA CF . -49.64 2.43 31.95
C5 CLA CF . -51.02 4.48 31.38
C6 CLA CF . -50.32 5.39 32.37
C7 CLA CF . -49.81 6.64 31.67
C8 CLA CF . -48.61 6.34 30.77
C9 CLA CF . -47.37 6.05 31.61
C10 CLA CF . -48.36 7.48 29.78
C11 CLA CF . -47.27 8.44 30.23
C12 CLA CF . -47.83 9.65 30.94
C13 CLA CF . -46.73 10.65 31.24
C14 CLA CF . -47.20 11.68 32.26
C15 CLA CF . -46.23 11.35 29.97
C16 CLA CF . -45.08 12.28 30.27
MG CLA DF . -65.09 13.26 20.67
CHA CLA DF . -66.47 10.11 20.26
CHB CLA DF . -65.94 14.07 17.47
CHC CLA DF . -63.77 16.41 21.16
CHD CLA DF . -64.28 12.42 24.01
NA CLA DF . -66.03 12.23 19.13
C1A CLA DF . -66.56 10.93 19.15
C2A CLA DF . -67.19 10.56 17.80
C3A CLA DF . -66.90 11.80 16.92
C4A CLA DF . -66.25 12.79 17.90
CMA CLA DF . -66.00 11.46 15.75
CAA CLA DF . -68.70 10.36 17.87
CBA CLA DF . -69.40 11.05 19.02
CGA CLA DF . -69.41 12.55 18.90
O1A CLA DF . -69.43 13.36 19.83
O2A CLA DF . -69.38 13.02 17.62
NB CLA DF . -64.92 14.92 19.54
C1B CLA DF . -65.32 15.06 18.26
C2B CLA DF . -64.98 16.41 17.75
C3B CLA DF . -64.37 17.08 18.79
C4B CLA DF . -64.32 16.14 19.94
CMB CLA DF . -65.29 16.85 16.38
CAB CLA DF . -63.83 18.42 18.87
CBB CLA DF . -64.36 19.52 18.32
NC CLA DF . -64.17 14.21 22.28
C1C CLA DF . -63.69 15.50 22.25
C2C CLA DF . -63.11 15.84 23.56
C3C CLA DF . -63.29 14.73 24.38
C4C CLA DF . -63.96 13.72 23.58
CMC CLA DF . -62.48 17.11 23.91
CAC CLA DF . -62.87 14.64 25.78
CBC CLA DF . -64.03 14.73 26.73
ND CLA DF . -65.23 11.65 21.88
C1D CLA DF . -64.87 11.44 23.24
C2D CLA DF . -65.23 10.06 23.62
C3D CLA DF . -65.82 9.48 22.50
C4D CLA DF . -65.82 10.54 21.46
CMD CLA DF . -64.97 9.46 24.92
CAD CLA DF . -66.45 8.30 21.93
OBD CLA DF . -66.60 7.19 22.42
CBD CLA DF . -66.92 8.69 20.49
CGD CLA DF . -66.34 7.76 19.46
O1D CLA DF . -65.28 7.90 18.83
O2D CLA DF . -67.10 6.66 19.21
CED CLA DF . -66.49 5.57 18.51
C1 CLA DF . -70.03 14.28 17.33
C2 CLA DF . -69.14 15.40 17.76
C3 CLA DF . -69.42 16.68 17.46
C4 CLA DF . -70.61 17.06 16.67
C5 CLA DF . -68.52 17.78 17.90
C6 CLA DF . -68.84 18.27 19.31
C7 CLA DF . -69.86 19.39 19.28
C8 CLA DF . -69.40 20.66 20.00
C9 CLA DF . -67.89 20.67 20.17
C10 CLA DF . -70.11 20.81 21.33
C11 CLA DF . -69.39 21.75 22.29
C12 CLA DF . -68.99 21.04 23.57
C13 CLA DF . -68.62 21.99 24.69
C14 CLA DF . -68.07 23.29 24.18
C15 CLA DF . -67.63 21.33 25.64
C16 CLA DF . -67.03 22.31 26.63
C17 CLA DF . -66.18 21.61 27.66
C18 CLA DF . -64.78 22.20 27.81
C19 CLA DF . -63.81 21.15 28.29
C20 CLA DF . -64.30 22.81 26.51
MG CLA EF . -63.03 24.28 16.87
CHA CLA EF . -64.56 23.17 13.95
CHB CLA EF . -65.46 22.77 18.70
CHC CLA EF . -61.40 25.28 19.72
CHD CLA EF . -60.55 25.85 14.90
NA CLA EF . -64.73 23.16 16.37
C1A CLA EF . -65.19 22.80 15.10
C2A CLA EF . -66.46 21.97 15.20
C3A CLA EF . -66.78 21.94 16.72
C4A CLA EF . -65.57 22.66 17.33
CMA CLA EF . -68.07 22.64 17.04
CAA CLA EF . -66.22 20.55 14.71
CBA CLA EF . -67.48 19.70 14.76
CGA CLA EF . -68.25 19.88 13.48
O1A CLA EF . -67.83 19.94 12.32
O2A CLA EF . -69.60 19.99 13.68
NB CLA EF . -63.34 24.03 18.84
C1B CLA EF . -64.42 23.43 19.39
C2B CLA EF . -64.38 23.58 20.87
C3B CLA EF . -63.24 24.29 21.16
C4B CLA EF . -62.57 24.58 19.88
CMB CLA EF . -65.44 23.05 21.74
CAB CLA EF . -62.70 24.73 22.43
CBB CLA EF . -63.39 25.08 23.52
NC CLA EF . -61.30 25.38 17.24
C1C CLA EF . -60.81 25.66 18.48
C2C CLA EF . -59.56 26.41 18.37
C3C CLA EF . -59.32 26.59 17.02
C4C CLA EF . -60.42 25.93 16.30
CMC CLA EF . -58.76 26.88 19.51
CAC CLA EF . -58.19 27.29 16.39
CBC CLA EF . -57.07 26.34 16.05
ND CLA EF . -62.63 24.56 14.91
C1D CLA EF . -61.57 25.22 14.23
C2D CLA EF . -61.76 25.08 12.77
C3D CLA EF . -62.89 24.29 12.60
C4D CLA EF . -63.39 23.99 13.96
CMD CLA EF . -60.88 25.65 11.76
CAD CLA EF . -63.79 23.66 11.66
OBD CLA EF . -63.77 23.66 10.43
CBD CLA EF . -64.87 22.90 12.49
CGD CLA EF . -66.27 23.33 12.11
O1D CLA EF . -67.11 22.68 11.49
O2D CLA EF . -66.59 24.59 12.51
CED CLA EF . -67.76 25.19 11.96
C1 CLA EF . -70.08 21.23 14.25
C2 CLA EF . -71.49 20.98 14.62
C3 CLA EF . -72.24 21.88 15.31
C4 CLA EF . -73.65 21.60 15.67
C5 CLA EF . -71.69 23.20 15.73
C6 CLA EF . -71.83 23.42 17.21
C7 CLA EF . -72.33 24.83 17.50
C8 CLA EF . -71.19 25.84 17.56
C9 CLA EF . -70.56 25.84 18.94
MG CLA FF . -43.38 26.34 20.12
CHA CLA FF . -41.14 28.95 20.59
CHB CLA FF . -45.67 28.51 18.86
CHC CLA FF . -45.50 23.68 19.56
CHD CLA FF . -40.99 24.12 21.50
NA CLA FF . -43.39 28.39 19.81
C1A CLA FF . -42.36 29.32 20.06
C2A CLA FF . -42.79 30.72 19.67
C3A CLA FF . -44.26 30.57 19.26
C4A CLA FF . -44.48 29.05 19.30
CMA CLA FF . -45.19 31.31 20.17
CAA CLA FF . -41.96 31.21 18.49
CBA CLA FF . -42.07 30.28 17.30
CGA CLA FF . -40.94 29.29 17.27
O1A CLA FF . -39.73 29.52 17.23
O2A CLA FF . -41.35 27.99 17.34
NB CLA FF . -45.24 26.15 19.39
C1B CLA FF . -45.99 27.14 18.86
C2B CLA FF . -47.24 26.58 18.26
C3B CLA FF . -47.20 25.22 18.46
C4B CLA FF . -45.93 24.92 19.17
CMB CLA FF . -48.24 27.42 17.61
CAB CLA FF . -48.12 24.18 18.08
CBB CLA FF . -49.45 24.28 18.01
NC CLA FF . -43.26 24.28 20.48
C1C CLA FF . -44.24 23.38 20.17
C2C CLA FF . -43.82 22.03 20.54
C3C CLA FF . -42.55 22.16 21.11
C4C CLA FF . -42.21 23.57 21.06
CMC CLA FF . -44.62 20.82 20.36
CAC CLA FF . -41.71 21.07 21.64
CBC CLA FF . -40.58 20.70 20.71
ND CLA FF . -41.50 26.44 20.87
C1D CLA FF . -40.64 25.46 21.42
C2D CLA FF . -39.37 26.09 21.82
C3D CLA FF . -39.50 27.44 21.50
C4D CLA FF . -40.85 27.60 20.93
CMD CLA FF . -38.24 25.39 22.42
CAD CLA FF . -38.86 28.74 21.50
OBD CLA FF . -37.73 29.06 21.84
CBD CLA FF . -39.92 29.76 20.95
CGD CLA FF . -40.20 30.86 21.95
O1D CLA FF . -40.07 32.07 21.78
O2D CLA FF . -40.66 30.41 23.15
CED CLA FF . -41.36 31.34 23.97
C1 CLA FF . -40.32 27.02 17.59
C2 CLA FF . -40.92 25.66 17.49
C3 CLA FF . -40.17 24.55 17.59
C4 CLA FF . -38.70 24.61 17.79
C5 CLA FF . -40.78 23.19 17.50
C6 CLA FF . -41.97 23.12 16.57
C7 CLA FF . -42.19 21.69 16.12
C8 CLA FF . -43.53 21.50 15.44
C9 CLA FF . -44.66 21.97 16.35
C10 CLA FF . -43.75 20.04 15.06
C11 CLA FF . -43.72 19.85 13.56
C12 CLA FF . -44.73 20.74 12.87
C13 CLA FF . -44.92 20.34 11.40
C14 CLA FF . -44.29 21.37 10.48
C15 CLA FF . -46.39 20.17 11.08
C16 CLA FF . -46.90 18.81 11.47
C17 CLA FF . -46.84 17.82 10.32
C18 CLA FF . -48.03 16.88 10.29
C19 CLA FF . -48.51 16.50 11.68
C20 CLA FF . -49.19 17.48 9.51
MG CLA GF . -37.91 30.54 8.24
CHA CLA GF . -37.50 33.22 10.40
CHB CLA GF . -35.63 31.92 6.12
CHC CLA GF . -38.25 27.80 6.20
CHD CLA GF . -40.33 29.19 10.45
NA CLA GF . -36.78 32.30 8.28
C1A CLA GF . -36.74 33.28 9.28
C2A CLA GF . -35.78 34.41 8.89
C3A CLA GF . -35.35 34.05 7.45
C4A CLA GF . -35.95 32.66 7.25
CMA CLA GF . -35.87 35.04 6.44
CAA CLA GF . -34.59 34.49 9.83
CBA CLA GF . -33.68 33.28 9.70
CGA CLA GF . -32.28 33.65 10.13
O1A CLA GF . -31.41 32.93 10.62
O2A CLA GF . -32.00 34.97 9.91
NB CLA GF . -37.16 30.01 6.46
C1B CLA GF . -36.12 30.64 5.82
C2B CLA GF . -35.57 29.76 4.75
C3B CLA GF . -36.31 28.61 4.77
C4B CLA GF . -37.32 28.74 5.85
CMB CLA GF . -34.45 30.16 3.90
CAB CLA GF . -36.18 27.43 3.94
CBB CLA GF . -37.12 26.97 3.11
NC CLA GF . -39.10 28.83 8.31
C1C CLA GF . -39.09 27.84 7.35
C2C CLA GF . -40.05 26.81 7.70
C3C CLA GF . -40.61 27.18 8.92
C4C CLA GF . -40.01 28.45 9.29
CMC CLA GF . -40.30 25.61 6.90
CAC CLA GF . -41.63 26.44 9.69
CBC CLA GF . -43.00 27.06 9.56
ND CLA GF . -38.74 31.01 10.02
C1D CLA GF . -39.74 30.39 10.81
C2D CLA GF . -40.00 31.22 12.01
C3D CLA GF . -39.16 32.31 11.91
C4D CLA GF . -38.40 32.14 10.66
CMD CLA GF . -40.96 30.90 13.07
CAD CLA GF . -38.72 33.56 12.52
OBD CLA GF . -39.09 34.09 13.56
CBD CLA GF . -37.65 34.18 11.57
CGD CLA GF . -37.99 35.56 11.09
O1D CLA GF . -38.35 35.88 9.95
O2D CLA GF . -37.87 36.53 12.03
CED CLA GF . -37.15 37.71 11.68
C1 CLA GF . -31.23 35.26 8.72
MG CLA HF . -57.62 24.68 9.24
CHA CLA HF . -60.21 22.43 9.73
CHB CLA HF . -58.48 24.93 5.95
CHC CLA HF . -55.16 27.04 8.83
CHD CLA HF . -56.74 24.35 12.64
NA CLA HF . -59.09 23.79 8.05
C1A CLA HF . -60.10 22.89 8.45
C2A CLA HF . -60.99 22.50 7.27
C3A CLA HF . -60.29 23.16 6.06
C4A CLA HF . -59.22 24.05 6.71
CMA CLA HF . -59.70 22.16 5.12
CAA CLA HF . -62.38 23.06 7.46
CBA CLA HF . -62.42 24.57 7.28
CGA CLA HF . -63.67 25.16 7.87
O1A CLA HF . -64.81 24.70 7.89
O2A CLA HF . -63.46 26.39 8.45
NB CLA HF . -56.93 25.76 7.68
C1B CLA HF . -57.47 25.76 6.43
C2B CLA HF . -56.81 26.82 5.60
C3B CLA HF . -55.87 27.42 6.40
C4B CLA HF . -55.93 26.75 7.73
CMB CLA HF . -57.17 27.07 4.22
CAB CLA HF . -54.96 28.49 6.12
CBB CLA HF . -55.27 29.60 5.45
NC CLA HF . -56.19 25.52 10.50
C1C CLA HF . -55.28 26.47 10.12
C2C CLA HF . -54.45 26.84 11.26
C3C CLA HF . -54.88 26.09 12.34
C4C CLA HF . -55.99 25.25 11.86
CMC CLA HF . -53.37 27.83 11.22
CAC CLA HF . -54.35 26.11 13.72
CBC CLA HF . -53.22 25.13 13.93
ND CLA HF . -58.25 23.65 10.85
C1D CLA HF . -57.79 23.60 12.20
C2D CLA HF . -58.64 22.65 12.95
C3D CLA HF . -59.58 22.18 12.06
C4D CLA HF . -59.30 22.83 10.76
CMD CLA HF . -58.47 22.33 14.37
CAD CLA HF . -60.72 21.29 11.85
OBD CLA HF . -61.27 20.53 12.63
CBD CLA HF . -61.17 21.45 10.37
CGD CLA HF . -61.20 20.13 9.65
O1D CLA HF . -60.34 19.65 8.90
O2D CLA HF . -62.33 19.41 9.87
CED CLA HF . -63.12 19.03 8.74
C1 CLA HF . -64.30 26.74 9.57
C2 CLA HF . -63.78 28.03 10.08
C3 CLA HF . -63.83 28.41 11.37
C4 CLA HF . -63.29 29.73 11.82
C5 CLA HF . -64.43 27.54 12.42
C6 CLA HF . -65.16 28.33 13.49
C7 CLA HF . -64.66 27.99 14.88
C8 CLA HF . -65.47 26.89 15.55
C9 CLA HF . -66.94 26.97 15.15
C10 CLA HF . -65.37 26.91 17.07
C11 CLA HF . -64.38 27.91 17.62
C12 CLA HF . -64.35 27.87 19.14
C13 CLA HF . -63.35 28.86 19.74
C14 CLA HF . -62.07 28.91 18.94
C15 CLA HF . -63.08 28.51 21.21
C16 CLA HF . -61.69 28.89 21.66
C17 CLA HF . -61.30 28.14 22.92
C18 CLA HF . -59.85 28.39 23.32
C19 CLA HF . -59.76 29.55 24.31
C20 CLA HF . -59.25 27.15 23.92
MG CLA IF . -50.34 10.54 15.35
CHA CLA IF . -51.09 9.05 12.30
CHB CLA IF . -50.60 7.51 16.89
CHC CLA IF . -49.57 12.05 18.33
CHD CLA IF . -50.14 13.67 13.70
NA CLA IF . -50.74 8.60 14.68
C1A CLA IF . -51.02 8.18 13.37
C2A CLA IF . -51.22 6.67 13.31
C3A CLA IF . -51.13 6.23 14.79
C4A CLA IF . -50.78 7.52 15.52
CMA CLA IF . -52.42 5.64 15.26
CAA CLA IF . -50.09 6.05 12.52
CBA CLA IF . -48.74 6.57 13.00
CGA CLA IF . -47.62 6.16 12.10
O1A CLA IF . -47.50 5.12 11.46
O2A CLA IF . -46.63 7.09 12.01
NB CLA IF . -50.08 9.90 17.23
C1B CLA IF . -50.31 8.64 17.68
C2B CLA IF . -50.24 8.60 19.17
C3B CLA IF . -49.96 9.89 19.59
C4B CLA IF . -49.84 10.72 18.36
CMB CLA IF . -50.46 7.39 19.95
CAB CLA IF . -49.78 10.44 20.90
CBB CLA IF . -49.15 9.84 21.92
NC CLA IF . -49.91 12.51 15.90
C1C CLA IF . -49.60 12.90 17.17
C2C CLA IF . -49.31 14.33 17.19
C3C CLA IF . -49.51 14.79 15.90
C4C CLA IF . -49.88 13.65 15.08
CMC CLA IF . -48.93 15.09 18.39
CAC CLA IF . -49.33 16.17 15.43
CBC CLA IF . -47.86 16.47 15.16
ND CLA IF . -50.56 11.26 13.46
C1D CLA IF . -50.47 12.58 12.93
C2D CLA IF . -50.78 12.52 11.48
C3D CLA IF . -51.02 11.19 11.19
C4D CLA IF . -50.86 10.46 12.46
CMD CLA IF . -50.78 13.68 10.58
CAD CLA IF . -51.36 10.22 10.16
OBD CLA IF . -51.56 10.39 8.96
CBD CLA IF . -51.45 8.82 10.86
CGD CLA IF . -52.84 8.29 10.80
O1D CLA IF . -53.90 8.94 10.85
O2D CLA IF . -52.93 6.93 10.67
CED CLA IF . -54.17 6.32 11.05
C1 CLA IF . -45.30 6.63 11.70
C2 CLA IF . -45.13 6.74 10.24
C3 CLA IF . -44.15 7.47 9.67
C4 CLA IF . -43.15 8.21 10.48
C5 CLA IF . -44.02 7.55 8.19
C6 CLA IF . -43.75 8.97 7.70
C7 CLA IF . -43.76 9.02 6.19
C8 CLA IF . -43.52 10.44 5.67
MG CLA JF . -49.85 9.75 27.63
CHA CLA JF . -50.53 6.47 26.70
CHB CLA JF . -47.47 9.94 25.21
CHC CLA JF . -49.17 12.95 28.63
CHD CLA JF . -52.27 9.46 30.20
NA CLA JF . -49.15 8.41 26.18
C1A CLA JF . -49.56 7.08 25.95
C2A CLA JF . -48.78 6.46 24.80
C3A CLA JF . -47.78 7.57 24.40
C4A CLA JF . -48.15 8.74 25.31
CMA CLA JF . -46.36 7.13 24.64
CAA CLA JF . -49.65 6.09 23.62
CBA CLA JF . -48.82 5.37 22.57
CGA CLA JF . -48.37 4.04 23.09
O1A CLA JF . -48.91 2.94 22.95
O2A CLA JF . -47.21 4.08 23.81
NB CLA JF . -48.55 11.17 27.05
C1B CLA JF . -47.70 11.07 26.00
C2B CLA JF . -47.00 12.37 25.78
C3B CLA JF . -47.46 13.24 26.75
C4B CLA JF . -48.47 12.48 27.57
CMB CLA JF . -46.02 12.59 24.73
CAB CLA JF . -47.06 14.62 26.93
CBB CLA JF . -47.55 15.53 27.77
NC CLA JF . -50.60 10.97 29.14
C1C CLA JF . -50.17 12.25 29.38
C2C CLA JF . -50.88 12.81 30.53
C3C CLA JF . -51.77 11.82 30.97
C4C CLA JF . -51.58 10.67 30.08
CMC CLA JF . -50.66 14.14 31.08
CAC CLA JF . -52.69 11.89 32.10
CBC CLA JF . -52.14 11.21 33.33
ND CLA JF . -51.18 8.38 28.28
C1D CLA JF . -52.10 8.36 29.36
C2D CLA JF . -52.77 7.05 29.44
C3D CLA JF . -52.21 6.28 28.43
C4D CLA JF . -51.22 7.14 27.76
CMD CLA JF . -53.81 6.68 30.40
CAD CLA JF . -52.19 4.99 27.76
OBD CLA JF . -52.87 3.99 27.97
CBD CLA JF . -51.08 5.06 26.67
CGD CLA JF . -49.98 4.08 26.97
O1D CLA JF . -48.93 4.29 27.60
O2D CLA JF . -50.21 2.82 26.50
CED CLA JF . -49.37 1.76 26.98
C1 CLA JF . -46.86 2.90 24.53
C2 CLA JF . -45.97 3.28 25.67
C3 CLA JF . -44.63 3.22 25.60
C4 CLA JF . -43.91 2.76 24.39
C5 CLA JF . -43.80 3.62 26.76
C6 CLA JF . -42.71 4.61 26.41
C7 CLA JF . -43.12 6.03 26.77
MG CLA KF . -58.75 23.89 35.43
CHA CLA KF . -58.46 26.20 38.02
CHB CLA KF . -56.70 21.76 37.11
CHC CLA KF . -59.10 21.64 32.86
CHD CLA KF . -60.79 26.19 33.68
NA CLA KF . -57.76 23.98 37.28
C1A CLA KF . -57.76 25.04 38.21
C2A CLA KF . -56.89 24.69 39.42
C3A CLA KF . -56.26 23.34 39.04
C4A CLA KF . -56.95 22.97 37.72
CMA CLA KF . -54.77 23.44 38.88
CAA CLA KF . -57.74 24.56 40.67
NB CLA KF . -57.98 22.08 35.03
C1B CLA KF . -57.26 21.32 35.90
C2B CLA KF . -57.13 19.93 35.39
C3B CLA KF . -57.81 19.89 34.18
C4B CLA KF . -58.35 21.26 33.94
CMB CLA KF . -56.41 18.88 36.09
CAB CLA KF . -57.99 18.81 33.26
CBB CLA KF . -57.01 18.14 32.65
NC CLA KF . -59.76 23.92 33.61
C1C CLA KF . -59.76 22.89 32.70
C2C CLA KF . -60.55 23.25 31.53
C3C CLA KF . -61.04 24.54 31.75
C4C CLA KF . -60.53 24.95 33.06
CMC CLA KF . -60.76 22.40 30.37
CAC CLA KF . -61.87 25.35 30.85
CBC CLA KF . -63.33 25.30 31.18
ND CLA KF . -59.56 25.72 35.75
C1D CLA KF . -60.36 26.56 34.93
C2D CLA KF . -60.61 27.82 35.65
C3D CLA KF . -59.93 27.74 36.85
C4D CLA KF . -59.26 26.42 36.84
CMD CLA KF . -61.44 28.91 35.13
CAD CLA KF . -59.59 28.39 38.10
OBD CLA KF . -59.99 29.46 38.55
CBD CLA KF . -58.59 27.46 38.85
CGD CLA KF . -57.25 28.11 39.06
O1D CLA KF . -56.14 27.56 39.13
O2D CLA KF . -57.29 29.47 39.19
CED CLA KF . -57.37 30.01 40.50
MG CLA LF . -53.56 30.87 1.02
CHA CLA LF . -55.70 28.29 0.08
CHB CLA LF . -51.02 29.39 -0.71
CHC CLA LF . -51.46 33.40 2.04
CHD CLA LF . -56.18 32.29 2.94
NA CLA LF . -53.42 29.14 -0.15
C1A CLA LF . -54.43 28.20 -0.42
C2A CLA LF . -53.89 27.07 -1.31
C3A CLA LF . -52.40 27.44 -1.50
C4A CLA LF . -52.25 28.76 -0.74
CMA CLA LF . -51.48 26.38 -0.94
CAA CLA LF . -54.61 27.03 -2.65
CBA CLA LF . -53.88 27.84 -3.71
CGA CLA LF . -53.16 26.92 -4.65
O1A CLA LF . -52.04 26.42 -4.53
O2A CLA LF . -53.89 26.63 -5.76
NB CLA LF . -51.62 31.34 0.69
C1B CLA LF . -50.74 30.60 -0.04
C2B CLA LF . -49.40 31.24 -0.02
C3B CLA LF . -49.52 32.37 0.75
C4B CLA LF . -50.93 32.44 1.22
CMB CLA LF . -48.24 30.68 -0.71
CAB CLA LF . -48.51 33.34 1.11
CBB CLA LF . -48.56 34.64 0.81
NC CLA LF . -53.79 32.55 2.24
C1C CLA LF . -52.80 33.46 2.51
C2C CLA LF . -53.31 34.50 3.40
C3C CLA LF . -54.64 34.18 3.67
C4C CLA LF . -54.93 32.96 2.94
CMC CLA LF . -52.52 35.63 3.89
CAC CLA LF . -55.57 34.94 4.52
CBC CLA LF . -55.38 34.68 6.00
ND CLA LF . -55.49 30.46 1.44
C1D CLA LF . -56.45 31.13 2.25
C2D CLA LF . -57.73 30.38 2.19
C3D CLA LF . -57.50 29.29 1.37
C4D CLA LF . -56.09 29.38 0.93
CMD CLA LF . -58.95 30.76 2.89
CAD CLA LF . -58.07 28.09 0.76
OBD CLA LF . -59.21 27.64 0.85
CBD CLA LF . -56.92 27.42 -0.07
CGD CLA LF . -56.69 25.99 0.36
O1D CLA LF . -57.16 24.97 -0.15
O2D CLA LF . -55.89 25.85 1.46
CED CLA LF . -55.80 24.55 2.04
O6 SQD MF . -50.11 -2.62 20.89
C44 SQD MF . -48.83 -2.06 21.15
C45 SQD MF . -48.99 -0.59 21.49
C46 SQD MF . -48.83 -0.39 23.00
O47 SQD MF . -48.10 0.28 20.76
C7 SQD MF . -46.69 0.23 21.13
O49 SQD MF . -46.10 -0.84 21.24
C8 SQD MF . -45.95 1.50 21.41
C9 SQD MF . -45.18 1.92 20.17
C10 SQD MF . -43.90 2.66 20.53
C11 SQD MF . -44.08 4.15 20.31
C12 SQD MF . -43.31 4.94 21.34
C13 SQD MF . -43.43 6.44 21.07
C14 SQD MF . -44.85 6.93 21.29
C15 SQD MF . -44.85 8.43 21.60
C16 SQD MF . -43.82 8.73 22.67
C17 SQD MF . -43.82 10.21 23.05
C18 SQD MF . -43.01 11.04 22.07
C19 SQD MF . -42.76 12.44 22.61
O48 SQD MF . -47.75 -1.17 23.51
C23 SQD MF . -47.65 -1.44 24.94
O10 SQD MF . -48.65 -1.76 25.54
C24 SQD MF . -46.32 -1.33 25.64
C25 SQD MF . -46.52 -1.59 27.13
C26 SQD MF . -45.19 -1.73 27.86
C27 SQD MF . -44.43 -0.41 27.87
C28 SQD MF . -43.28 -0.46 28.86
C29 SQD MF . -42.25 -1.53 28.49
C30 SQD MF . -40.90 -1.20 29.12
C31 SQD MF . -40.44 0.18 28.70
C32 SQD MF . -39.04 0.48 29.22
C1 SQD MF . -50.61 -3.30 22.03
C2 SQD MF . -52.13 -3.25 22.05
O2 SQD MF . -52.55 -1.89 22.03
C3 SQD MF . -52.66 -3.94 23.29
O3 SQD MF . -54.09 -4.08 23.18
C4 SQD MF . -52.03 -5.31 23.47
O4 SQD MF . -52.36 -5.83 24.76
C5 SQD MF . -50.51 -5.24 23.34
C6 SQD MF . -49.90 -6.62 23.47
O5 SQD MF . -50.17 -4.65 22.08
S SQD MF . -49.56 -6.91 25.08
O7 SQD MF . -49.85 -5.73 25.84
O8 SQD MF . -50.48 -8.14 25.62
O9 SQD MF . -48.17 -7.22 25.23
MG CLA NF . 5.85 11.02 8.54
CHA CLA NF . 3.27 9.89 10.56
CHB CLA NF . 5.17 8.56 6.31
CHC CLA NF . 8.10 12.46 6.40
CHD CLA NF . 6.52 13.53 10.91
NA CLA NF . 4.50 9.42 8.52
C1A CLA NF . 3.48 9.14 9.44
C2A CLA NF . 2.74 7.86 9.02
C3A CLA NF . 3.62 7.31 7.88
C4A CLA NF . 4.50 8.50 7.51
CMA CLA NF . 4.43 6.12 8.31
CAA CLA NF . 1.35 8.11 8.48
CBA CLA NF . 0.73 6.80 8.07
CGA CLA NF . -0.58 6.99 7.38
O1A CLA NF . -1.23 6.18 6.75
O2A CLA NF . -1.09 8.25 7.47
NB CLA NF . 6.55 10.56 6.72
C1B CLA NF . 6.01 9.61 5.90
C2B CLA NF . 6.47 9.86 4.50
C3B CLA NF . 7.30 10.94 4.53
C4B CLA NF . 7.38 11.40 5.94
CMB CLA NF . 6.07 9.03 3.37
CAB CLA NF . 8.03 11.58 3.47
CBB CLA NF . 8.95 10.96 2.74
NC CLA NF . 7.15 12.64 8.69
C1C CLA NF . 8.01 13.03 7.70
C2C CLA NF . 8.77 14.19 8.14
C3C CLA NF . 8.30 14.52 9.40
C4C CLA NF . 7.28 13.54 9.75
CMC CLA NF . 9.79 14.85 7.33
CAC CLA NF . 8.74 15.60 10.29
CBC CLA NF . 9.42 15.04 11.50
ND CLA NF . 5.21 11.53 10.39
C1D CLA NF . 5.55 12.63 11.22
C2D CLA NF . 4.69 12.58 12.42
C3D CLA NF . 3.77 11.59 12.19
C4D CLA NF . 4.13 10.97 10.91
CMD CLA NF . 4.81 13.48 13.55
CAD CLA NF . 2.73 10.77 12.77
OBD CLA NF . 2.32 10.67 13.90
CBD CLA NF . 2.17 9.91 11.60
CGD CLA NF . 1.67 8.60 12.07
O1D CLA NF . 2.16 7.85 12.90
O2D CLA NF . 0.49 8.30 11.46
CED CLA NF . -0.37 9.39 11.15
C1 CLA NF . -2.51 8.41 7.35
C2 CLA NF . -2.75 9.87 7.47
C3 CLA NF . -3.58 10.41 8.37
C4 CLA NF . -4.34 9.58 9.33
C5 CLA NF . -3.76 11.87 8.44
C6 CLA NF . -2.43 12.56 8.42
C7 CLA NF . -2.40 13.76 9.34
C8 CLA NF . -3.12 14.95 8.76
C9 CLA NF . -2.13 15.97 8.25
C10 CLA NF . -4.00 15.60 9.79
C11 CLA NF . -5.22 16.21 9.15
C12 CLA NF . -6.47 15.78 9.86
C13 CLA NF . -7.58 16.78 9.64
C14 CLA NF . -8.42 16.89 10.88
C15 CLA NF . -8.45 16.37 8.47
C16 CLA NF . -8.41 14.87 8.26
C17 CLA NF . -9.52 14.43 7.35
C18 CLA NF . -9.36 12.96 7.00
C19 CLA NF . -8.21 12.36 7.75
C20 CLA NF . -10.64 12.22 7.34
MG CLA OF . 10.01 -3.82 -2.59
CHA CLA OF . 11.76 -6.16 -4.45
CHB CLA OF . 12.19 -4.26 -0.01
CHC CLA OF . 8.45 -1.25 -0.91
CHD CLA OF . 7.76 -3.43 -5.27
NA CLA OF . 11.65 -5.06 -2.29
C1A CLA OF . 12.26 -5.94 -3.20
C2A CLA OF . 13.45 -6.62 -2.57
C3A CLA OF . 13.34 -6.24 -1.08
C4A CLA OF . 12.35 -5.08 -1.11
CMA CLA OF . 12.85 -7.39 -0.25
CAA CLA OF . 14.70 -6.03 -3.19
CBA CLA OF . 15.98 -6.67 -2.71
CGA CLA OF . 16.43 -6.08 -1.42
O1A CLA OF . 16.58 -4.89 -1.12
O2A CLA OF . 16.67 -7.03 -0.46
NB CLA OF . 10.28 -2.91 -0.82
C1B CLA OF . 11.26 -3.20 0.07
C2B CLA OF . 11.21 -2.27 1.23
C3B CLA OF . 10.16 -1.41 0.99
C4B CLA OF . 9.54 -1.82 -0.31
CMB CLA OF . 12.14 -2.38 2.34
CAB CLA OF . 9.64 -0.33 1.78
CBB CLA OF . 10.35 0.47 2.58
NC CLA OF . 8.36 -2.62 -3.00
C1C CLA OF . 7.88 -1.64 -2.16
C2C CLA OF . 6.72 -1.01 -2.77
C3C CLA OF . 6.53 -1.60 -4.02
C4C CLA OF . 7.58 -2.61 -4.16
CMC CLA OF . 5.93 0.06 -2.16
CAC CLA OF . 5.49 -1.30 -5.01
CBC CLA OF . 4.45 -2.39 -5.08
ND CLA OF . 9.66 -4.70 -4.38
C1D CLA OF . 8.73 -4.41 -5.41
C2D CLA OF . 8.99 -5.30 -6.55
C3D CLA OF . 10.15 -5.99 -6.25
C4D CLA OF . 10.54 -5.55 -4.90
CMD CLA OF . 8.18 -5.35 -7.76
CAD CLA OF . 11.10 -7.01 -6.67
OBD CLA OF . 11.08 -7.75 -7.65
CBD CLA OF . 12.23 -7.04 -5.58
CGD CLA OF . 12.62 -8.43 -5.14
O1D CLA OF . 11.90 -9.31 -4.66
O2D CLA OF . 13.95 -8.69 -5.31
CED CLA OF . 14.42 -9.99 -4.94
C1 CLA OF . 16.99 -6.56 0.85
C2 CLA OF . 15.72 -6.48 1.62
C3 CLA OF . 15.47 -5.48 2.48
C4 CLA OF . 16.45 -4.40 2.70
C5 CLA OF . 14.19 -5.42 3.24
C6 CLA OF . 13.97 -6.61 4.14
C7 CLA OF . 15.10 -6.76 5.14
C8 CLA OF . 14.60 -6.84 6.57
C9 CLA OF . 14.85 -5.52 7.29
C10 CLA OF . 15.26 -7.97 7.33
C11 CLA OF . 14.82 -8.00 8.78
C12 CLA OF . 14.99 -9.37 9.40
C13 CLA OF . 14.48 -9.39 10.84
MG CLA PF . -5.73 10.49 3.91
CHA CLA PF . -2.82 12.29 3.46
CHB CLA PF . -7.48 13.42 3.94
CHC CLA PF . -8.62 8.69 4.11
CHD CLA PF . -3.84 7.52 4.01
NA CLA PF . -5.20 12.51 3.78
C1A CLA PF . -3.93 13.06 3.60
C2A CLA PF . -3.98 14.59 3.58
C3A CLA PF . -5.43 14.88 4.05
C4A CLA PF . -6.11 13.52 3.90
CMA CLA PF . -5.47 15.37 5.46
CAA CLA PF . -3.73 15.11 2.18
CBA CLA PF . -3.25 16.55 2.19
CGA CLA PF . -4.41 17.48 2.06
O1A CLA PF . -5.62 17.21 2.09
O2A CLA PF . -4.03 18.78 1.89
NB CLA PF . -7.67 10.96 4.14
C1B CLA PF . -8.17 12.20 3.84
C2B CLA PF . -9.58 12.10 3.40
C3B CLA PF . -9.91 10.76 3.46
C4B CLA PF . -8.70 10.03 3.94
CMB CLA PF . -10.36 13.27 3.02
CAB CLA PF . -11.13 10.08 3.15
CBB CLA PF . -12.30 10.64 2.89
NC CLA PF . -6.14 8.46 4.09
C1C CLA PF . -7.40 7.94 4.20
C2C CLA PF . -7.33 6.50 4.37
C3C CLA PF . -5.98 6.16 4.30
C4C CLA PF . -5.24 7.40 4.14
CMC CLA PF . -8.49 5.61 4.52
CAC CLA PF . -5.40 4.81 4.45
CBC CLA PF . -5.29 4.39 5.90
ND CLA PF . -3.80 9.95 3.70
C1D CLA PF . -3.14 8.69 3.80
C2D CLA PF . -1.69 8.89 3.58
C3D CLA PF . -1.52 10.25 3.38
C4D CLA PF . -2.85 10.86 3.53
CMD CLA PF . -0.71 7.82 3.53
CAD CLA PF . -0.59 11.33 3.09
OBD CLA PF . 0.58 11.29 2.71
CBD CLA PF . -1.37 12.67 3.28
CGD CLA PF . -0.88 13.44 4.47
O1D CLA PF . -1.27 13.33 5.64
O2D CLA PF . 0.08 14.35 4.20
CED CLA PF . 0.81 14.88 5.31
C1 CLA PF . -5.06 19.72 1.53
C2 CLA PF . -5.37 19.50 0.08
C3 CLA PF . -5.32 20.48 -0.83
C4 CLA PF . -4.95 21.87 -0.48
C5 CLA PF . -5.64 20.19 -2.26
C6 CLA PF . -6.97 20.80 -2.67
C7 CLA PF . -7.42 20.30 -4.01
C8 CLA PF . -8.92 20.43 -4.20
C9 CLA PF . -9.63 19.26 -3.55
C10 CLA PF . -9.28 20.52 -5.67
C11 CLA PF . -8.57 21.66 -6.36
C12 CLA PF . -9.15 21.91 -7.73
C13 CLA PF . -8.31 22.87 -8.55
C14 CLA PF . -8.11 24.18 -7.82
C15 CLA PF . -8.92 23.11 -9.91
C16 CLA PF . -8.02 23.97 -10.78
C17 CLA PF . -8.30 23.75 -12.25
C18 CLA PF . -8.18 25.04 -13.04
C19 CLA PF . -8.80 24.89 -14.41
C20 CLA PF . -6.73 25.46 -13.17
MG CLA QF . 4.90 -22.07 14.29
CHA CLA QF . 6.70 -22.15 11.32
CHB CLA QF . 5.80 -18.81 14.74
CHC CLA QF . 3.12 -22.04 17.22
CHD CLA QF . 4.12 -25.49 13.84
NA CLA QF . 6.02 -20.71 13.17
C1A CLA QF . 6.70 -20.93 11.95
C2A CLA QF . 7.40 -19.66 11.49
C3A CLA QF . 7.19 -18.67 12.65
C4A CLA QF . 6.25 -19.42 13.58
CMA CLA QF . 8.49 -18.32 13.32
CAA CLA QF . 6.69 -19.13 10.25
CBA CLA QF . 7.58 -18.21 9.44
CGA CLA QF . 8.51 -19.06 8.63
O1A CLA QF . 8.25 -20.08 8.00
O2A CLA QF . 9.79 -18.59 8.61
NB CLA QF . 4.57 -20.70 15.73
C1B CLA QF . 4.97 -19.40 15.70
C2B CLA QF . 4.40 -18.66 16.87
C3B CLA QF . 3.64 -19.57 17.58
C4B CLA QF . 3.73 -20.88 16.86
CMB CLA QF . 4.67 -17.24 17.09
CAB CLA QF . 2.85 -19.41 18.77
CBB CLA QF . 3.10 -18.56 19.78
NC CLA QF . 3.80 -23.50 15.32
C1C CLA QF . 3.13 -23.27 16.50
C2C CLA QF . 2.47 -24.48 16.94
C3C CLA QF . 2.77 -25.46 15.99
C4C CLA QF . 3.60 -24.84 14.98
CMC CLA QF . 1.67 -24.61 18.15
CAC CLA QF . 2.33 -26.87 16.00
CBC CLA QF . 3.36 -27.78 16.61
ND CLA QF . 5.15 -23.49 12.87
C1D CLA QF . 4.84 -24.86 12.84
C2D CLA QF . 5.42 -25.48 11.63
C3D CLA QF . 6.12 -24.48 10.99
C4D CLA QF . 5.96 -23.27 11.83
CMD CLA QF . 5.26 -26.88 11.24
CAD CLA QF . 6.95 -24.13 9.86
OBD CLA QF . 7.28 -24.80 8.90
CBD CLA QF . 7.42 -22.65 10.08
CGD CLA QF . 8.91 -22.62 10.18
O1D CLA QF . 9.71 -23.29 9.51
O2D CLA QF . 9.43 -21.76 11.10
CED CLA QF . 10.62 -21.05 10.72
C1 CLA QF . 10.58 -19.00 7.47
C2 CLA QF . 11.98 -19.11 7.93
C3 CLA QF . 12.97 -19.35 7.07
C4 CLA QF . 12.72 -19.52 5.62
C5 CLA QF . 14.39 -19.47 7.53
C6 CLA QF . 14.73 -18.45 8.61
C7 CLA QF . 15.01 -17.10 7.99
C8 CLA QF . 15.66 -16.13 8.97
C9 CLA QF . 16.70 -16.83 9.82
C10 CLA QF . 14.61 -15.46 9.86
MG CLA RF . -2.55 -21.60 19.92
CHA CLA RF . -3.19 -24.95 19.24
CHB CLA RF . -4.44 -21.81 22.74
CHC CLA RF . -1.80 -18.32 20.58
CHD CLA RF . -0.74 -21.39 16.89
NA CLA RF . -3.63 -23.14 20.82
C1A CLA RF . -3.76 -24.47 20.40
C2A CLA RF . -4.65 -25.26 21.36
C3A CLA RF . -5.15 -24.18 22.35
C4A CLA RF . -4.34 -22.95 21.97
CMA CLA RF . -6.62 -23.90 22.19
CAA CLA RF . -3.88 -26.36 22.05
CBA CLA RF . -3.20 -25.91 23.32
CGA CLA RF . -2.23 -26.96 23.76
O1A CLA RF . -2.33 -28.18 23.65
O2A CLA RF . -1.11 -26.46 24.35
NB CLA RF . -3.07 -20.30 21.36
C1B CLA RF . -3.76 -20.61 22.49
C2B CLA RF . -3.74 -19.45 23.43
C3B CLA RF . -3.00 -18.45 22.83
C4B CLA RF . -2.57 -18.98 21.50
CMB CLA RF . -4.41 -19.50 24.74
CAB CLA RF . -2.64 -17.13 23.28
CBB CLA RF . -3.32 -16.37 24.13
NC CLA RF . -1.46 -20.13 18.91
C1C CLA RF . -1.29 -18.85 19.37
C2C CLA RF . -0.49 -18.09 18.42
C3C CLA RF . -0.19 -18.95 17.36
C4C CLA RF . -0.81 -20.24 17.68
CMC CLA RF . -0.09 -16.69 18.58
CAC CLA RF . 0.60 -18.65 16.15
CBC CLA RF . -0.22 -17.95 15.10
ND CLA RF . -2.00 -22.84 18.42
C1D CLA RF . -1.28 -22.62 17.20
C2D CLA RF . -1.23 -23.88 16.44
C3D CLA RF . -1.91 -24.82 17.20
C4D CLA RF . -2.40 -24.11 18.39
CMD CLA RF . -0.54 -24.05 15.16
CAD CLA RF . -2.37 -26.20 17.29
OBD CLA RF . -2.13 -27.15 16.56
CBD CLA RF . -3.25 -26.30 18.57
CGD CLA RF . -4.68 -26.67 18.25
O1D CLA RF . -5.62 -25.90 18.06
O2D CLA RF . -4.90 -28.00 18.16
CED CLA RF . -6.25 -28.44 18.01
C1 CLA RF . -1.26 -25.85 25.65
C2 CLA RF . -0.42 -26.63 26.59
C3 CLA RF . 0.47 -26.06 27.43
C4 CLA RF . 1.29 -26.86 28.36
C5 CLA RF . 0.66 -24.57 27.46
C6 CLA RF . 2.12 -24.16 27.49
C7 CLA RF . 2.82 -24.44 26.18
C8 CLA RF . 4.07 -23.58 25.95
C9 CLA RF . 5.14 -24.39 25.25
C10 CLA RF . 4.61 -23.02 27.26
MG CLA SF . -12.46 -16.22 22.44
CHA CLA SF . -14.06 -13.97 24.48
CHB CLA SF . -9.53 -15.51 23.95
CHC CLA SF . -10.95 -18.52 20.43
CHD CLA SF . -15.54 -16.87 20.86
NA CLA SF . -11.91 -14.94 23.97
C1A CLA SF . -12.73 -14.08 24.68
C2A CLA SF . -11.93 -13.36 25.72
C3A CLA SF . -10.49 -13.70 25.41
C4A CLA SF . -10.62 -14.81 24.38
CMA CLA SF . -9.79 -12.52 24.82
CAA CLA SF . -12.28 -14.00 27.03
CBA CLA SF . -11.37 -13.48 28.10
CGA CLA SF . -12.21 -12.46 28.78
O1A CLA SF . -13.32 -12.63 29.25
O2A CLA SF . -11.69 -11.20 28.82
NB CLA SF . -10.60 -16.93 22.27
C1B CLA SF . -9.54 -16.52 23.00
C2B CLA SF . -8.34 -17.28 22.58
C3B CLA SF . -8.73 -18.13 21.59
C4B CLA SF . -10.18 -17.91 21.37
CMB CLA SF . -7.03 -17.03 23.17
CAB CLA SF . -7.97 -19.05 20.82
CBB CLA SF . -6.83 -19.59 21.21
NC CLA SF . -13.12 -17.43 20.89
C1C CLA SF . -12.32 -18.26 20.18
C2C CLA SF . -13.11 -18.91 19.15
C3C CLA SF . -14.41 -18.47 19.30
C4C CLA SF . -14.40 -17.54 20.40
CMC CLA SF . -12.57 -19.84 18.16
CAC CLA SF . -15.58 -18.80 18.50
CBC CLA SF . -15.92 -17.65 17.58
ND CLA SF . -14.36 -15.55 22.52
C1D CLA SF . -15.54 -15.95 21.86
C2D CLA SF . -16.67 -15.18 22.41
C3D CLA SF . -16.14 -14.38 23.38
C4D CLA SF . -14.71 -14.68 23.44
CMD CLA SF . -18.04 -15.30 21.95
CAD CLA SF . -16.40 -13.39 24.38
OBD CLA SF . -17.41 -12.78 24.60
CBD CLA SF . -15.09 -13.13 25.15
CGD CLA SF . -14.76 -11.68 25.06
O1D CLA SF . -14.12 -10.98 25.82
O2D CLA SF . -15.27 -11.08 23.97
CED CLA SF . -14.64 -9.86 23.61
C1 CLA SF . -10.30 -11.08 29.18
C2 CLA SF . -10.19 -10.50 30.54
C3 CLA SF . -10.93 -9.55 31.08
C4 CLA SF . -12.06 -8.86 30.41
C5 CLA SF . -10.60 -9.15 32.47
C6 CLA SF . -9.37 -9.93 32.86
C7 CLA SF . -8.98 -9.65 34.28
C8 CLA SF . -7.62 -10.26 34.55
C9 CLA SF . -7.71 -11.76 34.47
C10 CLA SF . -7.07 -9.84 35.91
C11 CLA SF . -8.06 -9.94 37.03
C12 CLA SF . -7.51 -9.23 38.25
C13 CLA SF . -8.53 -9.20 39.36
C14 CLA SF . -7.95 -8.62 40.61
C15 CLA SF . -9.03 -10.60 39.63
C16 CLA SF . -9.76 -10.66 40.96
C17 CLA SF . -9.35 -11.91 41.69
C18 CLA SF . -10.42 -12.38 42.64
C19 CLA SF . -11.19 -13.53 42.05
C20 CLA SF . -11.36 -11.25 42.93
MG CLA TF . -5.34 -10.91 23.90
CHA CLA TF . -4.29 -13.29 21.61
CHB CLA TF . -8.32 -10.64 22.27
CHC CLA TF . -6.37 -8.66 26.27
CHD CLA TF . -2.22 -11.18 25.53
NA CLA TF . -6.15 -11.83 22.21
C1A CLA TF . -5.56 -12.82 21.40
C2A CLA TF . -6.50 -13.21 20.26
C3A CLA TF . -7.70 -12.25 20.43
C4A CLA TF . -7.39 -11.53 21.73
CMA CLA TF . -7.78 -11.28 19.28
CAA CLA TF . -6.96 -14.66 20.40
CBA CLA TF . -6.51 -15.52 19.25
CGA CLA TF . -7.41 -15.34 18.06
O1A CLA TF . -8.20 -16.15 17.58
O2A CLA TF . -7.29 -14.11 17.49
NB CLA TF . -7.04 -9.89 24.24
C1B CLA TF . -8.14 -9.89 23.43
C2B CLA TF . -9.15 -8.92 23.96
C3B CLA TF . -8.60 -8.36 25.09
C4B CLA TF . -7.25 -8.96 25.28
CMB CLA TF . -10.43 -8.69 23.31
CAB CLA TF . -9.12 -7.36 25.97
CBB CLA TF . -9.28 -7.50 27.29
NC CLA TF . -4.45 -10.07 25.59
C1C CLA TF . -5.06 -9.17 26.42
C2C CLA TF . -4.15 -8.79 27.49
C3C CLA TF . -2.97 -9.51 27.29
C4C CLA TF . -3.16 -10.30 26.09
CMC CLA TF . -4.46 -7.85 28.57
CAC CLA TF . -1.74 -9.46 28.11
CBC CLA TF . -0.70 -8.56 27.49
ND CLA TF . -3.60 -11.90 23.65
C1D CLA TF . -2.40 -11.94 24.39
C2D CLA TF . -1.45 -12.88 23.77
C3D CLA TF . -2.13 -13.42 22.68
C4D CLA TF . -3.47 -12.80 22.67
CMD CLA TF . -0.10 -13.14 24.24
CAD CLA TF . -2.06 -14.34 21.55
OBD CLA TF . -1.12 -15.03 21.17
CBD CLA TF . -3.46 -14.31 20.86
CGD CLA TF . -3.35 -13.98 19.39
O1D CLA TF . -3.32 -14.76 18.44
O2D CLA TF . -3.26 -12.64 19.14
CED CLA TF . -2.59 -12.24 17.95
C1 CLA TF . -6.62 -14.06 16.21
C2 CLA TF . -6.28 -12.63 15.97
C3 CLA TF . -6.68 -11.96 14.87
C4 CLA TF . -7.49 -12.60 13.82
C5 CLA TF . -6.31 -10.54 14.68
C6 CLA TF . -5.13 -10.10 15.53
C7 CLA TF . -5.57 -9.27 16.71
C8 CLA TF . -4.99 -7.86 16.68
C9 CLA TF . -3.57 -7.86 16.14
C10 CLA TF . -5.01 -7.23 18.06
C11 CLA TF . -6.29 -6.45 18.31
C12 CLA TF . -6.33 -5.86 19.70
C13 CLA TF . -6.59 -6.92 20.75
C14 CLA TF . -7.89 -6.65 21.48
C15 CLA TF . -5.45 -7.02 21.76
C16 CLA TF . -4.63 -8.28 21.53
C17 CLA TF . -3.43 -8.34 22.45
C18 CLA TF . -2.13 -8.52 21.67
C19 CLA TF . -2.26 -9.58 20.61
C20 CLA TF . -0.99 -8.87 22.61
MG CLA UF . 10.63 -10.14 33.34
CHA CLA UF . 13.95 -9.18 33.38
CHB CLA UF . 10.21 -8.60 30.34
CHC CLA UF . 7.36 -11.18 33.33
CHD CLA UF . 11.09 -11.69 36.49
NA CLA UF . 11.90 -9.08 32.08
C1A CLA UF . 13.26 -8.79 32.26
C2A CLA UF . 13.82 -7.99 31.09
C3A CLA UF . 12.59 -7.77 30.17
C4A CLA UF . 11.48 -8.54 30.89
CMA CLA UF . 12.27 -6.32 29.98
CAA CLA UF . 14.87 -8.80 30.35
CBA CLA UF . 14.30 -10.15 29.92
CGA CLA UF . 15.37 -10.99 29.31
O1A CLA UF . 16.39 -10.64 28.71
O2A CLA UF . 15.13 -12.33 29.45
NB CLA UF . 9.09 -9.97 32.05
C1B CLA UF . 9.10 -9.24 30.91
C2B CLA UF . 7.73 -9.21 30.31
C3B CLA UF . 6.92 -9.93 31.14
C4B CLA UF . 7.77 -10.43 32.27
CMB CLA UF . 7.43 -8.50 29.08
CAB CLA UF . 5.51 -10.21 31.04
CBB CLA UF . 4.98 -11.43 30.91
NC CLA UF . 9.45 -11.24 34.67
C1C CLA UF . 8.14 -11.56 34.45
C2C CLA UF . 7.63 -12.36 35.57
C3C CLA UF . 8.68 -12.48 36.48
C4C CLA UF . 9.81 -11.78 35.91
CMC CLA UF . 6.27 -12.89 35.68
CAC CLA UF . 8.66 -13.21 37.75
CBC CLA UF . 9.32 -14.56 37.65
ND CLA UF . 12.11 -10.37 34.69
C1D CLA UF . 12.18 -11.04 35.94
C2D CLA UF . 13.54 -10.90 36.50
C3D CLA UF . 14.27 -10.19 35.55
C4D CLA UF . 13.33 -9.90 34.45
CMD CLA UF . 13.98 -11.44 37.77
CAD CLA UF . 15.56 -9.61 35.21
OBD CLA UF . 16.60 -9.59 35.85
CBD CLA UF . 15.39 -8.97 33.79
CGD CLA UF . 15.75 -7.51 33.81
O1D CLA UF . 15.01 -6.54 33.62
O2D CLA UF . 17.07 -7.28 34.04
CED CLA UF . 17.43 -5.99 34.53
C1 CLA UF . 15.79 -13.21 28.51
C2 CLA UF . 15.13 -14.52 28.62
C3 CLA UF . 15.50 -15.60 27.91
C4 CLA UF . 16.63 -15.55 26.94
C5 CLA UF . 14.80 -16.91 28.05
C6 CLA UF . 14.35 -17.47 26.72
MG CLA VF . 9.08 -1.73 27.13
CHA CLA VF . 6.44 -1.33 29.35
CHB CLA VF . 9.20 -5.05 27.89
CHC CLA VF . 11.50 -2.14 24.73
CHD CLA VF . 8.93 1.73 26.39
NA CLA VF . 8.00 -2.96 28.43
C1A CLA VF . 6.93 -2.60 29.26
C2A CLA VF . 6.42 -3.81 30.02
C3A CLA VF . 7.45 -4.91 29.70
C4A CLA VF . 8.28 -4.28 28.58
CMA CLA VF . 8.30 -5.22 30.92
CAA CLA VF . 5.07 -4.17 29.42
CBA CLA VF . 5.10 -5.38 28.51
CGA CLA VF . 4.16 -5.14 27.36
O1A CLA VF . 3.93 -4.06 26.81
O2A CLA VF . 3.53 -6.26 26.91
NB CLA VF . 10.14 -3.29 26.44
C1B CLA VF . 10.04 -4.58 26.88
C2B CLA VF . 10.99 -5.44 26.11
C3B CLA VF . 11.64 -4.63 25.21
C4B CLA VF . 11.11 -3.25 25.41
CMB CLA VF . 11.11 -6.88 26.38
CAB CLA VF . 12.66 -4.89 24.22
CBB CLA VF . 13.36 -6.02 24.07
NC CLA VF . 10.06 -0.43 25.84
C1C CLA VF . 11.03 -0.81 24.94
C2C CLA VF . 11.48 0.36 24.18
C3C CLA VF . 10.75 1.44 24.65
C4C CLA VF . 9.86 0.95 25.69
CMC CLA VF . 12.50 0.33 23.14
CAC CLA VF . 10.86 2.85 24.20
CBC CLA VF . 11.76 3.67 25.09
ND CLA VF . 8.04 -0.12 27.76
C1D CLA VF . 8.06 1.25 27.36
C2D CLA VF . 7.04 2.00 28.13
C3D CLA VF . 6.39 1.05 28.91
C4D CLA VF . 7.04 -0.24 28.62
CMD CLA VF . 6.79 3.44 28.02
CAD CLA VF . 5.35 0.82 29.90
OBD CLA VF . 4.61 1.62 30.45
CBD CLA VF . 5.33 -0.71 30.17
CGD CLA VF . 5.42 -1.02 31.65
O1D CLA VF . 4.54 -0.86 32.50
O2D CLA VF . 6.62 -1.51 32.06
CED CLA VF . 6.76 -1.84 33.44
C1 CLA VF . 3.79 -6.70 25.55
C2 CLA VF . 3.03 -5.85 24.61
C3 CLA VF . 2.90 -6.14 23.32
C4 CLA VF . 3.50 -7.35 22.71
C5 CLA VF . 2.12 -5.25 22.40
C6 CLA VF . 2.97 -4.62 21.32
C7 CLA VF . 2.14 -3.69 20.46
C8 CLA VF . 2.70 -2.28 20.46
C9 CLA VF . 1.94 -1.40 21.44
C10 CLA VF . 2.65 -1.67 19.07
C11 CLA VF . 3.36 -0.32 19.03
C12 CLA VF . 4.50 -0.33 18.02
C13 CLA VF . 5.78 -0.87 18.63
C14 CLA VF . 6.41 0.16 19.54
C15 CLA VF . 6.80 -1.32 17.57
C16 CLA VF . 6.44 -0.84 16.18
C17 CLA VF . 7.63 -0.32 15.44
C18 CLA VF . 8.65 -1.42 15.14
C19 CLA VF . 8.23 -2.21 13.91
C20 CLA VF . 10.03 -0.84 14.95
MG CLA WF . 18.19 -4.21 22.97
CHA CLA WF . 16.96 -5.33 26.03
CHB CLA WF . 20.24 -6.91 22.82
CHC CLA WF . 19.42 -3.03 19.99
CHD CLA WF . 16.16 -1.33 23.26
NA CLA WF . 18.50 -5.87 24.21
C1A CLA WF . 17.88 -6.16 25.44
C2A CLA WF . 18.42 -7.47 26.02
C3A CLA WF . 19.41 -7.97 24.94
C4A CLA WF . 19.40 -6.85 23.90
CMA CLA WF . 20.79 -8.18 25.52
CAA CLA WF . 17.34 -8.51 26.27
CBA CLA WF . 16.31 -8.58 25.15
CGA CLA WF . 14.96 -8.76 25.77
O1A CLA WF . 14.26 -7.92 26.35
O2A CLA WF . 14.47 -10.04 25.66
NB CLA WF . 19.51 -4.89 21.61
C1B CLA WF . 20.34 -5.96 21.80
C2B CLA WF . 21.41 -5.96 20.75
C3B CLA WF . 21.18 -4.85 19.95
C4B CLA WF . 19.97 -4.17 20.48
CMB CLA WF . 22.45 -6.97 20.67
CAB CLA WF . 21.90 -4.38 18.80
CBB CLA WF . 22.19 -5.10 17.71
NC CLA WF . 17.81 -2.52 21.81
C1C CLA WF . 18.40 -2.26 20.60
C2C CLA WF . 17.87 -1.02 20.05
C3C CLA WF . 16.98 -0.51 20.99
C4C CLA WF . 16.94 -1.46 22.10
CMC CLA WF . 18.25 -0.45 18.76
CAC CLA WF . 16.18 0.73 20.88
CBC CLA WF . 14.85 0.48 20.21
ND CLA WF . 16.86 -3.45 24.28
C1D CLA WF . 16.11 -2.24 24.28
C2D CLA WF . 15.32 -2.17 25.53
C3D CLA WF . 15.59 -3.34 26.22
C4D CLA WF . 16.56 -4.10 25.41
CMD CLA WF . 14.44 -1.06 25.89
CAD CLA WF . 15.32 -4.11 27.42
OBD CLA WF . 14.58 -3.85 28.37
CBD CLA WF . 16.20 -5.39 27.34
CGD CLA WF . 17.11 -5.53 28.52
O1D CLA WF . 18.31 -5.28 28.58
O2D CLA WF . 16.48 -5.96 29.64
CED CLA WF . 17.04 -5.58 30.90
C1 CLA WF . 13.07 -10.17 25.95
C2 CLA WF . 12.88 -11.39 26.77
C3 CLA WF . 11.75 -11.64 27.44
C4 CLA WF . 10.60 -10.70 27.42
C5 CLA WF . 11.60 -12.87 28.25
C6 CLA WF . 10.43 -13.73 27.79
C7 CLA WF . 10.94 -15.00 27.13
C8 CLA WF . 10.06 -16.20 27.47
C9 CLA WF . 10.57 -17.44 26.76
C10 CLA WF . 8.61 -15.94 27.11
C11 CLA WF . 7.76 -17.19 27.27
C12 CLA WF . 6.29 -16.85 27.44
C13 CLA WF . 5.43 -18.11 27.29
C14 CLA WF . 5.29 -18.50 25.84
C15 CLA WF . 4.06 -17.92 27.92
C16 CLA WF . 3.90 -18.79 29.15
C17 CLA WF . 2.79 -19.81 28.98
C18 CLA WF . 1.41 -19.18 29.10
C19 CLA WF . 1.00 -19.05 30.55
C20 CLA WF . 0.39 -20.00 28.33
MG CLA XF . -14.26 -25.13 37.51
CHA CLA XF . -15.74 -28.17 38.31
CHB CLA XF . -17.14 -24.14 35.99
CHC CLA XF . -12.81 -22.07 36.91
CHD CLA XF . -11.25 -26.26 39.00
NA CLA XF . -16.12 -26.03 37.20
C1A CLA XF . -16.54 -27.30 37.63
C2A CLA XF . -17.99 -27.56 37.20
C3A CLA XF . -18.33 -26.33 36.33
C4A CLA XF . -17.13 -25.41 36.52
CMA CLA XF . -18.54 -26.72 34.89
CAA CLA XF . -18.90 -27.62 38.41
CBA CLA XF . -18.61 -26.50 39.38
CGA CLA XF . -19.78 -26.20 40.24
O1A CLA XF . -20.90 -26.74 40.24
O2A CLA XF . -19.56 -25.19 41.14
NB CLA XF . -14.86 -23.42 36.63
C1B CLA XF . -16.09 -23.21 36.07
C2B CLA XF . -16.16 -21.82 35.54
C3B CLA XF . -14.94 -21.22 35.79
C4B CLA XF . -14.10 -22.24 36.49
CMB CLA XF . -17.35 -21.29 34.87
CAB CLA XF . -14.45 -19.91 35.49
CBB CLA XF . -14.67 -19.23 34.36
NC CLA XF . -12.37 -24.32 37.88
C1C CLA XF . -12.00 -23.05 37.56
C2C CLA XF . -10.62 -22.81 37.98
C3C CLA XF . -10.17 -24.00 38.56
C4C CLA XF . -11.27 -24.95 38.49
CMC CLA XF . -9.91 -21.53 37.81
CAC CLA XF . -8.84 -24.25 39.13
CBC CLA XF . -8.85 -24.15 40.64
ND CLA XF . -13.57 -26.81 38.41
C1D CLA XF . -12.31 -27.13 38.97
C2D CLA XF . -12.37 -28.51 39.52
C3D CLA XF . -13.68 -28.95 39.31
C4D CLA XF . -14.37 -27.85 38.61
CMD CLA XF . -11.27 -29.21 40.17
CAD CLA XF . -14.62 -30.04 39.46
OBD CLA XF . -14.46 -31.15 39.96
CBD CLA XF . -15.97 -29.56 38.84
CGD CLA XF . -16.48 -30.49 37.76
O1D CLA XF . -15.82 -31.06 36.89
O2D CLA XF . -17.82 -30.69 37.80
CED CLA XF . -18.28 -32.05 37.91
C1 CLA XF . -19.24 -25.58 42.48
C2 CLA XF . -18.49 -24.47 43.10
C3 CLA XF . -17.85 -24.59 44.28
C4 CLA XF . -17.86 -25.85 45.05
C5 CLA XF . -17.11 -23.44 44.87
C6 CLA XF . -15.64 -23.77 45.10
C7 CLA XF . -14.83 -22.51 45.26
C8 CLA XF . -13.34 -22.77 45.10
C9 CLA XF . -12.86 -23.79 46.11
C10 CLA XF . -12.53 -21.48 45.23
C11 CLA XF . -11.68 -21.24 44.00
MG CLA YF . -4.07 -29.66 25.48
CHA CLA YF . -5.64 -30.27 22.44
CHB CLA YF . -2.04 -32.36 24.97
CHC CLA YF . -2.35 -28.83 28.32
CHD CLA YF . -6.21 -26.88 25.96
NA CLA YF . -3.91 -31.09 23.96
C1A CLA YF . -4.64 -31.15 22.76
C2A CLA YF . -4.19 -32.33 21.92
C3A CLA YF . -3.20 -33.09 22.83
C4A CLA YF . -3.01 -32.12 24.01
CMA CLA YF . -3.76 -34.41 23.27
CAA CLA YF . -3.43 -31.77 20.71
CBA CLA YF . -2.53 -30.62 21.11
CGA CLA YF . -1.72 -30.07 19.97
O1A CLA YF . -1.30 -30.65 18.98
O2A CLA YF . -1.45 -28.73 20.11
NB CLA YF . -2.51 -30.46 26.48
C1B CLA YF . -1.80 -31.55 26.09
C2B CLA YF . -0.69 -31.79 27.05
C3B CLA YF . -0.77 -30.79 28.01
C4B CLA YF . -1.93 -29.94 27.65
CMB CLA YF . 0.27 -32.89 26.91
CAB CLA YF . 0.04 -30.52 29.16
CBB CLA YF . 1.38 -30.64 29.23
NC CLA YF . -4.26 -28.14 26.89
C1C CLA YF . -3.43 -27.99 27.97
C2C CLA YF . -3.82 -26.80 28.72
C3C CLA YF . -4.93 -26.25 28.06
C4C CLA YF . -5.20 -27.10 26.91
CMC CLA YF . -3.14 -26.31 29.93
CAC CLA YF . -5.65 -25.03 28.42
CBC CLA YF . -5.15 -23.83 27.66
ND CLA YF . -5.60 -28.76 24.51
C1D CLA YF . -6.41 -27.64 24.82
C2D CLA YF . -7.42 -27.46 23.75
C3D CLA YF . -7.15 -28.41 22.80
C4D CLA YF . -6.01 -29.20 23.31
CMD CLA YF . -8.46 -26.44 23.75
CAD CLA YF . -7.53 -29.00 21.52
OBD CLA YF . -8.42 -28.65 20.75
CBD CLA YF . -6.58 -30.20 21.26
CGD CLA YF . -7.33 -31.48 21.04
O1D CLA YF . -7.23 -32.53 21.68
O2D CLA YF . -8.23 -31.43 20.02
CED CLA YF . -7.92 -32.14 18.83
C1 CLA YF . -0.19 -28.37 20.74
C2 CLA YF . -0.21 -26.89 20.82
C3 CLA YF . 0.75 -26.14 21.40
C4 CLA YF . 1.96 -26.72 22.02
C5 CLA YF . 0.63 -24.66 21.43
C6 CLA YF . 0.61 -24.04 22.82
C7 CLA YF . -0.15 -22.73 22.77
C8 CLA YF . 0.19 -21.82 23.94
C9 CLA YF . -0.89 -21.89 24.99
C10 CLA YF . 0.35 -20.38 23.45
C11 CLA YF . 1.14 -19.55 24.44
C12 CLA YF . 2.06 -18.58 23.73
C13 CLA YF . 2.09 -17.23 24.44
C14 CLA YF . 0.69 -16.64 24.50
C15 CLA YF . 3.03 -16.25 23.74
C16 CLA YF . 2.58 -15.97 22.32
C17 CLA YF . 3.57 -15.08 21.60
MG CLA ZF . -24.13 -20.85 41.22
CHA CLA ZF . -24.28 -23.21 38.68
CHB CLA ZF . -27.52 -20.91 41.47
CHC CLA ZF . -23.92 -18.55 43.77
CHD CLA ZF . -20.61 -20.77 40.87
NA CLA ZF . -25.63 -21.91 40.24
C1A CLA ZF . -25.49 -22.85 39.21
C2A CLA ZF . -26.85 -23.39 38.77
C3A CLA ZF . -27.85 -22.58 39.61
C4A CLA ZF . -26.96 -21.74 40.53
CMA CLA ZF . -28.75 -21.73 38.75
CAA CLA ZF . -26.94 -24.88 39.12
CBA CLA ZF . -26.66 -25.16 40.58
CGA CLA ZF . -25.23 -25.52 40.82
O1A CLA ZF . -24.62 -26.54 40.50
O2A CLA ZF . -24.54 -24.54 41.49
NB CLA ZF . -25.46 -19.90 42.39
C1B CLA ZF . -26.81 -20.08 42.36
C2B CLA ZF . -27.46 -19.25 43.42
C3B CLA ZF . -26.46 -18.59 44.08
C4B CLA ZF . -25.17 -18.99 43.43
CMB CLA ZF . -28.90 -19.24 43.65
CAB CLA ZF . -26.55 -17.66 45.18
CBB CLA ZF . -25.88 -17.76 46.33
NC CLA ZF . -22.55 -19.85 42.16
C1C CLA ZF . -22.69 -18.96 43.18
C2C CLA ZF . -21.38 -18.46 43.59
C3C CLA ZF . -20.44 -19.07 42.76
C4C CLA ZF . -21.18 -19.95 41.86
CMC CLA ZF . -21.15 -17.49 44.67
CAC CLA ZF . -18.98 -18.90 42.80
CBC CLA ZF . -18.27 -20.05 43.47
ND CLA ZF . -22.72 -21.76 40.10
C1D CLA ZF . -21.31 -21.61 40.04
C2D CLA ZF . -20.78 -22.51 38.97
C3D CLA ZF . -21.87 -23.15 38.43
C4D CLA ZF . -23.05 -22.63 39.16
CMD CLA ZF . -19.36 -22.63 38.62
CAD CLA ZF . -22.35 -24.10 37.44
OBD CLA ZF . -21.71 -24.77 36.63
CBD CLA ZF . -23.90 -24.15 37.56
CGD CLA ZF . -24.60 -23.77 36.28
O1D CLA ZF . -25.10 -22.69 35.99
O2D CLA ZF . -24.65 -24.78 35.36
CED CLA ZF . -25.61 -24.66 34.31
C1 CLA ZF . -23.39 -24.92 42.28
C2 CLA ZF . -22.99 -23.71 43.04
C3 CLA ZF . -22.41 -23.75 44.24
C4 CLA ZF . -22.12 -25.03 44.93
C5 CLA ZF . -22.04 -22.50 44.96
C6 CLA ZF . -20.81 -22.63 45.83
C7 CLA ZF . -20.50 -21.32 46.51
C8 CLA ZF . -19.51 -21.49 47.66
C9 CLA ZF . -18.66 -20.25 47.82
MG CLA AG . -18.23 -17.81 34.28
CHA CLA AG . -16.09 -17.07 31.66
CHB CLA AG . -16.57 -15.58 36.25
CHC CLA AG . -20.46 -18.47 36.81
CHD CLA AG . -19.92 -20.10 32.19
NA CLA AG . -16.59 -16.55 33.99
C1A CLA AG . -15.86 -16.37 32.80
C2A CLA AG . -14.74 -15.35 33.02
C3A CLA AG . -14.86 -14.99 34.52
C4A CLA AG . -16.10 -15.74 34.97
CMA CLA AG . -13.64 -15.45 35.27
CAA CLA AG . -14.96 -14.12 32.16
CBA CLA AG . -13.65 -13.41 31.89
CGA CLA AG . -13.54 -12.19 32.76
O1A CLA AG . -14.37 -11.29 32.94
O2A CLA AG . -12.35 -12.12 33.41
NB CLA AG . -18.49 -17.12 36.16
C1B CLA AG . -17.69 -16.23 36.79
C2B CLA AG . -18.15 -16.04 38.19
C3B CLA AG . -19.25 -16.86 38.37
C4B CLA AG . -19.47 -17.56 37.07
CMB CLA AG . -17.47 -15.14 39.14
CAB CLA AG . -20.08 -17.08 39.52
CBB CLA AG . -20.51 -16.14 40.37
NC CLA AG . -19.89 -19.06 34.46
C1C CLA AG . -20.66 -19.17 35.58
C2C CLA AG . -21.73 -20.13 35.36
C3C CLA AG . -21.59 -20.60 34.05
C4C CLA AG . -20.43 -19.92 33.49
CMC CLA AG . -22.74 -20.51 36.34
CAC CLA AG . -22.46 -21.59 33.38
CBC CLA AG . -23.49 -20.96 32.48
ND CLA AG . -18.06 -18.52 32.40
C1D CLA AG . -18.82 -19.48 31.66
C2D CLA AG . -18.22 -19.61 30.31
C3D CLA AG . -17.18 -18.71 30.25
C4D CLA AG . -17.14 -18.05 31.57
CMD CLA AG . -18.67 -20.53 29.26
CAD CLA AG . -16.09 -18.17 29.45
OBD CLA AG . -15.75 -18.47 28.32
CBD CLA AG . -15.40 -17.07 30.31
CGD CLA AG . -13.93 -17.32 30.46
O1D CLA AG . -13.01 -16.49 30.48
O2D CLA AG . -13.61 -18.64 30.57
CED CLA AG . -12.50 -18.98 31.42
C1 CLA AG . -12.40 -11.82 34.82
C2 CLA AG . -11.42 -12.73 35.47
C3 CLA AG . -11.21 -12.73 36.81
C4 CLA AG . -11.94 -11.81 37.71
C5 CLA AG . -10.22 -13.66 37.41
C6 CLA AG . -10.72 -14.36 38.65
C7 CLA AG . -11.87 -15.30 38.35
C8 CLA AG . -11.71 -16.66 39.03
C9 CLA AG . -11.27 -17.69 38.02
C10 CLA AG . -13.01 -17.06 39.73
C11 CLA AG . -13.94 -17.87 38.83
C12 CLA AG . -15.17 -18.33 39.57
C13 CLA AG . -15.47 -19.80 39.31
C14 CLA AG . -16.78 -19.96 38.58
C15 CLA AG . -15.47 -20.61 40.59
C16 CLA AG . -15.45 -22.10 40.31
C17 CLA AG . -14.31 -22.79 41.05
C18 CLA AG . -14.30 -24.29 40.83
C19 CLA AG . -15.70 -24.87 40.90
C20 CLA AG . -13.40 -24.97 41.83
MG CLA BG . -7.50 -6.46 49.01
CHA CLA BG . -4.18 -5.96 49.88
CHB CLA BG . -6.67 -6.22 45.72
CHC CLA BG . -10.80 -7.02 48.20
CHD CLA BG . -8.33 -6.63 52.45
NA CLA BG . -5.70 -6.14 48.00
C1A CLA BG . -4.43 -5.96 48.53
C2A CLA BG . -3.39 -5.74 47.43
C3A CLA BG . -4.24 -5.75 46.13
C4A CLA BG . -5.64 -6.06 46.63
CMA CLA BG . -4.18 -4.41 45.43
CAA CLA BG . -2.35 -6.85 47.40
CBA CLA BG . -2.91 -8.17 46.93
CGA CLA BG . -1.93 -9.27 47.24
O1A CLA BG . -0.89 -9.19 47.90
O2A CLA BG . -2.29 -10.47 46.72
NB CLA BG . -8.54 -6.57 47.30
C1B CLA BG . -8.01 -6.51 46.05
C2B CLA BG . -9.07 -6.77 45.04
C3B CLA BG . -10.23 -7.00 45.73
C4B CLA BG . -9.91 -6.87 47.18
CMB CLA BG . -8.80 -6.76 43.60
CAB CLA BG . -11.56 -7.30 45.26
CBB CLA BG . -12.14 -6.82 44.15
NC CLA BG . -9.24 -6.76 50.14
C1C CLA BG . -10.48 -6.96 49.59
C2C CLA BG . -11.46 -7.11 50.67
C3C CLA BG . -10.77 -7.01 51.87
C4C CLA BG . -9.37 -6.79 51.53
CMC CLA BG . -12.89 -7.35 50.45
CAC CLA BG . -11.33 -7.11 53.23
CBC CLA BG . -11.79 -5.77 53.75
ND CLA BG . -6.54 -6.35 50.79
C1D CLA BG . -7.00 -6.43 52.13
C2D CLA BG . -5.83 -6.27 53.04
C3D CLA BG . -4.73 -6.10 52.23
C4D CLA BG . -5.23 -6.15 50.84
CMD CLA BG . -5.91 -6.33 54.51
CAD CLA BG . -3.29 -5.90 52.18
OBD CLA BG . -2.48 -5.83 53.10
CBD CLA BG . -2.91 -5.77 50.67
CGD CLA BG . -2.25 -4.46 50.36
O1D CLA BG . -1.08 -4.27 50.01
O2D CLA BG . -3.08 -3.39 50.47
CED CLA BG . -2.67 -2.18 49.85
MG CLA CG . -17.06 -3.89 55.70
CHA CLA CG . -16.44 -3.73 59.11
CHB CLA CG . -15.43 -6.88 55.55
CHC CLA CG . -17.74 -4.03 52.33
CHD CLA CG . -18.69 -0.76 55.89
NA CLA CG . -16.10 -5.09 57.12
C1A CLA CG . -15.96 -4.85 58.49
C2A CLA CG . -15.20 -5.98 59.17
C3A CLA CG . -14.80 -6.91 58.00
C4A CLA CG . -15.50 -6.27 56.79
CMA CLA CG . -13.31 -6.99 57.82
CAA CLA CG . -16.11 -6.71 60.14
CBA CLA CG . -17.32 -7.28 59.42
CGA CLA CG . -18.47 -7.50 60.35
O1A CLA CG . -18.50 -7.38 61.58
O2A CLA CG . -19.60 -7.90 59.70
NB CLA CG . -16.65 -5.20 54.22
C1B CLA CG . -16.00 -6.37 54.37
C2B CLA CG . -15.95 -7.10 53.07
C3B CLA CG . -16.61 -6.31 52.15
C4B CLA CG . -17.06 -5.08 52.88
CMB CLA CG . -15.31 -8.40 52.93
CAB CLA CG . -16.87 -6.49 50.74
CBB CLA CG . -17.06 -7.67 50.12
NC CLA CG . -18.05 -2.62 54.37
C1C CLA CG . -18.20 -2.88 53.04
C2C CLA CG . -18.94 -1.80 52.41
C3C CLA CG . -19.21 -0.86 53.41
C4C CLA CG . -18.63 -1.39 54.64
CMC CLA CG . -19.30 -1.76 50.99
CAC CLA CG . -19.94 0.41 53.28
CBC CLA CG . -21.33 0.35 53.87
ND CLA CG . -17.51 -2.53 57.12
C1D CLA CG . -18.17 -1.27 57.07
C2D CLA CG . -18.18 -0.66 58.42
C3D CLA CG . -17.53 -1.57 59.25
C4D CLA CG . -17.13 -2.71 58.38
CMD CLA CG . -18.76 0.63 58.75
CAD CLA CG . -17.07 -1.86 60.60
OBD CLA CG . -17.19 -1.21 61.62
CBD CLA CG . -16.35 -3.24 60.53
CGD CLA CG . -14.91 -3.16 60.99
O1D CLA CG . -14.32 -3.90 61.78
O2D CLA CG . -14.20 -2.15 60.41
CED CLA CG . -12.79 -2.14 60.59
C1 CLA CG . -20.29 -9.05 60.23
C2 CLA CG . -20.47 -9.98 59.09
C3 CLA CG . -21.67 -10.45 58.71
C4 CLA CG . -22.93 -10.06 59.38
C5 CLA CG . -21.78 -11.40 57.56
MG CLA DG . -2.47 -9.82 55.14
CHA CLA DG . 1.00 -9.69 55.33
CHB CLA DG . -2.29 -9.68 51.74
CHC CLA DG . -5.90 -10.05 55.00
CHD CLA DG . -2.61 -10.08 58.67
NA CLA DG . -0.89 -9.69 53.78
C1A CLA DG . 0.48 -9.65 54.06
C2A CLA DG . 1.30 -9.57 52.76
C3A CLA DG . 0.22 -9.50 51.66
C4A CLA DG . -1.09 -9.64 52.42
CMA CLA DG . 0.30 -8.21 50.87
CAA CLA DG . 2.13 -10.83 52.58
CBA CLA DG . 1.38 -12.07 53.07
CGA CLA DG . 1.39 -13.14 52.03
O1A CLA DG . 2.10 -14.15 51.98
O2A CLA DG . 0.48 -12.93 51.04
NB CLA DG . -3.83 -9.89 53.65
C1B CLA DG . -3.56 -9.79 52.33
C2B CLA DG . -4.83 -9.78 51.56
C3B CLA DG . -5.86 -9.87 52.47
C4B CLA DG . -5.24 -9.95 53.82
CMB CLA DG . -4.88 -9.67 50.09
CAB CLA DG . -7.28 -9.91 52.25
CBB CLA DG . -8.11 -10.87 52.64
NC CLA DG . -3.98 -10.00 56.58
C1C CLA DG . -5.31 -10.07 56.30
C2C CLA DG . -6.08 -10.19 57.54
C3C CLA DG . -5.14 -10.22 58.58
C4C CLA DG . -3.82 -10.11 57.97
CMC CLA DG . -7.53 -10.26 57.62
CAC CLA DG . -5.42 -10.33 60.02
CBC CLA DG . -5.08 -11.71 60.55
ND CLA DG . -1.18 -9.78 56.69
C1D CLA DG . -1.36 -9.93 58.09
C2D CLA DG . -0.04 -9.89 58.76
C3D CLA DG . 0.89 -9.76 57.75
C4D CLA DG . 0.14 -9.73 56.48
CMD CLA DG . 0.17 -9.97 60.20
CAD CLA DG . 2.31 -9.63 57.43
OBD CLA DG . 3.27 -9.51 58.17
CBD CLA DG . 2.42 -9.67 55.87
CGD CLA DG . 3.24 -8.54 55.32
O1D CLA DG . 4.48 -8.49 55.23
O2D CLA DG . 2.52 -7.48 54.88
CED CLA DG . 3.19 -6.52 54.06
MG CLA EG . -26.41 5.71 48.55
CHA CLA EG . -26.51 9.14 49.14
CHB CLA EG . -25.15 5.22 51.67
CHC CLA EG . -26.48 2.33 47.96
CHD CLA EG . -27.74 6.30 45.32
NA CLA EG . -25.91 6.99 50.12
C1A CLA EG . -26.02 8.39 50.19
C2A CLA EG . -25.54 8.92 51.53
C3A CLA EG . -25.04 7.66 52.28
C4A CLA EG . -25.38 6.53 51.30
CMA CLA EG . -23.57 7.71 52.61
CAA CLA EG . -26.68 9.57 52.29
CBA CLA EG . -27.53 8.57 53.05
CGA CLA EG . -28.55 7.92 52.17
O1A CLA EG . -28.43 6.94 51.44
O2A CLA EG . -29.77 8.55 52.22
NB CLA EG . -25.86 4.08 49.59
C1B CLA EG . -25.45 4.09 50.89
C2B CLA EG . -25.38 2.70 51.41
C3B CLA EG . -25.76 1.86 50.39
C4B CLA EG . -26.06 2.73 49.20
CMB CLA EG . -24.97 2.37 52.77
CAB CLA EG . -25.86 0.42 50.42
CBB CLA EG . -26.62 -0.37 49.65
NC CLA EG . -26.97 4.54 46.91
C1C CLA EG . -26.89 3.18 46.88
C2C CLA EG . -27.35 2.69 45.59
C3C CLA EG . -27.74 3.80 44.85
C4C CLA EG . -27.49 4.97 45.69
CMC CLA EG . -27.42 1.28 45.20
CAC CLA EG . -28.28 3.81 43.48
CBC CLA EG . -27.33 4.38 42.46
ND CLA EG . -26.99 7.30 47.44
C1D CLA EG . -27.51 7.40 46.12
C2D CLA EG . -27.77 8.83 45.80
C3D CLA EG . -27.40 9.53 46.93
C4D CLA EG . -26.92 8.54 47.91
CMD CLA EG . -28.31 9.30 44.53
CAD CLA EG . -27.30 10.84 47.54
OBD CLA EG . -27.61 11.94 47.11
CBD CLA EG . -26.72 10.64 48.98
CGD CLA EG . -25.49 11.47 49.22
O1D CLA EG . -25.42 12.70 49.21
O2D CLA EG . -24.35 10.77 49.47
CED CLA EG . -23.38 11.38 50.33
C1 CLA EG . -30.46 8.47 53.48
C2 CLA EG . -30.69 7.03 53.75
C3 CLA EG . -31.74 6.36 53.25
C4 CLA EG . -32.77 7.02 52.40
C5 CLA EG . -31.94 4.92 53.54
C6 CLA EG . -32.30 4.10 52.31
C7 CLA EG . -32.60 2.66 52.70
C8 CLA EG . -33.08 1.83 51.52
C9 CLA EG . -34.10 2.57 50.69
C10 CLA EG . -33.68 0.50 52.01
C11 CLA EG . -33.93 -0.45 50.86
MG CLA FG . -20.72 6.71 38.99
CHA CLA FG . -18.03 7.79 37.08
CHB CLA FG . -19.45 8.34 41.69
CHC CLA FG . -23.39 5.59 40.83
CHD CLA FG . -22.03 5.08 36.13
NA CLA FG . -19.01 7.86 39.30
C1A CLA FG . -18.01 8.20 38.38
C2A CLA FG . -16.94 9.06 39.04
C3A CLA FG . -17.37 9.14 40.52
C4A CLA FG . -18.71 8.41 40.53
CMA CLA FG . -16.37 8.49 41.44
CAA CLA FG . -16.90 10.45 38.42
CBA CLA FG . -16.98 11.56 39.44
CGA CLA FG . -18.38 12.06 39.58
O1A CLA FG . -18.77 13.14 40.03
O2A CLA FG . -19.32 11.17 39.14
NB CLA FG . -21.31 6.92 40.90
C1B CLA FG . -20.68 7.67 41.84
C2B CLA FG . -21.45 7.64 43.11
C3B CLA FG . -22.57 6.87 42.88
C4B CLA FG . -22.49 6.39 41.47
CMB CLA FG . -21.03 8.34 44.33
CAB CLA FG . -23.64 6.52 43.77
CBB CLA FG . -24.93 6.81 43.56
NC CLA FG . -22.40 5.54 38.55
C1C CLA FG . -23.36 5.19 39.46
C2C CLA FG . -24.36 4.34 38.82
C3C CLA FG . -24.00 4.22 37.48
C4C CLA FG . -22.76 4.98 37.32
CMC CLA FG . -25.54 3.77 39.49
CAC CLA FG . -24.73 3.48 36.43
CBC CLA FG . -24.06 2.20 35.97
ND CLA FG . -20.21 6.44 37.05
C1D CLA FG . -20.84 5.75 35.98
C2D CLA FG . -20.01 5.91 34.76
C3D CLA FG . -18.92 6.66 35.13
C4D CLA FG . -19.09 6.97 36.56
CMD CLA FG . -20.34 5.32 33.46
CAD CLA FG . -17.68 7.27 34.70
OBD CLA FG . -17.14 7.24 33.60
CBD CLA FG . -17.08 8.01 35.93
CGD CLA FG . -15.71 7.49 36.25
O1D CLA FG . -15.41 6.66 37.10
O2D CLA FG . -14.70 8.01 35.47
CED CLA FG . -13.39 7.47 35.63
C1 CLA FG . -20.66 11.37 39.63
C2 CLA FG . -21.47 10.24 39.10
C3 CLA FG . -22.64 10.41 38.46
C4 CLA FG . -23.22 11.76 38.25
C5 CLA FG . -23.41 9.25 37.95
C6 CLA FG . -24.66 8.99 38.78
C7 CLA FG . -25.61 8.07 38.04
C8 CLA FG . -26.74 7.61 38.94
C9 CLA FG . -27.60 6.59 38.21
MG CLA GG . -14.35 0.05 38.49
CHA CLA GG . -11.25 1.18 39.54
CHB CLA GG . -15.13 3.21 37.45
CHC CLA GG . -17.38 -1.12 37.35
CHD CLA GG . -13.51 -3.19 39.61
NA CLA GG . -13.34 1.88 38.51
C1A CLA GG . -12.05 2.13 38.99
C2A CLA GG . -11.70 3.62 38.79
C3A CLA GG . -13.01 4.24 38.32
C4A CLA GG . -13.90 3.04 38.05
CMA CLA GG . -13.60 5.17 39.36
CAA CLA GG . -10.65 3.71 37.69
CBA CLA GG . -11.23 4.11 36.34
CGA CLA GG . -11.85 2.95 35.61
O1A CLA GG . -11.95 1.79 35.99
O2A CLA GG . -12.36 3.28 34.39
NB CLA GG . -15.97 0.89 37.61
C1B CLA GG . -16.04 2.17 37.18
C2B CLA GG . -17.29 2.37 36.39
C3B CLA GG . -17.94 1.15 36.36
C4B CLA GG . -17.10 0.20 37.14
CMB CLA GG . -17.63 3.66 35.81
CAB CLA GG . -19.18 0.76 35.74
CBB CLA GG . -20.25 1.54 35.58
NC CLA GG . -15.27 -1.82 38.49
C1C CLA GG . -16.52 -2.07 37.98
C2C CLA GG . -16.86 -3.48 38.16
C3C CLA GG . -15.76 -4.07 38.79
C4C CLA GG . -14.78 -3.02 39.01
CMC CLA GG . -18.11 -4.10 37.73
CAC CLA GG . -15.63 -5.48 39.19
CBC CLA GG . -15.11 -6.32 38.04
ND CLA GG . -12.77 -0.87 39.34
C1D CLA GG . -12.57 -2.20 39.78
C2D CLA GG . -11.22 -2.30 40.39
C3D CLA GG . -10.67 -1.03 40.32
C4D CLA GG . -11.68 -0.18 39.67
CMD CLA GG . -10.64 -3.53 40.94
CAD CLA GG . -9.51 -0.19 40.61
OBD CLA GG . -8.42 -0.50 41.08
CBD CLA GG . -9.88 1.26 40.16
CGD CLA GG . -9.90 2.20 41.35
O1D CLA GG . -10.51 2.07 42.41
O2D CLA GG . -9.13 3.32 41.18
CED CLA GG . -9.39 4.43 42.03
C1 CLA GG . -13.74 3.71 34.32
C2 CLA GG . -14.55 2.62 33.70
C3 CLA GG . -15.59 2.90 32.89
C4 CLA GG . -15.97 4.31 32.59
C5 CLA GG . -16.43 1.85 32.25
C6 CLA GG . -16.79 0.65 33.11
C7 CLA GG . -17.98 -0.07 32.50
C8 CLA GG . -18.31 -1.40 33.16
C9 CLA GG . -17.20 -2.39 32.92
C10 CLA GG . -19.63 -1.94 32.65
C11 CLA GG . -20.81 -1.19 33.22
C12 CLA GG . -21.90 -0.98 32.18
C13 CLA GG . -23.15 -0.36 32.80
C14 CLA GG . -24.25 -1.40 32.94
C15 CLA GG . -23.65 0.82 31.98
C16 CLA GG . -22.56 1.84 31.74
C17 CLA GG . -22.73 2.54 30.41
C18 CLA GG . -21.42 3.03 29.82
C19 CLA GG . -20.22 2.29 30.37
C20 CLA GG . -21.25 4.52 30.02
MG CLA HG . -29.44 -14.84 44.54
CHA CLA HG . -31.19 -16.79 42.27
CHB CLA HG . -32.18 -14.67 46.54
CHC CLA HG . -27.65 -12.88 46.74
CHD CLA HG . -26.61 -14.99 42.41
NA CLA HG . -31.37 -15.62 44.41
C1A CLA HG . -31.91 -16.42 43.39
C2A CLA HG . -33.37 -16.77 43.69
C3A CLA HG . -33.65 -16.03 45.02
C4A CLA HG . -32.31 -15.39 45.37
CMA CLA HG . -34.74 -14.99 44.86
CAA CLA HG . -33.54 -18.26 43.87
CBA CLA HG . -35.00 -18.65 44.02
CGA CLA HG . -35.36 -18.75 45.47
O1A CLA HG . -36.44 -18.54 46.02
O2A CLA HG . -34.30 -19.10 46.26
NB CLA HG . -29.84 -13.96 46.31
C1B CLA HG . -31.02 -14.02 46.97
C2B CLA HG . -30.91 -13.25 48.25
C3B CLA HG . -29.64 -12.74 48.31
C4B CLA HG . -28.94 -13.18 47.07
CMB CLA HG . -32.04 -13.12 49.19
CAB CLA HG . -28.99 -11.93 49.31
CBB CLA HG . -29.53 -10.88 49.93
NC CLA HG . -27.49 -14.08 44.56
C1C CLA HG . -26.97 -13.30 45.56
C2C CLA HG . -25.59 -12.95 45.26
C3C CLA HG . -25.29 -13.55 44.03
C4C CLA HG . -26.49 -14.25 43.60
CMC CLA HG . -24.74 -12.12 46.11
CAC CLA HG . -24.00 -13.48 43.31
CBC CLA HG . -23.23 -14.77 43.39
ND CLA HG . -28.96 -15.66 42.76
C1D CLA HG . -27.75 -15.65 42.00
C2D CLA HG . -27.97 -16.43 40.76
C3D CLA HG . -29.27 -16.89 40.81
C4D CLA HG . -29.84 -16.38 42.08
CMD CLA HG . -26.95 -16.64 39.74
CAD CLA HG . -30.31 -17.66 40.14
OBD CLA HG . -30.27 -18.25 39.07
CBD CLA HG . -31.57 -17.62 41.06
CGD CLA HG . -32.78 -17.09 40.34
O1D CLA HG . -33.73 -17.72 39.89
O2D CLA HG . -32.77 -15.73 40.18
CED CLA HG . -33.72 -15.17 39.27
MG CLA IG . -28.99 -5.85 31.03
CHA CLA IG . -31.50 -6.80 28.84
CHB CLA IG . -26.68 -7.30 29.00
CHC CLA IG . -26.52 -4.66 33.11
CHD CLA IG . -31.45 -4.38 33.11
NA CLA IG . -29.11 -6.90 29.23
C1A CLA IG . -30.24 -7.18 28.46
C2A CLA IG . -29.88 -7.97 27.21
C3A CLA IG . -28.37 -8.26 27.41
C4A CLA IG . -27.99 -7.42 28.62
CMA CLA IG . -28.11 -9.73 27.62
CAA CLA IG . -30.10 -7.11 25.98
CBA CLA IG . -29.20 -5.88 25.97
CGA CLA IG . -29.93 -4.68 25.46
O1A CLA IG . -31.12 -4.55 25.19
O2A CLA IG . -29.10 -3.60 25.30
NB CLA IG . -26.99 -5.96 31.05
C1B CLA IG . -26.22 -6.57 30.11
C2B CLA IG . -24.78 -6.36 30.42
C3B CLA IG . -24.72 -5.61 31.57
C4B CLA IG . -26.13 -5.35 32.00
CMB CLA IG . -23.71 -6.90 29.58
CAB CLA IG . -23.59 -5.13 32.30
CBB CLA IG . -22.43 -4.69 31.79
NC CLA IG . -29.00 -4.75 32.81
C1C CLA IG . -27.87 -4.38 33.49
C2C CLA IG . -28.24 -3.62 34.68
C3C CLA IG . -29.63 -3.54 34.69
C4C CLA IG . -30.11 -4.25 33.51
CMC CLA IG . -27.29 -3.08 35.65
CAC CLA IG . -30.48 -2.87 35.70
CBC CLA IG . -31.13 -1.60 35.20
ND CLA IG . -31.01 -5.66 31.08
C1D CLA IG . -31.89 -5.02 31.98
C2D CLA IG . -33.28 -5.17 31.49
C3D CLA IG . -33.19 -5.84 30.29
C4D CLA IG . -31.75 -6.12 30.07
CMD CLA IG . -34.47 -4.67 32.18
CAD CLA IG . -33.91 -6.41 29.16
OBD CLA IG . -35.12 -6.47 28.95
CBD CLA IG . -32.85 -7.01 28.18
CGD CLA IG . -33.12 -8.45 27.86
O1D CLA IG . -32.91 -9.43 28.57
O2D CLA IG . -33.65 -8.64 26.61
CED CLA IG . -33.81 -9.98 26.15
C1 CLA IG . -29.64 -2.49 24.56
C2 CLA IG . -28.70 -2.23 23.44
C3 CLA IG . -27.59 -1.48 23.57
C4 CLA IG . -27.21 -0.85 24.86
C5 CLA IG . -26.68 -1.25 22.41
C6 CLA IG . -27.01 -2.13 21.22
C7 CLA IG . -25.90 -2.03 20.19
C8 CLA IG . -26.16 -2.88 18.96
C9 CLA IG . -25.15 -4.00 18.87
C10 CLA IG . -26.13 -2.01 17.71
C11 CLA IG . -25.94 -2.80 16.44
C12 CLA IG . -26.17 -1.92 15.22
C13 CLA IG . -25.91 -2.68 13.92
C14 CLA IG . -26.26 -1.81 12.73
C15 CLA IG . -26.71 -3.99 13.87
C16 CLA IG . -26.63 -4.62 12.50
C17 CLA IG . -27.42 -5.92 12.44
C18 CLA IG . -27.46 -6.48 11.03
C19 CLA IG . -28.39 -7.68 10.95
C20 CLA IG . -26.07 -6.86 10.57
MG CLA JG . -39.20 -8.22 35.45
CHA CLA JG . -41.25 -10.91 36.28
CHB CLA JG . -41.66 -6.97 33.45
CHC CLA JG . -37.14 -5.59 34.66
CHD CLA JG . -36.67 -9.58 37.52
NA CLA JG . -41.15 -8.84 34.98
C1A CLA JG . -41.82 -9.99 35.43
C2A CLA JG . -43.23 -10.06 34.85
C3A CLA JG . -43.33 -8.79 33.96
C4A CLA JG . -41.96 -8.13 34.14
CMA CLA JG . -43.62 -9.13 32.52
CAA CLA JG . -44.29 -10.04 35.95
CBA CLA JG . -44.94 -8.68 36.10
CGA CLA JG . -45.72 -8.64 37.38
O1A CLA JG . -46.03 -9.58 38.12
O2A CLA JG . -46.13 -7.38 37.72
NB CLA JG . -39.39 -6.56 34.33
C1B CLA JG . -40.44 -6.27 33.51
C2B CLA JG . -40.11 -5.10 32.65
C3B CLA JG . -38.82 -4.71 32.99
C4B CLA JG . -38.35 -5.63 34.06
CMB CLA JG . -41.05 -4.57 31.67
CAB CLA JG . -37.97 -3.65 32.50
CBB CLA JG . -38.21 -2.83 31.47
NC CLA JG . -37.27 -7.67 36.01
C1C CLA JG . -36.63 -6.55 35.58
C2C CLA JG . -35.30 -6.47 36.20
C3C CLA JG . -35.16 -7.60 36.99
C4C CLA JG . -36.40 -8.36 36.86
CMC CLA JG . -34.35 -5.38 35.98
CAC CLA JG . -34.01 -7.97 37.82
CBC CLA JG . -34.30 -7.68 39.28
ND CLA JG . -38.94 -9.85 36.62
C1D CLA JG . -37.85 -10.28 37.42
C2D CLA JG . -38.20 -11.57 38.05
C3D CLA JG . -39.48 -11.87 37.65
C4D CLA JG . -39.90 -10.76 36.77
CMD CLA JG . -37.30 -12.32 38.94
CAD CLA JG . -40.59 -12.81 37.72
OBD CLA JG . -40.65 -13.89 38.30
CBD CLA JG . -41.75 -12.21 36.87
CGD CLA JG . -42.22 -13.17 35.81
O1D CLA JG . -42.96 -14.15 35.95
O2D CLA JG . -41.74 -12.90 34.56
CED CLA JG . -41.89 -13.91 33.56
C1 CLA JG . -46.05 -7.03 39.12
C2 CLA JG . -46.15 -5.55 39.19
C3 CLA JG . -45.43 -4.81 40.05
C4 CLA JG . -44.47 -5.40 41.01
MG CLA KG . -40.59 -4.19 26.56
CHA CLA KG . -42.08 -6.99 27.96
CHB CLA KG . -43.41 -3.60 24.75
CHC CLA KG . -39.10 -1.38 25.26
CHD CLA KG . -37.68 -4.85 28.46
NA CLA KG . -42.43 -5.16 26.39
C1A CLA KG . -42.87 -6.31 27.07
C2A CLA KG . -44.28 -6.69 26.65
C3A CLA KG . -44.61 -5.69 25.53
C4A CLA KG . -43.41 -4.73 25.54
CMA CLA KG . -44.72 -6.41 24.21
CAA CLA KG . -45.27 -6.53 27.80
CBA CLA KG . -44.96 -5.32 28.66
CGA CLA KG . -45.44 -5.55 30.05
O1A CLA KG . -45.53 -6.60 30.68
O2A CLA KG . -45.84 -4.40 30.68
NB CLA KG . -41.13 -2.78 25.22
C1B CLA KG . -42.36 -2.66 24.65
C2B CLA KG . -42.44 -1.39 23.89
C3B CLA KG . -41.22 -0.75 24.03
C4B CLA KG . -40.37 -1.64 24.88
CMB CLA KG . -43.63 -0.97 23.16
CAB CLA KG . -40.78 0.50 23.50
CBB CLA KG . -40.32 1.54 24.21
NC CLA KG . -38.72 -3.30 26.81
C1C CLA KG . -38.31 -2.16 26.17
C2C CLA KG . -36.94 -1.83 26.56
C3C CLA KG . -36.55 -2.80 27.48
C4C CLA KG . -37.67 -3.71 27.63
CMC CLA KG . -36.20 -0.68 26.06
CAC CLA KG . -35.24 -2.89 28.17
CBC CLA KG . -34.16 -3.48 27.30
ND CLA KG . -39.97 -5.55 27.91
C1D CLA KG . -38.75 -5.72 28.61
C2D CLA KG . -38.84 -6.93 29.46
C3D CLA KG . -40.10 -7.46 29.25
C4D CLA KG . -40.76 -6.57 28.28
CMD CLA KG . -37.78 -7.42 30.33
CAD CLA KG . -41.04 -8.52 29.58
OBD CLA KG . -40.90 -9.47 30.35
CBD CLA KG . -42.33 -8.25 28.76
CGD CLA KG . -42.65 -9.41 27.85
O1D CLA KG . -42.64 -9.41 26.62
O2D CLA KG . -42.98 -10.56 28.50
CED CLA KG . -43.47 -11.65 27.72
C1 CLA KG . -45.66 -4.35 32.11
MG CLA LG . -33.65 -4.62 18.57
CHA CLA LG . -33.55 -5.57 21.91
CHB CLA LG . -35.84 -2.13 19.34
CHC CLA LG . -33.62 -3.67 15.27
CHD CLA LG . -31.42 -7.27 17.82
NA CLA LG . -34.53 -3.97 20.35
C1A CLA LG . -34.34 -4.48 21.64
C2A CLA LG . -35.17 -3.69 22.66
C3A CLA LG . -35.96 -2.68 21.79
C4A CLA LG . -35.40 -2.92 20.39
CMA CLA LG . -37.44 -2.93 21.87
CAA CLA LG . -34.25 -2.93 23.59
CBA CLA LG . -33.01 -2.40 22.89
CGA CLA LG . -32.86 -0.92 23.05
O1A CLA LG . -33.68 -0.10 23.47
O2A CLA LG . -31.62 -0.47 22.68
NB CLA LG . -34.52 -3.15 17.52
C1B CLA LG . -35.43 -2.26 18.01
C2B CLA LG . -36.00 -1.45 16.88
C3B CLA LG . -35.37 -1.88 15.73
C4B CLA LG . -34.42 -2.96 16.12
CMB CLA LG . -37.01 -0.42 17.08
CAB CLA LG . -35.54 -1.43 14.37
CBB CLA LG . -34.58 -0.89 13.62
NC CLA LG . -32.68 -5.34 16.86
C1C CLA LG . -32.80 -4.78 15.62
C2C CLA LG . -31.96 -5.50 14.67
C3C CLA LG . -31.36 -6.54 15.38
C4C CLA LG . -31.82 -6.43 16.76
CMC CLA LG . -31.84 -5.18 13.25
CAC CLA LG . -30.43 -7.55 14.86
CBC CLA LG . -31.15 -8.77 14.35
ND CLA LG . -32.71 -6.12 19.56
C1D CLA LG . -31.83 -7.14 19.13
C2D CLA LG . -31.46 -7.98 20.30
C3D CLA LG . -32.09 -7.43 21.38
C4D CLA LG . -32.85 -6.26 20.87
CMD CLA LG . -30.57 -9.15 20.23
CAD CLA LG . -32.33 -7.51 22.81
OBD CLA LG . -31.92 -8.33 23.63
CBD CLA LG . -33.27 -6.31 23.19
CGD CLA LG . -34.53 -6.77 23.84
O1D CLA LG . -35.16 -7.82 23.61
O2D CLA LG . -35.02 -5.93 24.79
CED CLA LG . -36.21 -6.31 25.48
C1 CLA LG . -31.56 0.81 22.01
C2 CLA LG . -30.31 0.80 21.20
C3 CLA LG . -29.93 1.82 20.40
C4 CLA LG . -28.67 1.75 19.62
C5 CLA LG . -30.75 3.05 20.24
C6 CLA LG . -30.63 3.68 18.86
C7 CLA LG . -31.53 4.89 18.74
C8 CLA LG . -31.28 5.68 17.45
C9 CLA LG . -32.13 6.93 17.41
C10 CLA LG . -31.55 4.82 16.22
MG CLA MG . -25.40 -10.40 25.50
CHA CLA MG . -22.67 -10.95 27.58
CHB CLA MG . -24.22 -7.30 24.76
CHC CLA MG . -28.23 -9.84 23.63
CHD CLA MG . -26.57 -13.65 26.26
NA CLA MG . -23.69 -9.34 26.06
C1A CLA MG . -22.67 -9.72 26.94
C2A CLA MG . -21.61 -8.62 27.06
C3A CLA MG . -22.07 -7.57 26.01
C4A CLA MG . -23.43 -8.09 25.57
CMA CLA MG . -22.11 -6.16 26.54
CAA CLA MG . -20.22 -9.12 26.73
CBA CLA MG . -19.17 -8.10 27.15
CGA CLA MG . -17.80 -8.70 27.04
O1A CLA MG . -17.19 -9.03 26.03
O2A CLA MG . -17.19 -8.86 28.26
NB CLA MG . -26.07 -8.88 24.37
C1B CLA MG . -25.49 -7.66 24.27
C2B CLA MG . -26.38 -6.72 23.54
C3B CLA MG . -27.53 -7.44 23.21
C4B CLA MG . -27.34 -8.82 23.74
CMB CLA MG . -26.01 -5.33 23.29
CAB CLA MG . -28.73 -7.05 22.52
CBB CLA MG . -28.99 -5.88 21.92
NC CLA MG . -27.07 -11.55 25.01
C1C CLA MG . -28.10 -11.13 24.22
C2C CLA MG . -29.11 -12.19 24.08
C3C CLA MG . -28.64 -13.26 24.84
C4C CLA MG . -27.36 -12.87 25.41
CMC CLA MG . -30.35 -12.07 23.32
CAC CLA MG . -29.29 -14.57 25.01
CBC CLA MG . -28.70 -15.65 24.14
ND CLA MG . -24.81 -11.98 26.62
C1D CLA MG . -25.38 -13.25 26.84
C2D CLA MG . -24.53 -14.02 27.78
C3D CLA MG . -23.50 -13.16 28.12
C4D CLA MG . -23.71 -11.91 27.36
CMD CLA MG . -24.82 -15.36 28.25
CAD CLA MG . -22.27 -13.00 28.89
OBD CLA MG . -21.73 -13.78 29.67
CBD CLA MG . -21.71 -11.59 28.56
CGD CLA MG . -21.55 -10.75 29.81
O1D CLA MG . -20.52 -10.54 30.44
O2D CLA MG . -22.71 -10.19 30.26
CED CLA MG . -22.78 -9.82 31.63
C1 CLA MG . -16.10 -9.80 28.32
C2 CLA MG . -16.69 -11.15 28.47
C3 CLA MG . -17.19 -11.60 29.65
C4 CLA MG . -17.16 -10.77 30.88
C5 CLA MG . -17.77 -12.96 29.77
C6 CLA MG . -17.81 -13.72 28.46
C7 CLA MG . -18.83 -14.83 28.52
C8 CLA MG . -18.83 -15.73 27.29
C9 CLA MG . -17.42 -16.04 26.86
C10 CLA MG . -19.58 -15.07 26.15
C11 CLA MG . -20.97 -15.68 25.97
C12 CLA MG . -20.90 -17.19 25.85
C13 CLA MG . -22.04 -17.73 24.99
C14 CLA MG . -23.36 -17.08 25.36
C15 CLA MG . -22.16 -19.24 25.13
C16 CLA MG . -23.28 -19.78 24.26
C17 CLA MG . -22.85 -19.91 22.81
C18 CLA MG . -23.44 -21.17 22.18
C19 CLA MG . -22.96 -21.34 20.76
C20 CLA MG . -23.09 -22.39 22.99
MG CLA NG . -18.74 4.29 17.39
CHA CLA NG . -18.15 6.79 19.71
CHB CLA NG . -22.03 4.24 18.29
CHC CLA NG . -19.32 1.97 14.94
CHD CLA NG . -15.31 4.33 16.55
NA CLA NG . -19.88 5.35 18.78
C1A CLA NG . -19.45 6.36 19.64
C2A CLA NG . -20.61 6.90 20.47
C3A CLA NG . -21.77 5.93 20.15
C4A CLA NG . -21.22 5.13 18.97
CMA CLA NG . -22.11 5.06 21.33
CAA CLA NG . -20.92 8.24 19.85
CBA CLA NG . -22.31 8.75 20.18
CGA CLA NG . -22.48 10.08 19.51
O1A CLA NG . -21.64 10.73 18.88
O2A CLA NG . -23.74 10.58 19.64
NB CLA NG . -20.35 3.27 16.76
C1B CLA NG . -21.63 3.44 17.21
C2B CLA NG . -22.58 2.62 16.41
C3B CLA NG . -21.82 1.97 15.45
C4B CLA NG . -20.40 2.38 15.67
CMB CLA NG . -24.02 2.60 16.65
CAB CLA NG . -22.21 1.07 14.40
CBB CLA NG . -23.32 1.17 13.66
NC CLA NG . -17.53 3.32 16.00
C1C CLA NG . -17.98 2.41 15.09
C2C CLA NG . -16.86 1.96 14.26
C3C CLA NG . -15.72 2.61 14.72
C4C CLA NG . -16.15 3.46 15.82
CMC CLA NG . -16.99 1.00 13.16
CAC CLA NG . -14.34 2.48 14.21
CBC CLA NG . -13.91 3.68 13.41
ND CLA NG . -17.08 5.31 17.93
C1D CLA NG . -15.73 5.20 17.54
C2D CLA NG . -14.92 6.16 18.33
C3D CLA NG . -15.80 6.82 19.17
C4D CLA NG . -17.13 6.23 18.89
CMD CLA NG . -13.48 6.35 18.19
CAD CLA NG . -15.97 7.82 20.20
OBD CLA NG . -15.13 8.57 20.71
CBD CLA NG . -17.47 7.79 20.61
CGD CLA NG . -17.63 7.39 22.05
O1D CLA NG . -18.10 6.34 22.49
O2D CLA NG . -17.16 8.32 22.94
CED CLA NG . -16.95 7.88 24.29
C1 CLA NG . -23.85 12.00 19.41
C2 CLA NG . -24.78 12.53 20.44
C3 CLA NG . -26.12 12.53 20.27
C4 CLA NG . -26.76 12.03 19.03
C5 CLA NG . -27.01 13.07 21.34
C6 CLA NG . -27.64 11.97 22.15
C7 CLA NG . -27.89 12.42 23.57
C8 CLA NG . -29.18 11.82 24.13
C9 CLA NG . -29.07 10.32 24.16
C10 CLA NG . -30.37 12.26 23.30
C11 CLA NG . -31.38 13.02 24.11
C12 CLA NG . -32.53 12.14 24.55
C13 CLA NG . -33.82 12.94 24.70
C14 CLA NG . -34.23 13.54 23.36
C15 CLA NG . -33.69 14.03 25.75
C16 CLA NG . -35.04 14.52 26.20
C17 CLA NG . -35.89 13.39 26.75
C18 CLA NG . -37.36 13.75 26.78
C19 CLA NG . -37.88 14.04 25.38
C20 CLA NG . -38.17 12.64 27.41
MG CLA OG . -20.01 10.32 28.79
CHA CLA OG . -20.97 8.82 25.82
CHB CLA OG . -22.26 8.40 30.48
CHC CLA OG . -19.00 11.81 31.70
CHD CLA OG . -17.63 12.24 26.99
NA CLA OG . -21.39 8.86 28.21
C1A CLA OG . -21.63 8.37 26.93
C2A CLA OG . -22.73 7.31 26.94
C3A CLA OG . -23.18 7.26 28.43
C4A CLA OG . -22.21 8.23 29.11
CMA CLA OG . -24.61 7.68 28.60
CAA CLA OG . -22.20 5.95 26.52
CBA CLA OG . -23.32 4.95 26.43
CGA CLA OG . -22.87 3.77 25.63
O1A CLA OG . -22.32 3.74 24.53
O2A CLA OG . -23.13 2.59 26.26
NB CLA OG . -20.53 10.13 30.72
C1B CLA OG . -21.45 9.28 31.22
C2B CLA OG . -21.52 9.40 32.71
C3B CLA OG . -20.59 10.37 33.06
C4B CLA OG . -19.97 10.85 31.80
CMB CLA OG . -22.43 8.61 33.53
CAB CLA OG . -20.24 10.91 34.35
CBB CLA OG . -20.18 10.24 35.50
NC CLA OG . -18.59 11.78 29.24
C1C CLA OG . -18.35 12.25 30.50
C2C CLA OG . -17.31 13.27 30.45
C3C CLA OG . -16.90 13.37 29.12
C4C CLA OG . -17.71 12.43 28.37
CMC CLA OG . -16.82 14.01 31.60
CAC CLA OG . -15.87 14.27 28.55
CBC CLA OG . -16.40 15.64 28.21
ND CLA OG . -19.43 10.58 26.88
C1D CLA OG . -18.43 11.39 26.27
C2D CLA OG . -18.42 11.15 24.82
C3D CLA OG . -19.38 10.20 24.59
C4D CLA OG . -19.97 9.85 25.90
CMD CLA OG . -17.54 11.83 23.86
CAD CLA OG . -20.06 9.40 23.59
OBD CLA OG . -19.92 9.42 22.38
CBD CLA OG . -21.06 8.46 24.35
CGD CLA OG . -22.48 8.58 23.84
O1D CLA OG . -23.27 7.67 23.63
O2D CLA OG . -22.86 9.86 23.60
CED CLA OG . -24.25 10.09 23.33
C1 CLA OG . -22.58 1.41 25.64
C2 CLA OG . -22.60 0.34 26.67
C3 CLA OG . -21.62 -0.56 26.78
C4 CLA OG . -20.44 -0.54 25.88
C5 CLA OG . -21.67 -1.62 27.82
C6 CLA OG . -23.07 -1.93 28.30
C7 CLA OG . -23.78 -2.88 27.36
C8 CLA OG . -25.11 -3.36 27.93
C9 CLA OG . -25.88 -4.13 26.88
C10 CLA OG . -25.93 -2.18 28.42
C11 CLA OG . -27.29 -2.61 28.92
C12 CLA OG . -27.98 -1.50 29.68
C13 CLA OG . -29.34 -1.94 30.20
C14 CLA OG . -30.24 -2.37 29.07
C15 CLA OG . -30.01 -0.85 31.03
C16 CLA OG . -29.04 0.20 31.52
C17 CLA OG . -28.82 0.13 33.01
C18 CLA OG . -28.96 1.50 33.67
C19 CLA OG . -28.00 2.50 33.05
C20 CLA OG . -28.71 1.41 35.16
MG CLA PG . -0.56 -0.11 23.67
CHA CLA PG . 0.78 -1.47 26.57
CHB CLA PG . 0.23 3.01 24.79
CHC CLA PG . -1.57 1.15 20.66
CHD CLA PG . -1.39 -3.36 22.59
NA CLA PG . 0.28 0.63 25.43
C1A CLA PG . 0.81 -0.10 26.51
C2A CLA PG . 1.31 0.85 27.60
C3A CLA PG . 0.85 2.24 27.12
C4A CLA PG . 0.42 1.97 25.68
CMA CLA PG . -0.30 2.75 27.95
CAA CLA PG . 2.83 0.77 27.74
CBA CLA PG . 3.57 1.54 26.66
CGA CLA PG . 3.83 0.64 25.49
O1A CLA PG . 3.93 0.93 24.30
O2A CLA PG . 3.96 -0.67 25.84
NB CLA PG . -0.75 1.75 22.91
C1B CLA PG . -0.17 2.86 23.45
C2B CLA PG . -0.02 3.92 22.41
C3B CLA PG . -0.52 3.40 21.23
C4B CLA PG . -1.00 2.02 21.55
CMB CLA PG . 0.57 5.22 22.72
CAB CLA PG . -0.64 3.96 19.92
CBB CLA PG . -0.43 5.23 19.54
NC CLA PG . -1.41 -0.95 21.97
C1C CLA PG . -1.79 -0.24 20.86
C2C CLA PG . -2.37 -1.14 19.87
C3C CLA PG . -2.28 -2.43 20.39
C4C CLA PG . -1.68 -2.31 21.72
CMC CLA PG . -2.90 -0.74 18.57
CAC CLA PG . -2.73 -3.68 19.76
CBC CLA PG . -1.59 -4.55 19.30
ND CLA PG . -0.43 -2.00 24.38
C1D CLA PG . -0.81 -3.25 23.82
C2D CLA PG . -0.43 -4.33 24.77
C3D CLA PG . 0.22 -3.70 25.82
C4D CLA PG . 0.18 -2.25 25.54
CMD CLA PG . -0.67 -5.76 24.57
CAD CLA PG . 0.87 -3.88 27.11
OBD CLA PG . 1.08 -4.90 27.74
CBD CLA PG . 1.28 -2.45 27.60
CGD CLA PG . 0.76 -2.17 28.98
O1D CLA PG . -0.15 -1.41 29.30
O2D CLA PG . 1.42 -2.85 29.95
CED CLA PG . 1.94 -2.09 31.04
C1 CLA PG . 4.03 -1.62 24.74
C2 CLA PG . 5.33 -2.31 24.85
C3 CLA PG . 6.36 -2.08 24.02
C4 CLA PG . 6.26 -1.09 22.92
C5 CLA PG . 7.65 -2.81 24.17
C6 CLA PG . 8.09 -3.47 22.87
C7 CLA PG . 7.23 -4.67 22.55
C8 CLA PG . 7.54 -5.21 21.16
C9 CLA PG . 6.42 -4.85 20.20
C10 CLA PG . 7.78 -6.72 21.20
C11 CLA PG . 6.65 -7.57 20.67
C12 CLA PG . 7.17 -8.74 19.88
C13 CLA PG . 6.38 -10.03 20.12
C14 CLA PG . 4.89 -9.75 20.25
C15 CLA PG . 6.88 -10.78 21.35
C16 CLA PG . 6.11 -12.06 21.56
C17 CLA PG . 6.54 -12.79 22.81
MG CLA QG . -6.84 -1.58 30.03
CHA CLA QG . -6.08 0.07 32.98
CHB CLA QG . -3.53 -2.20 29.53
CHC CLA QG . -7.65 -3.27 27.17
CHD CLA QG . -10.27 -0.94 30.63
NA CLA QG . -5.10 -1.09 31.08
C1A CLA QG . -4.99 -0.40 32.30
C2A CLA QG . -3.53 -0.24 32.70
C3A CLA QG . -2.76 -0.76 31.46
C4A CLA QG . -3.85 -1.41 30.62
CMA CLA QG . -2.13 0.40 30.74
CAA CLA QG . -3.18 -1.03 33.95
CBA CLA QG . -3.44 -2.50 33.79
CGA CLA QG . -4.16 -3.00 35.01
O1A CLA QG . -3.83 -3.91 35.78
O2A CLA QG . -5.31 -2.33 35.26
NB CLA QG . -5.78 -2.50 28.58
C1B CLA QG . -4.46 -2.81 28.67
C2B CLA QG . -4.13 -3.90 27.69
C3B CLA QG . -5.30 -4.20 27.02
C4B CLA QG . -6.34 -3.30 27.57
CMB CLA QG . -2.78 -4.44 27.55
CAB CLA QG . -5.56 -5.14 25.97
CBB CLA QG . -4.74 -5.48 24.98
NC CLA QG . -8.63 -1.97 29.05
C1C CLA QG . -8.72 -2.62 27.85
C2C CLA QG . -10.11 -2.64 27.41
C3C CLA QG . -10.87 -2.07 28.43
C4C CLA QG . -9.93 -1.64 29.45
CMC CLA QG . -10.55 -3.20 26.15
CAC CLA QG . -12.33 -1.85 28.44
CBC CLA QG . -13.04 -2.77 29.41
ND CLA QG . -7.97 -0.66 31.42
C1D CLA QG . -9.37 -0.48 31.55
C2D CLA QG . -9.65 0.25 32.80
C3D CLA QG . -8.42 0.50 33.39
C4D CLA QG . -7.41 -0.09 32.49
CMD CLA QG . -10.99 0.62 33.24
CAD CLA QG . -7.72 1.10 34.51
OBD CLA QG . -8.15 1.73 35.46
CBD CLA QG . -6.19 0.83 34.28
CGD CLA QG . -5.37 2.08 34.22
O1D CLA QG . -5.53 3.05 33.48
O2D CLA QG . -4.33 2.11 35.09
CED CLA QG . -3.65 3.36 35.25
C1 CLA QG . -6.30 -3.05 36.03
C2 CLA QG . -7.61 -2.43 35.75
C3 CLA QG . -8.28 -1.73 36.68
C4 CLA QG . -7.74 -1.54 38.04
C5 CLA QG . -9.60 -1.12 36.38
C6 CLA QG . -10.67 -2.17 36.11
C7 CLA QG . -12.04 -1.54 36.02
C8 CLA QG . -12.90 -2.22 34.96
C9 CLA QG . -14.18 -1.44 34.75
C10 CLA QG . -13.22 -3.66 35.38
C11 CLA QG . -14.16 -4.34 34.41
C12 CLA QG . -13.87 -5.81 34.29
C13 CLA QG . -15.05 -6.58 33.73
C14 CLA QG . -15.01 -8.02 34.21
C15 CLA QG . -15.10 -6.53 32.21
C16 CLA QG . -16.30 -5.75 31.73
C17 CLA QG . -17.21 -6.59 30.86
C18 CLA QG . -18.67 -6.20 31.03
C19 CLA QG . -19.58 -7.39 30.81
C20 CLA QG . -19.03 -5.10 30.05
MG CLA RG . -10.78 -12.79 14.71
CHA CLA RG . -10.66 -15.03 12.07
CHB CLA RG . -11.17 -15.38 16.89
CHC CLA RG . -10.64 -10.55 17.32
CHD CLA RG . -10.35 -10.14 12.43
NA CLA RG . -10.93 -14.86 14.49
C1A CLA RG . -10.81 -15.61 13.31
C2A CLA RG . -10.94 -17.10 13.60
C3A CLA RG . -11.26 -17.16 15.10
C4A CLA RG . -11.10 -15.71 15.55
CMA CLA RG . -12.64 -17.68 15.35
CAA CLA RG . -9.61 -17.77 13.33
CBA CLA RG . -8.47 -17.04 14.00
CGA CLA RG . -7.16 -17.72 13.75
O1A CLA RG . -6.94 -18.88 13.42
O2A CLA RG . -6.08 -16.88 13.90
NB CLA RG . -10.82 -12.94 16.72
C1B CLA RG . -11.07 -14.07 17.40
C2B CLA RG . -11.26 -13.76 18.84
C3B CLA RG . -11.12 -12.39 18.99
C4B CLA RG . -10.84 -11.86 17.62
CMB CLA RG . -11.55 -14.79 19.82
CAB CLA RG . -11.22 -11.53 20.14
CBB CLA RG . -11.90 -11.77 21.27
NC CLA RG . -10.56 -10.73 14.84
C1C CLA RG . -10.51 -10.03 16.01
C2C CLA RG . -10.29 -8.61 15.75
C3C CLA RG . -10.23 -8.48 14.35
C4C CLA RG . -10.39 -9.82 13.80
CMC CLA RG . -10.17 -7.60 16.79
CAC CLA RG . -10.01 -7.24 13.60
CBC CLA RG . -8.57 -7.12 13.16
ND CLA RG . -10.70 -12.55 12.71
C1D CLA RG . -10.49 -11.41 11.90
C2D CLA RG . -10.43 -11.82 10.48
C3D CLA RG . -10.48 -13.20 10.49
C4D CLA RG . -10.62 -13.61 11.90
CMD CLA RG . -10.29 -10.90 9.36
CAD CLA RG . -10.52 -14.41 9.69
OBD CLA RG . -10.53 -14.55 8.47
CBD CLA RG . -10.51 -15.63 10.68
CGD CLA RG . -11.57 -16.64 10.30
O1D CLA RG . -11.55 -17.40 9.33
O2D CLA RG . -12.63 -16.70 11.15
CED CLA RG . -13.52 -17.82 11.01
C1 CLA RG . -4.86 -17.51 14.37
C2 CLA RG . -3.95 -16.43 14.83
C3 CLA RG . -3.12 -15.76 14.00
C4 CLA RG . -3.05 -16.08 12.56
C5 CLA RG . -2.23 -14.69 14.52
C6 CLA RG . -1.78 -13.73 13.44
C7 CLA RG . -0.81 -12.70 14.00
C8 CLA RG . -1.40 -11.29 14.02
C9 CLA RG . -2.20 -11.02 12.75
C10 CLA RG . -0.30 -10.25 14.16
C11 CLA RG . -0.19 -9.76 15.59
C12 CLA RG . 1.01 -8.86 15.78
C13 CLA RG . 1.21 -8.52 17.25
C14 CLA RG . 0.36 -7.32 17.63
C15 CLA RG . 2.67 -8.25 17.58
C16 CLA RG . 3.28 -7.26 16.60
C17 CLA RG . 4.52 -6.60 17.18
C18 CLA RG . 5.68 -6.62 16.20
C19 CLA RG . 6.78 -5.68 16.65
C20 CLA RG . 6.23 -8.02 16.06
MG CLA SG . -34.11 0.17 7.85
CHA CLA SG . -37.07 -1.64 7.80
CHB CLA SG . -35.21 2.05 5.24
CHC CLA SG . -31.19 1.97 8.00
CHD CLA SG . -32.96 -1.90 10.48
NA CLA SG . -35.86 0.19 6.73
C1A CLA SG . -36.99 -0.63 6.87
C2A CLA SG . -38.06 -0.28 5.83
C3A CLA SG . -37.37 0.79 4.95
C4A CLA SG . -36.06 1.06 5.69
CMA CLA SG . -37.12 0.27 3.56
CAA CLA SG . -39.27 0.32 6.52
CBA CLA SG . -39.31 1.83 6.38
CGA CLA SG . -40.31 2.43 7.32
O1A CLA SG . -41.39 1.97 7.67
O2A CLA SG . -39.92 3.64 7.82
NB CLA SG . -33.34 1.71 6.81
C1B CLA SG . -33.98 2.38 5.82
C2B CLA SG . -33.14 3.53 5.37
C3B CLA SG . -32.00 3.51 6.15
C4B CLA SG . -32.11 2.35 7.08
CMB CLA SG . -33.53 4.44 4.31
CAB CLA SG . -30.86 4.40 6.14
CBB CLA SG . -30.94 5.72 6.26
NC CLA SG . -32.39 0.04 9.02
C1C CLA SG . -31.31 0.88 8.91
C2C CLA SG . -30.29 0.50 9.88
C3C CLA SG . -30.78 -0.58 10.59
C4C CLA SG . -32.10 -0.87 10.04
CMC CLA SG . -28.99 1.18 10.04
CAC CLA SG . -30.12 -1.32 11.68
CBC CLA SG . -30.55 -0.87 13.05
ND CLA SG . -34.80 -1.40 8.94
C1D CLA SG . -34.22 -2.16 9.99
C2D CLA SG . -35.17 -3.21 10.39
C3D CLA SG . -36.28 -3.06 9.59
C4D CLA SG . -36.00 -1.92 8.70
CMD CLA SG . -34.92 -4.19 11.44
CAD CLA SG . -37.60 -3.56 9.25
OBD CLA SG . -38.22 -4.51 9.71
CBD CLA SG . -38.15 -2.66 8.08
CGD CLA SG . -38.50 -3.47 6.86
O1D CLA SG . -39.61 -3.84 6.49
O2D CLA SG . -37.41 -3.82 6.11
CED CLA SG . -37.64 -4.21 4.76
C1 CLA SG . -40.73 4.20 8.87
C2 CLA SG . -40.19 5.55 9.14
C3 CLA SG . -40.11 6.06 10.38
C4 CLA SG . -40.55 5.30 11.57
C5 CLA SG . -39.57 7.43 10.61
MG CLA TG . -34.43 8.26 1.59
CHA CLA TG . -36.61 5.63 1.02
CHB CLA TG . -33.74 8.44 -1.73
CHC CLA TG . -32.36 10.95 2.22
CHD CLA TG . -35.06 7.96 5.05
NA CLA TG . -35.09 7.20 -0.07
C1A CLA TG . -36.02 6.16 -0.10
C2A CLA TG . -36.22 5.66 -1.53
C3A CLA TG . -35.19 6.47 -2.35
C4A CLA TG . -34.64 7.46 -1.33
CMA CLA TG . -34.11 5.59 -2.93
CAA CLA TG . -37.63 5.98 -2.00
CBA CLA TG . -37.84 7.48 -2.07
CGA CLA TG . -39.28 7.83 -2.21
O1A CLA TG . -40.25 7.09 -2.36
O2A CLA TG . -39.51 9.19 -2.14
NB CLA TG . -33.29 9.47 0.46
C1B CLA TG . -33.14 9.39 -0.89
C2B CLA TG . -32.22 10.44 -1.37
C3B CLA TG . -31.82 11.17 -0.26
C4B CLA TG . -32.50 10.54 0.92
CMB CLA TG . -31.88 10.59 -2.78
CAB CLA TG . -30.94 12.29 -0.12
CBB CLA TG . -29.96 12.65 -0.95
NC CLA TG . -33.85 9.28 3.33
C1C CLA TG . -33.00 10.36 3.36
C2C CLA TG . -32.82 10.81 4.73
C3C CLA TG . -33.57 9.97 5.53
C4C CLA TG . -34.21 9.00 4.64
CMC CLA TG . -31.99 11.95 5.13
CAC CLA TG . -33.73 10.02 7.00
CBC CLA TG . -32.95 8.94 7.72
ND CLA TG . -35.55 7.11 2.82
C1D CLA TG . -35.67 7.06 4.23
C2D CLA TG . -36.55 5.94 4.59
C3D CLA TG . -37.00 5.38 3.40
C4D CLA TG . -36.32 6.15 2.32
CMD CLA TG . -36.86 5.57 5.98
CAD CLA TG . -37.81 4.35 2.76
OBD CLA TG . -38.56 3.53 3.25
CBD CLA TG . -37.55 4.46 1.23
CGD CLA TG . -36.97 3.19 0.66
O1D CLA TG . -35.78 2.91 0.52
O2D CLA TG . -37.90 2.28 0.28
CED CLA TG . -37.46 1.17 -0.52
C1 CLA TG . -40.61 9.62 -1.33
C2 CLA TG . -40.63 11.10 -1.37
C3 CLA TG . -41.11 11.84 -0.36
C4 CLA TG . -41.64 11.22 0.88
C5 CLA TG . -41.13 13.33 -0.43
C6 CLA TG . -40.59 13.98 0.84
C7 CLA TG . -40.39 15.47 0.64
C8 CLA TG . -40.01 16.18 1.94
C9 CLA TG . -40.98 15.81 3.04
C10 CLA TG . -40.00 17.69 1.74
MG CLA UG . -24.36 21.51 0.93
CHA CLA UG . -24.69 18.40 -0.57
CHB CLA UG . -21.73 22.21 -1.11
CHC CLA UG . -24.18 24.63 2.36
CHD CLA UG . -27.08 20.72 3.05
NA CLA UG . -23.37 20.45 -0.56
C1A CLA UG . -23.67 19.16 -1.05
C2A CLA UG . -22.67 18.75 -2.14
C3A CLA UG . -21.65 19.91 -2.14
C4A CLA UG . -22.28 20.95 -1.22
CMA CLA UG . -20.31 19.44 -1.63
CAA CLA UG . -23.33 18.61 -3.50
CBA CLA UG . -22.34 18.13 -4.55
CGA CLA UG . -21.82 16.77 -4.17
O1A CLA UG . -22.35 15.94 -3.42
O2A CLA UG . -20.64 16.46 -4.76
NB CLA UG . -23.14 23.10 0.71
C1B CLA UG . -22.22 23.24 -0.28
C2B CLA UG . -21.76 24.66 -0.34
C3B CLA UG . -22.44 25.34 0.63
C4B CLA UG . -23.33 24.36 1.33
CMB CLA UG . -20.76 25.14 -1.30
CAB CLA UG . -22.38 26.73 1.01
CBB CLA UG . -23.21 27.68 0.58
NC CLA UG . -25.42 22.48 2.46
C1C CLA UG . -25.15 23.75 2.89
C2C CLA UG . -26.05 24.09 4.00
C3C CLA UG . -26.90 23.00 4.17
C4C CLA UG . -26.49 21.98 3.20
CMC CLA UG . -26.05 25.37 4.71
CAC CLA UG . -27.98 22.87 5.16
CBC CLA UG . -27.50 22.25 6.45
ND CLA UG . -25.62 19.96 1.23
C1D CLA UG . -26.71 19.77 2.13
C2D CLA UG . -27.29 18.43 1.90
C3D CLA UG . -26.57 17.86 0.87
C4D CLA UG . -25.54 18.85 0.49
CMD CLA UG . -28.42 17.87 2.65
CAD CLA UG . -26.39 16.71 0.02
OBD CLA UG . -27.02 15.65 -0.01
CBD CLA UG . -25.19 17.02 -0.93
CGD CLA UG . -24.10 15.98 -0.83
O1D CLA UG . -23.10 16.01 -0.11
O2D CLA UG . -24.30 14.91 -1.64
CED CLA UG . -23.76 13.66 -1.22
C1 CLA UG . -20.24 15.07 -4.68
C2 CLA UG . -19.42 14.78 -5.87
C3 CLA UG . -19.50 13.62 -6.54
C4 CLA UG . -20.42 12.54 -6.11
C5 CLA UG . -18.66 13.35 -7.74
C6 CLA UG . -17.92 14.57 -8.25
C7 CLA UG . -17.22 14.26 -9.55
C8 CLA UG . -15.92 15.03 -9.71
C9 CLA UG . -16.16 16.52 -9.61
C10 CLA UG . -15.25 14.68 -11.03
C11 CLA UG . -14.00 15.48 -11.27
C12 CLA UG . -13.14 14.89 -12.37
C13 CLA UG . -12.36 13.69 -11.88
C14 CLA UG . -11.04 14.11 -11.28
C15 CLA UG . -12.12 12.68 -12.99
C16 CLA UG . -11.32 13.29 -14.11
C17 CLA UG . -10.73 12.23 -15.03
C18 CLA UG . -11.18 12.40 -16.47
C19 CLA UG . -10.41 13.49 -17.18
C20 CLA UG . -12.67 12.68 -16.54
MG CLA VG . -15.73 26.65 -0.99
CHA CLA VG . -16.34 29.99 -1.73
CHB CLA VG . -18.51 26.59 0.98
CHC CLA VG . -15.15 23.33 -0.37
CHD CLA VG . -12.81 26.79 -2.97
NA CLA VG . -17.18 28.07 -0.49
C1A CLA VG . -17.25 29.40 -0.91
C2A CLA VG . -18.50 30.08 -0.31
C3A CLA VG . -19.06 29.02 0.66
C4A CLA VG . -18.22 27.79 0.36
CMA CLA VG . -18.92 29.46 2.10
CAA CLA VG . -19.50 30.35 -1.42
CBA CLA VG . -19.73 29.16 -2.31
CGA CLA VG . -20.96 29.36 -3.14
O1A CLA VG . -21.15 30.17 -4.06
O2A CLA VG . -21.99 28.53 -2.79
NB CLA VG . -16.62 25.24 0.15
C1B CLA VG . -17.80 25.39 0.80
C2B CLA VG . -18.26 24.07 1.32
C3B CLA VG . -17.31 23.14 0.94
C4B CLA VG . -16.26 23.88 0.18
CMB CLA VG . -19.50 23.90 2.08
CAB CLA VG . -17.26 21.72 1.17
CBB CLA VG . -18.27 20.88 0.96
NC CLA VG . -14.24 25.32 -1.57
C1C CLA VG . -14.20 23.99 -1.19
C2C CLA VG . -13.02 23.35 -1.77
C3C CLA VG . -12.35 24.33 -2.49
C4C CLA VG . -13.12 25.56 -2.37
CMC CLA VG . -12.68 21.95 -1.58
CAC CLA VG . -11.10 24.17 -3.25
CBC CLA VG . -11.35 23.61 -4.63
ND CLA VG . -14.79 28.00 -2.17
C1D CLA VG . -13.56 27.93 -2.90
C2D CLA VG . -13.32 29.25 -3.52
C3D CLA VG . -14.35 30.07 -3.13
C4D CLA VG . -15.23 29.25 -2.26
CMD CLA VG . -12.18 29.55 -4.40
CAD CLA VG . -14.94 31.40 -3.21
OBD CLA VG . -14.58 32.36 -3.87
CBD CLA VG . -16.18 31.41 -2.27
CGD CLA VG . -15.98 32.45 -1.20
O1D CLA VG . -15.16 33.39 -1.22
O2D CLA VG . -16.78 32.34 -0.11
CED CLA VG . -16.28 32.83 1.14
C1 CLA VG . -22.86 28.07 -3.84
C2 CLA VG . -23.89 27.23 -3.17
C3 CLA VG . -24.94 26.69 -3.80
C4 CLA VG . -25.19 26.87 -5.25
C5 CLA VG . -25.92 25.86 -3.05
C6 CLA VG . -25.34 24.54 -2.60
C7 CLA VG . -25.76 24.18 -1.19
C8 CLA VG . -27.26 24.00 -1.05
C9 CLA VG . -27.81 24.99 -0.04
C10 CLA VG . -27.62 22.58 -0.65
C11 CLA VG . -29.06 22.46 -0.22
C12 CLA VG . -29.44 21.05 0.20
C13 CLA VG . -30.88 21.00 0.70
C14 CLA VG . -30.95 21.33 2.17
C15 CLA VG . -31.51 19.63 0.42
C16 CLA VG . -32.91 19.53 0.99
C17 CLA VG . -33.91 20.30 0.15
C18 CLA VG . -35.33 20.11 0.67
C19 CLA VG . -35.73 18.64 0.68
C20 CLA VG . -36.31 20.91 -0.16
MG CLA WG . -26.26 14.90 30.27
CHA CLA WG . -26.05 14.85 33.73
CHB CLA WG . -23.55 12.84 30.09
CHC CLA WG . -26.63 14.81 26.86
CHD CLA WG . -29.06 17.04 30.51
NA CLA WG . -25.01 14.03 31.69
C1A CLA WG . -25.11 14.11 33.09
C2A CLA WG . -24.00 13.30 33.76
C3A CLA WG . -23.11 12.86 32.59
C4A CLA WG . -23.94 13.24 31.36
CMA CLA WG . -21.80 13.60 32.61
CAA CLA WG . -24.59 12.11 34.49
CBA CLA WG . -25.51 11.30 33.58
CGA CLA WG . -26.26 10.26 34.34
O1A CLA WG . -27.27 10.40 35.05
O2A CLA WG . -25.73 9.01 34.21
NB CLA WG . -25.28 14.00 28.76
C1B CLA WG . -24.21 13.17 28.90
C2B CLA WG . -23.80 12.66 27.56
C3B CLA WG . -24.66 13.21 26.64
C4B CLA WG . -25.61 14.07 27.39
CMB CLA WG . -22.68 11.75 27.34
CAB CLA WG . -24.70 13.04 25.21
CBB CLA WG . -24.52 14.02 24.32
NC CLA WG . -27.58 15.79 28.93
C1C CLA WG . -27.54 15.62 27.57
C2C CLA WG . -28.62 16.38 26.94
C3C CLA WG . -29.32 17.00 27.97
C4C CLA WG . -28.67 16.63 29.22
CMC CLA WG . -28.88 16.43 25.50
CAC CLA WG . -30.51 17.88 27.84
CBC CLA WG . -31.78 17.14 28.18
ND CLA WG . -27.31 15.84 31.72
C1D CLA WG . -28.45 16.68 31.69
C2D CLA WG . -28.80 17.07 33.08
C3D CLA WG . -27.91 16.40 33.90
C4D CLA WG . -27.01 15.63 33.00
CMD CLA WG . -29.90 17.97 33.43
CAD CLA WG . -27.47 16.17 35.26
OBD CLA WG . -27.86 16.66 36.32
CBD CLA WG . -26.31 15.12 35.19
CGD CLA WG . -25.07 15.57 35.91
O1D CLA WG . -24.27 16.43 35.56
O2D CLA WG . -24.85 14.91 37.09
CED CLA WG . -24.02 15.55 38.06
C1 CLA WG . -26.40 8.11 33.31
C2 CLA WG . -25.65 6.83 33.35
C3 CLA WG . -25.80 5.86 32.44
C4 CLA WG . -26.76 5.97 31.31
C5 CLA WG . -25.02 4.60 32.52
MG CLA XG . -31.62 14.60 38.49
CHA CLA XG . -30.56 13.23 41.50
CHB CLA XG . -29.23 12.84 36.85
CHC CLA XG . -32.70 16.01 35.55
CHD CLA XG . -34.00 16.53 40.28
NA CLA XG . -30.15 13.25 39.09
C1A CLA XG . -29.88 12.80 40.39
C2A CLA XG . -28.71 11.80 40.39
C3A CLA XG . -28.25 11.78 38.91
C4A CLA XG . -29.28 12.67 38.21
CMA CLA XG . -26.85 12.31 38.75
CAA CLA XG . -29.19 10.43 40.81
CBA CLA XG . -30.35 9.98 39.95
CGA CLA XG . -30.87 8.65 40.43
O1A CLA XG . -30.56 8.02 41.43
O2A CLA XG . -31.80 8.11 39.59
NB CLA XG . -31.03 14.50 36.57
C1B CLA XG . -30.11 13.63 36.08
C2B CLA XG . -30.14 13.63 34.60
C3B CLA XG . -31.12 14.52 34.22
C4B CLA XG . -31.70 15.09 35.47
CMB CLA XG . -29.25 12.79 33.79
CAB CLA XG . -31.56 14.90 32.91
CBB CLA XG . -32.79 14.70 32.42
NC CLA XG . -33.09 16.00 38.01
C1C CLA XG . -33.36 16.43 36.73
C2C CLA XG . -34.44 17.42 36.77
C3C CLA XG . -34.81 17.58 38.11
C4C CLA XG . -33.95 16.68 38.88
CMC CLA XG . -35.00 18.10 35.59
CAC CLA XG . -35.84 18.47 38.64
CBC CLA XG . -37.11 17.73 38.99
ND CLA XG . -32.27 14.79 40.40
C1D CLA XG . -33.22 15.65 41.00
C2D CLA XG . -33.21 15.44 42.47
C3D CLA XG . -32.24 14.50 42.71
C4D CLA XG . -31.65 14.16 41.40
CMD CLA XG . -34.10 16.12 43.41
CAD CLA XG . -31.53 13.71 43.71
OBD CLA XG . -31.74 13.62 44.92
CBD CLA XG . -30.39 12.96 42.97
CGD CLA XG . -29.05 13.44 43.46
O1D CLA XG . -28.81 14.47 44.10
O2D CLA XG . -28.02 12.61 43.16
CED CLA XG . -26.94 12.56 44.09
MG CLA YG . -16.23 14.60 21.95
CHA CLA YG . -18.68 16.39 23.63
CHB CLA YG . -18.66 12.91 20.25
CHC CLA YG . -13.79 12.84 20.30
CHD CLA YG . -13.76 16.33 23.78
NA CLA YG . -18.33 14.66 21.96
C1A CLA YG . -19.16 15.48 22.72
C2A CLA YG . -20.64 15.20 22.42
C3A CLA YG . -20.59 14.05 21.38
C4A CLA YG . -19.09 13.85 21.15
CMA CLA YG . -21.24 12.80 21.90
CAA CLA YG . -21.40 16.39 21.88
CBA CLA YG . -22.84 16.32 22.37
CGA CLA YG . -23.75 17.13 21.51
O1A CLA YG . -23.55 18.24 20.99
O2A CLA YG . -24.96 16.53 21.28
NB CLA YG . -16.22 13.15 20.55
C1B CLA YG . -17.31 12.61 19.95
C2B CLA YG . -16.89 11.63 18.91
C3B CLA YG . -15.51 11.60 18.92
C4B CLA YG . -15.07 12.57 19.97
CMB CLA YG . -17.85 10.89 18.10
CAB CLA YG . -14.56 10.85 18.14
CBB CLA YG . -14.75 9.63 17.64
NC CLA YG . -14.15 14.60 22.03
C1C CLA YG . -13.35 13.79 21.27
C2C CLA YG . -11.95 14.04 21.59
C3C CLA YG . -11.93 15.03 22.58
C4C CLA YG . -13.32 15.37 22.84
CMC CLA YG . -10.80 13.35 20.97
CAC CLA YG . -10.74 15.60 23.24
CBC CLA YG . -10.48 17.02 22.78
ND CLA YG . -16.16 16.04 23.36
C1D CLA YG . -15.08 16.66 24.03
C2D CLA YG . -15.61 17.65 24.99
C3D CLA YG . -16.98 17.58 24.88
C4D CLA YG . -17.28 16.57 23.86
CMD CLA YG . -14.80 18.48 25.87
CAD CLA YG . -18.25 18.09 25.36
OBD CLA YG . -18.47 18.93 26.22
CBD CLA YG . -19.38 17.34 24.58
CGD CLA YG . -20.30 16.60 25.50
O1D CLA YG . -21.52 16.75 25.64
O2D CLA YG . -19.67 15.65 26.26
CED CLA YG . -20.48 14.64 26.87
C1 CLA YG . -26.13 17.37 21.42
C2 CLA YG . -27.31 16.56 21.01
C3 CLA YG . -28.56 16.98 21.19
C4 CLA YG . -28.88 18.29 21.79
C5 CLA YG . -29.72 16.14 20.75
C6 CLA YG . -30.89 16.21 21.71
MG CLA ZG . -23.91 17.74 13.43
CHA CLA ZG . -22.75 18.34 16.64
CHB CLA ZG . -22.81 14.52 13.64
CHC CLA ZG . -25.20 17.15 10.31
CHD CLA ZG . -25.05 21.08 13.27
NA CLA ZG . -22.91 16.63 14.90
C1A CLA ZG . -22.52 17.06 16.17
C2A CLA ZG . -21.85 15.94 16.95
C3A CLA ZG . -21.78 14.78 15.93
C4A CLA ZG . -22.56 15.33 14.73
CMA CLA ZG . -20.35 14.43 15.57
CAA CLA ZG . -22.70 15.54 18.14
CBA CLA ZG . -24.08 15.07 17.74
CGA CLA ZG . -25.07 16.19 17.71
O1A CLA ZG . -25.12 17.21 18.41
O2A CLA ZG . -26.03 16.03 16.75
NB CLA ZG . -24.00 16.13 12.21
C1B CLA ZG . -23.51 14.90 12.48
C2B CLA ZG . -23.78 13.99 11.34
C3B CLA ZG . -24.46 14.72 10.39
C4B CLA ZG . -24.60 16.11 10.93
CMB CLA ZG . -23.36 12.58 11.34
CAB CLA ZG . -24.97 14.36 9.09
CBB CLA ZG . -25.48 13.17 8.74
NC CLA ZG . -24.91 18.91 12.03
C1C CLA ZG . -25.35 18.47 10.81
C2C CLA ZG . -26.02 19.55 10.10
C3C CLA ZG . -25.98 20.67 10.94
C4C CLA ZG . -25.29 20.26 12.15
CMC CLA ZG . -26.60 19.44 8.76
CAC CLA ZG . -26.53 22.00 10.66
CBC CLA ZG . -27.88 22.21 11.32
ND CLA ZG . -23.87 19.39 14.60
C1D CLA ZG . -24.40 20.70 14.42
C2D CLA ZG . -24.13 21.50 15.63
C3D CLA ZG . -23.49 20.64 16.53
C4D CLA ZG . -23.37 19.34 15.83
CMD CLA ZG . -24.49 22.90 15.81
CAD CLA ZG . -22.90 20.48 17.85
OBD CLA ZG . -22.79 21.30 18.74
CBD CLA ZG . -22.43 19.01 17.96
CGD CLA ZG . -20.99 18.85 18.36
O1D CLA ZG . -20.51 18.05 19.17
O2D CLA ZG . -20.13 19.71 17.75
CED CLA ZG . -18.77 19.68 18.15
C1 CLA ZG . -26.21 17.12 15.82
C2 CLA ZG . -27.63 17.54 15.92
C3 CLA ZG . -28.38 17.84 14.85
C4 CLA ZG . -29.81 18.25 14.98
C5 CLA ZG . -27.81 17.78 13.47
C6 CLA ZG . -28.86 17.78 12.37
C7 CLA ZG . -29.22 16.37 11.95
C8 CLA ZG . -30.12 16.36 10.72
C9 CLA ZG . -31.17 15.28 10.83
C10 CLA ZG . -29.29 16.16 9.45
C11 CLA ZG . -30.16 16.26 8.21
C12 CLA ZG . -29.31 16.38 6.95
C13 CLA ZG . -30.14 16.96 5.81
C14 CLA ZG . -30.61 18.35 6.15
C15 CLA ZG . -31.32 16.05 5.48
C16 CLA ZG . -32.30 16.74 4.54
C17 CLA ZG . -32.18 16.21 3.12
C18 CLA ZG . -32.99 14.93 2.89
C19 CLA ZG . -33.23 14.70 1.42
C20 CLA ZG . -34.30 14.98 3.64
MG CLA AH . -25.99 7.94 11.54
CHA CLA AH . -24.37 9.13 14.37
CHB CLA AH . -24.54 4.89 12.00
CHC CLA AH . -27.58 6.82 8.72
CHD CLA AH . -27.33 11.17 11.02
NA CLA AH . -24.68 7.16 12.98
C1A CLA AH . -24.12 7.82 14.08
C2A CLA AH . -23.20 6.88 14.86
C3A CLA AH . -23.25 5.56 14.06
C4A CLA AH . -24.23 5.86 12.93
CMA CLA AH . -21.91 5.14 13.53
CAA CLA AH . -23.63 6.68 16.30
CBA CLA AH . -25.10 6.35 16.45
CGA CLA AH . -25.47 6.51 17.89
O1A CLA AH . -25.23 7.46 18.64
O2A CLA AH . -26.18 5.45 18.39
NB CLA AH . -25.98 6.21 10.50
C1B CLA AH . -25.42 5.05 10.93
C2B CLA AH . -25.88 3.92 10.07
C3B CLA AH . -26.74 4.45 9.13
C4B CLA AH . -26.82 5.92 9.40
CMB CLA AH . -25.46 2.53 10.27
CAB CLA AH . -27.47 3.78 8.09
CBB CLA AH . -27.54 4.17 6.81
NC CLA AH . -27.25 8.83 10.14
C1C CLA AH . -27.80 8.18 9.06
C2C CLA AH . -28.63 9.10 8.30
C3C CLA AH . -28.55 10.34 8.93
C4C CLA AH . -27.67 10.16 10.08
CMC CLA AH . -29.39 8.74 7.10
CAC CLA AH . -29.21 11.59 8.53
CBC CLA AH . -30.43 11.89 9.36
ND CLA AH . -26.03 9.71 12.51
C1D CLA AH . -26.58 10.97 12.15
C2D CLA AH . -26.21 11.98 13.18
C3D CLA AH . -25.39 11.31 14.07
C4D CLA AH . -25.28 9.92 13.58
CMD CLA AH . -26.66 13.37 13.20
CAD CLA AH . -24.62 11.40 15.30
OBD CLA AH . -24.54 12.31 16.11
CBD CLA AH . -23.84 10.06 15.44
CGD CLA AH . -22.36 10.26 15.28
O1D CLA AH . -21.79 11.08 14.56
O2D CLA AH . -21.59 9.44 16.04
CED CLA AH . -20.20 9.36 15.74
C1 CLA AH . -26.40 5.43 19.82
C2 CLA AH . -27.64 6.22 20.07
C3 CLA AH . -27.68 7.23 20.95
C4 CLA AH . -26.49 7.63 21.74
C5 CLA AH . -28.93 7.99 21.19
C6 CLA AH . -30.14 7.12 21.46
C7 CLA AH . -31.18 7.89 22.24
C8 CLA AH . -32.51 7.16 22.36
C9 CLA AH . -33.40 7.88 23.36
C10 CLA AH . -32.31 5.70 22.77
C11 CLA AH . -33.55 5.11 23.41
C12 CLA AH . -33.57 3.60 23.30
C13 CLA AH . -34.57 2.97 24.26
C14 CLA AH . -35.99 3.34 23.89
C15 CLA AH . -34.28 3.37 25.71
C16 CLA AH . -33.44 2.34 26.41
C17 CLA AH . -31.97 2.70 26.42
C18 CLA AH . -31.11 1.63 27.06
C19 CLA AH . -31.74 1.10 28.33
C20 CLA AH . -29.73 2.16 27.36
MG CLA BH . 18.62 -19.08 -0.83
CHA CLA BH . 19.23 -16.96 -3.51
CHB CLA BH . 21.53 -20.72 -1.48
CHC CLA BH . 18.08 -21.01 1.95
CHD CLA BH . 15.60 -17.36 -0.24
NA CLA BH . 20.11 -18.87 -2.28
C1A CLA BH . 20.19 -17.91 -3.29
C2A CLA BH . 21.46 -18.11 -4.12
C3A CLA BH . 22.04 -19.43 -3.58
C4A CLA BH . 21.19 -19.70 -2.33
CMA CLA BH . 21.81 -20.53 -4.58
CAA CLA BH . 22.44 -16.96 -3.89
CBA CLA BH . 22.79 -16.76 -2.42
CGA CLA BH . 21.83 -15.81 -1.78
O1A CLA BH . 21.33 -14.79 -2.26
O2A CLA BH . 21.47 -16.15 -0.51
NB CLA BH . 19.64 -20.55 0.10
C1B CLA BH . 20.80 -21.10 -0.33
C2B CLA BH . 21.20 -22.21 0.57
C3B CLA BH . 20.24 -22.30 1.53
C4B CLA BH . 19.22 -21.25 1.25
CMB CLA BH . 22.41 -23.01 0.36
CAB CLA BH . 20.13 -23.23 2.63
CBB CLA BH . 20.15 -22.90 3.92
NC CLA BH . 17.09 -19.18 0.58
C1C CLA BH . 17.07 -20.05 1.63
C2C CLA BH . 15.87 -19.83 2.43
C3C CLA BH . 15.16 -18.81 1.81
C4C CLA BH . 15.94 -18.40 0.65
CMC CLA BH . 15.52 -20.57 3.64
CAC CLA BH . 13.88 -18.21 2.25
CBC CLA BH . 14.06 -16.89 2.95
ND CLA BH . 17.55 -17.59 -1.69
C1D CLA BH . 16.34 -16.96 -1.33
C2D CLA BH . 16.06 -15.86 -2.29
C3D CLA BH . 17.13 -15.82 -3.14
C4D CLA BH . 18.05 -16.90 -2.72
CMD CLA BH . 14.86 -15.01 -2.26
CAD CLA BH . 17.73 -15.18 -4.31
OBD CLA BH . 17.30 -14.29 -5.03
CBD CLA BH . 19.14 -15.84 -4.52
CGD CLA BH . 19.33 -16.35 -5.94
O1D CLA BH . 18.53 -17.01 -6.61
O2D CLA BH . 20.53 -16.01 -6.48
CED CLA BH . 21.08 -16.89 -7.45
C1 CLA BH . 20.11 -15.81 -0.14
C2 CLA BH . 19.94 -16.11 1.30
C3 CLA BH . 18.93 -15.57 2.01
C4 CLA BH . 17.94 -14.65 1.39
C5 CLA BH . 18.75 -15.87 3.46
C6 CLA BH . 18.54 -17.34 3.74
C7 CLA BH . 17.90 -17.53 5.10
C8 CLA BH . 18.68 -18.47 6.01
C9 CLA BH . 20.01 -17.86 6.41
C10 CLA BH . 18.91 -19.82 5.33
C11 CLA BH . 18.18 -20.92 6.06
C12 CLA BH . 19.09 -21.70 6.98
C13 CLA BH . 18.51 -23.08 7.26
C14 CLA BH . 17.33 -22.99 8.20
C15 CLA BH . 19.57 -24.04 7.81
C16 CLA BH . 18.96 -25.37 8.18
C17 CLA BH . 19.91 -26.52 7.92
C18 CLA BH . 20.03 -27.43 9.12
C19 CLA BH . 21.07 -28.51 8.89
C20 CLA BH . 18.70 -28.05 9.46
MG CLA CH . 6.83 -9.63 8.91
CHA CLA CH . 3.81 -11.23 9.47
CHB CLA CH . 6.39 -7.81 11.76
CHC CLA CH . 9.87 -8.14 8.36
CHD CLA CH . 7.18 -11.45 5.90
NA CLA CH . 5.32 -9.55 10.36
C1A CLA CH . 4.14 -10.31 10.42
C2A CLA CH . 3.33 -9.94 11.65
C3A CLA CH . 4.11 -8.78 12.28
C4A CLA CH . 5.38 -8.70 11.43
CMA CLA CH . 3.32 -7.49 12.24
CAA CLA CH . 3.26 -11.11 12.62
CBA CLA CH . 4.60 -11.81 12.73
CGA CLA CH . 5.12 -11.73 14.13
O1A CLA CH . 5.02 -10.82 14.94
O2A CLA CH . 5.79 -12.86 14.50
NB CLA CH . 7.91 -8.22 9.87
C1B CLA CH . 7.60 -7.64 11.04
C2B CLA CH . 8.70 -6.75 11.49
C3B CLA CH . 9.69 -6.83 10.54
C4B CLA CH . 9.20 -7.78 9.49
CMB CLA CH . 8.65 -5.98 12.73
CAB CLA CH . 10.98 -6.18 10.50
CBB CLA CH . 11.52 -5.56 9.46
NC CLA CH . 8.26 -9.77 7.39
C1C CLA CH . 9.43 -9.07 7.37
C2C CLA CH . 10.19 -9.42 6.18
C3C CLA CH . 9.44 -10.36 5.47
C4C CLA CH . 8.22 -10.57 6.25
CMC CLA CH . 11.51 -8.87 5.83
CAC CLA CH . 9.78 -11.01 4.20
CBC CLA CH . 9.14 -10.34 3.00
ND CLA CH . 5.80 -11.03 7.88
C1D CLA CH . 6.05 -11.69 6.65
C2D CLA CH . 4.93 -12.62 6.36
C3D CLA CH . 4.06 -12.51 7.43
C4D CLA CH . 4.64 -11.49 8.33
CMD CLA CH . 4.85 -13.47 5.18
CAD CLA CH . 2.81 -12.95 8.01
OBD CLA CH . 2.02 -13.80 7.61
CBD CLA CH . 2.59 -12.12 9.31
CGD CLA CH . 1.33 -11.32 9.27
O1D CLA CH . 1.20 -10.10 9.26
O2D CLA CH . 0.19 -12.09 9.21
CED CLA CH . -1.07 -11.41 9.23
C1 CLA CH . 6.76 -12.72 15.55
C2 CLA CH . 7.14 -14.09 15.94
C3 CLA CH . 7.77 -14.37 17.10
C4 CLA CH . 8.14 -13.32 18.08
C5 CLA CH . 8.12 -15.78 17.45
C6 CLA CH . 9.61 -15.95 17.71
C7 CLA CH . 10.41 -15.74 16.43
C8 CLA CH . 11.90 -15.79 16.71
C9 CLA CH . 12.32 -17.19 17.10
C10 CLA CH . 12.30 -14.79 17.79
C11 CLA CH . 13.76 -14.92 18.16
C12 CLA CH . 14.39 -13.59 18.50
C13 CLA CH . 15.90 -13.71 18.55
C14 CLA CH . 16.41 -13.55 19.97
C15 CLA CH . 16.56 -12.70 17.63
C16 CLA CH . 17.75 -13.32 16.91
C17 CLA CH . 18.48 -12.31 16.04
C18 CLA CH . 19.61 -12.97 15.28
C19 CLA CH . 20.32 -11.97 14.38
C20 CLA CH . 20.61 -13.59 16.23
C1 PQN DH . 4.47 -9.68 -1.90
O1 PQN DH . 4.67 -8.45 -1.92
C2 PQN DH . 5.59 -10.61 -1.64
C2M PQN DH . 6.96 -10.05 -1.38
C3 PQN DH . 5.36 -12.09 -1.63
C4 PQN DH . 4.00 -12.61 -1.88
O4 PQN DH . 3.79 -13.84 -1.87
C5 PQN DH . 2.87 -11.68 -2.15
C6 PQN DH . 1.58 -12.15 -2.40
C7 PQN DH . 0.55 -11.26 -2.64
C8 PQN DH . 0.78 -9.88 -2.65
C9 PQN DH . 2.05 -9.36 -2.42
C10 PQN DH . 3.11 -10.22 -2.16
C11 PQN DH . 6.50 -13.03 -1.36
C12 PQN DH . 6.66 -13.11 0.15
C13 PQN DH . 7.05 -14.23 0.77
C14 PQN DH . 7.34 -15.48 0.00
C15 PQN DH . 7.17 -14.19 2.28
C16 PQN DH . 8.49 -14.82 2.73
C17 PQN DH . 8.54 -14.84 4.25
C18 PQN DH . 9.80 -15.49 4.80
C19 PQN DH . 10.12 -16.78 4.05
C20 PQN DH . 9.62 -15.75 6.29
C21 PQN DH . 9.62 -14.46 7.09
C22 PQN DH . 11.05 -13.95 7.31
C23 PQN DH . 11.08 -12.71 8.18
C24 PQN DH . 12.50 -12.21 8.36
C25 PQN DH . 10.42 -13.01 9.52
C26 PQN DH . 9.56 -11.85 9.99
C27 PQN DH . 10.33 -10.91 10.92
C28 PQN DH . 9.99 -11.18 12.39
C29 PQN DH . 10.61 -10.12 13.30
C30 PQN DH . 8.49 -11.25 12.61
MG CLA EH . -43.68 0.08 17.98
CHA CLA EH . -46.27 1.63 16.27
CHB CLA EH . -41.66 2.75 17.32
CHC CLA EH . -41.27 -1.34 19.96
CHD CLA EH . -45.85 -2.61 18.71
NA CLA EH . -43.92 1.85 16.90
C1A CLA EH . -45.09 2.33 16.29
C2A CLA EH . -44.84 3.69 15.62
C3A CLA EH . -43.32 3.91 15.81
C4A CLA EH . -42.91 2.76 16.74
CMA CLA EH . -42.58 3.89 14.50
CAA CLA EH . -45.64 4.75 16.35
CBA CLA EH . -45.31 6.15 15.87
CGA CLA EH . -46.34 7.09 16.43
O1A CLA EH . -46.78 7.16 17.57
O2A CLA EH . -46.81 7.96 15.48
NB CLA EH . -41.81 0.60 18.52
C1B CLA EH . -41.17 1.75 18.19
C2B CLA EH . -39.86 1.82 18.88
C3B CLA EH . -39.74 0.67 19.63
C4B CLA EH . -40.98 -0.13 19.40
CMB CLA EH . -38.95 2.96 18.70
CAB CLA EH . -38.69 0.18 20.49
CBB CLA EH . -37.50 0.74 20.72
NC CLA EH . -43.56 -1.69 19.07
C1C CLA EH . -42.46 -2.08 19.80
C2C CLA EH . -42.73 -3.36 20.45
C3C CLA EH . -44.05 -3.71 20.12
C4C CLA EH . -44.55 -2.65 19.26
CMC CLA EH . -41.79 -4.09 21.30
CAC CLA EH . -44.79 -4.91 20.55
CBC CLA EH . -45.94 -4.58 21.47
ND CLA EH . -45.56 -0.50 17.49
C1D CLA EH . -46.34 -1.61 17.90
C2D CLA EH . -47.70 -1.48 17.33
C3D CLA EH . -47.73 -0.25 16.70
C4D CLA EH . -46.38 0.33 16.86
CMD CLA EH . -48.76 -2.48 17.48
CAD CLA EH . -48.52 0.67 15.91
OBD CLA EH . -49.65 0.54 15.45
CBD CLA EH . -47.65 1.95 15.72
CGD CLA EH . -47.62 2.45 14.30
O1D CLA EH . -47.48 3.61 13.91
O2D CLA EH . -47.77 1.47 13.37
CED CLA EH . -47.95 1.89 12.02
C1 CLA EH . -46.91 9.34 15.90
C2 CLA EH . -46.88 10.16 14.67
C3 CLA EH . -46.69 11.48 14.69
C4 CLA EH . -46.47 12.22 15.95
C5 CLA EH . -46.66 12.28 13.43
C6 CLA EH . -46.94 11.44 12.20
C7 CLA EH . -47.03 12.33 10.98
C8 CLA EH . -47.62 11.60 9.78
C9 CLA EH . -47.12 10.18 9.71
C10 CLA EH . -47.28 12.34 8.49
C11 CLA EH . -48.52 12.63 7.67
C12 CLA EH . -48.22 13.56 6.51
C13 CLA EH . -48.52 15.01 6.87
C14 CLA EH . -49.51 15.61 5.90
C15 CLA EH . -47.27 15.88 6.94
C16 CLA EH . -46.02 15.21 6.41
C17 CLA EH . -44.84 16.16 6.40
C18 CLA EH . -44.06 16.10 7.71
C19 CLA EH . -43.60 17.48 8.14
C20 CLA EH . -42.86 15.18 7.56
O1 LHG FH . -6.40 -24.20 4.25
C1 LHG FH . -7.23 -23.12 3.95
C2 LHG FH . -6.63 -21.86 4.58
O2 LHG FH . -7.28 -21.58 5.77
C3 LHG FH . -6.78 -20.68 3.60
O3 LHG FH . -5.67 -19.86 3.76
P LHG FH . -5.80 -18.28 3.34
O4 LHG FH . -7.26 -17.90 3.28
O5 LHG FH . -5.17 -18.06 2.00
O6 LHG FH . -5.03 -17.34 4.49
C4 LHG FH . -5.40 -15.96 4.55
C5 LHG FH . -4.72 -15.31 5.76
C6 LHG FH . -5.78 -14.89 6.77
O7 LHG FH . -3.83 -16.23 6.37
C7 LHG FH . -2.72 -15.62 6.95
O9 LHG FH . -2.49 -14.48 6.74
C8 LHG FH . -1.77 -16.44 7.86
C9 LHG FH . -0.82 -15.51 8.64
C10 LHG FH . -0.39 -16.11 10.00
O8 LHG FH . -5.57 -15.57 7.96
C23 LHG FH . -6.61 -15.45 8.87
O10 LHG FH . -7.70 -15.14 8.49
C24 LHG FH . -6.35 -15.68 10.37
C11 LHG FH . 1.13 -16.43 10.05
C12 LHG FH . 1.71 -16.22 11.48
C13 LHG FH . 3.28 -16.19 11.50
C14 LHG FH . 3.85 -16.15 12.94
C15 LHG FH . 2.76 -15.93 14.01
C16 LHG FH . 2.93 -14.61 14.79
C17 LHG FH . 2.35 -14.68 16.21
C18 LHG FH . 2.07 -13.29 16.79
C19 LHG FH . 1.96 -13.33 18.31
C20 LHG FH . 1.25 -12.10 18.85
C21 LHG FH . 1.40 -11.97 20.37
C25 LHG FH . -5.79 -14.42 11.02
C26 LHG FH . -5.92 -13.26 10.35
C27 LHG FH . -5.35 -11.92 10.95
C28 LHG FH . -4.96 -10.93 9.83
C29 LHG FH . -6.06 -9.87 9.56
C30 LHG FH . -5.59 -8.44 9.90
C31 LHG FH . -4.41 -8.43 10.89
C32 LHG FH . -4.24 -7.08 11.62
C33 LHG FH . -2.97 -7.06 12.48
C34 LHG FH . -2.78 -5.70 13.21
C35 LHG FH . -1.43 -5.61 13.92
C36 LHG FH . -1.11 -4.17 14.34
C37 LHG FH . -0.41 -4.08 15.70
C38 LHG FH . -0.22 -2.63 16.16
O1 LHG GH . -37.94 -3.81 17.74
C1 LHG GH . -39.20 -3.91 18.33
C2 LHG GH . -40.14 -4.44 17.26
O2 LHG GH . -39.40 -4.79 16.13
C3 LHG GH . -41.14 -3.34 16.90
O3 LHG GH . -40.52 -2.49 15.97
P LHG GH . -41.48 -1.78 14.84
O4 LHG GH . -42.67 -1.16 15.50
O5 LHG GH . -41.93 -2.82 13.84
O6 LHG GH . -40.60 -0.59 14.05
C4 LHG GH . -40.76 0.75 14.50
C5 LHG GH . -39.59 1.57 13.93
C6 LHG GH . -38.91 2.32 15.08
O7 LHG GH . -38.66 0.71 13.33
C7 LHG GH . -38.58 0.86 11.93
O9 LHG GH . -39.56 1.09 11.31
C8 LHG GH . -37.22 0.73 11.23
C9 LHG GH . -37.05 1.78 10.11
C10 LHG GH . -35.70 2.54 10.20
O8 LHG GH . -38.62 3.61 14.64
C23 LHG GH . -37.25 3.83 14.45
O10 LHG GH . -36.45 3.10 14.97
C24 LHG GH . -36.75 4.99 13.58
C11 LHG GH . -35.69 3.81 9.31
C12 LHG GH . -34.41 4.69 9.53
C13 LHG GH . -34.72 6.21 9.49
C25 LHG GH . -35.46 5.60 14.11
C1 BCR HH . -4.09 -11.20 42.06
C2 BCR HH . -3.68 -11.03 40.60
C3 BCR HH . -3.10 -9.66 40.31
C4 BCR HH . -4.15 -8.62 40.64
C5 BCR HH . -4.50 -8.73 42.10
C6 BCR HH . -4.62 -9.93 42.69
C7 BCR HH . -5.27 -10.04 44.02
C8 BCR HH . -6.59 -9.98 44.15
C9 BCR HH . -7.23 -10.10 45.47
C10 BCR HH . -8.57 -10.19 45.54
C11 BCR HH . -9.28 -10.32 46.80
C33 BCR HH . -4.69 -7.48 42.89
C31 BCR HH . -2.89 -11.65 42.89
C32 BCR HH . -5.16 -12.28 42.12
C34 BCR HH . -6.40 -10.13 46.72
C12 BCR HH . -10.61 -10.44 46.74
C13 BCR HH . -11.43 -10.60 47.94
C14 BCR HH . -12.76 -10.69 47.80
C15 BCR HH . -13.67 -10.85 48.92
C16 BCR HH . -14.97 -10.93 48.67
C17 BCR HH . -15.94 -11.10 49.75
C18 BCR HH . -17.26 -11.00 49.50
C19 BCR HH . -18.23 -11.20 50.59
C20 BCR HH . -19.54 -11.05 50.37
C21 BCR HH . -20.45 -11.27 51.48
C22 BCR HH . -21.77 -11.11 51.34
C23 BCR HH . -22.65 -11.36 52.50
C24 BCR HH . -23.91 -10.92 52.52
C25 BCR HH . -24.79 -11.19 53.68
C26 BCR HH . -25.26 -12.42 53.88
C27 BCR HH . -25.78 -12.89 55.22
C28 BCR HH . -25.52 -11.83 56.28
C29 BCR HH . -26.01 -10.50 55.75
C30 BCR HH . -25.12 -10.04 54.61
C35 BCR HH . -10.81 -10.66 49.31
C36 BCR HH . -17.74 -10.70 48.12
C37 BCR HH . -22.36 -10.70 50.03
C38 BCR HH . -25.32 -13.40 52.73
C39 BCR HH . -23.83 -9.46 55.18
C40 BCR HH . -25.83 -8.97 53.78
C1 BCR IH . -6.96 -5.69 32.17
C2 BCR IH . -6.89 -6.35 30.81
C3 BCR IH . -7.83 -5.68 29.81
C4 BCR IH . -9.26 -5.84 30.30
C5 BCR IH . -9.37 -5.23 31.68
C6 BCR IH . -8.39 -5.41 32.58
C7 BCR IH . -8.70 -5.32 34.03
C8 BCR IH . -9.47 -6.25 34.56
C9 BCR IH . -9.82 -6.24 35.99
C10 BCR IH . -10.86 -6.97 36.39
C11 BCR IH . -11.26 -7.03 37.79
C33 BCR IH . -10.57 -4.39 31.99
C31 BCR IH . -6.20 -4.38 32.17
C32 BCR IH . -6.34 -6.64 33.19
C34 BCR IH . -9.03 -5.43 36.98
C12 BCR IH . -12.05 -8.05 38.13
C13 BCR IH . -12.51 -8.24 39.49
C14 BCR IH . -13.26 -9.32 39.77
C15 BCR IH . -13.74 -9.59 41.11
C16 BCR IH . -14.44 -10.69 41.32
C17 BCR IH . -14.93 -10.95 42.67
C18 BCR IH . -15.61 -12.07 42.95
C19 BCR IH . -16.07 -12.27 44.33
C20 BCR IH . -16.57 -13.43 44.74
C21 BCR IH . -16.98 -13.48 46.13
C22 BCR IH . -17.68 -14.51 46.63
C23 BCR IH . -18.06 -14.48 48.05
C24 BCR IH . -18.58 -15.54 48.64
C25 BCR IH . -18.97 -15.51 50.08
C26 BCR IH . -18.03 -15.39 51.04
C27 BCR IH . -18.38 -14.99 52.46
C28 BCR IH . -19.83 -14.53 52.54
C29 BCR IH . -20.72 -15.57 51.87
C30 BCR IH . -20.44 -15.64 50.38
C35 BCR IH . -12.17 -7.25 40.58
C36 BCR IH . -15.92 -13.07 41.88
C37 BCR IH . -18.09 -15.66 45.75
C38 BCR IH . -16.58 -15.67 50.75
C39 BCR IH . -21.18 -14.52 49.68
C40 BCR IH . -20.91 -16.99 49.83
C1 BCR JH . -37.95 10.22 22.15
C2 BCR JH . -38.42 10.87 23.44
C3 BCR JH . -39.37 10.06 24.33
C4 BCR JH . -38.99 8.59 24.33
C5 BCR JH . -39.11 8.17 22.90
C6 BCR JH . -38.31 8.75 22.01
C7 BCR JH . -37.70 8.00 20.88
C8 BCR JH . -37.20 6.78 21.05
C9 BCR JH . -36.59 6.05 19.94
C10 BCR JH . -36.04 4.86 20.19
C11 BCR JH . -35.41 4.06 19.15
C33 BCR JH . -40.14 7.15 22.52
C31 BCR JH . -36.43 10.33 22.06
C32 BCR JH . -38.57 10.94 20.96
C34 BCR JH . -36.58 6.62 18.55
C12 BCR JH . -34.87 2.91 19.53
C13 BCR JH . -34.19 2.02 18.59
C14 BCR JH . -33.55 0.95 19.07
C15 BCR JH . -32.84 0.02 18.20
C16 BCR JH . -32.11 -0.92 18.77
C17 BCR JH . -31.38 -1.84 17.92
C18 BCR JH . -30.57 -2.76 18.45
C19 BCR JH . -29.85 -3.67 17.54
C20 BCR JH . -29.10 -4.66 18.01
C21 BCR JH . -28.43 -5.48 17.00
C22 BCR JH . -27.76 -6.58 17.33
C23 BCR JH . -27.12 -7.34 16.24
C24 BCR JH . -26.35 -8.39 16.49
C25 BCR JH . -25.73 -9.13 15.38
C26 BCR JH . -24.67 -8.61 14.74
C27 BCR JH . -24.19 -9.21 13.43
C28 BCR JH . -24.24 -10.71 13.57
C29 BCR JH . -25.68 -11.13 13.80
C30 BCR JH . -26.31 -10.49 15.03
C35 BCR JH . -34.19 2.29 17.12
C36 BCR JH . -30.41 -2.87 19.94
C37 BCR JH . -27.66 -7.04 18.75
C38 BCR JH . -23.93 -7.43 15.29
C39 BCR JH . -26.10 -11.39 16.26
C40 BCR JH . -27.80 -10.35 14.78
C1 BCR KH . -21.03 -2.78 12.21
C2 BCR KH . -21.16 -3.79 11.09
C3 BCR KH . -22.19 -4.84 11.47
C4 BCR KH . -21.64 -5.67 12.61
C5 BCR KH . -21.08 -4.79 13.70
C6 BCR KH . -20.91 -3.47 13.55
C7 BCR KH . -20.59 -2.61 14.71
C8 BCR KH . -21.54 -2.30 15.59
C9 BCR KH . -21.26 -1.44 16.76
C10 BCR KH . -22.28 -1.10 17.55
C11 BCR KH . -22.10 -0.24 18.72
C33 BCR KH . -20.67 -5.46 14.98
C31 BCR KH . -22.26 -1.89 12.22
C32 BCR KH . -19.79 -1.92 12.01
C34 BCR KH . -19.87 -0.94 17.03
C12 BCR KH . -23.23 0.16 19.31
C13 BCR KH . -23.26 1.03 20.49
C14 BCR KH . -24.44 1.50 20.90
C15 BCR KH . -24.53 2.39 22.05
C16 BCR KH . -25.73 2.85 22.40
C17 BCR KH . -25.84 3.75 23.54
C18 BCR KH . -27.05 4.15 23.95
C19 BCR KH . -27.14 5.08 25.10
C20 BCR KH . -28.32 5.55 25.48
C21 BCR KH . -28.38 6.47 26.61
C22 BCR KH . -29.47 7.23 26.77
C23 BCR KH . -29.55 8.19 27.89
C24 BCR KH . -29.58 9.48 27.56
C25 BCR KH . -29.67 10.57 28.56
C26 BCR KH . -30.83 11.21 28.68
C27 BCR KH . -30.88 12.65 29.17
C28 BCR KH . -29.86 12.81 30.28
C29 BCR KH . -28.48 12.39 29.80
C30 BCR KH . -28.45 10.92 29.38
C35 BCR KH . -22.00 1.40 21.20
C36 BCR KH . -28.29 3.70 23.26
C37 BCR KH . -30.62 7.11 25.82
C38 BCR KH . -32.12 10.53 28.32
C39 BCR KH . -28.40 10.03 30.62
C40 BCR KH . -27.21 10.70 28.51
FE1 SF4 LH . -6.55 -10.41 -8.10
FE2 SF4 LH . -9.43 -10.12 -9.02
FE3 SF4 LH . -8.41 -12.78 -8.10
FE4 SF4 LH . -7.43 -11.60 -10.70
S1 SF4 LH . -9.34 -12.06 -9.88
S2 SF4 LH . -6.49 -12.37 -8.96
S3 SF4 LH . -7.52 -9.65 -9.84
S4 SF4 LH . -8.47 -10.82 -7.25
C1 XAT MH . -41.12 -10.03 41.03
C2 XAT MH . -41.85 -9.75 39.74
C3 XAT MH . -42.17 -8.27 39.70
C4 XAT MH . -40.87 -7.53 39.41
C5 XAT MH . -39.69 -7.93 40.31
C6 XAT MH . -39.83 -9.21 41.16
C7 XAT MH . -38.53 -9.98 41.29
C8 XAT MH . -37.88 -9.80 42.43
C9 XAT MH . -36.62 -10.44 42.81
C10 XAT MH . -35.69 -9.66 43.34
C11 XAT MH . -34.42 -10.17 43.82
C12 XAT MH . -33.71 -9.27 44.49
C13 XAT MH . -32.44 -9.54 45.16
C14 XAT MH . -31.52 -8.58 45.31
C15 XAT MH . -30.33 -8.90 46.07
C16 XAT MH . -40.80 -11.52 41.12
C17 XAT MH . -42.02 -9.70 42.21
C18 XAT MH . -38.25 -7.68 39.83
C19 XAT MH . -36.41 -11.92 42.67
C20 XAT MH . -32.20 -10.89 45.77
O3 XAT MH . -43.08 -8.00 38.65
O4 XAT MH . -39.92 -7.88 41.71
C21 XAT MH . -21.43 -5.39 54.83
C22 XAT MH . -20.13 -5.57 55.59
C23 XAT MH . -19.76 -7.04 55.62
C24 XAT MH . -19.27 -7.35 54.22
C25 XAT MH . -20.41 -7.22 53.20
C26 XAT MH . -21.56 -6.26 53.57
C27 XAT MH . -22.25 -5.62 52.38
C28 XAT MH . -23.38 -6.24 52.02
C29 XAT MH . -24.29 -5.84 50.95
C30 XAT MH . -24.99 -6.80 50.35
C31 XAT MH . -25.97 -6.51 49.33
C32 XAT MH . -26.55 -7.51 48.66
C33 XAT MH . -27.60 -7.16 47.71
C34 XAT MH . -28.48 -8.13 47.40
C35 XAT MH . -29.62 -7.89 46.54
C36 XAT MH . -21.57 -3.93 54.43
C37 XAT MH . -22.59 -5.73 55.76
C38 XAT MH . -20.15 -7.24 51.69
C39 XAT MH . -24.46 -4.41 50.57
C40 XAT MH . -27.74 -5.79 47.14
O23 XAT MH . -18.71 -7.27 56.56
O24 XAT MH . -21.67 -7.70 53.66
C1 LMG NH . -30.63 12.89 50.58
O1 LMG NH . -31.57 11.98 49.98
C2 LMG NH . -31.34 14.15 51.04
O2 LMG NH . -32.00 14.77 49.93
C3 LMG NH . -30.31 15.11 51.62
O3 LMG NH . -30.98 16.26 52.16
C4 LMG NH . -29.50 14.43 52.71
O4 LMG NH . -30.31 14.27 53.87
C5 LMG NH . -28.98 13.06 52.26
O5 LMG NH . -26.96 12.46 53.45
C6 LMG NH . -28.38 12.30 53.44
O6 LMG NH . -30.04 12.28 51.71
C7 LMG NH . -30.94 10.77 49.60
C8 LMG NH . -31.04 10.60 48.09
C9 LMG NH . -30.46 9.25 47.69
O7 LMG NH . -32.39 10.66 47.70
C10 LMG NH . -32.60 10.08 46.38
O9 LMG NH . -32.53 10.78 45.40
C11 LMG NH . -32.91 8.61 46.25
C12 LMG NH . -32.78 8.21 44.79
C13 LMG NH . -31.92 6.96 44.64
C14 LMG NH . -32.32 6.18 43.38
C15 LMG NH . -33.44 5.21 43.68
C16 LMG NH . -34.03 4.66 42.38
C17 LMG NH . -33.55 3.23 42.14
O8 LMG NH . -31.09 8.22 48.45
C28 LMG NH . -30.39 6.96 48.68
O10 LMG NH . -30.03 6.69 49.81
C29 LMG NH . -30.13 6.00 47.54
C30 LMG NH . -29.93 4.61 48.10
C31 LMG NH . -30.95 3.64 47.50
C32 LMG NH . -30.60 2.20 47.86
C33 LMG NH . -31.32 1.23 46.94
C34 LMG NH . -31.85 0.04 47.71
MG CLA OH . 12.02 -22.08 2.57
CHA CLA OH . 14.06 -24.19 4.39
CHB CLA OH . 9.69 -22.19 5.05
CHC CLA OH . 10.18 -19.74 0.86
CHD CLA OH . 14.44 -22.03 -0.01
NA CLA OH . 11.90 -23.08 4.40
C1A CLA OH . 12.87 -23.89 4.99
C2A CLA OH . 12.37 -24.42 6.34
C3A CLA OH . 10.91 -23.92 6.41
C4A CLA OH . 10.81 -22.98 5.22
CMA CLA OH . 9.94 -25.07 6.33
CAA CLA OH . 13.19 -23.84 7.47
CBA CLA OH . 13.44 -24.87 8.55
CGA CLA OH . 13.63 -24.19 9.88
O1A CLA OH . 12.82 -23.53 10.53
O2A CLA OH . 14.90 -24.35 10.38
NB CLA OH . 10.26 -21.16 2.88
C1B CLA OH . 9.47 -21.29 3.98
C2B CLA OH . 8.32 -20.34 3.91
C3B CLA OH . 8.45 -19.65 2.73
C4B CLA OH . 9.68 -20.16 2.05
CMB CLA OH . 7.30 -20.25 4.94
CAB CLA OH . 7.63 -18.62 2.17
CBB CLA OH . 6.76 -18.80 1.16
NC CLA OH . 12.26 -21.09 0.73
C1C CLA OH . 11.38 -20.18 0.23
C2C CLA OH . 11.87 -19.68 -1.05
C3C CLA OH . 13.07 -20.34 -1.31
C4C CLA OH . 13.31 -21.22 -0.17
CMC CLA OH . 11.19 -18.68 -1.88
CAC CLA OH . 13.95 -20.18 -2.48
CBC CLA OH . 13.77 -21.27 -3.50
ND CLA OH . 13.80 -22.95 2.17
C1D CLA OH . 14.69 -22.85 1.07
C2D CLA OH . 15.88 -23.70 1.34
C3D CLA OH . 15.70 -24.20 2.61
C4D CLA OH . 14.39 -23.71 3.08
CMD CLA OH . 17.00 -23.87 0.42
CAD CLA OH . 16.24 -25.06 3.65
OBD CLA OH . 17.30 -25.69 3.68
CBD CLA OH . 15.23 -25.05 4.83
CGD CLA OH . 14.78 -26.44 5.20
O1D CLA OH . 13.71 -26.98 4.92
O2D CLA OH . 15.70 -27.12 5.92
CED CLA OH . 15.23 -28.24 6.67
C1 CLA OH . 15.00 -25.10 11.60
C2 CLA OH . 16.40 -25.59 11.68
C3 CLA OH . 17.40 -24.86 12.20
C4 CLA OH . 17.19 -23.50 12.76
C5 CLA OH . 18.78 -25.39 12.25
C6 CLA OH . 19.29 -25.61 13.66
C7 CLA OH . 18.72 -26.88 14.25
C8 CLA OH . 19.78 -27.72 14.93
C9 CLA OH . 19.31 -29.13 15.15
C10 CLA OH . 20.22 -27.08 16.25
C11 CLA OH . 19.30 -27.45 17.39
C12 CLA OH . 19.12 -26.32 18.38
C13 CLA OH . 20.10 -26.42 19.54
C14 CLA OH . 20.02 -27.78 20.20
C15 CLA OH . 19.86 -25.32 20.57
C16 CLA OH . 20.82 -25.42 21.74
C17 CLA OH . 22.24 -25.13 21.31
C18 CLA OH . 23.25 -25.94 22.13
C19 CLA OH . 24.59 -26.00 21.42
C20 CLA OH . 23.41 -25.35 23.50
MG CLA PH . -25.93 11.11 -8.76
CHA CLA PH . -26.44 10.23 -5.44
CHB CLA PH . -29.11 12.30 -8.93
CHC CLA PH . -25.33 12.07 -12.00
CHD CLA PH . -22.62 9.85 -8.54
NA CLA PH . -27.50 11.22 -7.39
C1A CLA PH . -27.52 10.81 -6.05
C2A CLA PH . -28.87 11.08 -5.41
C3A CLA PH . -29.72 11.63 -6.57
C4A CLA PH . -28.72 11.73 -7.73
CMA CLA PH . -30.85 10.70 -6.92
CAA CLA PH . -28.78 12.09 -4.29
CBA CLA PH . -28.44 13.47 -4.82
CGA CLA PH . -27.07 13.87 -4.35
O1A CLA PH . -26.75 14.42 -3.29
O2A CLA PH . -26.09 13.57 -5.25
NB CLA PH . -27.01 12.00 -10.20
C1B CLA PH . -28.30 12.43 -10.07
C2B CLA PH . -28.74 13.09 -11.33
C3B CLA PH . -27.67 13.04 -12.21
C4B CLA PH . -26.57 12.34 -11.50
CMB CLA PH . -30.05 13.67 -11.52
CAB CLA PH . -27.57 13.53 -13.55
CBB CLA PH . -26.67 14.42 -13.98
NC CLA PH . -24.28 10.97 -10.04
C1C CLA PH . -24.26 11.42 -11.33
C2C CLA PH . -22.95 11.17 -11.93
C3C CLA PH . -22.19 10.55 -10.95
C4C CLA PH . -23.02 10.42 -9.76
CMC CLA PH . -22.57 11.54 -13.28
CAC CLA PH . -20.79 10.11 -11.07
CBC CLA PH . -19.82 11.22 -10.70
ND CLA PH . -24.76 10.22 -7.38
C1D CLA PH . -23.42 9.74 -7.42
C2D CLA PH . -23.08 9.17 -6.10
C3D CLA PH . -24.19 9.35 -5.30
C4D CLA PH . -25.21 10.00 -6.14
CMD CLA PH . -21.79 8.57 -5.75
CAD CLA PH . -24.77 9.13 -3.98
OBD CLA PH . -24.29 8.61 -2.99
CBD CLA PH . -26.22 9.70 -4.04
CGD CLA PH . -27.25 8.66 -3.69
O1D CLA PH . -27.40 7.55 -4.20
O2D CLA PH . -28.08 9.03 -2.67
CED CLA PH . -28.87 8.00 -2.05
C1 CLA PH . -24.91 14.39 -5.20
C2 CLA PH . -23.99 13.88 -6.25
C3 CLA PH . -23.88 14.44 -7.47
C4 CLA PH . -22.95 13.89 -8.49
C5 CLA PH . -24.69 15.64 -7.86
C6 CLA PH . -25.87 15.32 -8.76
C7 CLA PH . -25.52 15.49 -10.22
C8 CLA PH . -25.77 16.90 -10.75
C9 CLA PH . -27.25 17.17 -10.77
C10 CLA PH . -25.16 17.06 -12.13
C11 CLA PH . -26.01 17.89 -13.07
C12 CLA PH . -25.46 19.28 -13.27
C13 CLA PH . -24.14 19.25 -14.02
C14 CLA PH . -23.02 19.76 -13.13
C15 CLA PH . -24.22 20.05 -15.32
C16 CLA PH . -22.93 20.77 -15.64
C17 CLA PH . -22.20 20.12 -16.80
C18 CLA PH . -22.19 21.02 -18.03
C19 CLA PH . -20.85 21.71 -18.19
C20 CLA PH . -22.53 20.24 -19.27
MG CLA QH . 11.42 3.26 1.23
CHA CLA QH . 10.55 5.20 3.96
CHB CLA QH . 14.37 2.50 2.73
CHC CLA QH . 12.08 1.08 -1.32
CHD CLA QH . 8.34 4.12 -0.30
NA CLA QH . 12.33 3.84 3.01
C1A CLA QH . 11.80 4.65 4.02
C2A CLA QH . 12.81 4.84 5.14
C3A CLA QH . 14.11 4.25 4.55
C4A CLA QH . 13.59 3.46 3.35
CMA CLA QH . 15.07 5.33 4.12
CAA CLA QH . 12.36 4.12 6.41
CBA CLA QH . 13.27 4.45 7.58
CGA CLA QH . 14.30 3.37 7.69
O1A CLA QH . 14.44 2.37 6.99
O2A CLA QH . 15.16 3.56 8.74
NB CLA QH . 13.01 2.12 0.71
C1B CLA QH . 13.95 1.74 1.61
C2B CLA QH . 14.48 0.39 1.29
C3B CLA QH . 13.84 -0.02 0.14
C4B CLA QH . 12.91 1.08 -0.24
CMB CLA QH . 15.51 -0.26 2.11
CAB CLA QH . 13.96 -1.22 -0.63
CBB CLA QH . 15.01 -2.04 -0.70
NC CLA QH . 10.43 2.77 -0.55
C1C CLA QH . 10.91 1.90 -1.49
C2C CLA QH . 10.00 1.83 -2.63
C3C CLA QH . 8.91 2.64 -2.30
C4C CLA QH . 9.20 3.24 -1.00
CMC CLA QH . 10.21 1.01 -3.82
CAC CLA QH . 7.73 2.93 -3.13
CBC CLA QH . 7.88 4.22 -3.91
ND CLA QH . 9.80 4.38 1.65
C1D CLA QH . 8.60 4.65 0.94
C2D CLA QH . 7.73 5.51 1.77
C3D CLA QH . 8.40 5.69 2.97
C4D CLA QH . 9.70 5.01 2.83
CMD CLA QH . 6.40 5.95 1.37
CAD CLA QH . 8.39 6.30 4.29
OBD CLA QH . 7.49 6.89 4.88
CBD CLA QH . 9.77 6.04 4.94
CGD CLA QH . 10.48 7.30 5.32
O1D CLA QH . 11.51 7.77 4.82
O2D CLA QH . 9.87 7.98 6.32
CED CLA QH . 10.12 9.38 6.43
C1 CLA QH . 15.36 2.42 9.60
C2 CLA QH . 16.09 2.94 10.77
C3 CLA QH . 16.00 2.37 11.99
C4 CLA QH . 16.75 2.92 13.14
C5 CLA QH . 15.15 1.18 12.24
C6 CLA QH . 15.80 0.22 13.23
C7 CLA QH . 14.85 -0.14 14.36
C8 CLA QH . 15.59 -0.75 15.55
C9 CLA QH . 16.74 -1.62 15.10
C10 CLA QH . 14.62 -1.54 16.43
C11 CLA QH . 14.51 -3.00 16.01
C12 CLA QH . 13.19 -3.28 15.34
C13 CLA QH . 13.32 -4.39 14.29
C14 CLA QH . 12.67 -3.98 12.99
C15 CLA QH . 12.74 -5.72 14.79
C16 CLA QH . 11.47 -5.51 15.58
C17 CLA QH . 10.99 -6.79 16.23
C18 CLA QH . 11.87 -7.19 17.40
C19 CLA QH . 11.76 -6.20 18.53
C20 CLA QH . 11.50 -8.58 17.89
MG CLA RH . 5.65 14.14 3.79
CHA CLA RH . 7.56 13.78 0.92
CHB CLA RH . 3.68 11.56 2.79
CHC CLA RH . 4.10 14.23 6.85
CHD CLA RH . 7.74 16.80 4.78
NA CLA RH . 5.58 12.96 2.07
C1A CLA RH . 6.48 12.95 1.00
C2A CLA RH . 6.04 11.93 -0.05
C3A CLA RH . 4.61 11.53 0.43
C4A CLA RH . 4.60 12.03 1.87
CMA CLA RH . 3.56 12.21 -0.41
CAA CLA RH . 6.95 10.72 -0.11
CBA CLA RH . 6.66 9.90 -1.35
CGA CLA RH . 7.38 8.60 -1.29
O1A CLA RH . 7.07 7.52 -1.79
O2A CLA RH . 8.54 8.67 -0.56
NB CLA RH . 4.13 13.12 4.64
C1B CLA RH . 3.58 11.99 4.13
C2B CLA RH . 2.83 11.27 5.21
C3B CLA RH . 2.94 12.03 6.35
C4B CLA RH . 3.76 13.23 5.99
CMB CLA RH . 2.11 10.01 5.00
CAB CLA RH . 2.41 11.82 7.67
CBB CLA RH . 1.14 11.55 7.94
NC CLA RH . 5.82 15.37 5.47
C1C CLA RH . 5.05 15.26 6.58
C2C CLA RH . 5.43 16.29 7.55
C3C CLA RH . 6.49 17.00 6.98
C4C CLA RH . 6.72 16.41 5.67
CMC CLA RH . 4.82 16.48 8.86
CAC CLA RH . 7.21 18.14 7.55
CBC CLA RH . 6.60 19.45 7.12
ND CLA RH . 7.17 15.20 3.01
C1D CLA RH . 7.98 16.24 3.56
C2D CLA RH . 9.06 16.56 2.62
C3D CLA RH . 8.99 15.62 1.60
C4D CLA RH . 7.80 14.80 1.90
CMD CLA RH . 10.05 17.62 2.84
CAD CLA RH . 9.53 15.17 0.34
OBD CLA RH . 10.45 15.63 -0.32
CBD CLA RH . 8.70 13.91 -0.09
CGD CLA RH . 8.29 14.01 -1.52
O1D CLA RH . 8.08 15.06 -2.13
O2D CLA RH . 8.19 12.83 -2.17
CED CLA RH . 9.36 12.34 -2.83
C1 CLA RH . 9.47 7.60 -0.76
C2 CLA RH . 10.60 7.85 0.16
C3 CLA RH . 11.74 8.45 -0.23
C4 CLA RH . 11.98 8.88 -1.61
C5 CLA RH . 12.84 8.69 0.75
C6 CLA RH . 12.28 9.14 2.10
C7 CLA RH . 13.27 10.01 2.85
C8 CLA RH . 14.36 9.18 3.50
C9 CLA RH . 14.38 9.40 4.99
C10 CLA RH . 15.72 9.51 2.90
C11 CLA RH . 16.36 8.29 2.29
C12 CLA RH . 17.64 8.62 1.56
C13 CLA RH . 18.60 7.43 1.61
C14 CLA RH . 19.84 7.72 0.79
C15 CLA RH . 17.93 6.16 1.12
C16 CLA RH . 18.27 4.98 2.00
C17 CLA RH . 18.41 3.73 1.17
C18 CLA RH . 18.15 2.44 1.95
C19 CLA RH . 18.78 1.26 1.25
C20 CLA RH . 18.69 2.54 3.37
MG CLA SH . -11.26 6.52 0.67
CHA CLA SH . -14.69 5.84 0.71
CHB CLA SH . -11.94 9.75 -0.13
CHC CLA SH . -7.89 7.21 0.76
CHD CLA SH . -10.61 3.09 1.02
NA CLA SH . -13.02 7.59 0.39
C1A CLA SH . -14.36 7.15 0.48
C2A CLA SH . -15.33 8.28 0.16
C3A CLA SH . -14.39 9.42 -0.30
C4A CLA SH . -13.00 8.91 0.05
CMA CLA SH . -14.48 9.63 -1.80
CAA CLA SH . -16.13 8.71 1.37
CBA CLA SH . -17.23 9.65 0.94
CGA CLA SH . -16.70 11.04 0.81
O1A CLA SH . -16.23 11.76 1.69
O2A CLA SH . -16.74 11.54 -0.46
NB CLA SH . -10.14 8.17 0.45
C1B CLA SH . -10.61 9.39 0.09
C2B CLA SH . -9.50 10.36 -0.05
C3B CLA SH . -8.34 9.66 0.20
C4B CLA SH . -8.73 8.25 0.54
CMB CLA SH . -9.69 11.76 -0.45
CAB CLA SH . -6.97 10.11 0.16
CBB CLA SH . -6.56 11.25 0.72
NC CLA SH . -9.55 5.35 0.87
C1C CLA SH . -8.27 5.84 0.89
C2C CLA SH . -7.34 4.75 1.05
C3C CLA SH . -8.09 3.57 1.08
C4C CLA SH . -9.50 3.96 0.97
CMC CLA SH . -5.88 4.89 1.09
CAC CLA SH . -7.54 2.21 1.15
CBC CLA SH . -8.02 1.37 2.30
ND CLA SH . -12.33 4.81 0.81
C1D CLA SH . -11.93 3.47 0.95
C2D CLA SH . -13.15 2.62 1.05
C3D CLA SH . -14.24 3.49 1.01
C4D CLA SH . -13.66 4.84 0.83
CMD CLA SH . -13.12 1.17 1.20
CAD CLA SH . -15.68 3.62 1.00
OBD CLA SH . -16.54 2.75 1.09
CBD CLA SH . -16.02 5.14 0.82
CGD CLA SH . -16.93 5.41 -0.36
O1D CLA SH . -17.09 4.74 -1.38
O2D CLA SH . -17.69 6.53 -0.25
CED CLA SH . -18.90 6.46 0.50
C1 CLA SH . -16.56 12.96 -0.59
C2 CLA SH . -15.25 13.20 -1.25
C3 CLA SH . -14.19 13.73 -0.62
C4 CLA SH . -14.24 14.14 0.80
C5 CLA SH . -12.91 13.96 -1.34
C6 CLA SH . -12.58 15.44 -1.48
C7 CLA SH . -13.71 16.17 -2.19
C8 CLA SH . -13.64 17.68 -2.02
C9 CLA SH . -13.13 18.07 -0.64
C10 CLA SH . -15.01 18.31 -2.27
C11 CLA SH . -15.38 18.29 -3.73
C12 CLA SH . -14.31 18.93 -4.58
C13 CLA SH . -14.84 19.39 -5.94
C14 CLA SH . -15.87 18.43 -6.49
C15 CLA SH . -13.71 19.60 -6.93
C16 CLA SH . -14.24 20.03 -8.29
C17 CLA SH . -13.17 20.68 -9.13
C18 CLA SH . -12.46 19.67 -10.03
C19 CLA SH . -13.42 19.10 -11.06
C20 CLA SH . -11.29 20.32 -10.72
MG CLA TH . -5.10 11.86 -29.43
CHA CLA TH . -7.45 10.33 -31.46
CHB CLA TH . -3.12 12.43 -32.13
CHC CLA TH . -2.92 13.58 -27.40
CHD CLA TH . -7.16 11.20 -26.63
NA CLA TH . -5.26 11.41 -31.45
C1A CLA TH . -6.33 10.79 -32.11
C2A CLA TH . -6.05 10.67 -33.60
C3A CLA TH . -4.60 11.17 -33.75
C4A CLA TH . -4.29 11.73 -32.36
CMA CLA TH . -3.66 10.08 -34.14
CAA CLA TH . -7.01 11.56 -34.37
CBA CLA TH . -6.98 13.00 -33.87
CGA CLA TH . -8.35 13.48 -33.52
O1A CLA TH . -9.44 12.96 -33.79
O2A CLA TH . -8.35 14.64 -32.80
NB CLA TH . -3.36 12.83 -29.71
C1B CLA TH . -2.71 12.96 -30.90
C2B CLA TH . -1.47 13.75 -30.71
C3B CLA TH . -1.40 14.09 -29.37
C4B CLA TH . -2.60 13.49 -28.72
CMB CLA TH . -0.55 14.06 -31.81
CAB CLA TH . -0.42 14.84 -28.63
CBB CLA TH . 0.91 14.80 -28.82
NC CLA TH . -5.04 12.27 -27.37
C1C CLA TH . -4.06 13.00 -26.77
C2C CLA TH . -4.35 13.12 -25.34
C3C CLA TH . -5.55 12.44 -25.11
C4C CLA TH . -5.98 11.91 -26.40
CMC CLA TH . -3.52 13.84 -24.36
CAC CLA TH . -6.25 12.29 -23.82
CBC CLA TH . -5.55 11.31 -22.90
ND CLA TH . -6.84 10.91 -29.04
C1D CLA TH . -7.60 10.73 -27.86
C2D CLA TH . -8.84 9.99 -28.17
C3D CLA TH . -8.84 9.84 -29.54
C4D CLA TH . -7.58 10.42 -30.04
CMD CLA TH . -9.85 9.59 -27.19
CAD CLA TH . -9.55 9.28 -30.69
OBD CLA TH . -10.60 8.65 -30.73
CBD CLA TH . -8.70 9.64 -31.96
CGD CLA TH . -8.43 8.43 -32.81
O1D CLA TH . -9.19 7.92 -33.65
O2D CLA TH . -7.21 7.87 -32.62
CED CLA TH . -6.83 6.81 -33.50
C1 CLA TH . -9.52 15.48 -32.93
C2 CLA TH . -9.13 16.85 -32.54
C3 CLA TH . -9.93 17.92 -32.72
C4 CLA TH . -11.29 17.79 -33.32
C5 CLA TH . -9.51 19.29 -32.32
C6 CLA TH . -8.22 19.31 -31.52
C7 CLA TH . -7.23 20.30 -32.09
C8 CLA TH . -7.81 21.70 -32.27
C9 CLA TH . -6.91 22.53 -33.15
C10 CLA TH . -8.02 22.38 -30.92
C11 CLA TH . -7.93 23.89 -30.99
C12 CLA TH . -8.67 24.57 -29.85
C13 CLA TH . -8.22 26.01 -29.69
C14 CLA TH . -7.02 26.09 -28.76
C15 CLA TH . -9.36 26.90 -29.19
C16 CLA TH . -8.85 28.27 -28.78
C17 CLA TH . -9.46 28.73 -27.48
C18 CLA TH . -8.79 29.97 -26.90
C19 CLA TH . -7.33 30.07 -27.30
C20 CLA TH . -9.53 31.23 -27.29
MG CLA UH . 5.80 7.69 -31.70
CHA CLA UH . 9.16 8.54 -31.82
CHB CLA UH . 5.02 10.86 -30.77
CHC CLA UH . 2.48 6.80 -31.66
CHD CLA UH . 6.67 4.36 -32.55
NA CLA UH . 6.92 9.40 -31.36
C1A CLA UH . 8.31 9.56 -31.47
C2A CLA UH . 8.71 10.99 -31.15
C3A CLA UH . 7.42 11.63 -30.62
C4A CLA UH . 6.36 10.59 -30.96
CMA CLA UH . 7.50 11.86 -29.14
CAA CLA UH . 9.10 11.65 -32.46
CBA CLA UH . 10.31 12.52 -32.32
CGA CLA UH . 9.92 13.85 -31.74
O1A CLA UH . 8.81 14.36 -31.66
O2A CLA UH . 11.00 14.55 -31.25
NB CLA UH . 4.08 8.65 -31.29
C1B CLA UH . 3.96 9.97 -30.99
C2B CLA UH . 2.52 10.35 -30.90
C3B CLA UH . 1.79 9.20 -31.15
C4B CLA UH . 2.78 8.11 -31.39
CMB CLA UH . 2.09 11.71 -30.57
CAB CLA UH . 0.37 8.96 -31.18
CBB CLA UH . -0.58 9.86 -31.47
NC CLA UH . 4.77 5.90 -32.03
C1C CLA UH . 3.41 5.76 -31.96
C2C CLA UH . 3.04 4.38 -32.24
C3C CLA UH . 4.22 3.69 -32.49
C4C CLA UH . 5.30 4.66 -32.37
CMC CLA UH . 1.67 3.87 -32.25
CAC CLA UH . 4.38 2.26 -32.82
CBC CLA UH . 4.86 1.46 -31.63
ND CLA UH . 7.47 6.64 -32.11
C1D CLA UH . 7.70 5.28 -32.44
C2D CLA UH . 9.15 5.05 -32.62
C3D CLA UH . 9.76 6.27 -32.40
C4D CLA UH . 8.67 7.22 -32.08
CMD CLA UH . 9.76 3.77 -32.98
CAD CLA UH . 11.01 7.01 -32.34
OBD CLA UH . 12.15 6.62 -32.54
CBD CLA UH . 10.66 8.47 -31.94
CGD CLA UH . 11.32 8.88 -30.65
O1D CLA UH . 11.54 10.02 -30.24
O2D CLA UH . 11.72 7.84 -29.89
CED CLA UH . 11.58 7.95 -28.47
C1 CLA UH . 11.26 14.41 -29.84
C2 CLA UH . 12.30 13.37 -29.67
C3 CLA UH . 13.61 13.59 -29.89
C4 CLA UH . 14.12 14.91 -30.30
C5 CLA UH . 14.61 12.50 -29.70
C6 CLA UH . 15.39 12.20 -30.97
C7 CLA UH . 14.52 11.47 -31.98
C8 CLA UH . 15.33 10.79 -33.07
C9 CLA UH . 16.54 11.62 -33.46
C10 CLA UH . 14.47 10.55 -34.31
C11 CLA UH . 13.69 9.26 -34.20
C12 CLA UH . 12.53 9.23 -35.18
C13 CLA UH . 12.33 7.83 -35.75
C14 CLA UH . 13.05 7.67 -37.06
C15 CLA UH . 10.85 7.49 -35.93
C16 CLA UH . 10.68 6.02 -36.24
C17 CLA UH . 9.24 5.66 -36.48
C18 CLA UH . 8.92 5.57 -37.96
C19 CLA UH . 7.43 5.67 -38.21
C20 CLA UH . 9.45 4.28 -38.55
MG CLA VH . 5.82 14.58 -25.27
CHA CLA VH . 2.68 13.12 -25.57
CHB CLA VH . 7.26 11.52 -25.57
CHC CLA VH . 8.90 16.09 -25.24
CHD CLA VH . 4.26 17.75 -25.04
NA CLA VH . 5.07 12.64 -25.49
C1A CLA VH . 3.73 12.24 -25.61
C2A CLA VH . 3.63 10.73 -25.76
C3A CLA VH . 5.08 10.24 -25.53
C4A CLA VH . 5.88 11.54 -25.53
CMA CLA VH . 5.22 9.51 -24.22
CAA CLA VH . 3.16 10.37 -27.15
CBA CLA VH . 3.15 8.87 -27.36
CGA CLA VH . 1.88 8.29 -26.79
O1A CLA VH . 0.74 8.35 -27.26
O2A CLA VH . 2.06 7.67 -25.60
NB CLA VH . 7.72 13.92 -25.37
C1B CLA VH . 8.11 12.64 -25.56
C2B CLA VH . 9.59 12.56 -25.73
C3B CLA VH . 10.06 13.86 -25.64
C4B CLA VH . 8.87 14.74 -25.39
CMB CLA VH . 10.29 11.31 -25.94
CAB CLA VH . 11.39 14.41 -25.71
CBB CLA VH . 12.45 13.87 -26.31
NC CLA VH . 6.46 16.55 -25.11
C1C CLA VH . 7.77 16.95 -25.09
C2C CLA VH . 7.86 18.40 -24.95
C3C CLA VH . 6.54 18.87 -24.93
C4C CLA VH . 5.67 17.71 -25.03
CMC CLA VH . 9.10 19.15 -24.88
CAC CLA VH . 6.11 20.26 -24.80
CBC CLA VH . 5.87 20.63 -23.35
ND CLA VH . 3.94 15.33 -25.19
C1D CLA VH . 3.44 16.65 -25.13
C2D CLA VH . 1.96 16.61 -25.16
C3D CLA VH . 1.62 15.29 -25.33
C4D CLA VH . 2.89 14.53 -25.37
CMD CLA VH . 1.09 17.78 -25.06
CAD CLA VH . 0.54 14.33 -25.46
OBD CLA VH . -0.67 14.52 -25.41
CBD CLA VH . 1.18 12.93 -25.68
CGD CLA VH . 0.67 11.90 -24.71
O1D CLA VH . 1.16 11.55 -23.64
O2D CLA VH . -0.50 11.31 -25.12
CED CLA VH . -1.34 10.74 -24.11
C1 CLA VH . 1.04 7.90 -24.62
C2 CLA VH . 1.73 8.07 -23.31
C3 CLA VH . 2.04 7.02 -22.53
C4 CLA VH . 1.70 5.64 -22.92
C5 CLA VH . 2.73 7.21 -21.23
C6 CLA VH . 2.56 8.61 -20.66
C7 CLA VH . 3.89 9.31 -20.55
C8 CLA VH . 3.96 10.21 -19.32
C9 CLA VH . 2.73 11.11 -19.26
C10 CLA VH . 5.22 11.07 -19.32
C11 CLA VH . 6.42 10.33 -19.86
C12 CLA VH . 7.65 11.22 -19.95
C13 CLA VH . 7.74 11.90 -21.31
C14 CLA VH . 9.14 11.80 -21.86
C15 CLA VH . 7.31 13.36 -21.24
C16 CLA VH . 5.98 13.57 -21.90
C17 CLA VH . 5.58 15.04 -21.91
C18 CLA VH . 4.34 15.30 -21.07
C19 CLA VH . 3.30 14.23 -21.27
C20 CLA VH . 3.77 16.66 -21.41
MG CLA WH . -0.29 32.02 -23.81
CHA CLA WH . -2.17 33.91 -21.59
CHB CLA WH . 0.02 29.57 -21.47
CHC CLA WH . 1.52 30.18 -26.07
CHD CLA WH . -0.54 34.66 -26.17
NA CLA WH . -0.99 31.80 -21.86
C1A CLA WH . -1.75 32.69 -21.11
C2A CLA WH . -2.05 32.15 -19.72
C3A CLA WH . -1.22 30.84 -19.66
C4A CLA WH . -0.70 30.70 -21.10
CMA CLA WH . -0.10 30.97 -18.68
CAA CLA WH . -3.53 31.84 -19.59
CBA CLA WH . -4.06 30.96 -20.70
CGA CLA WH . -4.69 31.77 -21.79
O1A CLA WH . -5.46 32.72 -21.71
O2A CLA WH . -4.30 31.36 -23.04
NB CLA WH . 0.65 30.25 -23.75
C1B CLA WH . 0.57 29.34 -22.74
C2B CLA WH . 1.16 28.05 -23.17
C3B CLA WH . 1.58 28.21 -24.47
C4B CLA WH . 1.27 29.61 -24.86
CMB CLA WH . 1.22 26.86 -22.30
CAB CLA WH . 2.22 27.29 -25.38
CBB CLA WH . 1.83 26.04 -25.62
NC CLA WH . 0.37 32.36 -25.76
C1C CLA WH . 1.11 31.48 -26.49
C2C CLA WH . 1.43 32.05 -27.80
C3C CLA WH . 0.83 33.31 -27.84
C4C CLA WH . 0.17 33.51 -26.55
CMC CLA WH . 2.21 31.37 -28.83
CAC CLA WH . 0.87 34.28 -28.94
CBC CLA WH . -0.43 34.32 -29.71
ND CLA WH . -1.20 33.82 -23.96
C1D CLA WH . -1.19 34.81 -24.97
C2D CLA WH . -1.97 35.99 -24.50
C3D CLA WH . -2.38 35.69 -23.22
C4D CLA WH . -1.85 34.34 -22.93
CMD CLA WH . -2.22 37.19 -25.29
CAD CLA WH . -3.11 36.13 -22.05
OBD CLA WH . -3.78 37.15 -21.88
CBD CLA WH . -2.92 35.05 -20.95
CGD CLA WH . -2.12 35.58 -19.79
O1D CLA WH . -0.95 35.96 -19.81
O2D CLA WH . -2.78 35.64 -18.60
CED CLA WH . -2.05 36.08 -17.46
C1 CLA WH . -4.64 32.21 -24.15
C2 CLA WH . -3.69 31.89 -25.25
C3 CLA WH . -3.81 32.39 -26.49
C4 CLA WH . -4.91 33.31 -26.87
C5 CLA WH . -2.83 32.05 -27.57
C6 CLA WH . -2.92 30.60 -28.01
C7 CLA WH . -1.88 29.76 -27.31
C8 CLA WH . -1.13 28.81 -28.23
C9 CLA WH . -0.87 29.45 -29.59
C10 CLA WH . -1.91 27.51 -28.42
C11 CLA WH . -1.12 26.32 -27.93
C12 CLA WH . -1.96 25.06 -27.93
C13 CLA WH . -1.22 23.90 -27.29
C14 CLA WH . 0.05 23.57 -28.08
C15 CLA WH . -2.09 22.65 -27.18
C16 CLA WH . -3.57 23.00 -27.13
C17 CLA WH . -4.38 21.96 -26.39
C18 CLA WH . -5.87 22.12 -26.67
C19 CLA WH . -6.29 21.28 -27.86
C20 CLA WH . -6.68 21.73 -25.45
MG CLA XH . 3.35 28.31 -15.17
CHA CLA XH . 6.46 28.29 -16.72
CHB CLA XH . 1.84 28.12 -18.22
CHC CLA XH . 0.33 27.93 -13.58
CHD CLA XH . 4.97 28.37 -12.04
NA CLA XH . 4.05 28.31 -17.13
C1A CLA XH . 5.38 28.28 -17.57
C2A CLA XH . 5.44 28.23 -19.09
C3A CLA XH . 3.98 28.48 -19.52
C4A CLA XH . 3.21 28.29 -18.21
CMA CLA XH . 3.79 29.86 -20.10
CAA CLA XH . 5.88 26.83 -19.47
CBA CLA XH . 4.86 25.75 -19.17
CGA CLA XH . 5.01 25.12 -17.81
O1A CLA XH . 5.81 24.28 -17.45
O2A CLA XH . 4.13 25.54 -16.87
NB CLA XH . 1.44 28.11 -15.78
C1B CLA XH . 1.05 27.96 -17.08
C2B CLA XH . -0.40 27.60 -17.12
C3B CLA XH . -0.84 27.54 -15.81
C4B CLA XH . 0.33 27.88 -14.94
CMB CLA XH . -1.14 27.38 -18.36
CAB CLA XH . -2.15 27.24 -15.30
CBB CLA XH . -2.43 26.28 -14.43
NC CLA XH . 2.76 28.27 -13.17
C1C CLA XH . 1.47 28.13 -12.75
C2C CLA XH . 1.43 28.14 -11.29
C3C CLA XH . 2.74 28.22 -10.85
C4C CLA XH . 3.57 28.31 -12.03
CMC CLA XH . 0.21 28.01 -10.50
CAC CLA XH . 3.21 28.25 -9.46
CBC CLA XH . 3.56 26.87 -8.95
ND CLA XH . 5.24 28.48 -14.48
C1D CLA XH . 5.77 28.42 -13.16
C2D CLA XH . 7.24 28.43 -13.22
C3D CLA XH . 7.57 28.42 -14.56
C4D CLA XH . 6.29 28.41 -15.30
CMD CLA XH . 8.11 28.44 -12.06
CAD CLA XH . 8.63 28.42 -15.56
OBD CLA XH . 9.84 28.56 -15.40
CBD CLA XH . 7.96 28.23 -16.95
CGD CLA XH . 8.49 29.20 -17.98
O1D CLA XH . 9.60 29.18 -18.52
O2D CLA XH . 7.64 30.21 -18.31
CED CLA XH . 8.10 31.17 -19.26
C1 CLA XH . 4.45 25.12 -15.52
C2 CLA XH . 3.18 25.04 -14.74
C3 CLA XH . 3.14 24.76 -13.43
C4 CLA XH . 4.37 24.52 -12.64
C5 CLA XH . 1.86 24.67 -12.70
C6 CLA XH . 1.25 23.29 -12.73
C7 CLA XH . -0.21 23.36 -13.12
C8 CLA XH . -0.50 22.66 -14.44
C9 CLA XH . 0.12 21.29 -14.46
C10 CLA XH . 0.00 23.49 -15.61
C11 CLA XH . -0.26 22.79 -16.93
C12 CLA XH . 1.01 22.57 -17.73
C13 CLA XH . 1.20 23.63 -18.81
C14 CLA XH . -0.12 23.92 -19.52
C15 CLA XH . 2.26 23.22 -19.82
C16 CLA XH . 1.74 22.21 -20.83
C17 CLA XH . 2.61 22.14 -22.05
C18 CLA XH . 1.78 22.03 -23.32
C19 CLA XH . 2.62 21.67 -24.52
C20 CLA XH . 1.04 23.32 -23.58
MG CLA YH . -4.79 29.65 -9.08
CHA CLA YH . -3.25 30.58 -12.05
CHB CLA YH . -7.68 29.04 -10.77
CHC CLA YH . -6.21 28.51 -6.15
CHD CLA YH . -1.79 30.33 -7.35
NA CLA YH . -5.37 29.84 -11.08
C1A CLA YH . -4.57 30.22 -12.17
C2A CLA YH . -5.39 30.24 -13.46
C3A CLA YH . -6.83 29.94 -12.97
C4A CLA YH . -6.64 29.57 -11.50
CMA CLA YH . -7.72 31.16 -13.12
CAA CLA YH . -4.93 29.18 -14.44
CBA CLA YH . -4.96 29.70 -15.86
CGA CLA YH . -5.73 28.78 -16.75
O1A CLA YH . -6.02 28.93 -17.94
O2A CLA YH . -6.12 27.63 -16.12
NB CLA YH . -6.61 28.95 -8.55
C1B CLA YH . -7.62 28.67 -9.42
C2B CLA YH . -8.70 27.94 -8.70
C3B CLA YH . -8.30 27.79 -7.39
C4B CLA YH . -6.96 28.43 -7.28
CMB CLA YH . -9.93 27.51 -9.37
CAB CLA YH . -8.94 27.17 -6.27
CBB CLA YH . -10.25 27.09 -6.03
NC CLA YH . -4.13 29.49 -7.11
C1C CLA YH . -4.88 29.01 -6.07
C2C CLA YH . -4.10 29.05 -4.83
C3C CLA YH . -2.86 29.55 -5.17
C4C CLA YH . -2.87 29.84 -6.60
CMC CLA YH . -4.60 28.61 -3.52
CAC CLA YH . -1.73 29.79 -4.26
CBC CLA YH . -1.62 31.24 -3.85
ND CLA YH . -2.95 30.34 -9.51
C1D CLA YH . -1.81 30.57 -8.71
C2D CLA YH . -0.71 31.06 -9.57
C3D CLA YH . -1.20 31.05 -10.86
C4D CLA YH . -2.60 30.60 -10.76
CMD CLA YH . 0.63 31.40 -9.07
CAD CLA YH . -0.92 31.34 -12.26
OBD CLA YH . 0.12 31.74 -12.78
CBD CLA YH . -2.22 31.02 -13.06
CGD CLA YH . -2.68 32.20 -13.86
O1D CLA YH . -3.22 33.24 -13.46
O2D CLA YH . -2.46 32.06 -15.20
CED CLA YH . -3.18 32.91 -16.08
C1 CLA YH . -6.85 26.67 -16.90
C2 CLA YH . -6.10 25.39 -16.79
C3 CLA YH . -5.05 25.12 -17.56
C4 CLA YH . -4.55 26.07 -18.58
C5 CLA YH . -4.30 23.82 -17.45
C6 CLA YH . -5.02 22.79 -16.61
C7 CLA YH . -4.25 21.49 -16.63
C8 CLA YH . -5.16 20.27 -16.78
C9 CLA YH . -5.14 19.45 -15.51
C10 CLA YH . -4.75 19.42 -17.97
C11 CLA YH . -5.68 19.60 -19.13
C12 CLA YH . -7.07 19.06 -18.84
C13 CLA YH . -7.26 17.64 -19.36
C14 CLA YH . -6.94 17.57 -20.84
C15 CLA YH . -8.67 17.13 -19.09
C16 CLA YH . -9.68 17.83 -19.99
C17 CLA YH . -11.04 17.88 -19.34
C18 CLA YH . -12.13 18.36 -20.29
C19 CLA YH . -11.61 19.34 -21.31
C20 CLA YH . -13.26 18.99 -19.50
MG CLA ZH . 8.44 15.81 -47.07
CHA CLA ZH . 7.93 14.50 -50.25
CHB CLA ZH . 9.85 12.86 -46.11
CHC CLA ZH . 9.11 17.20 -44.02
CHD CLA ZH . 6.88 18.80 -48.11
NA CLA ZH . 8.80 13.99 -48.04
C1A CLA ZH . 8.54 13.65 -49.37
C2A CLA ZH . 8.96 12.22 -49.68
C3A CLA ZH . 9.35 11.68 -48.29
C4A CLA ZH . 9.37 12.92 -47.41
CMA CLA ZH . 8.31 10.69 -47.84
CAA CLA ZH . 10.16 12.22 -50.62
CBA CLA ZH . 11.23 13.20 -50.16
CGA CLA ZH . 12.41 13.21 -51.07
O1A CLA ZH . 12.59 12.58 -52.12
O2A CLA ZH . 13.39 14.06 -50.64
NB CLA ZH . 9.32 15.16 -45.38
C1B CLA ZH . 9.87 13.94 -45.20
C2B CLA ZH . 10.48 13.87 -43.84
C3B CLA ZH . 10.27 15.08 -43.24
C4B CLA ZH . 9.52 15.92 -44.22
CMB CLA ZH . 11.15 12.66 -43.33
CAB CLA ZH . 10.66 15.55 -41.94
NC CLA ZH . 8.04 17.67 -46.22
C1C CLA ZH . 8.40 18.02 -44.95
C2C CLA ZH . 7.99 19.40 -44.68
C3C CLA ZH . 7.35 19.86 -45.84
C4C CLA ZH . 7.39 18.76 -46.80
CMC CLA ZH . 8.21 20.11 -43.43
CAC CLA ZH . 6.75 21.18 -46.06
CBC CLA ZH . 5.24 21.17 -45.87
ND CLA ZH . 7.56 16.53 -48.73
C1D CLA ZH . 6.96 17.78 -49.03
C2D CLA ZH . 6.46 17.76 -50.43
C3D CLA ZH . 6.80 16.52 -50.94
C4D CLA ZH . 7.49 15.80 -49.86
CMD CLA ZH . 5.76 18.87 -51.06
CAD CLA ZH . 6.75 15.63 -52.09
OBD CLA ZH . 6.25 15.80 -53.19
CBD CLA ZH . 7.48 14.32 -51.68
CGD CLA ZH . 6.62 13.10 -51.80
O1D CLA ZH . 6.08 12.46 -50.88
O2D CLA ZH . 6.41 12.66 -53.07
CED CLA ZH . 5.42 11.66 -53.27
C1 CLA ZH . 14.20 14.71 -51.65
C2 CLA ZH . 14.93 15.80 -50.95
C3 CLA ZH . 15.18 16.99 -51.51
C4 CLA ZH . 14.74 17.31 -52.89
C5 CLA ZH . 15.91 18.04 -50.76
C6 CLA ZH . 15.11 19.33 -50.62
C7 CLA ZH . 15.90 20.37 -49.87
C8 CLA ZH . 15.13 21.68 -49.73
C9 CLA ZH . 15.86 22.80 -50.44
C10 CLA ZH . 14.90 22.02 -48.26
MG CLA AI . 18.65 13.58 -49.22
CHA CLA AI . 16.27 11.17 -49.95
CHB CLA AI . 20.94 11.90 -51.10
CHC CLA AI . 20.94 16.05 -48.54
CHD CLA AI . 16.26 15.26 -47.23
NA CLA AI . 18.58 11.82 -50.34
C1A CLA AI . 17.49 10.96 -50.54
C2A CLA AI . 17.87 9.79 -51.43
C3A CLA AI . 19.38 9.98 -51.65
C4A CLA AI . 19.68 11.33 -51.00
CMA CLA AI . 20.16 8.87 -50.99
CAA CLA AI . 17.12 9.85 -52.75
CBA CLA AI . 17.77 10.77 -53.76
CGA CLA AI . 17.40 12.20 -53.48
O1A CLA AI . 16.29 12.67 -53.26
O2A CLA AI . 18.48 13.05 -53.46
NB CLA AI . 20.56 13.92 -49.75
C1B CLA AI . 21.33 13.11 -50.51
C2B CLA AI . 22.70 13.68 -50.64
C3B CLA AI . 22.71 14.85 -49.92
C4B CLA AI . 21.35 15.02 -49.33
CMB CLA AI . 23.77 13.02 -51.39
CAB CLA AI . 23.77 15.80 -49.67
CBB CLA AI . 24.62 16.26 -50.58
NC CLA AI . 18.60 15.34 -48.08
C1C CLA AI . 19.66 16.19 -47.94
C2C CLA AI . 19.28 17.31 -47.10
C3C CLA AI . 17.95 17.10 -46.71
C4C CLA AI . 17.54 15.85 -47.34
CMC CLA AI . 20.16 18.42 -46.73
CAC CLA AI . 17.12 17.95 -45.85
CBC CLA AI . 16.14 18.78 -46.63
ND CLA AI . 16.74 13.31 -48.63
C1D CLA AI . 15.86 14.09 -47.82
C2D CLA AI . 14.54 13.42 -47.75
C3D CLA AI . 14.64 12.29 -48.54
C4D CLA AI . 16.02 12.28 -49.08
CMD CLA AI . 13.40 13.91 -46.99
CAD CLA AI . 13.97 11.11 -49.06
OBD CLA AI . 12.85 10.69 -48.82
CBD CLA AI . 14.98 10.38 -50.00
CGD CLA AI . 15.19 8.94 -49.64
O1D CLA AI . 16.21 8.44 -49.18
O2D CLA AI . 14.11 8.15 -49.86
CED CLA AI . 14.29 6.74 -49.74
C1 CLA AI . 18.27 14.38 -52.94
C2 CLA AI . 19.31 15.24 -53.54
C3 CLA AI . 19.72 16.40 -53.01
C4 CLA AI . 19.14 16.92 -51.76
C5 CLA AI . 20.77 17.23 -53.66
C6 CLA AI . 21.56 18.06 -52.68
C7 CLA AI . 22.31 19.18 -53.38
C8 CLA AI . 23.76 18.81 -53.66
MG CLA BI . 13.78 12.21 -41.13
CHA CLA BI . 11.59 11.87 -38.47
CHB CLA BI . 15.01 15.07 -39.73
CHC CLA BI . 15.93 12.51 -43.78
CHD CLA BI . 12.49 9.22 -42.52
NA CLA BI . 13.35 13.27 -39.37
C1A CLA BI . 12.41 12.95 -38.39
C2A CLA BI . 12.43 14.00 -37.27
C3A CLA BI . 13.50 15.01 -37.72
C4A CLA BI . 14.01 14.42 -39.03
CMA CLA BI . 12.91 16.39 -37.92
CAA CLA BI . 12.85 13.37 -35.95
CBA CLA BI . 12.22 14.09 -34.77
CGA CLA BI . 12.99 15.33 -34.43
O1A CLA BI . 12.63 16.50 -34.52
O2A CLA BI . 14.24 15.06 -33.96
NB CLA BI . 15.23 13.52 -41.63
C1B CLA BI . 15.55 14.64 -40.95
C2B CLA BI . 16.59 15.41 -41.70
C3B CLA BI . 16.86 14.69 -42.85
C4B CLA BI . 15.99 13.48 -42.82
CMB CLA BI . 17.13 16.68 -41.21
CAB CLA BI . 17.77 14.97 -43.94
CBB CLA BI . 18.97 15.53 -43.83
NC CLA BI . 14.13 11.06 -42.84
C1C CLA BI . 15.07 11.37 -43.79
C2C CLA BI . 15.05 10.36 -44.85
C3C CLA BI . 14.08 9.43 -44.49
C4C CLA BI . 13.51 9.87 -43.22
CMC CLA BI . 15.90 10.38 -46.03
CAC CLA BI . 13.68 8.23 -45.26
CBC CLA BI . 14.67 7.08 -45.23
ND CLA BI . 12.35 10.85 -40.69
C1D CLA BI . 11.92 9.66 -41.34
C2D CLA BI . 10.83 9.05 -40.56
C3D CLA BI . 10.64 9.87 -39.46
C4D CLA BI . 11.63 10.96 -39.58
CMD CLA BI . 10.12 7.82 -40.93
CAD CLA BI . 9.89 10.10 -38.24
OBD CLA BI . 8.93 9.47 -37.79
CBD CLA BI . 10.50 11.35 -37.56
CGD CLA BI . 9.48 12.43 -37.31
O1D CLA BI . 9.24 13.02 -36.25
O2D CLA BI . 8.77 12.76 -38.42
CED CLA BI . 8.08 14.02 -38.42
C1 CLA BI . 15.04 16.20 -33.59
C2 CLA BI . 16.35 15.69 -33.11
C3 CLA BI . 17.44 16.46 -33.05
C4 CLA BI . 17.42 17.88 -33.46
C5 CLA BI . 18.75 15.93 -32.57
C6 CLA BI . 18.64 15.03 -31.35
C7 CLA BI . 19.87 15.18 -30.48
C8 CLA BI . 20.21 13.91 -29.72
C9 CLA BI . 19.04 13.49 -28.84
C10 CLA BI . 21.45 14.13 -28.86
C11 CLA BI . 22.46 13.01 -29.03
C12 CLA BI . 23.86 13.46 -28.64
C13 CLA BI . 24.69 12.35 -28.04
C14 CLA BI . 24.83 11.20 -29.02
C15 CLA BI . 24.12 11.84 -26.72
C16 CLA BI . 24.87 10.64 -26.21
C17 CLA BI . 26.17 11.02 -25.53
C18 CLA BI . 27.37 10.29 -26.13
C19 CLA BI . 27.05 8.85 -26.46
C20 CLA BI . 28.57 10.37 -25.21
MG CLA CI . 20.56 31.61 -35.77
CHA CLA CI . 19.16 34.54 -34.52
CHB CLA CI . 18.71 29.80 -33.56
CHC CLA CI . 21.85 28.72 -37.11
CHD CLA CI . 22.44 33.52 -38.05
NA CLA CI . 19.18 32.12 -34.28
C1A CLA CI . 18.70 33.40 -33.92
C2A CLA CI . 17.70 33.29 -32.77
C3A CLA CI . 17.67 31.78 -32.44
C4A CLA CI . 18.58 31.18 -33.50
CMA CLA CI . 18.24 31.46 -31.09
CAA CLA CI . 16.30 33.81 -33.05
CBA CLA CI . 15.95 34.05 -34.51
CGA CLA CI . 15.45 32.81 -35.18
O1A CLA CI . 15.89 31.66 -35.10
O2A CLA CI . 14.34 33.02 -35.96
NB CLA CI . 20.29 29.63 -35.44
C1B CLA CI . 19.52 29.10 -34.46
C2B CLA CI . 19.68 27.61 -34.43
C3B CLA CI . 20.57 27.29 -35.43
C4B CLA CI . 20.98 28.58 -36.08
CMB CLA CI . 18.98 26.77 -33.46
CAB CLA CI . 21.11 26.03 -35.86
CBB CLA CI . 21.23 24.92 -35.12
NC CLA CI . 21.92 31.21 -37.29
C1C CLA CI . 22.31 29.95 -37.67
C2C CLA CI . 23.26 30.04 -38.78
C3C CLA CI . 23.43 31.41 -39.05
C4C CLA CI . 22.58 32.12 -38.11
CMC CLA CI . 23.89 28.90 -39.45
CAC CLA CI . 24.29 32.01 -40.09
CBC CLA CI . 25.70 32.24 -39.62
ND CLA CI . 20.88 33.56 -36.17
C1D CLA CI . 21.65 34.21 -37.16
C2D CLA CI . 21.46 35.68 -37.04
C3D CLA CI . 20.52 35.85 -36.04
C4D CLA CI . 20.17 34.50 -35.55
CMD CLA CI . 22.13 36.68 -37.86
CAD CLA CI . 19.76 36.82 -35.25
OBD CLA CI . 19.79 38.04 -35.27
CBD CLA CI . 18.81 36.00 -34.33
CGD CLA CI . 18.84 36.44 -32.89
O1D CLA CI . 17.88 36.61 -32.14
O2D CLA CI . 20.09 36.66 -32.40
CED CLA CI . 20.34 37.96 -31.86
C1 CLA CI . 14.40 34.10 -36.92
C2 CLA CI . 14.84 33.51 -38.21
C3 CLA CI . 14.76 34.18 -39.37
C4 CLA CI . 14.25 35.57 -39.44
C5 CLA CI . 15.19 33.56 -40.66
C6 CLA CI . 15.75 32.17 -40.50
C7 CLA CI . 15.53 31.37 -41.77
C8 CLA CI . 16.83 30.78 -42.32
C9 CLA CI . 17.39 31.65 -43.41
C10 CLA CI . 16.60 29.36 -42.83
MG CLA DI . 30.17 31.04 -41.63
CHA CLA DI . 31.31 33.93 -43.15
CHB CLA DI . 27.25 31.27 -43.36
CHC CLA DI . 29.19 28.03 -40.27
CHD CLA DI . 33.20 30.87 -39.81
NA CLA DI . 29.41 32.41 -43.01
C1A CLA DI . 30.05 33.53 -43.54
C2A CLA DI . 29.15 34.26 -44.53
C3A CLA DI . 27.81 33.49 -44.42
C4A CLA DI . 28.17 32.29 -43.55
CMA CLA DI . 26.74 34.35 -43.80
CAA CLA DI . 29.71 34.17 -45.93
CBA CLA DI . 30.31 32.81 -46.21
CGA CLA DI . 30.97 32.78 -47.56
O1A CLA DI . 31.31 33.74 -48.26
O2A CLA DI . 31.18 31.52 -48.03
NB CLA DI . 28.54 29.87 -41.79
C1B CLA DI . 27.45 30.13 -42.55
C2B CLA DI . 26.45 29.04 -42.42
C3B CLA DI . 26.99 28.12 -41.55
C4B CLA DI . 28.33 28.64 -41.13
CMB CLA DI . 25.17 29.04 -43.13
CAB CLA DI . 26.47 26.87 -41.05
CBB CLA DI . 25.76 25.98 -41.76
NC CLA DI . 31.04 29.72 -40.25
C1C CLA DI . 30.46 28.55 -39.85
C2C CLA DI . 31.35 27.85 -38.93
C3C CLA DI . 32.47 28.65 -38.78
C4C CLA DI . 32.28 29.82 -39.63
CMC CLA DI . 31.06 26.56 -38.31
CAC CLA DI . 33.66 28.38 -37.95
CBC CLA DI . 34.84 27.91 -38.77
ND CLA DI . 31.85 32.14 -41.41
C1D CLA DI . 33.03 31.95 -40.65
C2D CLA DI . 33.97 33.07 -40.91
C3D CLA DI . 33.36 33.85 -41.87
C4D CLA DI . 32.05 33.22 -42.16
CMD CLA DI . 35.27 33.22 -40.27
CAD CLA DI . 33.45 35.04 -42.69
OBD CLA DI . 34.33 35.90 -42.72
CBD CLA DI . 32.18 35.10 -43.58
CGD CLA DI . 31.46 36.42 -43.49
O1D CLA DI . 31.73 37.46 -44.09
O2D CLA DI . 30.42 36.41 -42.62
CED CLA DI . 29.95 37.68 -42.17
MG CLA EI . 39.91 21.25 -34.39
CHA CLA EI . 42.57 22.40 -32.50
CHB CLA EI . 39.77 24.25 -36.00
CHC CLA EI . 37.38 20.01 -36.34
CHD CLA EI . 40.01 18.21 -32.58
NA CLA EI . 41.02 23.02 -34.26
C1A CLA EI . 42.09 23.30 -33.42
C2A CLA EI . 42.62 24.71 -33.65
C3A CLA EI . 41.60 25.32 -34.62
C4A CLA EI . 40.74 24.12 -35.03
CMA CLA EI . 40.78 26.41 -33.95
CAA CLA EI . 43.98 24.62 -34.34
CBA CLA EI . 44.10 23.35 -35.17
CGA CLA EI . 45.13 23.45 -36.25
O1A CLA EI . 46.25 23.96 -36.20
O2A CLA EI . 44.73 22.84 -37.41
NB CLA EI . 38.74 22.02 -35.84
C1B CLA EI . 38.93 23.23 -36.43
C2B CLA EI . 38.05 23.33 -37.63
C3B CLA EI . 37.36 22.14 -37.74
C4B CLA EI . 37.80 21.29 -36.60
CMB CLA EI . 38.02 24.54 -38.47
CAB CLA EI . 36.41 21.69 -38.72
CBB CLA EI . 36.46 21.93 -40.03
NC CLA EI . 38.89 19.43 -34.44
C1C CLA EI . 37.89 19.13 -35.34
C2C CLA EI . 37.42 17.78 -35.11
C3C CLA EI . 38.14 17.28 -34.03
C4C CLA EI . 39.06 18.32 -33.61
CMC CLA EI . 36.38 17.10 -35.88
CAC CLA EI . 38.01 15.93 -33.42
CBC CLA EI . 39.15 15.02 -33.81
ND CLA EI . 41.06 20.40 -32.96
C1D CLA EI . 40.95 19.16 -32.26
C2D CLA EI . 42.00 19.11 -31.22
C3D CLA EI . 42.69 20.31 -31.30
C4D CLA EI . 42.02 21.09 -32.36
CMD CLA EI . 42.23 17.97 -30.33
CAD CLA EI . 43.76 21.14 -30.77
OBD CLA EI . 44.63 20.85 -29.95
CBD CLA EI . 43.65 22.53 -31.45
CGD CLA EI . 43.26 23.61 -30.47
O1D CLA EI . 42.31 24.40 -30.58
O2D CLA EI . 44.04 23.68 -29.37
CED CLA EI . 43.90 24.85 -28.55
C1 CLA EI . 45.72 22.06 -38.10
C2 CLA EI . 45.00 21.04 -38.92
C3 CLA EI . 44.76 21.19 -40.23
C4 CLA EI . 45.22 22.39 -40.96
C5 CLA EI . 44.05 20.17 -41.03
C6 CLA EI . 43.84 18.85 -40.32
C7 CLA EI . 42.76 18.03 -41.03
C8 CLA EI . 42.78 16.57 -40.64
C9 CLA EI . 44.04 15.89 -41.15
C10 CLA EI . 41.56 15.85 -41.19
MG CLA FI . 33.21 18.04 -26.01
CHA CLA FI . 31.47 18.44 -23.05
CHB CLA FI . 34.51 21.17 -25.65
CHC CLA FI . 35.00 17.56 -28.90
CHD CLA FI . 31.82 14.80 -26.34
NA CLA FI . 33.00 19.54 -24.58
C1A CLA FI . 32.24 19.52 -23.41
C2A CLA FI . 32.38 20.83 -22.63
C3A CLA FI . 33.21 21.72 -23.57
C4A CLA FI . 33.63 20.75 -24.68
CMA CLA FI . 32.42 22.88 -24.12
CAA CLA FI . 33.16 20.60 -21.35
CBA CLA FI . 34.32 21.59 -21.24
CGA CLA FI . 35.43 21.05 -20.39
O1A CLA FI . 35.64 21.23 -19.19
O2A CLA FI . 36.30 20.27 -21.10
NB CLA FI . 34.53 19.13 -27.06
C1B CLA FI . 34.93 20.39 -26.75
C2B CLA FI . 35.86 20.89 -27.78
C3B CLA FI . 36.02 19.88 -28.71
C4B CLA FI . 35.16 18.75 -28.26
CMB CLA FI . 36.42 22.24 -27.72
CAB CLA FI . 36.79 19.82 -29.91
CBB CLA FI . 37.81 18.97 -30.12
NC CLA FI . 33.36 16.46 -27.37
C1C CLA FI . 34.16 16.48 -28.49
C2C CLA FI . 34.03 15.23 -29.22
C3C CLA FI . 33.12 14.44 -28.50
C4C CLA FI . 32.72 15.23 -27.34
CMC CLA FI . 34.73 14.90 -30.46
CAC CLA FI . 32.67 13.08 -28.83
CBC CLA FI . 33.46 12.03 -28.07
ND CLA FI . 31.91 16.86 -25.01
C1D CLA FI . 31.43 15.54 -25.25
C2D CLA FI . 30.49 15.18 -24.17
C3D CLA FI . 30.47 16.25 -23.30
C4D CLA FI . 31.38 17.27 -23.86
CMD CLA FI . 29.77 13.90 -24.09
CAD CLA FI . 29.91 16.81 -22.09
OBD CLA FI . 29.07 16.33 -21.34
CBD CLA FI . 30.55 18.22 -21.88
CGD CLA FI . 29.49 19.29 -21.83
O1D CLA FI . 28.76 19.66 -22.75
O2D CLA FI . 29.34 19.89 -20.62
CED CLA FI . 28.12 20.58 -20.37
C1 CLA FI . 37.65 20.20 -20.60
C2 CLA FI . 38.33 19.14 -21.39
C3 CLA FI . 38.13 17.83 -21.16
C4 CLA FI . 37.24 17.34 -20.09
C5 CLA FI . 38.82 16.79 -21.98
C6 CLA FI . 37.87 16.06 -22.90
C7 CLA FI . 37.21 17.02 -23.88
C8 CLA FI . 36.08 16.38 -24.67
C9 CLA FI . 35.05 15.79 -23.73
C10 CLA FI . 36.62 15.30 -25.60
C11 CLA FI . 37.54 15.88 -26.64
C12 CLA FI . 37.90 14.85 -27.70
C13 CLA FI . 39.32 15.06 -28.23
C14 CLA FI . 39.73 13.88 -29.07
MG CLA GI . 24.69 20.51 -28.10
CHA CLA GI . 23.83 23.51 -26.56
CHB CLA GI . 26.78 19.80 -25.52
CHC CLA GI . 25.46 17.54 -29.63
CHD CLA GI . 22.55 21.36 -30.79
NA CLA GI . 25.22 21.51 -26.35
C1A CLA GI . 24.75 22.76 -25.88
C2A CLA GI . 25.41 23.12 -24.55
C3A CLA GI . 26.47 22.02 -24.36
C4A CLA GI . 26.15 21.02 -25.47
CMA CLA GI . 27.87 22.54 -24.47
CAA CLA GI . 24.38 23.08 -23.43
CBA CLA GI . 24.63 21.95 -22.47
CGA CLA GI . 23.89 20.71 -22.90
O1A CLA GI . 23.47 20.41 -24.01
O2A CLA GI . 23.71 19.83 -21.86
NB CLA GI . 25.97 19.02 -27.72
C1B CLA GI . 26.57 18.82 -26.51
C2B CLA GI . 27.03 17.41 -26.38
C3B CLA GI . 26.65 16.76 -27.54
C4B CLA GI . 25.98 17.78 -28.41
CMB CLA GI . 27.70 16.89 -25.20
CAB CLA GI . 26.82 15.40 -27.95
CBB CLA GI . 28.00 14.77 -28.01
NC CLA GI . 24.11 19.62 -29.89
C1C CLA GI . 24.57 18.41 -30.33
C2C CLA GI . 23.99 18.10 -31.64
C3C CLA GI . 23.15 19.17 -31.95
C4C CLA GI . 23.25 20.13 -30.86
CMC CLA GI . 24.25 16.87 -32.40
CAC CLA GI . 22.34 19.32 -33.16
CBC CLA GI . 20.88 19.04 -32.91
ND CLA GI . 23.37 21.98 -28.57
C1D CLA GI . 22.60 22.23 -29.73
C2D CLA GI . 21.90 23.53 -29.58
C3D CLA GI . 22.30 24.05 -28.36
C4D CLA GI . 23.25 23.06 -27.80
CMD CLA GI . 20.96 24.08 -30.54
CAD CLA GI . 22.17 25.12 -27.39
OBD CLA GI . 21.40 26.07 -27.38
CBD CLA GI . 23.25 24.87 -26.30
CGD CLA GI . 24.33 25.93 -26.35
O1D CLA GI . 25.12 26.13 -27.27
O2D CLA GI . 24.41 26.71 -25.23
CED CLA GI . 25.25 27.86 -25.30
C1 CLA GI . 24.69 18.78 -21.74
C2 CLA GI . 24.12 17.60 -22.42
C3 CLA GI . 24.70 16.38 -22.37
C4 CLA GI . 25.95 16.14 -21.62
C5 CLA GI . 24.10 15.21 -23.06
C6 CLA GI . 24.55 15.10 -24.51
C7 CLA GI . 23.36 15.01 -25.43
C8 CLA GI . 22.55 16.30 -25.50
C9 CLA GI . 21.09 16.00 -25.28
C10 CLA GI . 22.79 16.99 -26.84
C11 CLA GI . 21.59 17.77 -27.35
C12 CLA GI . 21.56 19.19 -26.79
C13 CLA GI . 20.63 20.10 -27.57
C14 CLA GI . 19.90 21.05 -26.63
C15 CLA GI . 19.62 19.33 -28.40
MG CLA HI . 26.66 4.31 -35.18
CHA CLA HI . 26.68 0.91 -35.79
CHB CLA HI . 23.37 4.12 -34.30
CHC CLA HI . 26.75 7.64 -34.34
CHD CLA HI . 30.07 4.45 -36.08
NA CLA HI . 25.26 2.76 -35.10
C1A CLA HI . 25.47 1.41 -35.37
C2A CLA HI . 24.18 0.60 -35.18
C3A CLA HI . 23.12 1.70 -34.94
C4A CLA HI . 23.96 2.96 -34.74
CMA CLA HI . 22.17 1.82 -36.10
CAA CLA HI . 24.32 -0.26 -33.94
CBA CLA HI . 24.99 0.50 -32.79
CGA CLA HI . 24.98 -0.29 -31.52
O1A CLA HI . 25.01 -1.50 -31.36
O2A CLA HI . 24.95 0.50 -30.40
NB CLA HI . 25.31 5.64 -34.50
C1B CLA HI . 24.04 5.35 -34.10
C2B CLA HI . 23.44 6.52 -33.44
C3B CLA HI . 24.37 7.52 -33.45
C4B CLA HI . 25.59 6.98 -34.13
CMB CLA HI . 22.08 6.53 -32.91
CAB CLA HI . 24.30 8.86 -32.93
CBB CLA HI . 24.96 9.28 -31.84
NC CLA HI . 28.14 5.78 -35.26
C1C CLA HI . 27.95 7.09 -34.87
C2C CLA HI . 29.19 7.84 -35.05
C3C CLA HI . 30.14 6.93 -35.52
C4C CLA HI . 29.47 5.64 -35.65
CMC CLA HI . 29.35 9.26 -34.75
CAC CLA HI . 31.55 7.21 -35.85
CBC CLA HI . 32.48 6.79 -34.74
ND CLA HI . 28.08 3.04 -35.84
C1D CLA HI . 29.45 3.22 -36.18
C2D CLA HI . 30.01 1.93 -36.60
C3D CLA HI . 28.99 1.00 -36.48
C4D CLA HI . 27.82 1.75 -35.99
CMD CLA HI . 31.39 1.73 -37.05
CAD CLA HI . 28.60 -0.39 -36.65
OBD CLA HI . 29.24 -1.34 -37.07
CBD CLA HI . 27.11 -0.49 -36.19
CGD CLA HI . 26.22 -1.05 -37.27
O1D CLA HI . 25.57 -0.41 -38.11
O2D CLA HI . 26.16 -2.41 -37.29
CED CLA HI . 24.93 -3.01 -37.71
C1 CLA HI . 25.36 -0.11 -29.16
C2 CLA HI . 25.72 0.97 -28.22
C3 CLA HI . 26.56 0.79 -27.19
C4 CLA HI . 27.21 -0.50 -26.92
C5 CLA HI . 26.90 1.92 -26.27
C6 CLA HI . 28.29 2.48 -26.53
C7 CLA HI . 28.56 3.67 -25.65
C8 CLA HI . 29.82 4.42 -26.05
C9 CLA HI . 30.94 3.45 -26.38
C10 CLA HI . 30.27 5.37 -24.94
MG CLA II . 27.39 13.47 -48.87
CHA CLA II . 26.18 10.43 -50.01
CHB CLA II . 30.05 13.20 -50.98
CHC CLA II . 28.58 16.48 -47.66
CHD CLA II . 24.68 13.65 -46.62
NA CLA II . 27.97 12.05 -50.28
C1A CLA II . 27.34 10.84 -50.61
C2A CLA II . 28.11 10.11 -51.70
C3A CLA II . 29.36 10.97 -51.92
C4A CLA II . 29.13 12.18 -51.01
CMA CLA II . 30.63 10.23 -51.57
CAA CLA II . 27.26 10.05 -52.97
CBA CLA II . 27.70 11.09 -53.99
CGA CLA II . 26.60 12.08 -54.26
O1A CLA II . 25.39 11.93 -54.19
O2A CLA II . 27.09 13.31 -54.63
NB CLA II . 29.04 14.58 -49.19
C1B CLA II . 29.96 14.35 -50.18
C2B CLA II . 30.90 15.52 -50.27
C3B CLA II . 30.48 16.44 -49.34
C4B CLA II . 29.29 15.86 -48.64
CMB CLA II . 32.00 15.56 -51.23
CAB CLA II . 31.00 17.74 -49.01
CBB CLA II . 32.29 18.07 -48.94
NC CLA II . 26.73 14.82 -47.43
C1C CLA II . 27.36 15.99 -47.09
C2C CLA II . 26.63 16.67 -46.04
C3C CLA II . 25.53 15.88 -45.74
C4C CLA II . 25.60 14.71 -46.61
CMC CLA II . 27.01 17.96 -45.45
CAC CLA II . 24.46 16.12 -44.75
CBC CLA II . 23.24 16.74 -45.38
ND CLA II . 25.70 12.44 -48.48
C1D CLA II . 24.71 12.58 -47.47
C2D CLA II . 23.78 11.43 -47.53
C3D CLA II . 24.27 10.60 -48.52
C4D CLA II . 25.50 11.24 -49.04
CMD CLA II . 22.59 11.28 -46.70
CAD CLA II . 24.08 9.38 -49.27
OBD CLA II . 23.13 8.61 -49.28
CBD CLA II . 25.38 9.16 -50.11
CGD CLA II . 26.13 8.02 -49.49
O1D CLA II . 26.14 7.69 -48.30
O2D CLA II . 26.89 7.29 -50.34
CED CLA II . 27.78 6.35 -49.74
C1 CLA II . 26.77 14.42 -53.77
C2 CLA II . 27.56 15.58 -54.25
C3 CLA II . 28.03 16.53 -53.43
C4 CLA II . 28.82 17.69 -53.91
C5 CLA II . 27.79 16.46 -51.96
MG CLA JI . 33.73 0.95 -43.24
CHA CLA JI . 33.68 -0.18 -46.53
CHB CLA JI . 35.08 -2.00 -42.25
CHC CLA JI . 33.65 2.06 -39.99
CHD CLA JI . 32.27 3.99 -44.32
NA CLA JI . 34.31 -0.78 -44.26
C1A CLA JI . 34.21 -1.05 -45.63
C2A CLA JI . 34.77 -2.45 -45.95
C3A CLA JI . 35.26 -2.98 -44.57
C4A CLA JI . 34.87 -1.86 -43.62
CMA CLA JI . 34.61 -4.29 -44.21
CAA CLA JI . 35.93 -2.39 -46.92
CBA CLA JI . 37.01 -1.43 -46.46
CGA CLA JI . 37.88 -1.08 -47.63
O1A CLA JI . 37.56 -0.54 -48.68
O2A CLA JI . 39.19 -1.40 -47.43
NB CLA JI . 34.29 0.18 -41.47
C1B CLA JI . 34.78 -1.06 -41.26
C2B CLA JI . 34.96 -1.30 -39.80
C3B CLA JI . 34.55 -0.15 -39.15
C4B CLA JI . 34.12 0.81 -40.21
CMB CLA JI . 35.48 -2.57 -39.27
CAB CLA JI . 34.51 0.20 -37.76
CBB CLA JI . 34.42 -0.64 -36.72
NC CLA JI . 33.09 2.72 -42.33
C1C CLA JI . 33.16 2.97 -40.99
C2C CLA JI . 32.65 4.30 -40.70
C3C CLA JI . 32.24 4.85 -41.93
C4C CLA JI . 32.53 3.85 -42.94
CMC CLA JI . 32.58 4.91 -39.37
CAC CLA JI . 31.67 6.18 -42.16
CBC CLA JI . 32.68 7.12 -42.77
ND CLA JI . 33.12 1.78 -44.98
C1D CLA JI . 32.52 3.04 -45.28
C2D CLA JI . 32.24 3.11 -46.73
C3D CLA JI . 32.65 1.90 -47.26
C4D CLA JI . 33.19 1.11 -46.14
CMD CLA JI . 31.64 4.25 -47.42
CAD CLA JI . 32.77 1.09 -48.45
OBD CLA JI . 32.43 1.34 -49.61
CBD CLA JI . 33.43 -0.26 -48.03
CGD CLA JI . 32.58 -1.44 -48.40
O1D CLA JI . 32.56 -2.05 -49.47
O2D CLA JI . 31.74 -1.85 -47.41
CED CLA JI . 30.95 -3.02 -47.65
C1 CLA JI . 39.91 -0.67 -46.42
C2 CLA JI . 40.11 0.71 -46.92
C3 CLA JI . 41.24 1.39 -46.73
C4 CLA JI . 42.40 0.80 -46.02
C5 CLA JI . 41.41 2.78 -47.24
C6 CLA JI . 41.65 3.79 -46.13
MG CLA KI . 33.68 -6.05 -36.99
CHA CLA KI . 33.10 -6.43 -40.39
CHB CLA KI . 35.38 -9.00 -36.96
CHC CLA KI . 34.31 -5.58 -33.65
CHD CLA KI . 31.94 -2.98 -37.08
NA CLA KI . 34.15 -7.47 -38.46
C1A CLA KI . 33.82 -7.44 -39.82
C2A CLA KI . 34.37 -8.66 -40.54
C3A CLA KI . 34.93 -9.53 -39.40
C4A CLA KI . 34.84 -8.61 -38.17
CMA CLA KI . 34.14 -10.80 -39.21
CAA CLA KI . 35.49 -8.21 -41.45
CBA CLA KI . 36.35 -7.15 -40.79
CGA CLA KI . 37.45 -6.62 -41.69
O1A CLA KI . 38.37 -7.25 -42.21
O2A CLA KI . 37.35 -5.28 -41.90
NB CLA KI . 34.58 -7.14 -35.56
C1B CLA KI . 35.33 -8.25 -35.78
C2B CLA KI . 36.10 -8.59 -34.55
C3B CLA KI . 35.82 -7.62 -33.61
C4B CLA KI . 34.84 -6.69 -34.24
CMB CLA KI . 37.01 -9.73 -34.47
CAB CLA KI . 36.29 -7.44 -32.26
CBB CLA KI . 36.44 -8.41 -31.35
NC CLA KI . 33.19 -4.56 -35.62
C1C CLA KI . 33.53 -4.57 -34.30
C2C CLA KI . 33.01 -3.39 -33.64
C3C CLA KI . 32.36 -2.64 -34.61
C4C CLA KI . 32.48 -3.38 -35.86
CMC CLA KI . 33.19 -3.08 -32.21
CAC CLA KI . 31.69 -1.34 -34.44
CBC CLA KI . 30.30 -1.46 -33.86
ND CLA KI . 32.79 -4.88 -38.37
C1D CLA KI . 32.07 -3.66 -38.27
C2D CLA KI . 31.52 -3.31 -39.60
C3D CLA KI . 31.90 -4.34 -40.46
C4D CLA KI . 32.67 -5.29 -39.63
CMD CLA KI . 30.75 -2.12 -39.90
CAD CLA KI . 31.85 -4.86 -41.81
OBD CLA KI . 31.36 -4.37 -42.82
CBD CLA KI . 32.57 -6.23 -41.79
CGD CLA KI . 31.59 -7.33 -42.13
O1D CLA KI . 31.28 -8.29 -41.43
O2D CLA KI . 30.99 -7.18 -43.34
CED CLA KI . 29.72 -7.80 -43.54
C1 CLA KI . 38.54 -4.62 -42.40
C2 CLA KI . 38.24 -3.16 -42.42
C3 CLA KI . 39.10 -2.22 -42.84
C4 CLA KI . 40.45 -2.53 -43.34
C5 CLA KI . 38.71 -0.78 -42.82
C6 CLA KI . 39.23 -0.04 -41.60
C7 CLA KI . 38.25 -0.16 -40.45
C8 CLA KI . 38.65 0.71 -39.26
C9 CLA KI . 38.70 -0.11 -38.00
C10 CLA KI . 37.69 1.88 -39.08
C11 CLA KI . 38.28 2.95 -38.20
C12 CLA KI . 37.28 4.05 -37.87
C13 CLA KI . 36.47 3.72 -36.63
C14 CLA KI . 35.50 4.84 -36.30
C15 CLA KI . 37.38 3.45 -35.43
MG CLA LI . 25.01 -7.20 -29.73
CHA CLA LI . 25.68 -5.05 -32.36
CHB CLA LI . 28.34 -7.75 -29.32
CHC CLA LI . 24.29 -9.15 -27.00
CHD CLA LI . 21.55 -6.66 -30.24
NA CLA LI . 26.72 -6.51 -30.71
C1A CLA LI . 26.78 -5.60 -31.77
C2A CLA LI . 28.23 -5.37 -32.20
C3A CLA LI . 29.02 -6.38 -31.34
C4A CLA LI . 27.97 -6.92 -30.37
CMA CLA LI . 29.56 -7.47 -32.23
CAA CLA LI . 28.71 -3.95 -31.95
CBA CLA LI . 28.19 -3.33 -30.67
CGA CLA LI . 29.08 -2.17 -30.31
O1A CLA LI . 30.31 -2.15 -30.20
O2A CLA LI . 28.40 -1.00 -30.09
NB CLA LI . 26.11 -8.24 -28.40
C1B CLA LI . 27.46 -8.33 -28.39
C2B CLA LI . 27.90 -9.17 -27.24
C3B CLA LI . 26.75 -9.56 -26.58
C4B CLA LI . 25.60 -8.98 -27.31
CMB CLA LI . 29.30 -9.47 -26.95
CAB CLA LI . 26.58 -10.39 -25.42
CBB CLA LI . 27.21 -10.24 -24.25
NC CLA LI . 23.23 -7.81 -28.82
C1C CLA LI . 23.17 -8.62 -27.71
C2C CLA LI . 21.78 -8.85 -27.34
C3C CLA LI . 20.99 -8.14 -28.25
C4C CLA LI . 21.92 -7.49 -29.18
CMC CLA LI . 21.34 -9.66 -26.21
CAC CLA LI . 19.53 -8.07 -28.29
CBC CLA LI . 18.99 -6.72 -27.88
ND CLA LI . 23.84 -6.19 -31.02
C1D CLA LI . 22.42 -6.03 -31.11
C2D CLA LI . 22.11 -5.13 -32.23
C3D CLA LI . 23.33 -4.72 -32.75
C4D CLA LI . 24.36 -5.39 -31.95
CMD CLA LI . 20.77 -4.77 -32.65
CAD CLA LI . 24.00 -3.93 -33.77
OBD CLA LI . 23.52 -3.26 -34.67
CBD CLA LI . 25.53 -4.08 -33.52
CGD CLA LI . 26.28 -4.56 -34.73
O1D CLA LI . 25.96 -5.46 -35.51
O2D CLA LI . 27.45 -3.90 -34.95
CED CLA LI . 28.51 -4.61 -35.59
C1 CLA LI . 28.42 -0.01 -31.14
C2 CLA LI . 29.68 0.77 -30.99
C3 CLA LI . 29.93 1.87 -31.71
C4 CLA LI . 28.97 2.40 -32.70
C5 CLA LI . 31.21 2.63 -31.55
C6 CLA LI . 31.87 2.96 -32.87
C7 CLA LI . 33.03 2.04 -33.16
C8 CLA LI . 34.27 2.41 -32.36
MG CLA MI . 18.95 2.07 -34.26
CHA CLA MI . 17.72 5.26 -34.80
CHB CLA MI . 19.70 2.90 -31.05
CHC CLA MI . 20.37 -1.04 -33.84
CHD CLA MI . 18.08 1.21 -37.57
NA CLA MI . 18.70 3.80 -33.13
C1A CLA MI . 18.18 5.03 -33.53
C2A CLA MI . 18.17 6.03 -32.36
C3A CLA MI . 18.66 5.19 -31.16
C4A CLA MI . 19.07 3.85 -31.81
CMA CLA MI . 19.80 5.83 -30.42
CAA CLA MI . 16.77 6.56 -32.08
CBA CLA MI . 16.76 7.68 -31.07
CGA CLA MI . 17.83 8.69 -31.37
O1A CLA MI . 18.28 9.03 -32.46
O2A CLA MI . 18.32 9.27 -30.24
NB CLA MI . 19.84 1.10 -32.73
C1B CLA MI . 20.12 1.64 -31.51
C2B CLA MI . 20.94 0.69 -30.72
C3B CLA MI . 21.13 -0.42 -31.49
C4B CLA MI . 20.43 -0.18 -32.78
CMB CLA MI . 21.39 1.00 -29.36
CAB CLA MI . 21.84 -1.65 -31.21
CBB CLA MI . 21.82 -2.33 -30.06
NC CLA MI . 19.16 0.38 -35.49
C1C CLA MI . 19.76 -0.79 -35.11
C2C CLA MI . 19.72 -1.74 -36.19
C3C CLA MI . 19.08 -1.11 -37.26
C4C CLA MI . 18.72 0.23 -36.80
CMC CLA MI . 20.28 -3.10 -36.13
CAC CLA MI . 18.79 -1.70 -38.58
CBC CLA MI . 17.54 -2.55 -38.59
ND CLA MI . 18.08 2.95 -35.85
C1D CLA MI . 17.78 2.49 -37.16
C2D CLA MI . 17.15 3.58 -37.93
C3D CLA MI . 17.15 4.69 -37.09
C4D CLA MI . 17.73 4.23 -35.80
CMD CLA MI . 16.70 3.47 -39.31
CAD CLA MI . 16.78 6.07 -36.93
OBD CLA MI . 16.29 6.86 -37.74
CBD CLA MI . 17.14 6.49 -35.47
CGD CLA MI . 18.10 7.65 -35.45
O1D CLA MI . 17.82 8.85 -35.54
O2D CLA MI . 19.40 7.30 -35.32
CED CLA MI . 20.39 8.29 -35.59
C1 CLA MI . 19.74 9.53 -30.21
C2 CLA MI . 20.12 9.58 -28.78
C3 CLA MI . 21.28 9.11 -28.30
C4 CLA MI . 21.61 9.19 -26.86
C5 CLA MI . 22.29 8.48 -29.18
C6 CLA MI . 22.86 7.22 -28.57
C7 CLA MI . 24.17 6.82 -29.23
C8 CLA MI . 24.24 5.33 -29.59
C9 CLA MI . 23.13 4.54 -28.95
C10 CLA MI . 25.59 4.75 -29.18
C11 CLA MI . 26.45 4.46 -30.39
C12 CLA MI . 27.93 4.67 -30.11
C13 CLA MI . 28.33 6.14 -30.12
C14 CLA MI . 27.54 6.91 -31.16
C15 CLA MI . 29.82 6.31 -30.39
C16 CLA MI . 30.19 7.77 -30.54
C17 CLA MI . 30.06 8.53 -29.23
C18 CLA MI . 29.71 10.00 -29.44
C19 CLA MI . 28.26 10.19 -29.77
C20 CLA MI . 30.57 10.60 -30.53
MG CLA NI . 20.43 3.40 -15.77
CHA CLA NI . 22.58 6.05 -15.14
CHB CLA NI . 22.96 1.74 -17.34
CHC CLA NI . 18.34 0.71 -16.14
CHD CLA NI . 17.84 5.20 -14.17
NA CLA NI . 22.42 3.86 -16.17
C1A CLA NI . 23.13 5.00 -15.81
C2A CLA NI . 24.58 4.92 -16.28
C3A CLA NI . 24.58 3.67 -17.19
C4A CLA NI . 23.24 3.01 -16.87
CMA CLA NI . 24.70 4.06 -18.64
CAA CLA NI . 25.39 4.66 -15.04
CBA CLA NI . 26.71 3.97 -15.31
CGA CLA NI . 27.34 3.64 -13.99
O1A CLA NI . 27.03 4.03 -12.86
O2A CLA NI . 28.40 2.79 -14.11
NB CLA NI . 20.59 1.60 -16.63
C1B CLA NI . 21.75 1.06 -17.13
C2B CLA NI . 21.53 -0.36 -17.47
C3B CLA NI . 20.22 -0.67 -17.14
C4B CLA NI . 19.62 0.58 -16.60
CMB CLA NI . 22.60 -1.19 -18.03
CAB CLA NI . 19.48 -1.90 -17.24
CBB CLA NI . 19.74 -2.94 -18.03
NC CLA NI . 18.43 3.04 -15.27
C1C CLA NI . 17.78 1.87 -15.52
C2C CLA NI . 16.40 1.95 -15.04
C3C CLA NI . 16.27 3.22 -14.47
C4C CLA NI . 17.55 3.90 -14.61
CMC CLA NI . 15.42 0.88 -15.14
CAC CLA NI . 15.06 3.78 -13.83
CBC CLA NI . 15.17 3.77 -12.33
ND CLA NI . 20.19 5.19 -14.84
C1D CLA NI . 19.06 5.82 -14.25
C2D CLA NI . 19.46 7.16 -13.78
C3D CLA NI . 20.81 7.30 -14.07
C4D CLA NI . 21.20 6.05 -14.75
CMD CLA NI . 18.58 8.12 -13.12
CAD CLA NI . 21.97 8.16 -14.02
OBD CLA NI . 22.10 9.28 -13.53
CBD CLA NI . 23.14 7.39 -14.73
CGD CLA NI . 23.64 8.13 -15.92
O1D CLA NI . 23.60 7.78 -17.11
O2D CLA NI . 24.20 9.34 -15.63
CED CLA NI . 24.78 10.08 -16.70
C1 CLA NI . 29.14 2.51 -12.91
C2 CLA NI . 29.94 1.30 -13.19
C3 CLA NI . 31.26 1.34 -13.43
C4 CLA NI . 32.02 2.61 -13.43
C5 CLA NI . 32.02 0.09 -13.71
C6 CLA NI . 32.46 -0.62 -12.45
C7 CLA NI . 33.12 -1.94 -12.79
C8 CLA NI . 33.52 -2.73 -11.54
C9 CLA NI . 34.97 -3.17 -11.63
C10 CLA NI . 32.59 -3.91 -11.31
C11 CLA NI . 33.09 -5.19 -11.95
C12 CLA NI . 32.51 -6.41 -11.26
C13 CLA NI . 32.92 -7.70 -11.96
C14 CLA NI . 34.42 -7.85 -12.01
C15 CLA NI . 32.33 -7.78 -13.37
C16 CLA NI . 32.57 -9.14 -13.98
C17 CLA NI . 31.88 -9.28 -15.32
C18 CLA NI . 31.75 -10.75 -15.72
C19 CLA NI . 31.55 -10.89 -17.22
MG CLA OI . 30.53 11.94 -17.07
CHA CLA OI . 28.74 8.97 -17.16
CHB CLA OI . 31.64 11.36 -20.22
CHC CLA OI . 32.22 14.91 -16.93
CHD CLA OI . 29.36 12.48 -13.76
NA CLA OI . 30.24 10.39 -18.44
C1A CLA OI . 29.46 9.24 -18.29
C2A CLA OI . 29.54 8.36 -19.54
C3A CLA OI . 30.57 9.09 -20.43
C4A CLA OI . 30.85 10.38 -19.66
CMA CLA OI . 31.83 8.27 -20.63
CAA CLA OI . 28.19 8.24 -20.23
CBA CLA OI . 28.31 7.82 -21.68
CGA CLA OI . 27.34 6.70 -21.93
O1A CLA OI . 27.31 5.59 -21.40
O2A CLA OI . 26.42 7.00 -22.89
NB CLA OI . 31.82 12.87 -18.28
C1B CLA OI . 31.95 12.59 -19.61
C2B CLA OI . 32.48 13.77 -20.35
C3B CLA OI . 32.65 14.78 -19.43
C4B CLA OI . 32.23 14.22 -18.11
CMB CLA OI . 32.71 13.74 -21.80
CAB CLA OI . 33.11 16.13 -19.56
CBB CLA OI . 33.90 16.62 -20.52
NC CLA OI . 30.77 13.41 -15.60
C1C CLA OI . 31.54 14.53 -15.75
C2C CLA OI . 31.52 15.32 -14.52
C3C CLA OI . 30.68 14.65 -13.63
C4C CLA OI . 30.22 13.44 -14.31
CMC CLA OI . 32.25 16.57 -14.32
CAC CLA OI . 30.33 15.03 -12.25
CBC CLA OI . 31.09 14.23 -11.22
ND CLA OI . 29.26 11.06 -15.77
C1D CLA OI . 28.91 11.36 -14.43
C2D CLA OI . 28.00 10.31 -13.91
C3D CLA OI . 27.88 9.39 -14.93
C4D CLA OI . 28.72 9.88 -16.05
CMD CLA OI . 27.38 10.31 -12.59
CAD CLA OI . 27.28 8.15 -15.36
OBD CLA OI . 26.44 7.47 -14.79
CBD CLA OI . 27.89 7.79 -16.74
CGD CLA OI . 28.72 6.54 -16.68
O1D CLA OI . 29.45 6.19 -15.75
O2D CLA OI . 28.63 5.75 -17.78
CED CLA OI . 29.41 4.55 -17.79
C1 CLA OI . 26.36 6.14 -24.04
C2 CLA OI . 25.38 5.08 -23.74
C3 CLA OI . 24.13 5.10 -24.23
C4 CLA OI . 23.64 6.19 -25.10
C5 CLA OI . 23.16 4.01 -23.90
C6 CLA OI . 22.92 3.07 -25.07
C7 CLA OI . 22.06 1.90 -24.63
C8 CLA OI . 21.82 0.91 -25.75
C9 CLA OI . 20.54 0.13 -25.52
C10 CLA OI . 22.99 -0.06 -25.89
C11 CLA OI . 23.14 -0.94 -24.68
C12 CLA OI . 24.27 -1.94 -24.83
C13 CLA OI . 24.73 -2.49 -23.50
C14 CLA OI . 26.02 -3.27 -23.67
C15 CLA OI . 23.67 -3.37 -22.86
C16 CLA OI . 24.18 -4.10 -21.64
C17 CLA OI . 24.34 -3.19 -20.44
C18 CLA OI . 24.76 -3.94 -19.18
C19 CLA OI . 26.18 -4.43 -19.29
C20 CLA OI . 23.82 -5.09 -18.90
MG CLA PI . 9.08 19.44 -15.10
CHA CLA PI . 8.88 22.30 -17.05
CHB CLA PI . 10.96 21.12 -12.82
CHC CLA PI . 9.16 16.60 -13.17
CHD CLA PI . 7.14 17.72 -17.50
NA CLA PI . 9.82 21.39 -15.00
C1A CLA PI . 9.63 22.43 -15.91
C2A CLA PI . 10.35 23.70 -15.45
C3A CLA PI . 11.15 23.22 -14.22
C4A CLA PI . 10.61 21.82 -13.97
CMA CLA PI . 12.64 23.21 -14.48
CAA CLA PI . 9.36 24.79 -15.07
CBA CLA PI . 8.17 24.25 -14.30
CGA CLA PI . 8.43 24.37 -12.83
O1A CLA PI . 9.43 24.80 -12.26
O2A CLA PI . 7.38 23.92 -12.07
NB CLA PI . 9.96 18.93 -13.36
C1B CLA PI . 10.55 19.81 -12.50
C2B CLA PI . 10.72 19.18 -11.16
C3B CLA PI . 10.22 17.90 -11.26
C4B CLA PI . 9.74 17.72 -12.66
CMB CLA PI . 11.33 19.88 -10.03
CAB CLA PI . 10.12 16.84 -10.29
CBB CLA PI . 9.87 16.98 -8.98
NC CLA PI . 8.32 17.50 -15.33
C1C CLA PI . 8.52 16.48 -14.43
C2C CLA PI . 7.89 15.27 -14.93
C3C CLA PI . 7.28 15.58 -16.13
C4C CLA PI . 7.56 16.99 -16.38
CMC CLA PI . 7.90 13.97 -14.23
CAC CLA PI . 6.53 14.68 -17.02
CBC CLA PI . 5.04 14.96 -17.03
ND CLA PI . 8.18 19.85 -16.86
C1D CLA PI . 7.41 19.05 -17.74
C2D CLA PI . 6.97 19.88 -18.88
C3D CLA PI . 7.49 21.14 -18.66
C4D CLA PI . 8.25 21.06 -17.41
CMD CLA PI . 6.13 19.40 -19.98
CAD CLA PI . 7.61 22.50 -19.16
OBD CLA PI . 7.11 23.01 -20.16
CBD CLA PI . 8.52 23.28 -18.16
CGD CLA PI . 9.70 23.86 -18.87
O1D CLA PI . 10.64 23.26 -19.38
O2D CLA PI . 9.68 25.22 -18.98
CED CLA PI . 10.33 25.80 -20.11
C1 CLA PI . 7.71 23.01 -11.01
C2 CLA PI . 7.59 21.63 -11.56
C3 CLA PI . 6.51 20.87 -11.37
C4 CLA PI . 5.35 21.33 -10.57
C5 CLA PI . 6.44 19.50 -11.96
C6 CLA PI . 5.37 19.36 -13.04
C7 CLA PI . 5.51 20.45 -14.09
C8 CLA PI . 4.69 20.18 -15.33
C9 CLA PI . 4.43 21.47 -16.08
C10 CLA PI . 3.37 19.50 -14.98
C11 CLA PI . 2.99 18.46 -16.01
C12 CLA PI . 1.95 18.98 -16.99
C13 CLA PI . 1.02 17.87 -17.45
C14 CLA PI . 1.74 16.91 -18.37
C15 CLA PI . -0.24 18.42 -18.10
C16 CLA PI . 0.03 18.89 -19.52
C17 CLA PI . -0.99 18.35 -20.50
C18 CLA PI . -2.17 19.30 -20.72
C19 CLA PI . -2.74 19.14 -22.12
C20 CLA PI . -1.79 20.74 -20.48
MG CLA QI . 15.07 19.31 -21.78
CHA CLA QI . 16.94 22.23 -21.61
CHB CLA QI . 12.34 21.02 -20.70
CHC CLA QI . 13.21 16.47 -22.22
CHD CLA QI . 17.96 17.59 -22.88
NA CLA QI . 14.73 21.29 -21.21
C1A CLA QI . 15.63 22.37 -21.23
C2A CLA QI . 14.98 23.64 -20.74
C3A CLA QI . 13.61 23.15 -20.20
C4A CLA QI . 13.52 21.73 -20.75
CMA CLA QI . 13.61 23.18 -18.70
CAA CLA QI . 14.81 24.65 -21.87
CBA CLA QI . 13.57 24.43 -22.70
CGA CLA QI . 13.92 23.86 -24.04
O1A CLA QI . 14.59 22.85 -24.29
O2A CLA QI . 13.41 24.58 -25.08
NB CLA QI . 13.15 18.82 -21.45
C1B CLA QI . 12.16 19.70 -21.16
C2B CLA QI . 10.83 19.05 -21.34
C3B CLA QI . 11.06 17.76 -21.75
C4B CLA QI . 12.55 17.59 -21.83
CMB CLA QI . 9.58 19.75 -21.08
CAB CLA QI . 10.12 16.72 -22.07
CBB CLA QI . 10.10 15.51 -21.52
NC CLA QI . 15.52 17.36 -22.39
C1C CLA QI . 14.61 16.35 -22.47
C2C CLA QI . 15.27 15.13 -22.91
C3C CLA QI . 16.60 15.45 -23.14
C4C CLA QI . 16.76 16.86 -22.80
CMC CLA QI . 14.60 13.84 -23.10
CAC CLA QI . 17.67 14.55 -23.59
CBC CLA QI . 17.77 14.51 -25.10
ND CLA QI . 17.01 19.73 -22.14
C1D CLA QI . 18.10 18.93 -22.59
C2D CLA QI . 19.31 19.77 -22.67
C3D CLA QI . 18.92 21.05 -22.32
C4D CLA QI . 17.49 20.97 -22.00
CMD CLA QI . 20.63 19.29 -23.08
CAD CLA QI . 19.34 22.43 -22.11
OBD CLA QI . 20.45 22.94 -22.24
CBD CLA QI . 18.08 23.23 -21.65
CGD CLA QI . 18.27 23.87 -20.31
O1D CLA QI . 18.46 23.32 -19.23
O2D CLA QI . 18.20 25.24 -20.33
CED CLA QI . 18.24 25.92 -19.08
C1 CLA QI . 13.05 23.85 -26.27
C2 CLA QI . 14.20 23.97 -27.20
C3 CLA QI . 14.12 23.71 -28.51
C4 CLA QI . 12.86 23.26 -29.16
C5 CLA QI . 15.31 23.86 -29.39
C6 CLA QI . 15.35 22.86 -30.54
C7 CLA QI . 16.45 23.21 -31.52
C8 CLA QI . 17.09 21.97 -32.10
C9 CLA QI . 17.79 21.18 -31.02
C10 CLA QI . 18.08 22.33 -33.20
C11 CLA QI . 17.38 22.67 -34.50
C12 CLA QI . 18.37 22.77 -35.64
C13 CLA QI . 17.85 23.60 -36.81
C14 CLA QI . 16.35 23.45 -36.98
C15 CLA QI . 18.57 23.19 -38.09
C16 CLA QI . 18.92 24.39 -38.93
C17 CLA QI . 19.86 24.00 -40.06
C18 CLA QI . 20.07 25.14 -41.04
C19 CLA QI . 18.78 25.52 -41.73
C20 CLA QI . 21.13 24.76 -42.07
MG CLA RI . 4.19 3.93 -24.23
CHA CLA RI . 1.53 1.71 -24.51
CHB CLA RI . 3.74 4.84 -27.49
CHC CLA RI . 6.67 6.28 -23.88
CHD CLA RI . 4.57 3.01 -20.85
NA CLA RI . 2.86 3.33 -25.74
C1A CLA RI . 1.80 2.41 -25.64
C2A CLA RI . 1.06 2.30 -26.96
C3A CLA RI . 1.84 3.22 -27.91
C4A CLA RI . 2.89 3.86 -27.00
CMA CLA RI . 2.48 2.43 -29.03
CAA CLA RI . -0.34 2.85 -26.78
CBA CLA RI . -0.32 4.17 -26.02
CGA CLA RI . -1.69 4.48 -25.49
O1A CLA RI . -2.72 3.81 -25.57
O2A CLA RI . -1.76 5.69 -24.84
NB CLA RI . 4.98 5.35 -25.42
C1B CLA RI . 4.74 5.48 -26.74
C2B CLA RI . 5.73 6.40 -27.35
C3B CLA RI . 6.58 6.82 -26.35
C4B CLA RI . 6.11 6.15 -25.10
CMB CLA RI . 5.72 6.71 -28.76
CAB CLA RI . 7.72 7.70 -26.36
CBB CLA RI . 8.00 8.65 -27.27
NC CLA RI . 5.41 4.52 -22.65
C1C CLA RI . 6.35 5.52 -22.73
C2C CLA RI . 6.98 5.70 -21.43
C3C CLA RI . 6.40 4.77 -20.57
C4C CLA RI . 5.41 4.03 -21.35
CMC CLA RI . 8.03 6.68 -21.16
CAC CLA RI . 6.69 4.59 -19.14
CBC CLA RI . 5.82 5.48 -18.28
ND CLA RI . 3.41 2.55 -22.98
C1D CLA RI . 3.64 2.32 -21.60
C2D CLA RI . 2.72 1.25 -21.16
C3D CLA RI . 1.90 0.97 -22.23
C4D CLA RI . 2.34 1.84 -23.32
CMD CLA RI . 2.68 0.63 -19.84
CAD CLA RI . 0.80 0.16 -22.72
OBD CLA RI . 0.20 -0.77 -22.18
CBD CLA RI . 0.46 0.67 -24.15
CGD CLA RI . 0.37 -0.47 -25.13
O1D CLA RI . -0.56 -1.28 -25.22
O2D CLA RI . 1.42 -0.61 -25.98
CED CLA RI . 1.29 -1.55 -27.04
C1 CLA RI . -2.83 5.85 -23.90
C2 CLA RI . -2.68 7.19 -23.28
C3 CLA RI . -3.14 7.46 -22.04
C4 CLA RI . -3.84 6.44 -21.21
C5 CLA RI . -2.97 8.80 -21.44
C6 CLA RI . -2.29 8.75 -20.09
C7 CLA RI . -1.94 10.14 -19.60
C8 CLA RI . -1.19 10.11 -18.28
C9 CLA RI . -2.03 9.48 -17.20
C10 CLA RI . -0.76 11.51 -17.87
C11 CLA RI . -1.94 12.47 -17.82
C12 CLA RI . -2.07 13.15 -16.48
C13 CLA RI . -1.52 14.57 -16.51
C14 CLA RI . -0.07 14.60 -16.06
C15 CLA RI . -2.40 15.50 -15.67
C16 CLA RI . -1.62 16.37 -14.70
C17 CLA RI . -2.36 16.48 -13.38
C18 CLA RI . -2.34 17.90 -12.83
C19 CLA RI . -0.93 18.38 -12.57
C20 CLA RI . -3.16 17.98 -11.56
MG CLA SI . 24.38 -13.95 -20.11
CHA CLA SI . 25.09 -16.40 -22.45
CHB CLA SI . 25.01 -16.17 -17.61
CHC CLA SI . 23.74 -11.46 -17.85
CHD CLA SI . 23.76 -11.68 -22.77
NA CLA SI . 24.95 -15.95 -20.07
C1A CLA SI . 25.23 -16.80 -21.14
C2A CLA SI . 25.63 -18.19 -20.68
C3A CLA SI . 25.49 -18.11 -19.14
C4A CLA SI . 25.14 -16.65 -18.90
CMA CLA SI . 24.41 -19.04 -18.64
CAA CLA SI . 27.06 -18.49 -21.06
NB CLA SI . 24.39 -13.83 -18.11
C1B CLA SI . 24.66 -14.85 -17.26
C2B CLA SI . 24.54 -14.38 -15.86
C3B CLA SI . 24.18 -13.06 -15.91
C4B CLA SI . 24.08 -12.68 -17.35
CMB CLA SI . 24.76 -15.25 -14.72
CAB CLA SI . 23.93 -12.13 -14.85
CBB CLA SI . 24.79 -11.86 -13.86
NC CLA SI . 23.84 -11.94 -20.28
C1C CLA SI . 23.63 -11.10 -19.22
C2C CLA SI . 23.27 -9.78 -19.69
C3C CLA SI . 23.29 -9.83 -21.09
C4C CLA SI . 23.65 -11.19 -21.45
CMC CLA SI . 22.96 -8.64 -18.83
CAC CLA SI . 23.00 -8.72 -22.02
CBC CLA SI . 24.25 -8.14 -22.62
ND CLA SI . 24.36 -13.97 -22.14
C1D CLA SI . 24.10 -12.97 -23.10
C2D CLA SI . 24.22 -13.57 -24.45
C3D CLA SI . 24.56 -14.90 -24.26
C4D CLA SI . 24.66 -15.09 -22.80
CMD CLA SI . 23.97 -12.85 -25.69
CAD CLA SI . 24.85 -16.17 -24.89
OBD CLA SI . 24.78 -16.49 -26.06
CBD CLA SI . 25.25 -17.16 -23.75
CGD CLA SI . 24.40 -18.39 -23.70
O1D CLA SI . 24.76 -19.56 -23.88
O2D CLA SI . 23.09 -18.16 -23.43
CED CLA SI . 22.23 -19.28 -23.24
MG CLA TI . 26.80 -17.08 -10.66
CHA CLA TI . 26.35 -19.36 -13.24
CHB CLA TI . 25.28 -19.24 -8.51
CHC CLA TI . 27.32 -14.82 -8.14
CHD CLA TI . 28.30 -14.85 -12.96
NA CLA TI . 25.96 -18.98 -10.87
C1A CLA TI . 25.87 -19.76 -12.02
C2A CLA TI . 25.18 -21.10 -11.74
C3A CLA TI . 24.76 -20.97 -10.25
C4A CLA TI . 25.38 -19.64 -9.82
CMA CLA TI . 23.25 -20.97 -10.10
CAA CLA TI . 26.16 -22.25 -11.91
CBA CLA TI . 27.17 -22.29 -10.78
CGA CLA TI . 28.54 -22.55 -11.30
O1A CLA TI . 28.88 -23.04 -12.39
O2A CLA TI . 29.53 -22.22 -10.41
NB CLA TI . 26.32 -17.00 -8.71
C1B CLA TI . 25.80 -18.03 -7.99
C2B CLA TI . 25.82 -17.71 -6.54
C3B CLA TI . 26.40 -16.46 -6.42
C4B CLA TI . 26.73 -15.99 -7.80
CMB CLA TI . 25.31 -18.63 -5.51
CAB CLA TI . 26.68 -15.65 -5.27
CBB CLA TI . 27.01 -16.10 -4.04
NC CLA TI . 27.66 -15.18 -10.57
C1C CLA TI . 27.76 -14.43 -9.44
C2C CLA TI . 28.40 -13.15 -9.73
C3C CLA TI . 28.68 -13.16 -11.10
C4C CLA TI . 28.21 -14.44 -11.63
CMC CLA TI . 28.67 -12.10 -8.75
CAC CLA TI . 29.31 -12.08 -11.88
CBC CLA TI . 30.70 -12.45 -12.38
ND CLA TI . 27.32 -17.08 -12.61
C1D CLA TI . 27.90 -16.08 -13.45
C2D CLA TI . 27.98 -16.59 -14.83
C3D CLA TI . 27.42 -17.86 -14.81
C4D CLA TI . 27.00 -18.10 -13.41
CMD CLA TI . 28.55 -15.86 -15.97
CAD CLA TI . 27.08 -19.04 -15.58
OBD CLA TI . 27.31 -19.31 -16.75
CBD CLA TI . 26.32 -20.01 -14.61
CGD CLA TI . 24.90 -20.26 -15.06
O1D CLA TI . 23.88 -19.71 -14.66
O2D CLA TI . 24.79 -21.21 -16.03
CED CLA TI . 23.50 -21.75 -16.29
C1 CLA TI . 30.57 -23.20 -10.21
C2 CLA TI . 31.14 -22.95 -8.86
C3 CLA TI . 32.22 -22.19 -8.65
C4 CLA TI . 32.95 -21.52 -9.75
MG CLA UI . 26.52 -10.60 4.52
CHA CLA UI . 24.59 -12.37 2.23
CHB CLA UI . 23.93 -10.67 6.73
CHC CLA UI . 28.49 -8.94 6.77
CHD CLA UI . 29.16 -10.57 2.18
NA CLA UI . 24.58 -11.40 4.45
C1A CLA UI . 23.96 -12.10 3.41
C2A CLA UI . 22.54 -12.49 3.78
C3A CLA UI . 22.34 -11.87 5.18
C4A CLA UI . 23.71 -11.27 5.51
CMA CLA UI . 21.24 -10.83 5.19
CAA CLA UI . 22.41 -14.01 3.82
CBA CLA UI . 22.82 -14.57 5.17
CGA CLA UI . 23.60 -15.84 5.02
O1A CLA UI . 24.82 -15.98 4.97
O2A CLA UI . 22.79 -16.94 4.94
NB CLA UI . 26.25 -9.88 6.37
C1B CLA UI . 25.14 -10.09 7.14
C2B CLA UI . 25.39 -9.59 8.53
C3B CLA UI . 26.67 -9.09 8.55
C4B CLA UI . 27.24 -9.28 7.18
CMB CLA UI . 24.38 -9.68 9.58
CAB CLA UI . 27.47 -8.50 9.60
CBB CLA UI . 27.02 -7.98 10.74
NC CLA UI . 28.47 -9.87 4.46
C1C CLA UI . 29.08 -9.21 5.50
C2C CLA UI . 30.44 -8.84 5.11
C3C CLA UI . 30.63 -9.31 3.82
C4C CLA UI . 29.38 -9.96 3.41
CMC CLA UI . 31.38 -8.11 5.98
CAC CLA UI . 31.85 -9.18 2.99
CBC CLA UI . 32.45 -10.51 2.61
ND CLA UI . 26.88 -11.31 2.66
C1D CLA UI . 28.00 -11.22 1.80
C2D CLA UI . 27.71 -11.89 0.52
C3D CLA UI . 26.41 -12.35 0.62
C4D CLA UI . 25.94 -11.96 1.97
CMD CLA UI . 28.64 -12.03 -0.60
CAD CLA UI . 25.33 -13.06 -0.03
OBD CLA UI . 25.30 -13.59 -1.14
CBD CLA UI . 24.13 -13.06 0.96
CGD CLA UI . 22.93 -12.35 0.39
O1D CLA UI . 22.17 -11.57 0.97
O2D CLA UI . 22.69 -12.60 -0.92
CED CLA UI . 21.78 -11.73 -1.59
C1 CLA UI . 23.45 -18.23 4.93
C2 CLA UI . 23.88 -18.50 3.54
C3 CLA UI . 23.04 -18.88 2.56
C4 CLA UI . 21.59 -19.09 2.81
C5 CLA UI . 23.52 -19.14 1.17
C6 CLA UI . 25.03 -19.01 1.03
C7 CLA UI . 25.44 -17.61 0.63
C8 CLA UI . 26.87 -17.33 1.04
C9 CLA UI . 27.11 -15.84 1.17
C10 CLA UI . 27.85 -17.92 0.04
C11 CLA UI . 29.29 -17.70 0.46
C12 CLA UI . 30.24 -18.64 -0.24
C13 CLA UI . 30.35 -18.30 -1.73
C14 CLA UI . 31.01 -19.44 -2.48
C15 CLA UI . 31.13 -17.01 -1.94
C16 CLA UI . 30.40 -16.07 -2.86
C17 CLA UI . 31.23 -15.70 -4.07
C18 CLA UI . 31.13 -14.23 -4.42
C19 CLA UI . 31.86 -13.37 -3.40
C20 CLA UI . 29.67 -13.80 -4.52
MG CLA VI . 38.14 9.64 -16.25
CHA CLA VI . 39.38 12.41 -17.93
CHB CLA VI . 34.98 10.89 -16.53
CHC CLA VI . 36.94 6.75 -14.84
CHD CLA VI . 41.45 8.43 -15.93
NA CLA VI . 37.34 11.39 -17.06
C1A CLA VI . 38.02 12.41 -17.75
C2A CLA VI . 37.05 13.50 -18.18
C3A CLA VI . 35.73 13.10 -17.49
C4A CLA VI . 36.01 11.68 -17.01
CMA CLA VI . 35.44 14.02 -16.34
CAA CLA VI . 36.93 13.51 -19.70
CBA CLA VI . 35.68 12.79 -20.15
CGA CLA VI . 36.00 11.70 -21.14
O1A CLA VI . 35.49 10.58 -21.21
O2A CLA VI . 36.96 12.06 -22.04
NB CLA VI . 36.32 8.97 -15.74
C1B CLA VI . 35.13 9.58 -16.04
C2B CLA VI . 34.00 8.66 -15.74
C3B CLA VI . 34.54 7.49 -15.26
C4B CLA VI . 36.02 7.67 -15.24
CMB CLA VI . 32.60 9.03 -15.95
CAB CLA VI . 33.91 6.28 -14.81
CBB CLA VI . 32.88 6.20 -13.97
NC CLA VI . 39.04 7.93 -15.48
C1C CLA VI . 38.36 6.87 -14.93
C2C CLA VI . 39.30 5.85 -14.50
C3C CLA VI . 40.58 6.31 -14.81
C4C CLA VI . 40.41 7.62 -15.43
CMC CLA VI . 38.92 4.58 -13.86
CAC CLA VI . 41.85 5.62 -14.57
CBC CLA VI . 42.31 4.82 -15.76
ND CLA VI . 40.01 10.23 -16.74
C1D CLA VI . 41.28 9.65 -16.55
C2D CLA VI . 42.32 10.55 -17.13
C3D CLA VI . 41.63 11.60 -17.71
C4D CLA VI . 40.20 11.36 -17.43
CMD CLA VI . 43.77 10.31 -17.12
CAD CLA VI . 41.74 12.85 -18.43
OBD CLA VI . 42.74 13.43 -18.87
CBD CLA VI . 40.30 13.41 -18.60
CGD CLA VI . 40.16 14.79 -18.02
O1D CLA VI . 39.49 15.13 -17.04
O2D CLA VI . 40.86 15.74 -18.70
CED CLA VI . 40.51 17.10 -18.50
C1 CLA VI . 36.60 11.99 -23.43
C2 CLA VI . 36.85 10.59 -23.87
C3 CLA VI . 37.42 10.28 -25.04
C4 CLA VI . 37.86 11.31 -26.01
C5 CLA VI . 37.64 8.85 -25.41
C6 CLA VI . 38.79 8.23 -24.65
C7 CLA VI . 38.55 6.76 -24.42
C8 CLA VI . 39.83 6.02 -24.03
C9 CLA VI . 39.55 4.60 -23.60
C10 CLA VI . 40.57 6.76 -22.92
C11 CLA VI . 42.04 6.42 -22.93
C12 CLA VI . 42.66 6.69 -24.29
C13 CLA VI . 44.18 6.60 -24.26
C14 CLA VI . 44.72 6.26 -22.88
C15 CLA VI . 44.82 7.89 -24.75
C16 CLA VI . 46.33 7.77 -24.77
C17 CLA VI . 46.89 7.84 -26.17
C18 CLA VI . 46.94 9.27 -26.67
C19 CLA VI . 48.35 9.64 -27.10
C20 CLA VI . 45.96 9.46 -27.80
MG CLA WI . 44.20 9.90 -21.60
CHA CLA WI . 45.11 12.06 -24.16
CHB CLA WI . 40.95 10.84 -21.99
CHC CLA WI . 43.31 7.61 -19.21
CHD CLA WI . 47.61 9.04 -21.16
NA CLA WI . 43.22 11.24 -22.88
C1A CLA WI . 43.77 12.03 -23.88
C2A CLA WI . 42.70 12.88 -24.57
C3A CLA WI . 41.43 12.59 -23.74
C4A CLA WI . 41.87 11.47 -22.80
CMA CLA WI . 40.97 13.81 -22.97
CAA CLA WI . 42.50 12.40 -26.00
CBA CLA WI . 42.58 10.88 -26.09
CGA CLA WI . 41.81 10.38 -27.26
O1A CLA WI . 40.96 10.97 -27.93
O2A CLA WI . 42.12 9.09 -27.59
NB CLA WI . 42.47 9.37 -20.72
C1B CLA WI . 41.24 9.79 -21.09
C2B CLA WI . 40.19 9.01 -20.39
C3B CLA WI . 40.85 8.08 -19.61
C4B CLA WI . 42.30 8.31 -19.80
CMB CLA WI . 38.76 9.23 -20.59
CAB CLA WI . 40.29 7.07 -18.74
CBB CLA WI . 40.52 5.77 -18.84
NC CLA WI . 45.27 8.59 -20.39
C1C CLA WI . 44.71 7.75 -19.46
C2C CLA WI . 45.75 6.99 -18.79
C3C CLA WI . 46.97 7.39 -19.34
C4C CLA WI . 46.66 8.39 -20.35
CMC CLA WI . 45.50 6.00 -17.73
CAC CLA WI . 48.31 6.90 -18.98
CBC CLA WI . 48.59 5.49 -19.44
ND CLA WI . 45.98 10.36 -22.44
C1D CLA WI . 47.31 9.97 -22.15
C2D CLA WI . 48.24 10.68 -23.07
C3D CLA WI . 47.44 11.46 -23.88
C4D CLA WI . 46.04 11.25 -23.43
CMD CLA WI . 49.68 10.52 -23.09
CAD CLA WI . 47.41 12.42 -24.97
OBD CLA WI . 48.33 12.84 -25.67
CBD CLA WI . 45.92 12.86 -25.14
CGD CLA WI . 45.78 14.34 -24.92
O1D CLA WI . 46.10 15.27 -25.68
O2D CLA WI . 45.22 14.67 -23.72
CED CLA WI . 46.04 14.66 -22.54
C1 CLA WI . 41.25 8.44 -28.54
C2 CLA WI . 41.05 7.05 -28.06
C3 CLA WI . 39.90 6.38 -28.26
C4 CLA WI . 38.76 6.98 -28.98
C5 CLA WI . 39.74 4.99 -27.76
C6 CLA WI . 38.92 4.12 -28.71
C7 CLA WI . 38.81 2.71 -28.17
C8 CLA WI . 37.67 1.94 -28.83
MG CLA XI . 27.34 9.89 -9.08
CHA CLA XI . 30.79 9.55 -9.30
CHB CLA XI . 26.95 6.94 -10.72
CHC CLA XI . 23.94 10.26 -8.82
CHD CLA XI . 27.80 12.99 -7.43
NA CLA XI . 28.67 8.48 -9.86
C1A CLA XI . 30.08 8.51 -9.85
C2A CLA XI . 30.67 7.29 -10.55
C3A CLA XI . 29.41 6.49 -10.98
C4A CLA XI . 28.25 7.34 -10.49
CMA CLA XI . 29.36 6.30 -12.48
CAA CLA XI . 31.56 6.43 -9.65
CBA CLA XI . 32.20 5.36 -10.50
CGA CLA XI . 33.32 4.67 -9.79
O1A CLA XI . 33.59 4.67 -8.59
O2A CLA XI . 34.09 3.93 -10.65
NB CLA XI . 25.75 8.78 -9.61
C1B CLA XI . 25.80 7.64 -10.34
C2B CLA XI . 24.42 7.20 -10.71
C3B CLA XI . 23.56 8.14 -10.17
C4B CLA XI . 24.39 9.15 -9.47
CMB CLA XI . 24.18 6.01 -11.51
CAB CLA XI . 22.13 8.27 -10.22
CBB CLA XI . 21.26 7.43 -10.79
NC CLA XI . 26.11 11.36 -8.25
C1C CLA XI . 24.74 11.30 -8.24
C2C CLA XI . 24.19 12.47 -7.58
C3C CLA XI . 25.28 13.27 -7.21
C4C CLA XI . 26.48 12.55 -7.63
CMC CLA XI . 22.76 12.73 -7.40
CAC CLA XI . 25.19 14.58 -6.52
CBC CLA XI . 25.93 14.69 -5.21
ND CLA XI . 28.88 11.06 -8.50
C1D CLA XI . 28.93 12.31 -7.82
C2D CLA XI . 30.35 12.71 -7.65
C3D CLA XI . 31.10 11.69 -8.21
C4D CLA XI . 30.14 10.69 -8.71
CMD CLA XI . 30.79 13.95 -7.01
CAD CLA XI . 32.43 11.20 -8.52
OBD CLA XI . 33.52 11.74 -8.31
CBD CLA XI . 32.27 9.82 -9.20
CGD CLA XI . 32.92 9.77 -10.56
O1D CLA XI . 33.60 8.86 -11.04
O2D CLA XI . 32.70 10.88 -11.30
CED CLA XI . 32.52 10.72 -12.70
C1 CLA XI . 34.56 2.65 -10.19
C2 CLA XI . 35.98 2.81 -9.83
C3 CLA XI . 36.96 2.08 -10.38
C4 CLA XI . 38.38 2.26 -10.00
C5 CLA XI . 36.65 1.04 -11.40
C6 CLA XI . 37.58 1.11 -12.59
C7 CLA XI . 37.80 -0.25 -13.20
C8 CLA XI . 36.92 -0.48 -14.42
C9 CLA XI . 37.00 -1.91 -14.89
C10 CLA XI . 37.31 0.48 -15.55
C11 CLA XI . 36.23 0.58 -16.61
C12 CLA XI . 34.93 1.09 -16.04
C13 CLA XI . 35.11 2.48 -15.43
MG CLA YI . 30.69 -0.75 -4.44
CHA CLA YI . 31.70 2.43 -5.37
CHB CLA YI . 28.20 -0.63 -6.77
CHC CLA YI . 29.78 -3.94 -3.55
CHD CLA YI . 33.23 -0.78 -2.00
NA CLA YI . 30.06 0.69 -5.82
C1A CLA YI . 30.62 1.95 -6.05
C2A CLA YI . 29.86 2.69 -7.16
C3A CLA YI . 28.67 1.75 -7.46
C4A CLA YI . 28.99 0.50 -6.64
CMA CLA YI . 27.38 2.38 -7.01
CAA CLA YI . 30.76 2.84 -8.38
CBA CLA YI . 31.17 1.54 -9.04
CGA CLA YI . 32.28 0.83 -8.32
O1A CLA YI . 33.23 1.31 -7.70
O2A CLA YI . 32.16 -0.52 -8.38
NB CLA YI . 29.26 -2.03 -5.04
C1B CLA YI . 28.38 -1.82 -6.05
C2B CLA YI . 27.57 -3.05 -6.29
C3B CLA YI . 28.01 -4.00 -5.38
C4B CLA YI . 29.09 -3.35 -4.57
CMB CLA YI . 26.52 -3.14 -7.30
CAB CLA YI . 27.59 -5.35 -5.15
CBB CLA YI . 27.27 -6.25 -6.10
NC CLA YI . 31.37 -2.10 -3.01
C1C CLA YI . 30.85 -3.35 -2.81
C2C CLA YI . 31.55 -4.01 -1.72
C3C CLA YI . 32.53 -3.13 -1.27
C4C CLA YI . 32.41 -1.92 -2.09
CMC CLA YI . 31.24 -5.35 -1.23
CAC CLA YI . 33.48 -3.36 -0.16
CBC CLA YI . 34.93 -3.27 -0.54
ND CLA YI . 32.12 0.50 -3.76
C1D CLA YI . 33.13 0.35 -2.77
C2D CLA YI . 33.96 1.57 -2.73
C3D CLA YI . 33.47 2.40 -3.72
C4D CLA YI . 32.33 1.69 -4.32
CMD CLA YI . 35.09 1.78 -1.83
CAD CLA YI . 33.60 3.68 -4.40
OBD CLA YI . 34.40 4.59 -4.22
CBD CLA YI . 32.48 3.73 -5.49
CGD CLA YI . 31.60 4.95 -5.41
O1D CLA YI . 31.04 5.54 -6.34
O2D CLA YI . 31.40 5.43 -4.15
CED CLA YI . 30.67 6.66 -4.03
C1 CLA YI . 32.85 -1.27 -7.36
C2 CLA YI . 32.61 -2.71 -7.67
C3 CLA YI . 33.01 -3.71 -6.88
C4 CLA YI . 33.75 -3.46 -5.62
C5 CLA YI . 32.73 -5.12 -7.25
C6 CLA YI . 31.80 -5.79 -6.25
C7 CLA YI . 31.22 -7.07 -6.83
C8 CLA YI . 31.46 -8.26 -5.91
C9 CLA YI . 30.61 -9.44 -6.33
C10 CLA YI . 31.18 -7.90 -4.45
C11 CLA YI . 31.52 -9.05 -3.53
C12 CLA YI . 32.77 -8.78 -2.73
C13 CLA YI . 33.11 -9.94 -1.82
C14 CLA YI . 31.89 -10.42 -1.08
C15 CLA YI . 34.20 -9.57 -0.82
C16 CLA YI . 35.42 -10.46 -0.99
C17 CLA YI . 36.30 -10.44 0.26
C18 CLA YI . 37.75 -10.77 -0.07
C19 CLA YI . 37.84 -11.94 -1.03
C20 CLA YI . 38.51 -11.08 1.20
MG CLA ZI . 25.11 -4.61 -12.47
CHA CLA ZI . 25.96 -1.27 -12.15
CHB CLA ZI . 22.52 -3.75 -14.50
CHC CLA ZI . 24.29 -7.94 -12.71
CHD CLA ZI . 27.75 -5.44 -10.26
NA CLA ZI . 24.40 -2.79 -13.20
C1A CLA ZI . 24.88 -1.51 -12.95
C2A CLA ZI . 24.06 -0.45 -13.68
C3A CLA ZI . 22.91 -1.27 -14.32
C4A CLA ZI . 23.29 -2.71 -14.01
CMA CLA ZI . 21.57 -0.90 -13.72
CAA CLA ZI . 24.87 0.27 -14.75
CBA CLA ZI . 25.86 -0.66 -15.43
CGA CLA ZI . 26.36 -0.04 -16.70
O1A CLA ZI . 25.86 -0.10 -17.82
O2A CLA ZI . 27.51 0.67 -16.54
NB CLA ZI . 23.61 -5.63 -13.34
C1B CLA ZI . 22.77 -5.12 -14.27
C2B CLA ZI . 22.12 -6.21 -15.04
C3B CLA ZI . 22.61 -7.39 -14.54
C4B CLA ZI . 23.57 -7.04 -13.45
CMB CLA ZI . 21.16 -5.97 -16.13
CAB CLA ZI . 22.32 -8.74 -14.95
CBB CLA ZI . 21.83 -9.68 -14.14
NC CLA ZI . 25.88 -6.37 -11.64
C1C CLA ZI . 25.39 -7.62 -11.85
C2C CLA ZI . 26.15 -8.61 -11.10
C3C CLA ZI . 27.14 -7.90 -10.42
C4C CLA ZI . 26.96 -6.49 -10.76
CMC CLA ZI . 25.89 -10.05 -11.10
CAC CLA ZI . 28.15 -8.46 -9.51
CBC CLA ZI . 29.54 -8.49 -10.12
ND CLA ZI . 26.63 -3.67 -11.54
C1D CLA ZI . 27.62 -4.12 -10.62
C2D CLA ZI . 28.41 -2.96 -10.16
C3D CLA ZI . 27.83 -1.84 -10.73
C4D CLA ZI . 26.70 -2.33 -11.54
CMD CLA ZI . 29.56 -3.04 -9.26
CAD CLA ZI . 27.87 -0.39 -10.87
OBD CLA ZI . 28.69 0.41 -10.45
CBD CLA ZI . 26.61 0.02 -11.70
CGD CLA ZI . 25.65 0.82 -10.87
O1D CLA ZI . 24.57 0.46 -10.41
O2D CLA ZI . 26.07 2.09 -10.62
CED CLA ZI . 25.19 2.94 -9.86
C1 CLA ZI . 28.22 1.03 -17.74
C2 CLA ZI . 29.03 -0.15 -18.13
C3 CLA ZI . 30.38 -0.10 -18.15
C4 CLA ZI . 31.13 1.13 -17.79
C5 CLA ZI . 31.18 -1.29 -18.54
C6 CLA ZI . 30.33 -2.54 -18.74
C7 CLA ZI . 31.20 -3.77 -18.86
C8 CLA ZI . 30.39 -5.06 -18.71
C9 CLA ZI . 31.28 -6.19 -18.27
C10 CLA ZI . 29.70 -5.40 -20.02
C11 CLA ZI . 28.96 -6.71 -19.94
C12 CLA ZI . 28.24 -7.02 -21.23
C13 CLA ZI . 29.21 -6.99 -22.41
C14 CLA ZI . 28.57 -6.32 -23.61
C15 CLA ZI . 29.68 -8.39 -22.77
C16 CLA ZI . 31.19 -8.49 -22.80
C17 CLA ZI . 31.65 -9.93 -22.81
C18 CLA ZI . 33.13 -10.06 -23.14
C19 CLA ZI . 33.53 -11.52 -23.27
C20 CLA ZI . 33.45 -9.32 -24.42
MG CLA AJ . -22.31 8.73 -15.07
CHA CLA AJ . -24.32 10.69 -17.13
CHB CLA AJ . -19.69 9.22 -17.18
CHC CLA AJ . -20.35 6.87 -12.96
CHD CLA AJ . -25.08 8.27 -12.90
NA CLA AJ . -22.07 9.80 -16.85
C1A CLA AJ . -23.02 10.55 -17.54
C2A CLA AJ . -22.42 11.18 -18.80
C3A CLA AJ . -20.96 10.67 -18.80
C4A CLA AJ . -20.87 9.84 -17.53
CMA CLA AJ . -20.65 9.87 -20.03
CAA CLA AJ . -22.42 12.69 -18.68
CBA CLA AJ . -21.60 13.15 -17.49
CGA CLA AJ . -22.46 13.83 -16.47
O1A CLA AJ . -23.69 13.98 -16.48
O2A CLA AJ . -21.75 14.34 -15.42
NB CLA AJ . -20.38 8.18 -15.06
C1B CLA AJ . -19.48 8.43 -16.04
C2B CLA AJ . -18.21 7.70 -15.76
C3B CLA AJ . -18.38 7.03 -14.57
C4B CLA AJ . -19.78 7.34 -14.10
CMB CLA AJ . -17.05 7.76 -16.65
CAB CLA AJ . -17.47 6.19 -13.85
CBB CLA AJ . -17.59 4.87 -13.73
NC CLA AJ . -22.66 7.76 -13.26
C1C CLA AJ . -21.71 7.07 -12.56
C2C CLA AJ . -22.28 6.54 -11.33
C3C CLA AJ . -23.63 6.92 -11.32
C4C CLA AJ . -23.85 7.69 -12.54
CMC CLA AJ . -21.54 5.76 -10.33
CAC CLA AJ . -24.63 6.63 -10.28
CBC CLA AJ . -25.58 5.53 -10.66
ND CLA AJ . -24.26 9.29 -14.99
C1D CLA AJ . -25.29 9.02 -14.04
C2D CLA AJ . -26.54 9.67 -14.50
C3D CLA AJ . -26.22 10.32 -15.68
C4D CLA AJ . -24.80 10.05 -15.93
CMD CLA AJ . -27.82 9.60 -13.80
CAD CLA AJ . -26.70 11.16 -16.76
OBD CLA AJ . -27.82 11.64 -16.94
CBD CLA AJ . -25.51 11.40 -17.72
CGD CLA AJ . -25.80 10.86 -19.10
O1D CLA AJ . -25.37 9.82 -19.60
O2D CLA AJ . -26.64 11.63 -19.85
CED CLA AJ . -27.15 11.07 -21.05
C1 CLA AJ . -22.03 15.71 -15.07
C2 CLA AJ . -20.99 16.12 -14.08
C3 CLA AJ . -21.05 15.77 -12.78
C4 CLA AJ . -22.17 14.95 -12.23
C5 CLA AJ . -20.00 16.18 -11.83
C6 CLA AJ . -20.55 16.53 -10.45
C7 CLA AJ . -21.04 17.96 -10.41
C8 CLA AJ . -21.12 18.53 -8.99
C9 CLA AJ . -20.43 17.63 -7.98
C10 CLA AJ . -22.56 18.78 -8.57
C11 CLA AJ . -23.20 19.85 -9.43
C12 CLA AJ . -24.38 20.51 -8.73
C13 CLA AJ . -25.10 21.49 -9.64
C14 CLA AJ . -24.13 22.22 -10.55
C15 CLA AJ . -25.91 22.49 -8.82
C16 CLA AJ . -27.32 22.62 -9.36
C17 CLA AJ . -28.24 21.59 -8.75
C18 CLA AJ . -29.58 22.19 -8.37
C19 CLA AJ . -29.39 23.49 -7.62
C20 CLA AJ . -30.42 22.43 -9.61
MG CLA BJ . -8.86 12.09 -9.13
CHA CLA BJ . -7.72 11.40 -12.35
CHB CLA BJ . -6.61 14.62 -8.86
CHC CLA BJ . -10.01 12.68 -5.95
CHD CLA BJ . -11.24 9.48 -9.48
NA CLA BJ . -7.40 12.87 -10.42
C1A CLA BJ . -7.08 12.45 -11.72
C2A CLA BJ . -5.94 13.30 -12.29
C3A CLA BJ . -5.64 14.32 -11.17
C4A CLA BJ . -6.61 13.92 -10.06
CMA CLA BJ . -4.20 14.27 -10.72
CAA CLA BJ . -6.31 13.97 -13.60
CBA CLA BJ . -7.00 15.30 -13.42
CGA CLA BJ . -6.92 16.06 -14.71
O1A CLA BJ . -5.92 16.33 -15.38
O2A CLA BJ . -8.15 16.49 -15.14
NB CLA BJ . -8.39 13.38 -7.68
C1B CLA BJ . -7.46 14.37 -7.76
C2B CLA BJ . -7.45 15.16 -6.49
C3B CLA BJ . -8.41 14.62 -5.66
C4B CLA BJ . -9.02 13.48 -6.41
CMB CLA BJ . -6.58 16.29 -6.25
CAB CLA BJ . -8.80 15.02 -4.34
CBB CLA BJ . -9.01 14.21 -3.29
NC CLA BJ . -10.34 11.23 -7.94
C1C CLA BJ . -10.64 11.62 -6.67
C2C CLA BJ . -11.71 10.81 -6.12
C3C CLA BJ . -12.09 9.92 -7.12
C4C CLA BJ . -11.22 10.18 -8.27
CMC CLA BJ . -12.25 10.99 -4.77
CAC CLA BJ . -13.14 8.90 -7.07
CBC CLA BJ . -12.86 7.82 -6.05
ND CLA BJ . -9.40 10.73 -10.53
C1D CLA BJ . -10.40 9.72 -10.56
C2D CLA BJ . -10.34 9.01 -11.85
C3D CLA BJ . -9.33 9.60 -12.57
C4D CLA BJ . -8.78 10.68 -11.71
CMD CLA BJ . -11.21 7.89 -12.22
CAD CLA BJ . -8.57 9.60 -13.81
OBD CLA BJ . -8.66 8.86 -14.79
CBD CLA BJ . -7.55 10.77 -13.72
CGD CLA BJ . -6.13 10.35 -14.00
O1D CLA BJ . -5.18 11.06 -14.36
O2D CLA BJ . -5.90 9.02 -13.82
CED CLA BJ . -5.38 8.29 -14.93
C1 CLA BJ . -8.38 17.90 -15.05
C2 CLA BJ . -9.85 18.09 -14.96
C3 CLA BJ . -10.41 19.20 -14.48
C4 CLA BJ . -9.59 20.35 -14.00
C5 CLA BJ . -11.89 19.35 -14.41
C6 CLA BJ . -12.57 18.61 -15.53
C7 CLA BJ . -14.03 19.02 -15.65
C8 CLA BJ . -14.97 17.99 -15.02
C9 CLA BJ . -14.59 16.59 -15.43
C10 CLA BJ . -16.41 18.27 -15.43
C11 CLA BJ . -16.97 19.43 -14.64
C12 CLA BJ . -16.88 19.18 -13.15
C13 CLA BJ . -17.60 20.27 -12.36
C14 CLA BJ . -17.57 19.97 -10.88
C15 CLA BJ . -19.04 20.44 -12.83
C16 CLA BJ . -19.71 21.62 -12.17
C17 CLA BJ . -19.60 22.88 -12.99
C18 CLA BJ . -19.83 24.13 -12.16
C19 CLA BJ . -20.15 25.32 -13.04
C20 CLA BJ . -20.91 23.92 -11.14
MG CLA CJ . 36.59 -12.23 -31.68
CHA CLA CJ . 33.42 -11.06 -30.97
CHB CLA CJ . 37.58 -11.46 -28.51
CHC CLA CJ . 39.71 -13.46 -32.41
CHD CLA CJ . 35.54 -12.96 -34.99
NA CLA CJ . 35.62 -11.41 -30.02
C1A CLA CJ . 34.28 -11.00 -29.92
C2A CLA CJ . 33.99 -10.46 -28.53
C3A CLA CJ . 35.32 -10.60 -27.77
C4A CLA CJ . 36.25 -11.20 -28.83
CMA CLA CJ . 35.83 -9.27 -27.28
CAA CLA CJ . 32.92 -11.28 -27.83
CBA CLA CJ . 33.38 -12.71 -27.62
CGA CLA CJ . 32.23 -13.58 -27.22
O1A CLA CJ . 31.78 -14.57 -27.79
O2A CLA CJ . 31.62 -13.16 -26.07
NB CLA CJ . 38.28 -12.53 -30.62
C1B CLA CJ . 38.52 -11.98 -29.40
C2B CLA CJ . 39.99 -11.98 -29.12
C3B CLA CJ . 40.59 -12.55 -30.21
C4B CLA CJ . 39.52 -12.90 -31.19
CMB CLA CJ . 40.57 -11.45 -27.89
CAB CLA CJ . 41.98 -12.77 -30.48
CBB CLA CJ . 42.88 -11.78 -30.57
NC CLA CJ . 37.45 -13.09 -33.37
C1C CLA CJ . 38.74 -13.54 -33.45
C2C CLA CJ . 39.00 -14.11 -34.76
C3C CLA CJ . 37.83 -13.93 -35.51
C4C CLA CJ . 36.86 -13.29 -34.62
CMC CLA CJ . 40.27 -14.70 -35.19
CAC CLA CJ . 37.59 -14.33 -36.91
CBC CLA CJ . 37.78 -13.17 -37.86
ND CLA CJ . 34.93 -12.00 -32.80
C1D CLA CJ . 34.62 -12.36 -34.14
C2D CLA CJ . 33.22 -11.98 -34.43
C3D CLA CJ . 32.72 -11.46 -33.26
C4D CLA CJ . 33.81 -11.52 -32.28
CMD CLA CJ . 32.56 -12.15 -35.73
CAD CLA CJ . 31.57 -10.86 -32.60
OBD CLA CJ . 30.48 -10.55 -33.05
CBD CLA CJ . 31.98 -10.64 -31.10
CGD CLA CJ . 31.85 -9.21 -30.64
O1D CLA CJ . 31.22 -8.79 -29.66
O2D CLA CJ . 32.54 -8.32 -31.40
CED CLA CJ . 33.01 -7.13 -30.76
C1 CLA CJ . 30.92 -14.17 -25.31
C2 CLA CJ . 29.92 -13.46 -24.50
C3 CLA CJ . 29.14 -14.08 -23.60
C4 CLA CJ . 29.22 -15.54 -23.37
C5 CLA CJ . 28.13 -13.32 -22.80
C6 CLA CJ . 28.60 -13.07 -21.38
C7 CLA CJ . 27.79 -11.94 -20.78
C8 CLA CJ . 28.14 -11.69 -19.31
C9 CLA CJ . 27.79 -12.90 -18.48
C10 CLA CJ . 27.38 -10.47 -18.81
C11 CLA CJ . 27.56 -10.25 -17.33
C12 CLA CJ . 26.61 -9.20 -16.81
C13 CLA CJ . 27.34 -8.17 -15.96
C14 CLA CJ . 27.57 -8.69 -14.56
C15 CLA CJ . 26.57 -6.84 -15.93
C16 CLA CJ . 27.20 -5.88 -14.96
C17 CLA CJ . 27.79 -4.67 -15.65
C18 CLA CJ . 29.04 -4.13 -14.96
C19 CLA CJ . 29.39 -4.87 -13.69
C20 CLA CJ . 28.90 -2.65 -14.67
C1 PQN DJ . -11.56 2.31 -6.46
O1 PQN DJ . -10.71 2.52 -5.57
C2 PQN DJ . -12.70 3.24 -6.64
C2M PQN DJ . -12.82 4.42 -5.73
C3 PQN DJ . -13.71 3.00 -7.69
C4 PQN DJ . -13.58 1.82 -8.58
O4 PQN DJ . -14.43 1.62 -9.46
C5 PQN DJ . -12.44 0.89 -8.41
C6 PQN DJ . -12.30 -0.22 -9.23
C7 PQN DJ . -11.22 -1.07 -9.04
C8 PQN DJ . -10.28 -0.84 -8.05
C9 PQN DJ . -10.38 0.26 -7.20
C10 PQN DJ . -11.42 1.13 -7.35
C11 PQN DJ . -14.88 3.94 -7.87
C12 PQN DJ . -14.54 5.14 -8.69
C13 PQN DJ . -15.20 5.39 -9.83
C14 PQN DJ . -16.28 4.45 -10.28
C15 PQN DJ . -14.89 6.62 -10.64
C16 PQN DJ . -16.04 7.59 -10.41
C17 PQN DJ . -16.12 8.63 -11.52
C18 PQN DJ . -14.94 9.58 -11.46
C19 PQN DJ . -15.00 10.43 -10.19
C20 PQN DJ . -14.96 10.45 -12.70
C21 PQN DJ . -16.29 11.17 -12.83
C22 PQN DJ . -16.29 12.01 -14.11
C23 PQN DJ . -17.61 12.69 -14.37
C24 PQN DJ . -18.78 11.73 -14.22
C25 PQN DJ . -17.60 13.31 -15.77
C26 PQN DJ . -17.61 12.24 -16.85
C27 PQN DJ . -16.27 12.11 -17.56
C28 PQN DJ . -16.28 10.96 -18.55
C29 PQN DJ . -17.22 11.25 -19.72
C30 PQN DJ . -14.88 10.63 -19.03
C1 BCR EJ . 35.71 4.13 -49.66
C2 BCR EJ . 36.39 2.78 -49.51
C3 BCR EJ . 37.06 2.53 -48.16
C4 BCR EJ . 36.17 3.01 -47.04
C5 BCR EJ . 36.10 4.50 -47.23
C6 BCR EJ . 35.69 4.98 -48.40
C7 BCR EJ . 35.20 6.37 -48.53
C8 BCR EJ . 34.12 6.82 -47.88
C9 BCR EJ . 33.75 8.22 -48.10
C10 BCR EJ . 33.34 8.96 -47.07
C11 BCR EJ . 32.99 10.37 -47.29
C33 BCR EJ . 36.53 5.39 -46.10
C31 BCR EJ . 34.27 3.93 -50.10
C32 BCR EJ . 36.44 4.94 -50.73
C34 BCR EJ . 33.84 8.81 -49.47
C12 BCR EJ . 32.95 11.19 -46.26
C13 BCR EJ . 32.62 12.60 -46.47
C14 BCR EJ . 32.66 13.45 -45.43
C15 BCR EJ . 32.35 14.85 -45.62
C16 BCR EJ . 32.59 15.71 -44.64
C17 BCR EJ . 32.28 17.11 -44.86
C18 BCR EJ . 32.42 18.02 -43.88
C19 BCR EJ . 32.10 19.41 -44.18
C20 BCR EJ . 32.29 20.40 -43.30
C21 BCR EJ . 31.92 21.73 -43.75
C22 BCR EJ . 32.25 22.83 -43.09
C23 BCR EJ . 31.82 24.12 -43.65
C24 BCR EJ . 31.78 25.24 -42.93
C25 BCR EJ . 31.35 26.50 -43.56
C26 BCR EJ . 30.07 26.68 -43.92
C27 BCR EJ . 29.69 27.80 -44.87
C28 BCR EJ . 30.42 29.04 -44.39
C29 BCR EJ . 31.92 28.82 -44.48
C30 BCR EJ . 32.42 27.56 -43.76
C35 BCR EJ . 32.26 13.11 -47.84
C36 BCR EJ . 32.93 17.61 -42.53
C37 BCR EJ . 33.03 22.77 -41.80
C38 BCR EJ . 28.98 25.80 -43.39
C39 BCR EJ . 32.96 27.94 -42.40
C40 BCR EJ . 33.54 26.96 -44.59
C1 BCR FJ . 20.64 22.49 -49.89
C2 BCR FJ . 20.65 23.11 -51.27
C3 BCR FJ . 20.46 24.62 -51.25
C4 BCR FJ . 19.14 24.93 -50.58
C5 BCR FJ . 19.22 24.42 -49.16
C6 BCR FJ . 19.97 23.35 -48.84
C7 BCR FJ . 20.12 23.01 -47.41
C8 BCR FJ . 19.30 22.16 -46.79
C9 BCR FJ . 19.50 21.89 -45.35
C10 BCR FJ . 18.50 21.35 -44.65
C11 BCR FJ . 18.66 21.09 -43.21
C33 BCR FJ . 18.48 25.17 -48.10
C31 BCR FJ . 22.09 22.26 -49.44
C32 BCR FJ . 19.93 21.14 -49.97
C34 BCR FJ . 20.81 22.21 -44.70
C12 BCR FJ . 17.61 20.64 -42.53
C13 BCR FJ . 17.72 20.39 -41.08
C14 BCR FJ . 16.60 20.33 -40.36
C15 BCR FJ . 16.64 20.13 -38.92
C16 BCR FJ . 15.50 20.09 -38.23
C17 BCR FJ . 15.57 19.93 -36.79
C18 BCR FJ . 14.48 19.84 -36.01
C19 BCR FJ . 14.70 19.72 -34.56
C20 BCR FJ . 13.73 19.60 -33.66
C21 BCR FJ . 14.19 19.53 -32.28
C22 BCR FJ . 13.44 19.16 -31.23
C23 BCR FJ . 14.08 19.16 -29.91
C24 BCR FJ . 13.57 18.50 -28.87
C25 BCR FJ . 14.25 18.52 -27.56
C26 BCR FJ . 15.54 18.19 -27.43
C27 BCR FJ . 16.41 18.83 -26.35
C28 BCR FJ . 15.59 19.81 -25.54
C29 BCR FJ . 14.28 19.15 -25.13
C30 BCR FJ . 13.40 18.91 -26.36
C35 BCR FJ . 19.06 20.24 -40.43
C36 BCR FJ . 13.10 19.87 -36.59
C37 BCR FJ . 12.00 18.78 -31.42
C38 BCR FJ . 16.18 17.17 -28.33
C39 BCR FJ . 12.65 20.19 -26.70
C40 BCR FJ . 12.41 17.79 -26.09
C1 BCR GJ . 25.12 28.99 -48.87
C2 BCR GJ . 25.83 28.14 -49.91
C3 BCR GJ . 27.28 27.96 -49.52
C4 BCR GJ . 27.98 29.30 -49.62
C5 BCR GJ . 27.20 30.38 -48.94
C6 BCR GJ . 25.92 30.24 -48.56
C7 BCR GJ . 25.30 31.40 -47.87
C8 BCR GJ . 24.69 31.35 -46.69
C9 BCR GJ . 24.14 32.60 -46.14
C10 BCR GJ . 23.25 32.61 -45.14
C11 BCR GJ . 22.71 31.40 -44.54
C33 BCR GJ . 27.88 31.68 -48.66
C31 BCR GJ . 24.95 28.14 -47.60
C32 BCR GJ . 23.75 29.40 -49.40
C34 BCR GJ . 24.64 33.90 -46.69
C12 BCR GJ . 22.00 31.53 -43.42
C13 BCR GJ . 21.37 30.40 -42.73
C14 BCR GJ . 20.68 30.62 -41.61
C15 BCR GJ . 20.01 29.55 -40.89
C16 BCR GJ . 19.28 29.83 -39.82
C17 BCR GJ . 18.58 28.75 -39.12
C18 BCR GJ . 17.81 29.01 -38.04
C19 BCR GJ . 17.10 27.90 -37.39
C20 BCR GJ . 16.41 28.04 -36.27
C21 BCR GJ . 15.73 26.86 -35.74
C22 BCR GJ . 15.29 26.77 -34.49
C23 BCR GJ . 15.49 27.85 -33.51
C24 BCR GJ . 14.82 27.78 -32.35
C25 BCR GJ . 14.93 28.78 -31.27
C26 BCR GJ . 14.44 30.02 -31.42
C27 BCR GJ . 14.68 31.10 -30.39
C28 BCR GJ . 14.82 30.48 -29.02
C29 BCR GJ . 15.94 29.46 -29.06
C30 BCR GJ . 15.57 28.31 -29.98
C35 BCR GJ . 21.48 29.01 -43.29
C36 BCR GJ . 17.69 30.41 -37.53
C37 BCR GJ . 14.59 25.51 -34.05
C38 BCR GJ . 13.60 30.39 -32.61
C39 BCR GJ . 14.58 27.39 -29.27
C40 BCR GJ . 16.84 27.54 -30.32
C1 BCR HJ . 14.78 -3.99 -26.31
C2 BCR HJ . 14.52 -5.30 -27.06
C3 BCR HJ . 13.64 -6.26 -26.29
C4 BCR HJ . 14.28 -6.55 -24.94
C5 BCR HJ . 14.35 -5.26 -24.19
C6 BCR HJ . 14.77 -4.14 -24.81
C7 BCR HJ . 15.26 -2.99 -24.02
C8 BCR HJ . 16.41 -3.06 -23.38
C9 BCR HJ . 16.91 -1.91 -22.62
C10 BCR HJ . 18.21 -1.87 -22.37
C11 BCR HJ . 18.85 -0.78 -21.66
C33 BCR HJ . 13.92 -5.23 -22.76
C31 BCR HJ . 13.72 -2.96 -26.69
C32 BCR HJ . 16.15 -3.48 -26.74
C34 BCR HJ . 15.99 -0.81 -22.19
C12 BCR HJ . 20.16 -0.72 -21.86
C13 BCR HJ . 21.05 0.30 -21.31
C14 BCR HJ . 22.35 0.10 -21.46
C15 BCR HJ . 23.33 1.05 -20.98
C16 BCR HJ . 24.55 0.88 -21.45
C17 BCR HJ . 25.62 1.80 -21.06
C18 BCR HJ . 26.86 1.55 -21.46
C19 BCR HJ . 27.91 2.50 -21.07
C20 BCR HJ . 29.15 2.37 -21.51
C21 BCR HJ . 30.09 3.38 -21.07
C22 BCR HJ . 31.39 3.28 -21.34
C23 BCR HJ . 32.27 4.36 -20.87
C24 BCR HJ . 33.59 4.22 -20.96
C25 BCR HJ . 34.50 5.29 -20.51
C26 BCR HJ . 34.73 5.49 -19.20
C27 BCR HJ . 35.63 6.61 -18.76
C28 BCR HJ . 35.38 7.78 -19.69
C29 BCR HJ . 35.78 7.40 -21.10
C30 BCR HJ . 35.21 6.08 -21.58
C35 BCR HJ . 20.53 1.53 -20.62
C36 BCR HJ . 27.19 0.35 -22.30
C37 BCR HJ . 31.93 2.12 -22.12
C38 BCR HJ . 34.10 4.63 -18.15
C39 BCR HJ . 36.32 5.19 -22.12
C40 BCR HJ . 34.24 6.39 -22.73
C1 BCR IJ . -3.52 25.68 -9.72
C2 BCR IJ . -2.66 26.62 -8.89
C3 BCR IJ . -2.22 25.95 -7.60
C4 BCR IJ . -1.32 24.77 -7.90
C5 BCR IJ . -1.87 23.93 -9.02
C6 BCR IJ . -2.96 24.27 -9.72
C7 BCR IJ . -3.64 23.24 -10.53
C8 BCR IJ . -4.48 22.41 -9.94
C9 BCR IJ . -5.20 21.35 -10.65
C10 BCR IJ . -6.04 20.61 -9.92
C11 BCR IJ . -6.86 19.51 -10.39
C33 BCR IJ . -1.14 22.66 -9.36
C31 BCR IJ . -3.58 26.17 -11.16
C32 BCR IJ . -4.91 25.67 -9.12
C34 BCR IJ . -5.02 21.10 -12.12
C12 BCR IJ . -7.72 19.07 -9.49
C13 BCR IJ . -8.64 17.94 -9.70
C14 BCR IJ . -9.39 17.55 -8.67
C15 BCR IJ . -10.31 16.43 -8.75
C16 BCR IJ . -11.22 16.25 -7.80
C17 BCR IJ . -12.07 15.07 -7.91
C18 BCR IJ . -12.89 14.72 -6.91
C19 BCR IJ . -13.68 13.50 -7.05
C20 BCR IJ . -14.65 13.14 -6.22
C21 BCR IJ . -15.27 11.87 -6.53
C22 BCR IJ . -16.18 11.28 -5.74
C23 BCR IJ . -16.68 9.97 -6.18
C24 BCR IJ . -17.63 9.31 -5.51
C25 BCR IJ . -18.11 7.97 -5.94
C26 BCR IJ . -18.66 7.76 -7.16
C27 BCR IJ . -18.90 6.37 -7.69
C28 BCR IJ . -18.18 5.33 -6.85
C29 BCR IJ . -18.52 5.55 -5.40
C30 BCR IJ . -17.92 6.87 -4.93
C35 BCR IJ . -8.74 17.24 -11.02
C36 BCR IJ . -12.95 15.54 -5.66
C37 BCR IJ . -16.65 11.91 -4.47
C38 BCR IJ . -19.09 8.89 -8.04
C39 BCR IJ . -16.42 6.69 -4.71
C40 BCR IJ . -18.58 7.30 -3.63
O1 LHG JJ . 40.74 -18.07 -32.65
C1 LHG JJ . 40.48 -17.90 -31.30
C2 LHG JJ . 38.97 -17.94 -31.09
O2 LHG JJ . 38.35 -17.94 -32.34
C3 LHG JJ . 38.53 -16.70 -30.30
O3 LHG JJ . 37.40 -16.17 -30.92
P LHG JJ . 36.08 -15.83 -29.99
O4 LHG JJ . 35.31 -14.70 -30.61
O5 LHG JJ . 35.20 -17.05 -29.92
O6 LHG JJ . 36.58 -15.40 -28.46
C4 LHG JJ . 35.98 -16.07 -27.36
C5 LHG JJ . 36.21 -15.24 -26.08
C6 LHG JJ . 36.53 -16.17 -24.93
O7 LHG JJ . 37.29 -14.37 -26.29
C7 LHG JJ . 37.21 -13.19 -25.51
O9 LHG JJ . 36.15 -12.76 -25.22
C8 LHG JJ . 38.49 -12.49 -25.02
C9 LHG JJ . 38.19 -11.16 -24.29
C10 LHG JJ . 38.96 -11.04 -22.96
O8 LHG JJ . 35.49 -16.08 -24.00
C23 LHG JJ . 35.79 -16.69 -22.77
O10 LHG JJ . 35.46 -17.82 -22.58
C24 LHG JJ . 36.56 -15.91 -21.68
C11 LHG JJ . 38.53 -12.12 -21.93
C12 LHG JJ . 37.49 -11.57 -20.88
C25 LHG JJ . 36.21 -16.39 -20.28
C26 LHG JJ . 36.78 -15.79 -19.20
C27 LHG JJ . 36.44 -16.27 -17.75
C28 LHG JJ . 37.61 -16.07 -16.77
C29 LHG JJ . 37.36 -16.71 -15.38
C30 LHG JJ . 37.15 -18.26 -15.47
C1A DGD KJ . -7.79 2.48 -18.67
C2A DGD KJ . -7.23 3.73 -18.05
C3A DGD KJ . -8.16 4.90 -18.33
C4A DGD KJ . -7.34 6.12 -18.68
C5A DGD KJ . -8.20 7.37 -18.67
C6A DGD KJ . -7.45 8.52 -18.02
C7A DGD KJ . -7.28 9.67 -18.99
C8A DGD KJ . -7.03 10.98 -18.25
C9A DGD KJ . -5.87 11.74 -18.88
CAA DGD KJ . -6.23 13.20 -19.11
O1A DGD KJ . -8.78 2.54 -19.37
C1B DGD KJ . -3.98 1.31 -20.32
C2B DGD KJ . -2.54 1.10 -20.69
C3B DGD KJ . -2.12 2.21 -21.64
C4B DGD KJ . -1.67 3.47 -20.91
C5B DGD KJ . -0.16 3.58 -20.84
C6B DGD KJ . 0.34 3.66 -19.41
C7B DGD KJ . 0.70 5.08 -18.99
C8B DGD KJ . 0.74 5.21 -17.48
C9B DGD KJ . 1.59 6.39 -17.03
CAB DGD KJ . 1.39 6.72 -15.56
CBB DGD KJ . 2.25 7.90 -15.15
CCB DGD KJ . 1.39 9.11 -14.81
CDB DGD KJ . 1.93 10.38 -15.48
CEB DGD KJ . 2.85 11.13 -14.54
CFB DGD KJ . 2.65 12.63 -14.63
CGB DGD KJ . 3.61 13.36 -13.71
CHB DGD KJ . 3.23 14.83 -13.56
O1B DGD KJ . -4.41 2.43 -20.20
O1G DGD KJ . -7.17 1.20 -18.44
C1G DGD KJ . -7.21 0.20 -19.43
C2G DGD KJ . -6.21 0.59 -20.49
O2G DGD KJ . -4.89 0.21 -20.10
C3G DGD KJ . -6.59 -0.13 -21.76
O3G DGD KJ . -6.04 -1.44 -21.66
C1D DGD KJ . -6.14 -2.10 -22.90
C2D DGD KJ . -5.25 -3.37 -22.86
O2D DGD KJ . -3.95 -2.90 -22.83
C3D DGD KJ . -5.44 -4.08 -24.22
O3D DGD KJ . -4.82 -5.31 -24.17
C4D DGD KJ . -6.93 -4.39 -24.50
O4D DGD KJ . -7.45 -5.20 -23.52
C5D DGD KJ . -7.67 -3.05 -24.40
O5D DGD KJ . -9.15 -3.94 -25.87
C6D DGD KJ . -9.17 -3.21 -24.67
O6D DGD KJ . -7.48 -2.48 -23.11
C1E DGD KJ . -10.14 -3.71 -26.81
C2E DGD KJ . -10.14 -4.91 -27.85
O2E DGD KJ . -10.12 -6.08 -27.10
C3E DGD KJ . -8.95 -4.89 -28.76
O3E DGD KJ . -9.22 -5.89 -29.67
C4E DGD KJ . -8.94 -3.54 -29.48
O4E DGD KJ . -10.16 -3.36 -30.10
C5E DGD KJ . -8.79 -2.46 -28.39
O6E DGD KJ . -9.84 -2.49 -27.44
C6E DGD KJ . -8.92 -1.07 -28.98
O5E DGD KJ . -7.63 -0.74 -29.36
C1 BCR LJ . 28.28 -2.52 1.40
C2 BCR LJ . 27.32 -2.88 0.27
C3 BCR LJ . 27.85 -4.08 -0.49
C4 BCR LJ . 27.88 -5.29 0.42
C5 BCR LJ . 28.57 -4.99 1.73
C6 BCR LJ . 28.71 -3.74 2.19
C7 BCR LJ . 29.32 -3.48 3.52
C8 BCR LJ . 30.62 -3.57 3.74
C9 BCR LJ . 31.15 -3.29 5.09
C10 BCR LJ . 31.54 -4.28 5.90
C11 BCR LJ . 32.05 -3.97 7.23
C33 BCR LJ . 29.08 -6.17 2.51
C31 BCR LJ . 27.60 -1.54 2.36
C32 BCR LJ . 29.54 -1.90 0.82
C34 BCR LJ . 31.26 -1.86 5.54
C12 BCR LJ . 32.56 -4.95 7.97
C13 BCR LJ . 33.08 -4.70 9.32
C14 BCR LJ . 33.32 -5.75 10.12
C15 BCR LJ . 33.82 -5.64 11.49
C16 BCR LJ . 34.11 -6.76 12.13
C17 BCR LJ . 34.58 -6.78 13.51
C18 BCR LJ . 34.97 -7.95 14.05
C19 BCR LJ . 35.40 -8.02 15.45
C20 BCR LJ . 35.54 -9.21 16.02
C21 BCR LJ . 35.93 -9.33 17.43
C22 BCR LJ . 36.15 -10.54 17.96
C23 BCR LJ . 36.52 -10.65 19.39
C24 BCR LJ . 37.14 -11.74 19.85
C25 BCR LJ . 37.48 -11.85 21.30
C26 BCR LJ . 36.53 -12.27 22.15
C27 BCR LJ . 36.60 -12.01 23.63
C28 BCR LJ . 37.83 -11.20 24.00
C29 BCR LJ . 39.04 -11.71 23.25
C30 BCR LJ . 38.89 -11.54 21.75
C35 BCR LJ . 33.33 -3.29 9.80
C36 BCR LJ . 34.92 -9.20 13.22
C37 BCR LJ . 36.01 -11.78 17.13
C38 BCR LJ . 35.36 -13.04 21.61
C39 BCR LJ . 39.83 -12.49 21.02
C40 BCR LJ . 39.26 -10.10 21.37
C1 BCR MJ . 31.01 -10.71 11.07
C2 BCR MJ . 31.58 -9.34 11.44
C3 BCR MJ . 31.15 -8.85 12.81
C4 BCR MJ . 29.64 -8.87 12.90
C5 BCR MJ . 29.23 -10.31 12.76
C6 BCR MJ . 29.71 -11.06 11.77
C7 BCR MJ . 28.99 -12.27 11.34
C8 BCR MJ . 27.81 -12.13 10.73
C9 BCR MJ . 27.00 -13.27 10.25
C10 BCR MJ . 25.73 -13.01 9.95
C11 BCR MJ . 24.79 -14.00 9.44
C33 BCR MJ . 28.27 -10.88 13.77
C31 BCR MJ . 32.03 -11.80 11.40
C32 BCR MJ . 30.74 -10.70 9.57
C34 BCR MJ . 27.58 -14.64 10.11
C12 BCR MJ . 23.57 -13.54 9.19
C13 BCR MJ . 22.47 -14.35 8.63
C14 BCR MJ . 21.39 -13.70 8.21
C15 BCR MJ . 20.23 -14.33 7.59
C16 BCR MJ . 19.32 -13.51 7.08
C17 BCR MJ . 18.13 -13.99 6.39
C18 BCR MJ . 17.22 -13.10 5.95
C19 BCR MJ . 16.05 -13.58 5.21
C20 BCR MJ . 15.42 -12.71 4.41
C21 BCR MJ . 14.27 -13.12 3.61
C22 BCR MJ . 13.76 -12.27 2.71
C23 BCR MJ . 12.62 -12.68 1.87
C24 BCR MJ . 12.86 -12.73 0.56
C25 BCR MJ . 11.90 -13.11 -0.50
C26 BCR MJ . 11.41 -14.35 -0.63
C27 BCR MJ . 10.76 -14.82 -1.91
C28 BCR MJ . 10.04 -13.68 -2.59
C29 BCR MJ . 11.03 -12.55 -2.81
C30 BCR MJ . 11.55 -12.00 -1.48
C35 BCR MJ . 22.58 -15.85 8.53
C36 BCR MJ . 17.43 -11.64 6.19
C37 BCR MJ . 14.33 -10.90 2.54
C38 BCR MJ . 11.48 -15.37 0.48
C39 BCR MJ . 10.49 -11.11 -0.84
C40 BCR MJ . 12.82 -11.20 -1.76
MG CLA NJ . 24.82 -19.23 12.35
CHA CLA NJ . 26.69 -22.15 12.30
CHB CLA NJ . 27.45 -17.56 13.72
CHC CLA NJ . 22.94 -16.36 12.32
CHD CLA NJ . 22.11 -21.01 10.92
NA CLA NJ . 26.76 -19.79 12.91
C1A CLA NJ . 27.35 -21.06 12.81
C2A CLA NJ . 28.78 -21.03 13.35
C3A CLA NJ . 28.96 -19.57 13.86
C4A CLA NJ . 27.64 -18.90 13.47
CMA CLA NJ . 29.21 -19.52 15.34
CAA CLA NJ . 29.80 -21.32 12.26
CBA CLA NJ . 31.19 -21.48 12.82
CGA CLA NJ . 31.19 -22.59 13.83
O1A CLA NJ . 30.49 -23.61 13.85
O2A CLA NJ . 32.12 -22.43 14.81
NB CLA NJ . 25.12 -17.34 12.97
C1B CLA NJ . 26.29 -16.83 13.41
C2B CLA NJ . 26.19 -15.35 13.55
C3B CLA NJ . 24.92 -15.00 13.16
C4B CLA NJ . 24.22 -16.27 12.78
CMB CLA NJ . 27.32 -14.53 14.00
CAB CLA NJ . 24.26 -13.72 13.07
CBB CLA NJ . 24.48 -12.66 13.87
NC CLA NJ . 22.88 -18.78 11.74
C1C CLA NJ . 22.31 -17.54 11.84
C2C CLA NJ . 20.93 -17.58 11.34
C3C CLA NJ . 20.70 -18.89 10.93
C4C CLA NJ . 21.92 -19.64 11.18
CMC CLA NJ . 20.03 -16.44 11.29
CAC CLA NJ . 19.46 -19.44 10.35
CBC CLA NJ . 18.61 -20.14 11.38
ND CLA NJ . 24.45 -21.10 11.68
C1D CLA NJ . 23.27 -21.71 11.15
C2D CLA NJ . 23.55 -23.14 10.90
C3D CLA NJ . 24.86 -23.36 11.30
C4D CLA NJ . 25.35 -22.06 11.80
CMD CLA NJ . 22.59 -24.08 10.32
CAD CLA NJ . 25.93 -24.32 11.43
OBD CLA NJ . 25.96 -25.50 11.08
CBD CLA NJ . 27.11 -23.60 12.14
CGD CLA NJ . 27.42 -24.23 13.47
O1D CLA NJ . 27.65 -23.66 14.54
O2D CLA NJ . 27.47 -25.58 13.44
CED CLA NJ . 28.23 -26.25 14.44
C1 CLA NJ . 33.50 -22.42 14.41
C2 CLA NJ . 34.11 -23.68 14.90
C3 CLA NJ . 35.39 -24.00 14.66
C4 CLA NJ . 36.30 -23.12 13.90
C5 CLA NJ . 35.96 -25.27 15.18
C6 CLA NJ . 36.29 -26.26 14.06
C7 CLA NJ . 37.31 -27.28 14.52
C8 CLA NJ . 38.70 -26.99 13.96
C9 CLA NJ . 38.90 -27.71 12.65
C10 CLA NJ . 39.78 -27.38 14.95
C11 CLA NJ . 39.68 -26.59 16.25
C12 CLA NJ . 41.01 -26.49 16.97
C13 CLA NJ . 40.89 -25.91 18.37
C14 CLA NJ . 39.44 -25.81 18.84
C15 CLA NJ . 41.56 -24.55 18.48
C16 CLA NJ . 43.07 -24.68 18.34
C17 CLA NJ . 43.81 -23.94 19.44
C18 CLA NJ . 45.28 -23.75 19.10
C19 CLA NJ . 45.63 -22.28 19.01
C20 CLA NJ . 46.16 -24.44 20.11
MG CLA OJ . 42.54 -2.87 -5.12
CHA CLA OJ . 44.77 -4.79 -3.26
CHB CLA OJ . 40.82 -5.69 -5.97
CHC CLA OJ . 40.37 -0.93 -6.94
CHD CLA OJ . 44.31 0.03 -4.14
NA CLA OJ . 42.78 -4.90 -4.67
C1A CLA OJ . 43.77 -5.50 -3.87
C2A CLA OJ . 43.56 -7.01 -3.79
C3A CLA OJ . 42.33 -7.26 -4.70
C4A CLA OJ . 41.92 -5.86 -5.14
CMA CLA OJ . 42.67 -8.14 -5.86
CAA CLA OJ . 43.22 -7.42 -2.37
CBA CLA OJ . 44.11 -8.53 -1.86
CGA CLA OJ . 43.97 -9.72 -2.75
O1A CLA OJ . 42.95 -10.18 -3.28
O2A CLA OJ . 45.17 -10.36 -2.98
NB CLA OJ . 40.88 -3.23 -6.20
C1B CLA OJ . 40.36 -4.46 -6.47
C2B CLA OJ . 39.23 -4.33 -7.42
C3B CLA OJ . 39.09 -2.99 -7.70
C4B CLA OJ . 40.15 -2.27 -6.93
CMB CLA OJ . 38.47 -5.48 -7.93
CAB CLA OJ . 38.15 -2.32 -8.57
CBB CLA OJ . 37.31 -1.37 -8.21
NC CLA OJ . 42.39 -0.82 -5.47
C1C CLA OJ . 41.42 -0.24 -6.26
C2C CLA OJ . 41.61 1.21 -6.29
C3C CLA OJ . 42.72 1.48 -5.49
C4C CLA OJ . 43.19 0.20 -4.97
CMC CLA OJ . 40.78 2.14 -7.05
CAC CLA OJ . 43.31 2.81 -5.20
CBC CLA OJ . 44.64 3.02 -5.89
ND CLA OJ . 44.18 -2.41 -4.03
C1D CLA OJ . 44.80 -1.18 -3.69
C2D CLA OJ . 45.98 -1.44 -2.84
C3D CLA OJ . 46.04 -2.81 -2.68
C4D CLA OJ . 44.88 -3.37 -3.40
CMD CLA OJ . 46.88 -0.41 -2.32
CAD CLA OJ . 46.75 -3.92 -2.08
OBD CLA OJ . 47.79 -3.94 -1.43
CBD CLA OJ . 45.94 -5.22 -2.40
CGD CLA OJ . 46.78 -6.25 -3.10
O1D CLA OJ . 47.38 -7.21 -2.60
O2D CLA OJ . 46.87 -6.06 -4.44
CED CLA OJ . 47.34 -7.14 -5.24
C1 CLA OJ . 45.19 -11.35 -4.01
C2 CLA OJ . 45.44 -10.63 -5.29
C3 CLA OJ . 45.96 -11.24 -6.37
C4 CLA OJ . 46.35 -12.67 -6.35
C5 CLA OJ . 46.20 -10.48 -7.63
C6 CLA OJ . 45.44 -11.05 -8.81
C7 CLA OJ . 43.95 -11.01 -8.57
C1 BCR PJ . 26.37 -22.55 -1.93
C2 BCR PJ . 26.38 -22.88 -0.45
C3 BCR PJ . 27.62 -22.31 0.23
C4 BCR PJ . 28.83 -23.06 -0.30
C5 BCR PJ . 28.83 -23.03 -1.82
C6 BCR PJ . 27.77 -22.65 -2.53
C7 BCR PJ . 27.92 -22.30 -3.96
C8 BCR PJ . 28.51 -21.17 -4.35
C9 BCR PJ . 28.64 -20.87 -5.78
C10 BCR PJ . 29.15 -19.69 -6.17
C11 BCR PJ . 29.29 -19.38 -7.59
C33 BCR PJ . 30.08 -23.47 -2.51
C31 BCR PJ . 25.86 -21.13 -2.11
C32 BCR PJ . 25.47 -23.52 -2.68
C34 BCR PJ . 28.22 -21.88 -6.81
C12 BCR PJ . 29.94 -18.28 -7.97
C13 BCR PJ . 30.09 -17.97 -9.40
C14 BCR PJ . 30.70 -16.84 -9.78
C15 BCR PJ . 31.24 -15.95 -8.77
C16 BCR PJ . 31.78 -14.78 -9.11
C17 BCR PJ . 32.32 -13.93 -8.06
C18 BCR PJ . 32.94 -12.78 -8.34
C19 BCR PJ . 33.49 -11.99 -7.21
C20 BCR PJ . 34.09 -10.82 -7.40
C21 BCR PJ . 34.62 -10.15 -6.21
C22 BCR PJ . 35.36 -9.04 -6.30
C23 BCR PJ . 35.86 -8.44 -5.05
C24 BCR PJ . 36.81 -7.50 -5.11
C25 BCR PJ . 37.36 -6.89 -3.88
C26 BCR PJ . 38.35 -7.51 -3.23
C27 BCR PJ . 38.91 -7.00 -1.92
C28 BCR PJ . 37.90 -6.09 -1.25
C29 BCR PJ . 37.51 -4.98 -2.22
C30 BCR PJ . 36.82 -5.54 -3.46
C35 BCR PJ . 29.55 -18.91 -10.43
C36 BCR PJ . 33.12 -12.30 -9.74
C37 BCR PJ . 35.67 -8.44 -7.62
C38 BCR PJ . 38.95 -8.76 -3.79
C39 BCR PJ . 37.05 -4.57 -4.61
C40 BCR PJ . 35.32 -5.65 -3.20
C1 BCR QJ . 39.89 -1.74 -31.42
C2 BCR QJ . 40.62 -0.81 -32.41
C3 BCR QJ . 39.84 -0.44 -33.67
C4 BCR QJ . 38.35 -0.32 -33.40
C5 BCR QJ . 37.94 -1.69 -32.95
C6 BCR QJ . 38.53 -2.22 -31.88
C7 BCR QJ . 37.86 -3.27 -31.10
C8 BCR QJ . 36.76 -2.97 -30.41
C9 BCR QJ . 36.03 -3.96 -29.62
C10 BCR QJ . 34.80 -3.62 -29.20
C11 BCR QJ . 33.94 -4.50 -28.42
C33 BCR QJ . 36.90 -2.44 -33.73
C31 BCR QJ . 39.71 -1.01 -30.10
C32 BCR QJ . 40.75 -2.97 -31.18
C34 BCR QJ . 36.62 -5.30 -29.29
C12 BCR QJ . 32.65 -4.17 -28.44
C13 BCR QJ . 31.61 -4.91 -27.71
C14 BCR QJ . 30.34 -4.48 -27.83
C15 BCR QJ . 29.24 -5.14 -27.14
C16 BCR QJ . 28.01 -4.72 -27.39
C17 BCR QJ . 26.89 -5.36 -26.69
C18 BCR QJ . 25.63 -4.98 -26.91
C19 BCR QJ . 24.57 -5.66 -26.15
C20 BCR QJ . 23.32 -5.24 -26.13
C21 BCR QJ . 22.41 -6.04 -25.32
C22 BCR QJ . 21.20 -5.59 -24.95
C23 BCR QJ . 20.38 -6.47 -24.10
C24 BCR QJ . 19.27 -6.02 -23.52
C25 BCR QJ . 18.44 -6.90 -22.66
C26 BCR QJ . 17.65 -7.85 -23.19
C27 BCR QJ . 16.80 -8.76 -22.34
C28 BCR QJ . 17.36 -8.84 -20.92
C29 BCR QJ . 17.49 -7.43 -20.38
C30 BCR QJ . 18.53 -6.64 -21.18
C35 BCR QJ . 31.95 -6.10 -26.86
C36 BCR QJ . 25.30 -3.89 -27.88
C37 BCR QJ . 20.70 -4.24 -25.36
C38 BCR QJ . 17.55 -8.04 -24.68
C39 BCR QJ . 19.93 -7.04 -20.69
C40 BCR QJ . 18.32 -5.15 -20.94
C1 BCR RJ . 31.40 23.28 -48.23
C2 BCR RJ . 30.86 24.66 -48.59
C3 BCR RJ . 31.60 25.74 -47.81
C4 BCR RJ . 33.07 25.79 -48.19
C5 BCR RJ . 33.63 24.39 -48.34
C6 BCR RJ . 32.91 23.31 -48.06
C7 BCR RJ . 33.58 22.07 -47.61
C8 BCR RJ . 34.16 22.01 -46.41
C9 BCR RJ . 34.82 20.78 -45.96
C10 BCR RJ . 35.42 20.79 -44.76
C11 BCR RJ . 36.10 19.62 -44.22
C33 BCR RJ . 35.04 24.24 -48.83
C31 BCR RJ . 31.06 22.28 -49.32
C32 BCR RJ . 30.77 22.83 -46.91
C34 BCR RJ . 34.82 19.55 -46.81
C12 BCR RJ . 36.51 19.72 -42.96
C13 BCR RJ . 37.21 18.64 -42.24
C14 BCR RJ . 37.75 18.95 -41.06
C15 BCR RJ . 38.46 17.98 -40.23
C16 BCR RJ . 39.12 18.44 -39.19
C17 BCR RJ . 39.85 17.53 -38.31
C18 BCR RJ . 40.68 17.99 -37.37
C19 BCR RJ . 41.38 17.03 -36.52
C20 BCR RJ . 42.19 17.41 -35.56
C21 BCR RJ . 42.80 16.33 -34.79
C22 BCR RJ . 43.73 16.52 -33.86
C23 BCR RJ . 44.23 15.32 -33.18
C24 BCR RJ . 45.04 15.39 -32.14
C25 BCR RJ . 45.51 14.14 -31.50
C26 BCR RJ . 46.51 13.44 -32.07
C27 BCR RJ . 46.93 12.07 -31.58
C28 BCR RJ . 45.80 11.47 -30.76
C29 BCR RJ . 45.39 12.43 -29.65
C30 BCR RJ . 44.83 13.72 -30.21
C35 BCR RJ . 37.29 17.25 -42.80
C36 BCR RJ . 40.90 19.47 -37.19
C37 BCR RJ . 44.25 17.89 -33.52
C38 BCR RJ . 47.29 14.02 -33.21
C39 BCR RJ . 45.04 14.84 -29.20
C40 BCR RJ . 43.34 13.54 -30.44
C8 A1L1F SJ . 54.19 -11.66 -42.75
C5 A1L1F SJ . 50.78 -12.64 -41.21
C4 A1L1F SJ . 54.87 -11.88 -41.41
C6 A1L1F SJ . 52.30 -12.51 -41.29
C10 A1L1F SJ . 54.85 -11.28 -38.98
C11 A1L1F SJ . 54.19 -11.07 -40.33
C2 A1L1F SJ . 51.22 -10.70 -38.47
C3 A1L1F SJ . 52.70 -12.02 -42.67
C1 A1L1F SJ . 52.77 -11.52 -40.26
C12 A1L1F SJ . 52.95 -13.84 -40.97
C14 A1L1F SJ . 43.37 4.67 -30.80
C17 A1L1F SJ . 41.08 5.93 -32.05
C18 A1L1F SJ . 45.14 6.58 -29.63
C19 A1L1F SJ . 45.88 6.28 -31.98
C20 A1L1F SJ . 42.43 6.58 -32.38
C21 A1L1F SJ . 42.49 8.10 -32.48
C22 A1L1F SJ . 43.93 8.49 -32.69
C23 A1L1F SJ . 44.61 8.30 -31.36
C24 A1L1F SJ . 44.77 6.82 -31.09
C25 A1L1F SJ . 43.49 6.04 -31.39
C26 A1L1F SJ . 42.74 1.74 -30.00
C27 A1L1F SJ . 44.62 -3.02 -31.85
C28 A1L1F SJ . 48.81 -4.79 -37.05
C29 A1L1F SJ . 43.48 3.64 -31.64
C30 A1L1F SJ . 43.41 2.23 -31.25
C31 A1L1F SJ . 44.00 1.39 -32.10
C32 A1L1F SJ . 44.07 -0.06 -31.94
C33 A1L1F SJ . 44.91 -0.63 -32.79
C34 A1L1F SJ . 45.20 -2.06 -32.84
C35 A1L1F SJ . 46.02 -2.48 -33.81
C36 A1L1F SJ . 46.39 -3.87 -33.95
C37 A1L1F SJ . 47.42 -4.14 -34.73
C38 A1L1F SJ . 47.86 -5.50 -34.92
C39 A1L1F SJ . 48.51 -5.83 -36.03
C40 A1L1F SJ . 48.96 -7.20 -36.23
C41 A1L1F SJ . 49.98 -7.45 -37.03
C42 A1L1F SJ . 50.40 -8.83 -37.20
C43 A1L1F SJ . 50.85 -8.40 -39.58
C44 A1L1F SJ . 50.81 -9.29 -38.38
C45 A1L1F SJ . 44.25 2.52 -28.18
C47 A1L1F SJ . 44.50 3.41 -26.99
C48 A1L1F SJ . 45.60 2.81 -26.13
C49 A1L1F SJ . 45.07 1.62 -25.33
C50 A1L1F SJ . 45.40 1.77 -23.85
C51 A1L1F SJ . 44.28 2.47 -23.11
C52 A1L1F SJ . 44.55 2.55 -21.62
C53 A1L1F SJ . 43.38 3.17 -20.88
C54 A1L1F SJ . 54.31 -12.31 -45.05
C56 A1L1F SJ . 54.34 -10.94 -45.66
C57 A1L1F SJ . 51.99 -11.09 -39.38
O13 A1L1F SJ . 42.99 2.59 -28.90
O15 A1L1F SJ . 43.54 5.81 -32.81
O16 A1L1F SJ . 44.01 9.86 -33.10
O46 A1L1F SJ . 45.09 1.72 -28.54
O55 A1L1F SJ . 53.87 -13.28 -45.64
O7 A1L1F SJ . 54.83 -12.50 -43.70
O9 A1L1F SJ . 54.24 -9.69 -40.67
MG CLA TJ . 54.18 3.78 -25.95
CHA CLA TJ . 51.44 5.31 -24.50
CHB CLA TJ . 52.11 1.72 -27.69
CHC CLA TJ . 56.93 2.36 -27.43
CHD CLA TJ . 56.29 6.02 -24.17
NA CLA TJ . 52.11 3.56 -26.05
C1A CLA TJ . 51.13 4.30 -25.37
C2A CLA TJ . 49.73 3.82 -25.74
C3A CLA TJ . 49.99 2.63 -26.68
C4A CLA TJ . 51.51 2.62 -26.83
CMA CLA TJ . 49.48 1.33 -26.10
CAA CLA TJ . 48.96 4.91 -26.47
CBA CLA TJ . 49.76 5.47 -27.63
CGA CLA TJ . 49.16 5.05 -28.93
O1A CLA TJ . 48.17 5.51 -29.50
O2A CLA TJ . 49.81 4.00 -29.50
NB CLA TJ . 54.47 2.31 -27.28
C1B CLA TJ . 53.50 1.60 -27.91
C2B CLA TJ . 54.10 0.64 -28.88
C3B CLA TJ . 55.47 0.81 -28.81
C4B CLA TJ . 55.72 1.88 -27.79
CMB CLA TJ . 53.30 -0.27 -29.70
CAB CLA TJ . 56.53 0.16 -29.52
CBB CLA TJ . 56.62 -1.15 -29.74
NC CLA TJ . 56.24 4.12 -25.80
C1C CLA TJ . 57.18 3.41 -26.49
C2C CLA TJ . 58.51 3.90 -26.15
C3C CLA TJ . 58.34 4.96 -25.25
C4C CLA TJ . 56.91 5.09 -25.04
CMC CLA TJ . 59.74 3.35 -26.71
CAC CLA TJ . 59.40 5.78 -24.64
CBC CLA TJ . 59.53 5.60 -23.14
ND CLA TJ . 53.99 5.30 -24.62
C1D CLA TJ . 54.92 6.12 -23.96
C2D CLA TJ . 54.21 7.06 -23.07
C3D CLA TJ . 52.87 6.77 -23.22
C4D CLA TJ . 52.78 5.68 -24.21
CMD CLA TJ . 54.85 8.05 -22.21
CAD CLA TJ . 51.51 7.09 -22.81
OBD CLA TJ . 51.12 7.91 -21.98
CBD CLA TJ . 50.56 6.17 -23.63
CGD CLA TJ . 49.74 5.28 -22.74
O1D CLA TJ . 50.18 4.46 -21.93
O2D CLA TJ . 48.40 5.39 -22.89
CED CLA TJ . 47.63 4.20 -22.78
C1 CLA TJ . 49.21 3.44 -30.69
C2 CLA TJ . 48.19 2.45 -30.24
C3 CLA TJ . 48.37 1.12 -30.34
C4 CLA TJ . 49.60 0.53 -30.92
C5 CLA TJ . 47.33 0.16 -29.89
C6 CLA TJ . 47.92 -1.05 -29.20
C7 CLA TJ . 46.99 -1.58 -28.13
C8 CLA TJ . 47.71 -1.82 -26.82
C9 CLA TJ . 48.94 -2.69 -27.03
C10 CLA TJ . 46.80 -2.46 -25.80
C1 BCR UJ . -2.87 25.94 -23.06
C2 BCR UJ . -2.19 26.90 -24.02
C3 BCR UJ . -3.01 28.18 -24.10
C4 BCR UJ . -4.32 27.88 -24.80
C5 BCR UJ . -4.92 26.57 -24.33
C6 BCR UJ . -4.34 25.82 -23.37
C7 BCR UJ . -5.09 24.83 -22.58
C8 BCR UJ . -6.12 25.17 -21.80
C9 BCR UJ . -6.83 24.15 -21.01
C10 BCR UJ . -7.83 24.53 -20.22
C11 BCR UJ . -8.58 23.59 -19.38
C33 BCR UJ . -6.19 26.11 -24.99
C31 BCR UJ . -2.71 26.46 -21.64
C32 BCR UJ . -2.26 24.55 -23.18
C34 BCR UJ . -6.42 22.71 -21.10
C12 BCR UJ . -9.52 24.11 -18.59
C13 BCR UJ . -10.34 23.30 -17.68
C14 BCR UJ . -11.23 23.95 -16.90
C15 BCR UJ . -12.08 23.25 -15.93
C16 BCR UJ . -12.98 23.96 -15.26
C17 BCR UJ . -13.82 23.31 -14.26
C18 BCR UJ . -14.69 24.01 -13.53
C19 BCR UJ . -15.51 23.34 -12.51
C20 BCR UJ . -16.02 24.07 -11.52
C21 BCR UJ . -16.81 23.45 -10.46
C22 BCR UJ . -17.22 24.22 -9.45
C23 BCR UJ . -18.00 23.69 -8.32
C24 BCR UJ . -17.30 23.36 -7.23
C25 BCR UJ . -17.83 22.82 -5.95
C26 BCR UJ . -18.67 21.77 -5.85
C27 BCR UJ . -19.15 21.29 -4.51
C28 BCR UJ . -17.99 21.44 -3.53
C29 BCR UJ . -17.70 22.91 -3.39
C30 BCR UJ . -17.31 23.55 -4.72
C35 BCR UJ . -10.19 21.82 -17.60
C36 BCR UJ . -14.82 25.49 -13.75
C37 BCR UJ . -16.89 25.68 -9.45
C38 BCR UJ . -19.18 21.01 -7.04
C39 BCR UJ . -15.80 23.59 -4.82
C40 BCR UJ . -17.86 24.98 -4.76
C1 XAT VJ . 7.24 -21.33 19.14
C2 XAT VJ . 6.24 -22.39 18.68
C3 XAT VJ . 5.94 -23.32 19.83
C4 XAT VJ . 5.04 -22.54 20.76
C5 XAT VJ . 5.81 -21.36 21.37
C6 XAT VJ . 6.98 -20.78 20.55
C7 XAT VJ . 7.13 -19.28 20.79
C8 XAT VJ . 8.34 -18.93 21.20
C9 XAT VJ . 8.77 -17.57 21.54
C10 XAT VJ . 10.06 -17.25 21.39
C11 XAT VJ . 10.55 -15.95 21.79
C12 XAT VJ . 11.83 -15.97 22.16
C13 XAT VJ . 12.57 -14.83 22.69
C14 XAT VJ . 13.89 -14.98 22.89
C15 XAT VJ . 14.70 -13.95 23.51
C16 XAT VJ . 7.26 -20.18 18.13
C17 XAT VJ . 8.64 -21.94 19.13
C18 XAT VJ . 5.08 -20.27 22.18
C19 XAT VJ . 7.81 -16.58 22.13
C20 XAT VJ . 11.87 -13.55 23.09
O3 XAT VJ . 5.26 -24.49 19.35
O4 XAT VJ . 7.17 -21.62 21.69
C21 XAT VJ . 24.29 -8.34 29.33
C22 XAT VJ . 25.14 -7.57 30.32
C23 XAT VJ . 24.50 -7.51 31.68
C24 XAT VJ . 24.58 -8.92 32.23
C25 XAT VJ . 23.67 -9.85 31.43
C26 XAT VJ . 23.45 -9.50 29.94
C27 XAT VJ . 23.20 -10.70 29.07
C28 XAT VJ . 22.16 -10.62 28.26
C29 XAT VJ . 21.72 -11.69 27.36
C30 XAT VJ . 20.52 -11.54 26.80
C31 XAT VJ . 19.91 -12.53 25.93
C32 XAT VJ . 18.75 -12.23 25.37
C33 XAT VJ . 18.07 -13.25 24.55
C34 XAT VJ . 16.77 -13.10 24.32
C35 XAT VJ . 16.01 -14.11 23.61
C36 XAT VJ . 25.17 -8.93 28.22
C37 XAT VJ . 23.34 -7.38 28.64
C38 XAT VJ . 23.65 -11.36 31.64
C39 XAT VJ . 22.58 -12.88 27.09
C40 XAT VJ . 18.82 -14.44 24.04
O23 XAT VJ . 25.23 -6.63 32.53
O24 XAT VJ . 22.46 -9.23 30.96
MG CLA WJ . 26.26 -3.65 13.53
CHA CLA WJ . 28.31 -3.29 16.30
CHB CLA WJ . 28.93 -4.70 11.70
CHC CLA WJ . 24.15 -4.14 10.87
CHD CLA WJ . 23.52 -2.57 15.49
NA CLA WJ . 28.29 -3.91 13.95
C1A CLA WJ . 28.94 -3.74 15.18
C2A CLA WJ . 30.43 -4.07 15.06
C3A CLA WJ . 30.60 -4.44 13.56
C4A CLA WJ . 29.18 -4.36 13.01
CMA CLA WJ . 31.51 -3.46 12.89
CAA CLA WJ . 30.82 -5.23 15.98
CBA CLA WJ . 30.42 -6.57 15.42
CGA CLA WJ . 30.60 -7.63 16.47
O1A CLA WJ . 29.92 -7.84 17.48
O2A CLA WJ . 31.67 -8.44 16.23
NB CLA WJ . 26.48 -4.35 11.66
C1B CLA WJ . 27.67 -4.64 11.06
C2B CLA WJ . 27.47 -4.87 9.60
C3B CLA WJ . 26.12 -4.72 9.36
C4B CLA WJ . 25.47 -4.39 10.66
CMB CLA WJ . 28.55 -5.20 8.68
CAB CLA WJ . 25.38 -4.84 8.13
CBB CLA WJ . 24.42 -5.73 7.88
NC CLA WJ . 24.21 -3.38 13.24
C1C CLA WJ . 23.55 -3.67 12.07
C2C CLA WJ . 22.12 -3.41 12.23
C3C CLA WJ . 21.94 -2.95 13.54
C4C CLA WJ . 23.26 -2.95 14.17
CMC CLA WJ . 21.10 -3.61 11.20
CAC CLA WJ . 20.68 -2.57 14.19
CBC CLA WJ . 20.14 -3.68 15.06
ND CLA WJ . 25.94 -2.95 15.40
C1D CLA WJ . 24.76 -2.56 16.09
C2D CLA WJ . 25.11 -2.18 17.48
C3D CLA WJ . 26.46 -2.43 17.61
C4D CLA WJ . 26.92 -2.94 16.29
CMD CLA WJ . 24.17 -1.67 18.47
CAD CLA WJ . 27.62 -2.37 18.49
OBD CLA WJ . 27.72 -1.93 19.63
CBD CLA WJ . 28.81 -3.01 17.70
CGD CLA WJ . 30.04 -2.14 17.67
O1D CLA WJ . 30.98 -2.16 18.47
O2D CLA WJ . 30.09 -1.27 16.63
CED CLA WJ . 31.37 -0.77 16.26
C1 CLA WJ . 32.00 -9.41 17.27
C2 CLA WJ . 31.20 -10.63 17.01
C3 CLA WJ . 31.48 -11.52 16.04
C4 CLA WJ . 32.63 -11.33 15.13
C5 CLA WJ . 30.63 -12.72 15.82
C6 CLA WJ . 31.35 -13.87 15.14
C7 CLA WJ . 32.13 -14.71 16.12
C8 CLA WJ . 32.10 -16.20 15.78
C9 CLA WJ . 31.50 -16.98 16.93
C10 CLA WJ . 33.48 -16.72 15.42
C11 CLA WJ . 33.53 -18.23 15.46
C12 CLA WJ . 34.31 -18.80 14.28
C13 CLA WJ . 35.81 -18.74 14.52
MG CLA XJ . 25.46 -16.32 29.53
CHA CLA XJ . 27.73 -15.83 32.12
CHB CLA XJ . 27.93 -17.68 27.63
CHC CLA XJ . 23.17 -16.86 27.03
CHD CLA XJ . 22.93 -14.86 31.53
NA CLA XJ . 27.50 -16.68 29.85
C1A CLA XJ . 28.26 -16.40 31.00
C2A CLA XJ . 29.71 -16.83 30.80
C3A CLA XJ . 29.76 -17.32 29.33
C4A CLA XJ . 28.29 -17.24 28.89
CMA CLA XJ . 30.66 -16.46 28.47
CAA CLA XJ . 30.10 -17.96 31.74
CBA CLA XJ . 29.03 -19.03 31.78
NB CLA XJ . 25.54 -17.09 27.67
C1B CLA XJ . 26.63 -17.67 27.10
C2B CLA XJ . 26.26 -18.28 25.79
C3B CLA XJ . 24.91 -18.05 25.62
C4B CLA XJ . 24.44 -17.29 26.81
CMB CLA XJ . 27.20 -18.97 24.93
CAB CLA XJ . 24.05 -18.43 24.54
CBB CLA XJ . 22.90 -19.11 24.65
NC CLA XJ . 23.43 -15.91 29.32
C1C CLA XJ . 22.69 -16.21 28.21
C2C CLA XJ . 21.30 -15.78 28.40
C3C CLA XJ . 21.23 -15.22 29.68
C4C CLA XJ . 22.56 -15.31 30.25
CMC CLA XJ . 20.24 -15.95 27.41
CAC CLA XJ . 20.04 -14.65 30.33
CBC CLA XJ . 19.73 -13.25 29.86
ND CLA XJ . 25.29 -15.52 31.38
C1D CLA XJ . 24.19 -14.95 32.07
C2D CLA XJ . 24.65 -14.51 33.41
C3D CLA XJ . 25.99 -14.84 33.50
C4D CLA XJ . 26.34 -15.46 32.20
CMD CLA XJ . 23.79 -13.88 34.42
CAD CLA XJ . 27.18 -14.82 34.32
OBD CLA XJ . 27.32 -14.42 35.47
CBD CLA XJ . 28.34 -15.44 33.46
CGD CLA XJ . 29.53 -14.53 33.33
O1D CLA XJ . 30.52 -14.67 32.60
O2D CLA XJ . 29.48 -13.43 34.13
CED CLA XJ . 30.61 -13.20 34.99
C1 BCR YJ . 3.23 -10.99 26.54
C2 BCR YJ . 2.28 -12.07 27.04
C3 BCR YJ . 2.84 -12.72 28.29
C4 BCR YJ . 4.13 -13.44 27.94
C5 BCR YJ . 5.09 -12.49 27.26
C6 BCR YJ . 4.66 -11.47 26.51
C7 BCR YJ . 5.58 -10.75 25.61
C8 BCR YJ . 6.43 -9.81 26.05
C9 BCR YJ . 7.32 -9.13 25.09
C10 BCR YJ . 8.49 -9.68 24.77
C11 BCR YJ . 9.39 -9.03 23.82
C33 BCR YJ . 6.56 -12.76 27.47
C31 BCR YJ . 3.14 -9.77 27.45
C32 BCR YJ . 2.82 -10.59 25.13
C34 BCR YJ . 6.94 -7.81 24.51
C12 BCR YJ . 10.57 -9.58 23.61
C13 BCR YJ . 11.53 -8.98 22.67
C14 BCR YJ . 12.75 -9.52 22.56
C15 BCR YJ . 13.73 -8.98 21.63
C16 BCR YJ . 14.99 -9.43 21.69
C17 BCR YJ . 15.96 -8.89 20.75
C18 BCR YJ . 17.20 -9.36 20.69
C19 BCR YJ . 18.11 -8.79 19.70
C20 BCR YJ . 19.30 -9.34 19.45
C21 BCR YJ . 20.12 -8.69 18.42
C22 BCR YJ . 21.31 -9.16 18.08
C23 BCR YJ . 22.07 -8.47 17.03
C24 BCR YJ . 23.28 -8.86 16.66
C25 BCR YJ . 23.98 -8.14 15.58
C26 BCR YJ . 23.42 -8.03 14.37
C27 BCR YJ . 23.69 -6.81 13.54
C28 BCR YJ . 25.21 -6.76 13.43
C29 BCR YJ . 25.82 -6.56 14.81
C30 BCR YJ . 25.35 -7.54 15.86
C35 BCR YJ . 11.16 -7.78 21.85
C36 BCR YJ . 17.65 -10.46 21.62
C37 BCR YJ . 21.89 -10.38 18.75
C38 BCR YJ . 22.56 -9.12 13.81
C39 BCR YJ . 25.28 -6.84 17.21
C40 BCR YJ . 26.39 -8.65 15.93
C1 LMG ZJ . 14.01 -36.99 17.96
O1 LMG ZJ . 15.26 -37.23 18.58
C2 LMG ZJ . 14.26 -36.92 16.45
O2 LMG ZJ . 15.08 -35.80 16.12
C3 LMG ZJ . 12.93 -36.77 15.72
O3 LMG ZJ . 13.13 -36.77 14.31
C4 LMG ZJ . 12.01 -37.92 16.12
O4 LMG ZJ . 12.58 -39.15 15.68
C5 LMG ZJ . 11.85 -37.94 17.64
O5 LMG ZJ . 10.26 -39.67 17.01
C6 LMG ZJ . 10.98 -39.10 18.11
O6 LMG ZJ . 13.13 -38.06 18.24
C7 LMG ZJ . 15.25 -36.85 19.96
C8 LMG ZJ . 15.83 -35.46 20.05
C9 LMG ZJ . 17.05 -35.40 19.15
O7 LMG ZJ . 14.85 -34.55 19.59
C10 LMG ZJ . 15.06 -33.21 20.14
O9 LMG ZJ . 14.45 -32.28 19.65
C11 LMG ZJ . 16.00 -33.01 21.29
C12 LMG ZJ . 16.09 -31.53 21.59
C13 LMG ZJ . 16.99 -30.84 20.58
C14 LMG ZJ . 16.60 -29.37 20.45
C15 LMG ZJ . 15.45 -29.00 21.38
C16 LMG ZJ . 15.71 -27.64 21.99
C17 LMG ZJ . 14.45 -27.08 22.62
C18 LMG ZJ . 14.80 -26.04 23.69
O8 LMG ZJ . 18.16 -35.90 19.88
C28 LMG ZJ . 19.34 -35.05 20.00
O10 LMG ZJ . 20.15 -35.03 19.09
C29 LMG ZJ . 19.54 -34.22 21.23
C30 LMG ZJ . 20.32 -32.96 20.86
C31 LMG ZJ . 21.76 -33.05 21.34
C1 BCR AK . -32.84 14.96 -5.32
C2 BCR AK . -34.03 14.87 -6.26
C3 BCR AK . -34.51 16.26 -6.63
C4 BCR AK . -35.08 16.94 -5.39
C5 BCR AK . -34.07 16.89 -4.28
C6 BCR AK . -33.04 16.03 -4.25
C7 BCR AK . -32.08 16.08 -3.14
C8 BCR AK . -31.02 16.89 -3.14
C9 BCR AK . -30.11 16.87 -1.98
C10 BCR AK . -28.92 17.48 -2.02
C11 BCR AK . -28.47 18.20 -3.21
C33 BCR AK . -34.26 17.84 -3.13
C31 BCR AK . -31.59 15.29 -6.12
C32 BCR AK . -32.66 13.63 -4.62
C34 BCR AK . -30.54 16.16 -0.73
C12 BCR AK . -27.37 18.93 -3.11
C13 BCR AK . -26.84 19.69 -4.26
C14 BCR AK . -25.97 20.67 -4.03
C15 BCR AK . -25.41 21.46 -5.11
C16 BCR AK . -24.32 22.20 -4.90
C17 BCR AK . -23.79 23.00 -6.01
C18 BCR AK . -22.78 23.85 -5.82
C19 BCR AK . -22.33 24.63 -6.99
C20 BCR AK . -21.44 25.61 -6.91
C21 BCR AK . -21.11 26.28 -8.16
C22 BCR AK . -20.27 27.31 -8.26
C23 BCR AK . -20.05 27.89 -9.60
C24 BCR AK . -19.55 29.10 -9.76
C25 BCR AK . -19.36 29.68 -11.11
C26 BCR AK . -20.43 30.13 -11.78
C27 BCR AK . -20.35 30.50 -13.23
C28 BCR AK . -19.17 29.82 -13.87
C29 BCR AK . -17.91 30.22 -13.13
C30 BCR AK . -17.96 29.80 -11.66
C35 BCR AK . -27.26 19.35 -5.65
C36 BCR AK . -22.14 24.04 -4.49
C37 BCR AK . -19.58 27.86 -7.06
C38 BCR AK . -21.76 30.31 -11.10
C39 BCR AK . -17.24 30.85 -10.83
C40 BCR AK . -17.23 28.48 -11.52
MG CLA BK . -44.31 26.37 -5.58
CHA CLA BK . -47.02 27.41 -7.49
CHB CLA BK . -42.65 29.22 -6.40
CHC CLA BK . -41.72 25.36 -3.57
CHD CLA BK . -46.07 23.40 -4.80
NA CLA BK . -44.78 28.02 -6.77
C1A CLA BK . -45.97 28.28 -7.46
C2A CLA BK . -45.89 29.61 -8.20
C3A CLA BK . -44.44 30.07 -7.96
C4A CLA BK . -43.90 29.06 -6.96
CMA CLA BK . -43.65 30.07 -9.25
CAA CLA BK . -46.88 30.61 -7.61
CBA CLA BK . -46.74 30.71 -6.10
NB CLA BK . -42.52 27.13 -5.10
C1B CLA BK . -42.04 28.34 -5.48
C2B CLA BK . -40.73 28.61 -4.83
C3B CLA BK . -40.47 27.52 -4.02
C4B CLA BK . -41.59 26.56 -4.19
CMB CLA BK . -39.97 29.83 -5.05
CAB CLA BK . -39.34 27.24 -3.15
CBB CLA BK . -38.06 27.50 -3.41
NC CLA BK . -43.96 24.67 -4.42
C1C CLA BK . -42.83 24.47 -3.67
C2C CLA BK . -42.92 23.18 -2.98
C3C CLA BK . -44.15 22.63 -3.32
C4C CLA BK . -44.80 23.57 -4.23
CMC CLA BK . -41.88 22.65 -2.09
CAC CLA BK . -44.70 21.35 -2.87
CBC CLA BK . -45.75 21.52 -1.79
ND CLA BK . -46.11 25.53 -6.00
C1D CLA BK . -46.69 24.30 -5.63
C2D CLA BK . -48.03 24.19 -6.26
C3D CLA BK . -48.22 25.36 -6.97
C4D CLA BK . -46.98 26.16 -6.78
CMD CLA BK . -48.94 23.06 -6.10
CAD CLA BK . -49.11 26.13 -7.83
OBD CLA BK . -50.23 25.86 -8.22
CBD CLA BK . -48.36 27.45 -8.20
CGD CLA BK . -48.17 27.57 -9.69
O1D CLA BK . -48.02 26.65 -10.51
O2D CLA BK . -48.17 28.85 -10.16
CED CLA BK . -47.66 29.08 -11.47
MG CLA CK . -34.94 20.09 -6.86
CHA CLA CK . -38.40 20.30 -7.05
CHB CLA CK . -34.97 21.90 -3.98
CHC CLA CK . -31.53 19.71 -6.65
CHD CLA CK . -34.96 18.18 -9.84
NA CLA CK . -36.45 20.96 -5.73
C1A CLA CK . -37.83 20.92 -5.96
C2A CLA CK . -38.59 21.66 -4.87
C3A CLA CK . -37.47 22.27 -3.99
C4A CLA CK . -36.19 21.67 -4.59
CMA CLA CK . -37.47 23.78 -4.03
CAA CLA CK . -39.34 20.61 -4.05
CBA CLA CK . -38.37 19.64 -3.40
CGA CLA CK . -39.01 18.35 -2.99
O1A CLA CK . -40.09 18.19 -2.43
O2A CLA CK . -38.24 17.26 -3.29
NB CLA CK . -33.52 20.69 -5.56
C1B CLA CK . -33.74 21.43 -4.46
C2B CLA CK . -32.44 21.72 -3.78
C3B CLA CK . -31.46 21.10 -4.52
C4B CLA CK . -32.14 20.43 -5.68
CMB CLA CK . -32.34 22.51 -2.56
CAB CLA CK . -30.03 21.06 -4.33
CBB CLA CK . -29.26 22.09 -3.99
NC CLA CK . -33.52 19.13 -8.04
C1C CLA CK . -32.18 19.10 -7.77
C2C CLA CK . -31.47 18.32 -8.78
C3C CLA CK . -32.44 17.89 -9.69
C4C CLA CK . -33.72 18.39 -9.22
CMC CLA CK . -30.03 18.07 -8.79
CAC CLA CK . -32.25 17.05 -10.89
CBC CLA CK . -32.80 15.66 -10.68
ND CLA CK . -36.30 19.42 -8.20
C1D CLA CK . -36.18 18.65 -9.39
C2D CLA CK . -37.52 18.46 -10.00
C3D CLA CK . -38.40 19.09 -9.14
C4D CLA CK . -37.60 19.65 -8.04
CMD CLA CK . -37.77 17.75 -11.25
CAD CLA CK . -39.79 19.43 -8.88
OBD CLA CK . -40.79 19.19 -9.55
CBD CLA CK . -39.83 20.20 -7.53
CGD CLA CK . -40.42 21.57 -7.70
O1D CLA CK . -40.21 22.37 -8.61
O2D CLA CK . -41.28 21.93 -6.70
CED CLA CK . -41.79 23.27 -6.73
C1 CLA CK . -38.62 16.01 -2.66
C2 CLA CK . -37.37 15.28 -2.36
C3 CLA CK . -37.19 13.98 -2.67
C4 CLA CK . -38.24 13.17 -3.34
C5 CLA CK . -35.91 13.29 -2.36
C6 CLA CK . -36.09 12.11 -1.40
C7 CLA CK . -36.23 12.60 0.02
C8 CLA CK . -36.54 11.49 1.02
C9 CLA CK . -37.24 10.32 0.37
C10 CLA CK . -37.40 12.03 2.16
C11 CLA CK . -37.30 11.18 3.40
C12 CLA CK . -37.05 12.02 4.64
C13 CLA CK . -38.12 11.81 5.69
C14 CLA CK . -38.08 10.38 6.22
C15 CLA CK . -39.52 12.12 5.16
MG CLA DK . -32.68 30.39 0.83
CHA CLA DK . -34.83 33.10 0.91
CHB CLA DK . -30.12 32.39 1.84
CHC CLA DK . -30.62 27.65 0.84
CHD CLA DK . -35.38 28.34 -0.21
NA CLA DK . -32.53 32.42 1.29
C1A CLA DK . -33.54 33.38 1.27
C2A CLA DK . -33.00 34.75 1.68
C3A CLA DK . -31.49 34.52 1.83
C4A CLA DK . -31.35 33.00 1.66
CMA CLA DK . -30.69 35.28 0.80
CAA CLA DK . -33.58 35.11 3.03
CBA CLA DK . -33.26 36.53 3.43
CGA CLA DK . -34.11 37.47 2.64
O1A CLA DK . -33.88 38.63 2.31
O2A CLA DK . -35.31 36.91 2.27
NB CLA DK . -30.73 30.09 1.20
C1B CLA DK . -29.87 31.02 1.70
C2B CLA DK . -28.58 30.37 2.06
C3B CLA DK . -28.71 29.03 1.78
C4B CLA DK . -30.08 28.83 1.23
CMB CLA DK . -27.45 31.10 2.63
CAB CLA DK . -27.78 27.94 1.95
CBB CLA DK . -26.49 27.97 1.62
NC CLA DK . -32.95 28.37 0.38
C1C CLA DK . -31.97 27.42 0.44
C2C CLA DK . -32.50 26.13 0.04
C3C CLA DK . -33.85 26.31 -0.24
C4C CLA DK . -34.13 27.73 -0.02
CMC CLA DK . -31.70 24.90 -0.01
CAC CLA DK . -34.82 25.28 -0.68
CBC CLA DK . -35.74 24.85 0.44
ND CLA DK . -34.66 30.59 0.47
C1D CLA DK . -35.65 29.67 0.02
C2D CLA DK . -36.94 30.39 -0.15
C3D CLA DK . -36.68 31.71 0.18
C4D CLA DK . -35.26 31.78 0.55
CMD CLA DK . -38.19 29.77 -0.57
CAD CLA DK . -37.24 33.04 0.33
OBD CLA DK . -38.38 33.44 0.15
CBD CLA DK . -36.06 33.98 0.76
CGD CLA DK . -35.82 35.05 -0.27
O1D CLA DK . -34.88 35.15 -1.05
O2D CLA DK . -36.80 36.00 -0.30
CED CLA DK . -36.72 37.01 -1.33
C1 CLA DK . -36.47 37.32 3.03
C1 BCR EK . -12.89 12.32 -24.23
C2 BCR EK . -12.01 12.48 -25.47
C3 BCR EK . -10.53 12.56 -25.15
C4 BCR EK . -10.28 13.74 -24.22
C5 BCR EK . -11.08 13.51 -22.96
C6 BCR EK . -12.33 13.04 -23.01
C7 BCR EK . -13.19 13.23 -21.82
C8 BCR EK . -13.81 14.39 -21.66
C9 BCR EK . -14.70 14.69 -20.52
C10 BCR EK . -15.96 15.03 -20.78
C11 BCR EK . -16.91 15.36 -19.71
C33 BCR EK . -10.43 13.81 -21.64
C31 BCR EK . -13.05 10.84 -23.90
C32 BCR EK . -14.28 12.84 -24.56
C34 BCR EK . -14.17 14.65 -19.12
C12 BCR EK . -18.16 15.59 -20.07
C13 BCR EK . -19.19 15.97 -19.08
C14 BCR EK . -20.45 16.09 -19.49
C15 BCR EK . -21.50 16.49 -18.55
C16 BCR EK . -22.77 16.51 -18.93
C17 BCR EK . -23.77 16.92 -17.97
C18 BCR EK . -25.08 16.67 -18.15
C19 BCR EK . -26.03 17.13 -17.13
C20 BCR EK . -27.32 16.83 -17.19
C21 BCR EK . -28.18 17.35 -16.12
C22 BCR EK . -29.50 17.14 -16.13
C23 BCR EK . -30.31 17.68 -15.02
C24 BCR EK . -31.34 18.47 -15.33
C25 BCR EK . -32.22 19.08 -14.31
C26 BCR EK . -33.42 18.56 -14.10
C27 BCR EK . -34.54 19.36 -13.46
C28 BCR EK . -33.94 20.27 -12.40
C29 BCR EK . -32.85 21.13 -13.02
C30 BCR EK . -31.71 20.29 -13.55
C35 BCR EK . -18.81 16.23 -17.65
C36 BCR EK . -25.56 15.95 -19.38
C37 BCR EK . -30.14 16.38 -17.24
C38 BCR EK . -33.72 17.16 -14.54
C39 BCR EK . -30.81 19.86 -12.39
C40 BCR EK . -30.90 21.13 -14.53
C1 BCR FK . -3.20 17.37 -33.01
C2 BCR FK . -3.54 15.90 -32.98
C3 BCR FK . -4.72 15.64 -32.09
C4 BCR FK . -4.50 16.16 -30.68
C5 BCR FK . -3.74 17.42 -30.63
C6 BCR FK . -3.14 17.99 -31.67
C7 BCR FK . -2.42 19.25 -31.55
C8 BCR FK . -3.03 20.41 -31.69
C9 BCR FK . -2.38 21.70 -31.67
C10 BCR FK . -3.13 22.79 -31.46
C11 BCR FK . -2.70 24.14 -31.68
C33 BCR FK . -3.70 18.02 -29.29
C31 BCR FK . -1.88 17.52 -33.73
C32 BCR FK . -4.26 18.04 -33.84
C34 BCR FK . -1.01 21.79 -32.22
C12 BCR FK . -3.56 25.12 -31.37
C13 BCR FK . -3.30 26.53 -31.52
C14 BCR FK . -4.23 27.38 -31.07
C15 BCR FK . -4.26 28.78 -31.37
C16 BCR FK . -5.43 29.44 -31.40
C17 BCR FK . -5.44 30.84 -31.14
C18 BCR FK . -6.52 31.60 -30.98
C19 BCR FK . -6.34 33.03 -30.77
C20 BCR FK . -7.32 33.90 -30.93
C21 BCR FK . -7.02 35.31 -30.87
C22 BCR FK . -7.91 36.30 -30.75
C23 BCR FK . -7.44 37.65 -30.54
C24 BCR FK . -8.08 38.72 -30.99
C25 BCR FK . -7.48 40.05 -31.13
C26 BCR FK . -6.70 40.36 -32.17
C27 BCR FK . -6.05 41.66 -32.41
C28 BCR FK . -6.55 42.75 -31.50
C29 BCR FK . -6.78 42.19 -30.12
C30 BCR FK . -7.80 41.06 -30.09
C35 BCR FK . -2.20 27.00 -32.36
C36 BCR FK . -7.88 31.08 -31.14
C37 BCR FK . -9.36 36.01 -30.65
C38 BCR FK . -6.37 39.39 -33.22
C39 BCR FK . -7.93 40.46 -28.70
C40 BCR FK . -9.13 41.75 -30.38
FE1 SF4 GK . -17.68 -18.45 -15.78
FE2 SF4 GK . -18.19 -21.09 -17.14
FE3 SF4 GK . -15.40 -20.03 -16.94
FE4 SF4 GK . -17.40 -18.66 -18.76
S1 SF4 GK . -16.65 -20.66 -18.55
S2 SF4 GK . -16.12 -18.04 -17.17
S3 SF4 GK . -18.95 -19.11 -17.35
S4 SF4 GK . -16.95 -20.44 -15.53
FE1 SF4 HK . -10.40 -29.78 -18.41
FE2 SF4 HK . -13.36 -29.33 -18.55
FE3 SF4 HK . -12.20 -30.88 -16.26
FE4 SF4 HK . -12.21 -32.08 -19.07
S1 SF4 HK . -13.67 -31.28 -17.74
S2 SF4 HK . -10.73 -31.71 -17.56
S3 SF4 HK . -11.89 -30.13 -19.88
S4 SF4 HK . -11.86 -28.94 -17.09
#